data_6Q5U
#
_entry.id   6Q5U
#
_cell.length_a   1.0
_cell.length_b   1.0
_cell.length_c   1.0
_cell.angle_alpha   90.00
_cell.angle_beta   90.00
_cell.angle_gamma   90.00
#
_symmetry.space_group_name_H-M   'P 1'
#
loop_
_entity.id
_entity.type
_entity.pdbx_description
1 polymer 'Major Capsid Protein (P3)'
2 polymer 'Minor Capsid Protein (P30)'
3 polymer 'Infectivity Protein (P16)'
4 polymer 'Spike protein'
5 polymer 'Penton protein'
#
loop_
_entity_poly.entity_id
_entity_poly.type
_entity_poly.pdbx_seq_one_letter_code
_entity_poly.pdbx_strand_id
1 'polypeptide(L)'
;MAQVQQLTPAQQAALRNQQAMAANLQARQIVLQQSYPVIQQVETQTFDPANRSVFDVTPANVGIVKGFLVKVTAAIKNNH
ATEAVALTDFGPANLVQRVIYYDPDNQRHTETSGWHLHFVNTAKQGAPFLSSMVTDSPIKYGDVMNVIDAPATIAAGATG
ELTMYYWVPLAYSETDLTGAVLANVPQSKQRLKLEFANNNTAFAAVGANPLEAIYQGAGAADCEFEEISYTVYQSYLDQL
PVGQNGYILPLIDLSTLYNLENSAQAGLTPNVDFVVQYANLYRYLSTIAVFDNGGSFNAGTDINYLSQRTANFSDTRKLD
PKTWAAQTRRRIATDFPKGVYYCDNRDKPIYTLQYGNVGFVVNPKTVNQNARLLMGYEYFTSRTELVNAGTISTT
;
A,B,C,D,E,F,G,H,I,J,K,L
2 'polypeptide(L)'
;MALINPQFPYAGPVPIPGPAPTETMPLLNYRVEGRIAGIQQARQFMPFLQGPHREVAEQTYYAIGTGIQMGQTFNQPLIN
TQEG
;
M
3 'polypeptide(L)'
;MDKKKLLYWVGGGLVLIIIWLWFRNRPAAQVASNWEGPPYMTYNQPQAGSVTLPVAGYTSPSLTLPNRNRSCGCNPAVSA
AMAQGADLASKLTESISSQLNNYAESLNDYLASQAGV
;
N
4 'polypeptide(L)'
;MANQQIGGSTVTYNGAIPMGGPVAINSVIEIAGTEVLVDLKLDYATGKISGVQTLYIDLRDFLGDVTVTMPDTGQRITAR
AGTQGYYPVLSTNLMKFIVSATIDGKFPMNFINFPIALGVWPSGIKGDKGDPGAPGPAGGTVVVEDSGASFGESLLDTTS
EPGKILVKRISGGSGITVTDYGDEVEIEASGGGGGGGGVTDALSLMYSTSTGGPASIAANALTDFDLSGALTVNTVGTGL
TKSAAGIQLAAGKSGLYQITMTVKNNTVTTGNYLLRVKYGSSDFVVACPASSLTAGGTISLLIYCDVLGVPSLDVLKFSL
CNDGAALSNYIINITAAKIN
;
O,P,Q
5 'polypeptide(L)'
;MNVNNPNQMTVTPVYNGCDSGEGPQSVRGYFDAVAGENVKYDLTYLADTQGFTGVQCIYIDNAENDGAFEIDVEETGQRI
KCPAGKQGYFPLLVPGRAKFVARHLGSGKKSVPLFFLNFTIAQGVW
;
R,S
#
# COMPACT_ATOMS: atom_id res chain seq x y z
N GLN A 3 -41.83 9.05 -34.46
CA GLN A 3 -41.19 9.01 -33.15
C GLN A 3 -40.53 10.34 -32.82
N VAL A 4 -41.09 11.42 -33.38
CA VAL A 4 -40.61 12.77 -33.10
C VAL A 4 -40.89 13.14 -31.65
N GLN A 5 -42.02 12.70 -31.11
CA GLN A 5 -42.43 13.08 -29.77
C GLN A 5 -42.15 12.01 -28.73
N GLN A 6 -42.65 10.80 -28.94
CA GLN A 6 -42.49 9.71 -27.98
C GLN A 6 -41.35 8.79 -28.40
N LEU A 7 -40.99 7.88 -27.50
CA LEU A 7 -39.98 6.88 -27.83
C LEU A 7 -40.52 5.91 -28.85
N THR A 8 -41.76 5.47 -28.67
CA THR A 8 -42.45 4.63 -29.64
C THR A 8 -43.85 5.21 -29.81
N PRO A 9 -44.23 5.66 -31.02
CA PRO A 9 -45.62 6.04 -31.26
C PRO A 9 -46.55 4.85 -31.36
N ALA A 10 -47.82 5.12 -31.70
CA ALA A 10 -48.84 4.08 -31.68
C ALA A 10 -48.59 2.99 -32.71
N GLN A 11 -47.94 3.31 -33.83
CA GLN A 11 -47.59 2.30 -34.80
C GLN A 11 -46.36 1.51 -34.39
N GLN A 12 -45.42 2.15 -33.71
CA GLN A 12 -44.25 1.44 -33.18
C GLN A 12 -44.60 0.67 -31.91
N ALA A 13 -45.58 1.13 -31.14
CA ALA A 13 -46.05 0.38 -29.98
C ALA A 13 -46.91 -0.82 -30.38
N ALA A 14 -47.22 -0.98 -31.66
CA ALA A 14 -47.85 -2.20 -32.18
C ALA A 14 -46.80 -3.25 -32.54
N LEU A 15 -45.93 -3.55 -31.59
CA LEU A 15 -45.06 -4.71 -31.62
C LEU A 15 -45.70 -5.93 -30.96
N ARG A 16 -47.01 -5.89 -30.77
CA ARG A 16 -47.77 -7.01 -30.24
C ARG A 16 -48.16 -7.93 -31.39
N ASN A 17 -49.02 -8.91 -31.11
CA ASN A 17 -49.31 -9.94 -32.10
C ASN A 17 -50.23 -9.43 -33.21
N GLN A 18 -51.28 -8.67 -32.85
CA GLN A 18 -52.31 -8.07 -33.67
C GLN A 18 -53.26 -9.08 -34.32
N GLN A 19 -53.00 -10.37 -34.18
CA GLN A 19 -54.00 -11.40 -34.41
C GLN A 19 -54.54 -11.95 -33.10
N ALA A 20 -53.72 -11.92 -32.05
CA ALA A 20 -54.20 -12.16 -30.70
C ALA A 20 -54.86 -10.92 -30.12
N MET A 21 -54.66 -9.75 -30.71
CA MET A 21 -55.40 -8.57 -30.33
C MET A 21 -56.83 -8.62 -30.86
N ALA A 22 -57.00 -9.10 -32.09
CA ALA A 22 -58.32 -9.18 -32.69
C ALA A 22 -59.12 -10.33 -32.12
N ALA A 23 -58.46 -11.38 -31.64
CA ALA A 23 -59.16 -12.45 -30.94
C ALA A 23 -59.52 -12.04 -29.52
N ASN A 24 -58.75 -11.14 -28.93
CA ASN A 24 -59.05 -10.66 -27.59
C ASN A 24 -60.20 -9.67 -27.60
N LEU A 25 -60.25 -8.83 -28.63
CA LEU A 25 -61.35 -7.88 -28.77
C LEU A 25 -62.65 -8.58 -29.12
N GLN A 26 -62.57 -9.66 -29.91
CA GLN A 26 -63.76 -10.41 -30.26
C GLN A 26 -64.30 -11.19 -29.06
N ALA A 27 -63.41 -11.79 -28.27
CA ALA A 27 -63.84 -12.51 -27.09
C ALA A 27 -64.29 -11.60 -25.96
N ARG A 28 -63.90 -10.33 -25.99
CA ARG A 28 -64.30 -9.42 -24.91
C ARG A 28 -65.75 -8.99 -25.06
N GLN A 29 -66.19 -8.71 -26.28
CA GLN A 29 -67.57 -8.29 -26.48
C GLN A 29 -68.54 -9.47 -26.44
N ILE A 30 -68.06 -10.69 -26.63
CA ILE A 30 -68.90 -11.86 -26.40
C ILE A 30 -69.18 -12.01 -24.91
N VAL A 31 -68.18 -11.73 -24.07
CA VAL A 31 -68.37 -11.80 -22.63
C VAL A 31 -69.28 -10.67 -22.15
N LEU A 32 -69.10 -9.47 -22.68
CA LEU A 32 -69.90 -8.33 -22.23
C LEU A 32 -71.34 -8.41 -22.71
N GLN A 33 -71.62 -9.18 -23.76
CA GLN A 33 -72.98 -9.41 -24.19
C GLN A 33 -73.65 -10.56 -23.45
N GLN A 34 -72.94 -11.66 -23.29
CA GLN A 34 -73.56 -12.88 -22.78
C GLN A 34 -73.60 -12.98 -21.27
N SER A 35 -72.71 -12.28 -20.56
CA SER A 35 -72.66 -12.44 -19.11
C SER A 35 -73.71 -11.55 -18.45
N TYR A 36 -73.77 -11.63 -17.12
CA TYR A 36 -74.70 -10.83 -16.36
C TYR A 36 -73.96 -10.18 -15.19
N PRO A 37 -74.11 -8.87 -14.99
CA PRO A 37 -73.43 -8.20 -13.87
C PRO A 37 -74.13 -8.48 -12.54
N VAL A 38 -73.38 -9.05 -11.61
CA VAL A 38 -73.86 -9.32 -10.25
C VAL A 38 -73.07 -8.45 -9.28
N ILE A 39 -73.78 -7.80 -8.36
CA ILE A 39 -73.16 -7.15 -7.21
C ILE A 39 -73.76 -7.76 -5.96
N GLN A 40 -72.90 -8.25 -5.06
CA GLN A 40 -73.39 -8.88 -3.86
C GLN A 40 -72.45 -8.60 -2.70
N GLN A 41 -73.00 -8.71 -1.50
CA GLN A 41 -72.29 -8.36 -0.27
C GLN A 41 -71.30 -9.44 0.09
N VAL A 42 -70.08 -9.03 0.42
CA VAL A 42 -69.04 -9.93 0.88
C VAL A 42 -68.97 -9.96 2.39
N GLU A 43 -68.81 -8.82 3.03
CA GLU A 43 -68.54 -8.77 4.45
C GLU A 43 -68.97 -7.42 5.01
N THR A 44 -69.56 -7.44 6.19
CA THR A 44 -69.83 -6.24 6.96
C THR A 44 -69.34 -6.46 8.39
N GLN A 45 -68.77 -5.42 8.98
CA GLN A 45 -68.16 -5.54 10.30
C GLN A 45 -68.10 -4.18 10.95
N THR A 46 -68.33 -4.14 12.26
CA THR A 46 -68.33 -2.92 13.05
C THR A 46 -67.31 -3.09 14.17
N PHE A 47 -66.38 -2.16 14.28
CA PHE A 47 -65.24 -2.31 15.19
C PHE A 47 -64.96 -1.01 15.91
N ASP A 48 -63.95 -1.07 16.77
CA ASP A 48 -63.41 0.07 17.51
C ASP A 48 -61.98 0.26 17.07
N PRO A 49 -61.58 1.45 16.58
CA PRO A 49 -60.18 1.61 16.12
C PRO A 49 -59.15 1.60 17.23
N ALA A 50 -59.55 1.78 18.48
CA ALA A 50 -58.62 1.64 19.58
C ALA A 50 -58.20 0.19 19.81
N ASN A 51 -59.02 -0.76 19.39
CA ASN A 51 -58.70 -2.18 19.52
C ASN A 51 -58.05 -2.75 18.27
N ARG A 52 -58.76 -2.71 17.14
CA ARG A 52 -58.27 -3.24 15.88
C ARG A 52 -58.47 -2.19 14.80
N SER A 53 -57.56 -2.18 13.82
CA SER A 53 -57.68 -1.20 12.76
C SER A 53 -57.37 -1.72 11.37
N VAL A 54 -56.77 -2.88 11.21
CA VAL A 54 -56.43 -3.44 9.91
C VAL A 54 -57.22 -4.73 9.73
N PHE A 55 -57.86 -4.88 8.58
CA PHE A 55 -58.75 -6.01 8.33
C PHE A 55 -58.39 -6.65 7.00
N ASP A 56 -58.68 -7.94 6.91
CA ASP A 56 -58.39 -8.74 5.71
C ASP A 56 -59.68 -9.42 5.27
N VAL A 57 -60.26 -8.95 4.19
CA VAL A 57 -61.53 -9.45 3.68
C VAL A 57 -61.24 -10.44 2.56
N THR A 58 -61.89 -11.60 2.61
CA THR A 58 -61.62 -12.72 1.70
C THR A 58 -62.90 -13.05 0.94
N PRO A 59 -63.13 -12.42 -0.21
CA PRO A 59 -64.35 -12.69 -0.99
C PRO A 59 -64.27 -14.02 -1.71
N ALA A 60 -65.44 -14.47 -2.16
CA ALA A 60 -65.55 -15.73 -2.89
C ALA A 60 -65.03 -15.58 -4.31
N ASN A 61 -64.59 -16.69 -4.89
CA ASN A 61 -63.95 -16.70 -6.20
C ASN A 61 -64.98 -17.05 -7.26
N VAL A 62 -65.81 -16.07 -7.60
CA VAL A 62 -66.89 -16.26 -8.56
C VAL A 62 -66.64 -15.38 -9.79
N GLY A 63 -66.68 -16.01 -10.96
CA GLY A 63 -66.77 -15.33 -12.24
C GLY A 63 -65.55 -14.51 -12.62
N ILE A 64 -65.82 -13.40 -13.28
CA ILE A 64 -64.80 -12.42 -13.67
C ILE A 64 -65.04 -11.19 -12.81
N VAL A 65 -64.14 -10.92 -11.88
CA VAL A 65 -64.34 -9.87 -10.89
C VAL A 65 -64.01 -8.53 -11.52
N LYS A 66 -64.88 -7.54 -11.31
CA LYS A 66 -64.70 -6.22 -11.87
C LYS A 66 -64.22 -5.19 -10.86
N GLY A 67 -64.48 -5.40 -9.58
CA GLY A 67 -64.07 -4.43 -8.58
C GLY A 67 -64.86 -4.60 -7.31
N PHE A 68 -64.61 -3.67 -6.38
CA PHE A 68 -65.19 -3.74 -5.05
C PHE A 68 -65.69 -2.37 -4.62
N LEU A 69 -66.85 -2.37 -3.98
CA LEU A 69 -67.42 -1.16 -3.41
C LEU A 69 -67.34 -1.23 -1.90
N VAL A 70 -66.74 -0.23 -1.28
CA VAL A 70 -66.47 -0.22 0.14
C VAL A 70 -67.19 0.98 0.75
N LYS A 71 -68.26 0.72 1.49
CA LYS A 71 -68.90 1.75 2.31
C LYS A 71 -68.20 1.77 3.66
N VAL A 72 -67.79 2.96 4.10
CA VAL A 72 -67.23 3.15 5.43
C VAL A 72 -68.09 4.15 6.16
N THR A 73 -68.61 3.76 7.31
CA THR A 73 -69.37 4.63 8.18
C THR A 73 -68.61 4.79 9.50
N ALA A 74 -68.61 6.00 10.05
CA ALA A 74 -67.87 6.27 11.27
C ALA A 74 -68.67 7.20 12.17
N ALA A 75 -68.31 7.19 13.45
CA ALA A 75 -68.87 8.10 14.43
C ALA A 75 -67.73 8.66 15.28
N ILE A 76 -67.66 9.98 15.38
CA ILE A 76 -66.52 10.66 15.99
C ILE A 76 -67.02 11.55 17.11
N LYS A 77 -66.54 11.30 18.32
CA LYS A 77 -66.87 12.09 19.49
C LYS A 77 -65.76 13.11 19.75
N ASN A 78 -66.14 14.31 20.15
CA ASN A 78 -65.20 15.36 20.54
C ASN A 78 -65.37 15.58 22.03
N ASN A 79 -64.43 15.04 22.81
CA ASN A 79 -64.49 15.09 24.27
C ASN A 79 -63.78 16.29 24.85
N HIS A 80 -63.50 17.31 24.04
CA HIS A 80 -62.88 18.51 24.57
C HIS A 80 -63.87 19.31 25.40
N ALA A 81 -63.34 20.20 26.23
CA ALA A 81 -64.20 21.01 27.08
C ALA A 81 -64.82 22.18 26.32
N THR A 82 -63.99 22.99 25.66
CA THR A 82 -64.46 24.24 25.06
C THR A 82 -64.14 24.42 23.59
N GLU A 83 -63.19 23.69 23.02
CA GLU A 83 -62.74 23.94 21.66
C GLU A 83 -63.28 22.92 20.68
N ALA A 84 -63.46 23.34 19.44
CA ALA A 84 -64.02 22.52 18.38
C ALA A 84 -62.97 22.19 17.34
N VAL A 85 -63.30 21.24 16.48
CA VAL A 85 -62.45 20.85 15.36
C VAL A 85 -63.21 21.10 14.06
N ALA A 86 -62.48 21.03 12.95
CA ALA A 86 -63.06 21.31 11.64
C ALA A 86 -62.46 20.35 10.62
N LEU A 87 -63.20 20.18 9.53
CA LEU A 87 -62.82 19.22 8.50
C LEU A 87 -61.56 19.66 7.77
N THR A 88 -60.80 18.69 7.28
CA THR A 88 -59.66 18.96 6.43
C THR A 88 -60.14 19.04 4.98
N ASP A 89 -59.22 19.32 4.06
CA ASP A 89 -59.60 19.38 2.65
C ASP A 89 -59.85 17.99 2.09
N PHE A 90 -59.10 17.00 2.55
CA PHE A 90 -59.32 15.64 2.06
C PHE A 90 -60.49 14.97 2.77
N GLY A 91 -60.73 15.33 4.03
CA GLY A 91 -61.96 15.04 4.72
C GLY A 91 -62.21 13.56 4.99
N PRO A 92 -63.41 13.09 4.66
CA PRO A 92 -63.74 11.68 4.91
C PRO A 92 -63.06 10.71 3.96
N ALA A 93 -62.33 11.18 2.96
CA ALA A 93 -61.58 10.27 2.08
C ALA A 93 -60.36 9.68 2.76
N ASN A 94 -60.00 10.15 3.96
CA ASN A 94 -58.95 9.55 4.76
C ASN A 94 -59.49 8.57 5.79
N LEU A 95 -60.74 8.11 5.64
CA LEU A 95 -61.27 7.10 6.54
C LEU A 95 -60.62 5.74 6.30
N VAL A 96 -60.25 5.46 5.05
CA VAL A 96 -59.46 4.30 4.72
C VAL A 96 -58.04 4.78 4.45
N GLN A 97 -57.07 4.23 5.16
CA GLN A 97 -55.69 4.67 5.00
C GLN A 97 -54.96 3.91 3.88
N ARG A 98 -55.21 2.62 3.73
CA ARG A 98 -54.52 1.81 2.73
C ARG A 98 -55.48 0.76 2.17
N VAL A 99 -55.36 0.48 0.87
CA VAL A 99 -56.13 -0.55 0.19
C VAL A 99 -55.16 -1.45 -0.54
N ILE A 100 -55.15 -2.74 -0.21
CA ILE A 100 -54.40 -3.71 -0.99
C ILE A 100 -55.34 -4.83 -1.43
N TYR A 101 -55.32 -5.16 -2.71
CA TYR A 101 -56.03 -6.31 -3.25
C TYR A 101 -55.01 -7.34 -3.71
N TYR A 102 -55.32 -8.61 -3.49
CA TYR A 102 -54.47 -9.72 -3.95
C TYR A 102 -55.27 -10.66 -4.83
N ASP A 103 -54.64 -11.11 -5.91
CA ASP A 103 -55.17 -12.08 -6.86
C ASP A 103 -55.37 -13.43 -6.18
N PRO A 104 -56.16 -14.33 -6.79
CA PRO A 104 -56.12 -15.74 -6.38
C PRO A 104 -54.74 -16.39 -6.45
N ASP A 105 -53.83 -15.90 -7.29
CA ASP A 105 -52.47 -16.39 -7.35
C ASP A 105 -51.52 -15.62 -6.46
N ASN A 106 -52.07 -14.85 -5.50
CA ASN A 106 -51.31 -13.98 -4.59
C ASN A 106 -50.47 -12.94 -5.35
N GLN A 107 -51.12 -12.27 -6.29
CA GLN A 107 -50.51 -11.18 -7.05
C GLN A 107 -51.23 -9.89 -6.68
N ARG A 108 -50.49 -8.92 -6.17
CA ARG A 108 -51.11 -7.67 -5.78
C ARG A 108 -51.51 -6.87 -7.01
N HIS A 109 -52.61 -6.13 -6.90
CA HIS A 109 -53.04 -5.26 -7.98
C HIS A 109 -52.97 -3.79 -7.58
N THR A 110 -53.75 -3.36 -6.59
CA THR A 110 -53.82 -1.96 -6.23
C THR A 110 -53.29 -1.79 -4.81
N GLU A 111 -52.33 -0.89 -4.63
CA GLU A 111 -51.82 -0.57 -3.30
C GLU A 111 -51.64 0.94 -3.19
N THR A 112 -52.70 1.63 -2.74
CA THR A 112 -52.69 3.08 -2.62
C THR A 112 -53.19 3.48 -1.25
N SER A 113 -53.32 4.79 -1.08
CA SER A 113 -54.01 5.39 0.03
C SER A 113 -55.49 5.52 -0.31
N GLY A 114 -56.28 5.98 0.67
CA GLY A 114 -57.69 6.21 0.41
C GLY A 114 -57.95 7.50 -0.34
N TRP A 115 -57.13 8.53 -0.12
CA TRP A 115 -57.35 9.79 -0.82
C TRP A 115 -56.98 9.68 -2.29
N HIS A 116 -56.02 8.84 -2.63
CA HIS A 116 -55.69 8.69 -4.04
C HIS A 116 -56.70 7.82 -4.76
N LEU A 117 -57.24 6.81 -4.08
CA LEU A 117 -58.31 6.00 -4.64
C LEU A 117 -59.58 6.83 -4.86
N HIS A 118 -59.81 7.84 -4.02
CA HIS A 118 -60.97 8.71 -4.18
C HIS A 118 -60.84 9.61 -5.40
N PHE A 119 -59.66 10.19 -5.61
CA PHE A 119 -59.49 11.14 -6.71
C PHE A 119 -59.47 10.43 -8.07
N VAL A 120 -59.10 9.16 -8.10
CA VAL A 120 -59.20 8.40 -9.34
C VAL A 120 -60.66 8.02 -9.58
N ASN A 121 -61.44 7.84 -8.53
CA ASN A 121 -62.89 7.66 -8.67
C ASN A 121 -63.55 8.94 -9.19
N THR A 122 -63.08 10.10 -8.71
CA THR A 122 -63.56 11.37 -9.23
C THR A 122 -63.16 11.57 -10.69
N ALA A 123 -61.94 11.19 -11.04
CA ALA A 123 -61.42 11.46 -12.38
C ALA A 123 -62.08 10.58 -13.44
N LYS A 124 -62.45 9.36 -13.10
CA LYS A 124 -63.05 8.47 -14.08
C LYS A 124 -64.54 8.68 -14.24
N GLN A 125 -65.18 9.42 -13.34
CA GLN A 125 -66.59 9.74 -13.48
C GLN A 125 -66.81 11.01 -14.30
N GLY A 126 -66.04 12.06 -14.02
CA GLY A 126 -66.26 13.36 -14.59
C GLY A 126 -66.85 14.36 -13.62
N ALA A 127 -66.97 13.99 -12.36
CA ALA A 127 -67.54 14.82 -11.31
C ALA A 127 -66.98 14.32 -9.98
N PRO A 128 -67.15 15.06 -8.89
CA PRO A 128 -66.88 14.48 -7.57
C PRO A 128 -67.69 13.22 -7.32
N PHE A 129 -67.00 12.20 -6.81
CA PHE A 129 -67.49 10.83 -6.81
C PHE A 129 -68.70 10.68 -5.90
N LEU A 130 -69.81 10.21 -6.48
CA LEU A 130 -71.08 9.94 -5.79
C LEU A 130 -71.62 11.17 -5.08
N SER A 131 -71.52 12.32 -5.73
CA SER A 131 -71.97 13.58 -5.17
C SER A 131 -73.31 13.97 -5.78
N SER A 132 -73.94 14.96 -5.16
CA SER A 132 -75.18 15.54 -5.67
C SER A 132 -74.88 16.89 -6.29
N MET A 133 -75.27 17.04 -7.55
CA MET A 133 -75.22 18.34 -8.21
C MET A 133 -76.31 19.23 -7.65
N VAL A 134 -75.94 20.44 -7.24
CA VAL A 134 -76.93 21.42 -6.78
C VAL A 134 -77.60 22.04 -7.98
N THR A 135 -78.93 21.98 -8.01
CA THR A 135 -79.73 22.49 -9.10
C THR A 135 -80.73 23.52 -8.58
N ASP A 136 -81.63 23.95 -9.48
CA ASP A 136 -82.63 24.96 -9.17
C ASP A 136 -84.05 24.41 -9.18
N SER A 137 -84.21 23.07 -9.24
CA SER A 137 -85.53 22.49 -9.39
C SER A 137 -86.36 22.66 -8.12
N PRO A 138 -87.66 22.87 -8.25
CA PRO A 138 -88.53 22.80 -7.07
C PRO A 138 -88.88 21.39 -6.66
N ILE A 139 -88.74 20.41 -7.56
CA ILE A 139 -88.84 19.01 -7.17
C ILE A 139 -87.65 18.68 -6.29
N LYS A 140 -87.91 18.10 -5.11
CA LYS A 140 -86.90 17.98 -4.07
C LYS A 140 -85.93 16.83 -4.38
N TYR A 141 -85.08 17.06 -5.37
CA TYR A 141 -83.83 16.32 -5.50
C TYR A 141 -82.81 16.94 -4.53
N GLY A 142 -81.57 16.47 -4.60
CA GLY A 142 -80.54 17.12 -3.83
C GLY A 142 -79.70 16.14 -3.04
N ASP A 143 -79.45 16.43 -1.77
CA ASP A 143 -78.75 15.51 -0.90
C ASP A 143 -79.78 14.86 0.02
N VAL A 144 -80.42 13.83 -0.50
CA VAL A 144 -81.49 13.15 0.22
C VAL A 144 -80.96 12.01 1.06
N MET A 145 -80.13 11.15 0.46
CA MET A 145 -79.71 9.91 1.10
C MET A 145 -78.36 9.98 1.79
N ASN A 146 -77.58 11.05 1.53
CA ASN A 146 -76.26 11.30 2.12
C ASN A 146 -75.29 10.13 1.87
N VAL A 147 -74.99 9.93 0.59
CA VAL A 147 -74.14 8.81 0.19
C VAL A 147 -72.71 9.04 0.67
N ILE A 148 -72.19 10.25 0.47
CA ILE A 148 -70.94 10.68 1.06
C ILE A 148 -71.23 11.90 1.90
N ASP A 149 -70.97 11.82 3.20
CA ASP A 149 -71.36 12.87 4.13
C ASP A 149 -70.37 12.91 5.28
N ALA A 150 -70.17 14.11 5.81
CA ALA A 150 -69.35 14.39 6.99
C ALA A 150 -69.73 15.76 7.51
N PRO A 151 -69.91 15.92 8.83
CA PRO A 151 -70.11 17.26 9.38
C PRO A 151 -68.85 18.10 9.26
N ALA A 152 -69.01 19.36 8.88
CA ALA A 152 -67.87 20.24 8.66
C ALA A 152 -67.22 20.69 9.95
N THR A 153 -67.93 20.60 11.08
CA THR A 153 -67.41 21.08 12.35
C THR A 153 -68.06 20.27 13.46
N ILE A 154 -67.25 19.63 14.28
CA ILE A 154 -67.73 18.89 15.44
C ILE A 154 -67.37 19.72 16.67
N ALA A 155 -68.39 20.24 17.35
CA ALA A 155 -68.19 21.12 18.49
C ALA A 155 -67.75 20.32 19.72
N ALA A 156 -67.48 21.04 20.80
CA ALA A 156 -67.07 20.40 22.04
C ALA A 156 -68.26 19.70 22.68
N GLY A 157 -68.15 18.39 22.84
CA GLY A 157 -69.22 17.59 23.40
C GLY A 157 -70.15 16.97 22.39
N ALA A 158 -69.92 17.18 21.10
CA ALA A 158 -70.81 16.70 20.05
C ALA A 158 -70.29 15.42 19.45
N THR A 159 -71.12 14.81 18.61
CA THR A 159 -70.80 13.58 17.92
C THR A 159 -71.18 13.75 16.46
N GLY A 160 -70.29 13.36 15.55
CA GLY A 160 -70.55 13.49 14.14
C GLY A 160 -70.53 12.13 13.46
N GLU A 161 -71.38 11.98 12.45
CA GLU A 161 -71.51 10.74 11.71
C GLU A 161 -70.97 10.94 10.30
N LEU A 162 -70.02 10.10 9.90
CA LEU A 162 -69.39 10.18 8.59
C LEU A 162 -69.83 9.00 7.74
N THR A 163 -69.85 9.22 6.43
CA THR A 163 -70.14 8.17 5.47
C THR A 163 -69.27 8.39 4.25
N MET A 164 -68.68 7.31 3.75
CA MET A 164 -67.74 7.42 2.64
C MET A 164 -67.79 6.15 1.82
N TYR A 165 -67.70 6.30 0.50
CA TYR A 165 -67.74 5.17 -0.42
C TYR A 165 -66.48 5.15 -1.27
N TYR A 166 -65.95 3.96 -1.49
CA TYR A 166 -64.77 3.76 -2.31
C TYR A 166 -65.09 2.71 -3.36
N TRP A 167 -64.74 2.99 -4.61
CA TRP A 167 -64.73 1.97 -5.64
C TRP A 167 -63.28 1.53 -5.83
N VAL A 168 -62.98 0.31 -5.43
CA VAL A 168 -61.68 -0.31 -5.69
C VAL A 168 -61.76 -0.97 -7.06
N PRO A 169 -61.08 -0.46 -8.08
CA PRO A 169 -61.25 -0.99 -9.43
C PRO A 169 -60.35 -2.18 -9.71
N LEU A 170 -60.87 -3.13 -10.48
CA LEU A 170 -60.06 -4.14 -11.11
C LEU A 170 -60.08 -4.02 -12.62
N ALA A 171 -61.27 -4.11 -13.23
CA ALA A 171 -61.38 -3.77 -14.63
C ALA A 171 -61.33 -2.26 -14.80
N TYR A 172 -60.93 -1.83 -15.99
CA TYR A 172 -60.74 -0.41 -16.25
C TYR A 172 -62.09 0.32 -16.30
N SER A 173 -63.04 -0.22 -17.04
CA SER A 173 -64.36 0.38 -17.14
C SER A 173 -65.39 -0.74 -17.29
N GLU A 174 -66.65 -0.35 -17.46
CA GLU A 174 -67.70 -1.33 -17.64
C GLU A 174 -67.76 -1.88 -19.05
N THR A 175 -67.07 -1.27 -20.00
CA THR A 175 -66.98 -1.78 -21.36
C THR A 175 -65.57 -2.22 -21.75
N ASP A 176 -64.58 -1.98 -20.90
CA ASP A 176 -63.22 -2.46 -21.11
C ASP A 176 -62.87 -3.37 -19.94
N LEU A 177 -62.72 -4.66 -20.22
CA LEU A 177 -62.39 -5.65 -19.21
C LEU A 177 -60.90 -5.77 -18.95
N THR A 178 -60.10 -4.81 -19.41
CA THR A 178 -58.67 -4.82 -19.18
C THR A 178 -58.39 -4.57 -17.71
N GLY A 179 -57.75 -5.54 -17.06
CA GLY A 179 -57.48 -5.47 -15.64
C GLY A 179 -58.34 -6.36 -14.79
N ALA A 180 -59.36 -7.00 -15.37
CA ALA A 180 -60.26 -7.84 -14.61
C ALA A 180 -59.58 -9.15 -14.24
N VAL A 181 -60.11 -9.79 -13.20
CA VAL A 181 -59.52 -10.96 -12.60
C VAL A 181 -60.45 -12.14 -12.83
N LEU A 182 -59.95 -13.17 -13.51
CA LEU A 182 -60.69 -14.42 -13.68
C LEU A 182 -60.55 -15.23 -12.41
N ALA A 183 -61.60 -15.20 -11.58
CA ALA A 183 -61.58 -15.86 -10.29
C ALA A 183 -62.04 -17.31 -10.35
N ASN A 184 -62.50 -17.78 -11.51
CA ASN A 184 -62.82 -19.19 -11.70
C ASN A 184 -61.53 -19.98 -11.95
N VAL A 185 -60.76 -20.16 -10.89
CA VAL A 185 -59.45 -20.79 -10.96
C VAL A 185 -59.33 -21.83 -9.86
N PRO A 186 -58.52 -22.88 -10.04
CA PRO A 186 -58.30 -23.87 -8.95
C PRO A 186 -57.16 -23.48 -8.03
N GLN A 187 -57.29 -22.31 -7.40
CA GLN A 187 -56.28 -21.83 -6.46
C GLN A 187 -56.99 -21.04 -5.37
N SER A 188 -56.22 -20.35 -4.53
CA SER A 188 -56.74 -19.81 -3.28
C SER A 188 -57.67 -18.62 -3.51
N LYS A 189 -58.28 -18.16 -2.43
CA LYS A 189 -59.24 -17.08 -2.51
C LYS A 189 -58.55 -15.73 -2.48
N GLN A 190 -59.16 -14.76 -3.16
CA GLN A 190 -58.62 -13.42 -3.25
C GLN A 190 -58.71 -12.70 -1.92
N ARG A 191 -57.81 -11.75 -1.70
CA ARG A 191 -57.73 -11.00 -0.46
C ARG A 191 -57.92 -9.52 -0.73
N LEU A 192 -58.53 -8.82 0.22
CA LEU A 192 -58.71 -7.37 0.15
C LEU A 192 -58.30 -6.80 1.49
N LYS A 193 -57.07 -6.33 1.58
CA LYS A 193 -56.53 -5.76 2.81
C LYS A 193 -56.92 -4.30 2.91
N LEU A 194 -57.46 -3.90 4.07
CA LEU A 194 -57.91 -2.53 4.29
C LEU A 194 -57.42 -2.07 5.65
N GLU A 195 -56.64 -1.00 5.65
CA GLU A 195 -56.26 -0.32 6.88
C GLU A 195 -57.06 0.95 7.04
N PHE A 196 -57.54 1.20 8.24
CA PHE A 196 -58.45 2.31 8.53
C PHE A 196 -57.76 3.35 9.38
N ALA A 197 -58.44 4.46 9.58
CA ALA A 197 -57.92 5.53 10.42
C ALA A 197 -57.97 5.13 11.89
N ASN A 198 -57.13 5.78 12.68
CA ASN A 198 -56.99 5.50 14.10
C ASN A 198 -57.29 6.77 14.87
N ASN A 199 -57.09 6.71 16.18
CA ASN A 199 -57.13 7.91 16.99
C ASN A 199 -55.81 8.66 16.97
N ASN A 200 -54.80 8.13 16.28
CA ASN A 200 -53.50 8.77 16.13
C ASN A 200 -53.30 9.41 14.77
N THR A 201 -54.08 9.03 13.77
CA THR A 201 -53.87 9.52 12.42
C THR A 201 -55.03 10.28 11.82
N ALA A 202 -56.17 10.36 12.49
CA ALA A 202 -57.34 11.02 11.93
C ALA A 202 -57.58 12.40 12.51
N PHE A 203 -56.85 12.81 13.53
CA PHE A 203 -57.07 14.09 14.20
C PHE A 203 -55.73 14.79 14.35
N ALA A 204 -55.58 15.93 13.67
CA ALA A 204 -54.36 16.70 13.67
C ALA A 204 -54.52 17.94 14.53
N ALA A 205 -53.49 18.26 15.31
CA ALA A 205 -53.51 19.49 16.08
C ALA A 205 -53.33 20.69 15.14
N VAL A 206 -53.56 21.88 15.69
CA VAL A 206 -53.41 23.09 14.89
C VAL A 206 -51.93 23.37 14.67
N GLY A 207 -51.53 23.44 13.40
CA GLY A 207 -50.14 23.55 13.00
C GLY A 207 -49.57 22.30 12.38
N ALA A 208 -50.10 21.12 12.74
CA ALA A 208 -49.60 19.86 12.21
C ALA A 208 -50.11 19.64 10.79
N ASN A 209 -49.57 18.60 10.16
CA ASN A 209 -49.86 18.25 8.77
C ASN A 209 -51.23 17.61 8.64
N PRO A 210 -52.19 18.27 7.97
CA PRO A 210 -53.51 17.67 7.79
C PRO A 210 -53.62 16.83 6.53
N LEU A 211 -52.64 16.00 6.23
CA LEU A 211 -52.66 15.28 4.96
C LEU A 211 -53.45 13.98 5.08
N GLU A 212 -53.18 13.21 6.12
CA GLU A 212 -53.89 11.97 6.38
C GLU A 212 -54.99 12.13 7.41
N ALA A 213 -55.13 13.32 7.98
CA ALA A 213 -56.14 13.56 9.00
C ALA A 213 -57.51 13.73 8.38
N ILE A 214 -58.53 13.61 9.22
CA ILE A 214 -59.91 13.86 8.84
C ILE A 214 -60.40 15.18 9.42
N TYR A 215 -60.13 15.41 10.70
CA TYR A 215 -60.47 16.66 11.36
C TYR A 215 -59.21 17.30 11.90
N GLN A 216 -59.23 18.63 12.01
CA GLN A 216 -58.07 19.36 12.49
C GLN A 216 -58.55 20.59 13.24
N GLY A 217 -58.06 20.77 14.47
CA GLY A 217 -58.50 21.90 15.26
C GLY A 217 -57.86 21.86 16.63
N ALA A 218 -58.25 22.84 17.45
CA ALA A 218 -57.68 23.00 18.77
C ALA A 218 -58.26 22.05 19.81
N GLY A 219 -59.19 21.19 19.43
CA GLY A 219 -59.73 20.21 20.34
C GLY A 219 -59.41 18.79 19.89
N ALA A 220 -58.45 18.67 18.96
CA ALA A 220 -58.16 17.39 18.33
C ALA A 220 -57.43 16.42 19.25
N ALA A 221 -56.88 16.88 20.37
CA ALA A 221 -56.26 15.99 21.32
C ALA A 221 -57.27 15.10 22.03
N ASP A 222 -58.53 15.54 22.10
CA ASP A 222 -59.57 14.82 22.82
C ASP A 222 -60.59 14.16 21.92
N CYS A 223 -60.48 14.33 20.60
CA CYS A 223 -61.37 13.61 19.70
C CYS A 223 -60.96 12.15 19.60
N GLU A 224 -61.96 11.28 19.41
CA GLU A 224 -61.72 9.86 19.29
C GLU A 224 -62.88 9.24 18.52
N PHE A 225 -62.58 8.16 17.80
CA PHE A 225 -63.63 7.38 17.16
C PHE A 225 -64.45 6.67 18.22
N GLU A 226 -65.77 6.78 18.11
CA GLU A 226 -66.63 5.88 18.87
C GLU A 226 -66.77 4.55 18.17
N GLU A 227 -66.82 4.56 16.84
CA GLU A 227 -67.23 3.41 16.06
C GLU A 227 -66.85 3.63 14.61
N ILE A 228 -66.40 2.57 13.95
CA ILE A 228 -66.25 2.54 12.49
C ILE A 228 -66.86 1.24 12.00
N SER A 229 -67.80 1.34 11.08
CA SER A 229 -68.35 0.18 10.39
C SER A 229 -67.91 0.20 8.94
N TYR A 230 -67.77 -0.99 8.36
CA TYR A 230 -67.50 -1.07 6.93
C TYR A 230 -68.35 -2.19 6.33
N THR A 231 -68.58 -2.07 5.02
CA THR A 231 -69.27 -3.08 4.24
C THR A 231 -68.58 -3.19 2.89
N VAL A 232 -68.33 -4.41 2.44
CA VAL A 232 -67.64 -4.66 1.18
C VAL A 232 -68.59 -5.39 0.24
N TYR A 233 -68.77 -4.85 -0.96
CA TYR A 233 -69.53 -5.49 -2.01
C TYR A 233 -68.58 -5.89 -3.13
N GLN A 234 -69.01 -6.84 -3.94
CA GLN A 234 -68.18 -7.36 -5.02
C GLN A 234 -68.97 -7.36 -6.31
N SER A 235 -68.46 -6.67 -7.31
CA SER A 235 -69.05 -6.68 -8.64
C SER A 235 -68.34 -7.72 -9.49
N TYR A 236 -69.11 -8.61 -10.10
CA TYR A 236 -68.54 -9.64 -10.95
C TYR A 236 -69.55 -10.02 -12.02
N LEU A 237 -69.08 -10.74 -13.02
CA LEU A 237 -69.90 -11.23 -14.11
C LEU A 237 -70.11 -12.72 -13.97
N ASP A 238 -71.37 -13.15 -13.95
CA ASP A 238 -71.72 -14.55 -13.99
C ASP A 238 -72.36 -14.85 -15.34
N GLN A 239 -72.81 -16.11 -15.48
CA GLN A 239 -73.20 -16.77 -16.75
C GLN A 239 -72.26 -16.41 -17.90
N LEU A 240 -71.01 -16.77 -17.73
CA LEU A 240 -70.00 -16.55 -18.76
C LEU A 240 -70.24 -17.48 -19.93
N PRO A 241 -70.01 -17.03 -21.17
CA PRO A 241 -70.28 -17.88 -22.33
C PRO A 241 -69.30 -19.04 -22.45
N VAL A 242 -69.85 -20.19 -22.84
CA VAL A 242 -69.08 -21.40 -23.10
C VAL A 242 -69.12 -21.67 -24.59
N GLY A 243 -67.97 -21.92 -25.18
CA GLY A 243 -67.92 -22.25 -26.59
C GLY A 243 -67.64 -23.71 -26.84
N GLN A 244 -66.92 -24.01 -27.92
CA GLN A 244 -66.58 -25.38 -28.24
C GLN A 244 -65.38 -25.88 -27.45
N ASN A 245 -64.52 -24.98 -26.96
CA ASN A 245 -63.29 -25.34 -26.28
C ASN A 245 -63.29 -24.86 -24.83
N GLY A 246 -64.47 -24.70 -24.25
CA GLY A 246 -64.57 -24.19 -22.90
C GLY A 246 -65.03 -22.76 -22.88
N TYR A 247 -64.49 -21.99 -21.93
CA TYR A 247 -64.92 -20.60 -21.77
C TYR A 247 -64.39 -19.73 -22.89
N ILE A 248 -65.24 -18.82 -23.37
CA ILE A 248 -64.81 -17.76 -24.28
C ILE A 248 -64.25 -16.63 -23.40
N LEU A 249 -62.96 -16.39 -23.51
CA LEU A 249 -62.33 -15.45 -22.58
C LEU A 249 -61.46 -14.45 -23.30
N PRO A 250 -61.47 -13.19 -22.87
CA PRO A 250 -60.49 -12.21 -23.35
C PRO A 250 -59.11 -12.44 -22.74
N LEU A 251 -58.30 -13.27 -23.40
CA LEU A 251 -57.12 -13.87 -22.76
C LEU A 251 -56.03 -12.86 -22.43
N ILE A 252 -55.81 -11.86 -23.30
CA ILE A 252 -54.75 -10.90 -23.01
C ILE A 252 -55.34 -9.64 -22.41
N ASP A 253 -56.60 -9.70 -22.02
CA ASP A 253 -57.22 -8.68 -21.17
C ASP A 253 -57.34 -9.13 -19.73
N LEU A 254 -57.42 -10.44 -19.48
CA LEU A 254 -57.41 -10.97 -18.13
C LEU A 254 -56.01 -11.23 -17.61
N SER A 255 -55.02 -11.31 -18.49
CA SER A 255 -53.62 -11.37 -18.11
C SER A 255 -52.96 -10.00 -18.12
N THR A 256 -53.74 -8.94 -17.98
CA THR A 256 -53.27 -7.57 -17.89
C THR A 256 -53.73 -7.01 -16.56
N LEU A 257 -52.88 -6.24 -15.91
CA LEU A 257 -53.19 -5.66 -14.61
C LEU A 257 -53.50 -4.18 -14.78
N TYR A 258 -54.63 -3.75 -14.23
CA TYR A 258 -54.94 -2.34 -14.10
C TYR A 258 -54.68 -1.98 -12.65
N ASN A 259 -53.56 -1.32 -12.41
CA ASN A 259 -53.06 -1.09 -11.07
C ASN A 259 -53.07 0.38 -10.73
N LEU A 260 -53.33 0.67 -9.47
CA LEU A 260 -53.16 2.00 -8.89
C LEU A 260 -52.06 1.90 -7.87
N GLU A 261 -51.12 2.85 -7.88
CA GLU A 261 -49.98 2.77 -7.00
C GLU A 261 -49.61 4.18 -6.53
N ASN A 262 -49.03 4.25 -5.34
CA ASN A 262 -48.72 5.49 -4.66
C ASN A 262 -47.21 5.67 -4.60
N SER A 263 -46.77 6.91 -4.41
CA SER A 263 -45.34 7.22 -4.34
C SER A 263 -45.16 8.54 -3.61
N ALA A 264 -43.90 8.91 -3.38
CA ALA A 264 -43.55 10.16 -2.73
C ALA A 264 -42.10 10.50 -3.05
N GLN A 265 -41.85 11.74 -3.49
CA GLN A 265 -40.51 12.23 -3.77
C GLN A 265 -40.30 13.53 -3.02
N ALA A 266 -39.09 13.74 -2.52
CA ALA A 266 -38.73 14.96 -1.84
C ALA A 266 -37.51 15.59 -2.51
N GLY A 267 -37.05 16.70 -1.97
CA GLY A 267 -35.88 17.37 -2.49
C GLY A 267 -36.19 18.48 -3.47
N LEU A 268 -37.08 19.40 -3.10
CA LEU A 268 -37.41 20.54 -3.91
C LEU A 268 -36.68 21.78 -3.41
N THR A 269 -36.21 22.60 -4.34
CA THR A 269 -35.58 23.88 -4.08
C THR A 269 -36.25 24.92 -4.95
N PRO A 270 -36.31 26.18 -4.52
CA PRO A 270 -37.08 27.19 -5.27
C PRO A 270 -36.47 27.53 -6.63
N ASN A 271 -37.36 27.71 -7.60
CA ASN A 271 -37.11 28.28 -8.92
C ASN A 271 -36.20 27.44 -9.80
N VAL A 272 -36.15 26.12 -9.59
CA VAL A 272 -35.56 25.21 -10.56
C VAL A 272 -36.53 24.07 -10.78
N ASP A 273 -36.33 23.38 -11.90
CA ASP A 273 -37.19 22.27 -12.26
C ASP A 273 -36.94 21.06 -11.37
N PHE A 274 -38.02 20.41 -10.96
CA PHE A 274 -37.96 19.20 -10.15
C PHE A 274 -38.59 18.07 -10.97
N VAL A 275 -37.75 17.28 -11.61
CA VAL A 275 -38.20 16.27 -12.57
C VAL A 275 -38.48 14.97 -11.82
N VAL A 276 -39.67 14.42 -12.03
CA VAL A 276 -40.05 13.11 -11.50
C VAL A 276 -40.26 12.20 -12.71
N GLN A 277 -39.42 11.17 -12.82
CA GLN A 277 -39.34 10.41 -14.06
C GLN A 277 -40.37 9.29 -14.09
N TYR A 278 -40.93 9.04 -15.28
CA TYR A 278 -41.88 7.96 -15.49
C TYR A 278 -41.12 6.71 -15.89
N ALA A 279 -41.27 5.65 -15.09
CA ALA A 279 -40.59 4.38 -15.29
C ALA A 279 -40.95 3.74 -16.63
N ASN A 280 -40.05 2.90 -17.12
CA ASN A 280 -40.34 2.15 -18.33
C ASN A 280 -41.25 0.97 -18.03
N LEU A 281 -41.79 0.38 -19.12
CA LEU A 281 -42.62 -0.82 -19.16
C LEU A 281 -44.01 -0.68 -18.53
N TYR A 282 -44.30 0.45 -17.88
CA TYR A 282 -45.66 0.72 -17.44
C TYR A 282 -46.37 1.55 -18.50
N ARG A 283 -47.70 1.46 -18.51
CA ARG A 283 -48.54 2.23 -19.43
C ARG A 283 -49.34 3.22 -18.60
N TYR A 284 -48.77 4.39 -18.36
CA TYR A 284 -49.36 5.35 -17.44
C TYR A 284 -50.60 5.99 -18.03
N LEU A 285 -51.71 5.89 -17.33
CA LEU A 285 -52.96 6.50 -17.76
C LEU A 285 -53.23 7.84 -17.09
N SER A 286 -52.71 8.05 -15.89
CA SER A 286 -52.99 9.28 -15.16
C SER A 286 -51.91 9.50 -14.12
N THR A 287 -51.86 10.75 -13.64
CA THR A 287 -50.88 11.16 -12.64
C THR A 287 -51.54 12.17 -11.73
N ILE A 288 -51.47 11.94 -10.43
CA ILE A 288 -51.92 12.91 -9.44
C ILE A 288 -50.73 13.29 -8.60
N ALA A 289 -50.44 14.59 -8.54
CA ALA A 289 -49.33 15.12 -7.77
C ALA A 289 -49.86 16.08 -6.73
N VAL A 290 -49.61 15.77 -5.47
CA VAL A 290 -50.03 16.62 -4.36
C VAL A 290 -48.80 17.33 -3.84
N PHE A 291 -48.80 18.65 -3.91
CA PHE A 291 -47.66 19.44 -3.45
C PHE A 291 -47.88 19.79 -2.00
N ASP A 292 -47.43 18.90 -1.12
CA ASP A 292 -47.40 19.15 0.32
C ASP A 292 -46.17 20.02 0.60
N ASN A 293 -46.39 21.31 0.83
CA ASN A 293 -45.31 22.25 1.04
C ASN A 293 -45.02 22.42 2.53
N GLY A 294 -44.65 21.31 3.16
CA GLY A 294 -44.36 21.30 4.58
C GLY A 294 -45.60 21.46 5.44
N GLY A 295 -46.61 20.63 5.20
CA GLY A 295 -47.85 20.73 5.95
C GLY A 295 -48.74 21.88 5.55
N SER A 296 -48.44 22.56 4.45
CA SER A 296 -49.25 23.66 3.95
C SER A 296 -49.64 23.37 2.51
N PHE A 297 -50.90 23.59 2.18
CA PHE A 297 -51.44 23.32 0.86
C PHE A 297 -51.99 24.63 0.31
N ASN A 298 -51.52 25.02 -0.85
CA ASN A 298 -51.86 26.32 -1.44
C ASN A 298 -52.48 26.13 -2.81
N ALA A 299 -53.25 27.13 -3.22
CA ALA A 299 -53.96 27.09 -4.50
C ALA A 299 -53.09 27.73 -5.59
N GLY A 300 -51.98 27.04 -5.89
CA GLY A 300 -51.09 27.43 -6.97
C GLY A 300 -50.22 28.63 -6.70
N THR A 301 -50.24 29.18 -5.49
CA THR A 301 -49.48 30.38 -5.20
C THR A 301 -47.99 30.09 -5.03
N ASP A 302 -47.62 28.83 -4.81
CA ASP A 302 -46.25 28.46 -4.55
C ASP A 302 -45.64 27.64 -5.67
N ILE A 303 -46.20 27.72 -6.88
CA ILE A 303 -45.69 26.99 -8.04
C ILE A 303 -45.53 27.97 -9.18
N ASN A 304 -44.37 27.94 -9.85
CA ASN A 304 -44.18 28.73 -11.06
C ASN A 304 -44.90 28.09 -12.24
N TYR A 305 -44.60 26.83 -12.53
CA TYR A 305 -45.30 26.11 -13.58
C TYR A 305 -45.22 24.62 -13.31
N LEU A 306 -46.07 23.88 -14.01
CA LEU A 306 -46.01 22.42 -14.08
C LEU A 306 -45.88 22.04 -15.55
N SER A 307 -45.39 20.83 -15.80
CA SER A 307 -45.10 20.42 -17.16
C SER A 307 -45.05 18.90 -17.25
N GLN A 308 -44.90 18.41 -18.48
CA GLN A 308 -44.53 17.01 -18.74
C GLN A 308 -43.45 17.02 -19.81
N ARG A 309 -42.21 16.78 -19.40
CA ARG A 309 -41.09 16.77 -20.32
C ARG A 309 -41.03 15.47 -21.10
N THR A 310 -40.21 15.48 -22.15
CA THR A 310 -39.85 14.27 -22.88
C THR A 310 -38.37 14.43 -23.24
N ALA A 311 -37.72 13.34 -23.63
CA ALA A 311 -36.29 13.38 -23.92
C ALA A 311 -36.02 14.06 -25.26
N ASN A 312 -36.65 13.57 -26.33
CA ASN A 312 -36.48 14.17 -27.64
C ASN A 312 -37.11 15.54 -27.72
N PHE A 313 -38.37 15.64 -27.31
CA PHE A 313 -39.10 16.88 -27.29
C PHE A 313 -38.66 17.73 -26.11
N SER A 314 -39.21 18.91 -26.02
CA SER A 314 -39.07 19.76 -24.85
C SER A 314 -40.23 19.44 -23.89
N ASP A 315 -40.54 20.37 -22.99
CA ASP A 315 -41.83 20.40 -22.32
C ASP A 315 -42.97 20.29 -23.33
N THR A 316 -43.96 19.44 -23.02
CA THR A 316 -45.11 19.26 -23.88
C THR A 316 -46.36 19.97 -23.41
N ARG A 317 -46.50 20.19 -22.11
CA ARG A 317 -47.64 20.92 -21.56
C ARG A 317 -47.21 21.84 -20.44
N LYS A 318 -46.16 22.63 -20.69
CA LYS A 318 -45.68 23.58 -19.69
C LYS A 318 -46.69 24.70 -19.51
N LEU A 319 -47.37 24.74 -18.37
CA LEU A 319 -48.45 25.67 -18.11
C LEU A 319 -48.31 26.24 -16.72
N ASP A 320 -48.81 27.47 -16.54
CA ASP A 320 -48.90 28.07 -15.22
C ASP A 320 -49.98 27.36 -14.40
N PRO A 321 -49.97 27.46 -13.06
CA PRO A 321 -50.88 26.64 -12.25
C PRO A 321 -52.36 26.94 -12.39
N LYS A 322 -52.76 28.03 -13.06
CA LYS A 322 -54.17 28.26 -13.31
C LYS A 322 -54.61 27.81 -14.69
N THR A 323 -53.68 27.71 -15.64
CA THR A 323 -54.00 27.10 -16.92
C THR A 323 -53.97 25.58 -16.82
N TRP A 324 -53.13 25.04 -15.94
CA TRP A 324 -53.13 23.62 -15.65
C TRP A 324 -54.44 23.19 -15.00
N ALA A 325 -54.95 24.01 -14.09
CA ALA A 325 -56.26 23.77 -13.50
C ALA A 325 -57.40 23.99 -14.48
N ALA A 326 -57.18 24.80 -15.51
CA ALA A 326 -58.19 25.01 -16.53
C ALA A 326 -58.39 23.79 -17.40
N GLN A 327 -57.33 22.98 -17.59
CA GLN A 327 -57.45 21.77 -18.39
C GLN A 327 -58.09 20.63 -17.62
N THR A 328 -58.12 20.70 -16.29
CA THR A 328 -58.81 19.69 -15.50
C THR A 328 -60.25 20.06 -15.22
N ARG A 329 -60.64 21.32 -15.40
CA ARG A 329 -62.04 21.70 -15.33
C ARG A 329 -62.81 21.20 -16.54
N ARG A 330 -62.13 20.88 -17.63
CA ARG A 330 -62.73 20.17 -18.75
C ARG A 330 -62.71 18.66 -18.56
N ARG A 331 -62.30 18.18 -17.39
CA ARG A 331 -62.22 16.76 -17.10
C ARG A 331 -63.18 16.33 -16.01
N ILE A 332 -63.14 16.99 -14.85
CA ILE A 332 -63.96 16.62 -13.70
C ILE A 332 -64.94 17.72 -13.33
N ALA A 333 -65.07 18.75 -14.17
CA ALA A 333 -66.06 19.82 -14.10
C ALA A 333 -65.97 20.65 -12.82
N THR A 334 -64.83 20.59 -12.14
CA THR A 334 -64.56 21.38 -10.94
C THR A 334 -63.06 21.40 -10.74
N ASP A 335 -62.63 21.88 -9.59
CA ASP A 335 -61.24 21.84 -9.19
C ASP A 335 -61.02 20.76 -8.14
N PHE A 336 -59.88 20.09 -8.23
CA PHE A 336 -59.39 19.26 -7.15
C PHE A 336 -59.04 20.14 -5.95
N PRO A 337 -58.97 19.58 -4.74
CA PRO A 337 -58.64 20.42 -3.56
C PRO A 337 -57.26 21.05 -3.63
N LYS A 338 -56.99 21.92 -2.65
CA LYS A 338 -55.79 22.74 -2.61
C LYS A 338 -54.53 21.91 -2.56
N GLY A 339 -53.66 22.09 -3.55
CA GLY A 339 -52.43 21.34 -3.64
C GLY A 339 -52.47 20.14 -4.54
N VAL A 340 -53.65 19.73 -5.00
CA VAL A 340 -53.79 18.55 -5.84
C VAL A 340 -53.79 18.98 -7.29
N TYR A 341 -52.95 18.33 -8.10
CA TYR A 341 -52.79 18.67 -9.51
C TYR A 341 -52.93 17.40 -10.33
N TYR A 342 -53.73 17.47 -11.38
CA TYR A 342 -54.14 16.30 -12.14
C TYR A 342 -53.53 16.33 -13.53
N CYS A 343 -53.12 15.17 -14.02
CA CYS A 343 -52.56 15.06 -15.36
C CYS A 343 -53.15 13.84 -16.03
N ASP A 344 -53.81 14.04 -17.17
CA ASP A 344 -54.54 13.00 -17.86
C ASP A 344 -53.74 12.52 -19.06
N ASN A 345 -53.55 11.20 -19.16
CA ASN A 345 -52.85 10.60 -20.28
C ASN A 345 -53.63 9.42 -20.84
N ARG A 346 -54.95 9.45 -20.73
CA ARG A 346 -55.75 8.29 -21.10
C ARG A 346 -55.85 8.11 -22.60
N ASP A 347 -55.77 9.20 -23.37
CA ASP A 347 -55.89 9.10 -24.81
C ASP A 347 -54.61 8.56 -25.43
N LYS A 348 -53.45 8.93 -24.89
CA LYS A 348 -52.17 8.40 -25.32
C LYS A 348 -51.34 8.09 -24.08
N PRO A 349 -51.30 6.84 -23.65
CA PRO A 349 -50.59 6.51 -22.41
C PRO A 349 -49.09 6.54 -22.57
N ILE A 350 -48.41 6.90 -21.48
CA ILE A 350 -46.96 6.95 -21.45
C ILE A 350 -46.41 5.53 -21.44
N TYR A 351 -45.59 5.20 -22.42
CA TYR A 351 -45.02 3.86 -22.55
C TYR A 351 -43.67 4.01 -23.24
N THR A 352 -42.59 3.97 -22.46
CA THR A 352 -41.32 4.46 -22.98
C THR A 352 -40.43 3.36 -23.57
N LEU A 353 -40.04 2.37 -22.76
CA LEU A 353 -38.93 1.36 -22.88
C LEU A 353 -37.58 1.92 -22.44
N GLN A 354 -37.54 3.09 -21.81
CA GLN A 354 -36.34 3.65 -21.23
C GLN A 354 -36.78 4.47 -20.04
N TYR A 355 -36.02 4.38 -18.94
CA TYR A 355 -36.56 4.72 -17.63
C TYR A 355 -36.84 6.21 -17.45
N GLY A 356 -36.15 7.09 -18.14
CA GLY A 356 -36.41 8.48 -17.85
C GLY A 356 -36.82 9.29 -19.05
N ASN A 357 -37.48 8.64 -20.01
CA ASN A 357 -37.81 9.30 -21.26
C ASN A 357 -38.84 10.41 -21.04
N VAL A 358 -39.91 10.10 -20.31
CA VAL A 358 -40.93 11.08 -19.95
C VAL A 358 -40.76 11.40 -18.47
N GLY A 359 -40.89 12.68 -18.14
CA GLY A 359 -40.83 13.09 -16.75
C GLY A 359 -41.91 14.11 -16.43
N PHE A 360 -42.22 14.20 -15.14
CA PHE A 360 -43.19 15.16 -14.63
C PHE A 360 -42.45 16.24 -13.85
N VAL A 361 -42.70 17.49 -14.19
CA VAL A 361 -41.91 18.63 -13.71
C VAL A 361 -42.80 19.52 -12.86
N VAL A 362 -42.29 19.92 -11.71
CA VAL A 362 -42.87 21.00 -10.91
C VAL A 362 -41.76 22.01 -10.66
N ASN A 363 -41.99 23.26 -11.06
CA ASN A 363 -41.08 24.34 -10.75
C ASN A 363 -41.69 25.16 -9.61
N PRO A 364 -41.26 24.98 -8.38
CA PRO A 364 -41.85 25.74 -7.28
C PRO A 364 -41.28 27.15 -7.22
N LYS A 365 -41.85 27.94 -6.32
CA LYS A 365 -41.34 29.26 -6.04
C LYS A 365 -41.17 29.55 -4.56
N THR A 366 -41.72 28.72 -3.68
CA THR A 366 -41.53 28.84 -2.25
C THR A 366 -41.56 27.43 -1.69
N VAL A 367 -40.48 27.03 -1.00
CA VAL A 367 -40.32 25.67 -0.51
C VAL A 367 -40.03 25.73 0.98
N ASN A 368 -40.92 25.16 1.78
CA ASN A 368 -40.70 25.03 3.21
C ASN A 368 -39.94 23.74 3.50
N GLN A 369 -39.56 23.54 4.75
CA GLN A 369 -38.88 22.30 5.11
C GLN A 369 -39.88 21.13 5.15
N ASN A 370 -39.36 19.93 4.85
CA ASN A 370 -40.14 18.71 4.65
C ASN A 370 -41.19 18.87 3.56
N ALA A 371 -40.84 19.57 2.49
CA ALA A 371 -41.70 19.66 1.32
C ALA A 371 -41.48 18.46 0.43
N ARG A 372 -42.55 18.01 -0.21
CA ARG A 372 -42.51 16.78 -0.99
C ARG A 372 -43.61 16.80 -2.03
N LEU A 373 -43.49 15.91 -3.00
CA LEU A 373 -44.55 15.61 -3.95
C LEU A 373 -45.09 14.23 -3.64
N LEU A 374 -46.41 14.12 -3.54
CA LEU A 374 -47.07 12.86 -3.28
C LEU A 374 -47.68 12.39 -4.59
N MET A 375 -47.01 11.48 -5.27
CA MET A 375 -47.39 11.06 -6.61
C MET A 375 -48.30 9.85 -6.55
N GLY A 376 -49.39 9.91 -7.29
CA GLY A 376 -50.27 8.77 -7.45
C GLY A 376 -50.42 8.41 -8.91
N TYR A 377 -50.21 7.15 -9.26
CA TYR A 377 -50.28 6.71 -10.64
C TYR A 377 -51.33 5.62 -10.79
N GLU A 378 -51.94 5.57 -11.96
CA GLU A 378 -52.69 4.40 -12.40
C GLU A 378 -52.17 3.99 -13.77
N TYR A 379 -52.09 2.69 -14.00
CA TYR A 379 -51.37 2.21 -15.16
C TYR A 379 -51.86 0.83 -15.56
N PHE A 380 -51.63 0.50 -16.83
CA PHE A 380 -51.77 -0.86 -17.33
C PHE A 380 -50.39 -1.51 -17.36
N THR A 381 -50.36 -2.81 -17.10
CA THR A 381 -49.14 -3.58 -17.25
C THR A 381 -49.51 -5.03 -17.53
N SER A 382 -48.64 -5.72 -18.25
CA SER A 382 -48.88 -7.12 -18.58
C SER A 382 -48.46 -7.99 -17.39
N ARG A 383 -48.50 -9.31 -17.58
CA ARG A 383 -48.03 -10.21 -16.52
C ARG A 383 -46.52 -10.16 -16.35
N THR A 384 -45.80 -9.59 -17.32
CA THR A 384 -44.40 -9.25 -17.17
C THR A 384 -44.23 -7.89 -16.51
N GLU A 385 -44.86 -7.71 -15.36
CA GLU A 385 -44.51 -6.68 -14.38
C GLU A 385 -43.32 -7.10 -13.55
N LEU A 386 -42.93 -8.37 -13.61
CA LEU A 386 -41.78 -8.84 -12.88
C LEU A 386 -40.47 -8.34 -13.45
N VAL A 387 -40.46 -7.84 -14.68
CA VAL A 387 -39.28 -7.26 -15.27
C VAL A 387 -39.32 -5.73 -15.21
N ASN A 388 -40.08 -5.16 -14.28
CA ASN A 388 -40.23 -3.73 -14.11
C ASN A 388 -39.40 -3.23 -12.92
N ALA A 389 -39.46 -1.92 -12.70
CA ALA A 389 -38.69 -1.27 -11.65
C ALA A 389 -39.59 -0.38 -10.79
N GLY A 390 -38.99 0.49 -9.98
CA GLY A 390 -39.77 1.40 -9.17
C GLY A 390 -40.42 2.48 -10.00
N THR A 391 -41.55 2.99 -9.50
CA THR A 391 -42.28 4.07 -10.16
C THR A 391 -41.94 5.39 -9.48
N ILE A 392 -40.78 5.94 -9.83
CA ILE A 392 -40.39 7.24 -9.30
C ILE A 392 -41.24 8.31 -9.98
N ALA B 14 -74.55 10.70 -54.66
CA ALA B 14 -73.24 10.76 -55.29
C ALA B 14 -72.34 9.62 -54.79
N LEU B 15 -71.95 8.74 -55.71
CA LEU B 15 -71.07 7.63 -55.37
C LEU B 15 -69.60 7.98 -55.48
N ARG B 16 -69.27 9.18 -55.99
CA ARG B 16 -67.89 9.63 -56.02
C ARG B 16 -67.50 10.44 -54.80
N ASN B 17 -68.46 11.11 -54.16
CA ASN B 17 -68.19 11.84 -52.92
C ASN B 17 -68.32 10.98 -51.67
N GLN B 18 -69.08 9.89 -51.73
CA GLN B 18 -69.12 8.98 -50.59
C GLN B 18 -67.86 8.12 -50.53
N GLN B 19 -67.24 7.85 -51.68
CA GLN B 19 -65.95 7.19 -51.69
C GLN B 19 -64.84 8.14 -51.27
N ALA B 20 -65.04 9.44 -51.43
CA ALA B 20 -64.04 10.42 -51.00
C ALA B 20 -64.20 10.77 -49.53
N MET B 21 -65.41 10.64 -48.97
CA MET B 21 -65.57 10.81 -47.54
C MET B 21 -65.05 9.61 -46.77
N ALA B 22 -65.03 8.43 -47.40
CA ALA B 22 -64.48 7.25 -46.74
C ALA B 22 -62.97 7.32 -46.63
N ALA B 23 -62.31 7.89 -47.64
CA ALA B 23 -60.87 8.13 -47.55
C ALA B 23 -60.54 9.32 -46.66
N ASN B 24 -61.50 10.21 -46.42
CA ASN B 24 -61.27 11.33 -45.51
C ASN B 24 -61.38 10.91 -44.06
N LEU B 25 -62.27 9.96 -43.76
CA LEU B 25 -62.40 9.49 -42.38
C LEU B 25 -61.28 8.55 -41.99
N GLN B 26 -60.73 7.80 -42.94
CA GLN B 26 -59.60 6.93 -42.64
C GLN B 26 -58.36 7.74 -42.36
N ALA B 27 -58.11 8.79 -43.14
CA ALA B 27 -56.93 9.63 -42.93
C ALA B 27 -57.04 10.47 -41.66
N ARG B 28 -58.25 10.81 -41.24
CA ARG B 28 -58.42 11.53 -39.98
C ARG B 28 -58.15 10.61 -38.80
N GLN B 29 -58.54 9.34 -38.90
CA GLN B 29 -58.28 8.39 -37.82
C GLN B 29 -56.80 8.05 -37.70
N ILE B 30 -56.06 8.11 -38.81
CA ILE B 30 -54.62 7.85 -38.76
C ILE B 30 -53.90 9.02 -38.12
N VAL B 31 -54.35 10.25 -38.38
CA VAL B 31 -53.72 11.42 -37.79
C VAL B 31 -54.00 11.48 -36.30
N LEU B 32 -55.25 11.25 -35.88
CA LEU B 32 -55.59 11.34 -34.47
C LEU B 32 -55.03 10.18 -33.65
N GLN B 33 -54.62 9.08 -34.29
CA GLN B 33 -54.01 7.98 -33.56
C GLN B 33 -52.49 8.07 -33.52
N GLN B 34 -51.86 8.68 -34.53
CA GLN B 34 -50.41 8.68 -34.61
C GLN B 34 -49.76 9.98 -34.18
N SER B 35 -50.51 11.07 -34.06
CA SER B 35 -49.92 12.34 -33.69
C SER B 35 -49.87 12.47 -32.17
N TYR B 36 -49.46 13.64 -31.70
CA TYR B 36 -49.40 13.91 -30.27
C TYR B 36 -49.87 15.32 -30.00
N PRO B 37 -50.77 15.52 -29.04
CA PRO B 37 -51.22 16.87 -28.69
C PRO B 37 -50.18 17.61 -27.88
N VAL B 38 -49.69 18.72 -28.44
CA VAL B 38 -48.76 19.61 -27.76
C VAL B 38 -49.50 20.93 -27.49
N ILE B 39 -49.27 21.50 -26.31
CA ILE B 39 -49.74 22.83 -26.00
C ILE B 39 -48.57 23.62 -25.41
N GLN B 40 -48.33 24.81 -25.94
CA GLN B 40 -47.19 25.60 -25.49
C GLN B 40 -47.52 27.08 -25.57
N GLN B 41 -46.80 27.87 -24.78
CA GLN B 41 -47.01 29.30 -24.69
C GLN B 41 -46.42 30.01 -25.89
N VAL B 42 -47.18 30.93 -26.46
CA VAL B 42 -46.75 31.72 -27.62
C VAL B 42 -46.35 33.13 -27.22
N GLU B 43 -47.18 33.82 -26.47
CA GLU B 43 -46.90 35.20 -26.12
C GLU B 43 -47.47 35.51 -24.75
N THR B 44 -46.77 36.37 -24.03
CA THR B 44 -47.24 36.94 -22.77
C THR B 44 -46.87 38.40 -22.75
N GLN B 45 -47.83 39.26 -22.45
CA GLN B 45 -47.57 40.69 -22.46
C GLN B 45 -48.51 41.38 -21.47
N THR B 46 -47.98 42.38 -20.78
CA THR B 46 -48.72 43.19 -19.84
C THR B 46 -48.74 44.62 -20.36
N PHE B 47 -49.88 45.29 -20.26
CA PHE B 47 -49.97 46.62 -20.83
C PHE B 47 -50.94 47.48 -20.03
N ASP B 48 -50.93 48.76 -20.35
CA ASP B 48 -51.88 49.73 -19.81
C ASP B 48 -52.86 50.08 -20.91
N PRO B 49 -54.16 49.91 -20.71
CA PRO B 49 -55.13 50.17 -21.80
C PRO B 49 -55.28 51.63 -22.16
N ALA B 50 -54.74 52.56 -21.36
CA ALA B 50 -54.76 53.97 -21.72
C ALA B 50 -53.81 54.30 -22.87
N ASN B 51 -52.88 53.41 -23.20
CA ASN B 51 -51.93 53.61 -24.29
C ASN B 51 -52.19 52.75 -25.50
N ARG B 52 -52.60 51.50 -25.30
CA ARG B 52 -52.67 50.55 -26.40
C ARG B 52 -53.66 49.46 -26.04
N SER B 53 -54.44 49.00 -27.02
CA SER B 53 -55.32 47.87 -26.79
C SER B 53 -55.42 46.92 -27.98
N VAL B 54 -54.69 47.15 -29.06
CA VAL B 54 -54.70 46.26 -30.22
C VAL B 54 -53.37 45.54 -30.26
N PHE B 55 -53.42 44.21 -30.33
CA PHE B 55 -52.22 43.39 -30.26
C PHE B 55 -52.26 42.33 -31.34
N ASP B 56 -51.22 42.28 -32.15
CA ASP B 56 -51.05 41.23 -33.14
C ASP B 56 -50.06 40.20 -32.62
N VAL B 57 -50.54 38.98 -32.41
CA VAL B 57 -49.78 37.89 -31.83
C VAL B 57 -49.35 36.98 -32.96
N THR B 58 -48.07 36.60 -32.99
CA THR B 58 -47.56 35.72 -34.03
C THR B 58 -47.47 34.31 -33.49
N PRO B 59 -48.33 33.39 -33.93
CA PRO B 59 -48.22 32.01 -33.46
C PRO B 59 -47.07 31.30 -34.15
N ALA B 60 -46.63 30.20 -33.53
CA ALA B 60 -45.56 29.40 -34.08
C ALA B 60 -46.06 28.55 -35.23
N ASN B 61 -45.24 28.42 -36.27
CA ASN B 61 -45.60 27.64 -37.44
C ASN B 61 -45.18 26.18 -37.24
N VAL B 62 -45.95 25.49 -36.41
CA VAL B 62 -45.66 24.11 -36.04
C VAL B 62 -46.91 23.25 -36.16
N GLY B 63 -46.77 22.09 -36.77
CA GLY B 63 -47.73 20.99 -36.83
C GLY B 63 -49.07 21.35 -37.43
N ILE B 64 -50.10 20.61 -37.01
CA ILE B 64 -51.48 20.88 -37.34
C ILE B 64 -52.08 21.66 -36.19
N VAL B 65 -52.40 22.92 -36.42
CA VAL B 65 -52.89 23.78 -35.34
C VAL B 65 -54.38 23.53 -35.13
N LYS B 66 -54.77 23.35 -33.88
CA LYS B 66 -56.16 23.12 -33.53
C LYS B 66 -56.84 24.32 -32.92
N GLY B 67 -56.10 25.21 -32.27
CA GLY B 67 -56.70 26.40 -31.73
C GLY B 67 -55.79 27.10 -30.75
N PHE B 68 -56.34 28.10 -30.08
CA PHE B 68 -55.59 28.97 -29.19
C PHE B 68 -56.33 29.14 -27.88
N LEU B 69 -55.62 28.99 -26.77
CA LEU B 69 -56.17 29.26 -25.45
C LEU B 69 -55.65 30.62 -25.00
N VAL B 70 -56.55 31.58 -24.82
CA VAL B 70 -56.18 32.95 -24.53
C VAL B 70 -56.62 33.25 -23.10
N LYS B 71 -55.65 33.43 -22.22
CA LYS B 71 -55.88 33.80 -20.84
C LYS B 71 -55.73 35.31 -20.70
N VAL B 72 -56.74 35.97 -20.14
CA VAL B 72 -56.71 37.42 -19.95
C VAL B 72 -56.94 37.70 -18.47
N THR B 73 -55.95 38.30 -17.82
CA THR B 73 -56.07 38.76 -16.45
C THR B 73 -56.04 40.28 -16.44
N ALA B 74 -56.75 40.87 -15.48
CA ALA B 74 -56.85 42.32 -15.41
C ALA B 74 -56.94 42.77 -13.96
N ALA B 75 -56.74 44.06 -13.75
CA ALA B 75 -56.92 44.70 -12.46
C ALA B 75 -57.64 46.02 -12.68
N ILE B 76 -58.66 46.28 -11.87
CA ILE B 76 -59.54 47.43 -12.08
C ILE B 76 -59.60 48.22 -10.79
N LYS B 77 -59.25 49.51 -10.87
CA LYS B 77 -59.31 50.42 -9.73
C LYS B 77 -60.55 51.29 -9.84
N ASN B 78 -61.24 51.48 -8.71
CA ASN B 78 -62.39 52.37 -8.62
C ASN B 78 -61.97 53.56 -7.76
N ASN B 79 -61.81 54.72 -8.39
CA ASN B 79 -61.33 55.91 -7.72
C ASN B 79 -62.45 56.86 -7.33
N HIS B 80 -63.70 56.40 -7.38
CA HIS B 80 -64.80 57.23 -6.93
C HIS B 80 -64.77 57.36 -5.41
N ALA B 81 -65.33 58.46 -4.92
CA ALA B 81 -65.26 58.74 -3.49
C ALA B 81 -66.25 57.89 -2.71
N THR B 82 -67.48 57.73 -3.21
CA THR B 82 -68.55 57.10 -2.43
C THR B 82 -69.29 55.98 -3.14
N GLU B 83 -69.26 55.90 -4.46
CA GLU B 83 -70.14 55.01 -5.19
C GLU B 83 -69.39 53.79 -5.71
N ALA B 84 -70.09 52.66 -5.73
CA ALA B 84 -69.54 51.39 -6.20
C ALA B 84 -70.04 51.09 -7.61
N VAL B 85 -69.46 50.05 -8.20
CA VAL B 85 -69.91 49.51 -9.47
C VAL B 85 -70.17 48.03 -9.31
N ALA B 86 -70.98 47.48 -10.21
CA ALA B 86 -71.37 46.08 -10.16
C ALA B 86 -71.16 45.44 -11.52
N LEU B 87 -70.98 44.13 -11.51
CA LEU B 87 -70.73 43.37 -12.73
C LEU B 87 -71.95 43.38 -13.64
N THR B 88 -71.70 43.49 -14.95
CA THR B 88 -72.77 43.38 -15.92
C THR B 88 -73.10 41.91 -16.14
N ASP B 89 -74.12 41.65 -16.97
CA ASP B 89 -74.56 40.29 -17.19
C ASP B 89 -73.57 39.50 -18.03
N PHE B 90 -72.80 40.18 -18.87
CA PHE B 90 -71.78 39.49 -19.65
C PHE B 90 -70.46 39.43 -18.91
N GLY B 91 -70.17 40.43 -18.09
CA GLY B 91 -69.11 40.37 -17.12
C GLY B 91 -67.71 40.35 -17.71
N PRO B 92 -66.87 39.44 -17.21
CA PRO B 92 -65.47 39.41 -17.65
C PRO B 92 -65.26 38.87 -19.05
N ALA B 93 -66.31 38.43 -19.74
CA ALA B 93 -66.20 38.01 -21.14
C ALA B 93 -66.07 39.19 -22.09
N ASN B 94 -66.18 40.43 -21.61
CA ASN B 94 -65.94 41.62 -22.40
C ASN B 94 -64.54 42.18 -22.19
N LEU B 95 -63.62 41.38 -21.67
CA LEU B 95 -62.22 41.82 -21.58
C LEU B 95 -61.61 41.88 -22.97
N VAL B 96 -61.84 40.86 -23.77
CA VAL B 96 -61.47 40.87 -25.18
C VAL B 96 -62.67 41.39 -25.97
N GLN B 97 -62.43 42.38 -26.82
CA GLN B 97 -63.52 42.94 -27.61
C GLN B 97 -63.60 42.40 -29.02
N ARG B 98 -62.51 41.85 -29.57
CA ARG B 98 -62.52 41.28 -30.91
C ARG B 98 -61.33 40.34 -31.09
N VAL B 99 -61.59 39.17 -31.68
CA VAL B 99 -60.55 38.21 -32.03
C VAL B 99 -60.59 38.04 -33.54
N ILE B 100 -59.46 38.26 -34.20
CA ILE B 100 -59.31 37.90 -35.60
C ILE B 100 -58.12 36.96 -35.74
N TYR B 101 -58.30 35.86 -36.46
CA TYR B 101 -57.22 34.96 -36.81
C TYR B 101 -56.98 35.01 -38.31
N TYR B 102 -55.71 35.04 -38.70
CA TYR B 102 -55.33 35.03 -40.10
C TYR B 102 -54.44 33.85 -40.41
N ASP B 103 -54.63 33.30 -41.60
CA ASP B 103 -53.98 32.09 -42.07
C ASP B 103 -52.54 32.42 -42.45
N PRO B 104 -51.70 31.43 -42.78
CA PRO B 104 -50.47 31.74 -43.49
C PRO B 104 -50.67 32.35 -44.88
N ASP B 105 -51.82 32.12 -45.51
CA ASP B 105 -52.15 32.72 -46.79
C ASP B 105 -52.95 34.01 -46.61
N ASN B 106 -52.99 34.54 -45.38
CA ASN B 106 -53.71 35.75 -45.00
C ASN B 106 -55.21 35.64 -45.29
N GLN B 107 -55.76 34.45 -45.06
CA GLN B 107 -57.20 34.22 -45.18
C GLN B 107 -57.83 34.20 -43.79
N ARG B 108 -58.83 35.05 -43.59
CA ARG B 108 -59.43 35.22 -42.27
C ARG B 108 -60.30 34.03 -41.91
N HIS B 109 -60.23 33.59 -40.64
CA HIS B 109 -61.00 32.47 -40.16
C HIS B 109 -62.09 32.87 -39.19
N THR B 110 -61.75 33.54 -38.08
CA THR B 110 -62.73 33.85 -37.04
C THR B 110 -62.66 35.34 -36.75
N GLU B 111 -63.80 36.01 -36.78
CA GLU B 111 -63.85 37.46 -36.63
C GLU B 111 -64.97 37.89 -35.67
N THR B 112 -65.00 37.32 -34.48
CA THR B 112 -66.05 37.65 -33.53
C THR B 112 -65.57 38.60 -32.45
N SER B 113 -66.46 38.84 -31.50
CA SER B 113 -66.18 39.58 -30.29
C SER B 113 -65.83 38.62 -29.17
N GLY B 114 -65.76 39.12 -27.95
CA GLY B 114 -65.43 38.29 -26.82
C GLY B 114 -66.62 37.55 -26.25
N TRP B 115 -67.79 38.18 -26.24
CA TRP B 115 -68.96 37.53 -25.67
C TRP B 115 -69.46 36.40 -26.55
N HIS B 116 -69.31 36.53 -27.87
CA HIS B 116 -69.76 35.45 -28.74
C HIS B 116 -68.80 34.27 -28.74
N LEU B 117 -67.50 34.53 -28.63
CA LEU B 117 -66.53 33.46 -28.48
C LEU B 117 -66.74 32.71 -27.17
N HIS B 118 -67.15 33.40 -26.11
CA HIS B 118 -67.41 32.75 -24.84
C HIS B 118 -68.64 31.86 -24.92
N PHE B 119 -69.72 32.33 -25.55
CA PHE B 119 -70.96 31.56 -25.60
C PHE B 119 -70.84 30.35 -26.51
N VAL B 120 -69.99 30.43 -27.54
CA VAL B 120 -69.65 29.26 -28.33
C VAL B 120 -68.84 28.27 -27.52
N ASN B 121 -67.97 28.77 -26.64
CA ASN B 121 -67.21 27.89 -25.75
C ASN B 121 -68.12 27.22 -24.73
N THR B 122 -69.14 27.94 -24.26
CA THR B 122 -70.14 27.34 -23.37
C THR B 122 -70.97 26.30 -24.12
N ALA B 123 -71.33 26.56 -25.37
CA ALA B 123 -72.20 25.66 -26.10
C ALA B 123 -71.47 24.41 -26.60
N LYS B 124 -70.17 24.51 -26.84
CA LYS B 124 -69.43 23.34 -27.33
C LYS B 124 -69.02 22.41 -26.20
N GLN B 125 -69.02 22.88 -24.96
CA GLN B 125 -68.68 22.04 -23.82
C GLN B 125 -69.87 21.28 -23.29
N GLY B 126 -71.01 21.93 -23.16
CA GLY B 126 -72.16 21.38 -22.49
C GLY B 126 -72.39 21.95 -21.11
N ALA B 127 -71.74 23.04 -20.78
CA ALA B 127 -71.72 23.68 -19.47
C ALA B 127 -71.11 25.05 -19.64
N PRO B 128 -71.25 25.95 -18.67
CA PRO B 128 -70.48 27.20 -18.71
C PRO B 128 -68.99 26.93 -18.72
N PHE B 129 -68.29 27.65 -19.60
CA PHE B 129 -66.91 27.34 -19.99
C PHE B 129 -65.96 27.50 -18.81
N LEU B 130 -65.26 26.42 -18.48
CA LEU B 130 -64.23 26.35 -17.43
C LEU B 130 -64.79 26.77 -16.06
N SER B 131 -66.00 26.32 -15.78
CA SER B 131 -66.65 26.60 -14.51
C SER B 131 -66.59 25.38 -13.60
N SER B 132 -66.94 25.60 -12.35
CA SER B 132 -66.97 24.53 -11.35
C SER B 132 -68.39 24.41 -10.83
N MET B 133 -68.98 23.22 -10.99
CA MET B 133 -70.32 22.97 -10.48
C MET B 133 -70.29 22.81 -8.97
N VAL B 134 -71.29 23.39 -8.30
CA VAL B 134 -71.41 23.28 -6.85
C VAL B 134 -72.01 21.92 -6.51
N THR B 135 -71.40 21.23 -5.56
CA THR B 135 -71.84 19.90 -5.15
C THR B 135 -72.10 19.88 -3.65
N ASP B 136 -72.53 18.72 -3.16
CA ASP B 136 -72.79 18.50 -1.74
C ASP B 136 -71.63 17.85 -1.03
N SER B 137 -70.52 17.62 -1.71
CA SER B 137 -69.46 16.78 -1.18
C SER B 137 -68.74 17.50 -0.05
N PRO B 138 -68.36 16.78 1.01
CA PRO B 138 -67.55 17.40 2.07
C PRO B 138 -66.07 17.46 1.72
N ILE B 139 -65.61 16.72 0.72
CA ILE B 139 -64.25 16.89 0.22
C ILE B 139 -64.19 18.22 -0.52
N LYS B 140 -63.20 19.04 -0.18
CA LYS B 140 -63.17 20.45 -0.59
C LYS B 140 -62.79 20.59 -2.07
N TYR B 141 -63.71 20.21 -2.94
CA TYR B 141 -63.66 20.61 -4.34
C TYR B 141 -64.26 22.01 -4.46
N GLY B 142 -64.50 22.44 -5.70
CA GLY B 142 -65.26 23.65 -5.95
C GLY B 142 -64.44 24.70 -6.65
N ASP B 143 -64.57 25.94 -6.20
CA ASP B 143 -63.81 27.06 -6.75
C ASP B 143 -62.58 27.25 -5.89
N VAL B 144 -61.54 26.49 -6.20
CA VAL B 144 -60.28 26.53 -5.48
C VAL B 144 -59.26 27.40 -6.21
N MET B 145 -59.15 27.22 -7.53
CA MET B 145 -58.09 27.82 -8.30
C MET B 145 -58.47 29.13 -8.98
N ASN B 146 -59.78 29.44 -9.05
CA ASN B 146 -60.32 30.66 -9.66
C ASN B 146 -59.89 30.82 -11.12
N VAL B 147 -60.33 29.86 -11.94
CA VAL B 147 -59.94 29.85 -13.35
C VAL B 147 -60.62 31.01 -14.10
N ILE B 148 -61.91 31.19 -13.88
CA ILE B 148 -62.64 32.36 -14.34
C ILE B 148 -63.22 33.03 -13.11
N ASP B 149 -62.82 34.26 -12.86
CA ASP B 149 -63.14 34.93 -11.60
C ASP B 149 -63.25 36.42 -11.84
N ALA B 150 -64.20 37.05 -11.15
CA ALA B 150 -64.39 38.49 -11.17
C ALA B 150 -65.13 38.88 -9.91
N PRO B 151 -64.74 39.95 -9.23
CA PRO B 151 -65.54 40.40 -8.08
C PRO B 151 -66.85 41.00 -8.54
N ALA B 152 -67.92 40.68 -7.81
CA ALA B 152 -69.26 41.12 -8.21
C ALA B 152 -69.49 42.60 -7.93
N THR B 153 -68.65 43.21 -7.09
CA THR B 153 -68.81 44.60 -6.72
C THR B 153 -67.46 45.16 -6.34
N ILE B 154 -67.05 46.25 -6.99
CA ILE B 154 -65.85 46.97 -6.62
C ILE B 154 -66.30 48.26 -5.94
N ALA B 155 -66.00 48.37 -4.65
CA ALA B 155 -66.45 49.50 -3.86
C ALA B 155 -65.61 50.74 -4.14
N ALA B 156 -65.97 51.85 -3.50
CA ALA B 156 -65.27 53.11 -3.69
C ALA B 156 -63.90 53.05 -3.02
N GLY B 157 -62.85 52.94 -3.82
CA GLY B 157 -61.50 52.81 -3.33
C GLY B 157 -60.90 51.44 -3.53
N ALA B 158 -61.72 50.42 -3.78
CA ALA B 158 -61.25 49.06 -3.84
C ALA B 158 -60.62 48.77 -5.19
N THR B 159 -60.02 47.58 -5.29
CA THR B 159 -59.40 47.10 -6.52
C THR B 159 -59.85 45.66 -6.72
N GLY B 160 -60.29 45.34 -7.94
CA GLY B 160 -60.73 44.01 -8.28
C GLY B 160 -59.78 43.36 -9.27
N GLU B 161 -59.71 42.03 -9.22
CA GLU B 161 -58.86 41.26 -10.10
C GLU B 161 -59.72 40.33 -10.94
N LEU B 162 -59.66 40.48 -12.25
CA LEU B 162 -60.44 39.67 -13.16
C LEU B 162 -59.56 38.60 -13.78
N THR B 163 -60.17 37.46 -14.10
CA THR B 163 -59.49 36.40 -14.83
C THR B 163 -60.49 35.80 -15.80
N MET B 164 -60.05 35.57 -17.03
CA MET B 164 -60.95 35.12 -18.08
C MET B 164 -60.15 34.32 -19.09
N TYR B 165 -60.73 33.22 -19.56
CA TYR B 165 -60.12 32.34 -20.53
C TYR B 165 -60.98 32.27 -21.78
N TYR B 166 -60.33 32.25 -22.93
CA TYR B 166 -61.00 32.07 -24.21
C TYR B 166 -60.35 30.91 -24.95
N TRP B 167 -61.15 30.17 -25.67
CA TRP B 167 -60.65 29.20 -26.63
C TRP B 167 -61.00 29.72 -28.01
N VAL B 168 -59.98 30.13 -28.76
CA VAL B 168 -60.15 30.51 -30.16
C VAL B 168 -59.99 29.23 -30.99
N PRO B 169 -61.04 28.74 -31.63
CA PRO B 169 -60.94 27.46 -32.34
C PRO B 169 -60.48 27.59 -33.77
N LEU B 170 -59.69 26.60 -34.20
CA LEU B 170 -59.39 26.41 -35.61
C LEU B 170 -60.01 25.11 -36.11
N ALA B 171 -59.69 23.99 -35.50
CA ALA B 171 -60.41 22.76 -35.78
C ALA B 171 -61.74 22.78 -35.04
N TYR B 172 -62.66 21.91 -35.48
CA TYR B 172 -63.99 21.90 -34.90
C TYR B 172 -63.98 21.33 -33.48
N SER B 173 -63.38 20.16 -33.30
CA SER B 173 -63.29 19.55 -31.99
C SER B 173 -61.98 18.79 -31.91
N GLU B 174 -61.80 18.03 -30.82
CA GLU B 174 -60.59 17.23 -30.65
C GLU B 174 -60.64 15.91 -31.40
N THR B 175 -61.81 15.52 -31.90
CA THR B 175 -61.95 14.33 -32.72
C THR B 175 -62.32 14.64 -34.15
N ASP B 176 -62.50 15.92 -34.49
CA ASP B 176 -62.84 16.35 -35.84
C ASP B 176 -61.88 17.46 -36.23
N LEU B 177 -61.05 17.21 -37.23
CA LEU B 177 -60.01 18.14 -37.66
C LEU B 177 -60.50 19.07 -38.74
N THR B 178 -61.80 19.29 -38.85
CA THR B 178 -62.35 20.17 -39.87
C THR B 178 -62.05 21.62 -39.53
N GLY B 179 -61.35 22.31 -40.42
CA GLY B 179 -60.95 23.67 -40.17
C GLY B 179 -59.55 23.85 -39.66
N ALA B 180 -58.81 22.76 -39.47
CA ALA B 180 -57.47 22.84 -38.90
C ALA B 180 -56.47 23.34 -39.94
N VAL B 181 -55.37 23.89 -39.44
CA VAL B 181 -54.35 24.52 -40.26
C VAL B 181 -53.05 23.74 -40.10
N LEU B 182 -52.53 23.23 -41.21
CA LEU B 182 -51.21 22.60 -41.22
C LEU B 182 -50.18 23.69 -41.45
N ALA B 183 -49.60 24.19 -40.37
CA ALA B 183 -48.64 25.30 -40.42
C ALA B 183 -47.23 24.74 -40.48
N ASN B 184 -46.81 24.36 -41.67
CA ASN B 184 -45.42 24.03 -41.94
C ASN B 184 -44.94 24.88 -43.09
N VAL B 185 -45.10 26.19 -42.95
CA VAL B 185 -44.74 27.16 -43.97
C VAL B 185 -43.46 27.84 -43.53
N PRO B 186 -42.37 27.77 -44.31
CA PRO B 186 -41.13 28.44 -43.90
C PRO B 186 -41.09 29.94 -44.12
N GLN B 187 -41.94 30.51 -44.97
CA GLN B 187 -41.80 31.89 -45.37
C GLN B 187 -42.96 32.79 -45.02
N SER B 188 -44.10 32.26 -44.61
CA SER B 188 -45.23 33.08 -44.22
C SER B 188 -45.62 32.76 -42.78
N LYS B 189 -46.21 33.74 -42.11
CA LYS B 189 -46.56 33.60 -40.71
C LYS B 189 -48.05 33.83 -40.50
N GLN B 190 -48.58 33.20 -39.46
CA GLN B 190 -49.96 33.38 -39.05
C GLN B 190 -50.09 34.63 -38.20
N ARG B 191 -51.33 35.05 -37.98
CA ARG B 191 -51.59 36.26 -37.24
C ARG B 191 -52.85 36.09 -36.41
N LEU B 192 -52.79 36.55 -35.15
CA LEU B 192 -53.89 36.46 -34.21
C LEU B 192 -54.10 37.85 -33.63
N LYS B 193 -54.96 38.62 -34.28
CA LYS B 193 -55.23 39.99 -33.87
C LYS B 193 -56.16 39.97 -32.66
N LEU B 194 -55.73 40.57 -31.56
CA LEU B 194 -56.50 40.60 -30.32
C LEU B 194 -56.72 42.05 -29.94
N GLU B 195 -57.98 42.43 -29.75
CA GLU B 195 -58.33 43.81 -29.40
C GLU B 195 -59.05 43.77 -28.06
N PHE B 196 -58.52 44.49 -27.09
CA PHE B 196 -58.95 44.38 -25.71
C PHE B 196 -59.82 45.56 -25.32
N ALA B 197 -60.45 45.42 -24.15
CA ALA B 197 -61.25 46.50 -23.59
C ALA B 197 -60.35 47.63 -23.10
N ASN B 198 -60.88 48.84 -23.16
CA ASN B 198 -60.16 50.00 -22.64
C ASN B 198 -61.04 50.78 -21.68
N ASN B 199 -60.63 51.98 -21.30
CA ASN B 199 -61.37 52.76 -20.32
C ASN B 199 -62.62 53.42 -20.89
N ASN B 200 -62.88 53.27 -22.18
CA ASN B 200 -64.09 53.80 -22.80
C ASN B 200 -65.07 52.71 -23.18
N THR B 201 -64.75 51.46 -22.89
CA THR B 201 -65.59 50.32 -23.24
C THR B 201 -66.18 49.63 -22.02
N ALA B 202 -65.39 49.44 -20.97
CA ALA B 202 -65.68 48.48 -19.93
C ALA B 202 -66.42 49.07 -18.74
N PHE B 203 -66.69 50.37 -18.71
CA PHE B 203 -67.32 51.02 -17.56
C PHE B 203 -68.48 51.88 -18.03
N ALA B 204 -69.69 51.34 -17.93
CA ALA B 204 -70.90 52.03 -18.36
C ALA B 204 -71.55 52.72 -17.18
N ALA B 205 -72.15 53.88 -17.44
CA ALA B 205 -72.82 54.64 -16.38
C ALA B 205 -74.22 54.07 -16.13
N VAL B 206 -74.92 54.66 -15.17
CA VAL B 206 -76.30 54.26 -14.90
C VAL B 206 -77.17 54.78 -16.04
N GLY B 207 -77.71 53.85 -16.84
CA GLY B 207 -78.49 54.18 -18.00
C GLY B 207 -77.81 53.86 -19.32
N ALA B 208 -76.49 53.66 -19.31
CA ALA B 208 -75.77 53.34 -20.53
C ALA B 208 -75.98 51.89 -20.94
N ASN B 209 -75.61 51.59 -22.17
CA ASN B 209 -75.78 50.24 -22.72
C ASN B 209 -74.75 49.29 -22.13
N PRO B 210 -75.15 48.27 -21.37
CA PRO B 210 -74.19 47.42 -20.70
C PRO B 210 -73.71 46.23 -21.52
N LEU B 211 -73.89 46.29 -22.84
CA LEU B 211 -73.64 45.15 -23.71
C LEU B 211 -72.16 44.79 -23.76
N GLU B 212 -71.29 45.77 -23.96
CA GLU B 212 -69.86 45.53 -24.04
C GLU B 212 -69.10 46.09 -22.86
N ALA B 213 -69.79 46.41 -21.77
CA ALA B 213 -69.14 46.83 -20.55
C ALA B 213 -68.81 45.62 -19.68
N ILE B 214 -67.99 45.86 -18.66
CA ILE B 214 -67.69 44.86 -17.65
C ILE B 214 -68.28 45.24 -16.30
N TYR B 215 -68.24 46.51 -15.95
CA TYR B 215 -68.84 46.98 -14.72
C TYR B 215 -69.75 48.15 -15.03
N GLN B 216 -70.77 48.33 -14.18
CA GLN B 216 -71.75 49.39 -14.38
C GLN B 216 -72.24 49.85 -13.02
N GLY B 217 -72.25 51.16 -12.81
CA GLY B 217 -72.71 51.68 -11.53
C GLY B 217 -72.63 53.19 -11.53
N ALA B 218 -73.02 53.76 -10.39
CA ALA B 218 -73.02 55.20 -10.23
C ALA B 218 -71.62 55.79 -10.13
N GLY B 219 -70.63 54.97 -9.81
CA GLY B 219 -69.27 55.44 -9.72
C GLY B 219 -68.40 54.97 -10.87
N ALA B 220 -69.01 54.69 -12.01
CA ALA B 220 -68.27 54.15 -13.15
C ALA B 220 -67.53 55.21 -13.94
N ALA B 221 -67.71 56.49 -13.62
CA ALA B 221 -66.92 57.53 -14.27
C ALA B 221 -65.49 57.52 -13.79
N ASP B 222 -65.29 57.29 -12.49
CA ASP B 222 -63.97 57.30 -11.87
C ASP B 222 -63.37 55.91 -11.75
N CYS B 223 -63.73 54.98 -12.63
CA CYS B 223 -63.07 53.69 -12.66
C CYS B 223 -61.98 53.68 -13.71
N GLU B 224 -60.94 52.90 -13.44
CA GLU B 224 -59.75 52.90 -14.26
C GLU B 224 -59.16 51.50 -14.29
N PHE B 225 -58.69 51.10 -15.46
CA PHE B 225 -57.83 49.92 -15.54
C PHE B 225 -56.48 50.23 -14.91
N GLU B 226 -55.89 49.22 -14.29
CA GLU B 226 -54.49 49.33 -13.88
C GLU B 226 -53.57 48.55 -14.81
N GLU B 227 -53.86 47.26 -15.03
CA GLU B 227 -53.04 46.41 -15.87
C GLU B 227 -53.97 45.44 -16.58
N ILE B 228 -53.59 45.05 -17.79
CA ILE B 228 -54.18 43.89 -18.46
C ILE B 228 -53.03 43.03 -18.96
N SER B 229 -53.01 41.77 -18.54
CA SER B 229 -52.05 40.80 -19.04
C SER B 229 -52.77 39.77 -19.90
N TYR B 230 -52.17 39.39 -21.01
CA TYR B 230 -52.68 38.28 -21.78
C TYR B 230 -51.59 37.22 -21.95
N THR B 231 -52.04 35.97 -22.08
CA THR B 231 -51.15 34.85 -22.36
C THR B 231 -51.81 33.98 -23.41
N VAL B 232 -51.11 33.73 -24.51
CA VAL B 232 -51.63 32.93 -25.61
C VAL B 232 -50.94 31.57 -25.60
N TYR B 233 -51.72 30.51 -25.61
CA TYR B 233 -51.22 29.14 -25.70
C TYR B 233 -51.69 28.55 -27.01
N GLN B 234 -50.78 27.96 -27.76
CA GLN B 234 -51.13 27.29 -29.01
C GLN B 234 -51.26 25.81 -28.77
N SER B 235 -52.41 25.25 -29.13
CA SER B 235 -52.64 23.82 -29.05
C SER B 235 -52.56 23.25 -30.47
N TYR B 236 -51.63 22.34 -30.68
CA TYR B 236 -51.40 21.78 -32.01
C TYR B 236 -51.05 20.30 -31.88
N LEU B 237 -51.00 19.63 -33.02
CA LEU B 237 -50.60 18.23 -33.10
C LEU B 237 -49.24 18.13 -33.77
N ASP B 238 -48.28 17.55 -33.07
CA ASP B 238 -46.99 17.20 -33.64
C ASP B 238 -46.95 15.71 -33.86
N GLN B 239 -45.79 15.22 -34.32
CA GLN B 239 -45.54 13.79 -34.60
C GLN B 239 -46.51 13.26 -35.67
N LEU B 240 -46.58 13.97 -36.78
CA LEU B 240 -47.57 13.67 -37.80
C LEU B 240 -47.19 12.42 -38.58
N PRO B 241 -48.15 11.57 -38.93
CA PRO B 241 -47.83 10.37 -39.71
C PRO B 241 -47.47 10.72 -41.15
N VAL B 242 -46.55 9.92 -41.70
CA VAL B 242 -45.99 10.15 -43.03
C VAL B 242 -46.01 8.82 -43.77
N GLY B 243 -46.67 8.80 -44.92
CA GLY B 243 -46.68 7.64 -45.79
C GLY B 243 -45.58 7.72 -46.84
N GLN B 244 -45.71 6.87 -47.86
CA GLN B 244 -44.74 6.91 -48.94
C GLN B 244 -44.96 8.07 -49.91
N ASN B 245 -46.11 8.74 -49.84
CA ASN B 245 -46.41 9.91 -50.66
C ASN B 245 -46.46 11.18 -49.82
N GLY B 246 -45.67 11.24 -48.75
CA GLY B 246 -45.62 12.43 -47.92
C GLY B 246 -46.53 12.34 -46.71
N TYR B 247 -47.08 13.48 -46.32
CA TYR B 247 -48.00 13.54 -45.19
C TYR B 247 -49.28 12.79 -45.49
N ILE B 248 -49.80 12.10 -44.48
CA ILE B 248 -51.12 11.49 -44.53
C ILE B 248 -52.08 12.46 -43.85
N LEU B 249 -53.05 12.97 -44.60
CA LEU B 249 -53.91 14.02 -44.09
C LEU B 249 -55.34 13.81 -44.57
N PRO B 250 -56.33 14.23 -43.77
CA PRO B 250 -57.71 14.27 -44.28
C PRO B 250 -57.92 15.44 -45.23
N LEU B 251 -58.10 15.15 -46.51
CA LEU B 251 -58.06 16.20 -47.53
C LEU B 251 -59.33 17.03 -47.57
N ILE B 252 -60.48 16.46 -47.21
CA ILE B 252 -61.71 17.23 -47.18
C ILE B 252 -61.76 18.10 -45.92
N ASP B 253 -61.17 17.63 -44.82
CA ASP B 253 -61.16 18.42 -43.59
C ASP B 253 -60.22 19.61 -43.69
N LEU B 254 -59.17 19.50 -44.48
CA LEU B 254 -58.22 20.59 -44.64
C LEU B 254 -58.66 21.61 -45.67
N SER B 255 -59.49 21.23 -46.63
CA SER B 255 -60.07 22.18 -47.57
C SER B 255 -61.44 22.66 -47.10
N THR B 256 -61.50 23.05 -45.83
CA THR B 256 -62.70 23.50 -45.16
C THR B 256 -62.26 24.44 -44.05
N LEU B 257 -63.01 25.51 -43.84
CA LEU B 257 -62.74 26.44 -42.76
C LEU B 257 -63.88 26.36 -41.76
N TYR B 258 -63.55 26.40 -40.48
CA TYR B 258 -64.54 26.48 -39.41
C TYR B 258 -64.50 27.92 -38.91
N ASN B 259 -65.49 28.71 -39.32
CA ASN B 259 -65.49 30.14 -39.12
C ASN B 259 -66.51 30.54 -38.07
N LEU B 260 -66.23 31.66 -37.42
CA LEU B 260 -67.14 32.28 -36.48
C LEU B 260 -67.26 33.75 -36.84
N GLU B 261 -68.49 34.23 -37.05
CA GLU B 261 -68.73 35.63 -37.38
C GLU B 261 -69.86 36.18 -36.52
N ASN B 262 -70.06 37.49 -36.60
CA ASN B 262 -71.13 38.14 -35.88
C ASN B 262 -71.60 39.35 -36.67
N SER B 263 -72.89 39.68 -36.51
CA SER B 263 -73.54 40.77 -37.24
C SER B 263 -74.29 41.64 -36.25
N ALA B 264 -74.91 42.69 -36.77
CA ALA B 264 -75.70 43.61 -35.95
C ALA B 264 -76.82 44.16 -36.83
N GLN B 265 -78.05 43.71 -36.58
CA GLN B 265 -79.21 44.11 -37.35
C GLN B 265 -80.09 45.04 -36.54
N ALA B 266 -80.70 45.99 -37.23
CA ALA B 266 -81.60 46.95 -36.60
C ALA B 266 -82.92 46.95 -37.34
N GLY B 267 -83.85 47.78 -36.88
CA GLY B 267 -85.14 47.90 -37.52
C GLY B 267 -86.18 46.93 -37.02
N LEU B 268 -86.42 46.92 -35.71
CA LEU B 268 -87.46 46.09 -35.14
C LEU B 268 -88.68 46.94 -34.82
N THR B 269 -89.84 46.29 -34.80
CA THR B 269 -91.13 46.92 -34.61
C THR B 269 -91.94 45.89 -33.85
N PRO B 270 -92.73 46.30 -32.85
CA PRO B 270 -93.59 45.34 -32.15
C PRO B 270 -94.62 44.71 -33.07
N ASN B 271 -94.88 43.42 -32.84
CA ASN B 271 -95.85 42.54 -33.49
C ASN B 271 -95.46 42.16 -34.92
N VAL B 272 -94.35 42.66 -35.44
CA VAL B 272 -93.91 42.35 -36.80
C VAL B 272 -92.78 41.33 -36.72
N ASP B 273 -92.80 40.37 -37.63
CA ASP B 273 -91.71 39.42 -37.75
C ASP B 273 -90.46 40.13 -38.25
N PHE B 274 -89.32 39.81 -37.64
CA PHE B 274 -88.02 40.35 -38.03
C PHE B 274 -87.16 39.20 -38.50
N VAL B 275 -86.92 39.12 -39.80
CA VAL B 275 -86.19 38.01 -40.39
C VAL B 275 -84.74 38.41 -40.58
N VAL B 276 -83.82 37.54 -40.17
CA VAL B 276 -82.39 37.67 -40.42
C VAL B 276 -82.00 36.52 -41.31
N GLN B 277 -81.65 36.81 -42.56
CA GLN B 277 -81.45 35.79 -43.56
C GLN B 277 -80.08 35.14 -43.42
N TYR B 278 -80.04 33.83 -43.62
CA TYR B 278 -78.78 33.11 -43.69
C TYR B 278 -78.21 33.24 -45.10
N ALA B 279 -76.89 33.12 -45.21
CA ALA B 279 -76.24 33.15 -46.50
C ALA B 279 -76.43 31.82 -47.23
N ASN B 280 -75.98 31.79 -48.48
CA ASN B 280 -76.36 30.74 -49.40
C ASN B 280 -75.30 29.69 -49.67
N LEU B 281 -74.16 29.74 -49.00
CA LEU B 281 -73.13 28.77 -49.28
C LEU B 281 -72.53 28.14 -48.03
N TYR B 282 -72.79 28.71 -46.87
CA TYR B 282 -72.22 28.23 -45.62
C TYR B 282 -73.01 27.02 -45.12
N ARG B 283 -72.48 26.40 -44.08
CA ARG B 283 -73.14 25.28 -43.40
C ARG B 283 -73.21 25.66 -41.93
N TYR B 284 -74.32 26.30 -41.54
CA TYR B 284 -74.43 26.90 -40.22
C TYR B 284 -74.65 25.83 -39.16
N LEU B 285 -73.83 25.87 -38.12
CA LEU B 285 -73.90 24.92 -37.03
C LEU B 285 -74.61 25.46 -35.81
N SER B 286 -74.44 26.74 -35.50
CA SER B 286 -75.18 27.32 -34.39
C SER B 286 -75.45 28.78 -34.68
N THR B 287 -76.38 29.35 -33.92
CA THR B 287 -76.77 30.74 -34.03
C THR B 287 -76.99 31.26 -32.61
N ILE B 288 -76.56 32.49 -32.35
CA ILE B 288 -76.80 33.15 -31.09
C ILE B 288 -77.35 34.52 -31.39
N ALA B 289 -78.55 34.80 -30.89
CA ALA B 289 -79.20 36.10 -31.04
C ALA B 289 -79.25 36.80 -29.70
N VAL B 290 -78.78 38.04 -29.66
CA VAL B 290 -78.86 38.86 -28.46
C VAL B 290 -79.81 40.00 -28.76
N PHE B 291 -80.84 40.15 -27.94
CA PHE B 291 -81.83 41.20 -28.11
C PHE B 291 -81.48 42.32 -27.16
N ASP B 292 -80.69 43.27 -27.65
CA ASP B 292 -80.42 44.51 -26.93
C ASP B 292 -81.60 45.44 -27.17
N ASN B 293 -82.53 45.45 -26.23
CA ASN B 293 -83.76 46.24 -26.36
C ASN B 293 -83.54 47.66 -25.84
N GLY B 294 -82.63 48.36 -26.50
CA GLY B 294 -82.31 49.72 -26.13
C GLY B 294 -81.58 49.85 -24.81
N GLY B 295 -80.56 49.03 -24.60
CA GLY B 295 -79.85 49.05 -23.35
C GLY B 295 -80.52 48.30 -22.22
N SER B 296 -81.56 47.53 -22.52
CA SER B 296 -82.27 46.74 -21.52
C SER B 296 -82.32 45.30 -21.99
N PHE B 297 -82.07 44.38 -21.06
CA PHE B 297 -82.05 42.95 -21.37
C PHE B 297 -83.07 42.26 -20.47
N ASN B 298 -84.03 41.60 -21.10
CA ASN B 298 -85.14 40.99 -20.39
C ASN B 298 -85.14 39.49 -20.61
N ALA B 299 -85.65 38.76 -19.63
CA ALA B 299 -85.67 37.30 -19.67
C ALA B 299 -86.93 36.83 -20.41
N GLY B 300 -86.93 37.06 -21.71
CA GLY B 300 -87.95 36.55 -22.60
C GLY B 300 -89.28 37.27 -22.57
N THR B 301 -89.45 38.27 -21.71
CA THR B 301 -90.74 38.93 -21.53
C THR B 301 -91.00 40.04 -22.54
N ASP B 302 -90.12 40.20 -23.53
CA ASP B 302 -90.32 41.18 -24.59
C ASP B 302 -90.27 40.55 -25.97
N ILE B 303 -90.44 39.23 -26.04
CA ILE B 303 -90.42 38.49 -27.30
C ILE B 303 -91.65 37.60 -27.34
N ASN B 304 -92.39 37.65 -28.44
CA ASN B 304 -93.52 36.74 -28.61
C ASN B 304 -93.05 35.32 -28.92
N TYR B 305 -92.25 35.16 -29.97
CA TYR B 305 -91.69 33.87 -30.31
C TYR B 305 -90.40 34.05 -31.08
N LEU B 306 -89.69 32.94 -31.28
CA LEU B 306 -88.53 32.86 -32.16
C LEU B 306 -88.70 31.64 -33.03
N SER B 307 -88.20 31.70 -34.24
CA SER B 307 -88.50 30.67 -35.22
C SER B 307 -87.32 30.49 -36.17
N GLN B 308 -87.47 29.50 -37.06
CA GLN B 308 -86.54 29.29 -38.18
C GLN B 308 -87.38 28.82 -39.36
N ARG B 309 -87.80 29.75 -40.20
CA ARG B 309 -88.66 29.41 -41.33
C ARG B 309 -87.84 29.35 -42.62
N THR B 310 -88.28 28.49 -43.54
CA THR B 310 -87.49 28.23 -44.73
C THR B 310 -87.72 29.27 -45.81
N ALA B 311 -88.88 29.24 -46.46
CA ALA B 311 -89.09 30.03 -47.68
C ALA B 311 -89.80 31.33 -47.37
N ASN B 312 -89.47 31.93 -46.23
CA ASN B 312 -90.15 33.05 -45.58
C ASN B 312 -91.60 32.72 -45.23
N PHE B 313 -91.96 31.44 -45.20
CA PHE B 313 -93.31 31.00 -44.89
C PHE B 313 -93.38 29.87 -43.87
N SER B 314 -92.49 28.90 -43.95
CA SER B 314 -92.71 27.58 -43.36
C SER B 314 -91.79 27.38 -42.16
N ASP B 315 -92.33 27.61 -40.97
CA ASP B 315 -91.57 27.55 -39.73
C ASP B 315 -91.15 26.12 -39.41
N THR B 316 -90.09 25.99 -38.65
CA THR B 316 -89.57 24.67 -38.26
C THR B 316 -89.40 24.53 -36.76
N ARG B 317 -89.00 25.58 -36.07
CA ARG B 317 -88.95 25.55 -34.60
C ARG B 317 -89.50 26.84 -34.02
N LYS B 318 -90.70 27.21 -34.46
CA LYS B 318 -91.38 28.37 -33.89
C LYS B 318 -91.83 28.05 -32.48
N LEU B 319 -91.16 28.62 -31.49
CA LEU B 319 -91.45 28.37 -30.08
C LEU B 319 -91.48 29.68 -29.31
N ASP B 320 -92.23 29.68 -28.21
CA ASP B 320 -92.22 30.79 -27.28
C ASP B 320 -90.87 30.81 -26.54
N PRO B 321 -90.49 31.95 -25.94
CA PRO B 321 -89.13 32.05 -25.35
C PRO B 321 -88.84 31.10 -24.20
N LYS B 322 -89.84 30.66 -23.45
CA LYS B 322 -89.58 29.70 -22.39
C LYS B 322 -89.39 28.28 -22.93
N THR B 323 -89.96 27.98 -24.10
CA THR B 323 -89.73 26.68 -24.73
C THR B 323 -88.45 26.69 -25.55
N TRP B 324 -88.06 27.86 -26.05
CA TRP B 324 -86.74 28.01 -26.67
C TRP B 324 -85.64 27.78 -25.64
N ALA B 325 -85.86 28.25 -24.41
CA ALA B 325 -84.90 28.03 -23.34
C ALA B 325 -84.90 26.60 -22.83
N ALA B 326 -86.00 25.87 -22.99
CA ALA B 326 -86.03 24.47 -22.60
C ALA B 326 -85.18 23.62 -23.51
N GLN B 327 -85.00 24.04 -24.77
CA GLN B 327 -84.15 23.33 -25.70
C GLN B 327 -82.67 23.60 -25.48
N THR B 328 -82.33 24.69 -24.79
CA THR B 328 -80.93 24.97 -24.48
C THR B 328 -80.52 24.45 -23.12
N ARG B 329 -81.46 24.29 -22.20
CA ARG B 329 -81.18 23.55 -20.96
C ARG B 329 -80.95 22.08 -21.23
N ARG B 330 -81.47 21.57 -22.34
CA ARG B 330 -81.15 20.24 -22.85
C ARG B 330 -79.76 20.18 -23.47
N ARG B 331 -79.09 21.31 -23.63
CA ARG B 331 -77.80 21.40 -24.29
C ARG B 331 -76.67 21.82 -23.36
N ILE B 332 -76.80 22.94 -22.67
CA ILE B 332 -75.73 23.46 -21.82
C ILE B 332 -76.08 23.36 -20.35
N ALA B 333 -77.19 22.71 -20.00
CA ALA B 333 -77.61 22.35 -18.64
C ALA B 333 -77.84 23.56 -17.74
N THR B 334 -78.03 24.73 -18.33
CA THR B 334 -78.35 25.96 -17.61
C THR B 334 -78.97 26.91 -18.62
N ASP B 335 -79.19 28.14 -18.22
CA ASP B 335 -79.72 29.17 -19.11
C ASP B 335 -78.63 30.19 -19.41
N PHE B 336 -78.63 30.68 -20.65
CA PHE B 336 -77.79 31.79 -21.04
C PHE B 336 -78.28 33.06 -20.34
N PRO B 337 -77.46 34.12 -20.28
CA PRO B 337 -77.89 35.37 -19.65
C PRO B 337 -79.08 36.02 -20.36
N LYS B 338 -79.62 37.05 -19.71
CA LYS B 338 -80.84 37.72 -20.16
C LYS B 338 -80.65 38.35 -21.52
N GLY B 339 -81.47 37.95 -22.48
CA GLY B 339 -81.41 38.46 -23.83
C GLY B 339 -80.69 37.57 -24.80
N VAL B 340 -80.02 36.51 -24.34
CA VAL B 340 -79.22 35.65 -25.19
C VAL B 340 -80.03 34.41 -25.53
N TYR B 341 -80.14 34.11 -26.82
CA TYR B 341 -80.94 33.00 -27.31
C TYR B 341 -80.09 32.16 -28.24
N TYR B 342 -79.99 30.88 -27.96
CA TYR B 342 -79.10 29.98 -28.67
C TYR B 342 -79.91 28.98 -29.49
N CYS B 343 -79.46 28.71 -30.71
CA CYS B 343 -80.11 27.78 -31.60
C CYS B 343 -79.08 26.78 -32.10
N ASP B 344 -79.31 25.50 -31.82
CA ASP B 344 -78.37 24.45 -32.17
C ASP B 344 -78.81 23.76 -33.45
N ASN B 345 -77.89 23.66 -34.40
CA ASN B 345 -78.12 22.96 -35.66
C ASN B 345 -76.95 22.05 -35.98
N ARG B 346 -76.42 21.36 -34.99
CA ARG B 346 -75.20 20.59 -35.22
C ARG B 346 -75.46 19.24 -35.86
N ASP B 347 -76.60 18.61 -35.57
CA ASP B 347 -76.89 17.33 -36.18
C ASP B 347 -77.26 17.49 -37.65
N LYS B 348 -78.00 18.54 -37.98
CA LYS B 348 -78.38 18.86 -39.36
C LYS B 348 -78.10 20.33 -39.58
N PRO B 349 -76.97 20.67 -40.21
CA PRO B 349 -76.63 22.08 -40.42
C PRO B 349 -77.50 22.74 -41.46
N ILE B 350 -77.75 24.03 -41.26
CA ILE B 350 -78.51 24.83 -42.21
C ILE B 350 -77.65 25.08 -43.44
N TYR B 351 -78.13 24.67 -44.60
CA TYR B 351 -77.35 24.78 -45.84
C TYR B 351 -78.32 24.98 -46.99
N THR B 352 -78.36 26.19 -47.54
CA THR B 352 -79.15 26.48 -48.72
C THR B 352 -78.25 26.64 -49.93
N LEU B 353 -78.86 26.87 -51.08
CA LEU B 353 -78.13 27.26 -52.28
C LEU B 353 -78.48 28.65 -52.76
N GLN B 354 -79.65 29.17 -52.40
CA GLN B 354 -80.07 30.52 -52.72
C GLN B 354 -80.11 31.36 -51.45
N TYR B 355 -79.81 32.65 -51.59
CA TYR B 355 -79.68 33.52 -50.43
C TYR B 355 -81.04 33.77 -49.78
N GLY B 356 -81.06 33.71 -48.45
CA GLY B 356 -82.28 33.96 -47.72
C GLY B 356 -83.29 32.86 -47.81
N ASN B 357 -82.90 31.67 -48.26
CA ASN B 357 -83.79 30.53 -48.36
C ASN B 357 -84.00 29.81 -47.03
N VAL B 358 -83.31 30.22 -45.97
CA VAL B 358 -83.64 29.94 -44.58
C VAL B 358 -83.35 31.23 -43.82
N GLY B 359 -84.26 31.61 -42.91
CA GLY B 359 -84.07 32.80 -42.12
C GLY B 359 -84.28 32.55 -40.64
N PHE B 360 -83.87 33.52 -39.83
CA PHE B 360 -84.05 33.49 -38.39
C PHE B 360 -85.02 34.60 -38.01
N VAL B 361 -86.10 34.25 -37.32
CA VAL B 361 -87.22 35.15 -37.08
C VAL B 361 -87.30 35.46 -35.60
N VAL B 362 -87.46 36.74 -35.27
CA VAL B 362 -87.83 37.20 -33.95
C VAL B 362 -89.09 38.04 -34.09
N ASN B 363 -90.11 37.71 -33.30
CA ASN B 363 -91.31 38.53 -33.20
C ASN B 363 -91.30 39.25 -31.87
N PRO B 364 -90.88 40.51 -31.81
CA PRO B 364 -90.80 41.19 -30.51
C PRO B 364 -92.16 41.68 -30.04
N LYS B 365 -92.31 41.73 -28.72
CA LYS B 365 -93.52 42.26 -28.09
C LYS B 365 -93.39 43.72 -27.73
N THR B 366 -92.23 44.13 -27.23
CA THR B 366 -91.96 45.52 -26.88
C THR B 366 -90.60 45.90 -27.45
N VAL B 367 -90.55 47.01 -28.18
CA VAL B 367 -89.32 47.51 -28.79
C VAL B 367 -89.09 48.92 -28.29
N ASN B 368 -87.96 49.15 -27.64
CA ASN B 368 -87.59 50.48 -27.18
C ASN B 368 -86.84 51.22 -28.28
N GLN B 369 -86.39 52.43 -27.96
CA GLN B 369 -85.59 53.20 -28.91
C GLN B 369 -84.19 52.64 -28.99
N ASN B 370 -83.60 52.72 -30.19
CA ASN B 370 -82.24 52.25 -30.51
C ASN B 370 -82.06 50.77 -30.24
N ALA B 371 -83.13 49.99 -30.39
CA ALA B 371 -83.04 48.55 -30.20
C ALA B 371 -82.40 47.90 -31.41
N ARG B 372 -81.61 46.86 -31.16
CA ARG B 372 -80.99 46.12 -32.24
C ARG B 372 -80.83 44.66 -31.82
N LEU B 373 -80.44 43.84 -32.78
CA LEU B 373 -80.40 42.39 -32.62
C LEU B 373 -79.03 41.89 -33.06
N LEU B 374 -78.20 41.49 -32.11
CA LEU B 374 -76.81 41.13 -32.39
C LEU B 374 -76.72 39.63 -32.62
N MET B 375 -76.45 39.24 -33.86
CA MET B 375 -76.37 37.84 -34.23
C MET B 375 -74.93 37.36 -34.15
N GLY B 376 -74.78 36.06 -33.96
CA GLY B 376 -73.49 35.41 -33.97
C GLY B 376 -73.58 34.03 -34.58
N TYR B 377 -72.77 33.76 -35.59
CA TYR B 377 -72.86 32.52 -36.34
C TYR B 377 -71.58 31.72 -36.20
N GLU B 378 -71.71 30.40 -36.23
CA GLU B 378 -70.59 29.53 -36.48
C GLU B 378 -70.99 28.64 -37.65
N TYR B 379 -70.04 28.37 -38.54
CA TYR B 379 -70.38 27.70 -39.79
C TYR B 379 -69.14 27.07 -40.39
N PHE B 380 -69.37 26.18 -41.35
CA PHE B 380 -68.33 25.66 -42.22
C PHE B 380 -68.44 26.33 -43.57
N THR B 381 -67.35 26.93 -44.03
CA THR B 381 -67.24 27.35 -45.41
C THR B 381 -66.20 26.48 -46.11
N SER B 382 -66.18 26.54 -47.43
CA SER B 382 -65.40 25.60 -48.21
C SER B 382 -64.40 26.33 -49.08
N ARG B 383 -63.29 25.66 -49.38
CA ARG B 383 -62.31 26.12 -50.35
C ARG B 383 -62.64 25.48 -51.68
N THR B 384 -62.83 26.30 -52.71
CA THR B 384 -62.76 25.79 -54.07
C THR B 384 -61.34 25.37 -54.38
N GLU B 385 -61.19 24.43 -55.33
CA GLU B 385 -59.92 23.80 -55.68
C GLU B 385 -59.31 23.11 -54.47
N LEU B 386 -59.84 21.93 -54.12
CA LEU B 386 -59.38 21.08 -53.01
C LEU B 386 -57.88 20.84 -53.00
N VAL B 387 -57.33 20.47 -51.83
CA VAL B 387 -55.90 20.55 -51.55
C VAL B 387 -55.04 19.63 -52.42
N ASN B 388 -55.63 18.60 -53.02
CA ASN B 388 -55.11 17.93 -54.22
C ASN B 388 -53.81 17.17 -53.96
N ALA B 389 -53.61 16.79 -52.68
CA ALA B 389 -52.48 15.96 -52.23
C ALA B 389 -51.12 16.56 -52.58
N GLY B 390 -51.03 17.89 -52.61
CA GLY B 390 -49.82 18.58 -53.00
C GLY B 390 -50.09 19.67 -54.01
N ALA C 2 -77.85 -20.57 -19.01
CA ALA C 2 -78.82 -19.68 -18.39
C ALA C 2 -78.68 -19.69 -16.88
N GLN C 3 -77.52 -19.22 -16.39
CA GLN C 3 -77.25 -19.29 -14.97
C GLN C 3 -77.98 -18.21 -14.19
N VAL C 4 -78.18 -17.03 -14.79
CA VAL C 4 -78.92 -15.98 -14.08
C VAL C 4 -80.26 -15.78 -14.74
N GLN C 5 -80.27 -15.35 -15.99
CA GLN C 5 -81.52 -15.09 -16.71
C GLN C 5 -82.14 -16.40 -17.17
N GLN C 6 -83.42 -16.34 -17.51
CA GLN C 6 -84.05 -17.50 -18.15
C GLN C 6 -83.56 -17.63 -19.58
N LEU C 7 -83.57 -16.55 -20.34
CA LEU C 7 -83.04 -16.51 -21.68
C LEU C 7 -81.79 -15.64 -21.68
N THR C 8 -80.64 -16.25 -21.96
CA THR C 8 -79.44 -15.49 -22.23
C THR C 8 -79.59 -14.77 -23.56
N PRO C 9 -78.86 -13.65 -23.78
CA PRO C 9 -78.97 -12.91 -25.05
C PRO C 9 -78.64 -13.69 -26.33
N ALA C 10 -77.97 -14.83 -26.22
CA ALA C 10 -77.80 -15.69 -27.38
C ALA C 10 -79.08 -16.43 -27.74
N GLN C 11 -79.75 -17.01 -26.74
CA GLN C 11 -81.03 -17.66 -26.99
C GLN C 11 -82.21 -16.69 -26.91
N GLN C 12 -81.95 -15.43 -26.58
CA GLN C 12 -82.90 -14.36 -26.76
C GLN C 12 -82.90 -13.83 -28.19
N ALA C 13 -81.78 -14.04 -28.90
CA ALA C 13 -81.64 -13.58 -30.27
C ALA C 13 -81.95 -14.67 -31.29
N ALA C 14 -82.10 -15.91 -30.86
CA ALA C 14 -82.58 -16.96 -31.74
C ALA C 14 -84.09 -16.96 -31.89
N LEU C 15 -84.78 -16.12 -31.13
CA LEU C 15 -86.23 -15.99 -31.19
C LEU C 15 -86.69 -14.87 -32.10
N ARG C 16 -85.79 -14.28 -32.88
CA ARG C 16 -86.14 -13.25 -33.84
C ARG C 16 -85.28 -13.41 -35.08
N ASN C 17 -85.78 -12.87 -36.19
CA ASN C 17 -85.09 -12.99 -37.46
C ASN C 17 -83.91 -12.02 -37.50
N GLN C 18 -82.73 -12.53 -37.85
CA GLN C 18 -81.51 -11.74 -37.78
C GLN C 18 -81.24 -10.94 -39.03
N GLN C 19 -81.84 -11.30 -40.17
CA GLN C 19 -81.68 -10.51 -41.37
C GLN C 19 -82.78 -9.46 -41.53
N ALA C 20 -83.89 -9.59 -40.81
CA ALA C 20 -84.85 -8.49 -40.74
C ALA C 20 -84.37 -7.39 -39.82
N MET C 21 -83.56 -7.72 -38.82
CA MET C 21 -82.94 -6.72 -37.99
C MET C 21 -81.78 -6.03 -38.68
N ALA C 22 -81.14 -6.70 -39.64
CA ALA C 22 -80.09 -6.05 -40.43
C ALA C 22 -80.69 -5.05 -41.40
N ALA C 23 -81.90 -5.30 -41.90
CA ALA C 23 -82.61 -4.34 -42.72
C ALA C 23 -83.24 -3.23 -41.90
N ASN C 24 -83.51 -3.46 -40.61
CA ASN C 24 -84.09 -2.45 -39.76
C ASN C 24 -83.08 -1.39 -39.38
N LEU C 25 -81.83 -1.79 -39.12
CA LEU C 25 -80.80 -0.82 -38.77
C LEU C 25 -80.33 -0.04 -39.98
N GLN C 26 -80.36 -0.65 -41.17
CA GLN C 26 -79.96 0.06 -42.37
C GLN C 26 -81.02 1.09 -42.76
N ALA C 27 -82.29 0.75 -42.58
CA ALA C 27 -83.35 1.69 -42.93
C ALA C 27 -83.46 2.81 -41.91
N ARG C 28 -83.06 2.56 -40.65
CA ARG C 28 -83.08 3.62 -39.65
C ARG C 28 -81.99 4.65 -39.91
N GLN C 29 -80.85 4.22 -40.46
CA GLN C 29 -79.78 5.15 -40.74
C GLN C 29 -80.11 6.07 -41.91
N ILE C 30 -80.83 5.56 -42.92
CA ILE C 30 -81.22 6.39 -44.05
C ILE C 30 -82.27 7.42 -43.63
N VAL C 31 -83.13 7.07 -42.67
CA VAL C 31 -84.14 8.02 -42.20
C VAL C 31 -83.49 9.14 -41.40
N LEU C 32 -82.56 8.80 -40.50
CA LEU C 32 -81.93 9.81 -39.66
C LEU C 32 -80.96 10.71 -40.42
N GLN C 33 -80.52 10.32 -41.61
CA GLN C 33 -79.65 11.15 -42.42
C GLN C 33 -80.38 12.01 -43.44
N GLN C 34 -81.50 11.53 -43.98
CA GLN C 34 -82.16 12.18 -45.10
C GLN C 34 -83.50 12.79 -44.72
N SER C 35 -83.72 13.10 -43.45
CA SER C 35 -84.95 13.73 -43.00
C SER C 35 -84.60 14.91 -42.10
N TYR C 36 -85.59 15.75 -41.84
CA TYR C 36 -85.36 16.98 -41.12
C TYR C 36 -86.21 17.02 -39.85
N PRO C 37 -85.61 17.27 -38.68
CA PRO C 37 -86.40 17.32 -37.45
C PRO C 37 -87.16 18.64 -37.32
N VAL C 38 -88.47 18.54 -37.09
CA VAL C 38 -89.35 19.68 -36.91
C VAL C 38 -89.98 19.57 -35.52
N ILE C 39 -90.14 20.70 -34.85
CA ILE C 39 -90.96 20.79 -33.64
C ILE C 39 -92.04 21.83 -33.88
N GLN C 40 -93.30 21.42 -33.77
CA GLN C 40 -94.42 22.27 -34.11
C GLN C 40 -95.46 22.23 -33.00
N GLN C 41 -95.92 23.41 -32.60
CA GLN C 41 -96.97 23.51 -31.60
C GLN C 41 -98.30 23.04 -32.20
N VAL C 42 -98.94 22.07 -31.54
CA VAL C 42 -100.14 21.46 -32.09
C VAL C 42 -101.38 21.88 -31.33
N GLU C 43 -101.24 22.27 -30.06
CA GLU C 43 -102.39 22.64 -29.27
C GLU C 43 -101.98 23.52 -28.10
N THR C 44 -102.71 24.60 -27.89
CA THR C 44 -102.65 25.36 -26.65
C THR C 44 -104.07 25.60 -26.17
N GLN C 45 -104.22 25.67 -24.84
CA GLN C 45 -105.53 25.84 -24.24
C GLN C 45 -105.36 26.36 -22.82
N THR C 46 -106.06 27.45 -22.50
CA THR C 46 -106.13 27.98 -21.15
C THR C 46 -107.51 27.66 -20.59
N PHE C 47 -107.55 27.12 -19.37
CA PHE C 47 -108.81 26.69 -18.79
C PHE C 47 -108.82 26.97 -17.30
N ASP C 48 -109.91 26.54 -16.67
CA ASP C 48 -110.08 26.61 -15.22
C ASP C 48 -110.47 25.21 -14.78
N PRO C 49 -109.74 24.59 -13.86
CA PRO C 49 -109.99 23.16 -13.55
C PRO C 49 -111.24 22.91 -12.73
N ALA C 50 -111.90 23.94 -12.21
CA ALA C 50 -113.21 23.75 -11.62
C ALA C 50 -114.30 23.56 -12.67
N ASN C 51 -114.01 23.91 -13.92
CA ASN C 51 -114.92 23.64 -15.03
C ASN C 51 -114.58 22.34 -15.73
N ARG C 52 -113.36 22.25 -16.25
CA ARG C 52 -112.92 21.09 -17.03
C ARG C 52 -111.48 20.79 -16.67
N SER C 53 -111.17 19.52 -16.39
CA SER C 53 -109.81 19.13 -16.04
C SER C 53 -109.24 18.00 -16.86
N VAL C 54 -110.02 17.34 -17.71
CA VAL C 54 -109.53 16.31 -18.61
C VAL C 54 -109.66 16.83 -20.04
N PHE C 55 -108.63 16.63 -20.83
CA PHE C 55 -108.57 17.18 -22.19
C PHE C 55 -108.16 16.08 -23.15
N ASP C 56 -108.10 16.46 -24.43
CA ASP C 56 -107.79 15.51 -25.49
C ASP C 56 -107.17 16.31 -26.62
N VAL C 57 -105.92 15.99 -26.96
CA VAL C 57 -105.11 16.80 -27.84
C VAL C 57 -105.06 16.12 -29.21
N THR C 58 -105.33 16.88 -30.26
CA THR C 58 -105.23 16.37 -31.61
C THR C 58 -103.86 16.73 -32.19
N PRO C 59 -102.99 15.77 -32.41
CA PRO C 59 -101.67 16.06 -32.98
C PRO C 59 -101.77 16.25 -34.50
N ALA C 60 -100.62 16.46 -35.11
CA ALA C 60 -100.55 16.62 -36.56
C ALA C 60 -100.23 15.29 -37.23
N ASN C 61 -100.89 15.03 -38.35
CA ASN C 61 -100.65 13.80 -39.11
C ASN C 61 -99.57 14.09 -40.14
N VAL C 62 -98.33 14.04 -39.68
CA VAL C 62 -97.19 14.31 -40.54
C VAL C 62 -95.97 13.58 -39.98
N GLY C 63 -95.22 12.94 -40.88
CA GLY C 63 -93.90 12.42 -40.58
C GLY C 63 -93.87 11.22 -39.66
N ILE C 64 -92.70 11.01 -39.08
CA ILE C 64 -92.46 9.99 -38.07
C ILE C 64 -92.36 10.72 -36.74
N VAL C 65 -93.31 10.49 -35.86
CA VAL C 65 -93.42 11.24 -34.62
C VAL C 65 -92.43 10.69 -33.60
N LYS C 66 -91.70 11.58 -32.94
CA LYS C 66 -90.73 11.17 -31.94
C LYS C 66 -91.21 11.38 -30.51
N GLY C 67 -92.15 12.28 -30.28
CA GLY C 67 -92.66 12.49 -28.95
C GLY C 67 -93.30 13.86 -28.84
N PHE C 68 -93.69 14.19 -27.62
CA PHE C 68 -94.44 15.40 -27.34
C PHE C 68 -93.82 16.14 -26.17
N LEU C 69 -93.75 17.47 -26.29
CA LEU C 69 -93.29 18.33 -25.21
C LEU C 69 -94.50 19.09 -24.68
N VAL C 70 -94.81 18.88 -23.40
CA VAL C 70 -96.00 19.44 -22.77
C VAL C 70 -95.56 20.47 -21.75
N LYS C 71 -96.04 21.70 -21.90
CA LYS C 71 -95.75 22.79 -20.98
C LYS C 71 -97.01 23.12 -20.21
N VAL C 72 -96.93 23.11 -18.88
CA VAL C 72 -98.08 23.39 -18.03
C VAL C 72 -97.75 24.57 -17.13
N THR C 73 -98.64 25.56 -17.11
CA THR C 73 -98.52 26.73 -16.26
C THR C 73 -99.70 26.75 -15.29
N ALA C 74 -99.52 27.35 -14.12
CA ALA C 74 -100.59 27.39 -13.13
C ALA C 74 -100.51 28.67 -12.31
N ALA C 75 -101.62 29.02 -11.68
CA ALA C 75 -101.79 30.30 -11.00
C ALA C 75 -102.48 30.10 -9.65
N ILE C 76 -101.92 29.23 -8.82
CA ILE C 76 -102.54 28.87 -7.54
C ILE C 76 -102.63 30.05 -6.59
N LYS C 77 -103.83 30.28 -6.04
CA LYS C 77 -104.10 31.37 -5.12
C LYS C 77 -104.51 30.78 -3.76
N ASN C 78 -103.95 31.34 -2.69
CA ASN C 78 -104.24 30.91 -1.34
C ASN C 78 -105.17 31.94 -0.69
N ASN C 79 -106.38 31.51 -0.36
CA ASN C 79 -107.41 32.40 0.17
C ASN C 79 -107.56 32.30 1.68
N HIS C 80 -106.68 31.57 2.35
CA HIS C 80 -106.74 31.43 3.80
C HIS C 80 -106.39 32.75 4.46
N ALA C 81 -106.90 32.93 5.68
CA ALA C 81 -106.70 34.19 6.38
C ALA C 81 -105.30 34.32 6.96
N THR C 82 -104.85 33.32 7.72
CA THR C 82 -103.57 33.40 8.41
C THR C 82 -102.56 32.35 7.94
N GLU C 83 -102.99 31.13 7.66
CA GLU C 83 -102.06 30.02 7.49
C GLU C 83 -101.58 29.93 6.04
N ALA C 84 -100.37 29.41 5.89
CA ALA C 84 -99.70 29.28 4.61
C ALA C 84 -99.55 27.81 4.23
N VAL C 85 -99.20 27.57 2.98
CA VAL C 85 -98.96 26.23 2.48
C VAL C 85 -97.56 26.17 1.89
N ALA C 86 -97.01 24.96 1.84
CA ALA C 86 -95.68 24.72 1.34
C ALA C 86 -95.71 23.62 0.29
N LEU C 87 -94.67 23.60 -0.55
CA LEU C 87 -94.55 22.60 -1.59
C LEU C 87 -94.38 21.20 -1.00
N THR C 88 -94.76 20.20 -1.77
CA THR C 88 -94.54 18.82 -1.38
C THR C 88 -93.17 18.37 -1.88
N ASP C 89 -92.88 17.07 -1.81
CA ASP C 89 -91.63 16.58 -2.37
C ASP C 89 -91.70 16.52 -3.89
N PHE C 90 -92.86 16.16 -4.44
CA PHE C 90 -93.00 16.00 -5.87
C PHE C 90 -93.32 17.31 -6.57
N GLY C 91 -94.06 18.19 -5.92
CA GLY C 91 -94.20 19.57 -6.34
C GLY C 91 -94.98 19.76 -7.62
N PRO C 92 -94.39 20.49 -8.56
CA PRO C 92 -95.08 20.79 -9.82
C PRO C 92 -95.16 19.61 -10.78
N ALA C 93 -94.53 18.48 -10.48
CA ALA C 93 -94.65 17.29 -11.30
C ALA C 93 -96.02 16.64 -11.18
N ASN C 94 -96.83 17.04 -10.20
CA ASN C 94 -98.21 16.63 -10.07
C ASN C 94 -99.19 17.63 -10.68
N LEU C 95 -98.73 18.46 -11.63
CA LEU C 95 -99.65 19.31 -12.35
C LEU C 95 -100.43 18.53 -13.39
N VAL C 96 -99.87 17.41 -13.86
CA VAL C 96 -100.52 16.50 -14.76
C VAL C 96 -100.74 15.20 -14.00
N GLN C 97 -101.97 14.72 -13.94
CA GLN C 97 -102.26 13.51 -13.19
C GLN C 97 -102.12 12.25 -14.01
N ARG C 98 -102.36 12.32 -15.32
CA ARG C 98 -102.39 11.12 -16.15
C ARG C 98 -102.15 11.50 -17.60
N VAL C 99 -101.36 10.70 -18.30
CA VAL C 99 -101.06 10.89 -19.72
C VAL C 99 -101.41 9.61 -20.44
N ILE C 100 -102.26 9.69 -21.46
CA ILE C 100 -102.50 8.58 -22.38
C ILE C 100 -102.27 9.06 -23.79
N TYR C 101 -101.57 8.27 -24.59
CA TYR C 101 -101.39 8.52 -26.01
C TYR C 101 -101.95 7.36 -26.81
N TYR C 102 -102.64 7.68 -27.91
CA TYR C 102 -103.16 6.69 -28.84
C TYR C 102 -102.62 6.99 -30.24
N ASP C 103 -102.27 5.95 -30.97
CA ASP C 103 -101.57 6.11 -32.25
C ASP C 103 -102.59 6.19 -33.40
N PRO C 104 -102.17 6.35 -34.66
CA PRO C 104 -103.12 6.26 -35.78
C PRO C 104 -103.89 4.94 -35.94
N ASP C 105 -103.66 3.90 -35.13
CA ASP C 105 -104.44 2.68 -35.21
C ASP C 105 -105.14 2.40 -33.88
N ASN C 106 -105.36 3.45 -33.09
CA ASN C 106 -106.05 3.44 -31.79
C ASN C 106 -105.36 2.54 -30.75
N GLN C 107 -104.08 2.21 -30.96
CA GLN C 107 -103.32 1.45 -29.99
C GLN C 107 -102.69 2.41 -29.00
N ARG C 108 -102.89 2.16 -27.71
CA ARG C 108 -102.31 3.02 -26.69
C ARG C 108 -100.82 2.76 -26.58
N HIS C 109 -100.06 3.81 -26.24
CA HIS C 109 -98.64 3.64 -26.01
C HIS C 109 -98.25 3.89 -24.55
N THR C 110 -98.43 5.10 -24.05
CA THR C 110 -97.95 5.45 -22.72
C THR C 110 -99.16 5.73 -21.84
N GLU C 111 -99.24 5.08 -20.68
CA GLU C 111 -100.35 5.28 -19.76
C GLU C 111 -99.78 5.28 -18.34
N THR C 112 -99.48 6.46 -17.84
CA THR C 112 -98.80 6.60 -16.56
C THR C 112 -99.23 7.92 -15.92
N SER C 113 -98.72 8.16 -14.72
CA SER C 113 -99.01 9.39 -13.99
C SER C 113 -98.05 10.48 -14.44
N GLY C 114 -98.11 11.63 -13.79
CA GLY C 114 -97.25 12.74 -14.14
C GLY C 114 -95.89 12.66 -13.47
N TRP C 115 -95.87 12.22 -12.20
CA TRP C 115 -94.59 12.11 -11.50
C TRP C 115 -93.74 10.99 -12.06
N HIS C 116 -94.37 9.92 -12.57
CA HIS C 116 -93.59 8.85 -13.17
C HIS C 116 -93.03 9.25 -14.52
N LEU C 117 -93.76 10.06 -15.28
CA LEU C 117 -93.23 10.60 -16.52
C LEU C 117 -92.09 11.56 -16.26
N HIS C 118 -92.11 12.27 -15.14
CA HIS C 118 -91.05 13.22 -14.83
C HIS C 118 -89.76 12.52 -14.43
N PHE C 119 -89.86 11.47 -13.62
CA PHE C 119 -88.66 10.79 -13.12
C PHE C 119 -87.96 10.01 -14.22
N VAL C 120 -88.70 9.55 -15.22
CA VAL C 120 -88.09 8.90 -16.37
C VAL C 120 -87.41 9.93 -17.25
N ASN C 121 -87.93 11.15 -17.29
CA ASN C 121 -87.25 12.23 -18.00
C ASN C 121 -85.93 12.59 -17.32
N THR C 122 -85.90 12.56 -15.99
CA THR C 122 -84.66 12.71 -15.25
C THR C 122 -83.71 11.55 -15.52
N ALA C 123 -84.22 10.33 -15.59
CA ALA C 123 -83.38 9.16 -15.73
C ALA C 123 -82.76 9.05 -17.12
N LYS C 124 -83.45 9.53 -18.14
CA LYS C 124 -82.91 9.47 -19.49
C LYS C 124 -81.91 10.58 -19.78
N GLN C 125 -81.97 11.68 -19.04
CA GLN C 125 -81.06 12.80 -19.26
C GLN C 125 -79.74 12.64 -18.54
N GLY C 126 -79.75 12.10 -17.33
CA GLY C 126 -78.58 12.07 -16.49
C GLY C 126 -78.50 13.20 -15.50
N ALA C 127 -79.58 13.95 -15.34
CA ALA C 127 -79.66 15.10 -14.44
C ALA C 127 -81.14 15.36 -14.20
N PRO C 128 -81.48 16.17 -13.19
CA PRO C 128 -82.87 16.62 -13.06
C PRO C 128 -83.34 17.36 -14.31
N PHE C 129 -84.55 17.01 -14.75
CA PHE C 129 -85.02 17.34 -16.10
C PHE C 129 -85.22 18.84 -16.25
N LEU C 130 -84.54 19.41 -17.26
CA LEU C 130 -84.65 20.81 -17.66
C LEU C 130 -84.33 21.76 -16.52
N SER C 131 -83.33 21.40 -15.72
CA SER C 131 -82.89 22.20 -14.60
C SER C 131 -81.61 22.95 -14.96
N SER C 132 -81.29 23.94 -14.13
CA SER C 132 -80.08 24.72 -14.29
C SER C 132 -79.20 24.47 -13.07
N MET C 133 -78.01 23.94 -13.30
CA MET C 133 -77.09 23.67 -12.22
C MET C 133 -76.38 24.95 -11.77
N VAL C 134 -76.06 25.01 -10.50
CA VAL C 134 -75.37 26.17 -9.93
C VAL C 134 -73.89 26.04 -10.18
N THR C 135 -73.28 27.11 -10.69
CA THR C 135 -71.85 27.14 -10.98
C THR C 135 -71.21 28.34 -10.29
N ASP C 136 -69.91 28.49 -10.50
CA ASP C 136 -69.12 29.53 -9.87
C ASP C 136 -68.86 30.71 -10.79
N SER C 137 -69.49 30.74 -11.96
CA SER C 137 -69.16 31.73 -12.97
C SER C 137 -69.64 33.12 -12.54
N PRO C 138 -68.86 34.16 -12.83
CA PRO C 138 -69.39 35.52 -12.67
C PRO C 138 -70.26 35.95 -13.82
N ILE C 139 -70.16 35.29 -14.99
CA ILE C 139 -71.10 35.52 -16.07
C ILE C 139 -72.45 34.99 -15.66
N LYS C 140 -73.49 35.82 -15.79
CA LYS C 140 -74.79 35.51 -15.21
C LYS C 140 -75.55 34.43 -15.97
N TYR C 141 -75.07 33.18 -15.87
CA TYR C 141 -75.89 32.03 -16.20
C TYR C 141 -76.78 31.69 -15.01
N GLY C 142 -77.49 30.56 -15.09
CA GLY C 142 -78.22 30.03 -13.96
C GLY C 142 -79.71 29.95 -14.25
N ASP C 143 -80.50 30.39 -13.27
CA ASP C 143 -81.95 30.36 -13.39
C ASP C 143 -82.39 31.72 -13.90
N VAL C 144 -82.47 31.84 -15.22
CA VAL C 144 -82.83 33.08 -15.88
C VAL C 144 -84.24 33.02 -16.44
N MET C 145 -84.57 31.94 -17.13
CA MET C 145 -85.81 31.84 -17.88
C MET C 145 -86.92 31.12 -17.13
N ASN C 146 -86.60 30.43 -16.04
CA ASN C 146 -87.55 29.72 -15.17
C ASN C 146 -88.35 28.67 -15.96
N VAL C 147 -87.61 27.69 -16.49
CA VAL C 147 -88.21 26.69 -17.35
C VAL C 147 -89.11 25.75 -16.54
N ILE C 148 -88.61 25.25 -15.42
CA ILE C 148 -89.43 24.55 -14.43
C ILE C 148 -89.28 25.33 -13.13
N ASP C 149 -90.39 25.87 -12.64
CA ASP C 149 -90.34 26.77 -11.50
C ASP C 149 -91.63 26.64 -10.71
N ALA C 150 -91.53 26.85 -9.41
CA ALA C 150 -92.62 26.79 -8.46
C ALA C 150 -92.18 27.47 -7.17
N PRO C 151 -93.01 28.35 -6.59
CA PRO C 151 -92.65 28.94 -5.30
C PRO C 151 -92.75 27.91 -4.18
N ALA C 152 -91.80 27.97 -3.26
CA ALA C 152 -91.73 27.00 -2.19
C ALA C 152 -92.78 27.22 -1.11
N THR C 153 -93.37 28.41 -1.06
CA THR C 153 -94.34 28.74 -0.03
C THR C 153 -95.28 29.80 -0.59
N ILE C 154 -96.57 29.53 -0.58
CA ILE C 154 -97.58 30.53 -0.88
C ILE C 154 -98.20 30.96 0.43
N ALA C 155 -98.03 32.23 0.78
CA ALA C 155 -98.50 32.75 2.05
C ALA C 155 -100.01 32.98 2.00
N ALA C 156 -100.56 33.44 3.12
CA ALA C 156 -101.97 33.73 3.21
C ALA C 156 -102.30 34.98 2.41
N GLY C 157 -103.22 34.85 1.45
CA GLY C 157 -103.60 35.98 0.64
C GLY C 157 -102.65 36.28 -0.51
N ALA C 158 -101.81 35.31 -0.89
CA ALA C 158 -100.81 35.50 -1.92
C ALA C 158 -101.11 34.58 -3.10
N THR C 159 -100.31 34.73 -4.15
CA THR C 159 -100.52 34.00 -5.40
C THR C 159 -99.16 33.54 -5.93
N GLY C 160 -99.09 32.28 -6.33
CA GLY C 160 -97.86 31.72 -6.87
C GLY C 160 -98.06 31.21 -8.27
N GLU C 161 -97.01 31.28 -9.07
CA GLU C 161 -97.04 30.86 -10.47
C GLU C 161 -96.16 29.63 -10.66
N LEU C 162 -96.72 28.59 -11.25
CA LEU C 162 -96.01 27.34 -11.46
C LEU C 162 -95.68 27.18 -12.94
N THR C 163 -94.60 26.49 -13.23
CA THR C 163 -94.28 26.08 -14.60
C THR C 163 -93.68 24.69 -14.54
N MET C 164 -94.06 23.85 -15.49
CA MET C 164 -93.60 22.48 -15.51
C MET C 164 -93.58 22.00 -16.96
N TYR C 165 -92.53 21.26 -17.31
CA TYR C 165 -92.39 20.69 -18.63
C TYR C 165 -92.35 19.17 -18.55
N TYR C 166 -93.05 18.53 -19.46
CA TYR C 166 -93.06 17.08 -19.59
C TYR C 166 -92.60 16.72 -20.98
N TRP C 167 -91.81 15.67 -21.09
CA TRP C 167 -91.52 15.05 -22.38
C TRP C 167 -92.23 13.71 -22.40
N VAL C 168 -93.24 13.59 -23.25
CA VAL C 168 -93.93 12.33 -23.49
C VAL C 168 -93.18 11.60 -24.60
N PRO C 169 -92.48 10.50 -24.32
CA PRO C 169 -91.66 9.88 -25.34
C PRO C 169 -92.44 8.89 -26.21
N LEU C 170 -92.13 8.90 -27.49
CA LEU C 170 -92.55 7.84 -28.38
C LEU C 170 -91.34 7.05 -28.88
N ALA C 171 -90.39 7.70 -29.53
CA ALA C 171 -89.12 7.07 -29.82
C ALA C 171 -88.32 6.93 -28.54
N TYR C 172 -87.43 5.94 -28.52
CA TYR C 172 -86.66 5.68 -27.31
C TYR C 172 -85.65 6.79 -27.06
N SER C 173 -84.90 7.19 -28.08
CA SER C 173 -83.96 8.27 -27.96
C SER C 173 -83.90 9.03 -29.28
N GLU C 174 -82.99 9.99 -29.35
CA GLU C 174 -82.84 10.82 -30.54
C GLU C 174 -82.15 10.09 -31.68
N THR C 175 -81.51 8.97 -31.40
CA THR C 175 -80.88 8.16 -32.43
C THR C 175 -81.45 6.77 -32.55
N ASP C 176 -82.21 6.30 -31.57
CA ASP C 176 -82.87 5.01 -31.63
C ASP C 176 -84.36 5.29 -31.85
N LEU C 177 -84.86 4.91 -33.02
CA LEU C 177 -86.23 5.19 -33.41
C LEU C 177 -87.20 4.10 -32.97
N THR C 178 -86.81 3.26 -32.01
CA THR C 178 -87.68 2.20 -31.53
C THR C 178 -88.82 2.80 -30.73
N GLY C 179 -90.05 2.53 -31.17
CA GLY C 179 -91.21 3.11 -30.54
C GLY C 179 -91.78 4.31 -31.26
N ALA C 180 -91.15 4.74 -32.35
CA ALA C 180 -91.66 5.88 -33.09
C ALA C 180 -92.92 5.51 -33.86
N VAL C 181 -93.71 6.53 -34.17
CA VAL C 181 -95.04 6.34 -34.74
C VAL C 181 -95.07 7.01 -36.11
N LEU C 182 -95.37 6.22 -37.14
CA LEU C 182 -95.55 6.75 -38.48
C LEU C 182 -96.95 7.31 -38.61
N ALA C 183 -97.06 8.60 -38.88
CA ALA C 183 -98.34 9.29 -38.91
C ALA C 183 -98.58 9.98 -40.25
N ASN C 184 -98.23 9.32 -41.35
CA ASN C 184 -98.53 9.86 -42.68
C ASN C 184 -99.88 9.42 -43.22
N VAL C 185 -100.81 9.06 -42.36
CA VAL C 185 -102.11 8.52 -42.79
C VAL C 185 -103.20 9.51 -42.39
N PRO C 186 -104.16 9.79 -43.25
CA PRO C 186 -105.23 10.73 -42.91
C PRO C 186 -106.32 10.11 -42.05
N GLN C 187 -106.13 10.13 -40.73
CA GLN C 187 -107.12 9.62 -39.80
C GLN C 187 -107.34 10.64 -38.70
N SER C 188 -108.16 10.25 -37.71
CA SER C 188 -108.38 11.09 -36.55
C SER C 188 -108.34 10.28 -35.26
N LYS C 189 -107.81 9.05 -35.30
CA LYS C 189 -107.72 8.22 -34.12
C LYS C 189 -106.58 8.62 -33.20
N GLN C 190 -105.54 9.26 -33.74
CA GLN C 190 -104.37 9.63 -32.96
C GLN C 190 -104.71 10.79 -32.03
N ARG C 191 -104.50 10.61 -30.73
CA ARG C 191 -104.83 11.64 -29.77
C ARG C 191 -103.97 11.46 -28.53
N LEU C 192 -103.91 12.50 -27.72
CA LEU C 192 -103.10 12.53 -26.50
C LEU C 192 -103.99 13.01 -25.35
N LYS C 193 -104.47 12.07 -24.55
CA LYS C 193 -105.37 12.39 -23.45
C LYS C 193 -104.57 12.84 -22.24
N LEU C 194 -104.95 13.99 -21.68
CA LEU C 194 -104.21 14.61 -20.58
C LEU C 194 -105.17 14.92 -19.44
N GLU C 195 -104.97 14.27 -18.30
CA GLU C 195 -105.67 14.63 -17.08
C GLU C 195 -104.82 15.60 -16.28
N PHE C 196 -105.45 16.61 -15.72
CA PHE C 196 -104.75 17.64 -14.98
C PHE C 196 -105.18 17.63 -13.53
N ALA C 197 -104.37 18.28 -12.69
CA ALA C 197 -104.71 18.44 -11.29
C ALA C 197 -105.90 19.38 -11.16
N ASN C 198 -106.62 19.24 -10.05
CA ASN C 198 -107.78 20.07 -9.76
C ASN C 198 -107.73 20.43 -8.29
N ASN C 199 -108.80 21.06 -7.79
CA ASN C 199 -108.78 21.58 -6.44
C ASN C 199 -108.94 20.52 -5.37
N ASN C 200 -109.22 19.28 -5.76
CA ASN C 200 -109.29 18.19 -4.79
C ASN C 200 -107.97 17.45 -4.67
N THR C 201 -107.26 17.26 -5.78
CA THR C 201 -106.08 16.41 -5.77
C THR C 201 -104.77 17.17 -5.54
N ALA C 202 -104.78 18.50 -5.55
CA ALA C 202 -103.54 19.26 -5.57
C ALA C 202 -103.28 20.01 -4.28
N PHE C 203 -104.15 19.90 -3.27
CA PHE C 203 -103.98 20.63 -2.01
C PHE C 203 -104.31 19.67 -0.87
N ALA C 204 -103.29 19.18 -0.19
CA ALA C 204 -103.45 18.23 0.90
C ALA C 204 -103.37 18.94 2.24
N ALA C 205 -104.16 18.48 3.19
CA ALA C 205 -104.12 19.02 4.54
C ALA C 205 -102.90 18.49 5.29
N VAL C 206 -102.65 19.05 6.47
CA VAL C 206 -101.55 18.57 7.30
C VAL C 206 -101.94 17.24 7.93
N GLY C 207 -101.30 16.17 7.48
CA GLY C 207 -101.64 14.82 7.87
C GLY C 207 -102.04 13.92 6.72
N ALA C 208 -102.51 14.49 5.61
CA ALA C 208 -102.93 13.71 4.46
C ALA C 208 -101.73 13.25 3.65
N ASN C 209 -102.01 12.42 2.64
CA ASN C 209 -101.00 11.87 1.74
C ASN C 209 -100.58 12.92 0.72
N PRO C 210 -99.33 13.40 0.77
CA PRO C 210 -98.89 14.38 -0.22
C PRO C 210 -98.27 13.73 -1.45
N LEU C 211 -98.90 12.68 -1.96
CA LEU C 211 -98.29 11.91 -3.04
C LEU C 211 -98.64 12.46 -4.41
N GLU C 212 -99.89 12.83 -4.60
CA GLU C 212 -100.35 13.46 -5.83
C GLU C 212 -100.64 14.94 -5.66
N ALA C 213 -100.40 15.49 -4.47
CA ALA C 213 -100.63 16.90 -4.21
C ALA C 213 -99.49 17.74 -4.77
N ILE C 214 -99.74 19.05 -4.88
CA ILE C 214 -98.72 20.01 -5.24
C ILE C 214 -98.29 20.82 -4.04
N TYR C 215 -99.22 21.28 -3.23
CA TYR C 215 -98.94 22.00 -2.01
C TYR C 215 -99.59 21.29 -0.83
N GLN C 216 -99.12 21.65 0.36
CA GLN C 216 -99.61 21.04 1.59
C GLN C 216 -99.36 22.00 2.73
N GLY C 217 -100.34 22.13 3.60
CA GLY C 217 -100.20 23.04 4.74
C GLY C 217 -101.52 23.19 5.46
N ALA C 218 -101.46 24.03 6.49
CA ALA C 218 -102.65 24.28 7.30
C ALA C 218 -103.69 25.14 6.58
N GLY C 219 -103.31 25.82 5.50
CA GLY C 219 -104.22 26.64 4.74
C GLY C 219 -104.71 26.03 3.44
N ALA C 220 -104.55 24.72 3.25
CA ALA C 220 -104.85 24.09 1.97
C ALA C 220 -106.34 23.94 1.71
N ALA C 221 -107.19 24.14 2.72
CA ALA C 221 -108.63 24.11 2.50
C ALA C 221 -109.11 25.30 1.70
N ASP C 222 -108.36 26.41 1.70
CA ASP C 222 -108.74 27.61 0.99
C ASP C 222 -107.87 27.90 -0.22
N CYS C 223 -106.93 27.03 -0.57
CA CYS C 223 -106.18 27.23 -1.80
C CYS C 223 -106.97 26.71 -2.99
N GLU C 224 -106.82 27.41 -4.11
CA GLU C 224 -107.56 27.09 -5.31
C GLU C 224 -106.74 27.52 -6.51
N PHE C 225 -106.99 26.87 -7.65
CA PHE C 225 -106.41 27.33 -8.89
C PHE C 225 -107.18 28.53 -9.41
N GLU C 226 -106.45 29.49 -9.97
CA GLU C 226 -107.09 30.50 -10.79
C GLU C 226 -107.09 30.08 -12.25
N GLU C 227 -105.95 29.59 -12.73
CA GLU C 227 -105.73 29.34 -14.13
C GLU C 227 -104.80 28.15 -14.28
N ILE C 228 -105.06 27.31 -15.28
CA ILE C 228 -104.08 26.36 -15.80
C ILE C 228 -104.07 26.51 -17.31
N SER C 229 -102.88 26.71 -17.88
CA SER C 229 -102.70 26.75 -19.32
C SER C 229 -101.78 25.61 -19.72
N TYR C 230 -102.04 24.99 -20.86
CA TYR C 230 -101.12 23.99 -21.38
C TYR C 230 -100.81 24.28 -22.85
N THR C 231 -99.62 23.83 -23.26
CA THR C 231 -99.18 23.92 -24.65
C THR C 231 -98.50 22.62 -24.99
N VAL C 232 -98.82 22.05 -26.15
CA VAL C 232 -98.26 20.79 -26.61
C VAL C 232 -97.47 21.06 -27.88
N TYR C 233 -96.26 20.50 -27.95
CA TYR C 233 -95.39 20.61 -29.11
C TYR C 233 -95.10 19.20 -29.61
N GLN C 234 -95.23 18.99 -30.91
CA GLN C 234 -94.97 17.69 -31.50
C GLN C 234 -93.61 17.68 -32.19
N SER C 235 -92.77 16.73 -31.82
CA SER C 235 -91.46 16.56 -32.41
C SER C 235 -91.51 15.40 -33.40
N TYR C 236 -91.28 15.69 -34.67
CA TYR C 236 -91.38 14.68 -35.70
C TYR C 236 -90.27 14.87 -36.72
N LEU C 237 -90.17 13.91 -37.64
CA LEU C 237 -89.17 13.92 -38.70
C LEU C 237 -89.87 14.10 -40.05
N ASP C 238 -89.78 15.29 -40.62
CA ASP C 238 -90.37 15.58 -41.91
C ASP C 238 -89.40 15.20 -43.03
N GLN C 239 -89.94 15.17 -44.26
CA GLN C 239 -89.20 14.88 -45.50
C GLN C 239 -88.52 13.51 -45.46
N LEU C 240 -89.35 12.48 -45.37
CA LEU C 240 -88.85 11.12 -45.30
C LEU C 240 -88.31 10.68 -46.65
N PRO C 241 -87.26 9.85 -46.67
CA PRO C 241 -86.70 9.40 -47.95
C PRO C 241 -87.59 8.39 -48.64
N VAL C 242 -87.59 8.48 -49.97
CA VAL C 242 -88.39 7.60 -50.82
C VAL C 242 -87.45 6.82 -51.71
N GLY C 243 -87.58 5.50 -51.71
CA GLY C 243 -86.80 4.68 -52.62
C GLY C 243 -87.68 4.08 -53.71
N GLN C 244 -87.77 2.76 -53.74
CA GLN C 244 -88.70 2.06 -54.60
C GLN C 244 -89.88 1.56 -53.78
N ASN C 245 -91.04 1.47 -54.45
CA ASN C 245 -92.35 1.05 -53.96
C ASN C 245 -92.70 1.56 -52.56
N GLY C 246 -92.40 2.82 -52.28
CA GLY C 246 -92.85 3.48 -51.07
C GLY C 246 -91.69 4.11 -50.31
N TYR C 247 -91.98 4.46 -49.06
CA TYR C 247 -91.01 5.06 -48.16
C TYR C 247 -89.97 4.03 -47.75
N ILE C 248 -88.82 4.55 -47.29
CA ILE C 248 -87.79 3.73 -46.65
C ILE C 248 -88.03 3.84 -45.15
N LEU C 249 -88.43 2.73 -44.52
CA LEU C 249 -88.85 2.79 -43.14
C LEU C 249 -88.21 1.68 -42.31
N PRO C 250 -87.82 1.97 -41.08
CA PRO C 250 -87.42 0.91 -40.14
C PRO C 250 -88.62 0.14 -39.60
N LEU C 251 -89.01 -0.94 -40.29
CA LEU C 251 -90.28 -1.61 -40.05
C LEU C 251 -90.37 -2.23 -38.66
N ILE C 252 -89.27 -2.75 -38.12
CA ILE C 252 -89.32 -3.34 -36.78
C ILE C 252 -89.44 -2.25 -35.71
N ASP C 253 -88.81 -1.09 -35.93
CA ASP C 253 -88.87 -0.02 -34.96
C ASP C 253 -90.23 0.63 -34.89
N LEU C 254 -90.96 0.65 -36.00
CA LEU C 254 -92.33 1.15 -35.99
C LEU C 254 -93.34 0.10 -35.54
N SER C 255 -92.99 -1.18 -35.64
CA SER C 255 -93.82 -2.25 -35.11
C SER C 255 -93.57 -2.52 -33.63
N THR C 256 -92.67 -1.78 -33.01
CA THR C 256 -92.34 -1.94 -31.61
C THR C 256 -92.86 -0.73 -30.85
N LEU C 257 -93.41 -0.95 -29.67
CA LEU C 257 -93.85 0.14 -28.81
C LEU C 257 -92.85 0.37 -27.70
N TYR C 258 -92.76 1.61 -27.25
CA TYR C 258 -91.94 1.98 -26.11
C TYR C 258 -92.87 2.66 -25.12
N ASN C 259 -93.22 1.95 -24.05
CA ASN C 259 -94.35 2.31 -23.21
C ASN C 259 -93.90 2.64 -21.81
N LEU C 260 -94.65 3.54 -21.17
CA LEU C 260 -94.43 3.95 -19.79
C LEU C 260 -95.71 3.67 -19.02
N GLU C 261 -95.68 2.67 -18.15
CA GLU C 261 -96.88 2.20 -17.48
C GLU C 261 -96.62 2.07 -15.98
N ASN C 262 -97.58 2.48 -15.17
CA ASN C 262 -97.45 2.42 -13.73
C ASN C 262 -98.38 1.36 -13.14
N SER C 263 -98.16 1.08 -11.86
CA SER C 263 -98.90 0.05 -11.13
C SER C 263 -98.84 0.40 -9.65
N ALA C 264 -99.48 -0.41 -8.82
CA ALA C 264 -99.51 -0.17 -7.39
C ALA C 264 -99.79 -1.48 -6.67
N GLN C 265 -98.97 -1.80 -5.67
CA GLN C 265 -99.15 -2.99 -4.86
C GLN C 265 -99.17 -2.60 -3.40
N ALA C 266 -99.87 -3.40 -2.60
CA ALA C 266 -99.95 -3.19 -1.16
C ALA C 266 -99.74 -4.51 -0.45
N GLY C 267 -99.79 -4.47 0.87
CA GLY C 267 -99.64 -5.68 1.66
C GLY C 267 -98.21 -5.92 2.11
N LEU C 268 -97.59 -4.89 2.67
CA LEU C 268 -96.25 -4.99 3.21
C LEU C 268 -96.32 -5.23 4.71
N THR C 269 -95.51 -6.16 5.19
CA THR C 269 -95.36 -6.43 6.61
C THR C 269 -93.89 -6.28 6.99
N PRO C 270 -93.58 -5.90 8.23
CA PRO C 270 -92.18 -5.62 8.58
C PRO C 270 -91.29 -6.86 8.58
N ASN C 271 -90.07 -6.65 8.09
CA ASN C 271 -88.91 -7.54 8.22
C ASN C 271 -89.04 -8.84 7.45
N VAL C 272 -89.95 -8.93 6.48
CA VAL C 272 -89.96 -10.02 5.50
C VAL C 272 -89.98 -9.41 4.11
N ASP C 273 -89.71 -10.25 3.12
CA ASP C 273 -89.61 -9.79 1.75
C ASP C 273 -90.98 -9.46 1.18
N PHE C 274 -90.98 -8.62 0.13
CA PHE C 274 -92.19 -8.21 -0.56
C PHE C 274 -91.86 -8.23 -2.05
N VAL C 275 -92.09 -9.36 -2.69
CA VAL C 275 -91.70 -9.58 -4.07
C VAL C 275 -92.79 -9.03 -4.98
N VAL C 276 -92.46 -8.02 -5.76
CA VAL C 276 -93.32 -7.52 -6.81
C VAL C 276 -92.82 -8.15 -8.11
N GLN C 277 -93.54 -9.17 -8.58
CA GLN C 277 -93.07 -9.96 -9.71
C GLN C 277 -93.19 -9.17 -11.00
N TYR C 278 -92.10 -9.17 -11.78
CA TYR C 278 -92.17 -8.69 -13.14
C TYR C 278 -93.07 -9.61 -13.96
N ALA C 279 -93.60 -9.08 -15.04
CA ALA C 279 -94.53 -9.85 -15.83
C ALA C 279 -93.80 -10.67 -16.88
N ASN C 280 -94.53 -11.15 -17.85
CA ASN C 280 -94.06 -12.01 -18.92
C ASN C 280 -94.15 -11.24 -20.23
N LEU C 281 -93.21 -11.51 -21.13
CA LEU C 281 -93.11 -11.04 -22.53
C LEU C 281 -92.80 -9.55 -22.69
N TYR C 282 -92.76 -8.75 -21.63
CA TYR C 282 -92.27 -7.40 -21.74
C TYR C 282 -90.74 -7.40 -21.66
N ARG C 283 -90.12 -6.41 -22.30
CA ARG C 283 -88.67 -6.19 -22.21
C ARG C 283 -88.47 -4.99 -21.30
N TYR C 284 -88.33 -5.25 -20.00
CA TYR C 284 -88.26 -4.19 -19.01
C TYR C 284 -86.93 -3.46 -19.08
N LEU C 285 -86.98 -2.14 -19.20
CA LEU C 285 -85.79 -1.32 -19.24
C LEU C 285 -85.53 -0.56 -17.95
N SER C 286 -86.57 -0.26 -17.18
CA SER C 286 -86.41 0.58 -16.01
C SER C 286 -87.54 0.32 -15.04
N THR C 287 -87.26 0.57 -13.77
CA THR C 287 -88.21 0.34 -12.69
C THR C 287 -88.05 1.45 -11.67
N ILE C 288 -89.17 2.05 -11.25
CA ILE C 288 -89.16 3.06 -10.21
C ILE C 288 -90.16 2.62 -9.15
N ALA C 289 -89.69 2.50 -7.91
CA ALA C 289 -90.54 2.14 -6.78
C ALA C 289 -90.65 3.34 -5.86
N VAL C 290 -91.86 3.65 -5.43
CA VAL C 290 -92.12 4.71 -4.47
C VAL C 290 -92.70 4.06 -3.23
N PHE C 291 -92.03 4.25 -2.10
CA PHE C 291 -92.48 3.67 -0.84
C PHE C 291 -93.35 4.70 -0.12
N ASP C 292 -94.64 4.64 -0.38
CA ASP C 292 -95.61 5.48 0.30
C ASP C 292 -95.98 4.73 1.56
N ASN C 293 -95.24 5.02 2.64
CA ASN C 293 -95.41 4.31 3.91
C ASN C 293 -96.46 5.02 4.75
N GLY C 294 -97.71 4.89 4.30
CA GLY C 294 -98.84 5.47 5.00
C GLY C 294 -98.88 6.98 4.98
N GLY C 295 -98.67 7.58 3.81
CA GLY C 295 -98.58 9.03 3.73
C GLY C 295 -97.29 9.62 4.24
N SER C 296 -96.32 8.80 4.60
CA SER C 296 -95.01 9.26 5.07
C SER C 296 -93.95 8.79 4.09
N PHE C 297 -92.99 9.67 3.82
CA PHE C 297 -91.92 9.40 2.86
C PHE C 297 -90.61 9.62 3.58
N ASN C 298 -89.84 8.55 3.75
CA ASN C 298 -88.61 8.59 4.52
C ASN C 298 -87.43 8.29 3.63
N ALA C 299 -86.28 8.88 3.97
CA ALA C 299 -85.05 8.68 3.20
C ALA C 299 -84.36 7.41 3.69
N GLY C 300 -84.91 6.27 3.28
CA GLY C 300 -84.30 4.98 3.51
C GLY C 300 -84.34 4.45 4.92
N THR C 301 -84.92 5.18 5.88
CA THR C 301 -84.91 4.78 7.27
C THR C 301 -86.02 3.79 7.62
N ASP C 302 -86.75 3.29 6.63
CA ASP C 302 -87.79 2.29 6.86
C ASP C 302 -87.64 1.10 5.93
N ILE C 303 -86.48 0.94 5.31
CA ILE C 303 -86.17 -0.19 4.43
C ILE C 303 -84.96 -0.91 5.00
N ASN C 304 -85.02 -2.24 5.05
CA ASN C 304 -83.82 -3.02 5.35
C ASN C 304 -82.95 -3.13 4.12
N TYR C 305 -83.49 -3.63 3.02
CA TYR C 305 -82.74 -3.69 1.77
C TYR C 305 -83.72 -3.68 0.61
N LEU C 306 -83.20 -3.29 -0.56
CA LEU C 306 -83.89 -3.47 -1.83
C LEU C 306 -83.10 -4.45 -2.66
N SER C 307 -83.79 -5.25 -3.46
CA SER C 307 -83.12 -6.31 -4.19
C SER C 307 -83.82 -6.54 -5.52
N GLN C 308 -83.19 -7.34 -6.37
CA GLN C 308 -83.81 -7.86 -7.57
C GLN C 308 -83.56 -9.36 -7.63
N ARG C 309 -84.62 -10.13 -7.46
CA ARG C 309 -84.57 -11.57 -7.38
C ARG C 309 -84.81 -12.20 -8.75
N THR C 310 -84.12 -13.32 -8.99
CA THR C 310 -84.43 -14.19 -10.11
C THR C 310 -84.71 -15.57 -9.52
N ALA C 311 -85.31 -16.46 -10.33
CA ALA C 311 -85.85 -17.74 -9.83
C ALA C 311 -84.75 -18.63 -9.26
N ASN C 312 -83.83 -19.07 -10.12
CA ASN C 312 -82.52 -19.41 -9.60
C ASN C 312 -81.69 -18.14 -9.55
N PHE C 313 -80.55 -18.20 -8.86
CA PHE C 313 -79.71 -17.04 -8.56
C PHE C 313 -80.52 -15.99 -7.79
N SER C 314 -80.81 -16.35 -6.53
CA SER C 314 -81.83 -15.71 -5.71
C SER C 314 -81.69 -14.20 -5.54
N ASP C 315 -80.49 -13.64 -5.66
CA ASP C 315 -80.32 -12.21 -5.55
C ASP C 315 -79.24 -11.76 -6.52
N THR C 316 -79.55 -10.75 -7.34
CA THR C 316 -78.60 -10.20 -8.27
C THR C 316 -78.06 -8.84 -7.85
N ARG C 317 -78.83 -8.06 -7.09
CA ARG C 317 -78.35 -6.81 -6.52
C ARG C 317 -79.09 -6.54 -5.20
N LYS C 318 -78.58 -7.08 -4.11
CA LYS C 318 -79.18 -6.88 -2.80
C LYS C 318 -78.34 -5.85 -2.05
N LEU C 319 -78.91 -4.67 -1.83
CA LEU C 319 -78.17 -3.53 -1.30
C LEU C 319 -78.99 -2.87 -0.22
N ASP C 320 -78.31 -2.27 0.76
CA ASP C 320 -79.00 -1.44 1.73
C ASP C 320 -79.39 -0.11 1.05
N PRO C 321 -80.32 0.67 1.63
CA PRO C 321 -80.83 1.87 0.92
C PRO C 321 -79.82 2.96 0.59
N LYS C 322 -78.59 2.92 1.11
CA LYS C 322 -77.61 3.92 0.70
C LYS C 322 -76.67 3.42 -0.38
N THR C 323 -76.46 2.11 -0.49
CA THR C 323 -75.73 1.58 -1.62
C THR C 323 -76.60 1.53 -2.87
N TRP C 324 -77.92 1.39 -2.68
CA TRP C 324 -78.86 1.51 -3.79
C TRP C 324 -78.88 2.94 -4.31
N ALA C 325 -78.87 3.91 -3.41
CA ALA C 325 -78.79 5.31 -3.79
C ALA C 325 -77.43 5.68 -4.35
N ALA C 326 -76.38 4.94 -4.00
CA ALA C 326 -75.06 5.19 -4.58
C ALA C 326 -75.00 4.75 -6.04
N GLN C 327 -75.75 3.72 -6.40
CA GLN C 327 -75.76 3.25 -7.79
C GLN C 327 -76.59 4.15 -8.68
N THR C 328 -77.47 4.98 -8.12
CA THR C 328 -78.25 5.93 -8.89
C THR C 328 -77.60 7.30 -8.96
N ARG C 329 -76.73 7.63 -8.01
CA ARG C 329 -75.93 8.86 -8.11
C ARG C 329 -74.87 8.75 -9.19
N ARG C 330 -74.54 7.53 -9.62
CA ARG C 330 -73.67 7.36 -10.77
C ARG C 330 -74.38 7.68 -12.08
N ARG C 331 -75.71 7.67 -12.09
CA ARG C 331 -76.47 7.88 -13.33
C ARG C 331 -77.02 9.30 -13.45
N ILE C 332 -77.83 9.74 -12.50
CA ILE C 332 -78.54 11.01 -12.63
C ILE C 332 -77.88 12.14 -11.84
N ALA C 333 -76.71 11.89 -11.26
CA ALA C 333 -75.83 12.85 -10.57
C ALA C 333 -76.45 13.49 -9.34
N THR C 334 -77.64 13.06 -8.95
CA THR C 334 -78.29 13.41 -7.68
C THR C 334 -78.91 12.11 -7.19
N ASP C 335 -79.82 12.22 -6.24
CA ASP C 335 -80.72 11.12 -5.95
C ASP C 335 -82.15 11.64 -5.93
N PHE C 336 -83.07 10.73 -6.22
CA PHE C 336 -84.49 11.02 -6.29
C PHE C 336 -85.03 11.45 -4.92
N PRO C 337 -86.22 12.06 -4.86
CA PRO C 337 -86.78 12.46 -3.55
C PRO C 337 -87.05 11.28 -2.62
N LYS C 338 -87.44 11.63 -1.39
CA LYS C 338 -87.62 10.65 -0.31
C LYS C 338 -88.70 9.64 -0.66
N GLY C 339 -88.32 8.37 -0.65
CA GLY C 339 -89.21 7.29 -0.97
C GLY C 339 -89.07 6.75 -2.37
N VAL C 340 -88.42 7.49 -3.26
CA VAL C 340 -88.32 7.10 -4.66
C VAL C 340 -87.01 6.34 -4.87
N TYR C 341 -87.10 5.13 -5.41
CA TYR C 341 -85.95 4.27 -5.64
C TYR C 341 -85.93 3.86 -7.10
N TYR C 342 -84.77 4.02 -7.73
CA TYR C 342 -84.62 3.77 -9.15
C TYR C 342 -83.84 2.48 -9.37
N CYS C 343 -84.22 1.73 -10.39
CA CYS C 343 -83.55 0.48 -10.74
C CYS C 343 -83.35 0.47 -12.25
N ASP C 344 -82.09 0.54 -12.68
CA ASP C 344 -81.76 0.60 -14.09
C ASP C 344 -81.54 -0.80 -14.63
N ASN C 345 -82.11 -1.07 -15.81
CA ASN C 345 -81.93 -2.35 -16.46
C ASN C 345 -81.70 -2.19 -17.95
N ARG C 346 -81.07 -1.10 -18.37
CA ARG C 346 -80.94 -0.81 -19.78
C ARG C 346 -79.84 -1.61 -20.46
N ASP C 347 -78.83 -2.05 -19.72
CA ASP C 347 -77.78 -2.86 -20.34
C ASP C 347 -78.23 -4.30 -20.54
N LYS C 348 -78.94 -4.86 -19.57
CA LYS C 348 -79.53 -6.18 -19.68
C LYS C 348 -81.01 -6.05 -19.38
N PRO C 349 -81.86 -5.94 -20.40
CA PRO C 349 -83.30 -5.80 -20.14
C PRO C 349 -83.92 -7.12 -19.71
N ILE C 350 -84.91 -7.01 -18.82
CA ILE C 350 -85.63 -8.18 -18.32
C ILE C 350 -86.63 -8.64 -19.37
N TYR C 351 -86.34 -9.76 -20.01
CA TYR C 351 -87.23 -10.39 -20.99
C TYR C 351 -87.20 -11.88 -20.68
N THR C 352 -88.34 -12.43 -20.25
CA THR C 352 -88.26 -13.56 -19.34
C THR C 352 -89.06 -14.80 -19.71
N LEU C 353 -90.12 -14.71 -20.53
CA LEU C 353 -90.83 -15.84 -21.15
C LEU C 353 -91.61 -16.73 -20.16
N GLN C 354 -91.50 -16.44 -18.87
CA GLN C 354 -92.20 -17.07 -17.76
C GLN C 354 -92.54 -15.93 -16.81
N TYR C 355 -93.68 -16.00 -16.13
CA TYR C 355 -94.20 -14.79 -15.50
C TYR C 355 -93.37 -14.35 -14.29
N GLY C 356 -93.36 -15.10 -13.21
CA GLY C 356 -92.73 -14.55 -12.02
C GLY C 356 -91.25 -14.86 -11.88
N ASN C 357 -90.54 -14.98 -13.00
CA ASN C 357 -89.17 -15.46 -12.96
C ASN C 357 -88.23 -14.41 -12.39
N VAL C 358 -88.46 -13.15 -12.70
CA VAL C 358 -87.72 -12.02 -12.12
C VAL C 358 -88.67 -11.25 -11.24
N GLY C 359 -88.22 -10.88 -10.04
CA GLY C 359 -89.03 -10.10 -9.13
C GLY C 359 -88.24 -8.97 -8.51
N PHE C 360 -88.97 -7.98 -8.02
CA PHE C 360 -88.39 -6.82 -7.35
C PHE C 360 -88.76 -6.90 -5.87
N VAL C 361 -87.75 -6.81 -5.01
CA VAL C 361 -87.91 -7.11 -3.59
C VAL C 361 -87.69 -5.83 -2.78
N VAL C 362 -88.54 -5.61 -1.79
CA VAL C 362 -88.36 -4.57 -0.79
C VAL C 362 -88.59 -5.22 0.57
N ASN C 363 -87.59 -5.12 1.46
CA ASN C 363 -87.68 -5.62 2.82
C ASN C 363 -87.87 -4.43 3.74
N PRO C 364 -89.08 -4.13 4.19
CA PRO C 364 -89.30 -2.94 5.01
C PRO C 364 -88.91 -3.15 6.46
N LYS C 365 -88.67 -2.02 7.14
CA LYS C 365 -88.34 -2.01 8.55
C LYS C 365 -89.57 -1.70 9.41
N THR C 366 -90.18 -0.55 9.18
CA THR C 366 -91.47 -0.21 9.78
C THR C 366 -92.50 -0.04 8.68
N VAL C 367 -93.74 -0.38 8.99
CA VAL C 367 -94.85 -0.32 8.04
C VAL C 367 -96.02 0.39 8.73
N ASN C 368 -96.46 1.49 8.14
CA ASN C 368 -97.63 2.19 8.64
C ASN C 368 -98.90 1.63 8.00
N GLN C 369 -100.04 2.11 8.47
CA GLN C 369 -101.31 1.69 7.89
C GLN C 369 -101.49 2.32 6.52
N ASN C 370 -102.05 1.52 5.60
CA ASN C 370 -102.18 1.85 4.17
C ASN C 370 -100.82 2.15 3.54
N ALA C 371 -99.87 1.27 3.76
CA ALA C 371 -98.57 1.35 3.11
C ALA C 371 -98.63 0.61 1.78
N ARG C 372 -97.95 1.17 0.78
CA ARG C 372 -98.04 0.62 -0.57
C ARG C 372 -96.79 0.98 -1.35
N LEU C 373 -96.53 0.18 -2.37
CA LEU C 373 -95.48 0.45 -3.34
C LEU C 373 -96.11 0.90 -4.65
N LEU C 374 -95.68 2.05 -5.16
CA LEU C 374 -96.20 2.60 -6.41
C LEU C 374 -95.14 2.35 -7.48
N MET C 375 -95.34 1.31 -8.26
CA MET C 375 -94.37 0.95 -9.28
C MET C 375 -94.58 1.76 -10.54
N GLY C 376 -93.50 2.03 -11.24
CA GLY C 376 -93.53 2.65 -12.54
C GLY C 376 -92.60 1.92 -13.47
N TYR C 377 -93.10 1.48 -14.61
CA TYR C 377 -92.32 0.65 -15.51
C TYR C 377 -92.06 1.36 -16.82
N GLU C 378 -91.07 0.84 -17.53
CA GLU C 378 -90.61 1.38 -18.81
C GLU C 378 -90.11 0.19 -19.60
N TYR C 379 -90.70 -0.05 -20.78
CA TYR C 379 -90.45 -1.33 -21.42
C TYR C 379 -90.62 -1.22 -22.93
N PHE C 380 -89.94 -2.11 -23.64
CA PHE C 380 -90.18 -2.34 -25.05
C PHE C 380 -91.20 -3.46 -25.22
N THR C 381 -92.06 -3.31 -26.22
CA THR C 381 -93.26 -4.13 -26.30
C THR C 381 -93.29 -5.06 -27.50
N SER C 382 -93.06 -4.54 -28.72
CA SER C 382 -93.01 -5.31 -29.97
C SER C 382 -94.32 -6.03 -30.24
N ARG C 383 -95.33 -5.23 -30.66
CA ARG C 383 -96.68 -5.62 -31.08
C ARG C 383 -96.76 -6.93 -31.85
N THR C 384 -97.83 -7.70 -31.62
CA THR C 384 -98.09 -9.15 -31.68
C THR C 384 -97.64 -9.77 -30.36
N GLU C 385 -97.10 -8.98 -29.44
CA GLU C 385 -96.81 -9.45 -28.09
C GLU C 385 -97.60 -8.76 -27.00
N LEU C 386 -98.08 -7.53 -27.24
CA LEU C 386 -98.97 -6.92 -26.26
C LEU C 386 -100.36 -7.54 -26.31
N VAL C 387 -100.71 -8.17 -27.43
CA VAL C 387 -101.96 -8.90 -27.52
C VAL C 387 -101.94 -10.10 -26.58
N ASN C 388 -100.81 -10.79 -26.49
CA ASN C 388 -100.66 -12.00 -25.71
C ASN C 388 -100.06 -11.76 -24.33
N ALA C 389 -100.06 -10.53 -23.84
CA ALA C 389 -99.39 -10.19 -22.60
C ALA C 389 -100.38 -10.20 -21.44
N GLY C 390 -99.86 -10.00 -20.24
CA GLY C 390 -100.69 -9.95 -19.05
C GLY C 390 -100.54 -8.66 -18.27
N THR C 391 -100.90 -8.69 -16.99
CA THR C 391 -100.74 -7.52 -16.14
C THR C 391 -99.26 -7.33 -15.80
N ILE C 392 -98.80 -6.08 -15.81
CA ILE C 392 -97.36 -5.77 -15.73
C ILE C 392 -96.76 -6.14 -14.38
N SER C 393 -97.55 -6.22 -13.32
CA SER C 393 -97.00 -6.55 -12.01
C SER C 393 -98.01 -7.37 -11.22
N THR C 394 -97.47 -8.18 -10.31
CA THR C 394 -98.28 -9.05 -9.45
C THR C 394 -97.55 -9.17 -8.12
N THR C 395 -98.30 -9.08 -7.03
CA THR C 395 -97.72 -9.29 -5.71
C THR C 395 -98.33 -10.51 -5.03
N GLN D 12 -40.67 -57.10 3.03
CA GLN D 12 -39.66 -57.14 1.99
C GLN D 12 -39.98 -56.14 0.89
N ALA D 13 -41.26 -55.76 0.78
CA ALA D 13 -41.71 -54.76 -0.18
C ALA D 13 -41.77 -53.37 0.44
N ALA D 14 -40.90 -53.09 1.41
CA ALA D 14 -40.72 -51.76 1.97
C ALA D 14 -39.67 -50.95 1.22
N LEU D 15 -39.31 -51.38 0.02
CA LEU D 15 -38.43 -50.58 -0.82
C LEU D 15 -39.19 -49.48 -1.55
N ARG D 16 -40.51 -49.62 -1.67
CA ARG D 16 -41.30 -48.54 -2.26
C ARG D 16 -41.51 -47.38 -1.29
N ASN D 17 -41.30 -47.60 0.01
CA ASN D 17 -41.21 -46.49 0.95
C ASN D 17 -39.82 -45.88 0.99
N GLN D 18 -38.83 -46.55 0.43
CA GLN D 18 -37.51 -45.96 0.22
C GLN D 18 -37.45 -45.20 -1.10
N GLN D 19 -38.20 -45.65 -2.10
CA GLN D 19 -38.32 -44.91 -3.34
C GLN D 19 -39.20 -43.68 -3.16
N ALA D 20 -40.16 -43.73 -2.24
CA ALA D 20 -41.00 -42.57 -1.96
C ALA D 20 -40.26 -41.52 -1.13
N MET D 21 -39.40 -41.95 -0.22
CA MET D 21 -38.64 -40.98 0.58
C MET D 21 -37.48 -40.42 -0.21
N ALA D 22 -37.01 -41.13 -1.23
CA ALA D 22 -36.00 -40.57 -2.12
C ALA D 22 -36.59 -39.48 -2.99
N ALA D 23 -37.83 -39.66 -3.45
CA ALA D 23 -38.52 -38.64 -4.21
C ALA D 23 -39.02 -37.50 -3.33
N ASN D 24 -39.22 -37.74 -2.04
CA ASN D 24 -39.63 -36.67 -1.15
C ASN D 24 -38.47 -35.73 -0.85
N LEU D 25 -37.28 -36.30 -0.61
CA LEU D 25 -36.09 -35.49 -0.36
C LEU D 25 -35.65 -34.77 -1.62
N GLN D 26 -35.85 -35.37 -2.78
CA GLN D 26 -35.44 -34.76 -4.04
C GLN D 26 -36.37 -33.63 -4.44
N ALA D 27 -37.60 -33.62 -3.94
CA ALA D 27 -38.53 -32.54 -4.21
C ALA D 27 -38.53 -31.46 -3.14
N ARG D 28 -38.06 -31.78 -1.93
CA ARG D 28 -37.88 -30.74 -0.92
C ARG D 28 -36.72 -29.83 -1.26
N GLN D 29 -35.69 -30.39 -1.91
CA GLN D 29 -34.53 -29.60 -2.29
C GLN D 29 -34.85 -28.67 -3.44
N ILE D 30 -35.78 -29.07 -4.32
CA ILE D 30 -36.22 -28.19 -5.40
C ILE D 30 -37.08 -27.06 -4.86
N VAL D 31 -37.89 -27.33 -3.84
CA VAL D 31 -38.70 -26.29 -3.22
C VAL D 31 -37.83 -25.31 -2.47
N LEU D 32 -36.88 -25.81 -1.68
CA LEU D 32 -36.05 -24.94 -0.86
C LEU D 32 -35.00 -24.18 -1.66
N GLN D 33 -34.86 -24.46 -2.95
CA GLN D 33 -33.96 -23.71 -3.81
C GLN D 33 -34.66 -22.71 -4.70
N GLN D 34 -35.92 -22.96 -5.06
CA GLN D 34 -36.63 -22.11 -6.00
C GLN D 34 -37.68 -21.21 -5.36
N SER D 35 -38.09 -21.48 -4.14
CA SER D 35 -39.13 -20.68 -3.51
C SER D 35 -38.53 -19.40 -2.94
N TYR D 36 -39.38 -18.57 -2.33
CA TYR D 36 -38.94 -17.35 -1.69
C TYR D 36 -39.60 -17.23 -0.33
N PRO D 37 -38.84 -16.97 0.74
CA PRO D 37 -39.43 -16.77 2.06
C PRO D 37 -40.07 -15.39 2.19
N VAL D 38 -41.37 -15.37 2.51
CA VAL D 38 -42.12 -14.15 2.73
C VAL D 38 -42.60 -14.15 4.17
N ILE D 39 -42.61 -13.00 4.81
CA ILE D 39 -43.22 -12.84 6.13
C ILE D 39 -44.16 -11.64 6.11
N GLN D 40 -45.45 -11.90 6.28
CA GLN D 40 -46.47 -10.87 6.28
C GLN D 40 -47.13 -10.80 7.65
N GLN D 41 -47.58 -9.60 8.00
CA GLN D 41 -48.43 -9.44 9.17
C GLN D 41 -49.84 -9.86 8.82
N VAL D 42 -50.47 -10.64 9.70
CA VAL D 42 -51.82 -11.12 9.45
C VAL D 42 -52.85 -10.53 10.40
N GLU D 43 -52.47 -10.18 11.63
CA GLU D 43 -53.42 -9.55 12.54
C GLU D 43 -52.69 -8.75 13.61
N THR D 44 -53.29 -7.63 13.99
CA THR D 44 -52.87 -6.82 15.12
C THR D 44 -54.12 -6.40 15.87
N GLN D 45 -54.09 -6.54 17.19
CA GLN D 45 -55.26 -6.18 17.99
C GLN D 45 -54.81 -5.88 19.41
N THR D 46 -55.35 -4.81 19.99
CA THR D 46 -55.14 -4.47 21.38
C THR D 46 -56.45 -4.66 22.13
N PHE D 47 -56.36 -4.93 23.43
CA PHE D 47 -57.55 -5.23 24.21
C PHE D 47 -57.28 -4.99 25.68
N ASP D 48 -58.34 -5.10 26.47
CA ASP D 48 -58.28 -5.10 27.92
C ASP D 48 -58.63 -6.49 28.42
N PRO D 49 -57.78 -7.12 29.23
CA PRO D 49 -58.07 -8.50 29.65
C PRO D 49 -59.20 -8.64 30.65
N ALA D 50 -59.72 -7.53 31.19
CA ALA D 50 -60.90 -7.60 32.02
C ALA D 50 -62.17 -7.89 31.21
N ASN D 51 -62.12 -7.67 29.90
CA ASN D 51 -63.25 -7.93 29.02
C ASN D 51 -63.11 -9.26 28.27
N ARG D 52 -62.02 -9.42 27.53
CA ARG D 52 -61.80 -10.58 26.68
C ARG D 52 -60.34 -10.99 26.79
N SER D 53 -60.08 -12.28 26.75
CA SER D 53 -58.70 -12.76 26.79
C SER D 53 -58.43 -13.95 25.87
N VAL D 54 -59.40 -14.41 25.09
CA VAL D 54 -59.21 -15.50 24.16
C VAL D 54 -59.49 -14.98 22.76
N PHE D 55 -58.55 -15.22 21.84
CA PHE D 55 -58.62 -14.68 20.50
C PHE D 55 -58.31 -15.77 19.49
N ASP D 56 -58.93 -15.68 18.33
CA ASP D 56 -58.68 -16.60 17.23
C ASP D 56 -58.28 -15.80 16.01
N VAL D 57 -57.18 -16.22 15.38
CA VAL D 57 -56.58 -15.50 14.27
C VAL D 57 -56.74 -16.36 13.01
N THR D 58 -57.11 -15.73 11.90
CA THR D 58 -57.23 -16.46 10.65
C THR D 58 -56.01 -16.18 9.79
N PRO D 59 -55.11 -17.13 9.59
CA PRO D 59 -54.00 -16.92 8.68
C PRO D 59 -54.45 -16.98 7.23
N ALA D 60 -53.64 -16.38 6.37
CA ALA D 60 -53.92 -16.41 4.94
C ALA D 60 -53.50 -17.74 4.33
N ASN D 61 -54.25 -18.17 3.32
CA ASN D 61 -53.96 -19.43 2.65
C ASN D 61 -53.07 -19.13 1.44
N VAL D 62 -51.79 -18.94 1.71
CA VAL D 62 -50.82 -18.62 0.68
C VAL D 62 -49.62 -19.56 0.79
N GLY D 63 -49.30 -20.24 -0.31
CA GLY D 63 -48.04 -20.95 -0.45
C GLY D 63 -47.91 -22.17 0.44
N ILE D 64 -46.73 -22.33 1.04
CA ILE D 64 -46.44 -23.36 2.01
C ILE D 64 -46.14 -22.66 3.32
N VAL D 65 -47.04 -22.78 4.29
CA VAL D 65 -46.92 -22.04 5.54
C VAL D 65 -45.89 -22.73 6.43
N LYS D 66 -44.98 -21.95 7.00
CA LYS D 66 -43.91 -22.49 7.81
C LYS D 66 -44.05 -22.22 9.29
N GLY D 67 -44.79 -21.19 9.68
CA GLY D 67 -44.94 -20.90 11.09
C GLY D 67 -45.37 -19.47 11.31
N PHE D 68 -45.50 -19.13 12.58
CA PHE D 68 -46.06 -17.85 13.00
C PHE D 68 -45.18 -17.20 14.07
N LEU D 69 -44.97 -15.89 13.93
CA LEU D 69 -44.24 -15.10 14.92
C LEU D 69 -45.25 -14.21 15.65
N VAL D 70 -45.35 -14.39 16.95
CA VAL D 70 -46.39 -13.76 17.76
C VAL D 70 -45.72 -12.82 18.74
N LYS D 71 -45.81 -11.52 18.48
CA LYS D 71 -45.33 -10.50 19.40
C LYS D 71 -46.45 -10.13 20.37
N VAL D 72 -46.17 -10.20 21.67
CA VAL D 72 -47.12 -9.81 22.69
C VAL D 72 -46.50 -8.69 23.51
N THR D 73 -47.19 -7.55 23.56
CA THR D 73 -46.78 -6.42 24.37
C THR D 73 -47.86 -6.18 25.42
N ALA D 74 -47.44 -5.89 26.66
CA ALA D 74 -48.39 -5.67 27.73
C ALA D 74 -47.93 -4.50 28.59
N ALA D 75 -48.87 -3.95 29.35
CA ALA D 75 -48.61 -2.92 30.34
C ALA D 75 -49.32 -3.29 31.63
N ILE D 76 -48.60 -3.27 32.75
CA ILE D 76 -49.10 -3.79 34.01
C ILE D 76 -49.01 -2.69 35.06
N LYS D 77 -50.13 -2.35 35.66
CA LYS D 77 -50.21 -1.39 36.75
C LYS D 77 -50.24 -2.13 38.09
N ASN D 78 -49.61 -1.54 39.11
CA ASN D 78 -49.61 -2.07 40.46
C ASN D 78 -50.21 -0.99 41.36
N ASN D 79 -51.46 -1.18 41.79
CA ASN D 79 -52.19 -0.17 42.53
C ASN D 79 -52.12 -0.37 44.04
N HIS D 80 -51.14 -1.13 44.53
CA HIS D 80 -50.99 -1.30 45.95
C HIS D 80 -50.41 -0.04 46.59
N ALA D 81 -50.69 0.13 47.88
CA ALA D 81 -50.27 1.36 48.55
C ALA D 81 -48.81 1.29 49.00
N THR D 82 -48.36 0.13 49.46
CA THR D 82 -47.00 0.01 49.98
C THR D 82 -46.18 -1.08 49.32
N GLU D 83 -46.78 -2.20 48.96
CA GLU D 83 -46.02 -3.39 48.58
C GLU D 83 -45.78 -3.46 47.08
N ALA D 84 -44.71 -4.14 46.71
CA ALA D 84 -44.30 -4.33 45.32
C ALA D 84 -44.41 -5.81 44.94
N VAL D 85 -44.28 -6.08 43.65
CA VAL D 85 -44.25 -7.43 43.12
C VAL D 85 -42.94 -7.63 42.38
N ALA D 86 -42.63 -8.90 42.11
CA ALA D 86 -41.39 -9.27 41.43
C ALA D 86 -41.68 -10.38 40.45
N LEU D 87 -40.81 -10.50 39.44
CA LEU D 87 -40.98 -11.46 38.37
C LEU D 87 -40.89 -12.89 38.87
N THR D 88 -41.68 -13.76 38.26
CA THR D 88 -41.56 -15.19 38.51
C THR D 88 -40.43 -15.77 37.65
N ASP D 89 -40.21 -17.08 37.78
CA ASP D 89 -39.13 -17.71 37.02
C ASP D 89 -39.47 -17.82 35.54
N PHE D 90 -40.74 -17.97 35.21
CA PHE D 90 -41.11 -18.06 33.80
C PHE D 90 -41.40 -16.69 33.22
N GLY D 91 -41.97 -15.79 34.01
CA GLY D 91 -42.03 -14.39 33.71
C GLY D 91 -42.89 -14.02 32.53
N PRO D 92 -42.31 -13.31 31.56
CA PRO D 92 -43.09 -12.86 30.39
C PRO D 92 -43.47 -13.99 29.45
N ALA D 93 -42.91 -15.20 29.61
CA ALA D 93 -43.34 -16.33 28.80
C ALA D 93 -44.73 -16.81 29.17
N ASN D 94 -45.26 -16.39 30.32
CA ASN D 94 -46.62 -16.67 30.73
C ASN D 94 -47.61 -15.59 30.32
N LEU D 95 -47.23 -14.72 29.39
CA LEU D 95 -48.18 -13.76 28.85
C LEU D 95 -49.22 -14.45 27.98
N VAL D 96 -48.80 -15.47 27.25
CA VAL D 96 -49.70 -16.35 26.51
C VAL D 96 -49.89 -17.61 27.33
N GLN D 97 -51.15 -17.98 27.56
CA GLN D 97 -51.44 -19.17 28.34
C GLN D 97 -51.59 -20.43 27.49
N ARG D 98 -52.13 -20.31 26.28
CA ARG D 98 -52.28 -21.45 25.38
C ARG D 98 -52.08 -21.00 23.95
N VAL D 99 -51.49 -21.88 23.14
CA VAL D 99 -51.38 -21.70 21.70
C VAL D 99 -51.98 -22.93 21.05
N ILE D 100 -53.06 -22.76 20.30
CA ILE D 100 -53.69 -23.86 19.57
C ILE D 100 -53.70 -23.50 18.10
N TYR D 101 -53.14 -24.38 17.27
CA TYR D 101 -53.21 -24.26 15.82
C TYR D 101 -53.97 -25.45 15.26
N TYR D 102 -54.80 -25.20 14.26
CA TYR D 102 -55.55 -26.24 13.58
C TYR D 102 -55.32 -26.16 12.08
N ASP D 103 -54.93 -27.29 11.49
CA ASP D 103 -54.82 -27.45 10.06
C ASP D 103 -56.19 -27.24 9.40
N PRO D 104 -56.22 -26.80 8.14
CA PRO D 104 -57.50 -26.66 7.44
C PRO D 104 -58.30 -27.95 7.24
N ASP D 105 -57.73 -29.13 7.49
CA ASP D 105 -58.48 -30.37 7.45
C ASP D 105 -58.80 -30.87 8.86
N ASN D 106 -58.88 -29.93 9.82
CA ASN D 106 -59.21 -30.17 11.22
C ASN D 106 -58.22 -31.13 11.89
N GLN D 107 -56.93 -30.85 11.72
CA GLN D 107 -55.87 -31.58 12.38
C GLN D 107 -55.19 -30.66 13.40
N ARG D 108 -55.22 -31.07 14.66
CA ARG D 108 -54.57 -30.31 15.72
C ARG D 108 -53.05 -30.43 15.58
N HIS D 109 -52.38 -29.29 15.44
CA HIS D 109 -50.92 -29.29 15.37
C HIS D 109 -50.29 -29.02 16.72
N THR D 110 -50.48 -27.84 17.29
CA THR D 110 -49.79 -27.46 18.51
C THR D 110 -50.83 -27.11 19.57
N GLU D 111 -50.69 -27.67 20.76
CA GLU D 111 -51.57 -27.29 21.87
C GLU D 111 -50.79 -27.18 23.18
N THR D 112 -49.71 -26.41 23.17
CA THR D 112 -48.92 -26.24 24.38
C THR D 112 -49.43 -25.08 25.21
N SER D 113 -48.67 -24.75 26.25
CA SER D 113 -48.81 -23.52 26.99
C SER D 113 -47.82 -22.51 26.44
N GLY D 114 -47.67 -21.39 27.14
CA GLY D 114 -46.73 -20.38 26.71
C GLY D 114 -45.31 -20.71 27.11
N TRP D 115 -45.12 -21.24 28.32
CA TRP D 115 -43.77 -21.56 28.78
C TRP D 115 -43.18 -22.73 28.03
N HIS D 116 -44.01 -23.68 27.59
CA HIS D 116 -43.46 -24.83 26.86
C HIS D 116 -43.08 -24.45 25.45
N LEU D 117 -43.86 -23.59 24.80
CA LEU D 117 -43.51 -23.11 23.47
C LEU D 117 -42.26 -22.26 23.50
N HIS D 118 -42.02 -21.55 24.61
CA HIS D 118 -40.80 -20.77 24.73
C HIS D 118 -39.57 -21.64 24.91
N PHE D 119 -39.69 -22.73 25.66
CA PHE D 119 -38.53 -23.58 25.94
C PHE D 119 -38.11 -24.41 24.73
N VAL D 120 -39.05 -24.77 23.86
CA VAL D 120 -38.70 -25.43 22.62
C VAL D 120 -38.05 -24.44 21.67
N ASN D 121 -38.42 -23.16 21.76
CA ASN D 121 -37.75 -22.12 21.00
C ASN D 121 -36.32 -21.94 21.48
N THR D 122 -36.09 -22.03 22.79
CA THR D 122 -34.74 -22.03 23.32
C THR D 122 -33.96 -23.27 22.90
N ALA D 123 -34.59 -24.44 22.97
CA ALA D 123 -33.91 -25.69 22.72
C ALA D 123 -33.56 -25.89 21.25
N LYS D 124 -34.21 -25.19 20.34
CA LYS D 124 -33.89 -25.36 18.93
C LYS D 124 -32.98 -24.25 18.40
N GLN D 125 -32.79 -23.17 19.15
CA GLN D 125 -31.83 -22.15 18.77
C GLN D 125 -30.42 -22.48 19.26
N GLY D 126 -30.30 -23.03 20.46
CA GLY D 126 -29.02 -23.22 21.10
C GLY D 126 -28.67 -22.15 22.10
N ALA D 127 -29.58 -21.21 22.33
CA ALA D 127 -29.40 -20.12 23.28
C ALA D 127 -30.79 -19.75 23.75
N PRO D 128 -30.90 -18.96 24.83
CA PRO D 128 -32.21 -18.39 25.18
C PRO D 128 -32.80 -17.58 24.03
N PHE D 129 -34.10 -17.76 23.80
CA PHE D 129 -34.74 -17.35 22.55
C PHE D 129 -34.81 -15.84 22.44
N LEU D 130 -34.24 -15.32 21.34
CA LEU D 130 -34.23 -13.90 20.97
C LEU D 130 -33.60 -13.04 22.05
N SER D 131 -32.54 -13.55 22.67
CA SER D 131 -31.83 -12.84 23.72
C SER D 131 -30.59 -12.16 23.15
N SER D 132 -29.94 -11.38 23.99
CA SER D 132 -28.67 -10.74 23.64
C SER D 132 -27.62 -11.14 24.66
N MET D 133 -26.49 -11.61 24.16
CA MET D 133 -25.40 -12.04 25.04
C MET D 133 -24.63 -10.82 25.54
N VAL D 134 -24.37 -10.79 26.85
CA VAL D 134 -23.54 -9.76 27.44
C VAL D 134 -22.09 -10.02 27.02
N THR D 135 -21.46 -9.01 26.42
CA THR D 135 -20.09 -9.11 25.93
C THR D 135 -19.23 -8.00 26.53
N ASP D 136 -17.96 -8.01 26.15
CA ASP D 136 -16.98 -7.03 26.59
C ASP D 136 -16.74 -5.95 25.54
N SER D 137 -17.55 -5.91 24.49
CA SER D 137 -17.28 -5.01 23.38
C SER D 137 -17.55 -3.56 23.77
N PRO D 138 -16.69 -2.63 23.36
CA PRO D 138 -16.97 -1.21 23.59
C PRO D 138 -17.93 -0.61 22.59
N ILE D 139 -18.07 -1.23 21.41
CA ILE D 139 -19.13 -0.86 20.49
C ILE D 139 -20.46 -1.25 21.10
N LYS D 140 -21.40 -0.31 21.15
CA LYS D 140 -22.61 -0.45 21.96
C LYS D 140 -23.59 -1.40 21.28
N TYR D 141 -23.27 -2.69 21.35
CA TYR D 141 -24.26 -3.74 21.16
C TYR D 141 -25.00 -3.96 22.47
N GLY D 142 -25.82 -5.00 22.54
CA GLY D 142 -26.42 -5.36 23.80
C GLY D 142 -27.92 -5.37 23.79
N ASP D 143 -28.54 -4.70 24.74
CA ASP D 143 -29.99 -4.61 24.82
C ASP D 143 -30.39 -3.23 24.32
N VAL D 144 -30.59 -3.12 23.02
CA VAL D 144 -30.92 -1.85 22.37
C VAL D 144 -32.41 -1.78 22.05
N MET D 145 -32.94 -2.80 21.38
CA MET D 145 -34.30 -2.75 20.89
C MET D 145 -35.31 -3.39 21.84
N ASN D 146 -34.85 -4.17 22.82
CA ASN D 146 -35.67 -4.84 23.83
C ASN D 146 -36.71 -5.77 23.19
N VAL D 147 -36.21 -6.79 22.49
CA VAL D 147 -37.07 -7.75 21.80
C VAL D 147 -37.87 -8.57 22.80
N ILE D 148 -37.22 -9.05 23.86
CA ILE D 148 -37.91 -9.65 24.99
C ILE D 148 -37.50 -8.86 26.23
N ASP D 149 -38.47 -8.25 26.89
CA ASP D 149 -38.18 -7.32 27.97
C ASP D 149 -39.30 -7.39 29.01
N ALA D 150 -38.93 -7.24 30.27
CA ALA D 150 -39.82 -7.24 31.41
C ALA D 150 -39.08 -6.65 32.61
N PRO D 151 -39.67 -5.70 33.33
CA PRO D 151 -39.00 -5.19 34.54
C PRO D 151 -38.97 -6.25 35.63
N ALA D 152 -37.84 -6.31 36.34
CA ALA D 152 -37.65 -7.34 37.36
C ALA D 152 -38.53 -7.11 38.57
N THR D 153 -38.92 -5.87 38.82
CA THR D 153 -39.90 -5.57 39.85
C THR D 153 -40.75 -4.39 39.40
N ILE D 154 -41.95 -4.31 39.97
CA ILE D 154 -42.84 -3.17 39.75
C ILE D 154 -43.23 -2.66 41.13
N ALA D 155 -42.88 -1.41 41.42
CA ALA D 155 -43.09 -0.85 42.74
C ALA D 155 -44.55 -0.46 42.93
N ALA D 156 -44.87 0.01 44.12
CA ALA D 156 -46.23 0.43 44.45
C ALA D 156 -46.57 1.73 43.72
N GLY D 157 -47.53 1.66 42.81
CA GLY D 157 -47.93 2.83 42.07
C GLY D 157 -47.22 3.04 40.76
N ALA D 158 -46.57 2.02 40.22
CA ALA D 158 -45.79 2.13 39.00
C ALA D 158 -46.38 1.26 37.91
N THR D 159 -45.84 1.40 36.71
CA THR D 159 -46.28 0.69 35.53
C THR D 159 -45.07 0.02 34.90
N GLY D 160 -45.27 -1.19 34.41
CA GLY D 160 -44.20 -1.92 33.72
C GLY D 160 -44.63 -2.36 32.35
N GLU D 161 -43.71 -2.27 31.40
CA GLU D 161 -43.95 -2.64 30.01
C GLU D 161 -43.28 -3.97 29.72
N LEU D 162 -44.06 -4.92 29.21
CA LEU D 162 -43.56 -6.24 28.87
C LEU D 162 -43.59 -6.42 27.36
N THR D 163 -42.64 -7.22 26.86
CA THR D 163 -42.60 -7.58 25.45
C THR D 163 -42.14 -9.02 25.37
N MET D 164 -42.77 -9.80 24.50
CA MET D 164 -42.49 -11.21 24.42
C MET D 164 -42.77 -11.68 23.00
N TYR D 165 -41.94 -12.60 22.52
CA TYR D 165 -42.08 -13.14 21.18
C TYR D 165 -42.20 -14.66 21.25
N TYR D 166 -43.03 -15.22 20.39
CA TYR D 166 -43.23 -16.66 20.29
C TYR D 166 -43.14 -17.08 18.85
N TRP D 167 -42.33 -18.09 18.56
CA TRP D 167 -42.34 -18.73 17.26
C TRP D 167 -43.22 -19.97 17.37
N VAL D 168 -44.39 -19.92 16.75
CA VAL D 168 -45.28 -21.09 16.66
C VAL D 168 -44.85 -21.87 15.43
N PRO D 169 -44.26 -23.06 15.58
CA PRO D 169 -43.69 -23.75 14.43
C PRO D 169 -44.67 -24.65 13.70
N LEU D 170 -44.60 -24.62 12.38
CA LEU D 170 -45.27 -25.60 11.56
C LEU D 170 -44.26 -26.50 10.87
N ALA D 171 -43.35 -25.94 10.09
CA ALA D 171 -42.23 -26.70 9.60
C ALA D 171 -41.22 -26.89 10.73
N TYR D 172 -40.41 -27.95 10.61
CA TYR D 172 -39.49 -28.28 11.68
C TYR D 172 -38.35 -27.28 11.77
N SER D 173 -37.79 -26.88 10.62
CA SER D 173 -36.75 -25.86 10.58
C SER D 173 -36.87 -25.14 9.25
N GLU D 174 -35.98 -24.15 9.05
CA GLU D 174 -35.96 -23.44 7.78
C GLU D 174 -35.31 -24.25 6.67
N THR D 175 -34.67 -25.37 6.98
CA THR D 175 -34.12 -26.25 5.97
C THR D 175 -34.77 -27.62 5.95
N ASP D 176 -35.80 -27.85 6.77
CA ASP D 176 -36.54 -29.10 6.79
C ASP D 176 -38.03 -28.76 6.78
N LEU D 177 -38.73 -29.12 5.70
CA LEU D 177 -40.13 -28.77 5.52
C LEU D 177 -41.08 -29.78 6.11
N THR D 178 -40.62 -30.62 7.03
CA THR D 178 -41.47 -31.61 7.65
C THR D 178 -42.43 -30.95 8.63
N GLY D 179 -43.73 -31.07 8.34
CA GLY D 179 -44.75 -30.48 9.17
C GLY D 179 -45.37 -29.22 8.63
N ALA D 180 -44.89 -28.71 7.50
CA ALA D 180 -45.43 -27.49 6.94
C ALA D 180 -46.79 -27.75 6.28
N VAL D 181 -47.55 -26.67 6.14
CA VAL D 181 -48.93 -26.75 5.69
C VAL D 181 -49.02 -26.18 4.28
N LEU D 182 -49.45 -27.00 3.33
CA LEU D 182 -49.70 -26.54 1.97
C LEU D 182 -50.99 -25.73 1.94
N ALA D 183 -50.92 -24.51 1.39
CA ALA D 183 -52.07 -23.63 1.46
C ALA D 183 -52.38 -22.89 0.17
N ASN D 184 -51.75 -23.23 -0.96
CA ASN D 184 -52.06 -22.58 -2.22
C ASN D 184 -53.14 -23.33 -3.00
N VAL D 185 -53.80 -24.28 -2.37
CA VAL D 185 -54.88 -25.09 -2.93
C VAL D 185 -56.16 -24.51 -2.33
N PRO D 186 -57.31 -24.54 -3.00
CA PRO D 186 -58.54 -24.13 -2.32
C PRO D 186 -58.99 -25.16 -1.29
N GLN D 187 -58.80 -24.82 -0.02
CA GLN D 187 -59.34 -25.60 1.09
C GLN D 187 -60.02 -24.64 2.06
N SER D 188 -60.46 -25.13 3.22
CA SER D 188 -61.40 -24.38 4.05
C SER D 188 -60.84 -23.08 4.62
N LYS D 189 -60.02 -23.19 5.67
CA LYS D 189 -59.20 -22.13 6.27
C LYS D 189 -58.43 -22.71 7.45
N GLN D 190 -57.29 -22.11 7.76
CA GLN D 190 -56.52 -22.52 8.93
C GLN D 190 -56.92 -21.67 10.13
N ARG D 191 -56.48 -22.09 11.31
CA ARG D 191 -57.02 -21.55 12.54
C ARG D 191 -55.94 -21.51 13.60
N LEU D 192 -55.71 -20.35 14.18
CA LEU D 192 -54.69 -20.16 15.21
C LEU D 192 -55.34 -19.52 16.43
N LYS D 193 -55.48 -20.30 17.50
CA LYS D 193 -56.15 -19.86 18.71
C LYS D 193 -55.12 -19.44 19.75
N LEU D 194 -55.30 -18.25 20.32
CA LEU D 194 -54.38 -17.73 21.33
C LEU D 194 -55.16 -17.36 22.58
N GLU D 195 -54.80 -17.97 23.70
CA GLU D 195 -55.30 -17.58 25.01
C GLU D 195 -54.24 -16.73 25.69
N PHE D 196 -54.68 -15.66 26.34
CA PHE D 196 -53.77 -14.71 26.95
C PHE D 196 -53.96 -14.70 28.46
N ALA D 197 -52.96 -14.18 29.15
CA ALA D 197 -53.04 -14.06 30.60
C ALA D 197 -53.99 -12.94 30.96
N ASN D 198 -55.01 -13.26 31.74
CA ASN D 198 -55.92 -12.26 32.25
C ASN D 198 -55.47 -11.84 33.65
N ASN D 199 -56.32 -11.09 34.35
CA ASN D 199 -55.98 -10.57 35.67
C ASN D 199 -56.11 -11.59 36.78
N ASN D 200 -56.49 -12.83 36.46
CA ASN D 200 -56.50 -13.93 37.41
C ASN D 200 -55.23 -14.77 37.32
N THR D 201 -54.86 -15.20 36.12
CA THR D 201 -53.68 -16.04 35.93
C THR D 201 -52.43 -15.22 35.58
N ALA D 202 -52.17 -14.14 36.30
CA ALA D 202 -50.92 -13.41 36.07
C ALA D 202 -50.26 -12.87 37.33
N PHE D 203 -50.94 -12.80 38.47
CA PHE D 203 -50.40 -12.19 39.67
C PHE D 203 -50.65 -13.12 40.85
N ALA D 204 -49.65 -13.91 41.20
CA ALA D 204 -49.75 -14.86 42.29
C ALA D 204 -49.41 -14.19 43.61
N ALA D 205 -50.09 -14.61 44.67
CA ALA D 205 -49.80 -14.12 46.00
C ALA D 205 -48.57 -14.84 46.56
N VAL D 206 -48.12 -14.42 47.74
CA VAL D 206 -47.01 -15.12 48.39
C VAL D 206 -47.50 -16.46 48.91
N GLY D 207 -46.76 -17.52 48.59
CA GLY D 207 -47.16 -18.86 48.91
C GLY D 207 -47.87 -19.59 47.78
N ALA D 208 -48.53 -18.87 46.88
CA ALA D 208 -49.25 -19.50 45.79
C ALA D 208 -48.28 -20.02 44.73
N ASN D 209 -48.81 -20.86 43.84
CA ASN D 209 -48.03 -21.53 42.82
C ASN D 209 -47.68 -20.57 41.68
N PRO D 210 -46.41 -20.20 41.53
CA PRO D 210 -46.05 -19.22 40.50
C PRO D 210 -45.72 -19.87 39.16
N LEU D 211 -46.51 -20.85 38.74
CA LEU D 211 -46.20 -21.57 37.52
C LEU D 211 -46.76 -20.87 36.30
N GLU D 212 -48.02 -20.45 36.36
CA GLU D 212 -48.67 -19.74 35.27
C GLU D 212 -48.64 -18.24 35.46
N ALA D 213 -48.11 -17.75 36.57
CA ALA D 213 -48.11 -16.33 36.86
C ALA D 213 -46.98 -15.62 36.11
N ILE D 214 -47.04 -14.29 36.11
CA ILE D 214 -45.99 -13.46 35.58
C ILE D 214 -45.27 -12.71 36.70
N TYR D 215 -46.01 -12.17 37.65
CA TYR D 215 -45.44 -11.49 38.79
C TYR D 215 -45.97 -12.11 40.08
N GLN D 216 -45.17 -12.01 41.14
CA GLN D 216 -45.55 -12.52 42.44
C GLN D 216 -45.05 -11.57 43.51
N GLY D 217 -45.86 -11.36 44.54
CA GLY D 217 -45.44 -10.49 45.62
C GLY D 217 -46.60 -10.20 46.54
N ALA D 218 -46.31 -9.37 47.54
CA ALA D 218 -47.30 -9.00 48.55
C ALA D 218 -48.26 -7.93 48.06
N GLY D 219 -48.06 -7.38 46.87
CA GLY D 219 -48.97 -6.41 46.32
C GLY D 219 -49.66 -6.90 45.07
N ALA D 220 -49.75 -8.22 44.93
CA ALA D 220 -50.32 -8.81 43.72
C ALA D 220 -51.83 -8.79 43.70
N ALA D 221 -52.49 -8.44 44.80
CA ALA D 221 -53.94 -8.31 44.80
C ALA D 221 -54.38 -7.07 44.02
N ASP D 222 -53.58 -6.01 44.06
CA ASP D 222 -53.92 -4.74 43.41
C ASP D 222 -53.17 -4.55 42.10
N CYS D 223 -52.67 -5.62 41.50
CA CYS D 223 -52.02 -5.56 40.21
C CYS D 223 -53.04 -5.87 39.12
N GLU D 224 -52.97 -5.13 38.02
CA GLU D 224 -53.92 -5.33 36.94
C GLU D 224 -53.28 -4.92 35.62
N PHE D 225 -53.73 -5.58 34.56
CA PHE D 225 -53.29 -5.21 33.22
C PHE D 225 -53.93 -3.90 32.80
N GLU D 226 -53.12 -2.99 32.28
CA GLU D 226 -53.67 -1.81 31.61
C GLU D 226 -54.09 -2.15 30.19
N GLU D 227 -53.32 -3.01 29.53
CA GLU D 227 -53.34 -3.13 28.09
C GLU D 227 -52.55 -4.36 27.69
N ILE D 228 -53.09 -5.15 26.76
CA ILE D 228 -52.33 -6.17 26.07
C ILE D 228 -52.59 -6.02 24.59
N SER D 229 -51.53 -5.90 23.80
CA SER D 229 -51.62 -5.88 22.35
C SER D 229 -50.83 -7.04 21.79
N TYR D 230 -51.33 -7.65 20.72
CA TYR D 230 -50.63 -8.72 20.05
C TYR D 230 -50.54 -8.44 18.57
N THR D 231 -49.49 -8.96 17.95
CA THR D 231 -49.31 -8.90 16.51
C THR D 231 -48.87 -10.27 16.04
N VAL D 232 -49.52 -10.79 15.02
CA VAL D 232 -49.20 -12.10 14.46
C VAL D 232 -48.61 -11.90 13.08
N TYR D 233 -47.47 -12.53 12.83
CA TYR D 233 -46.84 -12.55 11.53
C TYR D 233 -46.88 -13.97 10.98
N GLN D 234 -46.93 -14.11 9.67
CA GLN D 234 -47.00 -15.43 9.04
C GLN D 234 -45.84 -15.59 8.09
N SER D 235 -45.02 -16.60 8.32
CA SER D 235 -43.88 -16.90 7.48
C SER D 235 -44.23 -18.05 6.55
N TYR D 236 -44.07 -17.84 5.26
CA TYR D 236 -44.45 -18.85 4.28
C TYR D 236 -43.52 -18.73 3.08
N LEU D 237 -43.56 -19.76 2.23
CA LEU D 237 -42.81 -19.80 0.99
C LEU D 237 -43.75 -19.53 -0.18
N ASP D 238 -43.32 -18.67 -1.10
CA ASP D 238 -44.07 -18.44 -2.34
C ASP D 238 -43.11 -18.68 -3.51
N GLN D 239 -43.56 -18.35 -4.72
CA GLN D 239 -43.01 -18.78 -6.02
C GLN D 239 -42.54 -20.23 -6.00
N LEU D 240 -43.50 -21.11 -5.72
CA LEU D 240 -43.25 -22.53 -5.67
C LEU D 240 -42.93 -23.07 -7.05
N PRO D 241 -42.07 -24.09 -7.15
CA PRO D 241 -41.73 -24.65 -8.46
C PRO D 241 -42.89 -25.40 -9.09
N VAL D 242 -42.93 -25.35 -10.42
CA VAL D 242 -43.97 -26.01 -11.20
C VAL D 242 -43.26 -26.86 -12.24
N GLY D 243 -43.57 -28.16 -12.25
CA GLY D 243 -43.06 -29.08 -13.24
C GLY D 243 -44.08 -29.40 -14.31
N GLN D 244 -43.90 -30.57 -14.93
CA GLN D 244 -44.87 -31.01 -15.94
C GLN D 244 -46.17 -31.45 -15.31
N ASN D 245 -46.10 -32.19 -14.21
CA ASN D 245 -47.29 -32.66 -13.51
C ASN D 245 -47.63 -31.73 -12.35
N GLY D 246 -47.78 -30.44 -12.66
CA GLY D 246 -48.19 -29.48 -11.66
C GLY D 246 -47.05 -29.09 -10.73
N TYR D 247 -47.41 -28.82 -9.48
CA TYR D 247 -46.46 -28.35 -8.48
C TYR D 247 -45.56 -29.49 -8.01
N ILE D 248 -44.27 -29.20 -7.90
CA ILE D 248 -43.30 -30.14 -7.34
C ILE D 248 -43.31 -29.96 -5.83
N LEU D 249 -43.79 -30.96 -5.11
CA LEU D 249 -44.00 -30.81 -3.68
C LEU D 249 -43.45 -31.99 -2.91
N PRO D 250 -42.87 -31.77 -1.73
CA PRO D 250 -42.46 -32.87 -0.85
C PRO D 250 -43.63 -33.52 -0.14
N LEU D 251 -44.23 -34.54 -0.77
CA LEU D 251 -45.53 -35.05 -0.35
C LEU D 251 -45.50 -35.73 1.02
N ILE D 252 -44.35 -36.25 1.45
CA ILE D 252 -44.29 -36.86 2.78
C ILE D 252 -44.12 -35.79 3.85
N ASP D 253 -43.38 -34.73 3.55
CA ASP D 253 -43.18 -33.64 4.51
C ASP D 253 -44.46 -32.87 4.75
N LEU D 254 -45.27 -32.68 3.72
CA LEU D 254 -46.54 -31.98 3.88
C LEU D 254 -47.60 -32.88 4.51
N SER D 255 -47.42 -34.20 4.48
CA SER D 255 -48.32 -35.12 5.15
C SER D 255 -47.96 -35.36 6.60
N THR D 256 -46.67 -35.25 6.94
CA THR D 256 -46.24 -35.41 8.31
C THR D 256 -46.63 -34.17 9.12
N LEU D 257 -46.95 -34.38 10.39
CA LEU D 257 -47.31 -33.30 11.30
C LEU D 257 -46.20 -33.13 12.34
N TYR D 258 -45.66 -31.92 12.45
CA TYR D 258 -44.72 -31.58 13.51
C TYR D 258 -45.51 -30.91 14.62
N ASN D 259 -45.64 -31.60 15.74
CA ASN D 259 -46.56 -31.20 16.78
C ASN D 259 -45.82 -30.95 18.08
N LEU D 260 -46.43 -30.12 18.92
CA LEU D 260 -45.95 -29.80 20.24
C LEU D 260 -47.14 -29.81 21.17
N GLU D 261 -47.06 -30.51 22.29
CA GLU D 261 -48.21 -30.56 23.18
C GLU D 261 -47.79 -30.68 24.63
N ASN D 262 -48.62 -30.13 25.50
CA ASN D 262 -48.43 -30.07 26.94
C ASN D 262 -49.22 -31.20 27.60
N SER D 263 -48.79 -31.58 28.80
CA SER D 263 -49.50 -32.59 29.58
C SER D 263 -49.15 -32.41 31.06
N ALA D 264 -49.63 -33.34 31.88
CA ALA D 264 -49.35 -33.37 33.31
C ALA D 264 -49.66 -34.76 33.84
N GLN D 265 -49.03 -35.09 34.97
CA GLN D 265 -49.27 -36.34 35.67
C GLN D 265 -49.05 -36.10 37.15
N ALA D 266 -49.76 -36.86 37.98
CA ALA D 266 -49.66 -36.71 39.43
C ALA D 266 -49.46 -38.07 40.07
N GLY D 267 -49.37 -38.08 41.39
CA GLY D 267 -49.21 -39.32 42.14
C GLY D 267 -47.78 -39.76 42.32
N LEU D 268 -46.94 -38.90 42.90
CA LEU D 268 -45.54 -39.22 43.14
C LEU D 268 -45.34 -39.59 44.61
N THR D 269 -44.31 -40.40 44.85
CA THR D 269 -44.01 -40.93 46.16
C THR D 269 -42.50 -40.82 46.33
N PRO D 270 -42.01 -40.44 47.52
CA PRO D 270 -40.56 -40.30 47.72
C PRO D 270 -39.82 -41.62 47.60
N ASN D 271 -38.68 -41.57 46.89
CA ASN D 271 -37.76 -42.68 46.64
C ASN D 271 -38.41 -43.84 45.89
N VAL D 272 -39.44 -43.53 45.08
CA VAL D 272 -40.11 -44.51 44.23
C VAL D 272 -40.02 -44.01 42.80
N ASP D 273 -39.75 -44.92 41.87
CA ASP D 273 -39.67 -44.56 40.45
C ASP D 273 -41.05 -44.20 39.93
N PHE D 274 -41.16 -43.00 39.36
CA PHE D 274 -42.39 -42.52 38.75
C PHE D 274 -42.19 -42.53 37.24
N VAL D 275 -42.84 -43.45 36.56
CA VAL D 275 -42.66 -43.64 35.12
C VAL D 275 -43.78 -42.92 34.38
N VAL D 276 -43.40 -42.16 33.35
CA VAL D 276 -44.34 -41.53 32.44
C VAL D 276 -44.16 -42.21 31.10
N GLN D 277 -45.11 -43.06 30.73
CA GLN D 277 -44.99 -43.86 29.53
C GLN D 277 -45.21 -43.01 28.29
N TYR D 278 -44.38 -43.25 27.27
CA TYR D 278 -44.63 -42.69 25.95
C TYR D 278 -45.70 -43.56 25.29
N ALA D 279 -46.94 -43.10 25.35
CA ALA D 279 -48.02 -43.74 24.60
C ALA D 279 -47.95 -43.28 23.16
N ASN D 280 -49.00 -43.56 22.36
CA ASN D 280 -49.30 -42.79 21.16
C ASN D 280 -48.22 -42.82 20.10
N LEU D 281 -48.15 -43.87 19.26
CA LEU D 281 -46.95 -44.20 18.50
C LEU D 281 -46.50 -43.13 17.51
N TYR D 282 -45.99 -42.04 18.09
CA TYR D 282 -45.34 -40.93 17.42
C TYR D 282 -43.84 -41.16 17.39
N ARG D 283 -43.11 -40.20 16.84
CA ARG D 283 -41.65 -40.18 16.88
C ARG D 283 -41.24 -38.98 17.73
N TYR D 284 -40.97 -39.23 19.00
CA TYR D 284 -40.77 -38.16 19.97
C TYR D 284 -39.38 -37.55 19.81
N LEU D 285 -39.34 -36.22 19.66
CA LEU D 285 -38.10 -35.50 19.42
C LEU D 285 -37.48 -34.92 20.68
N SER D 286 -38.29 -34.44 21.62
CA SER D 286 -37.75 -33.97 22.88
C SER D 286 -38.81 -34.12 23.95
N THR D 287 -38.35 -34.01 25.20
CA THR D 287 -39.21 -34.11 26.36
C THR D 287 -38.78 -33.04 27.35
N ILE D 288 -39.74 -32.30 27.88
CA ILE D 288 -39.50 -31.32 28.93
C ILE D 288 -40.35 -31.71 30.12
N ALA D 289 -39.72 -31.92 31.26
CA ALA D 289 -40.39 -32.23 32.50
C ALA D 289 -40.19 -31.10 33.49
N VAL D 290 -41.28 -30.62 34.07
CA VAL D 290 -41.24 -29.60 35.09
C VAL D 290 -41.74 -30.23 36.37
N PHE D 291 -40.95 -30.13 37.45
CA PHE D 291 -41.31 -30.74 38.72
C PHE D 291 -41.91 -29.66 39.60
N ASP D 292 -43.20 -29.43 39.40
CA ASP D 292 -43.96 -28.57 40.31
C ASP D 292 -44.19 -29.35 41.60
N ASN D 293 -43.50 -28.94 42.66
CA ASN D 293 -43.52 -29.65 43.94
C ASN D 293 -44.51 -29.03 44.91
N GLY D 294 -45.68 -28.62 44.42
CA GLY D 294 -46.68 -28.02 45.27
C GLY D 294 -46.36 -26.56 45.54
N GLY D 295 -46.18 -25.77 44.49
CA GLY D 295 -45.82 -24.38 44.62
C GLY D 295 -44.35 -24.12 44.81
N SER D 296 -43.54 -25.15 45.02
CA SER D 296 -42.10 -25.02 45.19
C SER D 296 -41.38 -25.53 43.96
N PHE D 297 -40.38 -24.79 43.52
CA PHE D 297 -39.50 -25.20 42.44
C PHE D 297 -38.08 -25.22 42.95
N ASN D 298 -37.37 -26.32 42.74
CA ASN D 298 -36.07 -26.51 43.34
C ASN D 298 -35.04 -26.81 42.26
N ALA D 299 -33.78 -26.52 42.57
CA ALA D 299 -32.68 -26.68 41.63
C ALA D 299 -32.04 -28.07 41.78
N GLY D 300 -32.84 -29.08 41.50
CA GLY D 300 -32.38 -30.45 41.51
C GLY D 300 -32.25 -31.11 42.87
N THR D 301 -32.56 -30.41 43.95
CA THR D 301 -32.37 -30.96 45.28
C THR D 301 -33.53 -31.83 45.75
N ASP D 302 -34.51 -32.09 44.89
CA ASP D 302 -35.62 -32.97 45.23
C ASP D 302 -35.78 -34.10 44.21
N ILE D 303 -34.72 -34.40 43.48
CA ILE D 303 -34.68 -35.52 42.53
C ILE D 303 -33.53 -36.42 42.92
N ASN D 304 -33.75 -37.74 42.89
CA ASN D 304 -32.64 -38.67 43.04
C ASN D 304 -31.95 -38.90 41.70
N TYR D 305 -32.72 -39.23 40.67
CA TYR D 305 -32.18 -39.35 39.32
C TYR D 305 -33.31 -39.18 38.31
N LEU D 306 -32.93 -39.03 37.05
CA LEU D 306 -33.85 -39.06 35.92
C LEU D 306 -33.38 -40.14 34.95
N SER D 307 -34.31 -40.72 34.20
CA SER D 307 -33.96 -41.86 33.37
C SER D 307 -34.89 -41.97 32.16
N GLN D 308 -34.52 -42.87 31.26
CA GLN D 308 -35.32 -43.24 30.09
C GLN D 308 -35.37 -44.76 29.91
N ARG D 309 -35.87 -45.45 30.94
CA ARG D 309 -36.03 -46.89 30.94
C ARG D 309 -36.82 -47.41 29.75
N THR D 310 -36.46 -48.60 29.27
CA THR D 310 -37.16 -49.28 28.20
C THR D 310 -38.12 -50.31 28.78
N ALA D 311 -38.65 -51.19 27.91
CA ALA D 311 -39.69 -52.13 28.33
C ALA D 311 -39.12 -53.23 29.24
N ASN D 312 -37.90 -53.70 28.95
CA ASN D 312 -37.26 -54.71 29.78
C ASN D 312 -36.40 -54.10 30.88
N PHE D 313 -36.78 -52.92 31.36
CA PHE D 313 -36.18 -52.20 32.49
C PHE D 313 -34.73 -51.80 32.24
N SER D 314 -34.35 -51.65 30.98
CA SER D 314 -33.01 -51.21 30.61
C SER D 314 -32.96 -49.68 30.59
N ASP D 315 -32.17 -49.10 31.48
CA ASP D 315 -31.95 -47.66 31.47
C ASP D 315 -31.01 -47.28 30.33
N THR D 316 -31.26 -46.13 29.71
CA THR D 316 -30.41 -45.61 28.66
C THR D 316 -29.70 -44.32 29.03
N ARG D 317 -30.27 -43.52 29.93
CA ARG D 317 -29.54 -42.38 30.49
C ARG D 317 -30.05 -42.16 31.92
N LYS D 318 -29.42 -42.82 32.87
CA LYS D 318 -29.79 -42.69 34.27
C LYS D 318 -28.72 -41.81 34.93
N LEU D 319 -29.04 -40.53 35.10
CA LEU D 319 -28.06 -39.54 35.51
C LEU D 319 -28.52 -38.82 36.77
N ASP D 320 -27.56 -38.22 37.44
CA ASP D 320 -27.79 -37.30 38.55
C ASP D 320 -28.56 -36.08 38.07
N PRO D 321 -29.23 -35.36 38.98
CA PRO D 321 -29.83 -34.08 38.59
C PRO D 321 -28.82 -33.04 38.11
N LYS D 322 -27.61 -33.03 38.65
CA LYS D 322 -26.59 -32.12 38.14
C LYS D 322 -25.96 -32.63 36.86
N THR D 323 -25.90 -33.95 36.68
CA THR D 323 -25.35 -34.52 35.45
C THR D 323 -26.35 -34.47 34.31
N TRP D 324 -27.65 -34.54 34.63
CA TRP D 324 -28.68 -34.34 33.62
C TRP D 324 -28.64 -32.92 33.07
N ALA D 325 -28.38 -31.94 33.93
CA ALA D 325 -28.27 -30.57 33.50
C ALA D 325 -27.01 -30.31 32.69
N ALA D 326 -25.97 -31.11 32.93
CA ALA D 326 -24.73 -30.97 32.18
C ALA D 326 -24.88 -31.35 30.71
N GLN D 327 -25.86 -32.20 30.38
CA GLN D 327 -26.15 -32.48 28.98
C GLN D 327 -26.97 -31.38 28.33
N THR D 328 -27.67 -30.57 29.12
CA THR D 328 -28.42 -29.46 28.57
C THR D 328 -27.57 -28.22 28.39
N ARG D 329 -26.51 -28.08 29.20
CA ARG D 329 -25.53 -27.02 28.97
C ARG D 329 -24.70 -27.27 27.71
N ARG D 330 -24.62 -28.52 27.26
CA ARG D 330 -23.96 -28.85 26.00
C ARG D 330 -24.86 -28.64 24.79
N ARG D 331 -26.11 -28.21 24.99
CA ARG D 331 -27.05 -28.04 23.89
C ARG D 331 -27.65 -26.66 23.79
N ILE D 332 -28.00 -26.02 24.91
CA ILE D 332 -28.57 -24.67 24.88
C ILE D 332 -27.66 -23.65 25.56
N ALA D 333 -26.46 -24.05 25.97
CA ALA D 333 -25.37 -23.19 26.47
C ALA D 333 -25.72 -22.44 27.75
N THR D 334 -26.74 -22.90 28.47
CA THR D 334 -27.11 -22.38 29.78
C THR D 334 -27.95 -23.44 30.46
N ASP D 335 -28.52 -23.09 31.61
CA ASP D 335 -29.46 -23.96 32.29
C ASP D 335 -30.88 -23.45 32.07
N PHE D 336 -31.81 -24.39 31.92
CA PHE D 336 -33.23 -24.08 31.96
C PHE D 336 -33.61 -23.60 33.35
N PRO D 337 -34.73 -22.87 33.50
CA PRO D 337 -35.09 -22.34 34.82
C PRO D 337 -35.32 -23.40 35.87
N LYS D 338 -35.35 -22.93 37.12
CA LYS D 338 -35.32 -23.76 38.32
C LYS D 338 -36.54 -24.67 38.40
N GLY D 339 -36.32 -25.97 38.23
CA GLY D 339 -37.39 -26.96 38.21
C GLY D 339 -37.66 -27.54 36.85
N VAL D 340 -37.02 -27.05 35.80
CA VAL D 340 -37.26 -27.51 34.43
C VAL D 340 -36.11 -28.41 34.01
N TYR D 341 -36.46 -29.57 33.45
CA TYR D 341 -35.49 -30.57 33.03
C TYR D 341 -35.76 -30.93 31.58
N TYR D 342 -34.72 -30.90 30.76
CA TYR D 342 -34.83 -31.09 29.33
C TYR D 342 -34.25 -32.45 28.93
N CYS D 343 -34.86 -33.08 27.94
CA CYS D 343 -34.38 -34.35 27.39
C CYS D 343 -34.34 -34.21 25.88
N ASP D 344 -33.14 -34.28 25.30
CA ASP D 344 -32.97 -34.17 23.87
C ASP D 344 -32.93 -35.56 23.24
N ASN D 345 -33.76 -35.77 22.22
CA ASN D 345 -33.78 -37.01 21.46
C ASN D 345 -33.85 -36.75 19.97
N ARG D 346 -33.26 -35.66 19.50
CA ARG D 346 -33.40 -35.30 18.10
C ARG D 346 -32.57 -36.16 17.18
N ASP D 347 -31.45 -36.69 17.68
CA ASP D 347 -30.62 -37.59 16.86
C ASP D 347 -31.32 -38.93 16.67
N LYS D 348 -31.72 -39.57 17.76
CA LYS D 348 -32.49 -40.81 17.72
C LYS D 348 -33.86 -40.52 18.34
N PRO D 349 -34.90 -40.33 17.54
CA PRO D 349 -36.23 -40.07 18.10
C PRO D 349 -36.81 -41.32 18.76
N ILE D 350 -37.44 -41.12 19.91
CA ILE D 350 -38.06 -42.23 20.62
C ILE D 350 -39.29 -42.69 19.86
N TYR D 351 -39.29 -43.95 19.46
CA TYR D 351 -40.30 -44.52 18.59
C TYR D 351 -40.58 -45.92 19.10
N THR D 352 -41.78 -46.14 19.64
CA THR D 352 -42.10 -47.40 20.27
C THR D 352 -42.42 -48.52 19.29
N LEU D 353 -42.20 -48.34 18.00
CA LEU D 353 -42.39 -49.42 17.04
C LEU D 353 -41.07 -49.98 16.51
N GLN D 354 -39.95 -49.62 17.11
CA GLN D 354 -38.70 -50.34 16.91
C GLN D 354 -38.18 -50.97 18.20
N TYR D 355 -38.00 -50.19 19.26
CA TYR D 355 -37.81 -50.69 20.60
C TYR D 355 -39.02 -50.22 21.39
N GLY D 356 -39.92 -51.13 21.72
CA GLY D 356 -41.20 -50.74 22.24
C GLY D 356 -41.15 -50.28 23.68
N ASN D 357 -42.08 -49.38 24.01
CA ASN D 357 -42.44 -48.97 25.37
C ASN D 357 -41.26 -48.35 26.13
N VAL D 358 -40.81 -47.21 25.63
CA VAL D 358 -39.92 -46.35 26.39
C VAL D 358 -40.75 -45.55 27.38
N GLY D 359 -40.21 -45.36 28.58
CA GLY D 359 -40.83 -44.51 29.57
C GLY D 359 -39.85 -43.46 30.06
N PHE D 360 -40.39 -42.45 30.73
CA PHE D 360 -39.59 -41.38 31.33
C PHE D 360 -39.71 -41.50 32.83
N VAL D 361 -38.58 -41.60 33.51
CA VAL D 361 -38.53 -41.92 34.93
C VAL D 361 -38.04 -40.71 35.70
N VAL D 362 -38.70 -40.42 36.82
CA VAL D 362 -38.22 -39.46 37.80
C VAL D 362 -38.32 -40.15 39.16
N ASN D 363 -37.21 -40.22 39.88
CA ASN D 363 -37.17 -40.73 41.24
C ASN D 363 -37.07 -39.54 42.18
N PRO D 364 -38.15 -39.09 42.80
CA PRO D 364 -38.06 -37.91 43.65
C PRO D 364 -37.57 -38.22 45.05
N LYS D 365 -37.02 -37.20 45.68
CA LYS D 365 -36.47 -37.30 47.02
C LYS D 365 -37.37 -36.67 48.07
N THR D 366 -37.81 -35.44 47.85
CA THR D 366 -38.72 -34.73 48.75
C THR D 366 -39.95 -34.34 47.95
N VAL D 367 -41.11 -34.84 48.37
CA VAL D 367 -42.38 -34.61 47.68
C VAL D 367 -43.33 -33.90 48.64
N ASN D 368 -43.81 -32.73 48.25
CA ASN D 368 -44.79 -32.01 49.03
C ASN D 368 -46.20 -32.39 48.58
N GLN D 369 -47.20 -31.80 49.22
CA GLN D 369 -48.58 -32.02 48.83
C GLN D 369 -48.89 -31.31 47.52
N ASN D 370 -49.85 -31.87 46.79
CA ASN D 370 -50.32 -31.39 45.48
C ASN D 370 -49.19 -31.31 44.45
N ALA D 371 -48.25 -32.24 44.51
CA ALA D 371 -47.13 -32.25 43.58
C ALA D 371 -47.54 -32.95 42.30
N ARG D 372 -47.03 -32.44 41.17
CA ARG D 372 -47.32 -33.04 39.87
C ARG D 372 -46.11 -32.89 38.98
N LEU D 373 -46.17 -33.55 37.83
CA LEU D 373 -45.08 -33.56 36.86
C LEU D 373 -45.64 -33.10 35.53
N LEU D 374 -45.24 -31.91 35.08
CA LEU D 374 -45.77 -31.31 33.88
C LEU D 374 -44.89 -31.69 32.69
N MET D 375 -45.48 -32.31 31.69
CA MET D 375 -44.74 -32.85 30.55
C MET D 375 -44.99 -32.02 29.31
N GLY D 376 -43.95 -31.86 28.51
CA GLY D 376 -44.09 -31.22 27.22
C GLY D 376 -43.40 -32.04 26.15
N TYR D 377 -44.16 -32.48 25.15
CA TYR D 377 -43.62 -33.29 24.08
C TYR D 377 -43.53 -32.47 22.80
N GLU D 378 -42.56 -32.82 21.97
CA GLU D 378 -42.58 -32.43 20.57
C GLU D 378 -42.26 -33.67 19.75
N TYR D 379 -42.98 -33.85 18.65
CA TYR D 379 -42.94 -35.13 17.98
C TYR D 379 -43.33 -34.98 16.51
N PHE D 380 -42.99 -36.00 15.75
CA PHE D 380 -43.47 -36.18 14.39
C PHE D 380 -44.55 -37.26 14.41
N THR D 381 -45.57 -37.09 13.57
CA THR D 381 -46.57 -38.13 13.41
C THR D 381 -47.00 -38.17 11.95
N SER D 382 -47.36 -39.36 11.50
CA SER D 382 -47.67 -39.59 10.10
C SER D 382 -48.59 -40.79 10.01
N ARG D 383 -48.97 -41.15 8.80
CA ARG D 383 -49.81 -42.32 8.60
C ARG D 383 -48.99 -43.58 8.76
N THR D 384 -49.45 -44.47 9.62
CA THR D 384 -48.75 -45.72 9.90
C THR D 384 -49.24 -46.77 8.92
N GLU D 385 -48.37 -47.17 7.99
CA GLU D 385 -48.69 -48.29 7.11
C GLU D 385 -48.46 -49.59 7.87
N LEU D 386 -49.45 -50.48 7.81
CA LEU D 386 -49.49 -51.64 8.69
C LEU D 386 -49.58 -52.94 7.92
N VAL D 387 -48.66 -53.18 6.99
CA VAL D 387 -48.56 -54.49 6.38
C VAL D 387 -48.07 -55.45 7.45
N ASN D 388 -48.98 -56.25 8.02
CA ASN D 388 -48.61 -57.37 8.86
C ASN D 388 -48.57 -58.61 7.98
N ALA D 389 -47.36 -59.11 7.73
CA ALA D 389 -47.18 -60.24 6.83
C ALA D 389 -47.00 -61.54 7.60
N GLY D 390 -46.01 -61.61 8.49
CA GLY D 390 -45.73 -62.84 9.18
C GLY D 390 -45.23 -63.91 8.24
N THR D 391 -45.57 -65.17 8.55
CA THR D 391 -45.21 -66.29 7.71
C THR D 391 -46.08 -66.33 6.45
N GLN E 12 0.07 -43.93 -7.41
CA GLN E 12 -0.71 -44.96 -8.07
C GLN E 12 -1.42 -45.84 -7.05
N ALA E 13 -1.15 -45.58 -5.77
CA ALA E 13 -1.73 -46.34 -4.67
C ALA E 13 -2.96 -45.67 -4.07
N ALA E 14 -3.27 -44.45 -4.50
CA ALA E 14 -4.50 -43.78 -4.06
C ALA E 14 -5.74 -44.32 -4.74
N LEU E 15 -5.59 -45.15 -5.77
CA LEU E 15 -6.74 -45.78 -6.39
C LEU E 15 -7.38 -46.82 -5.48
N ARG E 16 -6.60 -47.41 -4.57
CA ARG E 16 -7.07 -48.39 -3.61
C ARG E 16 -7.28 -47.82 -2.22
N ASN E 17 -6.45 -46.85 -1.82
CA ASN E 17 -6.55 -46.30 -0.47
C ASN E 17 -7.76 -45.39 -0.33
N GLN E 18 -8.18 -44.74 -1.40
CA GLN E 18 -9.39 -43.91 -1.35
C GLN E 18 -10.65 -44.79 -1.37
N GLN E 19 -10.55 -45.99 -1.97
CA GLN E 19 -11.66 -46.93 -1.90
C GLN E 19 -11.81 -47.52 -0.50
N ALA E 20 -10.71 -47.69 0.22
CA ALA E 20 -10.79 -48.19 1.59
C ALA E 20 -11.34 -47.13 2.53
N MET E 21 -11.17 -45.86 2.21
CA MET E 21 -11.78 -44.79 2.97
C MET E 21 -13.25 -44.63 2.63
N ALA E 22 -13.62 -44.93 1.37
CA ALA E 22 -15.03 -44.88 0.99
C ALA E 22 -15.83 -45.98 1.66
N ALA E 23 -15.24 -47.17 1.80
CA ALA E 23 -15.88 -48.25 2.54
C ALA E 23 -15.86 -48.01 4.03
N ASN E 24 -14.99 -47.13 4.51
CA ASN E 24 -14.93 -46.82 5.94
C ASN E 24 -15.99 -45.80 6.34
N LEU E 25 -16.24 -44.81 5.47
CA LEU E 25 -17.29 -43.85 5.74
C LEU E 25 -18.67 -44.46 5.50
N GLN E 26 -18.76 -45.42 4.59
CA GLN E 26 -20.04 -46.08 4.31
C GLN E 26 -20.44 -47.01 5.44
N ALA E 27 -19.47 -47.49 6.22
CA ALA E 27 -19.74 -48.36 7.35
C ALA E 27 -19.87 -47.61 8.67
N ARG E 28 -19.34 -46.39 8.75
CA ARG E 28 -19.51 -45.59 9.95
C ARG E 28 -20.94 -45.07 10.06
N GLN E 29 -21.54 -44.73 8.93
CA GLN E 29 -22.91 -44.24 8.92
C GLN E 29 -23.90 -45.33 9.27
N ILE E 30 -23.59 -46.59 8.96
CA ILE E 30 -24.46 -47.70 9.35
C ILE E 30 -24.43 -47.90 10.85
N VAL E 31 -23.26 -47.74 11.47
CA VAL E 31 -23.14 -47.89 12.92
C VAL E 31 -23.87 -46.75 13.63
N LEU E 32 -23.71 -45.52 13.16
CA LEU E 32 -24.25 -44.38 13.86
C LEU E 32 -25.77 -44.27 13.75
N GLN E 33 -26.38 -44.94 12.78
CA GLN E 33 -27.83 -44.88 12.65
C GLN E 33 -28.54 -46.13 13.15
N GLN E 34 -27.83 -47.24 13.31
CA GLN E 34 -28.44 -48.48 13.76
C GLN E 34 -28.11 -48.86 15.19
N SER E 35 -27.19 -48.15 15.83
CA SER E 35 -26.86 -48.41 17.22
C SER E 35 -27.63 -47.44 18.12
N TYR E 36 -27.44 -47.59 19.42
CA TYR E 36 -28.15 -46.77 20.40
C TYR E 36 -27.13 -46.15 21.34
N PRO E 37 -27.04 -44.83 21.42
CA PRO E 37 -26.11 -44.20 22.37
C PRO E 37 -26.63 -44.28 23.79
N VAL E 38 -25.85 -44.92 24.65
CA VAL E 38 -26.17 -45.10 26.07
C VAL E 38 -25.10 -44.39 26.88
N ILE E 39 -25.51 -43.80 28.00
CA ILE E 39 -24.58 -43.29 28.99
C ILE E 39 -24.96 -43.85 30.35
N GLN E 40 -23.99 -44.48 31.02
CA GLN E 40 -24.28 -45.20 32.26
C GLN E 40 -23.18 -44.96 33.29
N GLN E 41 -23.60 -44.88 34.55
CA GLN E 41 -22.65 -44.75 35.64
C GLN E 41 -21.89 -46.06 35.84
N VAL E 42 -20.58 -45.97 35.96
CA VAL E 42 -19.72 -47.13 36.12
C VAL E 42 -19.21 -47.25 37.54
N GLU E 43 -18.58 -46.18 38.07
CA GLU E 43 -18.02 -46.25 39.40
C GLU E 43 -18.28 -44.95 40.14
N THR E 44 -18.55 -45.06 41.45
CA THR E 44 -18.69 -43.93 42.35
C THR E 44 -17.91 -44.25 43.62
N GLN E 45 -17.15 -43.27 44.11
CA GLN E 45 -16.37 -43.45 45.32
C GLN E 45 -16.14 -42.11 45.99
N THR E 46 -16.22 -42.11 47.32
CA THR E 46 -15.96 -40.94 48.14
C THR E 46 -14.82 -41.28 49.10
N PHE E 47 -13.79 -40.44 49.13
CA PHE E 47 -12.58 -40.76 49.86
C PHE E 47 -12.05 -39.52 50.56
N ASP E 48 -10.95 -39.69 51.28
CA ASP E 48 -10.25 -38.64 52.00
C ASP E 48 -8.85 -38.53 51.43
N PRO E 49 -8.43 -37.38 50.88
CA PRO E 49 -7.14 -37.30 50.18
C PRO E 49 -5.93 -37.38 51.08
N ALA E 50 -6.10 -37.36 52.40
CA ALA E 50 -4.98 -37.60 53.30
C ALA E 50 -4.56 -39.06 53.32
N ASN E 51 -5.42 -39.97 52.86
CA ASN E 51 -5.12 -41.39 52.85
C ASN E 51 -4.73 -41.92 51.48
N ARG E 52 -5.41 -41.47 50.42
CA ARG E 52 -5.24 -42.06 49.10
C ARG E 52 -5.71 -41.05 48.06
N SER E 53 -4.96 -40.93 46.97
CA SER E 53 -5.34 -39.99 45.91
C SER E 53 -5.14 -40.52 44.50
N VAL E 54 -4.75 -41.78 44.33
CA VAL E 54 -4.66 -42.41 43.01
C VAL E 54 -5.68 -43.52 42.96
N PHE E 55 -6.54 -43.49 41.94
CA PHE E 55 -7.65 -44.42 41.82
C PHE E 55 -7.65 -45.03 40.43
N ASP E 56 -7.84 -46.34 40.36
CA ASP E 56 -7.92 -47.05 39.10
C ASP E 56 -9.37 -47.48 38.87
N VAL E 57 -9.92 -47.09 37.73
CA VAL E 57 -11.34 -47.28 37.43
C VAL E 57 -11.43 -48.28 36.29
N THR E 58 -12.25 -49.31 36.48
CA THR E 58 -12.46 -50.31 35.44
C THR E 58 -13.78 -50.04 34.73
N PRO E 59 -13.77 -49.58 33.49
CA PRO E 59 -15.01 -49.41 32.75
C PRO E 59 -15.56 -50.74 32.28
N ALA E 60 -16.79 -50.68 31.76
CA ALA E 60 -17.46 -51.88 31.27
C ALA E 60 -17.05 -52.18 29.84
N ASN E 61 -16.92 -53.46 29.53
CA ASN E 61 -16.57 -53.90 28.18
C ASN E 61 -17.86 -54.13 27.41
N VAL E 62 -18.38 -53.08 26.80
CA VAL E 62 -19.63 -53.18 26.05
C VAL E 62 -19.59 -52.20 24.89
N GLY E 63 -19.87 -52.71 23.69
CA GLY E 63 -20.10 -51.88 22.52
C GLY E 63 -18.86 -51.17 22.02
N ILE E 64 -19.10 -50.01 21.40
CA ILE E 64 -18.05 -49.11 20.95
C ILE E 64 -17.98 -47.96 21.94
N VAL E 65 -16.91 -47.91 22.73
CA VAL E 65 -16.80 -46.92 23.80
C VAL E 65 -16.37 -45.58 23.21
N LYS E 66 -17.06 -44.52 23.60
CA LYS E 66 -16.82 -43.19 23.05
C LYS E 66 -16.13 -42.23 24.00
N GLY E 67 -16.27 -42.42 25.30
CA GLY E 67 -15.60 -41.54 26.24
C GLY E 67 -16.20 -41.63 27.62
N PHE E 68 -15.70 -40.77 28.50
CA PHE E 68 -16.05 -40.81 29.91
C PHE E 68 -16.35 -39.41 30.43
N LEU E 69 -17.22 -39.35 31.43
CA LEU E 69 -17.79 -38.11 31.95
C LEU E 69 -17.54 -38.05 33.47
N VAL E 70 -16.26 -38.12 33.84
CA VAL E 70 -15.86 -37.99 35.24
C VAL E 70 -16.33 -36.66 35.81
N LYS E 71 -17.05 -36.72 36.93
CA LYS E 71 -17.40 -35.55 37.71
C LYS E 71 -16.78 -35.66 39.09
N VAL E 72 -16.18 -34.57 39.55
CA VAL E 72 -15.45 -34.55 40.81
C VAL E 72 -16.11 -33.53 41.72
N THR E 73 -16.45 -33.95 42.93
CA THR E 73 -17.04 -33.09 43.94
C THR E 73 -16.15 -33.10 45.17
N ALA E 74 -15.79 -31.91 45.66
CA ALA E 74 -14.89 -31.81 46.80
C ALA E 74 -15.44 -30.79 47.78
N ALA E 75 -14.98 -30.90 49.03
CA ALA E 75 -15.27 -29.94 50.07
C ALA E 75 -13.96 -29.54 50.75
N ILE E 76 -13.73 -28.24 50.86
CA ILE E 76 -12.44 -27.71 51.30
C ILE E 76 -12.67 -26.85 52.53
N LYS E 77 -12.02 -27.22 53.64
CA LYS E 77 -12.14 -26.50 54.89
C LYS E 77 -10.90 -25.64 55.11
N ASN E 78 -11.10 -24.37 55.46
CA ASN E 78 -10.03 -23.42 55.73
C ASN E 78 -9.92 -23.29 57.25
N ASN E 79 -8.91 -23.94 57.82
CA ASN E 79 -8.73 -23.96 59.27
C ASN E 79 -7.80 -22.86 59.76
N HIS E 80 -7.48 -21.87 58.93
CA HIS E 80 -6.64 -20.78 59.38
C HIS E 80 -7.40 -19.89 60.35
N ALA E 81 -6.63 -19.19 61.20
CA ALA E 81 -7.24 -18.41 62.27
C ALA E 81 -7.82 -17.10 61.76
N THR E 82 -7.09 -16.38 60.91
CA THR E 82 -7.51 -15.04 60.50
C THR E 82 -7.57 -14.86 58.99
N GLU E 83 -6.71 -15.55 58.25
CA GLU E 83 -6.50 -15.25 56.84
C GLU E 83 -7.32 -16.18 55.95
N ALA E 84 -7.55 -15.72 54.73
CA ALA E 84 -8.36 -16.42 53.74
C ALA E 84 -7.52 -16.76 52.51
N VAL E 85 -8.08 -17.61 51.66
CA VAL E 85 -7.47 -17.97 50.38
C VAL E 85 -8.43 -17.59 49.27
N ALA E 86 -7.96 -17.73 48.03
CA ALA E 86 -8.73 -17.33 46.87
C ALA E 86 -8.39 -18.25 45.71
N LEU E 87 -9.30 -18.34 44.76
CA LEU E 87 -9.15 -19.22 43.62
C LEU E 87 -7.99 -18.81 42.73
N THR E 88 -7.32 -19.80 42.15
CA THR E 88 -6.31 -19.54 41.14
C THR E 88 -6.98 -19.37 39.79
N ASP E 89 -6.17 -19.14 38.75
CA ASP E 89 -6.75 -18.91 37.43
C ASP E 89 -7.24 -20.20 36.80
N PHE E 90 -6.68 -21.33 37.17
CA PHE E 90 -7.16 -22.61 36.64
C PHE E 90 -8.28 -23.18 37.48
N GLY E 91 -8.31 -22.84 38.77
CA GLY E 91 -9.46 -23.05 39.60
C GLY E 91 -9.77 -24.50 39.92
N PRO E 92 -11.04 -24.89 39.74
CA PRO E 92 -11.44 -26.28 40.01
C PRO E 92 -10.98 -27.28 38.96
N ALA E 93 -10.34 -26.84 37.88
CA ALA E 93 -9.84 -27.79 36.88
C ALA E 93 -8.59 -28.52 37.35
N ASN E 94 -7.98 -28.11 38.47
CA ASN E 94 -6.89 -28.83 39.09
C ASN E 94 -7.37 -29.81 40.16
N LEU E 95 -8.65 -30.18 40.14
CA LEU E 95 -9.13 -31.21 41.05
C LEU E 95 -8.63 -32.58 40.62
N VAL E 96 -8.45 -32.79 39.33
CA VAL E 96 -7.83 -33.98 38.77
C VAL E 96 -6.45 -33.59 38.28
N GLN E 97 -5.44 -34.36 38.70
CA GLN E 97 -4.07 -34.06 38.28
C GLN E 97 -3.66 -34.80 37.02
N ARG E 98 -4.04 -36.07 36.87
CA ARG E 98 -3.66 -36.85 35.69
C ARG E 98 -4.82 -37.73 35.27
N VAL E 99 -5.00 -37.89 33.96
CA VAL E 99 -5.96 -38.81 33.38
C VAL E 99 -5.20 -39.72 32.44
N ILE E 100 -5.18 -41.02 32.74
CA ILE E 100 -4.59 -42.02 31.86
C ILE E 100 -5.65 -43.03 31.49
N TYR E 101 -5.78 -43.32 30.19
CA TYR E 101 -6.64 -44.37 29.70
C TYR E 101 -5.82 -45.39 28.93
N TYR E 102 -6.14 -46.67 29.11
CA TYR E 102 -5.47 -47.76 28.41
C TYR E 102 -6.48 -48.63 27.70
N ASP E 103 -6.16 -48.97 26.45
CA ASP E 103 -6.92 -49.91 25.63
C ASP E 103 -6.95 -51.29 26.27
N PRO E 104 -7.92 -52.14 25.88
CA PRO E 104 -7.80 -53.56 26.21
C PRO E 104 -6.62 -54.25 25.57
N ASP E 105 -6.08 -53.71 24.47
CA ASP E 105 -4.88 -54.26 23.85
C ASP E 105 -3.60 -53.57 24.33
N ASN E 106 -3.64 -52.99 25.53
CA ASN E 106 -2.49 -52.32 26.18
C ASN E 106 -1.94 -51.18 25.31
N GLN E 107 -2.82 -50.28 24.91
CA GLN E 107 -2.44 -49.14 24.09
C GLN E 107 -2.89 -47.87 24.79
N ARG E 108 -1.94 -46.97 25.05
CA ARG E 108 -2.25 -45.74 25.76
C ARG E 108 -2.99 -44.79 24.83
N HIS E 109 -4.17 -44.34 25.27
CA HIS E 109 -5.01 -43.49 24.44
C HIS E 109 -5.00 -42.03 24.84
N THR E 110 -4.71 -41.71 26.09
CA THR E 110 -4.66 -40.34 26.57
C THR E 110 -3.87 -40.33 27.87
N GLU E 111 -2.85 -39.48 27.96
CA GLU E 111 -2.15 -39.26 29.21
C GLU E 111 -1.84 -37.78 29.31
N THR E 112 -2.71 -37.03 29.99
CA THR E 112 -2.56 -35.59 30.10
C THR E 112 -2.97 -35.14 31.48
N SER E 113 -2.93 -33.82 31.69
CA SER E 113 -3.24 -33.23 32.98
C SER E 113 -4.73 -32.93 33.06
N GLY E 114 -5.15 -32.38 34.20
CA GLY E 114 -6.52 -31.98 34.37
C GLY E 114 -6.84 -30.67 33.68
N TRP E 115 -5.93 -29.69 33.81
CA TRP E 115 -6.16 -28.40 33.17
C TRP E 115 -6.06 -28.49 31.67
N HIS E 116 -5.25 -29.41 31.15
CA HIS E 116 -5.15 -29.55 29.70
C HIS E 116 -6.36 -30.27 29.13
N LEU E 117 -6.90 -31.25 29.87
CA LEU E 117 -8.13 -31.91 29.47
C LEU E 117 -9.31 -30.94 29.47
N HIS E 118 -9.32 -29.98 30.39
CA HIS E 118 -10.40 -29.02 30.45
C HIS E 118 -10.38 -28.05 29.27
N PHE E 119 -9.18 -27.65 28.83
CA PHE E 119 -9.10 -26.68 27.75
C PHE E 119 -9.39 -27.30 26.38
N VAL E 120 -9.11 -28.59 26.20
CA VAL E 120 -9.50 -29.26 24.98
C VAL E 120 -11.00 -29.52 24.99
N ASN E 121 -11.58 -29.67 26.17
CA ASN E 121 -13.05 -29.69 26.29
C ASN E 121 -13.64 -28.36 25.90
N THR E 122 -12.97 -27.26 26.28
CA THR E 122 -13.40 -25.94 25.85
C THR E 122 -13.20 -25.75 24.35
N ALA E 123 -12.07 -26.19 23.82
CA ALA E 123 -11.71 -25.92 22.43
C ALA E 123 -12.57 -26.70 21.44
N LYS E 124 -13.21 -27.79 21.86
CA LYS E 124 -14.04 -28.56 20.96
C LYS E 124 -15.51 -28.17 21.04
N GLN E 125 -15.92 -27.54 22.14
CA GLN E 125 -17.29 -27.04 22.26
C GLN E 125 -17.48 -25.75 21.46
N GLY E 126 -16.47 -24.88 21.45
CA GLY E 126 -16.62 -23.53 20.95
C GLY E 126 -16.98 -22.52 22.00
N ALA E 127 -16.82 -22.88 23.28
CA ALA E 127 -17.21 -22.08 24.43
C ALA E 127 -16.55 -22.71 25.65
N PRO E 128 -16.49 -22.01 26.78
CA PRO E 128 -16.06 -22.67 28.02
C PRO E 128 -16.96 -23.84 28.38
N PHE E 129 -16.32 -24.95 28.75
CA PHE E 129 -16.98 -26.25 28.85
C PHE E 129 -18.01 -26.28 29.96
N LEU E 130 -19.25 -26.60 29.59
CA LEU E 130 -20.40 -26.71 30.50
C LEU E 130 -20.64 -25.44 31.30
N SER E 131 -20.45 -24.30 30.66
CA SER E 131 -20.67 -23.00 31.27
C SER E 131 -22.03 -22.46 30.86
N SER E 132 -22.50 -21.49 31.62
CA SER E 132 -23.77 -20.82 31.36
C SER E 132 -23.49 -19.42 30.85
N MET E 133 -23.99 -19.12 29.65
CA MET E 133 -23.80 -17.81 29.04
C MET E 133 -24.73 -16.79 29.68
N VAL E 134 -24.19 -15.63 30.03
CA VAL E 134 -24.97 -14.57 30.64
C VAL E 134 -25.68 -13.79 29.55
N THR E 135 -27.00 -13.71 29.64
CA THR E 135 -27.83 -13.02 28.65
C THR E 135 -28.63 -11.92 29.33
N ASP E 136 -29.46 -11.25 28.51
CA ASP E 136 -30.27 -10.13 28.96
C ASP E 136 -31.71 -10.53 29.25
N SER E 137 -32.00 -11.83 29.31
CA SER E 137 -33.37 -12.30 29.36
C SER E 137 -33.99 -12.03 30.73
N PRO E 138 -35.29 -11.71 30.78
CA PRO E 138 -35.99 -11.69 32.06
C PRO E 138 -36.43 -13.05 32.53
N ILE E 139 -36.54 -14.03 31.62
CA ILE E 139 -36.76 -15.42 32.02
C ILE E 139 -35.51 -15.91 32.73
N LYS E 140 -35.69 -16.52 33.90
CA LYS E 140 -34.57 -16.90 34.75
C LYS E 140 -33.80 -18.10 34.23
N TYR E 141 -33.09 -17.92 33.11
CA TYR E 141 -32.00 -18.81 32.75
C TYR E 141 -30.76 -18.42 33.55
N GLY E 142 -29.65 -19.12 33.27
CA GLY E 142 -28.36 -18.75 33.82
C GLY E 142 -27.73 -19.92 34.58
N ASP E 143 -27.15 -19.61 35.72
CA ASP E 143 -26.50 -20.60 36.57
C ASP E 143 -27.50 -21.02 37.63
N VAL E 144 -28.27 -22.06 37.32
CA VAL E 144 -29.25 -22.61 38.24
C VAL E 144 -28.72 -23.83 38.96
N MET E 145 -28.19 -24.78 38.21
CA MET E 145 -27.83 -26.09 38.75
C MET E 145 -26.40 -26.17 39.26
N ASN E 146 -25.56 -25.19 38.93
CA ASN E 146 -24.14 -25.11 39.33
C ASN E 146 -23.37 -26.35 38.89
N VAL E 147 -23.30 -26.53 37.57
CA VAL E 147 -22.66 -27.72 36.99
C VAL E 147 -21.17 -27.71 37.26
N ILE E 148 -20.51 -26.59 36.97
CA ILE E 148 -19.12 -26.35 37.35
C ILE E 148 -19.13 -25.11 38.23
N ASP E 149 -18.85 -25.28 39.52
CA ASP E 149 -18.89 -24.17 40.44
C ASP E 149 -17.79 -24.33 41.48
N ALA E 150 -17.38 -23.19 42.02
CA ALA E 150 -16.35 -23.09 43.05
C ALA E 150 -16.45 -21.71 43.69
N PRO E 151 -16.43 -21.61 45.02
CA PRO E 151 -16.44 -20.29 45.66
C PRO E 151 -15.13 -19.55 45.39
N ALA E 152 -15.26 -18.22 45.26
CA ALA E 152 -14.11 -17.41 44.88
C ALA E 152 -13.12 -17.25 46.03
N THR E 153 -13.62 -17.04 47.24
CA THR E 153 -12.78 -16.93 48.42
C THR E 153 -13.38 -17.76 49.54
N ILE E 154 -12.56 -18.59 50.17
CA ILE E 154 -12.96 -19.33 51.37
C ILE E 154 -12.34 -18.64 52.57
N ALA E 155 -13.18 -18.09 53.44
CA ALA E 155 -12.71 -17.30 54.55
C ALA E 155 -12.14 -18.20 55.66
N ALA E 156 -11.61 -17.56 56.70
CA ALA E 156 -11.03 -18.28 57.82
C ALA E 156 -12.13 -18.91 58.65
N GLY E 157 -12.24 -20.25 58.59
CA GLY E 157 -13.27 -20.97 59.30
C GLY E 157 -14.43 -21.42 58.45
N ALA E 158 -14.42 -21.14 57.15
CA ALA E 158 -15.50 -21.47 56.25
C ALA E 158 -15.20 -22.76 55.49
N THR E 159 -16.17 -23.20 54.69
CA THR E 159 -16.04 -24.40 53.89
C THR E 159 -16.67 -24.14 52.54
N GLY E 160 -16.02 -24.58 51.48
CA GLY E 160 -16.51 -24.40 50.12
C GLY E 160 -16.68 -25.73 49.42
N GLU E 161 -17.68 -25.79 48.55
CA GLU E 161 -18.01 -27.00 47.80
C GLU E 161 -17.67 -26.77 46.34
N LEU E 162 -16.85 -27.65 45.78
CA LEU E 162 -16.44 -27.57 44.39
C LEU E 162 -17.10 -28.67 43.59
N THR E 163 -17.39 -28.38 42.33
CA THR E 163 -17.87 -29.38 41.39
C THR E 163 -17.21 -29.13 40.05
N MET E 164 -16.74 -30.19 39.42
CA MET E 164 -16.01 -30.07 38.16
C MET E 164 -16.32 -31.30 37.33
N TYR E 165 -16.49 -31.09 36.03
CA TYR E 165 -16.77 -32.17 35.09
C TYR E 165 -15.66 -32.27 34.07
N TYR E 166 -15.32 -33.49 33.69
CA TYR E 166 -14.29 -33.75 32.70
C TYR E 166 -14.84 -34.71 31.67
N TRP E 167 -14.78 -34.33 30.40
CA TRP E 167 -15.03 -35.28 29.33
C TRP E 167 -13.69 -35.85 28.90
N VAL E 168 -13.48 -37.13 29.14
CA VAL E 168 -12.28 -37.83 28.70
C VAL E 168 -12.60 -38.42 27.32
N PRO E 169 -12.05 -37.89 26.24
CA PRO E 169 -12.47 -38.33 24.91
C PRO E 169 -11.76 -39.61 24.49
N LEU E 170 -12.53 -40.52 23.92
CA LEU E 170 -11.97 -41.61 23.13
C LEU E 170 -12.21 -41.36 21.64
N ALA E 171 -13.47 -41.24 21.24
CA ALA E 171 -13.77 -40.83 19.88
C ALA E 171 -13.58 -39.33 19.75
N TYR E 172 -13.42 -38.87 18.50
CA TYR E 172 -13.21 -37.45 18.26
C TYR E 172 -14.47 -36.65 18.55
N SER E 173 -15.58 -37.01 17.91
CA SER E 173 -16.86 -36.36 18.13
C SER E 173 -17.94 -37.42 18.16
N GLU E 174 -19.19 -36.98 18.30
CA GLU E 174 -20.32 -37.89 18.30
C GLU E 174 -20.71 -38.36 16.91
N THR E 175 -20.25 -37.66 15.87
CA THR E 175 -20.51 -38.07 14.50
C THR E 175 -19.28 -38.62 13.81
N ASP E 176 -18.12 -38.56 14.46
CA ASP E 176 -16.86 -39.08 13.93
C ASP E 176 -16.31 -40.07 14.95
N LEU E 177 -16.37 -41.36 14.62
CA LEU E 177 -15.93 -42.39 15.55
C LEU E 177 -14.46 -42.73 15.35
N THR E 178 -13.62 -41.73 15.27
CA THR E 178 -12.19 -41.90 15.09
C THR E 178 -11.52 -41.80 16.45
N GLY E 179 -10.91 -42.89 16.89
CA GLY E 179 -10.33 -42.95 18.21
C GLY E 179 -11.11 -43.80 19.20
N ALA E 180 -12.26 -44.33 18.80
CA ALA E 180 -13.09 -45.09 19.71
C ALA E 180 -12.54 -46.50 19.90
N VAL E 181 -13.03 -47.17 20.94
CA VAL E 181 -12.55 -48.48 21.33
C VAL E 181 -13.69 -49.47 21.20
N LEU E 182 -13.50 -50.49 20.37
CA LEU E 182 -14.40 -51.64 20.32
C LEU E 182 -14.03 -52.59 21.45
N ALA E 183 -14.91 -52.73 22.43
CA ALA E 183 -14.64 -53.54 23.62
C ALA E 183 -15.16 -54.95 23.38
N ASN E 184 -14.37 -55.72 22.63
CA ASN E 184 -14.77 -57.01 22.12
C ASN E 184 -14.11 -58.17 22.86
N VAL E 185 -13.26 -57.91 23.84
CA VAL E 185 -12.48 -58.93 24.52
C VAL E 185 -12.96 -59.01 25.97
N PRO E 186 -13.64 -60.08 26.36
CA PRO E 186 -14.10 -60.18 27.76
C PRO E 186 -12.99 -60.50 28.75
N GLN E 187 -11.85 -60.99 28.27
CA GLN E 187 -10.77 -61.38 29.17
C GLN E 187 -9.81 -60.24 29.47
N SER E 188 -9.71 -59.26 28.58
CA SER E 188 -8.93 -58.05 28.85
C SER E 188 -9.81 -57.05 29.59
N LYS E 189 -9.23 -55.93 29.97
CA LYS E 189 -10.01 -54.86 30.59
C LYS E 189 -9.33 -53.52 30.35
N GLN E 190 -10.13 -52.47 30.41
CA GLN E 190 -9.67 -51.10 30.22
C GLN E 190 -9.25 -50.50 31.55
N ARG E 191 -8.30 -49.59 31.49
CA ARG E 191 -7.78 -48.91 32.67
C ARG E 191 -8.07 -47.43 32.55
N LEU E 192 -8.52 -46.82 33.65
CA LEU E 192 -8.86 -45.41 33.72
C LEU E 192 -8.29 -44.82 35.00
N LYS E 193 -6.96 -44.93 35.16
CA LYS E 193 -6.29 -44.37 36.32
C LYS E 193 -6.47 -42.86 36.40
N LEU E 194 -6.88 -42.38 37.59
CA LEU E 194 -7.14 -40.98 37.84
C LEU E 194 -6.41 -40.57 39.09
N GLU E 195 -5.55 -39.57 39.00
CA GLU E 195 -4.86 -39.00 40.15
C GLU E 195 -5.54 -37.69 40.53
N PHE E 196 -5.85 -37.54 41.82
CA PHE E 196 -6.58 -36.40 42.32
C PHE E 196 -5.65 -35.50 43.12
N ALA E 197 -6.11 -34.29 43.39
CA ALA E 197 -5.35 -33.36 44.20
C ALA E 197 -5.39 -33.78 45.66
N ASN E 198 -4.41 -33.29 46.43
CA ASN E 198 -4.35 -33.56 47.86
C ASN E 198 -3.88 -32.31 48.56
N ASN E 199 -3.54 -32.44 49.84
CA ASN E 199 -3.22 -31.28 50.67
C ASN E 199 -1.85 -30.68 50.35
N ASN E 200 -1.02 -31.36 49.58
CA ASN E 200 0.29 -30.85 49.20
C ASN E 200 0.30 -30.28 47.78
N THR E 201 -0.83 -30.29 47.10
CA THR E 201 -0.93 -29.85 45.72
C THR E 201 -1.93 -28.73 45.50
N ALA E 202 -3.10 -28.80 46.15
CA ALA E 202 -4.20 -27.92 45.82
C ALA E 202 -4.14 -26.56 46.50
N PHE E 203 -3.20 -26.35 47.43
CA PHE E 203 -3.12 -25.10 48.16
C PHE E 203 -1.71 -24.55 48.07
N ALA E 204 -1.57 -23.37 47.49
CA ALA E 204 -0.28 -22.71 47.30
C ALA E 204 -0.21 -21.47 48.17
N ALA E 205 0.98 -21.20 48.70
CA ALA E 205 1.19 -20.03 49.54
C ALA E 205 1.34 -18.78 48.67
N VAL E 206 1.47 -17.63 49.33
CA VAL E 206 1.69 -16.37 48.63
C VAL E 206 3.08 -16.36 48.03
N GLY E 207 3.16 -16.23 46.70
CA GLY E 207 4.40 -16.27 45.98
C GLY E 207 4.73 -17.59 45.35
N ALA E 208 4.08 -18.67 45.77
CA ALA E 208 4.31 -19.99 45.19
C ALA E 208 3.65 -20.10 43.82
N ASN E 209 3.94 -21.20 43.15
CA ASN E 209 3.42 -21.42 41.80
C ASN E 209 1.95 -21.80 41.86
N PRO E 210 1.06 -21.00 41.28
CA PRO E 210 -0.38 -21.30 41.36
C PRO E 210 -0.88 -22.18 40.22
N LEU E 211 0.05 -22.84 39.52
CA LEU E 211 -0.29 -23.53 38.29
C LEU E 211 -1.17 -24.76 38.53
N GLU E 212 -0.75 -25.65 39.41
CA GLU E 212 -1.50 -26.85 39.72
C GLU E 212 -2.31 -26.72 40.99
N ALA E 213 -2.28 -25.56 41.63
CA ALA E 213 -3.06 -25.34 42.83
C ALA E 213 -4.52 -25.09 42.47
N ILE E 214 -5.37 -25.18 43.48
CA ILE E 214 -6.78 -24.80 43.36
C ILE E 214 -7.05 -23.48 44.08
N TYR E 215 -6.54 -23.32 45.29
CA TYR E 215 -6.70 -22.10 46.06
C TYR E 215 -5.34 -21.57 46.45
N GLN E 216 -5.21 -20.24 46.45
CA GLN E 216 -3.96 -19.59 46.83
C GLN E 216 -4.27 -18.43 47.75
N GLY E 217 -3.47 -18.29 48.80
CA GLY E 217 -3.68 -17.20 49.73
C GLY E 217 -2.81 -17.36 50.96
N ALA E 218 -2.97 -16.41 51.87
CA ALA E 218 -2.17 -16.39 53.10
C ALA E 218 -2.62 -17.42 54.12
N GLY E 219 -3.76 -18.07 53.91
CA GLY E 219 -4.23 -19.08 54.84
C GLY E 219 -4.13 -20.48 54.29
N ALA E 220 -3.32 -20.65 53.24
CA ALA E 220 -3.22 -21.94 52.56
C ALA E 220 -2.40 -22.97 53.33
N ALA E 221 -1.75 -22.57 54.42
CA ALA E 221 -1.03 -23.53 55.25
C ALA E 221 -1.95 -24.36 56.13
N ASP E 222 -3.21 -23.96 56.27
CA ASP E 222 -4.18 -24.69 57.10
C ASP E 222 -5.38 -25.17 56.30
N CYS E 223 -5.36 -25.03 54.98
CA CYS E 223 -6.45 -25.51 54.15
C CYS E 223 -6.28 -26.99 53.89
N GLU E 224 -7.38 -27.73 53.94
CA GLU E 224 -7.35 -29.16 53.67
C GLU E 224 -8.72 -29.62 53.18
N PHE E 225 -8.71 -30.68 52.38
CA PHE E 225 -9.96 -31.28 51.95
C PHE E 225 -10.67 -31.97 53.10
N GLU E 226 -11.98 -31.97 53.05
CA GLU E 226 -12.75 -32.84 53.94
C GLU E 226 -13.10 -34.15 53.26
N GLU E 227 -13.51 -34.09 52.00
CA GLU E 227 -13.73 -35.29 51.20
C GLU E 227 -13.64 -34.92 49.73
N ILE E 228 -13.38 -35.92 48.90
CA ILE E 228 -13.46 -35.82 47.46
C ILE E 228 -14.27 -37.00 46.98
N SER E 229 -15.35 -36.74 46.25
CA SER E 229 -16.15 -37.77 45.63
C SER E 229 -16.01 -37.69 44.12
N TYR E 230 -15.98 -38.83 43.46
CA TYR E 230 -15.99 -38.86 42.00
C TYR E 230 -17.01 -39.86 41.49
N THR E 231 -17.51 -39.61 40.29
CA THR E 231 -18.44 -40.49 39.62
C THR E 231 -18.06 -40.55 38.15
N VAL E 232 -17.92 -41.75 37.62
CA VAL E 232 -17.54 -41.96 36.22
C VAL E 232 -18.75 -42.48 35.45
N TYR E 233 -19.10 -41.78 34.39
CA TYR E 233 -20.11 -42.21 33.44
C TYR E 233 -19.42 -42.63 32.15
N GLN E 234 -19.99 -43.61 31.47
CA GLN E 234 -19.39 -44.13 30.24
C GLN E 234 -20.36 -44.01 29.09
N SER E 235 -19.93 -43.37 28.02
CA SER E 235 -20.71 -43.23 26.81
C SER E 235 -20.30 -44.31 25.81
N TYR E 236 -21.27 -45.02 25.29
CA TYR E 236 -20.97 -46.10 24.34
C TYR E 236 -22.15 -46.27 23.40
N LEU E 237 -21.94 -47.12 22.39
CA LEU E 237 -22.94 -47.43 21.38
C LEU E 237 -23.40 -48.86 21.58
N ASP E 238 -24.60 -49.03 22.11
CA ASP E 238 -25.22 -50.34 22.27
C ASP E 238 -25.93 -50.74 20.99
N GLN E 239 -26.32 -52.03 20.94
CA GLN E 239 -27.12 -52.62 19.86
C GLN E 239 -26.44 -52.47 18.50
N LEU E 240 -25.23 -53.02 18.40
CA LEU E 240 -24.43 -52.82 17.21
C LEU E 240 -24.95 -53.67 16.05
N PRO E 241 -24.94 -53.14 14.82
CA PRO E 241 -25.40 -53.93 13.68
C PRO E 241 -24.41 -55.00 13.28
N VAL E 242 -24.93 -56.17 12.95
CA VAL E 242 -24.13 -57.36 12.65
C VAL E 242 -24.42 -57.78 11.22
N GLY E 243 -23.37 -57.99 10.43
CA GLY E 243 -23.49 -58.37 9.05
C GLY E 243 -23.37 -59.87 8.85
N GLN E 244 -22.96 -60.25 7.64
CA GLN E 244 -22.84 -61.66 7.29
C GLN E 244 -21.64 -62.32 7.95
N ASN E 245 -20.64 -61.54 8.34
CA ASN E 245 -19.48 -62.06 9.07
C ASN E 245 -19.05 -61.01 10.09
N GLY E 246 -19.57 -61.14 11.31
CA GLY E 246 -19.17 -60.26 12.38
C GLY E 246 -19.88 -58.93 12.35
N TYR E 247 -19.34 -58.01 13.14
CA TYR E 247 -19.87 -56.66 13.22
C TYR E 247 -19.60 -55.90 11.93
N ILE E 248 -20.49 -54.95 11.62
CA ILE E 248 -20.22 -53.93 10.61
C ILE E 248 -19.55 -52.78 11.34
N LEU E 249 -18.33 -52.43 10.92
CA LEU E 249 -17.53 -51.47 11.66
C LEU E 249 -16.79 -50.56 10.70
N PRO E 250 -16.54 -49.31 11.10
CA PRO E 250 -15.55 -48.48 10.41
C PRO E 250 -14.14 -48.86 10.85
N LEU E 251 -13.42 -49.55 9.96
CA LEU E 251 -12.17 -50.19 10.37
C LEU E 251 -11.04 -49.19 10.49
N ILE E 252 -10.96 -48.21 9.59
CA ILE E 252 -9.91 -47.20 9.67
C ILE E 252 -10.16 -46.26 10.83
N ASP E 253 -11.43 -46.04 11.19
CA ASP E 253 -11.76 -45.15 12.30
C ASP E 253 -11.34 -45.74 13.65
N LEU E 254 -11.51 -47.06 13.81
CA LEU E 254 -11.10 -47.71 15.04
C LEU E 254 -9.64 -48.10 15.05
N SER E 255 -8.98 -48.12 13.89
CA SER E 255 -7.53 -48.32 13.82
C SER E 255 -6.78 -47.00 13.81
N THR E 256 -7.14 -46.12 14.74
CA THR E 256 -6.56 -44.79 14.82
C THR E 256 -6.74 -44.32 16.26
N LEU E 257 -5.68 -43.80 16.86
CA LEU E 257 -5.78 -43.26 18.19
C LEU E 257 -6.08 -41.77 18.13
N TYR E 258 -6.62 -41.26 19.23
CA TYR E 258 -6.87 -39.82 19.38
C TYR E 258 -6.37 -39.45 20.77
N ASN E 259 -5.18 -38.86 20.83
CA ASN E 259 -4.45 -38.76 22.09
C ASN E 259 -4.31 -37.32 22.55
N LEU E 260 -4.14 -37.18 23.86
CA LEU E 260 -3.91 -35.90 24.51
C LEU E 260 -2.72 -36.06 25.44
N GLU E 261 -1.63 -35.36 25.14
CA GLU E 261 -0.43 -35.39 25.96
C GLU E 261 -0.04 -33.98 26.38
N ASN E 262 0.72 -33.90 27.46
CA ASN E 262 1.31 -32.65 27.90
C ASN E 262 2.80 -32.87 28.17
N SER E 263 3.59 -31.85 27.86
CA SER E 263 5.03 -31.90 28.08
C SER E 263 5.48 -30.70 28.91
N ALA E 264 6.78 -30.52 29.05
CA ALA E 264 7.32 -29.38 29.77
C ALA E 264 8.72 -29.10 29.24
N GLN E 265 8.93 -27.92 28.68
CA GLN E 265 10.23 -27.48 28.22
C GLN E 265 10.75 -26.39 29.13
N ALA E 266 12.05 -26.10 29.00
CA ALA E 266 12.66 -25.00 29.73
C ALA E 266 13.79 -24.43 28.87
N GLY E 267 14.52 -23.48 29.44
CA GLY E 267 15.60 -22.85 28.72
C GLY E 267 15.13 -21.67 27.90
N LEU E 268 14.37 -20.78 28.52
CA LEU E 268 13.85 -19.59 27.87
C LEU E 268 14.72 -18.41 28.20
N THR E 269 15.11 -17.66 27.18
CA THR E 269 15.88 -16.44 27.31
C THR E 269 15.16 -15.35 26.54
N PRO E 270 15.21 -14.10 27.01
CA PRO E 270 14.53 -13.01 26.31
C PRO E 270 15.13 -12.74 24.94
N ASN E 271 14.28 -12.30 24.01
CA ASN E 271 14.61 -11.87 22.66
C ASN E 271 15.14 -13.00 21.78
N VAL E 272 15.06 -14.25 22.22
CA VAL E 272 15.55 -15.40 21.45
C VAL E 272 14.36 -16.28 21.11
N ASP E 273 14.30 -16.72 19.85
CA ASP E 273 13.29 -17.67 19.44
C ASP E 273 13.49 -19.00 20.16
N PHE E 274 12.43 -19.48 20.80
CA PHE E 274 12.45 -20.76 21.50
C PHE E 274 11.53 -21.71 20.74
N VAL E 275 12.13 -22.72 20.11
CA VAL E 275 11.42 -23.62 19.23
C VAL E 275 11.15 -24.93 19.96
N VAL E 276 9.91 -25.41 19.84
CA VAL E 276 9.50 -26.72 20.34
C VAL E 276 9.13 -27.55 19.13
N GLN E 277 9.94 -28.56 18.83
CA GLN E 277 9.76 -29.36 17.64
C GLN E 277 8.61 -30.33 17.80
N TYR E 278 7.89 -30.56 16.71
CA TYR E 278 6.87 -31.60 16.64
C TYR E 278 7.50 -32.92 16.22
N ALA E 279 6.83 -34.01 16.57
CA ALA E 279 7.29 -35.33 16.16
C ALA E 279 6.97 -35.59 14.70
N ASN E 280 7.46 -36.70 14.18
CA ASN E 280 7.53 -36.91 12.74
C ASN E 280 6.45 -37.82 12.17
N LEU E 281 5.57 -38.38 12.98
CA LEU E 281 4.58 -39.30 12.44
C LEU E 281 3.17 -39.05 12.95
N TYR E 282 2.97 -38.04 13.78
CA TYR E 282 1.65 -37.71 14.30
C TYR E 282 0.97 -36.67 13.41
N ARG E 283 -0.35 -36.60 13.53
CA ARG E 283 -1.16 -35.61 12.83
C ARG E 283 -1.73 -34.68 13.89
N TYR E 284 -1.03 -33.59 14.15
CA TYR E 284 -1.35 -32.71 15.27
C TYR E 284 -2.58 -31.86 14.95
N LEU E 285 -3.53 -31.84 15.87
CA LEU E 285 -4.77 -31.10 15.70
C LEU E 285 -4.79 -29.77 16.43
N SER E 286 -4.24 -29.71 17.64
CA SER E 286 -4.19 -28.45 18.36
C SER E 286 -2.98 -28.44 19.28
N THR E 287 -2.50 -27.24 19.57
CA THR E 287 -1.39 -27.02 20.48
C THR E 287 -1.84 -26.02 21.52
N ILE E 288 -1.50 -26.28 22.78
CA ILE E 288 -1.77 -25.34 23.87
C ILE E 288 -0.47 -25.12 24.62
N ALA E 289 -0.04 -23.86 24.66
CA ALA E 289 1.21 -23.49 25.30
C ALA E 289 0.90 -22.61 26.51
N VAL E 290 1.42 -22.99 27.66
CA VAL E 290 1.26 -22.22 28.89
C VAL E 290 2.62 -21.65 29.25
N PHE E 291 2.69 -20.32 29.37
CA PHE E 291 3.93 -19.64 29.73
C PHE E 291 3.93 -19.43 31.23
N ASP E 292 4.45 -20.41 31.96
CA ASP E 292 4.73 -20.28 33.38
C ASP E 292 6.02 -19.49 33.52
N ASN E 293 5.90 -18.18 33.78
CA ASN E 293 7.06 -17.31 33.87
C ASN E 293 7.55 -17.19 35.31
N GLY E 294 7.92 -18.34 35.86
CA GLY E 294 8.43 -18.39 37.23
C GLY E 294 7.36 -18.17 38.27
N GLY E 295 6.26 -18.91 38.18
CA GLY E 295 5.15 -18.71 39.09
C GLY E 295 4.33 -17.48 38.82
N SER E 296 4.45 -16.89 37.63
CA SER E 296 3.73 -15.68 37.26
C SER E 296 3.13 -15.88 35.89
N PHE E 297 1.90 -15.38 35.72
CA PHE E 297 1.18 -15.53 34.46
C PHE E 297 0.71 -14.14 34.04
N ASN E 298 0.97 -13.80 32.78
CA ASN E 298 0.74 -12.46 32.27
C ASN E 298 -0.14 -12.52 31.03
N ALA E 299 -0.91 -11.46 30.82
CA ALA E 299 -1.84 -11.39 29.69
C ALA E 299 -1.13 -10.85 28.46
N GLY E 300 -0.18 -11.65 27.97
CA GLY E 300 0.53 -11.36 26.74
C GLY E 300 1.60 -10.30 26.82
N THR E 301 1.86 -9.74 27.99
CA THR E 301 2.78 -8.63 28.11
C THR E 301 4.22 -9.06 28.35
N ASP E 302 4.54 -10.34 28.12
CA ASP E 302 5.91 -10.82 28.26
C ASP E 302 6.31 -11.70 27.07
N ILE E 303 5.56 -11.63 25.98
CA ILE E 303 5.84 -12.39 24.76
C ILE E 303 5.89 -11.42 23.61
N ASN E 304 6.95 -11.48 22.81
CA ASN E 304 7.01 -10.67 21.60
C ASN E 304 6.08 -11.22 20.53
N TYR E 305 6.22 -12.49 20.21
CA TYR E 305 5.36 -13.14 19.23
C TYR E 305 5.35 -14.64 19.47
N LEU E 306 4.36 -15.29 18.89
CA LEU E 306 4.29 -16.74 18.80
C LEU E 306 4.15 -17.10 17.33
N SER E 307 4.64 -18.29 16.97
CA SER E 307 4.75 -18.60 15.55
C SER E 307 4.67 -20.10 15.33
N GLN E 308 4.70 -20.49 14.06
CA GLN E 308 4.77 -21.89 13.66
C GLN E 308 5.58 -21.96 12.37
N ARG E 309 6.88 -22.23 12.47
CA ARG E 309 7.75 -22.23 11.31
C ARG E 309 8.03 -23.64 10.84
N THR E 310 8.31 -23.77 9.53
CA THR E 310 8.49 -25.11 8.99
C THR E 310 9.93 -25.60 9.14
N ALA E 311 10.86 -25.12 8.32
CA ALA E 311 12.19 -25.74 8.30
C ALA E 311 13.16 -24.97 9.18
N ASN E 312 12.72 -24.68 10.41
CA ASN E 312 13.35 -23.79 11.38
C ASN E 312 13.64 -22.39 10.84
N PHE E 313 13.03 -22.01 9.71
CA PHE E 313 13.32 -20.75 9.05
C PHE E 313 12.07 -19.91 8.80
N SER E 314 11.06 -20.50 8.17
CA SER E 314 9.99 -19.76 7.51
C SER E 314 8.69 -19.92 8.29
N ASP E 315 8.27 -18.84 8.93
CA ASP E 315 7.07 -18.87 9.76
C ASP E 315 5.82 -18.94 8.89
N THR E 316 4.77 -19.55 9.44
CA THR E 316 3.48 -19.60 8.76
C THR E 316 2.37 -18.86 9.50
N ARG E 317 2.42 -18.78 10.83
CA ARG E 317 1.53 -17.85 11.55
C ARG E 317 2.32 -17.16 12.67
N LYS E 318 3.03 -16.10 12.32
CA LYS E 318 3.81 -15.34 13.31
C LYS E 318 3.00 -14.10 13.69
N LEU E 319 2.45 -14.11 14.90
CA LEU E 319 1.57 -13.05 15.37
C LEU E 319 1.98 -12.62 16.77
N ASP E 320 1.72 -11.36 17.10
CA ASP E 320 1.89 -10.88 18.46
C ASP E 320 0.77 -11.44 19.35
N PRO E 321 0.92 -11.41 20.68
CA PRO E 321 -0.08 -12.05 21.55
C PRO E 321 -1.50 -11.52 21.47
N LYS E 322 -1.72 -10.31 20.95
CA LYS E 322 -3.09 -9.83 20.83
C LYS E 322 -3.76 -10.34 19.56
N THR E 323 -3.00 -10.56 18.48
CA THR E 323 -3.55 -11.13 17.27
C THR E 323 -3.64 -12.65 17.37
N TRP E 324 -2.74 -13.25 18.17
CA TRP E 324 -2.86 -14.67 18.49
C TRP E 324 -4.13 -14.95 19.28
N ALA E 325 -4.45 -14.09 20.24
CA ALA E 325 -5.70 -14.22 20.97
C ALA E 325 -6.91 -13.84 20.12
N ALA E 326 -6.71 -13.08 19.04
CA ALA E 326 -7.80 -12.77 18.14
C ALA E 326 -8.19 -13.98 17.29
N GLN E 327 -7.24 -14.88 17.05
CA GLN E 327 -7.54 -16.10 16.30
C GLN E 327 -8.29 -17.13 17.13
N THR E 328 -8.19 -17.05 18.45
CA THR E 328 -8.91 -17.99 19.31
C THR E 328 -10.28 -17.47 19.72
N ARG E 329 -10.50 -16.15 19.63
CA ARG E 329 -11.84 -15.62 19.84
C ARG E 329 -12.77 -15.94 18.69
N ARG E 330 -12.24 -16.29 17.52
CA ARG E 330 -13.05 -16.88 16.46
C ARG E 330 -13.34 -18.35 16.71
N ARG E 331 -12.68 -18.97 17.69
CA ARG E 331 -12.78 -20.40 17.93
C ARG E 331 -13.62 -20.73 19.16
N ILE E 332 -13.38 -20.08 20.29
CA ILE E 332 -14.08 -20.37 21.54
C ILE E 332 -14.82 -19.16 22.08
N ALA E 333 -14.87 -18.07 21.33
CA ALA E 333 -15.68 -16.87 21.59
C ALA E 333 -15.36 -16.18 22.90
N THR E 334 -14.17 -16.42 23.44
CA THR E 334 -13.69 -15.81 24.68
C THR E 334 -12.17 -15.94 24.67
N ASP E 335 -11.55 -15.54 25.77
CA ASP E 335 -10.10 -15.69 25.92
C ASP E 335 -9.80 -16.79 26.92
N PHE E 336 -8.79 -17.59 26.60
CA PHE E 336 -8.21 -18.51 27.55
C PHE E 336 -7.53 -17.71 28.68
N PRO E 337 -7.34 -18.31 29.86
CA PRO E 337 -6.77 -17.56 30.99
C PRO E 337 -5.34 -17.07 30.74
N LYS E 338 -4.83 -16.30 31.71
CA LYS E 338 -3.55 -15.62 31.59
C LYS E 338 -2.40 -16.60 31.46
N GLY E 339 -1.67 -16.50 30.35
CA GLY E 339 -0.58 -17.38 30.05
C GLY E 339 -0.91 -18.52 29.12
N VAL E 340 -2.19 -18.76 28.85
CA VAL E 340 -2.62 -19.89 28.03
C VAL E 340 -2.82 -19.41 26.60
N TYR E 341 -2.21 -20.11 25.65
CA TYR E 341 -2.24 -19.73 24.24
C TYR E 341 -2.62 -20.96 23.43
N TYR E 342 -3.67 -20.82 22.62
CA TYR E 342 -4.22 -21.92 21.85
C TYR E 342 -3.87 -21.75 20.38
N CYS E 343 -3.64 -22.86 19.70
CA CYS E 343 -3.34 -22.87 18.28
C CYS E 343 -4.17 -23.98 17.64
N ASP E 344 -5.04 -23.60 16.72
CA ASP E 344 -5.97 -24.52 16.08
C ASP E 344 -5.44 -24.93 14.71
N ASN E 345 -5.31 -26.24 14.51
CA ASN E 345 -4.89 -26.80 13.23
C ASN E 345 -5.82 -27.92 12.81
N ARG E 346 -7.13 -27.74 13.00
CA ARG E 346 -8.06 -28.84 12.77
C ARG E 346 -8.43 -28.98 11.30
N ASP E 347 -8.40 -27.89 10.52
CA ASP E 347 -8.75 -27.99 9.11
C ASP E 347 -7.64 -28.66 8.31
N LYS E 348 -6.39 -28.30 8.59
CA LYS E 348 -5.23 -28.98 8.01
C LYS E 348 -4.29 -29.33 9.15
N PRO E 349 -4.23 -30.60 9.55
CA PRO E 349 -3.37 -30.98 10.68
C PRO E 349 -1.89 -30.92 10.32
N ILE E 350 -1.08 -30.61 11.33
CA ILE E 350 0.36 -30.62 11.15
C ILE E 350 0.84 -32.06 11.08
N TYR E 351 1.44 -32.44 9.95
CA TYR E 351 1.88 -33.80 9.74
C TYR E 351 3.15 -33.76 8.89
N THR E 352 4.28 -34.03 9.51
CA THR E 352 5.54 -34.12 8.81
C THR E 352 5.86 -35.59 8.56
N LEU E 353 6.97 -35.82 7.86
CA LEU E 353 7.58 -37.14 7.80
C LEU E 353 8.94 -37.17 8.45
N GLN E 354 9.50 -36.01 8.79
CA GLN E 354 10.82 -35.90 9.38
C GLN E 354 10.73 -35.08 10.66
N TYR E 355 11.52 -35.45 11.65
CA TYR E 355 11.39 -34.89 12.99
C TYR E 355 11.85 -33.44 13.03
N GLY E 356 11.04 -32.60 13.69
CA GLY E 356 11.38 -31.20 13.82
C GLY E 356 11.22 -30.38 12.56
N ASN E 357 10.56 -30.92 11.54
CA ASN E 357 10.34 -30.19 10.30
C ASN E 357 9.16 -29.23 10.38
N VAL E 358 8.48 -29.17 11.51
CA VAL E 358 7.56 -28.09 11.88
C VAL E 358 7.81 -27.85 13.37
N GLY E 359 7.92 -26.59 13.77
CA GLY E 359 8.14 -26.26 15.16
C GLY E 359 7.18 -25.20 15.65
N PHE E 360 7.07 -25.11 16.97
CA PHE E 360 6.28 -24.09 17.64
C PHE E 360 7.23 -23.11 18.31
N VAL E 361 7.06 -21.82 18.02
CA VAL E 361 8.02 -20.79 18.41
C VAL E 361 7.37 -19.87 19.42
N VAL E 362 8.11 -19.55 20.48
CA VAL E 362 7.74 -18.50 21.42
C VAL E 362 8.96 -17.60 21.57
N ASN E 363 8.81 -16.33 21.21
CA ASN E 363 9.86 -15.33 21.43
C ASN E 363 9.45 -14.50 22.63
N PRO E 364 10.00 -14.74 23.82
CA PRO E 364 9.56 -13.99 24.99
C PRO E 364 10.20 -12.61 25.05
N LYS E 365 9.70 -11.81 25.99
CA LYS E 365 10.23 -10.48 26.25
C LYS E 365 10.79 -10.35 27.66
N THR E 366 10.06 -10.83 28.66
CA THR E 366 10.52 -10.85 30.04
C THR E 366 10.51 -12.29 30.52
N VAL E 367 11.66 -12.79 30.96
CA VAL E 367 11.80 -14.15 31.45
C VAL E 367 12.33 -14.08 32.87
N ASN E 368 11.57 -14.66 33.81
CA ASN E 368 12.01 -14.77 35.19
C ASN E 368 12.75 -16.08 35.38
N GLN E 369 13.29 -16.28 36.59
CA GLN E 369 13.93 -17.54 36.89
C GLN E 369 12.88 -18.63 37.09
N ASN E 370 13.29 -19.87 36.80
CA ASN E 370 12.42 -21.06 36.79
C ASN E 370 11.23 -20.87 35.84
N ALA E 371 11.50 -20.28 34.68
CA ALA E 371 10.49 -20.13 33.64
C ALA E 371 10.45 -21.38 32.78
N ARG E 372 9.26 -21.91 32.56
CA ARG E 372 9.09 -23.10 31.75
C ARG E 372 7.88 -22.89 30.83
N LEU E 373 7.82 -23.72 29.78
CA LEU E 373 6.77 -23.64 28.77
C LEU E 373 6.08 -24.98 28.69
N LEU E 374 4.85 -25.04 29.18
CA LEU E 374 4.07 -26.28 29.20
C LEU E 374 3.32 -26.43 27.88
N MET E 375 3.51 -27.56 27.22
CA MET E 375 2.96 -27.78 25.89
C MET E 375 2.00 -28.96 25.94
N GLY E 376 0.72 -28.68 25.73
CA GLY E 376 -0.29 -29.72 25.60
C GLY E 376 -0.58 -29.98 24.13
N TYR E 377 -0.66 -31.25 23.77
CA TYR E 377 -0.86 -31.66 22.40
C TYR E 377 -2.16 -32.43 22.24
N GLU E 378 -2.60 -32.51 20.99
CA GLU E 378 -3.80 -33.26 20.64
C GLU E 378 -3.62 -33.70 19.19
N TYR E 379 -3.67 -35.00 18.94
CA TYR E 379 -3.18 -35.51 17.67
C TYR E 379 -3.82 -36.85 17.36
N PHE E 380 -3.73 -37.22 16.09
CA PHE E 380 -4.14 -38.53 15.60
C PHE E 380 -2.91 -39.39 15.37
N THR E 381 -3.07 -40.69 15.58
CA THR E 381 -2.01 -41.65 15.34
C THR E 381 -2.62 -42.93 14.78
N SER E 382 -2.15 -43.36 13.63
CA SER E 382 -2.57 -44.64 13.09
C SER E 382 -1.79 -45.77 13.74
N ARG E 383 -2.41 -46.94 13.78
CA ARG E 383 -1.75 -48.15 14.23
C ARG E 383 -1.21 -48.91 13.03
N THR E 384 -0.30 -49.84 13.30
CA THR E 384 0.41 -50.52 12.22
C THR E 384 -0.46 -51.52 11.48
N GLU E 385 -1.53 -52.00 12.10
CA GLU E 385 -2.49 -52.90 11.46
C GLU E 385 -3.88 -52.54 11.94
N LEU E 386 -4.89 -53.21 11.36
CA LEU E 386 -6.27 -53.06 11.79
C LEU E 386 -6.48 -53.81 13.11
N VAL E 387 -7.66 -53.63 13.70
CA VAL E 387 -7.83 -53.85 15.14
C VAL E 387 -8.53 -55.16 15.46
N ASN E 388 -8.60 -56.11 14.51
CA ASN E 388 -9.05 -57.49 14.76
C ASN E 388 -10.48 -57.54 15.31
N ALA E 389 -11.43 -57.22 14.42
CA ALA E 389 -12.84 -57.18 14.77
C ALA E 389 -13.34 -58.51 15.34
N GLY E 390 -13.17 -59.59 14.59
CA GLY E 390 -13.60 -60.89 15.05
C GLY E 390 -13.73 -61.93 13.96
N ALA F 2 -41.22 -16.88 -12.12
CA ALA F 2 -40.93 -15.61 -11.45
C ALA F 2 -42.19 -15.01 -10.86
N GLN F 3 -42.32 -15.10 -9.54
CA GLN F 3 -43.42 -14.44 -8.86
C GLN F 3 -42.96 -13.44 -7.82
N VAL F 4 -41.89 -13.73 -7.09
CA VAL F 4 -41.31 -12.71 -6.23
C VAL F 4 -40.16 -12.08 -6.98
N GLN F 5 -39.12 -12.85 -7.27
CA GLN F 5 -37.93 -12.32 -7.93
C GLN F 5 -38.18 -12.11 -9.41
N GLN F 6 -37.34 -11.27 -10.01
CA GLN F 6 -37.39 -11.10 -11.46
C GLN F 6 -36.89 -12.36 -12.17
N LEU F 7 -35.73 -12.85 -11.73
CA LEU F 7 -35.20 -14.13 -12.19
C LEU F 7 -35.26 -15.10 -11.02
N THR F 8 -35.89 -16.24 -11.23
CA THR F 8 -35.82 -17.32 -10.25
C THR F 8 -34.42 -17.93 -10.26
N PRO F 9 -34.03 -18.65 -9.20
CA PRO F 9 -32.73 -19.34 -9.22
C PRO F 9 -32.55 -20.36 -10.35
N ALA F 10 -33.62 -20.87 -10.94
CA ALA F 10 -33.49 -21.66 -12.15
C ALA F 10 -33.37 -20.78 -13.39
N GLN F 11 -33.98 -19.58 -13.37
CA GLN F 11 -33.88 -18.70 -14.53
C GLN F 11 -32.50 -18.06 -14.62
N GLN F 12 -31.89 -17.77 -13.47
CA GLN F 12 -30.53 -17.23 -13.45
C GLN F 12 -29.48 -18.32 -13.41
N ALA F 13 -29.88 -19.59 -13.55
CA ALA F 13 -28.93 -20.67 -13.77
C ALA F 13 -28.79 -21.02 -15.23
N ALA F 14 -29.76 -20.62 -16.06
CA ALA F 14 -29.64 -20.76 -17.50
C ALA F 14 -28.84 -19.61 -18.12
N LEU F 15 -28.46 -18.61 -17.34
CA LEU F 15 -27.61 -17.52 -17.78
C LEU F 15 -26.14 -17.78 -17.47
N ARG F 16 -25.81 -18.98 -17.02
CA ARG F 16 -24.44 -19.34 -16.67
C ARG F 16 -24.10 -20.66 -17.34
N ASN F 17 -22.82 -20.83 -17.65
CA ASN F 17 -22.34 -22.09 -18.20
C ASN F 17 -22.22 -23.10 -17.06
N GLN F 18 -22.94 -24.20 -17.17
CA GLN F 18 -23.00 -25.18 -16.09
C GLN F 18 -21.85 -26.17 -16.12
N GLN F 19 -21.22 -26.37 -17.27
CA GLN F 19 -20.02 -27.20 -17.32
C GLN F 19 -18.79 -26.44 -16.86
N ALA F 20 -18.79 -25.12 -16.99
CA ALA F 20 -17.73 -24.31 -16.43
C ALA F 20 -17.88 -24.10 -14.94
N MET F 21 -19.09 -24.29 -14.40
CA MET F 21 -19.30 -24.22 -12.95
C MET F 21 -18.96 -25.54 -12.27
N ALA F 22 -19.18 -26.66 -12.96
CA ALA F 22 -18.81 -27.95 -12.40
C ALA F 22 -17.30 -28.14 -12.43
N ALA F 23 -16.63 -27.58 -13.43
CA ALA F 23 -15.18 -27.58 -13.47
C ALA F 23 -14.57 -26.58 -12.49
N ASN F 24 -15.36 -25.64 -11.99
CA ASN F 24 -14.89 -24.63 -11.05
C ASN F 24 -14.94 -25.13 -9.62
N LEU F 25 -15.97 -25.88 -9.26
CA LEU F 25 -16.04 -26.45 -7.92
C LEU F 25 -15.09 -27.64 -7.74
N GLN F 26 -14.70 -28.30 -8.83
CA GLN F 26 -13.66 -29.31 -8.71
C GLN F 26 -12.30 -28.67 -8.49
N ALA F 27 -12.04 -27.54 -9.15
CA ALA F 27 -10.76 -26.86 -9.00
C ALA F 27 -10.63 -26.20 -7.64
N ARG F 28 -11.75 -25.83 -7.01
CA ARG F 28 -11.69 -25.23 -5.69
C ARG F 28 -11.39 -26.27 -4.61
N GLN F 29 -11.94 -27.48 -4.76
CA GLN F 29 -11.69 -28.54 -3.79
C GLN F 29 -10.25 -29.03 -3.85
N ILE F 30 -9.62 -28.96 -5.02
CA ILE F 30 -8.22 -29.35 -5.16
C ILE F 30 -7.32 -28.31 -4.50
N VAL F 31 -7.67 -27.03 -4.66
CA VAL F 31 -6.88 -25.96 -4.05
C VAL F 31 -7.01 -26.00 -2.53
N LEU F 32 -8.22 -26.19 -2.02
CA LEU F 32 -8.44 -26.13 -0.58
C LEU F 32 -7.90 -27.34 0.17
N GLN F 33 -7.55 -28.42 -0.52
CA GLN F 33 -7.01 -29.59 0.14
C GLN F 33 -5.54 -29.84 -0.14
N GLN F 34 -4.93 -29.07 -1.04
CA GLN F 34 -3.52 -29.24 -1.37
C GLN F 34 -2.71 -27.98 -1.13
N SER F 35 -3.27 -26.97 -0.48
CA SER F 35 -2.56 -25.75 -0.18
C SER F 35 -2.38 -25.62 1.33
N TYR F 36 -1.55 -24.66 1.72
CA TYR F 36 -1.30 -24.39 3.11
C TYR F 36 -1.73 -22.98 3.45
N PRO F 37 -2.58 -22.80 4.46
CA PRO F 37 -2.99 -21.44 4.86
C PRO F 37 -1.87 -20.74 5.63
N VAL F 38 -1.40 -19.63 5.09
CA VAL F 38 -0.38 -18.80 5.71
C VAL F 38 -1.00 -17.46 6.07
N ILE F 39 -0.65 -16.93 7.23
CA ILE F 39 -0.94 -15.55 7.60
C ILE F 39 0.38 -14.88 7.96
N GLN F 40 0.62 -13.70 7.37
CA GLN F 40 1.93 -13.07 7.42
C GLN F 40 1.75 -11.57 7.58
N GLN F 41 2.52 -10.97 8.48
CA GLN F 41 2.53 -9.52 8.63
C GLN F 41 3.24 -8.88 7.45
N VAL F 42 2.57 -7.95 6.78
CA VAL F 42 3.10 -7.33 5.58
C VAL F 42 3.50 -5.87 5.77
N GLU F 43 2.91 -5.16 6.73
CA GLU F 43 3.31 -3.79 6.98
C GLU F 43 2.98 -3.40 8.40
N THR F 44 3.84 -2.56 8.98
CA THR F 44 3.63 -1.99 10.30
C THR F 44 4.33 -0.65 10.36
N GLN F 45 3.61 0.40 10.74
CA GLN F 45 4.24 1.65 11.12
C GLN F 45 3.34 2.44 12.05
N THR F 46 3.98 3.33 12.80
CA THR F 46 3.38 4.08 13.88
C THR F 46 3.55 5.57 13.59
N PHE F 47 2.49 6.34 13.70
CA PHE F 47 2.48 7.69 13.18
C PHE F 47 1.72 8.62 14.10
N ASP F 48 1.72 9.90 13.72
CA ASP F 48 0.92 10.94 14.33
C ASP F 48 -0.12 11.38 13.31
N PRO F 49 -1.42 11.32 13.60
CA PRO F 49 -2.41 11.74 12.60
C PRO F 49 -2.48 13.23 12.38
N ALA F 50 -1.81 14.04 13.20
CA ALA F 50 -1.65 15.45 12.88
C ALA F 50 -0.63 15.66 11.77
N ASN F 51 0.24 14.68 11.52
CA ASN F 51 1.22 14.73 10.44
C ASN F 51 0.75 14.00 9.20
N ARG F 52 0.26 12.77 9.35
CA ARG F 52 -0.17 11.95 8.22
C ARG F 52 -1.30 11.05 8.68
N SER F 53 -2.34 10.93 7.86
CA SER F 53 -3.47 10.07 8.22
C SER F 53 -3.93 9.14 7.12
N VAL F 54 -3.47 9.31 5.89
CA VAL F 54 -3.82 8.42 4.78
C VAL F 54 -2.58 7.63 4.40
N PHE F 55 -2.73 6.31 4.33
CA PHE F 55 -1.61 5.42 4.12
C PHE F 55 -1.91 4.42 3.02
N ASP F 56 -0.87 4.05 2.30
CA ASP F 56 -0.95 3.02 1.26
C ASP F 56 -0.06 1.87 1.67
N VAL F 57 -0.61 0.66 1.67
CA VAL F 57 0.05 -0.51 2.22
C VAL F 57 0.37 -1.47 1.08
N THR F 58 1.64 -1.86 0.98
CA THR F 58 2.09 -2.79 -0.03
C THR F 58 2.00 -4.21 0.52
N PRO F 59 1.16 -5.07 -0.02
CA PRO F 59 1.09 -6.45 0.45
C PRO F 59 2.16 -7.30 -0.25
N ALA F 60 2.13 -8.59 0.03
CA ALA F 60 3.05 -9.54 -0.55
C ALA F 60 2.42 -10.22 -1.76
N ASN F 61 3.19 -10.32 -2.84
CA ASN F 61 2.68 -10.91 -4.08
C ASN F 61 2.95 -12.41 -4.06
N VAL F 62 2.06 -13.14 -3.41
CA VAL F 62 2.24 -14.58 -3.20
C VAL F 62 0.89 -15.25 -3.06
N GLY F 63 0.73 -16.39 -3.74
CA GLY F 63 -0.36 -17.31 -3.49
C GLY F 63 -1.71 -16.80 -3.97
N ILE F 64 -2.75 -17.21 -3.24
CA ILE F 64 -4.12 -16.77 -3.47
C ILE F 64 -4.56 -16.06 -2.20
N VAL F 65 -4.73 -14.74 -2.28
CA VAL F 65 -4.98 -13.94 -1.09
C VAL F 65 -6.44 -14.06 -0.68
N LYS F 66 -6.67 -14.31 0.60
CA LYS F 66 -8.01 -14.48 1.12
C LYS F 66 -8.53 -13.26 1.86
N GLY F 67 -7.66 -12.36 2.29
CA GLY F 67 -8.11 -11.17 2.96
C GLY F 67 -7.00 -10.58 3.81
N PHE F 68 -7.36 -9.54 4.55
CA PHE F 68 -6.42 -8.79 5.36
C PHE F 68 -6.98 -8.57 6.76
N LEU F 69 -6.11 -8.69 7.75
CA LEU F 69 -6.46 -8.41 9.13
C LEU F 69 -5.73 -7.14 9.55
N VAL F 70 -6.48 -6.12 9.91
CA VAL F 70 -5.92 -4.79 10.20
C VAL F 70 -6.10 -4.51 11.68
N LYS F 71 -5.00 -4.44 12.40
CA LYS F 71 -4.99 -4.09 13.81
C LYS F 71 -4.65 -2.61 13.94
N VAL F 72 -5.48 -1.85 14.66
CA VAL F 72 -5.27 -0.42 14.87
C VAL F 72 -5.25 -0.16 16.37
N THR F 73 -4.23 0.57 16.82
CA THR F 73 -4.06 0.92 18.23
C THR F 73 -3.88 2.43 18.34
N ALA F 74 -4.54 3.05 19.31
CA ALA F 74 -4.52 4.51 19.44
C ALA F 74 -4.30 4.91 20.89
N ALA F 75 -3.93 6.17 21.09
CA ALA F 75 -3.46 6.69 22.37
C ALA F 75 -4.05 8.07 22.68
N ILE F 76 -5.38 8.20 22.66
CA ILE F 76 -6.05 9.49 22.76
C ILE F 76 -5.80 10.15 24.11
N LYS F 77 -5.40 11.42 24.07
CA LYS F 77 -5.20 12.29 25.23
C LYS F 77 -6.28 13.36 25.29
N ASN F 78 -6.77 13.64 26.49
CA ASN F 78 -7.78 14.68 26.71
C ASN F 78 -7.12 15.81 27.50
N ASN F 79 -6.80 16.90 26.81
CA ASN F 79 -6.10 18.03 27.40
C ASN F 79 -7.03 19.10 27.95
N HIS F 80 -8.28 18.77 28.23
CA HIS F 80 -9.18 19.75 28.81
C HIS F 80 -8.85 19.97 30.28
N ALA F 81 -9.41 21.03 30.84
CA ALA F 81 -9.14 21.36 32.23
C ALA F 81 -10.10 20.66 33.19
N THR F 82 -11.41 20.66 32.88
CA THR F 82 -12.39 20.15 33.82
C THR F 82 -13.30 19.08 33.22
N GLU F 83 -13.57 19.14 31.92
CA GLU F 83 -14.60 18.32 31.31
C GLU F 83 -14.03 17.03 30.73
N ALA F 84 -14.85 15.99 30.74
CA ALA F 84 -14.51 14.68 30.20
C ALA F 84 -15.30 14.41 28.93
N VAL F 85 -14.88 13.39 28.20
CA VAL F 85 -15.57 12.93 27.01
C VAL F 85 -15.94 11.47 27.19
N ALA F 86 -16.90 11.02 26.39
CA ALA F 86 -17.44 9.68 26.50
C ALA F 86 -17.49 9.03 25.13
N LEU F 87 -17.42 7.70 25.13
CA LEU F 87 -17.36 6.94 23.89
C LEU F 87 -18.71 6.92 23.18
N THR F 88 -18.68 7.11 21.87
CA THR F 88 -19.89 7.11 21.07
C THR F 88 -20.38 5.68 20.83
N ASP F 89 -21.47 5.56 20.07
CA ASP F 89 -22.06 4.24 19.85
C ASP F 89 -21.23 3.40 18.91
N PHE F 90 -20.59 4.04 17.92
CA PHE F 90 -19.75 3.28 17.00
C PHE F 90 -18.35 3.10 17.56
N GLY F 91 -17.88 4.05 18.36
CA GLY F 91 -16.73 3.87 19.21
C GLY F 91 -15.41 3.69 18.49
N PRO F 92 -14.67 2.65 18.87
CA PRO F 92 -13.37 2.41 18.24
C PRO F 92 -13.44 1.90 16.82
N ALA F 93 -14.63 1.56 16.32
CA ALA F 93 -14.77 1.17 14.92
C ALA F 93 -14.58 2.34 13.96
N ASN F 94 -14.59 3.57 14.45
CA ASN F 94 -14.30 4.75 13.66
C ASN F 94 -12.82 5.13 13.69
N LEU F 95 -11.94 4.18 14.04
CA LEU F 95 -10.51 4.46 13.97
C LEU F 95 -10.01 4.46 12.54
N VAL F 96 -10.63 3.66 11.67
CA VAL F 96 -10.36 3.64 10.25
C VAL F 96 -11.56 4.29 9.55
N GLN F 97 -11.28 5.28 8.71
CA GLN F 97 -12.36 5.99 8.04
C GLN F 97 -12.71 5.38 6.69
N ARG F 98 -11.73 4.94 5.92
CA ARG F 98 -11.98 4.33 4.63
C ARG F 98 -11.02 3.16 4.43
N VAL F 99 -11.42 2.23 3.56
CA VAL F 99 -10.61 1.09 3.17
C VAL F 99 -10.80 0.90 1.67
N ILE F 100 -9.71 1.00 0.90
CA ILE F 100 -9.74 0.67 -0.52
C ILE F 100 -8.66 -0.39 -0.77
N TYR F 101 -9.05 -1.45 -1.48
CA TYR F 101 -8.11 -2.47 -1.92
C TYR F 101 -8.07 -2.49 -3.44
N TYR F 102 -6.87 -2.55 -3.99
CA TYR F 102 -6.65 -2.73 -5.43
C TYR F 102 -5.89 -4.02 -5.66
N ASP F 103 -6.28 -4.78 -6.67
CA ASP F 103 -5.67 -6.08 -6.89
C ASP F 103 -4.45 -5.91 -7.80
N PRO F 104 -3.69 -7.00 -8.13
CA PRO F 104 -2.63 -6.89 -9.14
C PRO F 104 -2.95 -6.24 -10.49
N ASP F 105 -4.21 -6.16 -10.90
CA ASP F 105 -4.55 -5.59 -12.19
C ASP F 105 -5.13 -4.18 -12.06
N ASN F 106 -4.88 -3.51 -10.92
CA ASN F 106 -5.36 -2.16 -10.60
C ASN F 106 -6.88 -2.07 -10.62
N GLN F 107 -7.57 -3.15 -10.29
CA GLN F 107 -9.02 -3.16 -10.15
C GLN F 107 -9.38 -3.09 -8.68
N ARG F 108 -10.19 -2.12 -8.31
CA ARG F 108 -10.60 -1.99 -6.93
C ARG F 108 -11.58 -3.09 -6.56
N HIS F 109 -11.55 -3.51 -5.29
CA HIS F 109 -12.51 -4.48 -4.80
C HIS F 109 -13.42 -3.85 -3.76
N THR F 110 -12.90 -3.49 -2.59
CA THR F 110 -13.73 -3.04 -1.48
C THR F 110 -13.46 -1.57 -1.25
N GLU F 111 -14.51 -0.76 -1.27
CA GLU F 111 -14.39 0.67 -1.00
C GLU F 111 -15.54 1.04 -0.08
N THR F 112 -15.30 0.95 1.23
CA THR F 112 -16.33 1.20 2.22
C THR F 112 -15.70 1.94 3.40
N SER F 113 -16.51 2.23 4.41
CA SER F 113 -16.03 2.91 5.59
C SER F 113 -15.56 1.89 6.63
N GLY F 114 -15.18 2.40 7.80
CA GLY F 114 -14.68 1.54 8.86
C GLY F 114 -15.79 0.94 9.70
N TRP F 115 -16.86 1.71 9.93
CA TRP F 115 -17.98 1.16 10.68
C TRP F 115 -18.74 0.13 9.87
N HIS F 116 -18.78 0.29 8.55
CA HIS F 116 -19.50 -0.69 7.73
C HIS F 116 -18.72 -1.99 7.62
N LEU F 117 -17.39 -1.90 7.58
CA LEU F 117 -16.55 -3.09 7.60
C LEU F 117 -16.67 -3.84 8.91
N HIS F 118 -16.88 -3.12 10.02
CA HIS F 118 -17.01 -3.75 11.32
C HIS F 118 -18.32 -4.52 11.44
N PHE F 119 -19.41 -3.99 10.89
CA PHE F 119 -20.70 -4.64 11.04
C PHE F 119 -20.83 -5.88 10.17
N VAL F 120 -20.21 -5.88 8.99
CA VAL F 120 -20.17 -7.08 8.17
C VAL F 120 -19.28 -8.14 8.81
N ASN F 121 -18.27 -7.70 9.58
CA ASN F 121 -17.48 -8.64 10.36
C ASN F 121 -18.31 -9.28 11.47
N THR F 122 -19.20 -8.50 12.09
CA THR F 122 -20.14 -9.03 13.06
C THR F 122 -21.14 -9.97 12.41
N ALA F 123 -21.68 -9.58 11.27
CA ALA F 123 -22.77 -10.32 10.63
C ALA F 123 -22.32 -11.66 10.05
N LYS F 124 -21.03 -11.83 9.77
CA LYS F 124 -20.55 -13.10 9.25
C LYS F 124 -20.03 -14.03 10.33
N GLN F 125 -19.72 -13.51 11.51
CA GLN F 125 -19.30 -14.37 12.61
C GLN F 125 -20.49 -15.00 13.31
N GLY F 126 -21.59 -14.25 13.44
CA GLY F 126 -22.70 -14.66 14.26
C GLY F 126 -22.65 -14.08 15.66
N ALA F 127 -21.74 -13.18 15.92
CA ALA F 127 -21.55 -12.53 17.22
C ALA F 127 -20.85 -11.22 16.97
N PRO F 128 -20.81 -10.32 17.96
CA PRO F 128 -19.93 -9.15 17.84
C PRO F 128 -18.47 -9.56 17.64
N PHE F 129 -17.83 -8.88 16.70
CA PHE F 129 -16.57 -9.34 16.12
C PHE F 129 -15.44 -9.31 17.14
N LEU F 130 -14.81 -10.47 17.35
CA LEU F 130 -13.64 -10.66 18.22
C LEU F 130 -13.91 -10.21 19.65
N SER F 131 -15.11 -10.49 20.13
CA SER F 131 -15.50 -10.17 21.49
C SER F 131 -15.49 -11.43 22.35
N SER F 132 -15.53 -11.23 23.65
CA SER F 132 -15.62 -12.32 24.61
C SER F 132 -16.95 -12.22 25.33
N MET F 133 -17.66 -13.33 25.43
CA MET F 133 -18.90 -13.37 26.17
C MET F 133 -18.63 -13.58 27.65
N VAL F 134 -19.53 -13.05 28.47
CA VAL F 134 -19.46 -13.21 29.91
C VAL F 134 -20.20 -14.49 30.29
N THR F 135 -19.54 -15.34 31.05
CA THR F 135 -20.11 -16.60 31.51
C THR F 135 -20.05 -16.67 33.03
N ASP F 136 -20.53 -17.77 33.58
CA ASP F 136 -20.46 -18.03 35.01
C ASP F 136 -19.54 -19.20 35.28
N SER F 137 -18.43 -19.26 34.55
CA SER F 137 -17.43 -20.28 34.83
C SER F 137 -16.50 -19.80 35.94
N PRO F 138 -16.18 -20.65 36.92
CA PRO F 138 -15.20 -20.25 37.93
C PRO F 138 -13.78 -20.22 37.41
N ILE F 139 -13.48 -20.96 36.34
CA ILE F 139 -12.18 -20.87 35.68
C ILE F 139 -12.08 -19.51 35.01
N LYS F 140 -10.95 -18.84 35.18
CA LYS F 140 -10.80 -17.45 34.77
C LYS F 140 -10.70 -17.26 33.26
N TYR F 141 -11.78 -17.57 32.54
CA TYR F 141 -11.94 -17.12 31.17
C TYR F 141 -12.39 -15.67 31.17
N GLY F 142 -12.69 -15.13 30.00
CA GLY F 142 -13.29 -13.82 29.93
C GLY F 142 -12.56 -12.90 29.00
N ASP F 143 -12.39 -11.65 29.42
CA ASP F 143 -11.67 -10.65 28.63
C ASP F 143 -10.29 -10.51 29.25
N VAL F 144 -9.38 -11.37 28.81
CA VAL F 144 -8.03 -11.40 29.36
C VAL F 144 -7.09 -10.51 28.57
N MET F 145 -7.16 -10.61 27.24
CA MET F 145 -6.17 -10.01 26.36
C MET F 145 -6.56 -8.65 25.80
N ASN F 146 -7.85 -8.28 25.90
CA ASN F 146 -8.41 -7.02 25.40
C ASN F 146 -8.15 -6.84 23.90
N VAL F 147 -8.72 -7.74 23.11
CA VAL F 147 -8.49 -7.75 21.66
C VAL F 147 -9.12 -6.53 21.01
N ILE F 148 -10.37 -6.24 21.34
CA ILE F 148 -11.03 -5.00 20.97
C ILE F 148 -11.38 -4.29 22.25
N ASP F 149 -10.78 -3.11 22.46
CA ASP F 149 -10.82 -2.45 23.76
C ASP F 149 -10.84 -0.95 23.55
N ALA F 150 -11.55 -0.25 24.42
CA ALA F 150 -11.65 1.20 24.47
C ALA F 150 -12.22 1.61 25.81
N PRO F 151 -11.63 2.59 26.49
CA PRO F 151 -12.26 3.10 27.72
C PRO F 151 -13.52 3.87 27.41
N ALA F 152 -14.48 3.77 28.33
CA ALA F 152 -15.77 4.41 28.11
C ALA F 152 -15.74 5.90 28.40
N THR F 153 -14.72 6.39 29.11
CA THR F 153 -14.65 7.80 29.49
C THR F 153 -13.18 8.17 29.68
N ILE F 154 -12.73 9.22 29.01
CA ILE F 154 -11.41 9.79 29.25
C ILE F 154 -11.61 11.11 29.98
N ALA F 155 -11.10 11.18 31.21
CA ALA F 155 -11.32 12.35 32.05
C ALA F 155 -10.40 13.49 31.65
N ALA F 156 -10.57 14.63 32.31
CA ALA F 156 -9.77 15.82 32.01
C ALA F 156 -8.35 15.63 32.54
N GLY F 157 -7.41 15.42 31.65
CA GLY F 157 -6.03 15.17 32.01
C GLY F 157 -5.60 13.73 32.00
N ALA F 158 -6.36 12.85 31.36
CA ALA F 158 -6.06 11.42 31.33
C ALA F 158 -5.74 11.00 29.90
N THR F 159 -5.43 9.72 29.75
CA THR F 159 -5.07 9.12 28.47
C THR F 159 -5.75 7.78 28.35
N GLY F 160 -6.24 7.46 27.17
CA GLY F 160 -6.87 6.18 26.94
C GLY F 160 -6.22 5.44 25.78
N GLU F 161 -6.24 4.12 25.88
CA GLU F 161 -5.69 3.25 24.86
C GLU F 161 -6.82 2.48 24.19
N LEU F 162 -6.90 2.59 22.87
CA LEU F 162 -7.89 1.89 22.08
C LEU F 162 -7.23 0.78 21.28
N THR F 163 -7.97 -0.30 21.04
CA THR F 163 -7.49 -1.37 20.18
C THR F 163 -8.66 -1.84 19.34
N MET F 164 -8.42 -2.03 18.04
CA MET F 164 -9.50 -2.35 17.12
C MET F 164 -8.96 -3.26 16.03
N TYR F 165 -9.77 -4.22 15.60
CA TYR F 165 -9.41 -5.15 14.56
C TYR F 165 -10.42 -5.09 13.43
N TYR F 166 -9.94 -5.20 12.20
CA TYR F 166 -10.77 -5.21 11.02
C TYR F 166 -10.36 -6.39 10.15
N TRP F 167 -11.32 -7.17 9.71
CA TRP F 167 -11.08 -8.15 8.66
C TRP F 167 -11.53 -7.53 7.34
N VAL F 168 -10.58 -7.31 6.44
CA VAL F 168 -10.89 -6.83 5.10
C VAL F 168 -11.03 -8.05 4.19
N PRO F 169 -12.24 -8.42 3.78
CA PRO F 169 -12.41 -9.66 3.05
C PRO F 169 -12.14 -9.52 1.57
N LEU F 170 -11.46 -10.52 1.01
CA LEU F 170 -11.39 -10.72 -0.42
C LEU F 170 -12.16 -11.96 -0.82
N ALA F 171 -11.79 -13.12 -0.28
CA ALA F 171 -12.60 -14.31 -0.44
C ALA F 171 -13.81 -14.21 0.47
N TYR F 172 -14.88 -14.93 0.09
CA TYR F 172 -16.12 -14.85 0.84
C TYR F 172 -16.01 -15.57 2.18
N SER F 173 -15.43 -16.76 2.19
CA SER F 173 -15.27 -17.50 3.42
C SER F 173 -14.03 -18.38 3.30
N GLU F 174 -13.77 -19.16 4.35
CA GLU F 174 -12.63 -20.06 4.37
C GLU F 174 -12.90 -21.36 3.62
N THR F 175 -14.14 -21.62 3.21
CA THR F 175 -14.46 -22.76 2.37
C THR F 175 -14.93 -22.37 0.98
N ASP F 176 -15.26 -21.10 0.75
CA ASP F 176 -15.71 -20.62 -0.55
C ASP F 176 -14.73 -19.56 -1.02
N LEU F 177 -13.97 -19.88 -2.07
CA LEU F 177 -12.93 -19.01 -2.58
C LEU F 177 -13.44 -18.02 -3.60
N THR F 178 -14.74 -17.76 -3.62
CA THR F 178 -15.31 -16.74 -4.51
C THR F 178 -14.91 -15.36 -4.00
N GLY F 179 -14.23 -14.60 -4.85
CA GLY F 179 -13.75 -13.29 -4.49
C GLY F 179 -12.26 -13.20 -4.23
N ALA F 180 -11.56 -14.32 -4.23
CA ALA F 180 -10.14 -14.32 -3.90
C ALA F 180 -9.31 -13.81 -5.06
N VAL F 181 -8.07 -13.44 -4.76
CA VAL F 181 -7.18 -12.80 -5.72
C VAL F 181 -5.93 -13.66 -5.89
N LEU F 182 -5.68 -14.09 -7.12
CA LEU F 182 -4.44 -14.77 -7.47
C LEU F 182 -3.35 -13.72 -7.66
N ALA F 183 -2.37 -13.71 -6.75
CA ALA F 183 -1.42 -12.61 -6.66
C ALA F 183 0.01 -13.04 -6.93
N ASN F 184 0.24 -14.13 -7.64
CA ASN F 184 1.61 -14.56 -7.92
C ASN F 184 2.13 -13.98 -9.24
N VAL F 185 2.02 -12.66 -9.38
CA VAL F 185 2.51 -11.97 -10.57
C VAL F 185 3.44 -10.85 -10.14
N PRO F 186 4.57 -10.66 -10.81
CA PRO F 186 5.50 -9.62 -10.38
C PRO F 186 5.07 -8.23 -10.83
N GLN F 187 4.24 -7.58 -10.00
CA GLN F 187 3.73 -6.25 -10.28
C GLN F 187 3.84 -5.40 -9.02
N SER F 188 3.36 -4.17 -9.11
CA SER F 188 3.30 -3.29 -7.95
C SER F 188 1.98 -2.52 -7.86
N LYS F 189 0.95 -2.91 -8.62
CA LYS F 189 -0.31 -2.20 -8.58
C LYS F 189 -1.18 -2.60 -7.39
N GLN F 190 -0.87 -3.73 -6.75
CA GLN F 190 -1.66 -4.20 -5.63
C GLN F 190 -1.35 -3.37 -4.39
N ARG F 191 -2.37 -2.72 -3.84
CA ARG F 191 -2.19 -1.92 -2.63
C ARG F 191 -3.47 -1.95 -1.82
N LEU F 192 -3.37 -1.47 -0.59
CA LEU F 192 -4.49 -1.41 0.35
C LEU F 192 -4.48 -0.02 0.97
N LYS F 193 -5.26 0.88 0.39
CA LYS F 193 -5.34 2.25 0.89
C LYS F 193 -6.15 2.29 2.18
N LEU F 194 -5.64 3.01 3.17
CA LEU F 194 -6.26 3.09 4.48
C LEU F 194 -6.21 4.52 4.96
N GLU F 195 -7.38 5.14 5.10
CA GLU F 195 -7.49 6.48 5.67
C GLU F 195 -7.92 6.34 7.12
N PHE F 196 -7.16 6.95 8.03
CA PHE F 196 -7.39 6.80 9.45
C PHE F 196 -8.12 8.02 10.00
N ALA F 197 -8.61 7.87 11.22
CA ALA F 197 -9.18 9.00 11.94
C ALA F 197 -8.10 10.00 12.28
N ASN F 198 -8.46 11.27 12.29
CA ASN F 198 -7.56 12.34 12.66
C ASN F 198 -8.20 13.17 13.76
N ASN F 199 -7.57 14.31 14.08
CA ASN F 199 -8.04 15.14 15.18
C ASN F 199 -9.32 15.89 14.87
N ASN F 200 -9.74 15.95 13.61
CA ASN F 200 -10.97 16.65 13.26
C ASN F 200 -12.18 15.73 13.22
N THR F 201 -11.99 14.50 12.79
CA THR F 201 -13.11 13.59 12.55
C THR F 201 -13.40 12.67 13.73
N ALA F 202 -12.59 12.67 14.78
CA ALA F 202 -12.71 11.67 15.84
C ALA F 202 -13.20 12.22 17.17
N PHE F 203 -13.36 13.54 17.29
CA PHE F 203 -13.85 14.15 18.54
C PHE F 203 -14.94 15.14 18.18
N ALA F 204 -16.15 14.87 18.65
CA ALA F 204 -17.32 15.68 18.34
C ALA F 204 -17.78 16.41 19.59
N ALA F 205 -18.22 17.65 19.41
CA ALA F 205 -18.72 18.42 20.54
C ALA F 205 -20.11 17.95 20.92
N VAL F 206 -20.60 18.46 22.06
CA VAL F 206 -21.94 18.11 22.51
C VAL F 206 -22.96 18.79 21.61
N GLY F 207 -23.85 17.99 21.03
CA GLY F 207 -24.79 18.49 20.05
C GLY F 207 -24.34 18.37 18.61
N ALA F 208 -23.15 17.85 18.36
CA ALA F 208 -22.68 17.62 17.00
C ALA F 208 -23.12 16.25 16.52
N ASN F 209 -22.59 15.79 15.39
CA ASN F 209 -22.96 14.51 14.81
C ASN F 209 -21.91 13.47 15.14
N PRO F 210 -22.16 12.55 16.07
CA PRO F 210 -21.15 11.55 16.41
C PRO F 210 -21.19 10.31 15.54
N LEU F 211 -21.34 10.47 14.23
CA LEU F 211 -21.45 9.30 13.36
C LEU F 211 -20.09 8.70 13.08
N GLU F 212 -19.13 9.53 12.65
CA GLU F 212 -17.77 9.09 12.39
C GLU F 212 -16.83 9.41 13.53
N ALA F 213 -17.34 9.92 14.64
CA ALA F 213 -16.49 10.24 15.78
C ALA F 213 -16.23 9.01 16.63
N ILE F 214 -15.20 9.11 17.46
CA ILE F 214 -14.86 8.07 18.42
C ILE F 214 -15.30 8.43 19.82
N TYR F 215 -15.01 9.66 20.25
CA TYR F 215 -15.44 10.18 21.53
C TYR F 215 -16.29 11.42 21.32
N GLN F 216 -17.04 11.78 22.35
CA GLN F 216 -17.92 12.94 22.30
C GLN F 216 -18.12 13.45 23.72
N GLY F 217 -18.04 14.76 23.89
CA GLY F 217 -18.25 15.32 25.21
C GLY F 217 -18.00 16.82 25.19
N ALA F 218 -18.15 17.41 26.38
CA ALA F 218 -17.96 18.84 26.54
C ALA F 218 -16.49 19.25 26.51
N GLY F 219 -15.58 18.30 26.60
CA GLY F 219 -14.15 18.60 26.51
C GLY F 219 -13.52 18.03 25.27
N ALA F 220 -14.27 17.99 24.18
CA ALA F 220 -13.78 17.39 22.94
C ALA F 220 -12.95 18.35 22.10
N ALA F 221 -12.97 19.64 22.40
CA ALA F 221 -12.14 20.58 21.66
C ALA F 221 -10.67 20.46 22.04
N ASP F 222 -10.37 19.95 23.22
CA ASP F 222 -9.00 19.78 23.68
C ASP F 222 -8.51 18.34 23.59
N CYS F 223 -9.33 17.43 23.08
CA CYS F 223 -8.89 16.05 22.89
C CYS F 223 -7.99 15.94 21.68
N GLU F 224 -6.91 15.19 21.83
CA GLU F 224 -5.96 14.99 20.75
C GLU F 224 -5.48 13.55 20.75
N PHE F 225 -5.07 13.08 19.59
CA PHE F 225 -4.31 11.84 19.54
C PHE F 225 -2.88 12.11 19.97
N GLU F 226 -2.30 11.12 20.65
CA GLU F 226 -0.85 11.10 20.81
C GLU F 226 -0.17 10.26 19.74
N GLU F 227 -0.81 9.17 19.33
CA GLU F 227 -0.14 8.13 18.59
C GLU F 227 -1.18 7.18 18.02
N ILE F 228 -0.98 6.76 16.77
CA ILE F 228 -1.75 5.67 16.18
C ILE F 228 -0.77 4.72 15.51
N SER F 229 -0.85 3.45 15.89
CA SER F 229 -0.10 2.39 15.23
C SER F 229 -1.06 1.55 14.40
N TYR F 230 -0.55 0.95 13.33
CA TYR F 230 -1.33 -0.04 12.61
C TYR F 230 -0.43 -1.20 12.20
N THR F 231 -1.04 -2.38 12.09
CA THR F 231 -0.38 -3.59 11.67
C THR F 231 -1.30 -4.32 10.71
N VAL F 232 -0.77 -4.74 9.56
CA VAL F 232 -1.56 -5.39 8.52
C VAL F 232 -1.04 -6.80 8.35
N TYR F 233 -1.94 -7.78 8.45
CA TYR F 233 -1.63 -9.18 8.25
C TYR F 233 -2.33 -9.67 7.00
N GLN F 234 -1.61 -10.37 6.14
CA GLN F 234 -2.19 -10.90 4.91
C GLN F 234 -2.36 -12.40 5.06
N SER F 235 -3.58 -12.88 4.85
CA SER F 235 -3.89 -14.29 4.89
C SER F 235 -4.01 -14.81 3.46
N TYR F 236 -3.31 -15.90 3.17
CA TYR F 236 -3.30 -16.43 1.82
C TYR F 236 -3.08 -17.93 1.85
N LEU F 237 -3.16 -18.55 0.67
CA LEU F 237 -2.92 -19.97 0.50
C LEU F 237 -1.66 -20.16 -0.32
N ASP F 238 -0.68 -20.83 0.25
CA ASP F 238 0.60 -21.08 -0.40
C ASP F 238 0.65 -22.50 -0.95
N GLN F 239 1.64 -22.73 -1.82
CA GLN F 239 1.94 -24.03 -2.44
C GLN F 239 0.74 -24.56 -3.22
N LEU F 240 0.38 -23.83 -4.26
CA LEU F 240 -0.78 -24.16 -5.05
C LEU F 240 -0.52 -25.43 -5.87
N PRO F 241 -1.54 -26.29 -6.03
CA PRO F 241 -1.32 -27.56 -6.74
C PRO F 241 -1.08 -27.34 -8.23
N VAL F 242 -0.09 -28.04 -8.77
CA VAL F 242 0.31 -27.93 -10.17
C VAL F 242 0.01 -29.25 -10.85
N GLY F 243 -0.81 -29.20 -11.90
CA GLY F 243 -0.95 -30.34 -12.77
C GLY F 243 -0.24 -30.05 -14.07
N GLN F 244 -0.84 -30.41 -15.20
CA GLN F 244 -0.41 -29.81 -16.44
C GLN F 244 -1.13 -28.49 -16.64
N ASN F 245 -0.75 -27.79 -17.72
CA ASN F 245 -1.34 -26.52 -18.15
C ASN F 245 -1.19 -25.42 -17.11
N GLY F 246 -0.16 -25.50 -16.27
CA GLY F 246 0.05 -24.52 -15.23
C GLY F 246 -0.59 -24.91 -13.92
N TYR F 247 -1.02 -23.91 -13.14
CA TYR F 247 -1.68 -24.16 -11.88
C TYR F 247 -3.10 -24.67 -12.09
N ILE F 248 -3.60 -25.39 -11.10
CA ILE F 248 -5.01 -25.78 -11.06
C ILE F 248 -5.73 -24.71 -10.25
N LEU F 249 -6.57 -23.92 -10.92
CA LEU F 249 -7.18 -22.76 -10.29
C LEU F 249 -8.68 -22.73 -10.56
N PRO F 250 -9.48 -22.33 -9.59
CA PRO F 250 -10.90 -22.08 -9.87
C PRO F 250 -11.10 -20.78 -10.64
N LEU F 251 -11.40 -20.89 -11.93
CA LEU F 251 -11.35 -19.73 -12.81
C LEU F 251 -12.55 -18.82 -12.64
N ILE F 252 -13.70 -19.34 -12.22
CA ILE F 252 -14.85 -18.48 -11.98
C ILE F 252 -14.73 -17.78 -10.63
N ASP F 253 -14.14 -18.46 -9.64
CA ASP F 253 -13.95 -17.86 -8.32
C ASP F 253 -12.96 -16.71 -8.35
N LEU F 254 -11.95 -16.78 -9.20
CA LEU F 254 -10.95 -15.73 -9.28
C LEU F 254 -11.36 -14.61 -10.24
N SER F 255 -12.30 -14.86 -11.13
CA SER F 255 -12.86 -13.82 -12.01
C SER F 255 -14.17 -13.27 -11.45
N THR F 256 -14.35 -13.32 -10.14
CA THR F 256 -15.52 -12.79 -9.46
C THR F 256 -15.03 -11.96 -8.29
N LEU F 257 -15.62 -10.79 -8.11
CA LEU F 257 -15.27 -9.91 -7.00
C LEU F 257 -16.27 -10.07 -5.86
N TYR F 258 -15.78 -9.98 -4.64
CA TYR F 258 -16.62 -9.92 -3.45
C TYR F 258 -16.32 -8.57 -2.80
N ASN F 259 -17.22 -7.63 -2.95
CA ASN F 259 -16.96 -6.23 -2.63
C ASN F 259 -17.83 -5.76 -1.47
N LEU F 260 -17.39 -4.68 -0.85
CA LEU F 260 -18.15 -3.97 0.17
C LEU F 260 -18.17 -2.49 -0.20
N GLU F 261 -19.37 -1.93 -0.31
CA GLU F 261 -19.52 -0.56 -0.79
C GLU F 261 -20.59 0.13 0.03
N ASN F 262 -20.45 1.44 0.21
CA ASN F 262 -21.40 2.23 0.98
C ASN F 262 -21.86 3.42 0.16
N SER F 263 -23.05 3.93 0.51
CA SER F 263 -23.61 5.10 -0.15
C SER F 263 -24.60 5.75 0.81
N ALA F 264 -24.86 7.04 0.58
CA ALA F 264 -25.75 7.82 1.43
C ALA F 264 -26.87 8.40 0.58
N GLN F 265 -28.09 8.33 1.10
CA GLN F 265 -29.26 8.87 0.43
C GLN F 265 -30.02 9.74 1.41
N ALA F 266 -30.40 10.93 0.97
CA ALA F 266 -31.17 11.86 1.78
C ALA F 266 -32.53 12.09 1.13
N GLY F 267 -33.36 12.87 1.81
CA GLY F 267 -34.66 13.22 1.26
C GLY F 267 -35.80 12.43 1.87
N LEU F 268 -35.76 12.23 3.19
CA LEU F 268 -36.82 11.53 3.88
C LEU F 268 -37.83 12.52 4.43
N THR F 269 -39.10 12.18 4.33
CA THR F 269 -40.21 12.94 4.87
C THR F 269 -41.07 12.00 5.71
N PRO F 270 -41.74 12.53 6.76
CA PRO F 270 -42.44 11.64 7.68
C PRO F 270 -43.64 10.92 7.07
N ASN F 271 -43.82 9.68 7.51
CA ASN F 271 -45.00 8.85 7.31
C ASN F 271 -45.26 8.46 5.85
N VAL F 272 -44.24 8.52 5.00
CA VAL F 272 -44.34 7.95 3.65
C VAL F 272 -43.12 7.09 3.40
N ASP F 273 -43.22 6.26 2.37
CA ASP F 273 -42.15 5.33 2.05
C ASP F 273 -40.96 6.05 1.45
N PHE F 274 -39.76 5.61 1.83
CA PHE F 274 -38.50 6.10 1.28
C PHE F 274 -37.82 4.91 0.63
N VAL F 275 -38.03 4.73 -0.67
CA VAL F 275 -37.54 3.56 -1.38
C VAL F 275 -36.13 3.83 -1.88
N VAL F 276 -35.16 3.18 -1.26
CA VAL F 276 -33.79 3.14 -1.78
C VAL F 276 -33.72 1.94 -2.70
N GLN F 277 -33.51 2.18 -3.98
CA GLN F 277 -33.54 1.12 -4.96
C GLN F 277 -32.22 0.36 -4.98
N TYR F 278 -32.31 -0.96 -5.08
CA TYR F 278 -31.13 -1.75 -5.42
C TYR F 278 -30.82 -1.57 -6.89
N ALA F 279 -29.70 -2.11 -7.32
CA ALA F 279 -29.20 -1.82 -8.65
C ALA F 279 -29.16 -3.06 -9.52
N ASN F 280 -29.17 -2.79 -10.82
CA ASN F 280 -28.96 -3.79 -11.86
C ASN F 280 -27.60 -4.47 -11.71
N LEU F 281 -27.57 -5.76 -12.07
CA LEU F 281 -26.37 -6.56 -12.36
C LEU F 281 -25.47 -6.90 -11.16
N TYR F 282 -25.73 -6.35 -9.98
CA TYR F 282 -25.04 -6.82 -8.80
C TYR F 282 -25.79 -8.00 -8.20
N ARG F 283 -25.12 -8.73 -7.32
CA ARG F 283 -25.71 -9.88 -6.63
C ARG F 283 -25.59 -9.61 -5.14
N TYR F 284 -26.58 -8.93 -4.58
CA TYR F 284 -26.49 -8.43 -3.21
C TYR F 284 -26.62 -9.55 -2.19
N LEU F 285 -25.78 -9.50 -1.17
CA LEU F 285 -25.78 -10.51 -0.12
C LEU F 285 -26.30 -10.02 1.21
N SER F 286 -26.03 -8.76 1.57
CA SER F 286 -26.63 -8.20 2.76
C SER F 286 -26.74 -6.70 2.59
N THR F 287 -27.37 -6.05 3.56
CA THR F 287 -27.67 -4.63 3.49
C THR F 287 -27.69 -4.07 4.90
N ILE F 288 -26.85 -3.10 5.17
CA ILE F 288 -26.84 -2.35 6.43
C ILE F 288 -27.44 -0.99 6.14
N ALA F 289 -28.44 -0.60 6.93
CA ALA F 289 -29.03 0.73 6.86
C ALA F 289 -28.82 1.43 8.19
N VAL F 290 -28.32 2.66 8.13
CA VAL F 290 -28.11 3.47 9.32
C VAL F 290 -28.96 4.72 9.17
N PHE F 291 -29.91 4.90 10.08
CA PHE F 291 -30.78 6.07 10.04
C PHE F 291 -30.19 7.15 10.92
N ASP F 292 -29.39 8.03 10.31
CA ASP F 292 -28.91 9.24 10.97
C ASP F 292 -30.02 10.27 10.88
N ASN F 293 -30.73 10.47 11.98
CA ASN F 293 -31.87 11.39 12.02
C ASN F 293 -31.42 12.79 12.42
N GLY F 294 -30.48 13.33 11.65
CA GLY F 294 -29.92 14.63 11.92
C GLY F 294 -29.07 14.65 13.16
N GLY F 295 -28.07 13.77 13.21
CA GLY F 295 -27.21 13.67 14.37
C GLY F 295 -27.81 12.94 15.55
N SER F 296 -29.02 12.43 15.42
CA SER F 296 -29.70 11.70 16.49
C SER F 296 -29.91 10.27 16.06
N PHE F 297 -29.66 9.34 16.97
CA PHE F 297 -29.81 7.92 16.72
C PHE F 297 -30.74 7.35 17.77
N ASN F 298 -31.77 6.64 17.33
CA ASN F 298 -32.84 6.19 18.21
C ASN F 298 -33.06 4.70 18.03
N ALA F 299 -33.53 4.07 19.11
CA ALA F 299 -33.75 2.62 19.12
C ALA F 299 -35.14 2.30 18.54
N GLY F 300 -35.26 2.54 17.24
CA GLY F 300 -36.47 2.21 16.51
C GLY F 300 -37.68 3.08 16.83
N THR F 301 -37.51 4.14 17.61
CA THR F 301 -38.63 4.97 18.03
C THR F 301 -38.96 6.07 17.04
N ASP F 302 -38.35 6.05 15.85
CA ASP F 302 -38.62 7.03 14.81
C ASP F 302 -38.82 6.36 13.46
N ILE F 303 -39.13 5.06 13.44
CA ILE F 303 -39.46 4.34 12.23
C ILE F 303 -40.85 3.76 12.41
N ASN F 304 -41.70 3.89 11.38
CA ASN F 304 -42.95 3.16 11.37
C ASN F 304 -42.70 1.68 11.10
N TYR F 305 -42.01 1.39 10.00
CA TYR F 305 -41.68 0.02 9.62
C TYR F 305 -40.51 0.05 8.66
N LEU F 306 -39.81 -1.08 8.56
CA LEU F 306 -38.85 -1.34 7.51
C LEU F 306 -39.38 -2.44 6.63
N SER F 307 -38.89 -2.48 5.39
CA SER F 307 -39.36 -3.46 4.44
C SER F 307 -38.35 -3.63 3.32
N GLN F 308 -38.48 -4.72 2.59
CA GLN F 308 -37.96 -4.81 1.23
C GLN F 308 -39.11 -4.88 0.25
N ARG F 309 -38.82 -4.42 -0.96
CA ARG F 309 -39.81 -4.06 -1.95
C ARG F 309 -39.47 -4.75 -3.25
N THR F 310 -40.49 -5.15 -4.01
CA THR F 310 -40.28 -5.72 -5.33
C THR F 310 -41.39 -5.20 -6.22
N ALA F 311 -41.13 -5.13 -7.53
CA ALA F 311 -42.04 -4.57 -8.53
C ALA F 311 -43.39 -5.27 -8.54
N ASN F 312 -43.43 -6.55 -8.90
CA ASN F 312 -44.55 -7.38 -8.52
C ASN F 312 -44.20 -8.07 -7.21
N PHE F 313 -45.25 -8.47 -6.47
CA PHE F 313 -45.14 -8.92 -5.09
C PHE F 313 -44.50 -7.82 -4.25
N SER F 314 -45.27 -6.78 -3.93
CA SER F 314 -44.79 -5.53 -3.36
C SER F 314 -43.91 -5.67 -2.12
N ASP F 315 -44.43 -6.09 -0.99
CA ASP F 315 -43.63 -6.21 0.21
C ASP F 315 -43.33 -7.67 0.52
N THR F 316 -42.10 -7.94 0.92
CA THR F 316 -41.70 -9.28 1.31
C THR F 316 -41.38 -9.41 2.80
N ARG F 317 -40.85 -8.37 3.44
CA ARG F 317 -40.59 -8.41 4.88
C ARG F 317 -40.96 -7.08 5.53
N LYS F 318 -42.18 -6.60 5.29
CA LYS F 318 -42.67 -5.39 5.94
C LYS F 318 -42.90 -5.68 7.42
N LEU F 319 -42.00 -5.20 8.28
CA LEU F 319 -42.02 -5.53 9.70
C LEU F 319 -41.86 -4.28 10.55
N ASP F 320 -42.34 -4.39 11.78
CA ASP F 320 -42.10 -3.40 12.82
C ASP F 320 -40.60 -3.32 13.13
N PRO F 321 -40.11 -2.19 13.63
CA PRO F 321 -38.69 -2.11 14.04
C PRO F 321 -38.28 -3.07 15.14
N LYS F 322 -39.17 -3.38 16.07
CA LYS F 322 -38.85 -4.38 17.09
C LYS F 322 -38.90 -5.79 16.51
N THR F 323 -39.70 -6.01 15.47
CA THR F 323 -39.75 -7.30 14.82
C THR F 323 -38.63 -7.47 13.81
N TRP F 324 -38.16 -6.35 13.24
CA TRP F 324 -36.97 -6.39 12.39
C TRP F 324 -35.74 -6.76 13.21
N ALA F 325 -35.66 -6.28 14.44
CA ALA F 325 -34.56 -6.63 15.32
C ALA F 325 -34.63 -8.08 15.79
N ALA F 326 -35.83 -8.64 15.84
CA ALA F 326 -35.98 -10.03 16.25
C ALA F 326 -35.47 -10.99 15.18
N GLN F 327 -35.48 -10.57 13.92
CA GLN F 327 -34.94 -11.39 12.85
C GLN F 327 -33.42 -11.32 12.78
N THR F 328 -32.81 -10.32 13.42
CA THR F 328 -31.36 -10.21 13.46
C THR F 328 -30.77 -10.79 14.73
N ARG F 329 -31.57 -10.95 15.79
CA ARG F 329 -31.12 -11.70 16.95
C ARG F 329 -31.05 -13.19 16.66
N ARG F 330 -31.71 -13.66 15.60
CA ARG F 330 -31.51 -15.00 15.08
C ARG F 330 -30.26 -15.12 14.23
N ARG F 331 -29.54 -14.02 13.99
CA ARG F 331 -28.34 -13.99 13.17
C ARG F 331 -27.08 -13.77 13.99
N ILE F 332 -27.03 -12.70 14.79
CA ILE F 332 -25.80 -12.28 15.46
C ILE F 332 -25.92 -12.34 16.97
N ALA F 333 -27.01 -12.94 17.48
CA ALA F 333 -27.25 -13.24 18.90
C ALA F 333 -27.27 -11.99 19.79
N THR F 334 -27.51 -10.84 19.18
CA THR F 334 -27.64 -9.53 19.83
C THR F 334 -28.27 -8.63 18.77
N ASP F 335 -28.32 -7.33 19.03
CA ASP F 335 -28.67 -6.41 17.96
C ASP F 335 -27.62 -5.33 17.84
N PHE F 336 -27.62 -4.69 16.68
CA PHE F 336 -26.67 -3.65 16.33
C PHE F 336 -26.96 -2.39 17.16
N PRO F 337 -26.04 -1.41 17.18
CA PRO F 337 -26.31 -0.16 17.91
C PRO F 337 -27.52 0.61 17.36
N LYS F 338 -27.86 1.67 18.09
CA LYS F 338 -29.06 2.46 17.80
C LYS F 338 -28.96 3.13 16.45
N GLY F 339 -29.94 2.89 15.59
CA GLY F 339 -29.98 3.43 14.26
C GLY F 339 -29.56 2.46 13.19
N VAL F 340 -28.92 1.35 13.56
CA VAL F 340 -28.37 0.39 12.61
C VAL F 340 -29.36 -0.75 12.45
N TYR F 341 -29.70 -1.04 11.20
CA TYR F 341 -30.66 -2.10 10.86
C TYR F 341 -30.03 -2.97 9.79
N TYR F 342 -30.09 -4.28 9.98
CA TYR F 342 -29.41 -5.23 9.11
C TYR F 342 -30.43 -6.06 8.35
N CYS F 343 -30.21 -6.20 7.06
CA CYS F 343 -31.05 -7.03 6.20
C CYS F 343 -30.18 -8.10 5.56
N ASP F 344 -30.58 -9.36 5.72
CA ASP F 344 -29.80 -10.49 5.25
C ASP F 344 -30.43 -11.05 3.97
N ASN F 345 -29.59 -11.33 2.97
CA ASN F 345 -30.05 -11.92 1.72
C ASN F 345 -29.11 -13.00 1.23
N ARG F 346 -28.47 -13.74 2.14
CA ARG F 346 -27.46 -14.71 1.73
C ARG F 346 -28.06 -15.98 1.15
N ASP F 347 -29.26 -16.35 1.58
CA ASP F 347 -29.91 -17.53 0.99
C ASP F 347 -30.42 -17.24 -0.41
N LYS F 348 -31.20 -16.17 -0.57
CA LYS F 348 -31.66 -15.72 -1.89
C LYS F 348 -31.04 -14.37 -2.19
N PRO F 349 -29.94 -14.31 -2.93
CA PRO F 349 -29.32 -13.02 -3.23
C PRO F 349 -30.08 -12.23 -4.29
N ILE F 350 -30.09 -10.91 -4.11
CA ILE F 350 -30.77 -10.01 -5.04
C ILE F 350 -29.92 -9.85 -6.29
N TYR F 351 -30.38 -10.44 -7.40
CA TYR F 351 -29.71 -10.33 -8.69
C TYR F 351 -30.81 -10.17 -9.72
N THR F 352 -30.94 -8.97 -10.31
CA THR F 352 -32.26 -8.59 -10.79
C THR F 352 -32.38 -8.00 -12.18
N LEU F 353 -31.28 -7.80 -12.94
CA LEU F 353 -31.28 -7.63 -14.40
C LEU F 353 -32.01 -6.39 -14.95
N GLN F 354 -32.66 -5.62 -14.07
CA GLN F 354 -33.43 -4.41 -14.37
C GLN F 354 -33.33 -3.60 -13.10
N TYR F 355 -33.06 -2.30 -13.24
CA TYR F 355 -32.43 -1.53 -12.17
C TYR F 355 -33.21 -1.47 -10.86
N GLY F 356 -34.33 -0.76 -10.82
CA GLY F 356 -34.95 -0.55 -9.53
C GLY F 356 -36.00 -1.57 -9.17
N ASN F 357 -35.78 -2.83 -9.59
CA ASN F 357 -36.78 -3.87 -9.41
C ASN F 357 -36.96 -4.23 -7.94
N VAL F 358 -35.87 -4.32 -7.19
CA VAL F 358 -35.92 -4.53 -5.76
C VAL F 358 -35.52 -3.23 -5.07
N GLY F 359 -36.27 -2.88 -4.02
CA GLY F 359 -35.98 -1.68 -3.27
C GLY F 359 -36.01 -1.94 -1.77
N PHE F 360 -35.46 -1.00 -1.03
CA PHE F 360 -35.40 -1.06 0.43
C PHE F 360 -36.16 0.13 0.99
N VAL F 361 -37.10 -0.13 1.88
CA VAL F 361 -38.06 0.86 2.32
C VAL F 361 -37.81 1.20 3.78
N VAL F 362 -37.83 2.50 4.09
CA VAL F 362 -37.87 2.99 5.46
C VAL F 362 -39.03 3.97 5.55
N ASN F 363 -39.96 3.71 6.47
CA ASN F 363 -41.06 4.62 6.74
C ASN F 363 -40.82 5.30 8.08
N PRO F 364 -40.42 6.56 8.11
CA PRO F 364 -40.10 7.21 9.37
C PRO F 364 -41.28 7.91 10.03
N LYS F 365 -41.22 8.00 11.36
CA LYS F 365 -42.20 8.74 12.13
C LYS F 365 -41.83 10.20 12.29
N THR F 366 -40.55 10.47 12.52
CA THR F 366 -40.06 11.82 12.80
C THR F 366 -38.75 12.02 12.07
N VAL F 367 -38.67 13.08 11.27
CA VAL F 367 -37.49 13.37 10.46
C VAL F 367 -36.97 14.73 10.85
N ASN F 368 -35.76 14.76 11.42
CA ASN F 368 -35.12 16.02 11.75
C ASN F 368 -34.45 16.61 10.50
N GLN F 369 -33.93 17.83 10.64
CA GLN F 369 -33.29 18.49 9.52
C GLN F 369 -31.93 17.84 9.25
N ASN F 370 -31.62 17.69 7.95
CA ASN F 370 -30.44 16.96 7.44
C ASN F 370 -30.43 15.52 7.93
N ALA F 371 -31.46 14.77 7.55
CA ALA F 371 -31.56 13.36 7.84
C ALA F 371 -31.23 12.55 6.60
N ARG F 372 -30.71 11.35 6.82
CA ARG F 372 -30.21 10.55 5.70
C ARG F 372 -30.16 9.09 6.11
N LEU F 373 -30.08 8.23 5.10
CA LEU F 373 -29.82 6.81 5.27
C LEU F 373 -28.42 6.51 4.76
N LEU F 374 -27.63 5.82 5.56
CA LEU F 374 -26.26 5.46 5.19
C LEU F 374 -26.24 3.97 4.90
N MET F 375 -26.32 3.63 3.62
CA MET F 375 -26.41 2.25 3.21
C MET F 375 -25.03 1.60 3.15
N GLY F 376 -25.03 0.28 3.30
CA GLY F 376 -23.82 -0.50 3.13
C GLY F 376 -24.16 -1.83 2.48
N TYR F 377 -23.49 -2.15 1.38
CA TYR F 377 -23.80 -3.34 0.61
C TYR F 377 -22.59 -4.26 0.55
N GLU F 378 -22.85 -5.57 0.54
CA GLU F 378 -21.88 -6.55 0.11
C GLU F 378 -22.48 -7.35 -1.03
N TYR F 379 -21.64 -7.69 -2.01
CA TYR F 379 -22.18 -8.25 -3.24
C TYR F 379 -21.10 -9.02 -3.98
N PHE F 380 -21.55 -9.95 -4.81
CA PHE F 380 -20.74 -10.57 -5.84
C PHE F 380 -21.04 -9.86 -7.15
N THR F 381 -20.00 -9.53 -7.91
CA THR F 381 -20.26 -8.73 -9.08
C THR F 381 -19.63 -9.22 -10.37
N SER F 382 -18.79 -10.26 -10.32
CA SER F 382 -18.47 -11.14 -11.46
C SER F 382 -17.90 -10.38 -12.66
N ARG F 383 -16.66 -9.90 -12.46
CA ARG F 383 -15.82 -9.20 -13.45
C ARG F 383 -15.95 -9.76 -14.86
N THR F 384 -16.12 -8.83 -15.82
CA THR F 384 -16.81 -8.78 -17.14
C THR F 384 -18.26 -8.32 -17.06
N GLU F 385 -18.82 -8.06 -15.88
CA GLU F 385 -20.06 -7.30 -15.83
C GLU F 385 -20.07 -6.21 -14.77
N LEU F 386 -18.98 -6.02 -14.04
CA LEU F 386 -18.80 -4.79 -13.29
C LEU F 386 -18.46 -3.62 -14.20
N VAL F 387 -17.92 -3.88 -15.39
CA VAL F 387 -17.68 -2.83 -16.36
C VAL F 387 -18.97 -2.29 -16.96
N ASN F 388 -20.04 -3.09 -16.92
CA ASN F 388 -21.33 -2.71 -17.47
C ASN F 388 -22.35 -2.41 -16.37
N ALA F 389 -21.89 -2.03 -15.19
CA ALA F 389 -22.75 -1.81 -14.04
C ALA F 389 -23.04 -0.32 -13.87
N GLY F 390 -23.89 -0.02 -12.92
CA GLY F 390 -24.24 1.36 -12.64
C GLY F 390 -23.96 1.74 -11.20
N THR F 391 -24.63 2.77 -10.72
CA THR F 391 -24.45 3.20 -9.33
C THR F 391 -25.16 2.22 -8.40
N ILE F 392 -24.55 2.00 -7.23
CA ILE F 392 -24.98 0.95 -6.31
C ILE F 392 -26.34 1.22 -5.68
N SER F 393 -26.83 2.47 -5.71
CA SER F 393 -28.13 2.77 -5.12
C SER F 393 -28.69 4.04 -5.75
N THR F 394 -30.01 4.19 -5.63
CA THR F 394 -30.73 5.36 -6.13
C THR F 394 -31.95 5.56 -5.26
N THR F 395 -32.25 6.82 -4.93
CA THR F 395 -33.50 7.16 -4.28
C THR F 395 -34.30 8.16 -5.12
N GLN G 6 24.45 -43.10 -5.48
CA GLN G 6 23.15 -42.60 -5.92
C GLN G 6 22.02 -43.22 -5.09
N LEU G 7 20.78 -42.89 -5.47
CA LEU G 7 19.54 -43.57 -5.12
C LEU G 7 19.15 -43.47 -3.65
N THR G 8 19.99 -42.93 -2.78
CA THR G 8 19.63 -42.69 -1.40
C THR G 8 19.40 -41.21 -1.21
N PRO G 9 18.25 -40.79 -0.67
CA PRO G 9 17.93 -39.36 -0.58
C PRO G 9 18.84 -38.56 0.34
N ALA G 10 19.64 -39.22 1.20
CA ALA G 10 20.60 -38.49 2.00
C ALA G 10 21.80 -38.06 1.16
N GLN G 11 22.29 -38.94 0.28
CA GLN G 11 23.42 -38.60 -0.57
C GLN G 11 23.00 -38.01 -1.90
N GLN G 12 21.74 -38.18 -2.29
CA GLN G 12 21.20 -37.44 -3.42
C GLN G 12 21.03 -35.98 -3.08
N ALA G 13 20.76 -35.67 -1.82
CA ALA G 13 20.67 -34.30 -1.37
C ALA G 13 22.04 -33.69 -1.11
N ALA G 14 23.03 -34.51 -0.75
CA ALA G 14 24.38 -34.01 -0.57
C ALA G 14 25.03 -33.65 -1.89
N LEU G 15 24.62 -34.32 -2.97
CA LEU G 15 25.17 -34.02 -4.28
C LEU G 15 24.63 -32.71 -4.84
N ARG G 16 23.33 -32.46 -4.69
CA ARG G 16 22.78 -31.21 -5.18
C ARG G 16 23.02 -30.04 -4.24
N ASN G 17 23.37 -30.29 -2.98
CA ASN G 17 23.85 -29.20 -2.14
C ASN G 17 25.28 -28.82 -2.48
N GLN G 18 26.05 -29.76 -3.00
CA GLN G 18 27.41 -29.44 -3.45
C GLN G 18 27.38 -28.68 -4.76
N GLN G 19 26.41 -28.96 -5.62
CA GLN G 19 26.27 -28.21 -6.86
C GLN G 19 25.66 -26.84 -6.63
N ALA G 20 24.74 -26.71 -5.67
CA ALA G 20 24.14 -25.42 -5.39
C ALA G 20 25.12 -24.49 -4.66
N MET G 21 26.04 -25.06 -3.88
CA MET G 21 27.04 -24.24 -3.23
C MET G 21 28.11 -23.78 -4.20
N ALA G 22 28.42 -24.59 -5.21
CA ALA G 22 29.41 -24.19 -6.22
C ALA G 22 28.84 -23.13 -7.15
N ALA G 23 27.56 -23.23 -7.50
CA ALA G 23 26.93 -22.21 -8.33
C ALA G 23 26.66 -20.94 -7.58
N ASN G 24 26.60 -21.00 -6.25
CA ASN G 24 26.40 -19.80 -5.44
C ASN G 24 27.69 -19.00 -5.31
N LEU G 25 28.82 -19.69 -5.11
CA LEU G 25 30.10 -19.00 -5.00
C LEU G 25 30.54 -18.47 -6.35
N GLN G 26 30.09 -19.08 -7.45
CA GLN G 26 30.41 -18.56 -8.77
C GLN G 26 29.59 -17.31 -9.06
N ALA G 27 28.30 -17.33 -8.73
CA ALA G 27 27.44 -16.18 -8.95
C ALA G 27 27.75 -15.03 -8.01
N ARG G 28 28.40 -15.29 -6.88
CA ARG G 28 28.74 -14.22 -5.95
C ARG G 28 29.86 -13.34 -6.51
N GLN G 29 30.92 -13.98 -7.01
CA GLN G 29 32.06 -13.20 -7.50
C GLN G 29 31.78 -12.57 -8.86
N ILE G 30 30.75 -13.02 -9.58
CA ILE G 30 30.27 -12.27 -10.73
C ILE G 30 29.60 -10.97 -10.26
N VAL G 31 28.84 -11.04 -9.16
CA VAL G 31 28.17 -9.86 -8.64
C VAL G 31 29.18 -8.86 -8.09
N LEU G 32 30.12 -9.34 -7.27
CA LEU G 32 31.12 -8.46 -6.67
C LEU G 32 32.13 -7.91 -7.67
N GLN G 33 32.18 -8.44 -8.89
CA GLN G 33 33.01 -7.86 -9.94
C GLN G 33 32.24 -6.87 -10.78
N GLN G 34 30.96 -7.12 -11.04
CA GLN G 34 30.19 -6.34 -12.00
C GLN G 34 29.35 -5.25 -11.38
N SER G 35 29.01 -5.35 -10.11
CA SER G 35 28.14 -4.36 -9.50
C SER G 35 28.89 -3.09 -9.16
N TYR G 36 28.17 -2.11 -8.62
CA TYR G 36 28.79 -0.89 -8.13
C TYR G 36 28.23 -0.57 -6.75
N PRO G 37 29.09 -0.21 -5.80
CA PRO G 37 28.60 0.15 -4.46
C PRO G 37 28.12 1.59 -4.40
N VAL G 38 26.85 1.77 -4.04
CA VAL G 38 26.23 3.09 -3.90
C VAL G 38 25.85 3.26 -2.43
N ILE G 39 26.10 4.45 -1.88
CA ILE G 39 25.65 4.80 -0.55
C ILE G 39 24.89 6.12 -0.63
N GLN G 40 23.63 6.11 -0.20
CA GLN G 40 22.81 7.32 -0.27
C GLN G 40 21.97 7.45 0.98
N GLN G 41 21.63 8.69 1.29
CA GLN G 41 20.85 9.01 2.48
C GLN G 41 19.38 8.66 2.27
N VAL G 42 18.76 8.10 3.31
CA VAL G 42 17.36 7.73 3.21
C VAL G 42 16.48 8.53 4.17
N GLU G 43 17.04 8.98 5.30
CA GLU G 43 16.24 9.75 6.25
C GLU G 43 17.13 10.60 7.15
N THR G 44 16.63 11.78 7.49
CA THR G 44 17.24 12.68 8.46
C THR G 44 16.14 13.32 9.27
N GLN G 45 16.30 13.34 10.59
CA GLN G 45 15.26 13.92 11.44
C GLN G 45 15.87 14.39 12.75
N THR G 46 15.46 15.57 13.19
CA THR G 46 15.84 16.14 14.47
C THR G 46 14.62 16.18 15.36
N PHE G 47 14.75 15.73 16.60
CA PHE G 47 13.59 15.60 17.47
C PHE G 47 13.98 15.96 18.89
N ASP G 48 13.00 15.87 19.78
CA ASP G 48 13.16 16.07 21.21
C ASP G 48 12.79 14.78 21.92
N PRO G 49 13.67 14.23 22.76
CA PRO G 49 13.34 12.98 23.45
C PRO G 49 12.28 13.13 24.53
N ALA G 50 11.97 14.36 24.96
CA ALA G 50 10.90 14.57 25.92
C ALA G 50 9.52 14.31 25.32
N ASN G 51 9.39 14.37 24.00
CA ASN G 51 8.12 14.09 23.33
C ASN G 51 8.08 12.67 22.78
N ARG G 52 9.04 12.32 21.92
CA ARG G 52 9.05 11.05 21.22
C ARG G 52 10.49 10.60 21.06
N SER G 53 10.73 9.30 21.22
CA SER G 53 12.09 8.78 21.09
C SER G 53 12.17 7.45 20.36
N VAL G 54 11.10 6.99 19.71
CA VAL G 54 11.11 5.76 18.93
C VAL G 54 10.72 6.11 17.51
N PHE G 55 11.56 5.71 16.55
CA PHE G 55 11.39 6.08 15.16
C PHE G 55 11.50 4.86 14.27
N ASP G 56 10.82 4.90 13.13
CA ASP G 56 10.85 3.81 12.18
C ASP G 56 11.18 4.42 10.84
N VAL G 57 12.13 3.81 10.13
CA VAL G 57 12.71 4.35 8.91
C VAL G 57 12.42 3.38 7.78
N THR G 58 12.01 3.92 6.64
CA THR G 58 11.72 3.08 5.48
C THR G 58 12.88 3.18 4.49
N PRO G 59 13.71 2.16 4.36
CA PRO G 59 14.78 2.20 3.37
C PRO G 59 14.24 1.96 1.97
N ALA G 60 15.03 2.35 0.99
CA ALA G 60 14.63 2.20 -0.41
C ALA G 60 14.81 0.77 -0.87
N ASN G 61 13.91 0.33 -1.74
CA ASN G 61 13.96 -1.02 -2.28
C ASN G 61 14.70 -0.97 -3.61
N VAL G 62 16.02 -0.83 -3.50
CA VAL G 62 16.91 -0.73 -4.66
C VAL G 62 18.04 -1.74 -4.51
N GLY G 63 18.30 -2.49 -5.59
CA GLY G 63 19.52 -3.28 -5.69
C GLY G 63 19.60 -4.43 -4.71
N ILE G 64 20.81 -4.65 -4.20
CA ILE G 64 21.08 -5.62 -3.15
C ILE G 64 21.58 -4.82 -1.96
N VAL G 65 20.79 -4.76 -0.89
CA VAL G 65 21.09 -3.91 0.25
C VAL G 65 22.11 -4.62 1.13
N LYS G 66 23.15 -3.88 1.53
CA LYS G 66 24.23 -4.44 2.33
C LYS G 66 24.21 -3.99 3.78
N GLY G 67 23.63 -2.84 4.08
CA GLY G 67 23.57 -2.39 5.45
C GLY G 67 23.33 -0.90 5.54
N PHE G 68 23.32 -0.42 6.77
CA PHE G 68 22.94 0.95 7.08
C PHE G 68 23.96 1.62 7.98
N LEU G 69 24.30 2.86 7.67
CA LEU G 69 25.17 3.69 8.48
C LEU G 69 24.32 4.73 9.18
N VAL G 70 24.33 4.73 10.51
CA VAL G 70 23.45 5.56 11.31
C VAL G 70 24.31 6.53 12.10
N LYS G 71 24.29 7.80 11.71
CA LYS G 71 24.91 8.87 12.49
C LYS G 71 23.90 9.40 13.47
N VAL G 72 24.29 9.52 14.74
CA VAL G 72 23.44 10.06 15.79
C VAL G 72 24.18 11.20 16.46
N THR G 73 23.59 12.39 16.43
CA THR G 73 24.16 13.58 17.03
C THR G 73 23.22 14.02 18.15
N ALA G 74 23.77 14.56 19.24
CA ALA G 74 22.96 14.92 20.38
C ALA G 74 23.59 16.09 21.13
N ALA G 75 22.75 16.79 21.88
CA ALA G 75 23.18 17.88 22.74
C ALA G 75 22.57 17.68 24.12
N ILE G 76 23.37 17.84 25.16
CA ILE G 76 22.97 17.53 26.53
C ILE G 76 23.36 18.70 27.42
N LYS G 77 22.38 19.23 28.16
CA LYS G 77 22.62 20.31 29.10
C LYS G 77 22.51 19.78 30.53
N ASN G 78 23.48 20.12 31.36
CA ASN G 78 23.44 19.82 32.79
C ASN G 78 22.89 21.06 33.48
N ASN G 79 21.65 20.98 33.95
CA ASN G 79 20.97 22.10 34.58
C ASN G 79 21.13 22.10 36.10
N HIS G 80 22.07 21.33 36.63
CA HIS G 80 22.32 21.32 38.06
C HIS G 80 23.01 22.61 38.47
N ALA G 81 22.88 22.95 39.75
CA ALA G 81 23.43 24.20 40.25
C ALA G 81 24.94 24.12 40.42
N THR G 82 25.44 23.05 41.05
CA THR G 82 26.86 22.94 41.39
C THR G 82 27.52 21.65 40.93
N GLU G 83 26.78 20.58 40.67
CA GLU G 83 27.38 19.27 40.48
C GLU G 83 27.52 18.93 39.00
N ALA G 84 28.60 18.21 38.69
CA ALA G 84 28.91 17.78 37.33
C ALA G 84 28.63 16.29 37.19
N VAL G 85 28.63 15.85 35.93
CA VAL G 85 28.44 14.45 35.59
C VAL G 85 29.66 13.99 34.79
N ALA G 86 29.73 12.68 34.55
CA ALA G 86 30.85 12.12 33.82
C ALA G 86 30.36 10.93 33.00
N LEU G 87 31.13 10.59 31.97
CA LEU G 87 30.77 9.53 31.05
C LEU G 87 30.81 8.17 31.73
N THR G 88 30.03 7.24 31.19
CA THR G 88 30.08 5.86 31.61
C THR G 88 31.06 5.10 30.74
N ASP G 89 31.24 3.81 31.01
CA ASP G 89 32.19 3.02 30.23
C ASP G 89 31.64 2.71 28.84
N PHE G 90 30.33 2.67 28.67
CA PHE G 90 29.77 2.48 27.35
C PHE G 90 29.57 3.79 26.62
N GLY G 91 29.23 4.86 27.37
CA GLY G 91 29.30 6.21 26.88
C GLY G 91 28.31 6.55 25.80
N PRO G 92 28.80 7.10 24.68
CA PRO G 92 27.91 7.49 23.59
C PRO G 92 27.37 6.35 22.76
N ALA G 93 27.78 5.10 23.04
CA ALA G 93 27.16 3.97 22.37
C ALA G 93 25.76 3.70 22.91
N ASN G 94 25.41 4.27 24.06
CA ASN G 94 24.06 4.19 24.61
C ASN G 94 23.16 5.32 24.12
N LEU G 95 23.54 6.01 23.05
CA LEU G 95 22.64 7.00 22.46
C LEU G 95 21.46 6.32 21.77
N VAL G 96 21.71 5.20 21.14
CA VAL G 96 20.67 4.31 20.64
C VAL G 96 20.45 3.23 21.68
N GLN G 97 19.19 2.91 21.95
CA GLN G 97 18.87 1.81 22.87
C GLN G 97 18.56 0.50 22.17
N ARG G 98 18.10 0.55 20.92
CA ARG G 98 17.64 -0.67 20.25
C ARG G 98 17.63 -0.43 18.74
N VAL G 99 18.15 -1.39 17.99
CA VAL G 99 18.12 -1.38 16.53
C VAL G 99 17.38 -2.63 16.09
N ILE G 100 16.25 -2.45 15.40
CA ILE G 100 15.49 -3.58 14.85
C ILE G 100 15.36 -3.37 13.34
N TYR G 101 15.70 -4.40 12.58
CA TYR G 101 15.51 -4.42 11.14
C TYR G 101 14.62 -5.59 10.76
N TYR G 102 13.74 -5.37 9.79
CA TYR G 102 12.85 -6.41 9.29
C TYR G 102 12.91 -6.47 7.78
N ASP G 103 12.81 -7.69 7.27
CA ASP G 103 12.89 -7.99 5.85
C ASP G 103 11.65 -7.48 5.12
N PRO G 104 11.64 -7.51 3.78
CA PRO G 104 10.36 -7.41 3.06
C PRO G 104 9.52 -8.68 3.08
N ASP G 105 9.91 -9.68 3.87
CA ASP G 105 9.14 -10.90 4.06
C ASP G 105 8.86 -11.16 5.53
N ASN G 106 8.95 -10.11 6.36
CA ASN G 106 8.78 -10.17 7.81
C ASN G 106 9.73 -11.17 8.46
N GLN G 107 11.00 -11.08 8.11
CA GLN G 107 12.04 -11.87 8.74
C GLN G 107 12.94 -10.91 9.51
N ARG G 108 13.01 -11.10 10.83
CA ARG G 108 13.79 -10.22 11.67
C ARG G 108 15.27 -10.47 11.48
N HIS G 109 16.02 -9.43 11.13
CA HIS G 109 17.46 -9.61 10.95
C HIS G 109 18.24 -9.25 12.21
N THR G 110 18.15 -8.01 12.66
CA THR G 110 18.95 -7.60 13.81
C THR G 110 18.04 -7.08 14.90
N GLU G 111 18.29 -7.50 16.15
CA GLU G 111 17.69 -6.87 17.32
C GLU G 111 18.74 -6.66 18.41
N THR G 112 19.82 -5.96 18.05
CA THR G 112 20.82 -5.53 19.02
C THR G 112 20.26 -4.52 20.00
N SER G 113 21.08 -4.22 21.01
CA SER G 113 20.96 -3.01 21.79
C SER G 113 21.89 -1.96 21.17
N GLY G 114 22.15 -0.88 21.88
CA GLY G 114 23.08 0.10 21.36
C GLY G 114 24.52 -0.32 21.52
N TRP G 115 24.86 -0.83 22.71
CA TRP G 115 26.24 -1.18 23.00
C TRP G 115 26.67 -2.44 22.27
N HIS G 116 25.76 -3.38 22.03
CA HIS G 116 26.14 -4.63 21.39
C HIS G 116 26.43 -4.43 19.91
N LEU G 117 25.71 -3.53 19.25
CA LEU G 117 26.00 -3.24 17.85
C LEU G 117 27.33 -2.53 17.69
N HIS G 118 27.76 -1.75 18.69
CA HIS G 118 29.05 -1.09 18.62
C HIS G 118 30.19 -2.08 18.75
N PHE G 119 30.04 -3.09 19.61
CA PHE G 119 31.11 -4.04 19.86
C PHE G 119 31.30 -5.02 18.70
N VAL G 120 30.23 -5.35 17.98
CA VAL G 120 30.38 -6.18 16.79
C VAL G 120 31.00 -5.37 15.66
N ASN G 121 30.78 -4.06 15.64
CA ASN G 121 31.45 -3.20 14.67
C ASN G 121 32.93 -3.09 14.98
N THR G 122 33.29 -3.09 16.26
CA THR G 122 34.69 -3.09 16.67
C THR G 122 35.36 -4.41 16.31
N ALA G 123 34.71 -5.53 16.62
CA ALA G 123 35.33 -6.83 16.44
C ALA G 123 35.44 -7.24 14.98
N LYS G 124 34.70 -6.60 14.09
CA LYS G 124 34.80 -6.90 12.67
C LYS G 124 35.76 -5.97 11.95
N GLN G 125 36.31 -4.99 12.65
CA GLN G 125 37.31 -4.09 12.08
C GLN G 125 38.73 -4.45 12.51
N GLY G 126 38.92 -4.90 13.74
CA GLY G 126 40.24 -5.10 14.30
C GLY G 126 40.73 -3.93 15.11
N ALA G 127 39.87 -2.98 15.42
CA ALA G 127 40.19 -1.75 16.13
C ALA G 127 38.89 -1.20 16.67
N PRO G 128 38.94 -0.26 17.63
CA PRO G 128 37.71 0.44 18.02
C PRO G 128 37.10 1.17 16.83
N PHE G 129 35.77 1.08 16.72
CA PHE G 129 35.05 1.42 15.50
C PHE G 129 35.13 2.92 15.22
N LEU G 130 35.68 3.25 14.04
CA LEU G 130 35.81 4.62 13.53
C LEU G 130 36.59 5.52 14.49
N SER G 131 37.64 4.98 15.10
CA SER G 131 38.51 5.76 15.96
C SER G 131 39.76 6.15 15.20
N SER G 132 40.58 6.98 15.82
CA SER G 132 41.85 7.41 15.25
C SER G 132 42.97 7.03 16.20
N MET G 133 43.97 6.32 15.68
CA MET G 133 45.11 5.96 16.49
C MET G 133 46.01 7.17 16.74
N VAL G 134 46.61 7.19 17.92
CA VAL G 134 47.51 8.27 18.30
C VAL G 134 48.92 7.87 17.89
N THR G 135 49.52 8.65 16.98
CA THR G 135 50.83 8.34 16.44
C THR G 135 51.82 9.45 16.77
N ASP G 136 53.07 9.22 16.39
CA ASP G 136 54.18 10.12 16.65
C ASP G 136 54.45 11.08 15.51
N SER G 137 53.59 11.10 14.50
CA SER G 137 53.87 11.85 13.29
C SER G 137 53.76 13.35 13.54
N PRO G 138 54.69 14.15 13.02
CA PRO G 138 54.58 15.61 13.16
C PRO G 138 53.60 16.23 12.19
N ILE G 139 53.24 15.50 11.12
CA ILE G 139 52.14 15.92 10.26
C ILE G 139 50.84 15.78 11.03
N LYS G 140 50.00 16.82 10.99
CA LYS G 140 48.82 16.90 11.85
C LYS G 140 47.72 15.93 11.43
N TYR G 141 47.94 14.64 11.59
CA TYR G 141 46.86 13.66 11.61
C TYR G 141 46.26 13.64 13.01
N GLY G 142 45.31 12.75 13.23
CA GLY G 142 44.78 12.56 14.56
C GLY G 142 43.27 12.62 14.62
N ASP G 143 42.74 13.40 15.54
CA ASP G 143 41.30 13.60 15.68
C ASP G 143 41.00 14.99 15.15
N VAL G 144 40.61 15.06 13.89
CA VAL G 144 40.34 16.33 13.21
C VAL G 144 38.85 16.58 13.10
N MET G 145 38.10 15.57 12.67
CA MET G 145 36.71 15.74 12.31
C MET G 145 35.73 15.34 13.40
N ASN G 146 36.20 14.63 14.43
CA ASN G 146 35.41 14.16 15.58
C ASN G 146 34.24 13.29 15.12
N VAL G 147 34.61 12.14 14.54
CA VAL G 147 33.62 11.24 13.96
C VAL G 147 32.80 10.57 15.05
N ILE G 148 33.47 10.09 16.09
CA ILE G 148 32.81 9.64 17.31
C ILE G 148 33.39 10.46 18.45
N ASP G 149 32.55 11.27 19.08
CA ASP G 149 33.05 12.25 20.04
C ASP G 149 32.01 12.43 21.14
N ALA G 150 32.50 12.67 22.35
CA ALA G 150 31.67 12.93 23.53
C ALA G 150 32.56 13.57 24.58
N PRO G 151 32.10 14.63 25.25
CA PRO G 151 32.90 15.21 26.34
C PRO G 151 32.90 14.29 27.56
N ALA G 152 34.06 14.19 28.20
CA ALA G 152 34.21 13.32 29.35
C ALA G 152 33.48 13.85 30.58
N THR G 153 33.24 15.16 30.64
CA THR G 153 32.60 15.77 31.79
C THR G 153 31.76 16.94 31.30
N ILE G 154 30.49 16.96 31.70
CA ILE G 154 29.61 18.10 31.47
C ILE G 154 29.40 18.75 32.82
N ALA G 155 29.97 19.94 32.99
CA ALA G 155 29.90 20.65 34.27
C ALA G 155 28.51 21.23 34.48
N ALA G 156 28.29 21.77 35.68
CA ALA G 156 27.01 22.36 36.04
C ALA G 156 26.80 23.66 35.26
N GLY G 157 25.87 23.64 34.32
CA GLY G 157 25.60 24.78 33.47
C GLY G 157 26.18 24.69 32.08
N ALA G 158 26.89 23.61 31.75
CA ALA G 158 27.55 23.45 30.47
C ALA G 158 26.67 22.67 29.51
N THR G 159 27.16 22.52 28.29
CA THR G 159 26.46 21.83 27.21
C THR G 159 27.46 20.95 26.47
N GLY G 160 27.07 19.71 26.18
CA GLY G 160 27.98 18.80 25.51
C GLY G 160 27.42 18.22 24.23
N GLU G 161 28.18 18.32 23.15
CA GLU G 161 27.79 17.77 21.87
C GLU G 161 28.30 16.34 21.74
N LEU G 162 27.42 15.43 21.33
CA LEU G 162 27.77 14.04 21.17
C LEU G 162 27.65 13.66 19.70
N THR G 163 28.46 12.70 19.27
CA THR G 163 28.35 12.15 17.92
C THR G 163 28.65 10.67 18.01
N MET G 164 27.93 9.86 17.24
CA MET G 164 28.06 8.41 17.31
C MET G 164 27.65 7.83 15.98
N TYR G 165 28.35 6.78 15.54
CA TYR G 165 28.05 6.09 14.30
C TYR G 165 27.78 4.62 14.58
N TYR G 166 26.85 4.05 13.82
CA TYR G 166 26.46 2.65 13.95
C TYR G 166 26.38 2.04 12.57
N TRP G 167 27.13 0.98 12.33
CA TRP G 167 26.95 0.19 11.12
C TRP G 167 25.99 -0.95 11.45
N VAL G 168 24.82 -0.92 10.82
CA VAL G 168 23.84 -1.99 10.96
C VAL G 168 24.06 -2.97 9.81
N PRO G 169 24.63 -4.14 10.06
CA PRO G 169 25.02 -5.00 8.95
C PRO G 169 23.91 -5.91 8.44
N LEU G 170 23.71 -5.93 7.13
CA LEU G 170 22.90 -6.98 6.52
C LEU G 170 23.78 -8.06 5.90
N ALA G 171 24.61 -7.69 4.93
CA ALA G 171 25.61 -8.61 4.42
C ALA G 171 26.72 -8.76 5.44
N TYR G 172 27.45 -9.88 5.34
CA TYR G 172 28.47 -10.19 6.33
C TYR G 172 29.66 -9.25 6.21
N SER G 173 30.29 -9.20 5.04
CA SER G 173 31.41 -8.31 4.80
C SER G 173 31.27 -7.74 3.40
N GLU G 174 32.27 -6.99 2.97
CA GLU G 174 32.28 -6.42 1.62
C GLU G 174 32.66 -7.44 0.56
N THR G 175 33.21 -8.59 0.94
CA THR G 175 33.51 -9.65 -0.01
C THR G 175 32.65 -10.89 0.19
N ASP G 176 31.81 -10.91 1.23
CA ASP G 176 30.91 -12.03 1.50
C ASP G 176 29.50 -11.45 1.54
N LEU G 177 28.69 -11.77 0.55
CA LEU G 177 27.33 -11.24 0.48
C LEU G 177 26.33 -12.15 1.16
N THR G 178 26.65 -12.60 2.37
CA THR G 178 25.81 -13.51 3.12
C THR G 178 24.99 -12.71 4.12
N GLY G 179 23.67 -12.75 3.96
CA GLY G 179 22.79 -11.96 4.77
C GLY G 179 22.23 -10.73 4.08
N ALA G 180 22.61 -10.50 2.83
CA ALA G 180 22.16 -9.31 2.12
C ALA G 180 20.75 -9.52 1.60
N VAL G 181 20.03 -8.40 1.44
CA VAL G 181 18.62 -8.41 1.11
C VAL G 181 18.45 -8.02 -0.35
N LEU G 182 17.88 -8.91 -1.15
CA LEU G 182 17.55 -8.60 -2.54
C LEU G 182 16.34 -7.68 -2.58
N ALA G 183 16.47 -6.56 -3.27
CA ALA G 183 15.40 -5.57 -3.25
C ALA G 183 15.11 -4.97 -4.62
N ASN G 184 15.60 -5.57 -5.70
CA ASN G 184 15.31 -5.08 -7.04
C ASN G 184 14.10 -5.78 -7.66
N VAL G 185 13.38 -6.56 -6.88
CA VAL G 185 12.15 -7.25 -7.29
C VAL G 185 10.99 -6.52 -6.61
N PRO G 186 9.75 -6.59 -7.13
CA PRO G 186 8.66 -5.89 -6.44
C PRO G 186 8.17 -6.69 -5.25
N GLN G 187 8.12 -6.04 -4.09
CA GLN G 187 7.82 -6.71 -2.84
C GLN G 187 7.33 -5.67 -1.84
N SER G 188 7.12 -6.12 -0.60
CA SER G 188 6.74 -5.22 0.47
C SER G 188 7.91 -4.34 0.87
N LYS G 189 7.62 -3.33 1.68
CA LYS G 189 8.68 -2.43 2.11
C LYS G 189 9.42 -3.00 3.30
N GLN G 190 10.69 -2.63 3.42
CA GLN G 190 11.51 -3.05 4.53
C GLN G 190 11.40 -2.05 5.66
N ARG G 191 11.76 -2.49 6.87
CA ARG G 191 11.47 -1.74 8.08
C ARG G 191 12.72 -1.69 8.93
N LEU G 192 13.09 -0.48 9.36
CA LEU G 192 14.26 -0.28 10.22
C LEU G 192 13.80 0.56 11.40
N LYS G 193 13.53 -0.09 12.52
CA LYS G 193 13.07 0.56 13.74
C LYS G 193 14.26 1.00 14.57
N LEU G 194 14.13 2.16 15.20
CA LEU G 194 15.24 2.76 15.95
C LEU G 194 14.69 3.39 17.22
N GLU G 195 15.02 2.82 18.36
CA GLU G 195 14.68 3.39 19.66
C GLU G 195 15.89 4.12 20.21
N PHE G 196 15.70 5.36 20.64
CA PHE G 196 16.77 6.22 21.07
C PHE G 196 16.73 6.39 22.58
N ALA G 197 17.80 6.97 23.11
CA ALA G 197 17.87 7.29 24.53
C ALA G 197 17.01 8.50 24.83
N ASN G 198 16.33 8.47 25.97
CA ASN G 198 15.51 9.58 26.41
C ASN G 198 16.04 10.09 27.75
N ASN G 199 15.29 10.99 28.38
CA ASN G 199 15.74 11.61 29.61
C ASN G 199 15.59 10.71 30.83
N ASN G 200 15.09 9.49 30.67
CA ASN G 200 14.99 8.54 31.75
C ASN G 200 16.08 7.48 31.74
N THR G 201 16.66 7.20 30.57
CA THR G 201 17.58 6.08 30.45
C THR G 201 19.03 6.48 30.26
N ALA G 202 19.33 7.75 30.01
CA ALA G 202 20.67 8.18 29.65
C ALA G 202 21.41 8.91 30.76
N PHE G 203 20.77 9.12 31.91
CA PHE G 203 21.41 9.78 33.04
C PHE G 203 21.13 8.96 34.29
N ALA G 204 22.18 8.55 34.99
CA ALA G 204 22.07 7.68 36.14
C ALA G 204 22.67 8.36 37.36
N ALA G 205 22.05 8.15 38.52
CA ALA G 205 22.54 8.74 39.75
C ALA G 205 23.76 7.97 40.26
N VAL G 206 24.40 8.52 41.28
CA VAL G 206 25.56 7.87 41.89
C VAL G 206 25.06 6.65 42.66
N GLY G 207 25.34 5.46 42.12
CA GLY G 207 24.88 4.21 42.69
C GLY G 207 23.95 3.42 41.81
N ALA G 208 23.33 4.05 40.82
CA ALA G 208 22.47 3.34 39.89
C ALA G 208 23.29 2.53 38.90
N ASN G 209 22.64 1.61 38.22
CA ASN G 209 23.25 0.72 37.24
C ASN G 209 23.57 1.48 35.96
N PRO G 210 24.84 1.75 35.66
CA PRO G 210 25.17 2.54 34.47
C PRO G 210 25.34 1.69 33.23
N LEU G 211 24.47 0.72 33.01
CA LEU G 211 24.61 -0.16 31.86
C LEU G 211 24.19 0.52 30.57
N GLU G 212 22.99 1.07 30.56
CA GLU G 212 22.44 1.73 29.39
C GLU G 212 22.42 3.24 29.52
N ALA G 213 23.14 3.79 30.50
CA ALA G 213 23.25 5.22 30.63
C ALA G 213 24.37 5.75 29.74
N ILE G 214 24.38 7.07 29.57
CA ILE G 214 25.45 7.77 28.89
C ILE G 214 26.31 8.57 29.86
N TYR G 215 25.67 9.27 30.80
CA TYR G 215 26.37 10.03 31.81
C TYR G 215 25.90 9.60 33.19
N GLN G 216 26.79 9.75 34.17
CA GLN G 216 26.50 9.38 35.54
C GLN G 216 27.20 10.37 36.45
N GLY G 217 26.51 10.80 37.50
CA GLY G 217 27.10 11.74 38.43
C GLY G 217 26.06 12.29 39.38
N ALA G 218 26.55 13.15 40.27
CA ALA G 218 25.71 13.74 41.31
C ALA G 218 24.75 14.80 40.79
N GLY G 219 24.87 15.19 39.53
CA GLY G 219 23.94 16.15 38.97
C GLY G 219 23.10 15.58 37.85
N ALA G 220 22.91 14.27 37.85
CA ALA G 220 22.19 13.61 36.77
C ALA G 220 20.68 13.78 36.85
N ALA G 221 20.15 14.27 37.98
CA ALA G 221 18.71 14.47 38.09
C ALA G 221 18.25 15.69 37.31
N ASP G 222 19.14 16.66 37.10
CA ASP G 222 18.82 17.87 36.38
C ASP G 222 19.31 17.85 34.93
N CYS G 223 20.03 16.80 34.53
CA CYS G 223 20.50 16.71 33.15
C CYS G 223 19.34 16.34 32.24
N GLU G 224 19.42 16.81 31.00
CA GLU G 224 18.35 16.61 30.04
C GLU G 224 18.92 16.72 28.64
N PHE G 225 18.19 16.19 27.68
CA PHE G 225 18.56 16.37 26.29
C PHE G 225 18.03 17.71 25.77
N GLU G 226 18.69 18.22 24.73
CA GLU G 226 18.19 19.36 23.99
C GLU G 226 17.67 18.94 22.62
N GLU G 227 18.51 18.29 21.83
CA GLU G 227 18.12 17.76 20.54
C GLU G 227 18.81 16.42 20.35
N ILE G 228 18.19 15.56 19.54
CA ILE G 228 18.86 14.40 18.97
C ILE G 228 18.54 14.40 17.48
N SER G 229 19.58 14.46 16.66
CA SER G 229 19.44 14.28 15.23
C SER G 229 19.93 12.90 14.84
N TYR G 230 19.32 12.34 13.82
CA TYR G 230 19.83 11.09 13.26
C TYR G 230 19.79 11.18 11.74
N THR G 231 20.81 10.60 11.10
CA THR G 231 20.83 10.43 9.66
C THR G 231 21.08 8.96 9.38
N VAL G 232 20.30 8.39 8.45
CA VAL G 232 20.48 7.01 8.03
C VAL G 232 20.92 7.02 6.58
N TYR G 233 22.00 6.29 6.28
CA TYR G 233 22.48 6.08 4.94
C TYR G 233 22.31 4.62 4.58
N GLN G 234 21.91 4.34 3.34
CA GLN G 234 21.71 2.98 2.88
C GLN G 234 22.84 2.62 1.93
N SER G 235 23.53 1.51 2.21
CA SER G 235 24.62 1.03 1.39
C SER G 235 24.13 -0.17 0.59
N TYR G 236 24.18 -0.08 -0.73
CA TYR G 236 23.63 -1.13 -1.57
C TYR G 236 24.46 -1.24 -2.85
N LEU G 237 24.24 -2.33 -3.58
CA LEU G 237 24.89 -2.60 -4.85
C LEU G 237 23.91 -2.39 -5.99
N ASP G 238 24.34 -1.67 -7.02
CA ASP G 238 23.54 -1.49 -8.22
C ASP G 238 24.31 -2.04 -9.42
N GLN G 239 23.77 -1.79 -10.61
CA GLN G 239 24.14 -2.40 -11.90
C GLN G 239 24.48 -3.88 -11.78
N LEU G 240 23.50 -4.64 -11.31
CA LEU G 240 23.65 -6.07 -11.14
C LEU G 240 23.78 -6.76 -12.50
N PRO G 241 24.63 -7.78 -12.62
CA PRO G 241 24.84 -8.43 -13.92
C PRO G 241 23.64 -9.26 -14.33
N VAL G 242 23.38 -9.29 -15.64
CA VAL G 242 22.25 -9.99 -16.22
C VAL G 242 22.79 -11.07 -17.17
N GLY G 243 22.39 -12.31 -16.94
CA GLY G 243 22.78 -13.41 -17.78
C GLY G 243 21.70 -13.78 -18.78
N GLN G 244 21.81 -15.01 -19.31
CA GLN G 244 20.86 -15.46 -20.31
C GLN G 244 19.51 -15.87 -19.72
N ASN G 245 19.48 -16.20 -18.43
CA ASN G 245 18.25 -16.62 -17.77
C ASN G 245 17.68 -15.54 -16.86
N GLY G 246 18.19 -14.31 -16.95
CA GLY G 246 17.81 -13.24 -16.05
C GLY G 246 19.00 -12.75 -15.25
N TYR G 247 18.71 -12.28 -14.04
CA TYR G 247 19.75 -11.78 -13.16
C TYR G 247 20.60 -12.92 -12.63
N ILE G 248 21.89 -12.66 -12.48
CA ILE G 248 22.83 -13.62 -11.91
C ILE G 248 23.00 -13.27 -10.44
N LEU G 249 22.41 -14.09 -9.57
CA LEU G 249 22.36 -13.78 -8.15
C LEU G 249 22.86 -14.96 -7.33
N PRO G 250 23.59 -14.71 -6.25
CA PRO G 250 23.92 -15.80 -5.32
C PRO G 250 22.70 -16.25 -4.54
N LEU G 251 22.16 -17.41 -4.89
CA LEU G 251 20.80 -17.77 -4.49
C LEU G 251 20.69 -18.28 -3.06
N ILE G 252 21.76 -18.79 -2.46
CA ILE G 252 21.71 -19.20 -1.07
C ILE G 252 22.49 -18.28 -0.16
N ASP G 253 23.07 -17.21 -0.69
CA ASP G 253 23.58 -16.13 0.14
C ASP G 253 22.49 -15.11 0.48
N LEU G 254 21.61 -14.84 -0.48
CA LEU G 254 20.50 -13.93 -0.25
C LEU G 254 19.39 -14.54 0.58
N SER G 255 19.26 -15.87 0.58
CA SER G 255 18.27 -16.56 1.39
C SER G 255 18.82 -17.00 2.75
N THR G 256 20.01 -16.54 3.12
CA THR G 256 20.60 -16.76 4.42
C THR G 256 20.54 -15.46 5.20
N LEU G 257 20.37 -15.55 6.51
CA LEU G 257 20.22 -14.39 7.37
C LEU G 257 21.45 -14.23 8.26
N TYR G 258 22.06 -13.07 8.24
CA TYR G 258 23.16 -12.73 9.15
C TYR G 258 22.58 -11.85 10.24
N ASN G 259 22.52 -12.37 11.47
CA ASN G 259 21.68 -11.82 12.50
C ASN G 259 22.49 -11.49 13.75
N LEU G 260 21.96 -10.56 14.54
CA LEU G 260 22.65 -10.00 15.70
C LEU G 260 21.72 -9.85 16.92
N GLU G 261 21.12 -10.94 17.37
CA GLU G 261 20.33 -10.93 18.61
C GLU G 261 21.19 -10.59 19.83
N ASN G 262 20.53 -10.11 20.89
CA ASN G 262 21.10 -10.08 22.23
C ASN G 262 20.10 -10.69 23.20
N SER G 263 20.56 -10.99 24.42
CA SER G 263 19.71 -11.62 25.42
C SER G 263 20.28 -11.36 26.80
N ALA G 264 19.77 -12.10 27.79
CA ALA G 264 20.18 -11.99 29.18
C ALA G 264 19.79 -13.26 29.91
N GLN G 265 20.48 -13.50 31.03
CA GLN G 265 20.14 -14.59 31.95
C GLN G 265 20.47 -14.15 33.35
N ALA G 266 19.87 -14.82 34.33
CA ALA G 266 20.09 -14.50 35.73
C ALA G 266 20.21 -15.78 36.54
N GLY G 267 20.51 -15.63 37.82
CA GLY G 267 20.62 -16.76 38.72
C GLY G 267 22.01 -17.33 38.83
N LEU G 268 22.98 -16.48 39.18
CA LEU G 268 24.38 -16.89 39.27
C LEU G 268 24.75 -17.11 40.72
N THR G 269 25.44 -18.22 40.98
CA THR G 269 25.86 -18.63 42.30
C THR G 269 27.38 -18.62 42.37
N PRO G 270 27.99 -18.10 43.44
CA PRO G 270 29.46 -18.06 43.53
C PRO G 270 30.10 -19.44 43.52
N ASN G 271 31.14 -19.57 42.69
CA ASN G 271 31.93 -20.80 42.48
C ASN G 271 31.08 -21.94 41.95
N VAL G 272 30.02 -21.62 41.21
CA VAL G 272 29.16 -22.62 40.56
C VAL G 272 29.06 -22.25 39.10
N ASP G 273 29.27 -23.23 38.22
CA ASP G 273 29.25 -22.99 36.78
C ASP G 273 27.86 -22.61 36.30
N PHE G 274 27.79 -21.53 35.54
CA PHE G 274 26.53 -20.94 35.07
C PHE G 274 26.50 -21.05 33.55
N VAL G 275 25.66 -21.95 33.04
CA VAL G 275 25.66 -22.31 31.64
C VAL G 275 24.56 -21.54 30.91
N VAL G 276 24.91 -20.90 29.81
CA VAL G 276 23.97 -20.28 28.88
C VAL G 276 24.05 -21.08 27.58
N GLN G 277 23.01 -21.84 27.29
CA GLN G 277 23.02 -22.74 26.15
C GLN G 277 22.81 -21.99 24.84
N TYR G 278 23.49 -22.44 23.80
CA TYR G 278 23.21 -22.00 22.44
C TYR G 278 21.98 -22.76 21.97
N ALA G 279 20.83 -22.08 21.96
CA ALA G 279 19.54 -22.77 21.90
C ALA G 279 19.23 -23.28 20.50
N ASN G 280 19.12 -22.40 19.52
CA ASN G 280 18.58 -22.78 18.23
C ASN G 280 19.64 -23.41 17.34
N LEU G 281 19.21 -23.82 16.15
CA LEU G 281 20.07 -24.45 15.15
C LEU G 281 20.74 -23.42 14.26
N TYR G 282 21.36 -22.43 14.88
CA TYR G 282 22.09 -21.39 14.17
C TYR G 282 23.55 -21.79 14.04
N ARG G 283 24.28 -21.03 13.22
CA ARG G 283 25.73 -21.15 13.11
C ARG G 283 26.32 -19.91 13.76
N TYR G 284 26.70 -20.04 15.02
CA TYR G 284 27.09 -18.88 15.84
C TYR G 284 28.52 -18.45 15.50
N LEU G 285 28.69 -17.16 15.26
CA LEU G 285 29.98 -16.61 14.85
C LEU G 285 30.72 -15.88 15.95
N SER G 286 30.00 -15.22 16.86
CA SER G 286 30.65 -14.54 17.97
C SER G 286 29.70 -14.51 19.15
N THR G 287 30.23 -14.11 20.29
CA THR G 287 29.48 -14.14 21.56
C THR G 287 30.08 -13.09 22.47
N ILE G 288 29.24 -12.18 22.96
CA ILE G 288 29.66 -11.15 23.90
C ILE G 288 28.94 -11.39 25.21
N ALA G 289 29.71 -11.55 26.29
CA ALA G 289 29.17 -11.69 27.63
C ALA G 289 29.51 -10.45 28.43
N VAL G 290 28.50 -9.84 29.03
CA VAL G 290 28.68 -8.69 29.90
C VAL G 290 28.22 -9.09 31.29
N PHE G 291 29.15 -9.08 32.24
CA PHE G 291 28.86 -9.50 33.61
C PHE G 291 28.43 -8.28 34.40
N ASP G 292 27.13 -8.02 34.38
CA ASP G 292 26.51 -6.96 35.19
C ASP G 292 26.40 -7.51 36.61
N ASN G 293 27.40 -7.23 37.43
CA ASN G 293 27.47 -7.77 38.78
C ASN G 293 26.70 -6.87 39.77
N GLY G 294 25.42 -6.72 39.52
CA GLY G 294 24.57 -5.88 40.34
C GLY G 294 24.88 -4.40 40.24
N GLY G 295 25.09 -3.91 39.03
CA GLY G 295 25.48 -2.53 38.82
C GLY G 295 26.97 -2.27 38.87
N SER G 296 27.74 -3.22 39.39
CA SER G 296 29.19 -3.11 39.44
C SER G 296 29.80 -3.81 38.24
N PHE G 297 30.87 -3.24 37.70
CA PHE G 297 31.60 -3.79 36.57
C PHE G 297 33.06 -3.88 36.95
N ASN G 298 33.61 -5.09 36.92
CA ASN G 298 34.97 -5.32 37.34
C ASN G 298 35.77 -5.93 36.20
N ALA G 299 37.09 -5.76 36.27
CA ALA G 299 37.99 -6.23 35.22
C ALA G 299 38.51 -7.63 35.57
N GLY G 300 37.60 -8.59 35.49
CA GLY G 300 37.94 -9.99 35.63
C GLY G 300 38.20 -10.48 37.03
N THR G 301 38.14 -9.62 38.04
CA THR G 301 38.42 -10.03 39.41
C THR G 301 37.25 -10.70 40.08
N ASP G 302 36.08 -10.76 39.44
CA ASP G 302 34.91 -11.42 39.99
C ASP G 302 34.52 -12.67 39.19
N ILE G 303 35.40 -13.15 38.32
CA ILE G 303 35.16 -14.34 37.51
C ILE G 303 36.32 -15.29 37.74
N ASN G 304 36.01 -16.57 38.00
CA ASN G 304 37.04 -17.58 38.09
C ASN G 304 37.53 -17.99 36.70
N TYR G 305 36.61 -18.39 35.82
CA TYR G 305 36.97 -18.73 34.44
C TYR G 305 35.74 -18.62 33.57
N LEU G 306 35.96 -18.26 32.31
CA LEU G 306 34.96 -18.33 31.26
C LEU G 306 35.29 -19.52 30.38
N SER G 307 34.26 -20.14 29.82
CA SER G 307 34.48 -21.39 29.11
C SER G 307 33.39 -21.61 28.06
N GLN G 308 33.59 -22.65 27.26
CA GLN G 308 32.59 -23.11 26.29
C GLN G 308 32.57 -24.62 26.30
N ARG G 309 31.42 -25.21 26.60
CA ARG G 309 31.29 -26.65 26.72
C ARG G 309 30.60 -27.24 25.50
N THR G 310 30.75 -28.54 25.34
CA THR G 310 30.11 -29.29 24.26
C THR G 310 29.17 -30.31 24.91
N ALA G 311 28.67 -31.25 24.11
CA ALA G 311 27.62 -32.16 24.56
C ALA G 311 28.10 -33.09 25.66
N ASN G 312 29.32 -33.61 25.55
CA ASN G 312 29.86 -34.48 26.60
C ASN G 312 30.65 -33.70 27.65
N PHE G 313 30.10 -32.57 28.08
CA PHE G 313 30.57 -31.73 29.20
C PHE G 313 32.04 -31.30 29.07
N SER G 314 32.59 -31.31 27.86
CA SER G 314 34.01 -31.09 27.66
C SER G 314 34.25 -29.65 27.23
N ASP G 315 35.13 -28.97 27.96
CA ASP G 315 35.51 -27.60 27.64
C ASP G 315 36.40 -27.59 26.42
N THR G 316 36.01 -26.85 25.38
CA THR G 316 36.86 -26.65 24.22
C THR G 316 37.70 -25.39 24.31
N ARG G 317 37.34 -24.49 25.23
CA ARG G 317 38.24 -23.47 25.73
C ARG G 317 37.80 -23.16 27.14
N LYS G 318 38.76 -23.00 28.05
CA LYS G 318 38.46 -22.77 29.45
C LYS G 318 39.65 -22.00 30.01
N LEU G 319 39.51 -20.69 30.07
CA LEU G 319 40.64 -19.80 30.30
C LEU G 319 40.40 -18.93 31.51
N ASP G 320 41.50 -18.41 32.05
CA ASP G 320 41.47 -17.34 33.02
C ASP G 320 40.85 -16.08 32.38
N PRO G 321 40.24 -15.20 33.17
CA PRO G 321 39.74 -13.93 32.61
C PRO G 321 40.82 -13.05 32.00
N LYS G 322 42.07 -13.14 32.49
CA LYS G 322 43.15 -12.42 31.84
C LYS G 322 43.64 -13.14 30.59
N THR G 323 43.45 -14.45 30.52
CA THR G 323 43.79 -15.20 29.31
C THR G 323 42.67 -15.13 28.28
N TRP G 324 41.42 -14.99 28.74
CA TRP G 324 40.31 -14.74 27.84
C TRP G 324 40.46 -13.39 27.15
N ALA G 325 40.94 -12.40 27.89
CA ALA G 325 41.19 -11.08 27.33
C ALA G 325 42.42 -11.04 26.46
N ALA G 326 43.37 -11.98 26.64
CA ALA G 326 44.54 -12.03 25.79
C ALA G 326 44.20 -12.46 24.38
N GLN G 327 43.22 -13.35 24.23
CA GLN G 327 42.74 -13.72 22.90
C GLN G 327 41.90 -12.63 22.27
N THR G 328 41.35 -11.72 23.08
CA THR G 328 40.64 -10.57 22.54
C THR G 328 41.62 -9.56 21.95
N ARG G 329 42.75 -9.33 22.64
CA ARG G 329 43.78 -8.41 22.17
C ARG G 329 44.47 -8.89 20.90
N ARG G 330 44.43 -10.19 20.61
CA ARG G 330 44.97 -10.71 19.37
C ARG G 330 44.13 -10.31 18.16
N ARG G 331 42.86 -9.97 18.36
CA ARG G 331 41.98 -9.65 17.25
C ARG G 331 41.71 -8.15 17.08
N ILE G 332 41.34 -7.45 18.15
CA ILE G 332 40.94 -6.05 18.02
C ILE G 332 42.01 -5.08 18.52
N ALA G 333 43.18 -5.58 18.91
CA ALA G 333 44.36 -4.82 19.30
C ALA G 333 44.13 -3.88 20.48
N THR G 334 43.13 -4.18 21.30
CA THR G 334 42.84 -3.45 22.53
C THR G 334 41.96 -4.35 23.39
N ASP G 335 41.57 -3.84 24.55
CA ASP G 335 40.61 -4.53 25.40
C ASP G 335 39.24 -3.92 25.22
N PHE G 336 38.21 -4.77 25.29
CA PHE G 336 36.85 -4.32 25.40
C PHE G 336 36.66 -3.67 26.77
N PRO G 337 35.63 -2.81 26.95
CA PRO G 337 35.47 -2.12 28.23
C PRO G 337 35.23 -3.05 29.41
N LYS G 338 35.31 -2.46 30.60
CA LYS G 338 35.39 -3.16 31.87
C LYS G 338 34.12 -3.98 32.14
N GLY G 339 34.23 -5.30 32.00
CA GLY G 339 33.10 -6.19 32.19
C GLY G 339 32.62 -6.85 30.92
N VAL G 340 33.24 -6.60 29.78
CA VAL G 340 32.80 -7.11 28.48
C VAL G 340 33.78 -8.19 28.04
N TYR G 341 33.24 -9.34 27.63
CA TYR G 341 34.04 -10.51 27.29
C TYR G 341 33.65 -10.99 25.90
N TYR G 342 34.61 -11.04 24.99
CA TYR G 342 34.35 -11.40 23.61
C TYR G 342 34.84 -12.82 23.33
N CYS G 343 34.12 -13.53 22.48
CA CYS G 343 34.47 -14.88 22.08
C CYS G 343 34.36 -14.99 20.57
N ASP G 344 35.49 -15.19 19.90
CA ASP G 344 35.53 -15.30 18.45
C ASP G 344 35.37 -16.75 18.03
N ASN G 345 34.47 -17.00 17.09
CA ASN G 345 34.26 -18.34 16.56
C ASN G 345 34.11 -18.31 15.04
N ARG G 346 34.77 -17.37 14.37
CA ARG G 346 34.51 -17.16 12.96
C ARG G 346 35.14 -18.20 12.06
N ASP G 347 36.25 -18.81 12.50
CA ASP G 347 36.89 -19.83 11.68
C ASP G 347 36.13 -21.15 11.73
N LYS G 348 35.62 -21.51 12.90
CA LYS G 348 34.77 -22.70 13.06
C LYS G 348 33.53 -22.27 13.84
N PRO G 349 32.42 -21.99 13.15
CA PRO G 349 31.23 -21.51 13.85
C PRO G 349 30.58 -22.60 14.69
N ILE G 350 30.06 -22.19 15.85
CA ILE G 350 29.37 -23.10 16.75
C ILE G 350 28.05 -23.51 16.11
N TYR G 351 27.85 -24.82 15.97
CA TYR G 351 26.68 -25.38 15.30
C TYR G 351 26.26 -26.60 16.10
N THR G 352 25.09 -26.54 16.74
CA THR G 352 24.67 -27.63 17.61
C THR G 352 24.02 -28.77 16.83
N LEU G 353 24.64 -29.17 15.73
CA LEU G 353 24.26 -30.37 15.00
C LEU G 353 25.50 -31.13 14.56
N GLN G 354 26.69 -30.60 14.84
CA GLN G 354 27.98 -31.18 14.46
C GLN G 354 28.55 -32.04 15.58
N TYR G 355 28.67 -31.49 16.78
CA TYR G 355 29.23 -32.20 17.91
C TYR G 355 28.31 -32.15 19.11
N GLY G 356 27.02 -31.96 18.89
CA GLY G 356 26.06 -31.92 19.97
C GLY G 356 25.83 -30.51 20.50
N ASN G 357 25.21 -30.46 21.67
CA ASN G 357 24.76 -29.18 22.23
C ASN G 357 25.91 -28.42 22.87
N VAL G 358 26.08 -27.17 22.47
CA VAL G 358 27.14 -26.30 22.94
C VAL G 358 26.56 -25.32 23.95
N GLY G 359 27.32 -25.04 25.01
CA GLY G 359 26.92 -24.04 25.98
C GLY G 359 28.03 -23.04 26.22
N PHE G 360 27.68 -21.97 26.95
CA PHE G 360 28.62 -20.93 27.34
C PHE G 360 28.63 -20.87 28.86
N VAL G 361 29.80 -21.04 29.46
CA VAL G 361 29.93 -21.20 30.89
C VAL G 361 30.64 -19.98 31.47
N VAL G 362 30.14 -19.49 32.60
CA VAL G 362 30.83 -18.50 33.42
C VAL G 362 30.81 -19.03 34.85
N ASN G 363 31.98 -19.15 35.47
CA ASN G 363 32.09 -19.50 36.87
C ASN G 363 32.41 -18.24 37.65
N PRO G 364 31.46 -17.64 38.35
CA PRO G 364 31.74 -16.38 39.04
C PRO G 364 32.39 -16.62 40.40
N LYS G 365 33.23 -15.66 40.78
CA LYS G 365 33.87 -15.68 42.08
C LYS G 365 33.07 -14.87 43.10
N THR G 366 32.69 -13.65 42.72
CA THR G 366 31.87 -12.77 43.54
C THR G 366 30.54 -12.55 42.83
N VAL G 367 29.45 -12.57 43.59
CA VAL G 367 28.11 -12.31 43.06
C VAL G 367 27.42 -11.31 43.98
N ASN G 368 27.00 -10.19 43.43
CA ASN G 368 26.20 -9.22 44.18
C ASN G 368 24.72 -9.45 43.90
N GLN G 369 23.88 -8.69 44.60
CA GLN G 369 22.45 -8.79 44.41
C GLN G 369 22.03 -8.20 43.07
N ASN G 370 21.00 -8.80 42.47
CA ASN G 370 20.48 -8.46 41.14
C ASN G 370 21.57 -8.55 40.07
N ALA G 371 22.35 -9.61 40.12
CA ALA G 371 23.40 -9.85 39.15
C ALA G 371 22.85 -10.65 37.98
N ARG G 372 23.34 -10.33 36.79
CA ARG G 372 22.87 -11.01 35.59
C ARG G 372 23.99 -11.06 34.57
N LEU G 373 23.78 -11.85 33.53
CA LEU G 373 24.75 -12.03 32.47
C LEU G 373 24.08 -11.65 31.15
N LEU G 374 24.51 -10.54 30.57
CA LEU G 374 23.92 -10.01 29.35
C LEU G 374 24.65 -10.60 28.15
N MET G 375 23.93 -11.34 27.32
CA MET G 375 24.52 -12.01 26.18
C MET G 375 24.26 -11.22 24.91
N GLY G 376 25.13 -11.43 23.93
CA GLY G 376 24.94 -10.90 22.61
C GLY G 376 25.41 -11.90 21.59
N TYR G 377 24.55 -12.28 20.66
CA TYR G 377 24.89 -13.31 19.69
C TYR G 377 25.06 -12.69 18.32
N GLU G 378 25.75 -13.43 17.46
CA GLU G 378 25.97 -13.04 16.07
C GLU G 378 26.13 -14.33 15.29
N TYR G 379 25.23 -14.58 14.35
CA TYR G 379 25.07 -15.92 13.84
C TYR G 379 24.52 -15.89 12.42
N PHE G 380 24.50 -17.07 11.79
CA PHE G 380 23.88 -17.29 10.50
C PHE G 380 22.62 -18.13 10.67
N THR G 381 21.66 -17.93 9.77
CA THR G 381 20.39 -18.66 9.79
C THR G 381 20.00 -19.00 8.36
N SER G 382 19.70 -20.27 8.12
CA SER G 382 19.35 -20.70 6.78
C SER G 382 18.21 -21.70 6.86
N ARG G 383 17.67 -22.03 5.69
CA ARG G 383 16.64 -23.05 5.56
C ARG G 383 17.24 -24.33 5.02
N THR G 384 16.61 -25.53 7.87
CA THR G 384 17.49 -26.66 7.69
C THR G 384 16.81 -27.76 6.90
N GLU G 385 17.44 -28.22 5.82
CA GLU G 385 16.91 -29.36 5.09
C GLU G 385 17.17 -30.63 5.87
N LEU G 386 16.15 -31.47 5.98
CA LEU G 386 16.10 -32.50 7.02
C LEU G 386 15.62 -33.84 6.46
N VAL G 387 16.27 -34.34 5.41
CA VAL G 387 15.85 -35.57 4.72
C VAL G 387 15.84 -36.80 5.66
N ASN G 388 15.04 -37.81 5.29
CA ASN G 388 14.98 -39.08 6.00
C ASN G 388 16.03 -40.05 5.46
N ALA G 389 16.66 -40.78 6.37
CA ALA G 389 17.77 -41.66 6.02
C ALA G 389 17.35 -43.11 6.27
N GLY G 390 16.82 -43.76 5.25
CA GLY G 390 16.53 -45.17 5.34
C GLY G 390 15.23 -45.50 6.02
N THR G 391 15.30 -45.87 7.30
CA THR G 391 14.13 -46.25 8.07
C THR G 391 13.36 -45.01 8.53
N ILE G 392 12.05 -45.18 8.68
CA ILE G 392 11.16 -44.13 9.19
C ILE G 392 10.81 -44.52 10.61
N SER G 393 10.80 -45.83 10.89
CA SER G 393 10.50 -46.33 12.22
C SER G 393 11.73 -47.01 12.82
N GLN H 11 63.18 -29.61 -16.54
CA GLN H 11 63.37 -30.74 -15.63
C GLN H 11 62.03 -31.40 -15.33
N GLN H 12 61.99 -32.73 -15.47
CA GLN H 12 60.77 -33.48 -15.24
C GLN H 12 60.46 -33.68 -13.76
N ALA H 13 61.43 -33.43 -12.87
CA ALA H 13 61.25 -33.63 -11.45
C ALA H 13 60.67 -32.42 -10.74
N ALA H 14 60.46 -31.32 -11.46
CA ALA H 14 59.80 -30.14 -10.88
C ALA H 14 58.29 -30.15 -11.10
N LEU H 15 57.76 -31.18 -11.76
CA LEU H 15 56.32 -31.29 -11.93
C LEU H 15 55.70 -32.16 -10.85
N ARG H 16 56.42 -33.18 -10.38
CA ARG H 16 55.91 -34.01 -9.29
C ARG H 16 56.01 -33.29 -7.95
N ASN H 17 57.04 -32.46 -7.75
CA ASN H 17 57.15 -31.71 -6.52
C ASN H 17 56.25 -30.47 -6.50
N GLN H 18 55.60 -30.16 -7.61
CA GLN H 18 54.52 -29.19 -7.62
C GLN H 18 53.16 -29.89 -7.59
N GLN H 19 53.09 -31.14 -8.04
CA GLN H 19 51.88 -31.94 -7.87
C GLN H 19 51.75 -32.45 -6.44
N ALA H 20 52.87 -32.60 -5.74
CA ALA H 20 52.82 -32.93 -4.32
C ALA H 20 52.45 -31.75 -3.46
N MET H 21 52.72 -30.52 -3.92
CA MET H 21 52.26 -29.34 -3.21
C MET H 21 50.78 -29.10 -3.45
N ALA H 22 50.26 -29.49 -4.60
CA ALA H 22 48.85 -29.30 -4.89
C ALA H 22 47.99 -30.28 -4.10
N ALA H 23 48.48 -31.49 -3.87
CA ALA H 23 47.76 -32.45 -3.04
C ALA H 23 47.90 -32.11 -1.56
N ASN H 24 48.99 -31.44 -1.19
CA ASN H 24 49.18 -31.04 0.19
C ASN H 24 48.31 -29.86 0.56
N LEU H 25 48.18 -28.90 -0.35
CA LEU H 25 47.33 -27.74 -0.11
C LEU H 25 45.86 -28.06 -0.24
N GLN H 26 45.52 -29.13 -0.96
CA GLN H 26 44.15 -29.62 -0.96
C GLN H 26 43.80 -30.23 0.38
N ALA H 27 44.75 -30.90 1.02
CA ALA H 27 44.51 -31.53 2.31
C ALA H 27 44.67 -30.57 3.48
N ARG H 28 45.34 -29.44 3.29
CA ARG H 28 45.41 -28.45 4.35
C ARG H 28 44.07 -27.77 4.54
N GLN H 29 43.38 -27.46 3.45
CA GLN H 29 42.08 -26.82 3.52
C GLN H 29 40.95 -27.80 3.84
N ILE H 30 41.25 -29.09 3.94
CA ILE H 30 40.29 -30.04 4.48
C ILE H 30 40.39 -30.08 6.01
N VAL H 31 41.61 -30.02 6.53
CA VAL H 31 41.82 -30.06 7.98
C VAL H 31 41.38 -28.76 8.63
N LEU H 32 41.70 -27.62 8.03
CA LEU H 32 41.36 -26.33 8.62
C LEU H 32 39.88 -26.02 8.54
N GLN H 33 39.15 -26.66 7.62
CA GLN H 33 37.74 -26.40 7.45
C GLN H 33 36.85 -27.42 8.16
N GLN H 34 37.35 -28.63 8.39
CA GLN H 34 36.53 -29.72 8.91
C GLN H 34 37.11 -30.28 10.20
N SER H 35 37.55 -29.42 11.10
CA SER H 35 38.07 -29.86 12.39
C SER H 35 37.86 -28.74 13.40
N TYR H 36 38.18 -29.03 14.67
CA TYR H 36 37.81 -28.15 15.75
C TYR H 36 39.03 -27.54 16.41
N PRO H 37 39.12 -26.20 16.49
CA PRO H 37 40.23 -25.57 17.24
C PRO H 37 39.95 -25.56 18.74
N VAL H 38 40.82 -26.22 19.49
CA VAL H 38 40.72 -26.33 20.94
C VAL H 38 41.90 -25.59 21.54
N ILE H 39 41.67 -24.94 22.68
CA ILE H 39 42.76 -24.42 23.51
C ILE H 39 42.47 -24.79 24.96
N GLN H 40 43.33 -25.60 25.55
CA GLN H 40 43.12 -26.10 26.91
C GLN H 40 44.40 -25.98 27.72
N GLN H 41 44.23 -25.80 29.02
CA GLN H 41 45.35 -25.64 29.93
C GLN H 41 46.00 -26.99 30.20
N VAL H 42 47.32 -27.05 30.02
CA VAL H 42 48.05 -28.28 30.21
C VAL H 42 48.76 -28.33 31.57
N GLU H 43 49.39 -27.23 32.00
CA GLU H 43 49.98 -27.19 33.35
C GLU H 43 49.82 -25.81 33.94
N THR H 44 49.82 -25.77 35.27
CA THR H 44 50.00 -24.54 36.02
C THR H 44 50.80 -24.89 37.27
N GLN H 45 51.65 -23.97 37.69
CA GLN H 45 52.52 -24.20 38.85
C GLN H 45 53.04 -22.86 39.36
N THR H 46 53.12 -22.74 40.68
CA THR H 46 53.65 -21.56 41.35
C THR H 46 54.84 -21.99 42.20
N PHE H 47 55.95 -21.27 42.06
CA PHE H 47 57.20 -21.67 42.70
C PHE H 47 57.94 -20.44 43.21
N ASP H 48 58.99 -20.71 43.98
CA ASP H 48 59.94 -19.71 44.45
C ASP H 48 61.24 -19.86 43.69
N PRO H 49 61.76 -18.80 43.05
CA PRO H 49 62.92 -18.96 42.17
C PRO H 49 64.24 -19.14 42.90
N ALA H 50 64.27 -18.99 44.22
CA ALA H 50 65.49 -19.31 44.95
C ALA H 50 65.73 -20.81 45.00
N ASN H 51 64.66 -21.61 44.94
CA ASN H 51 64.80 -23.06 44.97
C ASN H 51 65.12 -23.61 43.58
N ARG H 52 64.20 -23.41 42.64
CA ARG H 52 64.37 -23.89 41.27
C ARG H 52 63.78 -22.87 40.32
N SER H 53 64.29 -22.86 39.09
CA SER H 53 63.76 -21.97 38.07
C SER H 53 63.68 -22.60 36.69
N VAL H 54 64.02 -23.88 36.55
CA VAL H 54 63.92 -24.59 35.29
C VAL H 54 62.87 -25.68 35.47
N PHE H 55 61.85 -25.66 34.63
CA PHE H 55 60.73 -26.57 34.75
C PHE H 55 60.40 -27.15 33.40
N ASP H 56 59.84 -28.36 33.42
CA ASP H 56 59.49 -29.07 32.20
C ASP H 56 57.99 -29.28 32.19
N VAL H 57 57.38 -29.07 31.03
CA VAL H 57 55.93 -29.08 30.86
C VAL H 57 55.61 -30.19 29.88
N THR H 58 54.80 -31.15 30.31
CA THR H 58 54.37 -32.24 29.44
C THR H 58 53.06 -31.85 28.79
N PRO H 59 53.01 -31.62 27.49
CA PRO H 59 51.77 -31.21 26.85
C PRO H 59 50.86 -32.42 26.61
N ALA H 60 49.67 -32.12 26.08
CA ALA H 60 48.74 -33.17 25.72
C ALA H 60 49.06 -33.70 24.34
N ASN H 61 48.95 -35.02 24.17
CA ASN H 61 49.30 -35.67 22.92
C ASN H 61 48.01 -36.00 22.18
N VAL H 62 47.48 -35.00 21.48
CA VAL H 62 46.20 -35.12 20.81
C VAL H 62 46.18 -34.19 19.60
N GLY H 63 45.75 -34.72 18.46
CA GLY H 63 45.42 -33.87 17.32
C GLY H 63 46.64 -33.31 16.61
N ILE H 64 46.49 -32.08 16.13
CA ILE H 64 47.56 -31.35 15.45
C ILE H 64 47.86 -30.13 16.29
N VAL H 65 48.96 -30.15 17.02
CA VAL H 65 49.33 -29.05 17.89
C VAL H 65 49.88 -27.91 17.04
N LYS H 66 49.43 -26.68 17.33
CA LYS H 66 49.84 -25.53 16.54
C LYS H 66 50.29 -24.36 17.42
N GLY H 67 50.68 -24.62 18.65
CA GLY H 67 51.28 -23.58 19.45
C GLY H 67 50.97 -23.62 20.93
N PHE H 68 51.67 -22.82 21.70
CA PHE H 68 51.51 -22.75 23.15
C PHE H 68 51.40 -21.30 23.58
N LEU H 69 50.52 -21.05 24.53
CA LEU H 69 50.37 -19.73 25.14
C LEU H 69 50.80 -19.81 26.59
N VAL H 70 51.83 -19.06 26.95
CA VAL H 70 52.47 -19.16 28.26
C VAL H 70 52.22 -17.87 29.01
N LYS H 71 51.61 -17.97 30.18
CA LYS H 71 51.29 -16.83 31.03
C LYS H 71 52.16 -16.87 32.27
N VAL H 72 53.01 -15.86 32.45
CA VAL H 72 53.97 -15.81 33.54
C VAL H 72 53.67 -14.58 34.38
N THR H 73 53.51 -14.79 35.70
CA THR H 73 53.32 -13.70 36.64
C THR H 73 54.46 -13.68 37.64
N ALA H 74 54.63 -12.54 38.31
CA ALA H 74 55.72 -12.39 39.27
C ALA H 74 55.35 -11.34 40.31
N ALA H 75 56.08 -11.39 41.43
CA ALA H 75 55.77 -10.59 42.62
C ALA H 75 57.05 -9.97 43.19
N ILE H 76 57.79 -9.24 42.35
CA ILE H 76 59.09 -8.69 42.73
C ILE H 76 58.96 -7.68 43.86
N LYS H 77 59.79 -7.84 44.90
CA LYS H 77 59.83 -6.94 46.05
C LYS H 77 61.22 -6.33 46.17
N ASN H 78 61.27 -5.01 46.41
CA ASN H 78 62.51 -4.29 46.63
C ASN H 78 62.71 -4.09 48.14
N ASN H 79 63.73 -4.74 48.69
CA ASN H 79 64.02 -4.69 50.12
C ASN H 79 65.11 -3.69 50.47
N HIS H 80 65.37 -2.71 49.61
CA HIS H 80 66.43 -1.76 49.92
C HIS H 80 65.94 -0.73 50.94
N ALA H 81 66.91 -0.01 51.52
CA ALA H 81 66.59 0.95 52.56
C ALA H 81 65.97 2.23 51.99
N THR H 82 66.64 2.85 51.01
CA THR H 82 66.21 4.14 50.49
C THR H 82 66.08 4.22 48.98
N GLU H 83 66.76 3.38 48.21
CA GLU H 83 66.80 3.51 46.77
C GLU H 83 65.79 2.60 46.09
N ALA H 84 65.45 2.97 44.86
CA ALA H 84 64.48 2.27 44.03
C ALA H 84 65.18 1.64 42.84
N VAL H 85 64.41 0.88 42.05
CA VAL H 85 64.86 0.36 40.78
C VAL H 85 63.84 0.75 39.72
N ALA H 86 64.29 0.79 38.47
CA ALA H 86 63.44 1.13 37.34
C ALA H 86 63.48 0.01 36.32
N LEU H 87 62.43 -0.06 35.51
CA LEU H 87 62.31 -1.11 34.51
C LEU H 87 63.31 -0.91 33.39
N THR H 88 63.81 -2.02 32.85
CA THR H 88 64.73 -1.96 31.73
C THR H 88 63.96 -1.81 30.42
N ASP H 89 64.68 -1.79 29.31
CA ASP H 89 64.04 -1.62 28.02
C ASP H 89 63.33 -2.89 27.57
N PHE H 90 63.91 -4.06 27.85
CA PHE H 90 63.23 -5.30 27.50
C PHE H 90 62.13 -5.63 28.51
N GLY H 91 62.34 -5.27 29.77
CA GLY H 91 61.28 -5.26 30.75
C GLY H 91 60.78 -6.64 31.15
N PRO H 92 59.45 -6.82 31.13
CA PRO H 92 58.88 -8.12 31.49
C PRO H 92 59.07 -9.21 30.45
N ALA H 93 59.68 -8.92 29.30
CA ALA H 93 59.97 -9.96 28.32
C ALA H 93 61.16 -10.82 28.73
N ASN H 94 61.88 -10.46 29.79
CA ASN H 94 62.94 -11.28 30.35
C ASN H 94 62.46 -12.12 31.53
N LEU H 95 61.18 -12.45 31.57
CA LEU H 95 60.68 -13.29 32.65
C LEU H 95 60.93 -14.76 32.36
N VAL H 96 60.84 -15.16 31.11
CA VAL H 96 61.26 -16.48 30.65
C VAL H 96 62.64 -16.32 30.04
N GLN H 97 63.63 -17.00 30.61
CA GLN H 97 65.00 -16.87 30.09
C GLN H 97 65.22 -17.70 28.84
N ARG H 98 64.58 -18.88 28.76
CA ARG H 98 64.72 -19.73 27.59
C ARG H 98 63.49 -20.61 27.50
N VAL H 99 63.10 -20.91 26.26
CA VAL H 99 62.06 -21.89 25.97
C VAL H 99 62.59 -22.88 24.94
N ILE H 100 62.46 -24.16 25.23
CA ILE H 100 62.87 -25.22 24.32
C ILE H 100 61.68 -26.13 24.09
N TYR H 101 61.39 -26.43 22.83
CA TYR H 101 60.33 -27.35 22.47
C TYR H 101 60.91 -28.60 21.82
N TYR H 102 60.35 -29.76 22.17
CA TYR H 102 60.76 -31.02 21.60
C TYR H 102 59.57 -31.72 20.95
N ASP H 103 59.80 -32.26 19.76
CA ASP H 103 58.80 -32.98 19.00
C ASP H 103 58.42 -34.28 19.72
N PRO H 104 57.27 -34.86 19.38
CA PRO H 104 56.98 -36.24 19.78
C PRO H 104 58.03 -37.28 19.39
N ASP H 105 58.78 -37.06 18.32
CA ASP H 105 59.95 -37.87 18.02
C ASP H 105 61.23 -37.29 18.59
N ASN H 106 61.11 -36.49 19.66
CA ASN H 106 62.20 -35.93 20.46
C ASN H 106 63.11 -35.02 19.64
N GLN H 107 62.58 -34.44 18.55
CA GLN H 107 63.31 -33.51 17.71
C GLN H 107 63.11 -32.09 18.23
N ARG H 108 64.19 -31.34 18.33
CA ARG H 108 64.10 -29.97 18.85
C ARG H 108 63.59 -29.03 17.77
N HIS H 109 62.52 -28.31 18.07
CA HIS H 109 62.05 -27.30 17.12
C HIS H 109 62.59 -25.91 17.46
N THR H 110 62.18 -25.35 18.58
CA THR H 110 62.45 -23.96 18.89
C THR H 110 63.33 -23.87 20.13
N GLU H 111 64.46 -23.18 20.01
CA GLU H 111 65.37 -23.02 21.14
C GLU H 111 65.83 -21.57 21.24
N THR H 112 64.88 -20.65 21.28
CA THR H 112 65.19 -19.24 21.39
C THR H 112 65.12 -18.82 22.86
N SER H 113 65.34 -17.53 23.10
CA SER H 113 65.24 -16.94 24.41
C SER H 113 63.88 -16.27 24.57
N GLY H 114 63.73 -15.51 25.65
CA GLY H 114 62.48 -14.86 25.95
C GLY H 114 62.25 -13.55 25.22
N TRP H 115 63.25 -12.68 25.18
CA TRP H 115 63.10 -11.40 24.47
C TRP H 115 62.99 -11.60 22.97
N HIS H 116 63.61 -12.66 22.45
CA HIS H 116 63.50 -12.91 21.02
C HIS H 116 62.15 -13.53 20.67
N LEU H 117 61.58 -14.33 21.57
CA LEU H 117 60.25 -14.86 21.35
C LEU H 117 59.20 -13.76 21.38
N HIS H 118 59.41 -12.72 22.19
CA HIS H 118 58.48 -11.61 22.21
C HIS H 118 58.55 -10.78 20.94
N PHE H 119 59.75 -10.62 20.37
CA PHE H 119 59.90 -9.79 19.18
C PHE H 119 59.38 -10.45 17.92
N VAL H 120 59.46 -11.79 17.83
CA VAL H 120 58.84 -12.47 16.71
C VAL H 120 57.33 -12.47 16.87
N ASN H 121 56.84 -12.46 18.12
CA ASN H 121 55.43 -12.28 18.37
C ASN H 121 54.98 -10.88 17.95
N THR H 122 55.82 -9.88 18.18
CA THR H 122 55.57 -8.53 17.67
C THR H 122 55.61 -8.50 16.15
N ALA H 123 56.57 -9.20 15.54
CA ALA H 123 56.76 -9.12 14.09
C ALA H 123 55.68 -9.86 13.32
N LYS H 124 55.13 -10.94 13.89
CA LYS H 124 54.11 -11.70 13.18
C LYS H 124 52.73 -11.08 13.29
N GLN H 125 52.54 -10.12 14.19
CA GLN H 125 51.26 -9.46 14.36
C GLN H 125 51.14 -8.15 13.58
N GLY H 126 52.25 -7.44 13.38
CA GLY H 126 52.20 -6.11 12.84
C GLY H 126 52.06 -5.03 13.88
N ALA H 127 52.22 -5.36 15.15
CA ALA H 127 52.01 -4.47 16.27
C ALA H 127 52.74 -5.06 17.47
N PRO H 128 52.99 -4.26 18.52
CA PRO H 128 53.49 -4.85 19.76
C PRO H 128 52.51 -5.87 20.34
N PHE H 129 53.07 -7.00 20.77
CA PHE H 129 52.29 -8.20 21.04
C PHE H 129 51.41 -8.03 22.27
N LEU H 130 50.09 -8.21 22.06
CA LEU H 130 49.06 -8.15 23.10
C LEU H 130 49.06 -6.83 23.85
N SER H 131 49.26 -5.75 23.11
CA SER H 131 49.20 -4.40 23.64
C SER H 131 47.93 -3.73 23.14
N SER H 132 47.47 -2.74 23.90
CA SER H 132 46.31 -1.95 23.52
C SER H 132 46.80 -0.61 22.99
N MET H 133 46.43 -0.27 21.76
CA MET H 133 46.83 1.00 21.19
C MET H 133 45.95 2.13 21.73
N VAL H 134 46.55 3.29 21.92
CA VAL H 134 45.84 4.45 22.43
C VAL H 134 45.04 5.07 21.30
N THR H 135 43.73 5.24 21.53
CA THR H 135 42.84 5.85 20.56
C THR H 135 42.15 7.06 21.17
N ASP H 136 41.46 7.81 20.32
CA ASP H 136 40.71 8.99 20.71
C ASP H 136 39.28 8.69 21.12
N SER H 137 38.93 7.41 21.23
CA SER H 137 37.54 7.02 21.38
C SER H 137 37.02 7.39 22.78
N PRO H 138 35.77 7.85 22.87
CA PRO H 138 35.20 8.15 24.19
C PRO H 138 34.69 6.93 24.92
N ILE H 139 34.40 5.84 24.20
CA ILE H 139 34.11 4.56 24.84
C ILE H 139 35.39 4.05 25.48
N LYS H 140 35.29 3.64 26.75
CA LYS H 140 36.46 3.29 27.55
C LYS H 140 37.04 1.94 27.10
N TYR H 141 37.72 1.97 25.96
CA TYR H 141 38.61 0.89 25.56
C TYR H 141 39.96 1.10 26.23
N GLY H 142 40.96 0.32 25.83
CA GLY H 142 42.32 0.58 26.26
C GLY H 142 42.87 -0.42 27.24
N ASP H 143 43.65 0.05 28.20
CA ASP H 143 44.29 -0.83 29.17
C ASP H 143 43.31 -1.07 30.31
N VAL H 144 42.50 -2.11 30.16
CA VAL H 144 41.51 -2.49 31.14
C VAL H 144 41.93 -3.72 31.93
N MET H 145 42.35 -4.77 31.23
CA MET H 145 42.58 -6.06 31.83
C MET H 145 44.02 -6.32 32.24
N ASN H 146 44.97 -5.54 31.69
CA ASN H 146 46.41 -5.67 31.93
C ASN H 146 46.92 -7.06 31.56
N VAL H 147 46.83 -7.36 30.26
CA VAL H 147 47.31 -8.63 29.73
C VAL H 147 48.82 -8.71 29.87
N ILE H 148 49.53 -7.68 29.45
CA ILE H 148 50.95 -7.53 29.67
C ILE H 148 51.15 -6.28 30.50
N ASP H 149 51.79 -6.43 31.66
CA ASP H 149 51.81 -5.35 32.63
C ASP H 149 53.03 -5.52 33.53
N ALA H 150 53.66 -4.39 33.87
CA ALA H 150 54.75 -4.31 34.82
C ALA H 150 54.85 -2.87 35.28
N PRO H 151 55.09 -2.60 36.56
CA PRO H 151 55.26 -1.21 36.99
C PRO H 151 56.57 -0.63 36.50
N ALA H 152 56.60 0.69 36.37
CA ALA H 152 57.78 1.36 35.82
C ALA H 152 58.89 1.47 36.84
N THR H 153 58.54 1.71 38.11
CA THR H 153 59.51 1.75 39.20
C THR H 153 58.97 0.92 40.36
N ILE H 154 59.89 0.40 41.16
CA ILE H 154 59.56 -0.28 42.40
C ILE H 154 60.38 0.39 43.50
N ALA H 155 59.72 1.13 44.37
CA ALA H 155 60.40 1.91 45.39
C ALA H 155 60.89 1.01 46.52
N ALA H 156 61.59 1.63 47.48
CA ALA H 156 62.15 0.88 48.60
C ALA H 156 61.04 0.43 49.54
N GLY H 157 60.87 -0.88 49.68
CA GLY H 157 59.83 -1.44 50.50
C GLY H 157 58.57 -1.80 49.76
N ALA H 158 58.52 -1.56 48.45
CA ALA H 158 57.32 -1.80 47.67
C ALA H 158 57.34 -3.21 47.06
N THR H 159 56.24 -3.57 46.42
CA THR H 159 56.09 -4.86 45.77
C THR H 159 55.38 -4.66 44.45
N GLY H 160 56.02 -5.03 43.35
CA GLY H 160 55.44 -4.90 42.02
C GLY H 160 54.93 -6.23 41.50
N GLU H 161 53.74 -6.20 40.93
CA GLU H 161 53.13 -7.36 40.30
C GLU H 161 53.36 -7.28 38.80
N LEU H 162 53.92 -8.33 38.23
CA LEU H 162 54.21 -8.42 36.81
C LEU H 162 53.36 -9.48 36.16
N THR H 163 53.09 -9.31 34.87
CA THR H 163 52.48 -10.35 34.07
C THR H 163 52.96 -10.19 32.64
N MET H 164 53.00 -11.30 31.91
CA MET H 164 53.62 -11.35 30.61
C MET H 164 53.13 -12.61 29.89
N TYR H 165 52.84 -12.49 28.61
CA TYR H 165 52.34 -13.59 27.80
C TYR H 165 53.30 -13.88 26.66
N TYR H 166 53.50 -15.17 26.39
CA TYR H 166 54.34 -15.63 25.29
C TYR H 166 53.52 -16.56 24.41
N TRP H 167 53.65 -16.41 23.10
CA TRP H 167 53.11 -17.37 22.16
C TRP H 167 54.27 -18.14 21.56
N VAL H 168 54.38 -19.42 21.92
CA VAL H 168 55.39 -20.31 21.36
C VAL H 168 54.78 -20.96 20.11
N PRO H 169 55.24 -20.60 18.92
CA PRO H 169 54.56 -21.11 17.71
C PRO H 169 55.11 -22.43 17.23
N LEU H 170 54.21 -23.26 16.71
CA LEU H 170 54.60 -24.41 15.92
C LEU H 170 54.17 -24.25 14.47
N ALA H 171 52.88 -24.08 14.23
CA ALA H 171 52.43 -23.71 12.89
C ALA H 171 52.79 -22.26 12.61
N TYR H 172 52.90 -21.93 11.32
CA TYR H 172 53.35 -20.60 10.92
C TYR H 172 52.30 -19.54 11.26
N SER H 173 51.04 -19.79 10.89
CA SER H 173 49.96 -18.87 11.22
C SER H 173 48.72 -19.72 11.52
N GLU H 174 47.56 -19.06 11.58
CA GLU H 174 46.31 -19.78 11.78
C GLU H 174 45.76 -20.38 10.51
N THR H 175 46.06 -19.78 9.35
CA THR H 175 45.58 -20.28 8.07
C THR H 175 46.63 -21.08 7.31
N ASP H 176 47.85 -21.12 7.80
CA ASP H 176 48.96 -21.81 7.15
C ASP H 176 49.54 -22.81 8.15
N LEU H 177 49.26 -24.08 7.92
CA LEU H 177 49.64 -25.14 8.87
C LEU H 177 51.02 -25.71 8.56
N THR H 178 52.01 -24.84 8.36
CA THR H 178 53.37 -25.26 8.04
C THR H 178 54.21 -25.13 9.29
N GLY H 179 54.80 -26.23 9.73
CA GLY H 179 55.49 -26.29 10.99
C GLY H 179 54.69 -26.91 12.10
N ALA H 180 53.45 -27.30 11.84
CA ALA H 180 52.59 -27.88 12.85
C ALA H 180 53.07 -29.28 13.21
N VAL H 181 52.58 -29.76 14.36
CA VAL H 181 53.06 -31.00 14.96
C VAL H 181 51.87 -31.93 15.14
N LEU H 182 51.99 -33.14 14.59
CA LEU H 182 50.95 -34.17 14.71
C LEU H 182 51.30 -35.04 15.92
N ALA H 183 50.60 -34.83 17.02
CA ALA H 183 50.96 -35.44 18.30
C ALA H 183 50.08 -36.63 18.66
N ASN H 184 49.54 -37.33 17.66
CA ASN H 184 48.75 -38.53 17.87
C ASN H 184 49.59 -39.80 17.80
N VAL H 185 50.86 -39.73 18.18
CA VAL H 185 51.77 -40.85 18.02
C VAL H 185 51.78 -41.67 19.30
N PRO H 186 52.02 -43.00 19.24
CA PRO H 186 51.96 -43.84 20.44
C PRO H 186 52.91 -43.50 21.57
N GLN H 187 54.21 -43.55 21.32
CA GLN H 187 55.20 -43.35 22.38
C GLN H 187 55.76 -41.93 22.29
N SER H 188 54.89 -40.96 22.57
CA SER H 188 55.21 -39.56 22.31
C SER H 188 56.20 -39.00 23.32
N LYS H 189 57.18 -38.25 22.82
CA LYS H 189 58.19 -37.60 23.64
C LYS H 189 58.05 -36.08 23.59
N GLN H 190 56.83 -35.59 23.41
CA GLN H 190 56.57 -34.16 23.29
C GLN H 190 56.86 -33.44 24.60
N ARG H 191 57.51 -32.29 24.49
CA ARG H 191 58.15 -31.69 25.65
C ARG H 191 58.31 -30.20 25.44
N LEU H 192 58.20 -29.44 26.54
CA LEU H 192 58.34 -27.99 26.49
C LEU H 192 59.11 -27.54 27.73
N LYS H 193 60.42 -27.33 27.57
CA LYS H 193 61.25 -26.82 28.64
C LYS H 193 61.05 -25.33 28.82
N LEU H 194 61.22 -24.86 30.05
CA LEU H 194 61.09 -23.45 30.35
C LEU H 194 62.07 -23.10 31.47
N GLU H 195 62.90 -22.08 31.24
CA GLU H 195 63.74 -21.52 32.28
C GLU H 195 63.26 -20.11 32.61
N PHE H 196 63.32 -19.75 33.89
CA PHE H 196 62.77 -18.50 34.37
C PHE H 196 63.87 -17.69 35.04
N ALA H 197 63.58 -16.42 35.27
CA ALA H 197 64.53 -15.51 35.88
C ALA H 197 64.62 -15.78 37.38
N ASN H 198 65.82 -16.07 37.86
CA ASN H 198 66.06 -16.18 39.29
C ASN H 198 66.59 -14.84 39.80
N ASN H 199 67.05 -14.83 41.05
CA ASN H 199 67.47 -13.59 41.70
C ASN H 199 68.84 -13.10 41.24
N ASN H 200 69.46 -13.74 40.27
CA ASN H 200 70.78 -13.36 39.79
C ASN H 200 70.78 -12.80 38.39
N THR H 201 69.71 -12.98 37.62
CA THR H 201 69.68 -12.56 36.23
C THR H 201 68.65 -11.49 35.93
N ALA H 202 67.84 -11.08 36.91
CA ALA H 202 66.74 -10.15 36.64
C ALA H 202 66.95 -8.77 37.24
N PHE H 203 67.91 -8.59 38.13
CA PHE H 203 68.14 -7.29 38.77
C PHE H 203 69.60 -6.91 38.58
N ALA H 204 69.85 -5.92 37.75
CA ALA H 204 71.19 -5.46 37.44
C ALA H 204 71.48 -4.15 38.17
N ALA H 205 72.73 -3.98 38.58
CA ALA H 205 73.13 -2.73 39.22
C ALA H 205 73.35 -1.65 38.17
N VAL H 206 73.58 -0.43 38.61
CA VAL H 206 73.84 0.67 37.68
C VAL H 206 75.27 0.55 37.17
N GLY H 207 75.41 0.56 35.84
CA GLY H 207 76.67 0.26 35.20
C GLY H 207 76.82 -1.17 34.76
N ALA H 208 75.81 -2.01 34.94
CA ALA H 208 75.82 -3.40 34.50
C ALA H 208 75.16 -3.50 33.14
N ASN H 209 75.03 -4.74 32.65
CA ASN H 209 74.38 -4.98 31.36
C ASN H 209 72.92 -5.30 31.61
N PRO H 210 71.98 -4.42 31.22
CA PRO H 210 70.55 -4.68 31.43
C PRO H 210 69.90 -5.45 30.29
N LEU H 211 70.57 -6.49 29.81
CA LEU H 211 70.09 -7.21 28.63
C LEU H 211 69.09 -8.30 29.02
N GLU H 212 69.48 -9.17 29.93
CA GLU H 212 68.61 -10.23 30.41
C GLU H 212 67.92 -9.84 31.71
N ALA H 213 68.15 -8.63 32.20
CA ALA H 213 67.55 -8.15 33.42
C ALA H 213 66.11 -7.68 33.16
N ILE H 214 65.40 -7.45 34.25
CA ILE H 214 64.07 -6.88 34.21
C ILE H 214 64.06 -5.49 34.86
N TYR H 215 64.63 -5.38 36.05
CA TYR H 215 64.75 -4.09 36.73
C TYR H 215 66.21 -3.74 36.90
N GLN H 216 66.50 -2.45 36.96
CA GLN H 216 67.85 -1.96 37.10
C GLN H 216 67.83 -0.66 37.87
N GLY H 217 68.73 -0.53 38.84
CA GLY H 217 68.80 0.70 39.62
C GLY H 217 69.78 0.56 40.76
N ALA H 218 69.79 1.58 41.60
CA ALA H 218 70.70 1.63 42.73
C ALA H 218 70.29 0.71 43.88
N GLY H 219 69.10 0.12 43.81
CA GLY H 219 68.65 -0.76 44.88
C GLY H 219 68.43 -2.19 44.43
N ALA H 220 69.12 -2.59 43.36
CA ALA H 220 68.96 -3.93 42.83
C ALA H 220 69.68 -4.99 43.64
N ALA H 221 70.56 -4.59 44.57
CA ALA H 221 71.25 -5.56 45.41
C ALA H 221 70.35 -6.21 46.44
N ASP H 222 69.18 -5.64 46.72
CA ASP H 222 68.24 -6.23 47.67
C ASP H 222 66.88 -6.50 47.06
N CYS H 223 66.74 -6.42 45.73
CA CYS H 223 65.54 -6.88 45.08
C CYS H 223 65.51 -8.40 45.03
N GLU H 224 64.31 -8.97 45.14
CA GLU H 224 64.16 -10.41 45.09
C GLU H 224 62.75 -10.74 44.64
N PHE H 225 62.58 -11.96 44.16
CA PHE H 225 61.26 -12.49 43.85
C PHE H 225 60.57 -12.97 45.12
N GLU H 226 59.24 -12.86 45.14
CA GLU H 226 58.44 -13.58 46.11
C GLU H 226 57.78 -14.82 45.52
N GLU H 227 57.36 -14.76 44.26
CA GLU H 227 56.84 -15.92 43.56
C GLU H 227 56.99 -15.70 42.07
N ILE H 228 57.00 -16.80 41.33
CA ILE H 228 56.73 -16.80 39.90
C ILE H 228 55.74 -17.92 39.65
N SER H 229 54.61 -17.60 39.03
CA SER H 229 53.63 -18.59 38.63
C SER H 229 53.58 -18.64 37.10
N TYR H 230 53.46 -19.84 36.56
CA TYR H 230 53.30 -19.98 35.12
C TYR H 230 52.08 -20.84 34.81
N THR H 231 51.48 -20.58 33.66
CA THR H 231 50.37 -21.37 33.15
C THR H 231 50.58 -21.56 31.66
N VAL H 232 50.47 -22.80 31.20
CA VAL H 232 50.66 -23.13 29.79
C VAL H 232 49.33 -23.58 29.21
N TYR H 233 49.00 -23.04 28.04
CA TYR H 233 47.81 -23.43 27.30
C TYR H 233 48.25 -23.96 25.95
N GLN H 234 47.66 -25.06 25.51
CA GLN H 234 48.00 -25.67 24.24
C GLN H 234 46.86 -25.46 23.25
N SER H 235 47.16 -24.84 22.11
CA SER H 235 46.21 -24.71 21.03
C SER H 235 46.45 -25.82 20.03
N TYR H 236 45.40 -26.56 19.70
CA TYR H 236 45.51 -27.67 18.77
C TYR H 236 44.20 -27.83 18.01
N LEU H 237 44.25 -28.69 17.00
CA LEU H 237 43.09 -29.02 16.19
C LEU H 237 42.64 -30.44 16.52
N ASP H 238 41.44 -30.57 17.06
CA ASP H 238 40.83 -31.85 17.36
C ASP H 238 39.88 -32.24 16.24
N GLN H 239 39.42 -33.50 16.30
CA GLN H 239 38.42 -34.07 15.39
C GLN H 239 38.89 -34.01 13.93
N LEU H 240 40.02 -34.66 13.69
CA LEU H 240 40.61 -34.66 12.37
C LEU H 240 39.78 -35.52 11.42
N PRO H 241 39.78 -35.18 10.12
CA PRO H 241 39.03 -36.00 9.16
C PRO H 241 39.68 -37.36 8.94
N VAL H 242 38.91 -38.41 9.15
CA VAL H 242 39.35 -39.78 8.92
C VAL H 242 38.70 -40.27 7.64
N GLY H 243 39.50 -40.89 6.78
CA GLY H 243 39.02 -41.49 5.56
C GLY H 243 39.11 -43.00 5.60
N GLN H 244 39.00 -43.61 4.43
CA GLN H 244 39.07 -45.06 4.34
C GLN H 244 40.49 -45.55 4.52
N ASN H 245 41.47 -44.84 3.97
CA ASN H 245 42.87 -45.18 4.11
C ASN H 245 43.50 -44.59 5.36
N GLY H 246 42.73 -43.90 6.20
CA GLY H 246 43.24 -43.35 7.44
C GLY H 246 43.01 -41.85 7.54
N TYR H 247 43.90 -41.19 8.27
CA TYR H 247 43.81 -39.76 8.47
C TYR H 247 44.11 -39.00 7.17
N ILE H 248 43.41 -37.89 6.98
CA ILE H 248 43.63 -37.00 5.85
C ILE H 248 44.45 -35.83 6.37
N LEU H 249 45.72 -35.74 5.99
CA LEU H 249 46.62 -34.79 6.62
C LEU H 249 47.45 -34.06 5.57
N PRO H 250 47.85 -32.81 5.86
CA PRO H 250 48.82 -32.11 5.02
C PRO H 250 50.25 -32.61 5.23
N LEU H 251 50.66 -33.61 4.46
CA LEU H 251 51.84 -34.43 4.78
C LEU H 251 53.15 -33.64 4.78
N ILE H 252 53.36 -32.80 3.77
CA ILE H 252 54.63 -32.08 3.71
C ILE H 252 54.50 -30.72 4.38
N ASP H 253 53.39 -30.53 5.11
CA ASP H 253 53.26 -29.44 6.06
C ASP H 253 53.63 -29.83 7.47
N LEU H 254 53.37 -31.09 7.84
CA LEU H 254 53.81 -31.65 9.11
C LEU H 254 55.23 -32.19 9.04
N SER H 255 55.77 -32.37 7.84
CA SER H 255 57.17 -32.74 7.67
C SER H 255 58.10 -31.53 7.81
N THR H 256 57.59 -30.34 7.61
CA THR H 256 58.37 -29.12 7.71
C THR H 256 58.38 -28.64 9.15
N LEU H 257 59.54 -28.17 9.62
CA LEU H 257 59.64 -27.54 10.92
C LEU H 257 59.60 -26.04 10.76
N TYR H 258 59.27 -25.33 11.84
CA TYR H 258 59.29 -23.88 11.88
C TYR H 258 59.95 -23.48 13.19
N ASN H 259 61.18 -22.99 13.10
CA ASN H 259 62.07 -22.94 14.26
C ASN H 259 62.44 -21.50 14.58
N LEU H 260 62.85 -21.28 15.83
CA LEU H 260 63.30 -20.00 16.32
C LEU H 260 64.56 -20.21 17.13
N GLU H 261 65.67 -19.64 16.68
CA GLU H 261 66.95 -19.80 17.33
C GLU H 261 67.55 -18.44 17.65
N ASN H 262 68.44 -18.41 18.64
CA ASN H 262 69.21 -17.23 18.96
C ASN H 262 70.67 -17.62 19.12
N SER H 263 71.55 -16.62 19.08
CA SER H 263 72.98 -16.85 19.18
C SER H 263 73.62 -15.62 19.80
N ALA H 264 74.96 -15.61 19.81
CA ALA H 264 75.72 -14.48 20.33
C ALA H 264 77.07 -14.51 19.64
N GLN H 265 77.37 -13.49 18.86
CA GLN H 265 78.65 -13.36 18.18
C GLN H 265 79.46 -12.24 18.80
N ALA H 266 80.78 -12.36 18.72
CA ALA H 266 81.68 -11.35 19.24
C ALA H 266 82.77 -11.09 18.22
N GLY H 267 83.63 -10.12 18.53
CA GLY H 267 84.71 -9.76 17.63
C GLY H 267 84.36 -8.62 16.69
N LEU H 268 83.91 -7.51 17.25
CA LEU H 268 83.52 -6.34 16.48
C LEU H 268 84.63 -5.31 16.52
N THR H 269 84.91 -4.72 15.35
CA THR H 269 85.97 -3.74 15.18
C THR H 269 85.37 -2.51 14.53
N PRO H 270 85.76 -1.30 14.97
CA PRO H 270 85.21 -0.08 14.37
C PRO H 270 85.56 0.08 12.91
N ASN H 271 84.53 0.41 12.12
CA ASN H 271 84.61 0.63 10.66
C ASN H 271 85.07 -0.60 9.89
N VAL H 272 84.82 -1.78 10.45
CA VAL H 272 85.09 -3.05 9.78
C VAL H 272 83.77 -3.81 9.69
N ASP H 273 83.50 -4.39 8.52
CA ASP H 273 82.27 -5.16 8.35
C ASP H 273 82.36 -6.47 9.13
N PHE H 274 81.26 -6.80 9.83
CA PHE H 274 81.15 -8.02 10.61
C PHE H 274 80.06 -8.86 9.97
N VAL H 275 80.44 -9.98 9.38
CA VAL H 275 79.53 -10.81 8.60
C VAL H 275 79.16 -12.05 9.40
N VAL H 276 77.87 -12.31 9.52
CA VAL H 276 77.34 -13.53 10.13
C VAL H 276 76.68 -14.34 9.02
N GLN H 277 77.18 -15.54 8.78
CA GLN H 277 76.72 -16.33 7.65
C GLN H 277 75.41 -17.05 7.96
N TYR H 278 74.55 -17.15 6.97
CA TYR H 278 73.33 -17.93 7.08
C TYR H 278 73.62 -19.39 6.80
N ALA H 279 72.98 -20.29 7.54
CA ALA H 279 73.17 -21.71 7.34
C ALA H 279 72.51 -22.16 6.05
N ASN H 280 73.19 -23.05 5.32
CA ASN H 280 72.77 -23.41 3.97
C ASN H 280 71.55 -24.31 3.94
N LEU H 281 71.19 -24.94 5.05
CA LEU H 281 70.11 -25.89 5.06
C LEU H 281 68.77 -25.27 5.41
N TYR H 282 68.75 -24.03 5.90
CA TYR H 282 67.53 -23.39 6.36
C TYR H 282 67.02 -22.38 5.33
N ARG H 283 65.74 -22.06 5.43
CA ARG H 283 65.11 -21.02 4.62
C ARG H 283 64.68 -19.92 5.58
N TYR H 284 65.53 -18.90 5.73
CA TYR H 284 65.35 -17.90 6.77
C TYR H 284 64.21 -16.95 6.44
N LEU H 285 63.35 -16.70 7.42
CA LEU H 285 62.20 -15.83 7.24
C LEU H 285 62.40 -14.45 7.85
N SER H 286 63.09 -14.35 8.97
CA SER H 286 63.38 -13.05 9.56
C SER H 286 64.72 -13.11 10.25
N THR H 287 65.21 -11.93 10.64
CA THR H 287 66.47 -11.78 11.32
C THR H 287 66.32 -10.66 12.34
N ILE H 288 66.80 -10.88 13.55
CA ILE H 288 66.80 -9.87 14.60
C ILE H 288 68.21 -9.76 15.15
N ALA H 289 68.80 -8.58 15.06
CA ALA H 289 70.15 -8.32 15.54
C ALA H 289 70.10 -7.29 16.65
N VAL H 290 70.68 -7.62 17.79
CA VAL H 290 70.75 -6.72 18.93
C VAL H 290 72.21 -6.35 19.13
N PHE H 291 72.55 -5.10 18.83
CA PHE H 291 73.91 -4.62 19.03
C PHE H 291 74.05 -4.23 20.50
N ASP H 292 74.58 -5.14 21.30
CA ASP H 292 74.87 -4.91 22.71
C ASP H 292 76.27 -4.34 22.80
N ASN H 293 76.37 -3.02 22.92
CA ASN H 293 77.66 -2.33 22.88
C ASN H 293 78.25 -2.20 24.29
N GLY H 294 78.52 -3.35 24.89
CA GLY H 294 79.17 -3.41 26.19
C GLY H 294 78.32 -2.89 27.34
N GLY H 295 77.11 -3.42 27.47
CA GLY H 295 76.20 -2.94 28.48
C GLY H 295 75.55 -1.62 28.16
N SER H 296 75.64 -1.15 26.92
CA SER H 296 75.08 0.13 26.50
C SER H 296 74.33 -0.09 25.19
N PHE H 297 73.16 0.53 25.09
CA PHE H 297 72.33 0.44 23.90
C PHE H 297 72.10 1.83 23.34
N ASN H 298 72.19 1.95 22.03
CA ASN H 298 72.11 3.23 21.35
C ASN H 298 71.13 3.14 20.19
N ALA H 299 70.49 4.26 19.90
CA ALA H 299 69.47 4.31 18.86
C ALA H 299 70.11 4.64 17.50
N GLY H 300 70.94 3.72 17.04
CA GLY H 300 71.55 3.83 15.73
C GLY H 300 72.79 4.68 15.64
N THR H 301 73.20 5.35 16.73
CA THR H 301 74.33 6.27 16.68
C THR H 301 75.66 5.59 16.94
N ASP H 302 75.74 4.27 16.75
CA ASP H 302 77.01 3.56 16.84
C ASP H 302 77.16 2.54 15.70
N ILE H 303 76.35 2.66 14.65
CA ILE H 303 76.38 1.76 13.51
C ILE H 303 76.48 2.60 12.25
N ASN H 304 77.44 2.28 11.40
CA ASN H 304 77.53 2.94 10.09
C ASN H 304 76.40 2.48 9.19
N TYR H 305 76.30 1.18 8.96
CA TYR H 305 75.21 0.64 8.15
C TYR H 305 74.97 -0.82 8.53
N LEU H 306 73.87 -1.35 8.03
CA LEU H 306 73.54 -2.77 8.11
C LEU H 306 73.22 -3.26 6.71
N SER H 307 73.51 -4.52 6.44
CA SER H 307 73.31 -5.02 5.09
C SER H 307 73.05 -6.51 5.11
N GLN H 308 72.70 -7.04 3.93
CA GLN H 308 72.55 -8.47 3.69
C GLN H 308 73.38 -8.78 2.44
N ARG H 309 74.64 -9.14 2.65
CA ARG H 309 75.58 -9.31 1.56
C ARG H 309 75.59 -10.75 1.06
N THR H 310 75.64 -10.91 -0.26
CA THR H 310 75.68 -12.24 -0.87
C THR H 310 77.12 -12.74 -0.92
N ALA H 311 77.33 -13.81 -1.68
CA ALA H 311 78.61 -14.53 -1.64
C ALA H 311 79.72 -13.80 -2.37
N ASN H 312 79.41 -13.08 -3.45
CA ASN H 312 80.48 -12.49 -4.23
C ASN H 312 81.06 -11.27 -3.53
N PHE H 313 80.35 -10.15 -3.60
CA PHE H 313 80.41 -9.13 -2.56
C PHE H 313 79.11 -8.33 -2.52
N SER H 314 78.09 -8.74 -3.27
CA SER H 314 76.98 -7.86 -3.61
C SER H 314 76.02 -7.68 -2.44
N ASP H 315 75.75 -6.43 -2.10
CA ASP H 315 74.79 -6.08 -1.06
C ASP H 315 73.39 -6.03 -1.65
N THR H 316 72.41 -6.36 -0.82
CA THR H 316 71.01 -6.29 -1.22
C THR H 316 70.22 -5.23 -0.48
N ARG H 317 70.51 -4.96 0.79
CA ARG H 317 69.90 -3.84 1.50
C ARG H 317 70.93 -3.16 2.40
N LYS H 318 71.72 -2.27 1.81
CA LYS H 318 72.79 -1.59 2.53
C LYS H 318 72.28 -0.22 2.93
N LEU H 319 71.82 -0.08 4.17
CA LEU H 319 71.07 1.09 4.59
C LEU H 319 71.65 1.70 5.85
N ASP H 320 71.49 3.01 5.96
CA ASP H 320 71.70 3.74 7.20
C ASP H 320 70.77 3.20 8.30
N PRO H 321 71.17 3.28 9.57
CA PRO H 321 70.28 2.81 10.65
C PRO H 321 68.94 3.52 10.76
N LYS H 322 68.80 4.74 10.26
CA LYS H 322 67.48 5.36 10.22
C LYS H 322 66.65 4.85 9.06
N THR H 323 67.28 4.51 7.94
CA THR H 323 66.56 3.96 6.80
C THR H 323 66.25 2.49 7.00
N TRP H 324 67.09 1.80 7.77
CA TRP H 324 66.79 0.43 8.19
C TRP H 324 65.56 0.39 9.08
N ALA H 325 65.43 1.36 9.99
CA ALA H 325 64.25 1.46 10.82
C ALA H 325 63.01 1.88 10.04
N ALA H 326 63.19 2.54 8.89
CA ALA H 326 62.05 2.92 8.07
C ALA H 326 61.43 1.71 7.39
N GLN H 327 62.22 0.67 7.16
CA GLN H 327 61.67 -0.55 6.56
C GLN H 327 60.90 -1.39 7.57
N THR H 328 61.27 -1.32 8.85
CA THR H 328 60.55 -2.06 9.87
C THR H 328 59.30 -1.33 10.32
N ARG H 329 59.19 -0.03 10.08
CA ARG H 329 58.01 0.72 10.45
C ARG H 329 56.84 0.48 9.50
N ARG H 330 57.08 -0.06 8.32
CA ARG H 330 55.98 -0.50 7.47
C ARG H 330 55.70 -1.98 7.61
N ARG H 331 56.24 -2.62 8.63
CA ARG H 331 55.95 -4.00 8.96
C ARG H 331 55.29 -4.15 10.31
N ILE H 332 55.82 -3.50 11.35
CA ILE H 332 55.28 -3.63 12.71
C ILE H 332 54.71 -2.33 13.23
N ALA H 333 54.69 -1.27 12.42
CA ALA H 333 54.03 0.02 12.66
C ALA H 333 54.55 0.75 13.89
N THR H 334 55.76 0.42 14.34
CA THR H 334 56.45 1.14 15.43
C THR H 334 57.92 0.79 15.31
N ASP H 335 58.71 1.22 16.28
CA ASP H 335 60.12 0.89 16.36
C ASP H 335 60.37 -0.10 17.48
N PHE H 336 61.28 -1.04 17.23
CA PHE H 336 61.81 -1.90 18.27
C PHE H 336 62.65 -1.07 19.25
N PRO H 337 62.91 -1.58 20.46
CA PRO H 337 63.74 -0.83 21.41
C PRO H 337 65.15 -0.56 20.91
N LYS H 338 65.82 0.38 21.57
CA LYS H 338 67.09 0.89 21.07
C LYS H 338 68.18 -0.17 21.13
N GLY H 339 68.84 -0.40 20.00
CA GLY H 339 69.79 -1.47 19.84
C GLY H 339 69.25 -2.67 19.10
N VAL H 340 67.94 -2.78 18.93
CA VAL H 340 67.31 -3.91 18.28
C VAL H 340 67.01 -3.55 16.85
N TYR H 341 67.40 -4.42 15.92
CA TYR H 341 67.24 -4.19 14.49
C TYR H 341 66.63 -5.43 13.85
N TYR H 342 65.66 -5.22 12.98
CA TYR H 342 64.85 -6.30 12.42
C TYR H 342 64.98 -6.31 10.90
N CYS H 343 65.08 -7.51 10.33
CA CYS H 343 65.18 -7.69 8.90
C CYS H 343 64.13 -8.71 8.47
N ASP H 344 63.23 -8.28 7.59
CA ASP H 344 62.12 -9.11 7.14
C ASP H 344 62.42 -9.73 5.79
N ASN H 345 62.19 -11.02 5.66
CA ASN H 345 62.38 -11.75 4.41
C ASN H 345 61.23 -12.71 4.18
N ARG H 346 60.00 -12.29 4.47
CA ARG H 346 58.89 -13.23 4.37
C ARG H 346 58.36 -13.36 2.95
N ASP H 347 58.49 -12.30 2.14
CA ASP H 347 58.05 -12.39 0.76
C ASP H 347 58.99 -13.23 -0.08
N LYS H 348 60.28 -13.24 0.28
CA LYS H 348 61.28 -14.08 -0.39
C LYS H 348 62.26 -14.52 0.68
N PRO H 349 62.17 -15.77 1.16
CA PRO H 349 63.05 -16.21 2.23
C PRO H 349 64.48 -16.43 1.76
N ILE H 350 65.42 -16.17 2.67
CA ILE H 350 66.84 -16.43 2.41
C ILE H 350 67.06 -17.93 2.48
N TYR H 351 67.12 -18.56 1.32
CA TYR H 351 67.35 -20.00 1.28
C TYR H 351 68.82 -20.33 1.37
N THR H 352 69.68 -19.49 0.78
CA THR H 352 71.14 -19.56 0.67
C THR H 352 71.68 -20.95 0.33
N LEU H 353 70.89 -21.70 -0.42
CA LEU H 353 71.29 -22.90 -1.11
C LEU H 353 70.99 -22.84 -2.59
N GLN H 354 70.01 -22.03 -3.00
CA GLN H 354 69.74 -21.81 -4.41
C GLN H 354 70.22 -20.46 -4.92
N TYR H 355 70.65 -19.55 -4.04
CA TYR H 355 71.40 -18.37 -4.47
C TYR H 355 72.51 -18.08 -3.46
N GLY H 356 73.64 -18.72 -3.66
CA GLY H 356 74.95 -18.53 -3.04
C GLY H 356 74.93 -18.58 -1.53
N ASN H 357 75.90 -17.90 -0.94
CA ASN H 357 76.08 -17.83 0.51
C ASN H 357 75.86 -16.41 0.97
N VAL H 358 74.65 -16.12 1.42
CA VAL H 358 74.27 -14.79 1.88
C VAL H 358 74.70 -14.65 3.34
N GLY H 359 75.19 -13.47 3.71
CA GLY H 359 75.52 -13.19 5.08
C GLY H 359 74.83 -11.91 5.55
N PHE H 360 74.93 -11.66 6.85
CA PHE H 360 74.34 -10.50 7.48
C PHE H 360 75.46 -9.62 8.02
N VAL H 361 75.47 -8.35 7.61
CA VAL H 361 76.59 -7.46 7.85
C VAL H 361 76.15 -6.35 8.81
N VAL H 362 76.96 -6.08 9.82
CA VAL H 362 76.86 -4.88 10.63
C VAL H 362 78.23 -4.21 10.64
N ASN H 363 78.28 -2.97 10.16
CA ASN H 363 79.47 -2.16 10.20
C ASN H 363 79.35 -1.18 11.36
N PRO H 364 80.01 -1.41 12.48
CA PRO H 364 79.84 -0.52 13.63
C PRO H 364 80.71 0.72 13.51
N LYS H 365 80.30 1.75 14.25
CA LYS H 365 81.02 3.00 14.36
C LYS H 365 81.82 3.10 15.65
N THR H 366 81.25 2.59 16.75
CA THR H 366 81.91 2.60 18.05
C THR H 366 81.71 1.24 18.68
N VAL H 367 82.80 0.63 19.17
CA VAL H 367 82.75 -0.67 19.82
C VAL H 367 83.41 -0.56 21.18
N ASN H 368 82.67 -0.85 22.24
CA ASN H 368 83.21 -0.86 23.58
C ASN H 368 83.79 -2.24 23.89
N GLN H 369 84.38 -2.38 25.07
CA GLN H 369 84.92 -3.67 25.49
C GLN H 369 83.78 -4.60 25.87
N ASN H 370 83.96 -5.89 25.52
CA ASN H 370 82.98 -6.96 25.72
C ASN H 370 81.67 -6.65 25.00
N ALA H 371 81.77 -6.10 23.80
CA ALA H 371 80.61 -5.84 22.96
C ALA H 371 80.30 -7.06 22.11
N ARG H 372 79.04 -7.47 22.09
CA ARG H 372 78.62 -8.63 21.33
C ARG H 372 77.43 -8.29 20.46
N LEU H 373 77.09 -9.22 19.57
CA LEU H 373 76.01 -9.06 18.62
C LEU H 373 75.12 -10.30 18.70
N LEU H 374 73.93 -10.14 19.26
CA LEU H 374 72.99 -11.24 19.43
C LEU H 374 72.12 -11.36 18.19
N MET H 375 71.97 -12.58 17.68
CA MET H 375 71.35 -12.82 16.39
C MET H 375 70.22 -13.82 16.56
N GLY H 376 68.98 -13.36 16.43
CA GLY H 376 67.82 -14.22 16.48
C GLY H 376 67.38 -14.58 15.07
N TYR H 377 66.99 -15.84 14.89
CA TYR H 377 66.63 -16.34 13.58
C TYR H 377 65.25 -16.96 13.61
N GLU H 378 64.66 -17.07 12.41
CA GLU H 378 63.35 -17.68 12.24
C GLU H 378 63.32 -18.24 10.83
N TYR H 379 63.01 -19.54 10.71
CA TYR H 379 63.27 -20.22 9.46
C TYR H 379 62.44 -21.49 9.36
N PHE H 380 62.31 -22.00 8.14
CA PHE H 380 61.73 -23.29 7.86
C PHE H 380 62.84 -24.33 7.69
N THR H 381 62.46 -25.60 7.82
CA THR H 381 63.40 -26.72 7.74
C THR H 381 62.63 -27.96 7.32
N SER H 382 63.15 -28.67 6.33
CA SER H 382 62.55 -29.93 5.91
C SER H 382 63.66 -30.86 5.44
N ARG H 383 63.28 -31.94 4.75
CA ARG H 383 64.22 -32.85 4.09
C ARG H 383 63.73 -32.99 2.66
N THR H 384 64.11 -32.04 1.81
CA THR H 384 63.61 -32.02 0.44
C THR H 384 64.49 -32.85 -0.49
N ALA I 2 25.07 -1.14 -18.55
CA ALA I 2 25.53 0.04 -17.84
C ALA I 2 24.39 0.76 -17.13
N GLN I 3 24.47 0.84 -15.81
CA GLN I 3 23.53 1.63 -15.04
C GLN I 3 24.22 2.71 -14.23
N VAL I 4 25.34 2.39 -13.57
CA VAL I 4 26.03 3.38 -12.75
C VAL I 4 27.29 3.84 -13.45
N GLN I 5 28.21 2.93 -13.71
CA GLN I 5 29.43 3.26 -14.42
C GLN I 5 29.16 3.41 -15.91
N GLN I 6 30.04 4.13 -16.58
CA GLN I 6 29.93 4.32 -18.01
C GLN I 6 30.39 3.10 -18.80
N LEU I 7 31.23 2.23 -18.22
CA LEU I 7 31.82 1.15 -19.00
C LEU I 7 31.84 -0.23 -18.38
N THR I 8 31.28 -0.45 -17.16
CA THR I 8 30.74 -1.74 -16.69
C THR I 8 31.68 -2.93 -16.83
N PRO I 9 32.59 -3.18 -15.84
CA PRO I 9 33.88 -3.87 -16.07
C PRO I 9 33.98 -5.09 -16.99
N ALA I 10 32.88 -5.77 -17.29
CA ALA I 10 32.91 -6.82 -18.30
C ALA I 10 33.05 -6.26 -19.69
N GLN I 11 32.38 -5.15 -19.99
CA GLN I 11 32.44 -4.57 -21.33
C GLN I 11 33.52 -3.52 -21.46
N GLN I 12 34.26 -3.22 -20.39
CA GLN I 12 35.51 -2.51 -20.53
C GLN I 12 36.70 -3.45 -20.58
N ALA I 13 36.50 -4.72 -20.21
CA ALA I 13 37.46 -5.76 -20.50
C ALA I 13 37.42 -6.19 -21.96
N ALA I 14 36.30 -5.97 -22.64
CA ALA I 14 36.19 -6.26 -24.06
C ALA I 14 36.89 -5.23 -24.93
N LEU I 15 37.29 -4.10 -24.36
CA LEU I 15 38.08 -3.10 -25.06
C LEU I 15 39.58 -3.37 -24.96
N ARG I 16 39.97 -4.52 -24.41
CA ARG I 16 41.36 -4.88 -24.23
C ARG I 16 41.60 -6.23 -24.89
N ASN I 17 42.83 -6.46 -25.31
CA ASN I 17 43.21 -7.72 -25.94
C ASN I 17 43.30 -8.80 -24.88
N GLN I 18 42.49 -9.86 -25.04
CA GLN I 18 42.46 -10.91 -24.03
C GLN I 18 43.60 -11.91 -24.19
N GLN I 19 44.09 -12.09 -25.41
CA GLN I 19 45.25 -12.95 -25.62
C GLN I 19 46.53 -12.29 -25.15
N ALA I 20 46.58 -10.96 -25.16
CA ALA I 20 47.79 -10.26 -24.77
C ALA I 20 47.91 -10.11 -23.25
N MET I 21 46.81 -10.16 -22.52
CA MET I 21 46.88 -10.09 -21.06
C MET I 21 46.97 -11.44 -20.39
N ALA I 22 46.65 -12.52 -21.09
CA ALA I 22 46.99 -13.84 -20.58
C ALA I 22 48.49 -14.08 -20.67
N ALA I 23 49.12 -13.57 -21.73
CA ALA I 23 50.57 -13.66 -21.85
C ALA I 23 51.26 -12.67 -20.93
N ASN I 24 50.57 -11.62 -20.53
CA ASN I 24 51.15 -10.61 -19.65
C ASN I 24 51.19 -11.07 -18.21
N LEU I 25 50.13 -11.75 -17.75
CA LEU I 25 50.12 -12.28 -16.38
C LEU I 25 51.05 -13.47 -16.25
N GLN I 26 51.28 -14.20 -17.34
CA GLN I 26 52.21 -15.33 -17.32
C GLN I 26 53.64 -14.84 -17.22
N ALA I 27 53.95 -13.69 -17.82
CA ALA I 27 55.29 -13.14 -17.76
C ALA I 27 55.56 -12.40 -16.46
N ARG I 28 54.53 -11.93 -15.77
CA ARG I 28 54.75 -11.24 -14.50
C ARG I 28 55.08 -12.21 -13.39
N GLN I 29 54.40 -13.36 -13.35
CA GLN I 29 54.66 -14.36 -12.32
C GLN I 29 55.98 -15.09 -12.55
N ILE I 30 56.47 -15.12 -13.78
CA ILE I 30 57.82 -15.62 -14.04
C ILE I 30 58.86 -14.65 -13.49
N VAL I 31 58.61 -13.35 -13.63
CA VAL I 31 59.55 -12.33 -13.16
C VAL I 31 59.61 -12.30 -11.64
N LEU I 32 58.45 -12.33 -10.99
CA LEU I 32 58.43 -12.27 -9.53
C LEU I 32 58.93 -13.55 -8.88
N GLN I 33 58.92 -14.67 -9.60
CA GLN I 33 59.43 -15.91 -9.04
C GLN I 33 60.95 -15.96 -9.06
N GLN I 34 61.57 -15.45 -10.13
CA GLN I 34 62.99 -15.67 -10.37
C GLN I 34 63.84 -14.42 -10.21
N SER I 35 63.32 -13.38 -9.57
CA SER I 35 64.07 -12.17 -9.33
C SER I 35 64.23 -11.95 -7.84
N TYR I 36 65.01 -10.92 -7.49
CA TYR I 36 65.35 -10.65 -6.10
C TYR I 36 65.19 -9.16 -5.82
N PRO I 37 64.49 -8.81 -4.74
CA PRO I 37 64.33 -7.38 -4.39
C PRO I 37 65.62 -6.80 -3.83
N VAL I 38 66.14 -5.77 -4.51
CA VAL I 38 67.34 -5.06 -4.10
C VAL I 38 66.96 -3.62 -3.82
N ILE I 39 67.55 -3.03 -2.79
CA ILE I 39 67.46 -1.59 -2.54
C ILE I 39 68.87 -1.04 -2.36
N GLN I 40 69.25 -0.11 -3.24
CA GLN I 40 70.59 0.46 -3.27
C GLN I 40 70.53 1.98 -3.18
N GLN I 41 71.51 2.57 -2.49
CA GLN I 41 71.68 4.00 -2.48
C GLN I 41 72.30 4.46 -3.80
N VAL I 42 71.71 5.46 -4.43
CA VAL I 42 72.15 5.87 -5.77
C VAL I 42 72.70 7.29 -5.80
N GLU I 43 72.26 8.16 -4.90
CA GLU I 43 72.73 9.54 -4.94
C GLU I 43 72.56 10.18 -3.57
N THR I 44 73.55 10.97 -3.17
CA THR I 44 73.53 11.72 -1.92
C THR I 44 74.15 13.08 -2.17
N GLN I 45 73.55 14.13 -1.61
CA GLN I 45 74.08 15.48 -1.76
C GLN I 45 73.60 16.37 -0.63
N THR I 46 74.49 17.21 -0.13
CA THR I 46 74.17 18.24 0.86
C THR I 46 74.34 19.60 0.20
N PHE I 47 73.34 20.47 0.37
CA PHE I 47 73.39 21.77 -0.27
C PHE I 47 72.79 22.83 0.63
N ASP I 48 73.07 24.07 0.29
CA ASP I 48 72.46 25.27 0.83
C ASP I 48 71.43 25.78 -0.17
N PRO I 49 70.16 25.94 0.22
CA PRO I 49 69.12 26.28 -0.75
C PRO I 49 69.13 27.74 -1.18
N ALA I 50 69.97 28.59 -0.59
CA ALA I 50 70.09 29.96 -1.04
C ALA I 50 70.83 30.06 -2.36
N ASN I 51 71.54 29.01 -2.76
CA ASN I 51 72.24 28.97 -4.04
C ASN I 51 71.51 28.13 -5.07
N ARG I 52 71.12 26.91 -4.71
CA ARG I 52 70.56 25.96 -5.65
C ARG I 52 69.48 25.17 -4.94
N SER I 53 68.36 24.93 -5.63
CA SER I 53 67.22 24.23 -5.04
C SER I 53 66.63 23.15 -5.90
N VAL I 54 66.90 23.12 -7.20
CA VAL I 54 66.36 22.11 -8.10
C VAL I 54 67.51 21.19 -8.49
N PHE I 55 67.27 19.88 -8.40
CA PHE I 55 68.32 18.89 -8.59
C PHE I 55 67.81 17.78 -9.50
N ASP I 56 68.59 17.45 -10.50
CA ASP I 56 68.37 16.26 -11.31
C ASP I 56 69.21 15.13 -10.75
N VAL I 57 68.56 14.02 -10.42
CA VAL I 57 69.20 12.87 -9.81
C VAL I 57 69.18 11.75 -10.85
N THR I 58 70.36 11.21 -11.17
CA THR I 58 70.45 10.14 -12.16
C THR I 58 70.38 8.80 -11.45
N PRO I 59 69.33 8.03 -11.65
CA PRO I 59 69.26 6.71 -11.02
C PRO I 59 70.02 5.67 -11.81
N ALA I 60 70.34 4.56 -11.15
CA ALA I 60 71.16 3.53 -11.76
C ALA I 60 70.36 2.76 -12.81
N ASN I 61 71.08 2.33 -13.84
CA ASN I 61 70.47 1.56 -14.93
C ASN I 61 70.55 0.08 -14.63
N VAL I 62 69.73 -0.35 -13.67
CA VAL I 62 69.72 -1.73 -13.19
C VAL I 62 68.29 -2.22 -13.10
N GLY I 63 68.06 -3.46 -13.54
CA GLY I 63 66.90 -4.32 -13.41
C GLY I 63 65.60 -3.66 -13.84
N ILE I 64 64.52 -4.12 -13.22
CA ILE I 64 63.21 -3.51 -13.36
C ILE I 64 62.97 -2.67 -12.12
N VAL I 65 62.82 -1.36 -12.29
CA VAL I 65 62.74 -0.45 -11.15
C VAL I 65 61.33 -0.42 -10.61
N LYS I 66 61.21 -0.46 -9.28
CA LYS I 66 59.91 -0.45 -8.62
C LYS I 66 59.56 0.88 -7.99
N GLY I 67 60.54 1.64 -7.52
CA GLY I 67 60.27 2.92 -6.92
C GLY I 67 61.51 3.51 -6.30
N PHE I 68 61.34 4.70 -5.72
CA PHE I 68 62.43 5.44 -5.11
C PHE I 68 62.06 5.83 -3.70
N LEU I 69 63.02 5.72 -2.79
CA LEU I 69 62.85 6.15 -1.41
C LEU I 69 63.75 7.36 -1.19
N VAL I 70 63.14 8.51 -0.90
CA VAL I 70 63.85 9.78 -0.82
C VAL I 70 63.87 10.21 0.63
N LYS I 71 65.06 10.26 1.21
CA LYS I 71 65.26 10.72 2.59
C LYS I 71 65.78 12.15 2.54
N VAL I 72 65.05 13.06 3.18
CA VAL I 72 65.40 14.49 3.20
C VAL I 72 65.62 14.90 4.63
N THR I 73 66.78 15.47 4.92
CA THR I 73 67.13 15.96 6.25
C THR I 73 67.42 17.45 6.14
N ALA I 74 66.90 18.23 7.09
CA ALA I 74 67.03 19.68 7.01
C ALA I 74 67.29 20.26 8.39
N ALA I 75 68.07 21.35 8.42
CA ALA I 75 68.35 22.10 9.63
C ALA I 75 67.89 23.54 9.41
N ILE I 76 67.20 24.09 10.40
CA ILE I 76 66.52 25.39 10.27
C ILE I 76 66.93 26.27 11.43
N LYS I 77 67.48 27.45 11.13
CA LYS I 77 67.78 28.47 12.11
C LYS I 77 66.66 29.49 12.16
N ASN I 78 66.43 30.07 13.34
CA ASN I 78 65.33 31.00 13.54
C ASN I 78 65.77 32.46 13.37
N ASN I 79 66.83 32.87 14.09
CA ASN I 79 67.49 34.17 13.96
C ASN I 79 66.58 35.36 14.25
N HIS I 80 65.51 35.18 15.01
CA HIS I 80 64.70 36.30 15.45
C HIS I 80 65.14 36.73 16.84
N ALA I 81 64.75 37.95 17.22
CA ALA I 81 65.15 38.47 18.51
C ALA I 81 64.32 37.87 19.64
N THR I 82 62.99 37.91 19.53
CA THR I 82 62.11 37.49 20.60
C THR I 82 61.03 36.50 20.19
N GLU I 83 60.74 36.33 18.91
CA GLU I 83 59.58 35.57 18.48
C GLU I 83 59.95 34.15 18.06
N ALA I 84 58.97 33.27 18.14
CA ALA I 84 59.11 31.87 17.77
C ALA I 84 58.15 31.54 16.64
N VAL I 85 58.43 30.44 15.94
CA VAL I 85 57.57 29.92 14.89
C VAL I 85 57.11 28.53 15.27
N ALA I 86 56.01 28.11 14.66
CA ALA I 86 55.42 26.82 14.94
C ALA I 86 55.15 26.08 13.65
N LEU I 87 55.10 24.76 13.75
CA LEU I 87 54.95 23.90 12.59
C LEU I 87 53.55 24.00 12.02
N THR I 88 53.45 23.93 10.69
CA THR I 88 52.16 24.00 10.02
C THR I 88 51.49 22.63 10.04
N ASP I 89 50.40 22.48 9.30
CA ASP I 89 49.69 21.21 9.29
C ASP I 89 50.39 20.18 8.42
N PHE I 90 50.81 20.57 7.21
CA PHE I 90 51.54 19.63 6.37
C PHE I 90 52.96 19.44 6.87
N GLY I 91 53.57 20.48 7.43
CA GLY I 91 54.78 20.37 8.19
C GLY I 91 56.00 19.94 7.40
N PRO I 92 56.64 18.86 7.84
CA PRO I 92 57.85 18.39 7.15
C PRO I 92 57.60 17.75 5.81
N ALA I 93 56.35 17.51 5.44
CA ALA I 93 56.04 16.98 4.11
C ALA I 93 56.18 18.02 3.02
N ASN I 94 56.36 19.29 3.37
CA ASN I 94 56.63 20.36 2.43
C ASN I 94 58.13 20.60 2.24
N LEU I 95 58.96 19.59 2.50
CA LEU I 95 60.39 19.73 2.25
C LEU I 95 60.71 19.54 0.78
N VAL I 96 59.92 18.75 0.07
CA VAL I 96 60.04 18.56 -1.38
C VAL I 96 58.88 19.31 -2.01
N GLN I 97 59.17 20.28 -2.86
CA GLN I 97 58.12 21.06 -3.47
C GLN I 97 57.57 20.43 -4.73
N ARG I 98 58.42 19.73 -5.48
CA ARG I 98 57.98 18.99 -6.66
C ARG I 98 58.89 17.79 -6.85
N VAL I 99 58.35 16.75 -7.48
CA VAL I 99 59.10 15.57 -7.83
C VAL I 99 58.63 15.08 -9.20
N ILE I 100 59.54 15.03 -10.16
CA ILE I 100 59.24 14.58 -11.51
C ILE I 100 60.14 13.39 -11.83
N TYR I 101 59.57 12.38 -12.49
CA TYR I 101 60.32 11.23 -12.94
C TYR I 101 60.09 11.01 -14.43
N TYR I 102 61.17 10.87 -15.18
CA TYR I 102 61.13 10.48 -16.58
C TYR I 102 61.74 9.10 -16.73
N ASP I 103 61.10 8.26 -17.53
CA ASP I 103 61.47 6.86 -17.64
C ASP I 103 62.61 6.73 -18.65
N PRO I 104 63.14 5.51 -18.87
CA PRO I 104 64.08 5.31 -19.98
C PRO I 104 63.54 5.65 -21.37
N ASP I 105 62.24 5.73 -21.58
CA ASP I 105 61.68 6.11 -22.87
C ASP I 105 61.33 7.60 -22.95
N ASN I 106 61.80 8.39 -21.99
CA ASN I 106 61.53 9.83 -21.87
C ASN I 106 60.03 10.11 -21.82
N GLN I 107 59.36 9.39 -20.93
CA GLN I 107 57.93 9.53 -20.71
C GLN I 107 57.72 9.89 -19.25
N ARG I 108 57.02 10.97 -19.00
CA ARG I 108 56.85 11.48 -17.64
C ARG I 108 55.90 10.59 -16.85
N HIS I 109 56.34 10.18 -15.66
CA HIS I 109 55.54 9.27 -14.84
C HIS I 109 54.80 9.98 -13.72
N THR I 110 55.51 10.62 -12.79
CA THR I 110 54.88 11.18 -11.60
C THR I 110 55.31 12.63 -11.46
N GLU I 111 54.35 13.54 -11.39
CA GLU I 111 54.64 14.96 -11.24
C GLU I 111 53.67 15.54 -10.22
N THR I 112 54.16 15.76 -9.00
CA THR I 112 53.32 16.30 -7.93
C THR I 112 54.18 16.96 -6.88
N SER I 113 53.52 17.52 -5.88
CA SER I 113 54.17 18.15 -4.75
C SER I 113 54.52 17.12 -3.69
N GLY I 114 55.12 17.58 -2.59
CA GLY I 114 55.49 16.67 -1.53
C GLY I 114 54.36 16.36 -0.57
N TRP I 115 53.41 17.27 -0.41
CA TRP I 115 52.28 16.97 0.47
C TRP I 115 51.37 15.94 -0.17
N HIS I 116 51.21 15.97 -1.49
CA HIS I 116 50.36 14.99 -2.15
C HIS I 116 51.05 13.64 -2.27
N LEU I 117 52.37 13.63 -2.38
CA LEU I 117 53.10 12.38 -2.36
C LEU I 117 53.06 11.73 -0.99
N HIS I 118 53.02 12.54 0.07
CA HIS I 118 52.95 11.99 1.42
C HIS I 118 51.60 11.35 1.71
N PHE I 119 50.52 11.92 1.18
CA PHE I 119 49.19 11.41 1.48
C PHE I 119 48.87 10.14 0.71
N VAL I 120 49.41 10.00 -0.50
CA VAL I 120 49.25 8.74 -1.24
C VAL I 120 50.12 7.67 -0.60
N ASN I 121 51.24 8.06 0.00
CA ASN I 121 52.03 7.11 0.80
C ASN I 121 51.28 6.71 2.06
N THR I 122 50.51 7.62 2.64
CA THR I 122 49.67 7.30 3.78
C THR I 122 48.51 6.39 3.37
N ALA I 123 47.87 6.70 2.24
CA ALA I 123 46.64 6.01 1.87
C ALA I 123 46.88 4.59 1.41
N LYS I 124 48.06 4.29 0.87
CA LYS I 124 48.35 2.94 0.41
C LYS I 124 48.87 2.05 1.52
N GLN I 125 49.33 2.61 2.62
CA GLN I 125 49.77 1.80 3.75
C GLN I 125 48.60 1.36 4.61
N GLY I 126 47.64 2.23 4.83
CA GLY I 126 46.59 2.00 5.80
C GLY I 126 46.83 2.68 7.13
N ALA I 127 47.81 3.56 7.20
CA ALA I 127 48.22 4.26 8.42
C ALA I 127 49.03 5.47 8.00
N PRO I 128 49.26 6.44 8.89
CA PRO I 128 50.22 7.50 8.57
C PRO I 128 51.61 6.95 8.28
N PHE I 129 52.22 7.48 7.22
CA PHE I 129 53.40 6.88 6.60
C PHE I 129 54.60 6.93 7.54
N LEU I 130 55.14 5.74 7.86
CA LEU I 130 56.35 5.54 8.65
C LEU I 130 56.25 6.18 10.03
N SER I 131 55.08 6.04 10.65
CA SER I 131 54.83 6.57 11.97
C SER I 131 54.76 5.42 12.96
N SER I 132 54.92 5.75 14.23
CA SER I 132 54.88 4.78 15.32
C SER I 132 53.71 5.12 16.22
N MET I 133 52.81 4.15 16.40
CA MET I 133 51.66 4.35 17.25
C MET I 133 52.05 4.25 18.72
N VAL I 134 51.25 4.90 19.56
CA VAL I 134 51.43 4.85 20.99
C VAL I 134 50.63 3.68 21.54
N THR I 135 51.28 2.85 22.36
CA THR I 135 50.65 1.68 22.97
C THR I 135 50.89 1.71 24.47
N ASP I 136 50.29 0.74 25.16
CA ASP I 136 50.40 0.63 26.61
C ASP I 136 51.51 -0.32 27.05
N SER I 137 52.32 -0.80 26.11
CA SER I 137 53.23 -1.89 26.41
C SER I 137 54.39 -1.39 27.28
N PRO I 138 54.79 -2.15 28.30
CA PRO I 138 55.93 -1.72 29.12
C PRO I 138 57.26 -1.91 28.43
N ILE I 139 57.32 -2.78 27.42
CA ILE I 139 58.51 -2.91 26.60
C ILE I 139 58.66 -1.67 25.74
N LYS I 140 59.86 -1.09 25.74
CA LYS I 140 60.08 0.24 25.19
C LYS I 140 60.03 0.28 23.67
N TYR I 141 58.85 0.11 23.10
CA TYR I 141 58.61 0.42 21.69
C TYR I 141 58.39 1.92 21.55
N GLY I 142 57.94 2.35 20.38
CA GLY I 142 57.53 3.72 20.21
C GLY I 142 58.47 4.53 19.32
N ASP I 143 58.74 5.76 19.72
CA ASP I 143 59.59 6.65 18.92
C ASP I 143 61.01 6.53 19.44
N VAL I 144 61.77 5.62 18.85
CA VAL I 144 63.16 5.39 19.19
C VAL I 144 64.09 5.99 18.15
N MET I 145 63.81 5.75 16.87
CA MET I 145 64.74 6.06 15.80
C MET I 145 64.43 7.37 15.08
N ASN I 146 63.20 7.90 15.23
CA ASN I 146 62.76 9.18 14.67
C ASN I 146 62.90 9.20 13.14
N VAL I 147 62.13 8.33 12.50
CA VAL I 147 62.17 8.19 11.05
C VAL I 147 61.66 9.45 10.38
N ILE I 148 60.41 9.81 10.64
CA ILE I 148 59.86 11.10 10.26
C ILE I 148 59.74 11.94 11.53
N ASP I 149 60.43 13.08 11.55
CA ASP I 149 60.57 13.83 12.78
C ASP I 149 60.77 15.31 12.44
N ALA I 150 60.16 16.17 13.24
CA ALA I 150 60.30 17.62 13.11
C ALA I 150 59.97 18.24 14.46
N PRO I 151 60.65 19.30 14.87
CA PRO I 151 60.26 20.01 16.09
C PRO I 151 58.95 20.75 15.90
N ALA I 152 58.19 20.87 16.97
CA ALA I 152 56.90 21.55 16.90
C ALA I 152 57.03 23.06 17.06
N THR I 153 58.11 23.54 17.67
CA THR I 153 58.29 24.96 17.92
C THR I 153 59.78 25.27 17.92
N ILE I 154 60.19 26.18 17.05
CA ILE I 154 61.57 26.65 17.01
C ILE I 154 61.59 28.03 17.65
N ALA I 155 62.23 28.13 18.82
CA ALA I 155 62.20 29.35 19.62
C ALA I 155 63.12 30.42 19.02
N ALA I 156 63.17 31.57 19.67
CA ALA I 156 63.96 32.70 19.20
C ALA I 156 65.45 32.41 19.41
N GLY I 157 66.13 32.01 18.35
CA GLY I 157 67.54 31.72 18.44
C GLY I 157 67.82 30.26 18.74
N ALA I 158 67.06 29.37 18.11
CA ALA I 158 67.23 27.94 18.28
C ALA I 158 67.25 27.26 16.92
N THR I 159 67.74 26.03 16.90
CA THR I 159 67.92 25.27 15.68
C THR I 159 67.08 24.01 15.75
N GLY I 160 66.33 23.73 14.68
CA GLY I 160 65.52 22.54 14.60
C GLY I 160 66.01 21.63 13.48
N GLU I 161 65.81 20.33 13.65
CA GLU I 161 66.27 19.32 12.70
C GLU I 161 65.07 18.55 12.20
N LEU I 162 64.83 18.59 10.90
CA LEU I 162 63.74 17.85 10.27
C LEU I 162 64.27 16.58 9.64
N THR I 163 63.37 15.60 9.52
CA THR I 163 63.64 14.38 8.76
C THR I 163 62.34 13.96 8.10
N MET I 164 62.39 13.60 6.83
CA MET I 164 61.19 13.25 6.11
C MET I 164 61.54 12.21 5.05
N TYR I 165 60.67 11.23 4.87
CA TYR I 165 60.86 10.18 3.89
C TYR I 165 59.73 10.23 2.86
N TYR I 166 60.09 10.06 1.60
CA TYR I 166 59.15 10.00 0.50
C TYR I 166 59.35 8.71 -0.24
N TRP I 167 58.26 8.01 -0.52
CA TRP I 167 58.29 6.89 -1.45
C TRP I 167 57.73 7.37 -2.77
N VAL I 168 58.56 7.35 -3.81
CA VAL I 168 58.12 7.75 -5.14
C VAL I 168 57.75 6.49 -5.89
N PRO I 169 56.46 6.19 -6.07
CA PRO I 169 56.10 4.90 -6.64
C PRO I 169 56.25 4.87 -8.15
N LEU I 170 56.75 3.75 -8.64
CA LEU I 170 56.68 3.44 -10.05
C LEU I 170 55.76 2.24 -10.28
N ALA I 171 56.06 1.12 -9.66
CA ALA I 171 55.13 0.00 -9.65
C ALA I 171 54.04 0.25 -8.63
N TYR I 172 52.87 -0.35 -8.87
CA TYR I 172 51.73 -0.11 -7.99
C TYR I 172 51.91 -0.76 -6.63
N SER I 173 52.33 -2.02 -6.62
CA SER I 173 52.58 -2.74 -5.38
C SER I 173 53.80 -3.62 -5.57
N GLU I 174 54.10 -4.43 -4.55
CA GLU I 174 55.19 -5.39 -4.65
C GLU I 174 54.81 -6.61 -5.47
N THR I 175 53.52 -6.82 -5.72
CA THR I 175 53.03 -7.94 -6.50
C THR I 175 52.52 -7.51 -7.87
N ASP I 176 51.74 -6.43 -7.92
CA ASP I 176 51.27 -5.90 -9.19
C ASP I 176 52.36 -5.00 -9.75
N LEU I 177 53.02 -5.45 -10.81
CA LEU I 177 54.13 -4.71 -11.41
C LEU I 177 53.67 -3.79 -12.53
N THR I 178 52.62 -3.01 -12.27
CA THR I 178 52.09 -2.09 -13.26
C THR I 178 52.68 -0.72 -13.00
N GLY I 179 53.30 -0.15 -14.03
CA GLY I 179 53.98 1.10 -13.88
C GLY I 179 55.47 0.99 -13.63
N ALA I 180 55.99 -0.23 -13.51
CA ALA I 180 57.42 -0.42 -13.37
C ALA I 180 58.10 -0.22 -14.72
N VAL I 181 59.36 0.17 -14.67
CA VAL I 181 60.12 0.41 -15.89
C VAL I 181 61.31 -0.53 -15.94
N LEU I 182 61.66 -0.94 -17.16
CA LEU I 182 62.87 -1.71 -17.38
C LEU I 182 64.02 -0.75 -17.64
N ALA I 183 65.08 -0.87 -16.83
CA ALA I 183 66.22 0.02 -16.92
C ALA I 183 67.52 -0.74 -17.16
N ASN I 184 67.45 -2.02 -17.54
CA ASN I 184 68.67 -2.83 -17.70
C ASN I 184 69.25 -2.58 -19.10
N VAL I 185 69.80 -1.38 -19.25
CA VAL I 185 70.21 -0.85 -20.55
C VAL I 185 71.56 -0.16 -20.38
N PRO I 186 72.34 -0.05 -21.47
CA PRO I 186 73.61 0.68 -21.35
C PRO I 186 73.45 2.17 -21.08
N GLN I 187 72.40 2.79 -21.60
CA GLN I 187 72.11 4.19 -21.33
C GLN I 187 70.62 4.41 -21.51
N SER I 188 70.13 5.47 -20.86
CA SER I 188 68.71 5.78 -20.91
C SER I 188 68.51 7.25 -20.64
N LYS I 189 67.36 7.76 -21.09
CA LYS I 189 66.98 9.15 -20.88
C LYS I 189 66.12 9.29 -19.61
N GLN I 190 66.64 8.76 -18.52
CA GLN I 190 65.89 8.57 -17.29
C GLN I 190 66.48 9.44 -16.19
N ARG I 191 65.65 10.29 -15.59
CA ARG I 191 66.12 11.20 -14.56
C ARG I 191 65.02 11.37 -13.52
N LEU I 192 65.39 11.99 -12.40
CA LEU I 192 64.49 12.22 -11.28
C LEU I 192 64.70 13.66 -10.81
N LYS I 193 63.79 14.54 -11.18
CA LYS I 193 63.89 15.96 -10.86
C LYS I 193 63.28 16.23 -9.50
N LEU I 194 64.02 16.93 -8.64
CA LEU I 194 63.60 17.18 -7.27
C LEU I 194 63.71 18.67 -6.98
N GLU I 195 62.58 19.33 -6.78
CA GLU I 195 62.55 20.70 -6.28
C GLU I 195 62.42 20.69 -4.77
N PHE I 196 63.15 21.57 -4.10
CA PHE I 196 63.21 21.59 -2.65
C PHE I 196 62.71 22.94 -2.14
N ALA I 197 62.55 23.01 -0.82
CA ALA I 197 62.03 24.21 -0.18
C ALA I 197 63.10 25.29 -0.10
N ASN I 198 62.75 26.51 -0.49
CA ASN I 198 63.62 27.65 -0.42
C ASN I 198 63.52 28.28 0.96
N ASN I 199 64.16 29.44 1.14
CA ASN I 199 63.89 30.29 2.29
C ASN I 199 62.66 31.16 2.08
N ASN I 200 62.11 31.17 0.86
CA ASN I 200 60.92 31.96 0.55
C ASN I 200 59.64 31.18 0.76
N THR I 201 59.62 29.90 0.40
CA THR I 201 58.40 29.12 0.38
C THR I 201 58.19 28.26 1.62
N ALA I 202 59.19 28.14 2.49
CA ALA I 202 59.11 27.26 3.64
C ALA I 202 58.73 27.97 4.93
N PHE I 203 58.76 29.30 4.95
CA PHE I 203 58.39 30.06 6.14
C PHE I 203 57.34 31.08 5.73
N ALA I 204 56.20 31.04 6.43
CA ALA I 204 55.09 31.94 6.16
C ALA I 204 54.84 32.81 7.38
N ALA I 205 54.52 34.07 7.15
CA ALA I 205 54.21 34.98 8.24
C ALA I 205 52.78 34.72 8.75
N VAL I 206 52.43 35.40 9.83
CA VAL I 206 51.09 35.29 10.40
C VAL I 206 50.11 35.96 9.46
N GLY I 207 49.18 35.16 8.91
CA GLY I 207 48.19 35.64 7.97
C GLY I 207 48.33 35.03 6.59
N ALA I 208 49.55 34.69 6.18
CA ALA I 208 49.79 34.13 4.86
C ALA I 208 49.32 32.68 4.79
N ASN I 209 49.19 32.17 3.57
CA ASN I 209 48.70 30.83 3.31
C ASN I 209 49.76 29.79 3.67
N PRO I 210 49.54 28.95 4.70
CA PRO I 210 50.52 27.95 5.10
C PRO I 210 50.39 26.62 4.34
N LEU I 211 50.23 26.71 3.02
CA LEU I 211 49.99 25.50 2.24
C LEU I 211 51.30 24.78 1.92
N GLU I 212 52.21 25.46 1.23
CA GLU I 212 53.52 24.91 0.95
C GLU I 212 54.55 25.22 2.03
N ALA I 213 54.15 25.90 3.10
CA ALA I 213 55.11 26.27 4.12
C ALA I 213 55.39 25.08 5.04
N ILE I 214 56.45 25.22 5.84
CA ILE I 214 56.81 24.24 6.85
C ILE I 214 56.59 24.79 8.25
N TYR I 215 57.06 25.99 8.51
CA TYR I 215 56.85 26.67 9.78
C TYR I 215 56.13 27.98 9.54
N GLN I 216 55.34 28.40 10.52
CA GLN I 216 54.56 29.63 10.42
C GLN I 216 54.53 30.30 11.78
N GLY I 217 54.79 31.60 11.81
CA GLY I 217 54.77 32.32 13.06
C GLY I 217 55.19 33.75 12.85
N ALA I 218 55.31 34.46 13.97
CA ALA I 218 55.68 35.87 13.92
C ALA I 218 57.16 36.05 13.56
N GLY I 219 58.00 35.10 13.94
CA GLY I 219 59.42 35.21 13.68
C GLY I 219 59.86 34.50 12.43
N ALA I 220 58.97 34.44 11.43
CA ALA I 220 59.23 33.70 10.21
C ALA I 220 59.97 34.52 9.16
N ALA I 221 60.12 35.83 9.37
CA ALA I 221 60.82 36.64 8.40
C ALA I 221 62.33 36.42 8.46
N ASP I 222 62.84 36.01 9.62
CA ASP I 222 64.27 35.82 9.82
C ASP I 222 64.68 34.35 9.78
N CYS I 223 63.75 33.44 9.59
CA CYS I 223 64.06 32.02 9.61
C CYS I 223 64.86 31.63 8.37
N GLU I 224 65.94 30.87 8.58
CA GLU I 224 66.80 30.43 7.50
C GLU I 224 66.97 28.92 7.54
N PHE I 225 67.17 28.33 6.38
CA PHE I 225 67.73 26.99 6.29
C PHE I 225 69.24 27.06 6.49
N GLU I 226 69.81 25.92 6.88
CA GLU I 226 71.26 25.77 6.87
C GLU I 226 71.71 24.71 5.88
N GLU I 227 71.22 23.48 6.00
CA GLU I 227 71.57 22.39 5.09
C GLU I 227 70.32 21.57 4.81
N ILE I 228 70.14 21.16 3.55
CA ILE I 228 69.02 20.29 3.16
C ILE I 228 69.57 19.04 2.49
N SER I 229 70.56 18.40 3.14
CA SER I 229 71.08 17.09 2.72
C SER I 229 69.97 16.08 2.39
N TYR I 230 70.16 15.33 1.30
CA TYR I 230 69.18 14.35 0.88
C TYR I 230 69.88 13.08 0.39
N THR I 231 69.10 12.00 0.32
CA THR I 231 69.58 10.68 -0.10
C THR I 231 68.47 9.99 -0.88
N VAL I 232 68.83 9.34 -1.98
CA VAL I 232 67.89 8.63 -2.85
C VAL I 232 68.25 7.15 -2.84
N TYR I 233 67.24 6.30 -2.65
CA TYR I 233 67.40 4.85 -2.65
C TYR I 233 66.55 4.27 -3.77
N GLN I 234 67.17 3.51 -4.65
CA GLN I 234 66.44 2.87 -5.74
C GLN I 234 66.07 1.45 -5.33
N SER I 235 64.81 1.09 -5.53
CA SER I 235 64.32 -0.25 -5.22
C SER I 235 63.95 -0.93 -6.52
N TYR I 236 64.62 -2.04 -6.82
CA TYR I 236 64.45 -2.71 -8.10
C TYR I 236 64.51 -4.22 -7.91
N LEU I 237 64.19 -4.94 -8.99
CA LEU I 237 64.27 -6.39 -9.03
C LEU I 237 65.46 -6.78 -9.91
N ASP I 238 66.36 -7.58 -9.36
CA ASP I 238 67.59 -7.99 -10.03
C ASP I 238 67.44 -9.40 -10.59
N GLN I 239 68.35 -9.74 -11.50
CA GLN I 239 68.50 -11.08 -12.09
C GLN I 239 67.22 -11.51 -12.83
N LEU I 240 66.94 -10.78 -13.89
CA LEU I 240 65.73 -10.99 -14.66
C LEU I 240 65.78 -12.33 -15.39
N PRO I 241 64.65 -13.04 -15.48
CA PRO I 241 64.66 -14.37 -16.11
C PRO I 241 64.77 -14.32 -17.63
N VAL I 242 66.01 -14.29 -18.13
CA VAL I 242 66.25 -14.34 -19.57
C VAL I 242 65.83 -15.71 -20.10
N GLY I 243 64.89 -15.71 -21.03
CA GLY I 243 64.53 -16.93 -21.74
C GLY I 243 65.06 -16.86 -23.15
N GLN I 244 64.34 -17.41 -24.10
CA GLN I 244 64.68 -17.15 -25.49
C GLN I 244 64.28 -15.72 -25.85
N ASN I 245 64.98 -15.19 -26.86
CA ASN I 245 64.94 -13.79 -27.33
C ASN I 245 64.85 -12.77 -26.19
N GLY I 246 65.78 -12.88 -25.25
CA GLY I 246 66.01 -11.82 -24.30
C GLY I 246 65.23 -11.97 -23.00
N TYR I 247 65.03 -10.82 -22.35
CA TYR I 247 64.32 -10.76 -21.09
C TYR I 247 62.86 -11.16 -21.26
N ILE I 248 62.39 -12.01 -20.35
CA ILE I 248 60.97 -12.31 -20.24
C ILE I 248 60.33 -11.15 -19.49
N LEU I 249 59.45 -10.40 -20.17
CA LEU I 249 58.92 -9.17 -19.62
C LEU I 249 57.40 -9.14 -19.71
N PRO I 250 56.72 -8.65 -18.68
CA PRO I 250 55.30 -8.31 -18.84
C PRO I 250 55.14 -7.05 -19.68
N LEU I 251 54.66 -7.20 -20.92
CA LEU I 251 54.74 -6.10 -21.88
C LEU I 251 53.68 -5.03 -21.61
N ILE I 252 52.49 -5.44 -21.19
CA ILE I 252 51.44 -4.47 -20.90
C ILE I 252 51.69 -3.79 -19.56
N ASP I 253 52.39 -4.45 -18.65
CA ASP I 253 52.68 -3.87 -17.34
C ASP I 253 53.76 -2.82 -17.42
N LEU I 254 54.80 -3.05 -18.22
CA LEU I 254 55.86 -2.06 -18.35
C LEU I 254 55.53 -0.96 -19.35
N SER I 255 54.40 -1.05 -20.04
CA SER I 255 53.93 0.02 -20.90
C SER I 255 52.83 0.88 -20.27
N THR I 256 52.24 0.41 -19.18
CA THR I 256 51.28 1.20 -18.44
C THR I 256 52.01 2.12 -17.47
N LEU I 257 51.52 3.34 -17.33
CA LEU I 257 52.08 4.29 -16.38
C LEU I 257 51.19 4.37 -15.14
N TYR I 258 51.80 4.43 -13.97
CA TYR I 258 51.10 4.65 -12.71
C TYR I 258 51.46 6.06 -12.27
N ASN I 259 50.58 7.00 -12.54
CA ASN I 259 50.88 8.42 -12.42
C ASN I 259 50.23 9.02 -11.19
N LEU I 260 50.80 10.14 -10.74
CA LEU I 260 50.37 10.85 -9.55
C LEU I 260 50.29 12.35 -9.81
N GLU I 261 49.55 12.77 -10.84
CA GLU I 261 49.41 14.20 -11.11
C GLU I 261 48.62 14.92 -10.03
N ASN I 262 48.68 16.24 -10.07
CA ASN I 262 47.95 17.11 -9.15
C ASN I 262 47.57 18.39 -9.90
N SER I 263 46.61 19.12 -9.33
CA SER I 263 46.05 20.27 -10.02
C SER I 263 45.56 21.29 -9.01
N ALA I 264 44.91 22.34 -9.51
CA ALA I 264 44.33 23.39 -8.66
C ALA I 264 43.15 23.99 -9.42
N GLN I 265 41.95 23.81 -8.89
CA GLN I 265 40.73 24.32 -9.49
C GLN I 265 40.22 25.51 -8.70
N ALA I 266 39.67 26.49 -9.39
CA ALA I 266 39.14 27.69 -8.76
C ALA I 266 37.72 27.94 -9.26
N GLY I 267 37.05 28.89 -8.60
CA GLY I 267 35.72 29.28 -9.02
C GLY I 267 34.60 28.71 -8.17
N LEU I 268 34.76 28.76 -6.84
CA LEU I 268 33.76 28.26 -5.92
C LEU I 268 32.90 29.41 -5.40
N THR I 269 31.60 29.15 -5.30
CA THR I 269 30.61 30.06 -4.76
C THR I 269 29.77 29.32 -3.74
N PRO I 270 29.29 30.00 -2.69
CA PRO I 270 28.62 29.30 -1.59
C PRO I 270 27.28 28.69 -1.97
N ASN I 271 27.01 27.51 -1.41
CA ASN I 271 25.75 26.79 -1.42
C ASN I 271 25.33 26.30 -2.80
N VAL I 272 26.28 26.12 -3.71
CA VAL I 272 26.02 25.46 -4.98
C VAL I 272 27.11 24.43 -5.23
N ASP I 273 26.83 23.50 -6.14
CA ASP I 273 27.77 22.43 -6.44
C ASP I 273 28.93 22.97 -7.27
N PHE I 274 30.15 22.58 -6.89
CA PHE I 274 31.35 22.88 -7.66
C PHE I 274 31.93 21.55 -8.12
N VAL I 275 31.75 21.24 -9.40
CA VAL I 275 32.11 19.94 -9.94
C VAL I 275 33.50 20.03 -10.56
N VAL I 276 34.36 19.07 -10.23
CA VAL I 276 35.66 18.91 -10.86
C VAL I 276 35.60 17.65 -11.71
N GLN I 277 35.77 17.82 -13.03
CA GLN I 277 35.61 16.71 -13.96
C GLN I 277 36.83 15.79 -13.90
N TYR I 278 36.59 14.50 -13.74
CA TYR I 278 37.64 13.52 -13.98
C TYR I 278 37.95 13.48 -15.46
N ALA I 279 39.21 13.26 -15.80
CA ALA I 279 39.59 13.33 -17.20
C ALA I 279 39.19 12.06 -17.95
N ASN I 280 39.37 12.12 -19.25
CA ASN I 280 39.03 11.04 -20.16
C ASN I 280 40.18 10.05 -20.25
N LEU I 281 39.82 8.76 -20.38
CA LEU I 281 40.73 7.65 -20.70
C LEU I 281 41.81 7.43 -19.65
N TYR I 282 41.59 7.86 -18.42
CA TYR I 282 42.43 7.50 -17.29
C TYR I 282 41.69 6.47 -16.45
N ARG I 283 42.43 5.70 -15.65
CA ARG I 283 41.84 4.74 -14.72
C ARG I 283 42.13 5.25 -13.31
N TYR I 284 41.24 6.09 -12.80
CA TYR I 284 41.48 6.77 -11.53
C TYR I 284 41.38 5.81 -10.35
N LEU I 285 42.33 5.94 -9.43
CA LEU I 285 42.39 5.08 -8.25
C LEU I 285 42.12 5.80 -6.96
N SER I 286 42.54 7.06 -6.83
CA SER I 286 42.24 7.81 -5.63
C SER I 286 42.21 9.29 -5.97
N THR I 287 41.42 10.02 -5.20
CA THR I 287 41.27 11.46 -5.36
C THR I 287 41.52 12.09 -4.01
N ILE I 288 42.29 13.18 -3.99
CA ILE I 288 42.53 13.94 -2.77
C ILE I 288 42.19 15.38 -3.05
N ALA I 289 41.28 15.94 -2.27
CA ALA I 289 40.89 17.34 -2.39
C ALA I 289 41.32 18.09 -1.14
N VAL I 290 42.00 19.21 -1.34
CA VAL I 290 42.35 20.11 -0.26
C VAL I 290 41.53 21.38 -0.47
N PHE I 291 40.72 21.75 0.51
CA PHE I 291 39.92 22.94 0.43
C PHE I 291 40.70 24.10 1.02
N ASP I 292 41.55 24.70 0.18
CA ASP I 292 42.21 25.95 0.50
C ASP I 292 41.19 27.07 0.45
N ASN I 293 40.75 27.54 1.61
CA ASN I 293 39.67 28.52 1.72
C ASN I 293 40.20 29.93 1.92
N GLY I 294 41.27 30.29 1.22
CA GLY I 294 41.83 31.62 1.35
C GLY I 294 42.84 31.70 2.48
N GLY I 295 43.77 30.76 2.52
CA GLY I 295 44.74 30.71 3.58
C GLY I 295 44.26 30.17 4.89
N SER I 296 43.04 29.63 4.93
CA SER I 296 42.48 29.06 6.14
C SER I 296 41.96 27.66 5.83
N PHE I 297 42.16 26.75 6.78
CA PHE I 297 41.79 25.35 6.61
C PHE I 297 40.94 24.93 7.78
N ASN I 298 39.73 24.44 7.50
CA ASN I 298 38.75 24.15 8.52
C ASN I 298 38.42 22.66 8.51
N ALA I 299 38.01 22.16 9.68
CA ALA I 299 37.72 20.74 9.86
C ALA I 299 36.28 20.44 9.50
N GLY I 300 35.97 20.59 8.21
CA GLY I 300 34.68 20.23 7.67
C GLY I 300 33.58 21.24 7.83
N THR I 301 33.78 22.30 8.62
CA THR I 301 32.70 23.19 8.99
C THR I 301 32.37 24.24 7.92
N ASP I 302 32.95 24.14 6.73
CA ASP I 302 32.62 25.04 5.63
C ASP I 302 32.16 24.28 4.39
N ILE I 303 31.74 23.04 4.55
CA ILE I 303 31.24 22.22 3.45
C ILE I 303 29.86 21.71 3.82
N ASN I 304 28.90 21.87 2.91
CA ASN I 304 27.60 21.23 3.09
C ASN I 304 27.72 19.72 2.90
N TYR I 305 28.23 19.30 1.74
CA TYR I 305 28.42 17.89 1.47
C TYR I 305 29.52 17.72 0.44
N LEU I 306 30.13 16.54 0.44
CA LEU I 306 31.02 16.11 -0.62
C LEU I 306 30.35 14.96 -1.37
N SER I 307 30.74 14.78 -2.63
CA SER I 307 30.05 13.80 -3.45
C SER I 307 30.95 13.39 -4.60
N GLN I 308 30.62 12.23 -5.18
CA GLN I 308 31.12 11.81 -6.47
C GLN I 308 29.94 11.63 -7.39
N ARG I 309 29.95 12.33 -8.52
CA ARG I 309 28.80 12.40 -9.40
C ARG I 309 29.10 11.68 -10.71
N THR I 310 28.04 11.21 -11.36
CA THR I 310 28.13 10.53 -12.64
C THR I 310 27.00 11.11 -13.52
N ALA I 311 27.21 11.09 -14.85
CA ALA I 311 26.29 11.70 -15.81
C ALA I 311 24.90 11.07 -15.75
N ASN I 312 24.78 9.80 -16.11
CA ASN I 312 23.63 9.02 -15.70
C ASN I 312 23.92 8.44 -14.32
N PHE I 313 22.86 8.15 -13.56
CA PHE I 313 22.95 7.74 -12.15
C PHE I 313 23.71 8.77 -11.35
N SER I 314 23.06 9.90 -11.04
CA SER I 314 23.70 11.15 -10.62
C SER I 314 24.69 11.01 -9.46
N ASP I 315 24.23 10.76 -8.24
CA ASP I 315 25.15 10.68 -7.11
C ASP I 315 25.40 9.24 -6.73
N THR I 316 26.67 8.85 -6.68
CA THR I 316 27.07 7.53 -6.23
C THR I 316 27.38 7.49 -4.75
N ARG I 317 27.92 8.58 -4.22
CA ARG I 317 28.03 8.81 -2.80
C ARG I 317 27.85 10.29 -2.58
N LYS I 318 27.19 10.66 -1.49
CA LYS I 318 26.92 12.06 -1.18
C LYS I 318 26.74 12.15 0.33
N LEU I 319 27.78 12.60 1.02
CA LEU I 319 27.87 12.44 2.46
C LEU I 319 28.14 13.78 3.12
N ASP I 320 27.83 13.84 4.42
CA ASP I 320 28.25 14.92 5.28
C ASP I 320 29.78 14.93 5.39
N PRO I 321 30.37 16.08 5.77
CA PRO I 321 31.80 16.09 6.09
C PRO I 321 32.22 15.14 7.21
N LYS I 322 31.33 14.81 8.14
CA LYS I 322 31.67 13.79 9.13
C LYS I 322 31.52 12.38 8.57
N THR I 323 30.52 12.17 7.72
CA THR I 323 30.29 10.86 7.13
C THR I 323 31.33 10.56 6.06
N TRP I 324 31.84 11.59 5.38
CA TRP I 324 32.95 11.40 4.46
C TRP I 324 34.23 11.04 5.21
N ALA I 325 34.44 11.65 6.37
CA ALA I 325 35.59 11.34 7.20
C ALA I 325 35.46 9.98 7.88
N ALA I 326 34.23 9.46 8.01
CA ALA I 326 34.06 8.14 8.60
C ALA I 326 34.44 7.04 7.62
N GLN I 327 34.25 7.26 6.33
CA GLN I 327 34.72 6.33 5.31
C GLN I 327 36.23 6.35 5.18
N THR I 328 36.88 7.44 5.57
CA THR I 328 38.33 7.54 5.52
C THR I 328 38.97 6.89 6.74
N ARG I 329 38.31 6.98 7.90
CA ARG I 329 38.79 6.35 9.12
C ARG I 329 38.77 4.83 9.05
N ARG I 330 38.01 4.24 8.12
CA ARG I 330 38.09 2.81 7.90
C ARG I 330 39.36 2.42 7.16
N ARG I 331 39.88 3.30 6.32
CA ARG I 331 40.96 2.95 5.41
C ARG I 331 42.35 3.23 5.99
N ILE I 332 42.55 4.40 6.60
CA ILE I 332 43.86 4.78 7.10
C ILE I 332 43.89 4.86 8.62
N ALA I 333 42.82 4.42 9.29
CA ALA I 333 42.69 4.29 10.75
C ALA I 333 42.86 5.62 11.49
N THR I 334 42.67 6.73 10.80
CA THR I 334 42.67 8.08 11.32
C THR I 334 42.01 8.94 10.23
N ASP I 335 42.07 10.25 10.38
CA ASP I 335 41.67 11.10 9.27
C ASP I 335 42.80 12.04 8.90
N PHE I 336 42.73 12.54 7.67
CA PHE I 336 43.75 13.38 7.08
C PHE I 336 43.76 14.74 7.80
N PRO I 337 44.80 15.57 7.60
CA PRO I 337 44.83 16.89 8.23
C PRO I 337 43.68 17.81 7.82
N LYS I 338 43.60 18.93 8.52
CA LYS I 338 42.53 19.90 8.44
C LYS I 338 42.37 20.47 7.04
N GLY I 339 41.24 20.14 6.38
CA GLY I 339 40.99 20.61 5.04
C GLY I 339 41.22 19.58 3.95
N VAL I 340 41.74 18.40 4.29
CA VAL I 340 42.08 17.38 3.30
C VAL I 340 40.98 16.34 3.30
N TYR I 341 40.52 15.97 2.10
CA TYR I 341 39.45 15.00 1.92
C TYR I 341 39.89 13.97 0.90
N TYR I 342 39.68 12.70 1.21
CA TYR I 342 40.19 11.59 0.42
C TYR I 342 39.05 10.76 -0.12
N CYS I 343 39.20 10.28 -1.34
CA CYS I 343 38.20 9.43 -1.98
C CYS I 343 38.90 8.23 -2.60
N ASP I 344 38.48 7.03 -2.20
CA ASP I 344 39.10 5.80 -2.65
C ASP I 344 38.28 5.18 -3.76
N ASN I 345 38.96 4.78 -4.84
CA ASN I 345 38.32 4.15 -5.99
C ASN I 345 39.14 2.97 -6.47
N ARG I 346 39.63 2.14 -5.56
CA ARG I 346 40.56 1.09 -5.95
C ARG I 346 39.88 -0.19 -6.41
N ASP I 347 38.73 -0.54 -5.84
CA ASP I 347 38.05 -1.74 -6.28
C ASP I 347 37.30 -1.51 -7.59
N LYS I 348 36.75 -0.31 -7.76
CA LYS I 348 36.09 0.10 -9.00
C LYS I 348 36.78 1.37 -9.48
N PRO I 349 37.79 1.26 -10.34
CA PRO I 349 38.47 2.46 -10.84
C PRO I 349 37.63 3.20 -11.86
N ILE I 350 37.72 4.53 -11.83
CA ILE I 350 36.98 5.38 -12.76
C ILE I 350 37.68 5.38 -14.10
N TYR I 351 37.03 4.83 -15.12
CA TYR I 351 37.55 4.82 -16.49
C TYR I 351 36.36 5.00 -17.43
N THR I 352 36.20 6.21 -17.97
CA THR I 352 34.86 6.67 -18.31
C THR I 352 34.64 7.12 -19.75
N LEU I 353 35.66 7.09 -20.61
CA LEU I 353 35.54 7.09 -22.09
C LEU I 353 34.92 8.34 -22.72
N GLN I 354 34.46 9.29 -21.90
CA GLN I 354 34.06 10.63 -22.31
C GLN I 354 34.63 11.57 -21.26
N TYR I 355 34.59 12.87 -21.49
CA TYR I 355 35.37 13.73 -20.61
C TYR I 355 34.68 13.95 -19.26
N GLY I 356 33.57 14.67 -19.24
CA GLY I 356 33.05 15.07 -17.95
C GLY I 356 32.04 14.11 -17.35
N ASN I 357 32.17 12.82 -17.66
CA ASN I 357 31.12 11.87 -17.32
C ASN I 357 31.10 11.54 -15.84
N VAL I 358 32.25 11.49 -15.19
CA VAL I 358 32.35 11.33 -13.75
C VAL I 358 33.01 12.58 -13.19
N GLY I 359 32.46 13.13 -12.11
CA GLY I 359 32.99 14.32 -11.50
C GLY I 359 33.02 14.22 -10.00
N PHE I 360 33.81 15.10 -9.40
CA PHE I 360 33.93 15.20 -7.95
C PHE I 360 33.32 16.53 -7.52
N VAL I 361 32.45 16.47 -6.52
CA VAL I 361 31.63 17.62 -6.12
C VAL I 361 32.03 18.07 -4.72
N VAL I 362 32.19 19.39 -4.57
CA VAL I 362 32.24 20.03 -3.25
C VAL I 362 31.14 21.09 -3.23
N ASN I 363 30.27 21.02 -2.23
CA ASN I 363 29.22 22.02 -2.01
C ASN I 363 29.61 22.84 -0.79
N PRO I 364 30.28 23.97 -0.95
CA PRO I 364 30.72 24.74 0.21
C PRO I 364 29.59 25.59 0.79
N LYS I 365 29.80 26.05 2.02
CA LYS I 365 28.80 26.87 2.69
C LYS I 365 29.32 28.24 3.10
N THR I 366 30.63 28.45 3.14
CA THR I 366 31.21 29.78 3.27
C THR I 366 32.53 29.81 2.51
N VAL I 367 32.65 30.75 1.59
CA VAL I 367 33.77 30.83 0.66
C VAL I 367 34.44 32.19 0.81
N ASN I 368 35.74 32.18 1.07
CA ASN I 368 36.51 33.41 1.18
C ASN I 368 36.94 33.87 -0.21
N GLN I 369 37.87 34.83 -0.26
CA GLN I 369 38.20 35.49 -1.52
C GLN I 369 39.01 34.58 -2.43
N ASN I 370 40.21 34.20 -2.01
CA ASN I 370 41.09 33.38 -2.83
C ASN I 370 40.94 31.90 -2.45
N ALA I 371 39.73 31.38 -2.65
CA ALA I 371 39.42 30.00 -2.33
C ALA I 371 39.61 29.12 -3.56
N ARG I 372 40.19 27.95 -3.35
CA ARG I 372 40.47 27.03 -4.44
C ARG I 372 40.48 25.61 -3.91
N LEU I 373 40.31 24.66 -4.83
CA LEU I 373 40.44 23.23 -4.55
C LEU I 373 41.76 22.74 -5.13
N LEU I 374 42.55 22.07 -4.33
CA LEU I 374 43.83 21.51 -4.77
C LEU I 374 43.64 20.01 -4.94
N MET I 375 43.40 19.59 -6.17
CA MET I 375 43.15 18.20 -6.45
C MET I 375 44.46 17.44 -6.59
N GLY I 376 44.44 16.19 -6.17
CA GLY I 376 45.56 15.28 -6.36
C GLY I 376 45.06 13.94 -6.83
N TYR I 377 45.53 13.50 -7.99
CA TYR I 377 45.01 12.28 -8.60
C TYR I 377 46.04 11.16 -8.56
N GLU I 378 45.55 9.97 -8.88
CA GLU I 378 46.37 8.76 -8.88
C GLU I 378 45.69 7.80 -9.83
N TYR I 379 46.37 7.41 -10.90
CA TYR I 379 45.67 6.74 -11.97
C TYR I 379 46.61 5.88 -12.80
N PHE I 380 46.02 5.01 -13.60
CA PHE I 380 46.71 4.26 -14.63
C PHE I 380 46.41 4.87 -16.00
N THR I 381 47.41 4.89 -16.87
CA THR I 381 47.19 5.26 -18.26
C THR I 381 48.19 4.54 -19.12
N SER I 382 47.92 4.47 -20.42
CA SER I 382 48.77 3.74 -21.34
C SER I 382 48.65 4.34 -22.73
N ARG I 383 49.75 4.90 -23.23
CA ARG I 383 49.79 5.47 -24.57
C ARG I 383 50.67 4.69 -25.54
N THR I 384 51.47 3.74 -25.05
CA THR I 384 52.46 3.07 -25.88
C THR I 384 52.26 1.57 -25.88
N GLU I 385 52.86 0.92 -26.86
CA GLU I 385 52.94 -0.53 -26.96
C GLU I 385 54.43 -0.92 -26.93
N LEU I 386 54.71 -2.16 -26.57
CA LEU I 386 56.04 -2.56 -26.08
C LEU I 386 56.52 -3.86 -26.74
N VAL I 387 56.69 -3.83 -28.07
CA VAL I 387 57.24 -5.00 -28.79
C VAL I 387 58.64 -5.40 -28.29
N ASN I 388 59.05 -6.62 -28.61
CA ASN I 388 60.25 -7.22 -28.04
C ASN I 388 61.53 -6.71 -28.71
N ALA I 389 62.63 -6.78 -27.96
CA ALA I 389 63.82 -5.95 -28.16
C ALA I 389 64.94 -6.69 -28.89
N GLY I 390 66.11 -6.07 -28.94
CA GLY I 390 67.22 -6.56 -29.72
C GLY I 390 68.44 -6.86 -28.88
N THR I 391 69.24 -7.80 -29.36
CA THR I 391 70.41 -8.32 -28.67
C THR I 391 71.68 -7.91 -29.43
N ILE I 392 72.83 -8.36 -28.94
CA ILE I 392 74.10 -7.84 -29.43
C ILE I 392 74.72 -8.71 -30.51
N SER I 393 75.09 -9.95 -30.16
CA SER I 393 75.76 -10.92 -31.03
C SER I 393 77.09 -10.38 -31.57
N THR I 394 78.05 -10.26 -30.65
CA THR I 394 79.39 -9.75 -30.97
C THR I 394 80.14 -10.68 -31.91
N THR I 395 80.73 -10.10 -32.96
CA THR I 395 81.53 -10.87 -33.93
C THR I 395 82.85 -11.33 -33.33
N GLN J 3 -11.52 -1.93 -21.77
CA GLN J 3 -12.64 -1.65 -20.88
C GLN J 3 -12.23 -1.74 -19.41
N VAL J 4 -11.06 -1.19 -19.08
CA VAL J 4 -10.63 -1.20 -17.70
C VAL J 4 -11.37 -0.14 -16.90
N GLN J 5 -11.67 1.01 -17.51
CA GLN J 5 -12.42 2.05 -16.80
C GLN J 5 -13.82 2.24 -17.36
N GLN J 6 -13.95 2.61 -18.62
CA GLN J 6 -15.26 2.92 -19.14
C GLN J 6 -15.91 1.67 -19.71
N LEU J 7 -17.23 1.76 -19.92
CA LEU J 7 -18.01 0.61 -20.38
C LEU J 7 -17.58 0.19 -21.78
N THR J 8 -17.37 1.16 -22.65
CA THR J 8 -16.83 0.91 -23.99
C THR J 8 -15.65 1.87 -24.17
N PRO J 9 -14.44 1.37 -24.46
CA PRO J 9 -13.36 2.27 -24.89
C PRO J 9 -13.57 2.79 -26.30
N ALA J 10 -12.62 3.58 -26.79
CA ALA J 10 -12.75 4.18 -28.11
C ALA J 10 -12.77 3.15 -29.24
N GLN J 11 -12.19 1.98 -29.03
CA GLN J 11 -12.27 0.92 -30.03
C GLN J 11 -13.62 0.20 -29.97
N GLN J 12 -14.17 0.05 -28.76
CA GLN J 12 -15.49 -0.57 -28.63
C GLN J 12 -16.61 0.41 -28.92
N ALA J 13 -16.35 1.72 -28.75
CA ALA J 13 -17.32 2.73 -29.14
C ALA J 13 -17.41 2.92 -30.64
N ALA J 14 -16.59 2.21 -31.43
CA ALA J 14 -16.77 2.13 -32.88
C ALA J 14 -17.83 1.09 -33.22
N LEU J 15 -19.06 1.36 -32.77
CA LEU J 15 -20.28 0.68 -33.17
C LEU J 15 -20.90 1.32 -34.40
N ARG J 16 -20.25 2.33 -34.95
CA ARG J 16 -20.77 3.10 -36.07
C ARG J 16 -20.36 2.44 -37.38
N ASN J 17 -20.57 3.15 -38.50
CA ASN J 17 -20.45 2.53 -39.81
C ASN J 17 -19.01 2.50 -40.31
N GLN J 18 -18.25 3.56 -40.04
CA GLN J 18 -16.83 3.78 -40.36
C GLN J 18 -16.54 3.94 -41.86
N GLN J 19 -17.55 3.73 -42.71
CA GLN J 19 -17.51 4.18 -44.10
C GLN J 19 -18.43 5.35 -44.34
N ALA J 20 -19.53 5.44 -43.59
CA ALA J 20 -20.29 6.67 -43.51
C ALA J 20 -19.55 7.73 -42.72
N MET J 21 -18.65 7.33 -41.82
CA MET J 21 -17.79 8.30 -41.13
C MET J 21 -16.72 8.85 -42.06
N ALA J 22 -16.26 8.05 -43.02
CA ALA J 22 -15.22 8.49 -43.93
C ALA J 22 -15.77 9.44 -44.99
N ALA J 23 -16.98 9.16 -45.49
CA ALA J 23 -17.61 10.06 -46.44
C ALA J 23 -18.07 11.35 -45.77
N ASN J 24 -18.35 11.30 -44.47
CA ASN J 24 -18.76 12.50 -43.74
C ASN J 24 -17.59 13.44 -43.54
N LEU J 25 -16.42 12.90 -43.20
CA LEU J 25 -15.25 13.73 -43.00
C LEU J 25 -14.74 14.30 -44.32
N GLN J 26 -14.93 13.58 -45.42
CA GLN J 26 -14.53 14.08 -46.72
C GLN J 26 -15.48 15.17 -47.21
N ALA J 27 -16.78 14.99 -46.99
CA ALA J 27 -17.75 16.00 -47.41
C ALA J 27 -17.72 17.24 -46.52
N ARG J 28 -17.25 17.12 -45.28
CA ARG J 28 -17.11 18.29 -44.43
C ARG J 28 -15.95 19.16 -44.88
N GLN J 29 -14.83 18.53 -45.26
CA GLN J 29 -13.65 19.28 -45.69
C GLN J 29 -13.88 19.96 -47.03
N ILE J 30 -14.73 19.38 -47.89
CA ILE J 30 -15.09 20.03 -49.14
C ILE J 30 -15.97 21.24 -48.88
N VAL J 31 -16.89 21.13 -47.91
CA VAL J 31 -17.78 22.23 -47.56
C VAL J 31 -16.99 23.39 -46.97
N LEU J 32 -16.04 23.12 -46.07
CA LEU J 32 -15.29 24.18 -45.42
C LEU J 32 -14.29 24.87 -46.34
N GLN J 33 -14.09 24.37 -47.56
CA GLN J 33 -13.27 25.05 -48.55
C GLN J 33 -14.12 25.92 -49.48
N GLN J 34 -15.09 25.32 -50.15
CA GLN J 34 -15.86 26.01 -51.18
C GLN J 34 -16.94 26.94 -50.63
N SER J 35 -17.15 27.01 -49.32
CA SER J 35 -18.16 27.90 -48.77
C SER J 35 -17.50 29.15 -48.19
N TYR J 36 -18.33 30.14 -47.91
CA TYR J 36 -17.86 31.39 -47.34
C TYR J 36 -18.68 31.69 -46.08
N PRO J 37 -18.02 32.05 -44.98
CA PRO J 37 -18.77 32.40 -43.75
C PRO J 37 -19.41 33.77 -43.86
N VAL J 38 -20.72 33.82 -43.65
CA VAL J 38 -21.48 35.06 -43.60
C VAL J 38 -22.03 35.20 -42.20
N ILE J 39 -21.99 36.42 -41.66
CA ILE J 39 -22.66 36.76 -40.42
C ILE J 39 -23.51 38.00 -40.66
N GLN J 40 -24.79 37.94 -40.29
CA GLN J 40 -25.68 39.07 -40.52
C GLN J 40 -26.78 39.10 -39.48
N GLN J 41 -27.26 40.31 -39.22
CA GLN J 41 -28.33 40.52 -38.25
C GLN J 41 -29.67 40.06 -38.83
N VAL J 42 -30.43 39.30 -38.03
CA VAL J 42 -31.69 38.74 -38.49
C VAL J 42 -32.88 39.37 -37.78
N GLU J 43 -32.73 39.77 -36.52
CA GLU J 43 -33.79 40.47 -35.79
C GLU J 43 -33.19 41.43 -34.78
N THR J 44 -33.93 42.49 -34.51
CA THR J 44 -33.58 43.48 -33.50
C THR J 44 -34.86 44.03 -32.93
N GLN J 45 -34.94 44.19 -31.60
CA GLN J 45 -36.10 44.78 -30.98
C GLN J 45 -35.71 45.41 -29.65
N THR J 46 -36.28 46.57 -29.37
CA THR J 46 -36.11 47.27 -28.11
C THR J 46 -37.44 47.26 -27.36
N PHE J 47 -37.42 46.81 -26.10
CA PHE J 47 -38.65 46.59 -25.37
C PHE J 47 -38.49 47.08 -23.93
N ASP J 48 -39.56 46.89 -23.16
CA ASP J 48 -39.62 47.16 -21.74
C ASP J 48 -39.92 45.86 -21.01
N PRO J 49 -39.11 45.47 -20.01
CA PRO J 49 -39.38 44.21 -19.31
C PRO J 49 -40.64 44.22 -18.46
N ALA J 50 -41.18 45.39 -18.12
CA ALA J 50 -42.45 45.44 -17.42
C ALA J 50 -43.61 45.10 -18.34
N ASN J 51 -43.44 45.23 -19.66
CA ASN J 51 -44.48 44.87 -20.61
C ASN J 51 -44.31 43.44 -21.12
N ARG J 52 -43.20 43.18 -21.78
CA ARG J 52 -42.92 41.86 -22.35
C ARG J 52 -41.54 41.44 -21.91
N SER J 53 -41.37 40.14 -21.71
CA SER J 53 -40.09 39.60 -21.28
C SER J 53 -39.63 38.38 -22.05
N VAL J 54 -40.53 37.64 -22.68
CA VAL J 54 -40.19 36.45 -23.45
C VAL J 54 -40.42 36.75 -24.92
N PHE J 55 -39.45 36.43 -25.75
CA PHE J 55 -39.48 36.73 -27.16
C PHE J 55 -39.14 35.48 -27.95
N ASP J 56 -39.67 35.39 -29.15
CA ASP J 56 -39.35 34.31 -30.07
C ASP J 56 -38.84 34.94 -31.36
N VAL J 57 -37.68 34.49 -31.80
CA VAL J 57 -36.92 35.13 -32.87
C VAL J 57 -36.91 34.18 -34.06
N THR J 58 -37.19 34.72 -35.25
CA THR J 58 -37.19 33.92 -36.46
C THR J 58 -35.87 34.12 -37.20
N PRO J 59 -34.99 33.13 -37.24
CA PRO J 59 -33.77 33.27 -38.02
C PRO J 59 -34.03 33.02 -39.50
N ALA J 60 -33.10 33.49 -40.32
CA ALA J 60 -33.20 33.33 -41.77
C ALA J 60 -32.91 31.88 -42.16
N ASN J 61 -33.60 31.43 -43.19
CA ASN J 61 -33.42 30.08 -43.70
C ASN J 61 -32.42 30.09 -44.86
N VAL J 62 -31.15 30.29 -44.51
CA VAL J 62 -30.08 30.34 -45.49
C VAL J 62 -28.97 29.39 -45.08
N GLY J 63 -28.51 28.57 -46.04
CA GLY J 63 -27.24 27.88 -45.95
C GLY J 63 -27.20 26.80 -44.89
N ILE J 64 -26.03 26.66 -44.28
CA ILE J 64 -25.80 25.76 -43.15
C ILE J 64 -25.53 26.65 -41.94
N VAL J 65 -26.46 26.66 -41.01
CA VAL J 65 -26.39 27.59 -39.87
C VAL J 65 -25.39 27.06 -38.86
N LYS J 66 -24.52 27.93 -38.37
CA LYS J 66 -23.50 27.56 -37.41
C LYS J 66 -23.79 28.01 -35.99
N GLY J 67 -24.54 29.09 -35.82
CA GLY J 67 -24.86 29.57 -34.49
C GLY J 67 -25.36 31.00 -34.53
N PHE J 68 -25.57 31.53 -33.33
CA PHE J 68 -26.16 32.85 -33.16
C PHE J 68 -25.37 33.66 -32.16
N LEU J 69 -25.15 34.92 -32.49
CA LEU J 69 -24.51 35.87 -31.58
C LEU J 69 -25.57 36.86 -31.12
N VAL J 70 -25.86 36.85 -29.83
CA VAL J 70 -26.94 37.65 -29.27
C VAL J 70 -26.31 38.75 -28.44
N LYS J 71 -26.49 40.00 -28.87
CA LYS J 71 -26.07 41.16 -28.10
C LYS J 71 -27.28 41.69 -27.33
N VAL J 72 -27.16 41.77 -26.02
CA VAL J 72 -28.22 42.28 -25.16
C VAL J 72 -27.69 43.51 -24.44
N THR J 73 -28.36 44.64 -24.64
CA THR J 73 -28.00 45.90 -24.02
C THR J 73 -29.16 46.34 -23.14
N ALA J 74 -28.86 46.86 -21.96
CA ALA J 74 -29.91 47.19 -21.00
C ALA J 74 -29.54 48.46 -20.24
N ALA J 75 -30.56 49.11 -19.69
CA ALA J 75 -30.40 50.29 -18.85
C ALA J 75 -31.20 50.08 -17.59
N ILE J 76 -30.57 50.34 -16.44
CA ILE J 76 -31.16 50.07 -15.13
C ILE J 76 -31.18 51.35 -14.33
N LYS J 77 -32.37 51.75 -13.88
CA LYS J 77 -32.53 52.88 -12.98
C LYS J 77 -32.71 52.38 -11.56
N ASN J 78 -32.02 52.99 -10.61
CA ASN J 78 -32.13 52.68 -9.19
C ASN J 78 -32.83 53.86 -8.52
N ASN J 79 -34.11 53.70 -8.23
CA ASN J 79 -34.94 54.77 -7.69
C ASN J 79 -35.02 54.77 -6.18
N HIS J 80 -34.02 54.20 -5.50
CA HIS J 80 -34.02 54.26 -4.04
C HIS J 80 -33.61 55.65 -3.58
N ALA J 81 -33.97 55.97 -2.34
CA ALA J 81 -33.66 57.28 -1.80
C ALA J 81 -32.20 57.39 -1.40
N THR J 82 -31.71 56.46 -0.58
CA THR J 82 -30.38 56.55 -0.01
C THR J 82 -29.48 55.34 -0.27
N GLU J 83 -30.02 54.18 -0.61
CA GLU J 83 -29.24 52.95 -0.65
C GLU J 83 -28.87 52.57 -2.07
N ALA J 84 -27.65 52.07 -2.24
CA ALA J 84 -27.12 51.64 -3.52
C ALA J 84 -27.14 50.12 -3.62
N VAL J 85 -26.96 49.64 -4.84
CA VAL J 85 -26.86 48.21 -5.12
C VAL J 85 -25.50 47.94 -5.75
N ALA J 86 -25.10 46.68 -5.74
CA ALA J 86 -23.83 46.24 -6.28
C ALA J 86 -24.03 45.00 -7.13
N LEU J 87 -23.08 44.74 -8.02
CA LEU J 87 -23.15 43.60 -8.91
C LEU J 87 -23.05 42.29 -8.16
N THR J 88 -23.61 41.24 -8.77
CA THR J 88 -23.49 39.89 -8.23
C THR J 88 -22.26 39.23 -8.84
N ASP J 89 -22.05 37.94 -8.53
CA ASP J 89 -20.90 37.24 -9.10
C ASP J 89 -21.13 36.87 -10.56
N PHE J 90 -22.38 36.67 -10.96
CA PHE J 90 -22.67 36.29 -12.34
C PHE J 90 -22.97 37.50 -13.21
N GLY J 91 -23.57 38.54 -12.61
CA GLY J 91 -23.60 39.86 -13.20
C GLY J 91 -24.45 40.00 -14.45
N PRO J 92 -23.88 40.57 -15.50
CA PRO J 92 -24.63 40.75 -16.75
C PRO J 92 -24.88 39.46 -17.51
N ALA J 93 -24.26 38.35 -17.11
CA ALA J 93 -24.56 37.06 -17.74
C ALA J 93 -25.94 36.54 -17.37
N ASN J 94 -26.63 37.17 -16.43
CA ASN J 94 -28.01 36.85 -16.08
C ASN J 94 -29.01 37.77 -16.75
N LEU J 95 -28.61 38.47 -17.82
CA LEU J 95 -29.56 39.28 -18.58
C LEU J 95 -30.54 38.40 -19.34
N VAL J 96 -30.08 37.28 -19.86
CA VAL J 96 -30.91 36.30 -20.53
C VAL J 96 -31.16 35.15 -19.57
N GLN J 97 -32.41 34.81 -19.34
CA GLN J 97 -32.73 33.76 -18.39
C GLN J 97 -32.82 32.38 -19.02
N ARG J 98 -33.33 32.28 -20.25
CA ARG J 98 -33.41 31.00 -20.95
C ARG J 98 -33.10 31.20 -22.42
N VAL J 99 -32.48 30.19 -23.03
CA VAL J 99 -32.24 30.14 -24.47
C VAL J 99 -32.75 28.81 -24.97
N ILE J 100 -33.75 28.83 -25.86
CA ILE J 100 -34.21 27.61 -26.52
C ILE J 100 -34.20 27.85 -28.03
N TYR J 101 -33.53 26.96 -28.77
CA TYR J 101 -33.52 26.97 -30.22
C TYR J 101 -34.32 25.80 -30.73
N TYR J 102 -35.01 25.99 -31.86
CA TYR J 102 -35.78 24.93 -32.50
C TYR J 102 -35.40 24.79 -33.96
N ASP J 103 -35.01 23.58 -34.34
CA ASP J 103 -34.77 23.18 -35.72
C ASP J 103 -36.06 23.32 -36.53
N PRO J 104 -35.97 23.54 -37.87
CA PRO J 104 -37.16 23.58 -38.74
C PRO J 104 -38.15 22.43 -38.64
N ASP J 105 -37.72 21.26 -38.17
CA ASP J 105 -38.61 20.13 -37.92
C ASP J 105 -39.19 20.14 -36.51
N ASN J 106 -39.17 21.31 -35.83
CA ASN J 106 -39.59 21.48 -34.44
C ASN J 106 -38.81 20.57 -33.50
N GLN J 107 -37.48 20.64 -33.62
CA GLN J 107 -36.58 19.84 -32.80
C GLN J 107 -35.70 20.78 -31.99
N ARG J 108 -35.74 20.65 -30.67
CA ARG J 108 -34.97 21.54 -29.82
C ARG J 108 -33.50 21.14 -29.83
N HIS J 109 -32.62 22.14 -29.74
CA HIS J 109 -31.20 21.87 -29.64
C HIS J 109 -30.62 22.30 -28.29
N THR J 110 -30.63 23.58 -27.97
CA THR J 110 -30.00 24.05 -26.75
C THR J 110 -31.08 24.60 -25.84
N GLU J 111 -31.14 24.11 -24.60
CA GLU J 111 -32.11 24.59 -23.61
C GLU J 111 -31.37 24.79 -22.30
N THR J 112 -30.79 25.98 -22.11
CA THR J 112 -30.05 26.31 -20.90
C THR J 112 -30.49 27.65 -20.36
N SER J 113 -29.82 28.06 -19.28
CA SER J 113 -29.92 29.40 -18.75
C SER J 113 -28.90 30.29 -19.47
N GLY J 114 -28.78 31.53 -19.02
CA GLY J 114 -27.83 32.43 -19.62
C GLY J 114 -26.47 32.35 -18.97
N TRP J 115 -26.45 32.07 -17.66
CA TRP J 115 -25.18 31.92 -16.97
C TRP J 115 -24.46 30.65 -17.42
N HIS J 116 -25.18 29.59 -17.76
CA HIS J 116 -24.53 28.39 -18.23
C HIS J 116 -24.02 28.56 -19.65
N LEU J 117 -24.79 29.24 -20.50
CA LEU J 117 -24.36 29.49 -21.88
C LEU J 117 -23.12 30.38 -21.92
N HIS J 118 -22.98 31.29 -20.96
CA HIS J 118 -21.81 32.15 -20.91
C HIS J 118 -20.56 31.38 -20.52
N PHE J 119 -20.68 30.43 -19.59
CA PHE J 119 -19.52 29.71 -19.10
C PHE J 119 -19.00 28.70 -20.14
N VAL J 120 -19.88 28.17 -20.98
CA VAL J 120 -19.44 27.32 -22.08
C VAL J 120 -18.78 28.16 -23.15
N ASN J 121 -19.18 29.42 -23.28
CA ASN J 121 -18.47 30.34 -24.17
C ASN J 121 -17.07 30.63 -23.65
N THR J 122 -16.93 30.75 -22.34
CA THR J 122 -15.61 30.95 -21.72
C THR J 122 -14.75 29.71 -21.89
N ALA J 123 -15.30 28.53 -21.66
CA ALA J 123 -14.52 27.30 -21.67
C ALA J 123 -14.08 26.89 -23.07
N LYS J 124 -14.75 27.38 -24.11
CA LYS J 124 -14.37 27.03 -25.47
C LYS J 124 -13.42 28.05 -26.08
N GLN J 125 -13.20 29.19 -25.43
CA GLN J 125 -12.23 30.16 -25.90
C GLN J 125 -10.86 29.95 -25.30
N GLY J 126 -10.79 29.49 -24.06
CA GLY J 126 -9.55 29.47 -23.31
C GLY J 126 -9.34 30.72 -22.47
N ALA J 127 -10.36 31.55 -22.36
CA ALA J 127 -10.30 32.84 -21.69
C ALA J 127 -11.72 33.25 -21.37
N PRO J 128 -11.93 34.22 -20.48
CA PRO J 128 -13.28 34.78 -20.31
C PRO J 128 -13.78 35.39 -21.62
N PHE J 129 -15.05 35.12 -21.91
CA PHE J 129 -15.62 35.34 -23.24
C PHE J 129 -15.67 36.82 -23.57
N LEU J 130 -15.02 37.17 -24.69
CA LEU J 130 -14.98 38.53 -25.25
C LEU J 130 -14.46 39.56 -24.26
N SER J 131 -13.47 39.16 -23.47
CA SER J 131 -12.84 40.05 -22.51
C SER J 131 -11.54 40.59 -23.09
N SER J 132 -11.02 41.63 -22.45
CA SER J 132 -9.77 42.24 -22.85
C SER J 132 -8.76 42.07 -21.73
N MET J 133 -7.64 41.43 -22.03
CA MET J 133 -6.59 41.26 -21.04
C MET J 133 -5.90 42.60 -20.78
N VAL J 134 -5.36 42.74 -19.58
CA VAL J 134 -4.67 43.96 -19.17
C VAL J 134 -3.18 43.73 -19.37
N THR J 135 -2.55 44.60 -20.15
CA THR J 135 -1.14 44.49 -20.49
C THR J 135 -0.38 45.71 -19.99
N ASP J 136 0.90 45.78 -20.35
CA ASP J 136 1.80 46.82 -19.88
C ASP J 136 2.22 47.79 -20.97
N SER J 137 1.57 47.75 -22.13
CA SER J 137 2.00 48.55 -23.27
C SER J 137 1.75 50.03 -23.02
N PRO J 138 2.63 50.90 -23.51
CA PRO J 138 2.30 52.33 -23.52
C PRO J 138 1.37 52.71 -24.65
N ILE J 139 1.25 51.87 -25.68
CA ILE J 139 0.22 52.04 -26.69
C ILE J 139 -1.13 51.70 -26.07
N LYS J 140 -2.10 52.60 -26.23
CA LYS J 140 -3.34 52.52 -25.47
C LYS J 140 -4.26 51.46 -26.05
N TYR J 141 -3.93 50.21 -25.78
CA TYR J 141 -4.89 49.11 -25.84
C TYR J 141 -5.69 49.09 -24.53
N GLY J 142 -6.50 48.07 -24.35
CA GLY J 142 -7.18 47.91 -23.09
C GLY J 142 -8.66 47.68 -23.26
N ASP J 143 -9.47 48.36 -22.44
CA ASP J 143 -10.91 48.34 -22.59
C ASP J 143 -11.30 49.62 -23.30
N VAL J 144 -11.49 49.53 -24.61
CA VAL J 144 -11.79 50.68 -25.45
C VAL J 144 -13.24 50.72 -25.84
N MET J 145 -13.77 49.62 -26.36
CA MET J 145 -15.09 49.58 -26.94
C MET J 145 -16.18 49.12 -25.98
N ASN J 146 -15.80 48.55 -24.83
CA ASN J 146 -16.71 48.07 -23.77
C ASN J 146 -17.69 47.02 -24.31
N VAL J 147 -17.15 45.90 -24.77
CA VAL J 147 -17.95 44.90 -25.44
C VAL J 147 -18.88 44.19 -24.46
N ILE J 148 -18.32 43.64 -23.39
CA ILE J 148 -19.08 43.15 -22.25
C ILE J 148 -18.74 44.06 -21.08
N ASP J 149 -19.75 44.74 -20.55
CA ASP J 149 -19.52 45.76 -19.54
C ASP J 149 -20.79 45.92 -18.72
N ALA J 150 -20.60 46.31 -17.46
CA ALA J 150 -21.67 46.60 -16.52
C ALA J 150 -21.06 47.42 -15.39
N PRO J 151 -21.75 48.43 -14.88
CA PRO J 151 -21.22 49.17 -13.73
C PRO J 151 -21.24 48.31 -12.48
N ALA J 152 -20.18 48.44 -11.68
CA ALA J 152 -20.05 47.62 -10.48
C ALA J 152 -21.00 48.04 -9.38
N THR J 153 -21.50 49.27 -9.43
CA THR J 153 -22.37 49.80 -8.40
C THR J 153 -23.22 50.90 -9.02
N ILE J 154 -24.53 50.78 -8.87
CA ILE J 154 -25.46 51.84 -9.25
C ILE J 154 -25.92 52.52 -7.98
N ALA J 155 -25.63 53.80 -7.85
CA ALA J 155 -25.97 54.54 -6.64
C ALA J 155 -27.45 54.90 -6.63
N ALA J 156 -27.89 55.54 -5.55
CA ALA J 156 -29.29 55.92 -5.43
C ALA J 156 -29.59 57.09 -6.34
N GLY J 157 -30.56 56.92 -7.22
CA GLY J 157 -30.90 57.96 -8.17
C GLY J 157 -30.01 58.01 -9.39
N ALA J 158 -29.37 56.91 -9.75
CA ALA J 158 -28.44 56.85 -10.86
C ALA J 158 -28.91 55.82 -11.87
N THR J 159 -28.23 55.79 -13.01
CA THR J 159 -28.58 54.90 -14.11
C THR J 159 -27.33 54.19 -14.59
N GLY J 160 -27.45 52.89 -14.86
CA GLY J 160 -26.33 52.12 -15.34
C GLY J 160 -26.58 51.43 -16.65
N GLU J 161 -25.69 51.60 -17.61
CA GLU J 161 -25.80 51.02 -18.94
C GLU J 161 -24.91 49.79 -18.99
N LEU J 162 -25.45 48.69 -19.52
CA LEU J 162 -24.72 47.42 -19.44
C LEU J 162 -25.02 46.54 -20.64
N THR J 163 -23.96 45.95 -21.19
CA THR J 163 -23.98 45.20 -22.43
C THR J 163 -23.47 43.79 -22.16
N MET J 164 -24.01 42.81 -22.89
CA MET J 164 -23.61 41.42 -22.73
C MET J 164 -23.76 40.72 -24.07
N TYR J 165 -22.84 39.81 -24.38
CA TYR J 165 -22.90 39.01 -25.59
C TYR J 165 -23.03 37.54 -25.24
N TYR J 166 -23.76 36.82 -26.08
CA TYR J 166 -23.96 35.38 -25.94
C TYR J 166 -23.73 34.75 -27.29
N TRP J 167 -22.92 33.70 -27.34
CA TRP J 167 -22.81 32.87 -28.53
C TRP J 167 -23.67 31.64 -28.30
N VAL J 168 -24.79 31.55 -29.01
CA VAL J 168 -25.65 30.37 -28.99
C VAL J 168 -25.11 29.40 -30.04
N PRO J 169 -24.55 28.27 -29.65
CA PRO J 169 -23.89 27.40 -30.63
C PRO J 169 -24.83 26.40 -31.26
N LEU J 170 -24.64 26.18 -32.56
CA LEU J 170 -25.28 25.08 -33.26
C LEU J 170 -24.25 24.05 -33.71
N ALA J 171 -23.28 24.47 -34.51
CA ALA J 171 -22.13 23.63 -34.79
C ALA J 171 -21.18 23.66 -33.60
N TYR J 172 -20.27 22.68 -33.57
CA TYR J 172 -19.37 22.57 -32.42
C TYR J 172 -18.31 23.67 -32.43
N SER J 173 -17.59 23.81 -33.54
CA SER J 173 -16.57 24.84 -33.67
C SER J 173 -16.60 25.37 -35.09
N GLU J 174 -15.61 26.19 -35.43
CA GLU J 174 -15.50 26.73 -36.77
C GLU J 174 -14.96 25.71 -37.77
N THR J 175 -14.29 24.66 -37.28
CA THR J 175 -13.79 23.60 -38.14
C THR J 175 -14.55 22.29 -38.01
N ASP J 176 -15.37 22.14 -36.98
CA ASP J 176 -16.17 20.94 -36.79
C ASP J 176 -17.64 21.32 -36.95
N LEU J 177 -18.29 20.74 -37.96
CA LEU J 177 -19.66 21.10 -38.31
C LEU J 177 -20.68 20.17 -37.67
N THR J 178 -20.32 19.48 -36.61
CA THR J 178 -21.25 18.60 -35.93
C THR J 178 -22.25 19.43 -35.14
N GLY J 179 -23.54 19.20 -35.39
CA GLY J 179 -24.59 19.95 -34.77
C GLY J 179 -25.20 21.03 -35.62
N ALA J 180 -24.69 21.24 -36.83
CA ALA J 180 -25.16 22.34 -37.65
C ALA J 180 -26.49 21.98 -38.33
N VAL J 181 -27.22 23.01 -38.72
CA VAL J 181 -28.56 22.87 -39.26
C VAL J 181 -28.54 23.32 -40.71
N LEU J 182 -28.93 22.42 -41.61
CA LEU J 182 -29.14 22.76 -43.01
C LEU J 182 -30.50 23.42 -43.14
N ALA J 183 -30.54 24.63 -43.69
CA ALA J 183 -31.76 25.42 -43.73
C ALA J 183 -32.07 26.03 -45.07
N ASN J 184 -31.60 25.43 -46.18
CA ASN J 184 -31.85 26.01 -47.50
C ASN J 184 -33.30 25.82 -47.92
N VAL J 185 -33.75 24.57 -48.03
CA VAL J 185 -35.17 24.30 -48.23
C VAL J 185 -35.69 23.57 -46.98
N PRO J 186 -36.13 24.31 -45.97
CA PRO J 186 -36.51 23.70 -44.71
C PRO J 186 -37.96 23.25 -44.72
N GLN J 187 -38.41 22.71 -43.59
CA GLN J 187 -39.79 22.30 -43.43
C GLN J 187 -40.68 23.43 -42.94
N SER J 188 -40.18 24.28 -42.06
CA SER J 188 -40.94 25.39 -41.52
C SER J 188 -39.94 26.44 -41.04
N LYS J 189 -40.41 27.41 -40.26
CA LYS J 189 -39.53 28.41 -39.70
C LYS J 189 -38.70 27.82 -38.56
N GLN J 190 -37.61 28.50 -38.23
CA GLN J 190 -36.84 28.19 -37.03
C GLN J 190 -37.26 29.12 -35.91
N ARG J 191 -37.01 28.69 -34.68
CA ARG J 191 -37.36 29.46 -33.50
C ARG J 191 -36.14 29.64 -32.62
N LEU J 192 -36.01 30.83 -32.05
CA LEU J 192 -34.98 31.11 -31.04
C LEU J 192 -35.70 31.77 -29.87
N LYS J 193 -36.17 30.94 -28.95
CA LYS J 193 -36.88 31.43 -27.78
C LYS J 193 -35.89 32.07 -26.82
N LEU J 194 -36.19 33.30 -26.40
CA LEU J 194 -35.30 34.06 -25.52
C LEU J 194 -36.12 34.66 -24.39
N GLU J 195 -35.98 34.11 -23.19
CA GLU J 195 -36.54 34.73 -21.99
C GLU J 195 -35.50 35.66 -21.38
N PHE J 196 -35.88 36.89 -21.12
CA PHE J 196 -34.99 37.90 -20.58
C PHE J 196 -35.29 38.13 -19.11
N ALA J 197 -34.42 38.90 -18.46
CA ALA J 197 -34.57 39.20 -17.06
C ALA J 197 -35.74 40.14 -16.84
N ASN J 198 -36.43 39.96 -15.73
CA ASN J 198 -37.58 40.76 -15.36
C ASN J 198 -37.16 41.81 -14.33
N ASN J 199 -38.13 42.55 -13.82
CA ASN J 199 -37.93 43.35 -12.63
C ASN J 199 -38.11 42.54 -11.36
N ASN J 200 -38.52 41.27 -11.49
CA ASN J 200 -38.64 40.37 -10.35
C ASN J 200 -37.43 39.47 -10.18
N THR J 201 -36.66 39.23 -11.23
CA THR J 201 -35.57 38.28 -11.18
C THR J 201 -34.19 38.91 -11.15
N ALA J 202 -34.05 40.18 -11.53
CA ALA J 202 -32.74 40.76 -11.75
C ALA J 202 -32.22 41.59 -10.59
N PHE J 203 -33.02 41.81 -9.55
CA PHE J 203 -32.60 42.59 -8.40
C PHE J 203 -32.98 41.83 -7.13
N ALA J 204 -31.97 41.32 -6.43
CA ALA J 204 -32.16 40.54 -5.22
C ALA J 204 -31.89 41.39 -3.99
N ALA J 205 -32.64 41.14 -2.93
CA ALA J 205 -32.47 41.89 -1.69
C ALA J 205 -31.27 41.39 -0.91
N VAL J 206 -30.98 42.05 0.20
CA VAL J 206 -29.87 41.63 1.06
C VAL J 206 -30.25 40.34 1.77
N GLY J 207 -29.47 39.29 1.54
CA GLY J 207 -29.74 38.00 2.12
C GLY J 207 -30.51 37.05 1.24
N ALA J 208 -30.86 37.46 0.02
CA ALA J 208 -31.60 36.60 -0.90
C ALA J 208 -30.62 35.67 -1.62
N ASN J 209 -31.11 34.99 -2.66
CA ASN J 209 -30.27 34.13 -3.47
C ASN J 209 -29.88 34.86 -4.73
N PRO J 210 -28.65 35.35 -4.85
CA PRO J 210 -28.27 36.09 -6.06
C PRO J 210 -27.77 35.20 -7.18
N LEU J 211 -28.45 34.09 -7.44
CA LEU J 211 -28.00 33.17 -8.48
C LEU J 211 -28.41 33.65 -9.86
N GLU J 212 -29.66 34.08 -10.00
CA GLU J 212 -30.17 34.59 -11.26
C GLU J 212 -30.25 36.10 -11.29
N ALA J 213 -29.86 36.78 -10.22
CA ALA J 213 -29.94 38.23 -10.17
C ALA J 213 -28.79 38.85 -10.94
N ILE J 214 -28.92 40.15 -11.20
CA ILE J 214 -27.85 40.95 -11.76
C ILE J 214 -27.26 41.89 -10.73
N TYR J 215 -28.09 42.56 -9.94
CA TYR J 215 -27.64 43.42 -8.87
C TYR J 215 -28.24 42.98 -7.55
N GLN J 216 -27.55 43.27 -6.47
CA GLN J 216 -28.01 42.91 -5.13
C GLN J 216 -27.59 43.99 -4.16
N GLY J 217 -28.51 44.42 -3.32
CA GLY J 217 -28.20 45.45 -2.34
C GLY J 217 -29.43 45.88 -1.60
N ALA J 218 -29.24 46.87 -0.73
CA ALA J 218 -30.34 47.37 0.08
C ALA J 218 -31.33 48.20 -0.73
N GLY J 219 -30.92 48.73 -1.89
CA GLY J 219 -31.81 49.52 -2.70
C GLY J 219 -32.45 48.75 -3.82
N ALA J 220 -32.49 47.43 -3.69
CA ALA J 220 -32.95 46.56 -4.77
C ALA J 220 -34.47 46.56 -4.93
N ALA J 221 -35.20 47.01 -3.92
CA ALA J 221 -36.65 47.05 -4.04
C ALA J 221 -37.11 48.17 -4.97
N ASP J 222 -36.29 49.21 -5.12
CA ASP J 222 -36.61 50.34 -5.98
C ASP J 222 -35.74 50.38 -7.22
N CYS J 223 -35.19 49.25 -7.64
CA CYS J 223 -34.44 49.14 -8.88
C CYS J 223 -35.36 48.63 -9.97
N GLU J 224 -35.26 49.24 -11.15
CA GLU J 224 -36.11 48.86 -12.26
C GLU J 224 -35.33 48.95 -13.56
N PHE J 225 -35.76 48.19 -14.54
CA PHE J 225 -35.28 48.38 -15.89
C PHE J 225 -35.97 49.58 -16.52
N GLU J 226 -35.28 50.23 -17.44
CA GLU J 226 -35.88 51.22 -18.30
C GLU J 226 -36.02 50.76 -19.73
N GLU J 227 -35.10 49.93 -20.19
CA GLU J 227 -34.96 49.59 -21.59
C GLU J 227 -34.07 48.36 -21.74
N ILE J 228 -34.48 47.39 -22.54
CA ILE J 228 -33.61 46.29 -22.95
C ILE J 228 -33.76 46.14 -24.45
N SER J 229 -32.65 46.23 -25.18
CA SER J 229 -32.61 45.92 -26.60
C SER J 229 -31.87 44.61 -26.80
N TYR J 230 -32.27 43.86 -27.81
CA TYR J 230 -31.51 42.69 -28.22
C TYR J 230 -31.26 42.75 -29.71
N THR J 231 -30.14 42.15 -30.14
CA THR J 231 -29.81 42.01 -31.54
C THR J 231 -29.29 40.59 -31.75
N VAL J 232 -29.85 39.89 -32.72
CA VAL J 232 -29.44 38.52 -33.03
C VAL J 232 -28.73 38.54 -34.37
N TYR J 233 -27.50 38.06 -34.39
CA TYR J 233 -26.74 37.84 -35.61
C TYR J 233 -26.69 36.36 -35.89
N GLN J 234 -26.76 36.00 -37.17
CA GLN J 234 -26.74 34.60 -37.56
C GLN J 234 -25.47 34.32 -38.35
N SER J 235 -24.66 33.39 -37.86
CA SER J 235 -23.48 32.93 -38.57
C SER J 235 -23.85 31.69 -39.37
N TYR J 236 -23.51 31.70 -40.66
CA TYR J 236 -23.85 30.58 -41.52
C TYR J 236 -22.84 30.50 -42.65
N LEU J 237 -22.91 29.42 -43.40
CA LEU J 237 -22.02 29.17 -44.54
C LEU J 237 -22.83 29.29 -45.82
N ASP J 238 -22.56 30.32 -46.61
CA ASP J 238 -23.19 30.50 -47.90
C ASP J 238 -22.31 29.92 -49.00
N GLN J 239 -22.87 29.86 -50.22
CA GLN J 239 -22.23 29.33 -51.42
C GLN J 239 -21.76 27.89 -51.22
N LEU J 240 -22.73 27.01 -51.01
CA LEU J 240 -22.42 25.61 -50.75
C LEU J 240 -22.00 24.92 -52.05
N PRO J 241 -21.07 23.97 -51.97
CA PRO J 241 -20.64 23.25 -53.18
C PRO J 241 -21.71 22.31 -53.70
N VAL J 242 -21.80 22.23 -55.02
CA VAL J 242 -22.78 21.41 -55.71
C VAL J 242 -22.06 20.36 -56.54
N GLY J 243 -22.41 19.10 -56.34
CA GLY J 243 -21.86 18.00 -57.10
C GLY J 243 -22.83 17.46 -58.12
N GLN J 244 -22.64 16.19 -58.48
CA GLN J 244 -23.53 15.54 -59.43
C GLN J 244 -24.90 15.21 -58.83
N ASN J 245 -24.99 15.13 -57.51
CA ASN J 245 -26.25 14.83 -56.85
C ASN J 245 -26.67 15.96 -55.92
N GLY J 246 -26.57 17.19 -56.40
CA GLY J 246 -26.97 18.33 -55.59
C GLY J 246 -25.87 18.77 -54.64
N TYR J 247 -26.26 19.11 -53.42
CA TYR J 247 -25.31 19.66 -52.45
C TYR J 247 -24.39 18.57 -51.91
N ILE J 248 -23.12 18.91 -51.79
CA ILE J 248 -22.16 18.08 -51.06
C ILE J 248 -22.39 18.33 -49.58
N LEU J 249 -22.76 17.28 -48.84
CA LEU J 249 -23.20 17.47 -47.47
C LEU J 249 -22.56 16.46 -46.54
N PRO J 250 -22.05 16.90 -45.39
CA PRO J 250 -21.66 15.95 -44.33
C PRO J 250 -22.89 15.37 -43.64
N LEU J 251 -23.40 14.26 -44.17
CA LEU J 251 -24.76 13.80 -43.88
C LEU J 251 -24.97 13.37 -42.43
N ILE J 252 -23.93 12.93 -41.73
CA ILE J 252 -24.09 12.56 -40.34
C ILE J 252 -23.43 13.58 -39.41
N ASP J 253 -23.02 14.72 -39.94
CA ASP J 253 -22.77 15.89 -39.11
C ASP J 253 -24.00 16.75 -38.97
N LEU J 254 -24.86 16.76 -39.98
CA LEU J 254 -26.11 17.50 -39.94
C LEU J 254 -27.21 16.72 -39.24
N SER J 255 -27.09 15.39 -39.16
CA SER J 255 -28.03 14.56 -38.42
C SER J 255 -27.54 14.25 -37.02
N THR J 256 -26.74 15.14 -36.45
CA THR J 256 -26.21 15.02 -35.11
C THR J 256 -26.53 16.33 -34.40
N LEU J 257 -26.77 16.26 -33.10
CA LEU J 257 -27.18 17.42 -32.32
C LEU J 257 -26.09 17.77 -31.33
N TYR J 258 -25.53 18.96 -31.44
CA TYR J 258 -24.65 19.51 -30.41
C TYR J 258 -25.54 20.33 -29.48
N ASN J 259 -25.87 19.75 -28.35
CA ASN J 259 -26.87 20.31 -27.45
C ASN J 259 -26.22 20.76 -26.16
N LEU J 260 -26.80 21.78 -25.55
CA LEU J 260 -26.45 22.21 -24.21
C LEU J 260 -27.69 22.13 -23.35
N GLU J 261 -27.56 21.55 -22.16
CA GLU J 261 -28.71 21.31 -21.30
C GLU J 261 -28.38 21.70 -19.87
N ASN J 262 -29.43 21.92 -19.08
CA ASN J 262 -29.34 22.37 -17.71
C ASN J 262 -30.08 21.40 -16.81
N SER J 263 -29.68 21.32 -15.56
CA SER J 263 -30.31 20.43 -14.59
C SER J 263 -30.04 20.94 -13.19
N ALA J 264 -30.63 20.28 -12.21
CA ALA J 264 -30.50 20.68 -10.81
C ALA J 264 -30.79 19.50 -9.92
N GLN J 265 -29.94 19.28 -8.92
CA GLN J 265 -30.07 18.18 -7.98
C GLN J 265 -29.94 18.71 -6.56
N ALA J 266 -30.79 18.22 -5.66
CA ALA J 266 -30.74 18.63 -4.26
C ALA J 266 -30.64 17.39 -3.38
N GLY J 267 -30.47 17.62 -2.09
CA GLY J 267 -30.37 16.53 -1.14
C GLY J 267 -28.96 16.25 -0.67
N LEU J 268 -28.21 17.30 -0.35
CA LEU J 268 -26.84 17.15 0.10
C LEU J 268 -26.78 17.10 1.61
N THR J 269 -25.94 16.21 2.13
CA THR J 269 -25.66 16.06 3.54
C THR J 269 -24.16 16.05 3.75
N PRO J 270 -23.66 16.59 4.87
CA PRO J 270 -22.23 16.80 5.02
C PRO J 270 -21.43 15.51 5.17
N ASN J 271 -20.22 15.55 4.62
CA ASN J 271 -19.16 14.54 4.77
C ASN J 271 -19.51 13.18 4.19
N VAL J 272 -20.43 13.12 3.24
CA VAL J 272 -20.67 11.91 2.47
C VAL J 272 -20.72 12.27 0.99
N ASP J 273 -20.56 11.26 0.15
CA ASP J 273 -20.49 11.47 -1.29
C ASP J 273 -21.90 11.68 -1.85
N PHE J 274 -22.05 12.73 -2.64
CA PHE J 274 -23.31 13.04 -3.32
C PHE J 274 -23.09 12.75 -4.81
N VAL J 275 -23.51 11.57 -5.25
CA VAL J 275 -23.27 11.11 -6.59
C VAL J 275 -24.35 11.66 -7.52
N VAL J 276 -23.91 12.27 -8.61
CA VAL J 276 -24.81 12.84 -9.62
C VAL J 276 -24.59 12.01 -10.88
N GLN J 277 -25.45 11.04 -11.11
CA GLN J 277 -25.24 10.02 -12.13
C GLN J 277 -25.49 10.59 -13.52
N TYR J 278 -24.49 10.52 -14.39
CA TYR J 278 -24.67 10.80 -15.81
C TYR J 278 -25.64 9.80 -16.43
N ALA J 279 -26.14 10.12 -17.61
CA ALA J 279 -27.09 9.26 -18.28
C ALA J 279 -26.40 8.48 -19.40
N ASN J 280 -27.08 7.48 -19.91
CA ASN J 280 -26.55 6.75 -21.05
C ASN J 280 -26.95 7.43 -22.36
N LEU J 281 -26.27 7.01 -23.43
CA LEU J 281 -26.50 7.35 -24.84
C LEU J 281 -26.22 8.81 -25.20
N TYR J 282 -25.90 9.67 -24.26
CA TYR J 282 -25.33 10.98 -24.56
C TYR J 282 -23.83 10.85 -24.61
N ARG J 283 -23.19 11.77 -25.34
CA ARG J 283 -21.73 11.86 -25.40
C ARG J 283 -21.35 13.15 -24.69
N TYR J 284 -21.17 13.08 -23.38
CA TYR J 284 -20.92 14.25 -22.56
C TYR J 284 -19.54 14.84 -22.86
N LEU J 285 -19.50 16.13 -23.14
CA LEU J 285 -18.25 16.81 -23.45
C LEU J 285 -17.74 17.69 -22.32
N SER J 286 -18.63 18.32 -21.56
CA SER J 286 -18.19 19.05 -20.38
C SER J 286 -19.31 19.03 -19.35
N THR J 287 -18.96 19.43 -18.13
CA THR J 287 -19.84 19.39 -16.99
C THR J 287 -19.51 20.59 -16.11
N ILE J 288 -20.52 21.39 -15.79
CA ILE J 288 -20.33 22.53 -14.91
C ILE J 288 -21.26 22.37 -13.73
N ALA J 289 -20.69 22.32 -12.53
CA ALA J 289 -21.44 22.21 -11.29
C ALA J 289 -21.36 23.54 -10.56
N VAL J 290 -22.50 24.03 -10.08
CA VAL J 290 -22.55 25.24 -9.29
C VAL J 290 -23.10 24.86 -7.93
N PHE J 291 -22.26 24.94 -6.91
CA PHE J 291 -22.67 24.60 -5.55
C PHE J 291 -23.35 25.82 -4.94
N ASP J 292 -24.66 25.89 -5.12
CA ASP J 292 -25.50 26.87 -4.44
C ASP J 292 -25.75 26.31 -3.05
N ASN J 293 -25.03 26.82 -2.06
CA ASN J 293 -25.14 26.33 -0.69
C ASN J 293 -26.11 27.18 0.11
N GLY J 294 -27.37 27.16 -0.32
CA GLY J 294 -28.41 27.92 0.35
C GLY J 294 -28.29 29.42 0.18
N GLY J 295 -28.00 29.88 -1.03
CA GLY J 295 -27.83 31.29 -1.27
C GLY J 295 -26.45 31.83 -1.00
N SER J 296 -25.53 30.98 -0.56
CA SER J 296 -24.16 31.38 -0.27
C SER J 296 -23.22 30.65 -1.21
N PHE J 297 -22.24 31.38 -1.74
CA PHE J 297 -21.30 30.84 -2.71
C PHE J 297 -19.90 31.01 -2.14
N ASN J 298 -19.17 29.92 -2.04
CA ASN J 298 -17.87 29.90 -1.39
C ASN J 298 -16.83 29.37 -2.35
N ALA J 299 -15.57 29.78 -2.12
CA ALA J 299 -14.47 29.40 -3.00
C ALA J 299 -13.81 28.12 -2.51
N GLY J 300 -14.58 27.03 -2.62
CA GLY J 300 -14.10 25.72 -2.21
C GLY J 300 -14.04 25.48 -0.73
N THR J 301 -14.51 26.41 0.09
CA THR J 301 -14.42 26.29 1.53
C THR J 301 -15.40 25.26 2.10
N ASP J 302 -16.49 25.00 1.39
CA ASP J 302 -17.54 24.11 1.87
C ASP J 302 -17.50 22.74 1.21
N ILE J 303 -16.38 22.36 0.60
CA ILE J 303 -16.26 21.12 -0.14
C ILE J 303 -15.03 20.38 0.37
N ASN J 304 -15.20 19.09 0.67
CA ASN J 304 -14.05 18.24 0.94
C ASN J 304 -13.29 17.94 -0.34
N TYR J 305 -13.97 17.37 -1.33
CA TYR J 305 -13.36 17.08 -2.61
C TYR J 305 -14.42 17.01 -3.70
N LEU J 306 -13.96 17.07 -4.95
CA LEU J 306 -14.77 16.77 -6.11
C LEU J 306 -14.15 15.59 -6.84
N SER J 307 -14.97 14.85 -7.57
CA SER J 307 -14.48 13.60 -8.16
C SER J 307 -15.32 13.27 -9.38
N GLN J 308 -14.91 12.23 -10.08
CA GLN J 308 -15.67 11.68 -11.20
C GLN J 308 -15.44 10.18 -11.21
N ARG J 309 -16.48 9.41 -10.86
CA ARG J 309 -16.34 7.98 -10.66
C ARG J 309 -16.69 7.19 -11.92
N THR J 310 -16.49 5.88 -11.82
CA THR J 310 -17.01 4.92 -12.78
C THR J 310 -17.49 3.72 -11.97
N ALA J 311 -18.11 2.75 -12.64
CA ALA J 311 -18.57 1.56 -11.94
C ALA J 311 -17.42 0.59 -11.70
N ASN J 312 -16.70 0.25 -12.77
CA ASN J 312 -15.56 -0.66 -12.64
C ASN J 312 -14.40 0.01 -11.91
N PHE J 313 -13.91 1.11 -12.45
CA PHE J 313 -12.89 1.91 -11.79
C PHE J 313 -13.52 2.65 -10.61
N SER J 314 -12.69 3.16 -9.74
CA SER J 314 -13.16 3.99 -8.64
C SER J 314 -13.15 5.45 -9.11
N ASP J 315 -13.09 6.40 -8.18
CA ASP J 315 -12.75 7.79 -8.44
C ASP J 315 -11.58 7.92 -9.42
N THR J 316 -11.78 8.73 -10.45
CA THR J 316 -10.77 8.92 -11.49
C THR J 316 -10.00 10.22 -11.33
N ARG J 317 -10.65 11.30 -10.89
CA ARG J 317 -9.99 12.57 -10.68
C ARG J 317 -10.44 13.19 -9.35
N LYS J 318 -10.38 12.38 -8.28
CA LYS J 318 -10.72 12.86 -6.94
C LYS J 318 -9.67 13.84 -6.46
N LEU J 319 -10.03 15.11 -6.38
CA LEU J 319 -9.09 16.18 -6.03
C LEU J 319 -9.75 17.12 -5.03
N ASP J 320 -8.92 17.78 -4.22
CA ASP J 320 -9.39 18.82 -3.34
C ASP J 320 -9.77 20.05 -4.17
N PRO J 321 -10.58 20.98 -3.62
CA PRO J 321 -11.07 22.10 -4.42
C PRO J 321 -10.02 23.04 -5.00
N LYS J 322 -8.82 23.11 -4.44
CA LYS J 322 -7.78 23.95 -5.03
C LYS J 322 -6.98 23.23 -6.10
N THR J 323 -6.96 21.90 -6.09
CA THR J 323 -6.34 21.14 -7.16
C THR J 323 -7.29 20.92 -8.33
N TRP J 324 -8.59 20.86 -8.05
CA TRP J 324 -9.59 20.90 -9.11
C TRP J 324 -9.56 22.24 -9.83
N ALA J 325 -9.32 23.32 -9.09
CA ALA J 325 -9.19 24.64 -9.69
C ALA J 325 -7.90 24.78 -10.48
N ALA J 326 -6.86 24.02 -10.09
CA ALA J 326 -5.60 24.06 -10.84
C ALA J 326 -5.73 23.43 -12.21
N GLN J 327 -6.64 22.48 -12.36
CA GLN J 327 -6.86 21.86 -13.66
C GLN J 327 -7.67 22.76 -14.60
N THR J 328 -8.35 23.77 -14.07
CA THR J 328 -9.11 24.68 -14.90
C THR J 328 -8.35 25.95 -15.23
N ARG J 329 -7.33 26.30 -14.44
CA ARG J 329 -6.43 27.38 -14.81
C ARG J 329 -5.51 27.00 -15.96
N ARG J 330 -5.39 25.71 -16.26
CA ARG J 330 -4.74 25.25 -17.48
C ARG J 330 -5.68 25.24 -18.67
N ARG J 331 -6.99 25.38 -18.44
CA ARG J 331 -7.99 25.37 -19.51
C ARG J 331 -8.36 26.78 -19.94
N ILE J 332 -8.80 27.63 -19.02
CA ILE J 332 -9.35 28.94 -19.35
C ILE J 332 -8.47 30.08 -18.82
N ALA J 333 -7.31 29.75 -18.24
CA ALA J 333 -6.27 30.68 -17.81
C ALA J 333 -6.74 31.68 -16.75
N THR J 334 -7.79 31.32 -16.02
CA THR J 334 -8.29 32.09 -14.88
C THR J 334 -9.15 31.14 -14.06
N ASP J 335 -9.70 31.65 -12.97
CA ASP J 335 -10.66 30.89 -12.19
C ASP J 335 -12.08 31.33 -12.51
N PHE J 336 -13.01 30.38 -12.46
CA PHE J 336 -14.43 30.66 -12.55
C PHE J 336 -14.87 31.38 -11.27
N PRO J 337 -16.07 32.00 -11.26
CA PRO J 337 -16.55 32.62 -10.01
C PRO J 337 -16.78 31.60 -8.90
N LYS J 338 -17.04 32.13 -7.70
CA LYS J 338 -17.17 31.31 -6.50
C LYS J 338 -18.34 30.36 -6.60
N GLY J 339 -18.07 29.07 -6.39
CA GLY J 339 -19.07 28.05 -6.46
C GLY J 339 -19.14 27.33 -7.79
N VAL J 340 -18.47 27.82 -8.82
CA VAL J 340 -18.53 27.24 -10.16
C VAL J 340 -17.32 26.34 -10.36
N TYR J 341 -17.57 25.10 -10.77
CA TYR J 341 -16.54 24.10 -10.96
C TYR J 341 -16.70 23.48 -12.33
N TYR J 342 -15.61 23.42 -13.08
CA TYR J 342 -15.63 22.97 -14.46
C TYR J 342 -14.96 21.60 -14.56
N CYS J 343 -15.53 20.74 -15.39
CA CYS J 343 -14.98 19.41 -15.64
C CYS J 343 -14.98 19.18 -17.14
N ASP J 344 -13.79 19.02 -17.71
CA ASP J 344 -13.62 18.87 -19.15
C ASP J 344 -13.53 17.39 -19.50
N ASN J 345 -14.31 16.97 -20.50
CA ASN J 345 -14.25 15.61 -21.02
C ASN J 345 -14.17 15.62 -22.53
N ARG J 346 -13.48 16.60 -23.12
CA ARG J 346 -13.49 16.73 -24.57
C ARG J 346 -12.56 15.74 -25.25
N ASP J 347 -11.43 15.39 -24.61
CA ASP J 347 -10.54 14.41 -25.20
C ASP J 347 -11.10 13.00 -25.07
N LYS J 348 -11.87 12.74 -24.01
CA LYS J 348 -12.50 11.44 -23.80
C LYS J 348 -13.94 11.69 -23.37
N PRO J 349 -14.88 11.68 -24.30
CA PRO J 349 -16.28 11.90 -23.93
C PRO J 349 -16.88 10.69 -23.22
N ILE J 350 -17.83 10.98 -22.34
CA ILE J 350 -18.53 9.95 -21.59
C ILE J 350 -19.64 9.38 -22.46
N TYR J 351 -19.62 8.06 -22.68
CA TYR J 351 -20.62 7.40 -23.52
C TYR J 351 -20.74 5.96 -23.05
N THR J 352 -21.78 5.66 -22.26
CA THR J 352 -21.77 4.45 -21.43
C THR J 352 -22.48 3.26 -22.06
N LEU J 353 -23.79 3.36 -22.35
CA LEU J 353 -24.86 2.36 -22.63
C LEU J 353 -25.52 1.80 -21.37
N GLN J 354 -25.08 2.16 -20.18
CA GLN J 354 -25.79 1.89 -18.94
C GLN J 354 -25.95 3.23 -18.24
N TYR J 355 -27.04 3.42 -17.50
CA TYR J 355 -27.32 4.73 -16.95
C TYR J 355 -26.27 5.21 -15.94
N GLY J 356 -26.20 4.61 -14.77
CA GLY J 356 -25.34 5.20 -13.76
C GLY J 356 -23.90 4.76 -13.80
N ASN J 357 -23.37 4.49 -14.99
CA ASN J 357 -22.04 3.91 -15.11
C ASN J 357 -20.96 4.92 -14.77
N VAL J 358 -21.16 6.19 -15.11
CA VAL J 358 -20.26 7.28 -14.73
C VAL J 358 -21.06 8.27 -13.90
N GLY J 359 -20.48 8.73 -12.79
CA GLY J 359 -21.13 9.69 -11.95
C GLY J 359 -20.19 10.84 -11.60
N PHE J 360 -20.80 11.95 -11.19
CA PHE J 360 -20.08 13.13 -10.73
C PHE J 360 -20.31 13.29 -9.24
N VAL J 361 -19.24 13.45 -8.48
CA VAL J 361 -19.27 13.37 -7.03
C VAL J 361 -18.88 14.71 -6.44
N VAL J 362 -19.63 15.16 -5.45
CA VAL J 362 -19.26 16.30 -4.61
C VAL J 362 -19.41 15.85 -3.16
N ASN J 363 -18.33 15.96 -2.39
CA ASN J 363 -18.34 15.66 -0.97
C ASN J 363 -18.35 16.97 -0.19
N PRO J 364 -19.50 17.44 0.27
CA PRO J 364 -19.54 18.71 0.99
C PRO J 364 -19.14 18.53 2.45
N LYS J 365 -18.77 19.63 3.07
CA LYS J 365 -18.44 19.62 4.49
C LYS J 365 -19.36 20.49 5.35
N THR J 366 -19.97 21.52 4.77
CA THR J 366 -20.99 22.32 5.44
C THR J 366 -22.12 22.55 4.46
N VAL J 367 -23.34 22.19 4.86
CA VAL J 367 -24.51 22.26 3.98
C VAL J 367 -25.59 23.06 4.69
N ASN J 368 -25.97 24.19 4.11
CA ASN J 368 -27.10 24.96 4.61
C ASN J 368 -28.40 24.40 4.04
N GLN J 369 -29.53 24.93 4.48
CA GLN J 369 -30.80 24.47 3.96
C GLN J 369 -31.04 25.05 2.57
N ASN J 370 -31.83 24.31 1.78
CA ASN J 370 -32.07 24.57 0.36
C ASN J 370 -30.78 24.62 -0.44
N ALA J 371 -29.86 23.72 -0.13
CA ALA J 371 -28.63 23.58 -0.87
C ALA J 371 -28.83 22.65 -2.06
N ARG J 372 -28.16 22.95 -3.16
CA ARG J 372 -28.37 22.19 -4.38
C ARG J 372 -27.13 22.29 -5.25
N LEU J 373 -27.04 21.38 -6.20
CA LEU J 373 -26.04 21.42 -7.26
C LEU J 373 -26.75 21.77 -8.57
N LEU J 374 -26.31 22.84 -9.21
CA LEU J 374 -26.87 23.27 -10.49
C LEU J 374 -25.95 22.80 -11.60
N MET J 375 -26.39 21.78 -12.33
CA MET J 375 -25.54 21.11 -13.30
C MET J 375 -25.85 21.60 -14.71
N GLY J 376 -24.80 21.77 -15.50
CA GLY J 376 -24.96 22.10 -16.91
C GLY J 376 -24.13 21.15 -17.75
N TYR J 377 -24.73 20.71 -18.86
CA TYR J 377 -24.11 19.71 -19.72
C TYR J 377 -24.11 20.19 -21.16
N GLU J 378 -23.01 19.91 -21.85
CA GLU J 378 -22.97 19.97 -23.30
C GLU J 378 -22.61 18.60 -23.82
N TYR J 379 -23.22 18.19 -24.92
CA TYR J 379 -23.12 16.80 -25.31
C TYR J 379 -23.42 16.65 -26.80
N PHE J 380 -22.97 15.53 -27.35
CA PHE J 380 -23.32 15.09 -28.68
C PHE J 380 -24.36 13.99 -28.59
N THR J 381 -25.30 14.00 -29.52
CA THR J 381 -26.25 12.90 -29.66
C THR J 381 -26.77 12.92 -31.10
N SER J 382 -27.14 11.74 -31.58
CA SER J 382 -27.67 11.63 -32.93
C SER J 382 -29.16 11.92 -32.91
N ARG J 383 -29.84 11.68 -34.04
CA ARG J 383 -31.27 11.90 -34.10
C ARG J 383 -32.05 10.86 -33.30
N THR J 384 -31.42 9.75 -32.94
CA THR J 384 -31.97 8.83 -31.95
C THR J 384 -31.65 9.28 -30.52
N GLU J 385 -31.96 10.54 -30.23
CA GLU J 385 -32.09 11.06 -28.88
C GLU J 385 -33.46 10.70 -28.30
N LEU J 386 -34.37 10.27 -29.16
CA LEU J 386 -35.71 9.90 -28.73
C LEU J 386 -35.74 8.62 -27.91
N VAL J 387 -34.70 7.80 -27.99
CA VAL J 387 -34.57 6.63 -27.14
C VAL J 387 -33.76 6.91 -25.89
N ASN J 388 -33.50 8.18 -25.57
CA ASN J 388 -32.69 8.49 -24.41
C ASN J 388 -33.58 8.68 -23.19
N ALA J 389 -32.99 9.17 -22.10
CA ALA J 389 -33.67 9.44 -20.85
C ALA J 389 -33.32 10.84 -20.40
N GLY J 390 -33.65 11.18 -19.16
CA GLY J 390 -33.29 12.49 -18.65
C GLY J 390 -31.80 12.57 -18.39
N THR J 391 -31.21 13.73 -18.69
CA THR J 391 -29.88 14.03 -18.18
C THR J 391 -29.99 14.14 -16.67
N ILE J 392 -29.20 13.34 -15.97
CA ILE J 392 -29.27 13.11 -14.52
C ILE J 392 -30.64 12.58 -14.11
N ALA K 14 19.00 6.69 -42.26
CA ALA K 14 18.75 5.43 -42.94
C ALA K 14 17.26 5.11 -42.95
N LEU K 15 16.87 4.11 -43.74
CA LEU K 15 15.48 3.67 -43.76
C LEU K 15 15.13 2.73 -42.62
N ARG K 16 16.12 2.27 -41.86
CA ARG K 16 15.83 1.51 -40.66
C ARG K 16 15.59 2.40 -39.45
N ASN K 17 15.76 3.72 -39.60
CA ASN K 17 15.41 4.68 -38.58
C ASN K 17 14.19 5.51 -38.95
N GLN K 18 13.75 5.47 -40.20
CA GLN K 18 12.49 6.09 -40.57
C GLN K 18 11.32 5.11 -40.45
N GLN K 19 11.58 3.83 -40.72
CA GLN K 19 10.56 2.81 -40.53
C GLN K 19 10.32 2.53 -39.04
N ALA K 20 11.39 2.51 -38.25
CA ALA K 20 11.23 2.28 -36.81
C ALA K 20 10.65 3.49 -36.10
N MET K 21 10.79 4.68 -36.67
CA MET K 21 10.14 5.86 -36.09
C MET K 21 8.69 5.95 -36.53
N ALA K 22 8.35 5.40 -37.69
CA ALA K 22 6.96 5.40 -38.16
C ALA K 22 6.13 4.38 -37.39
N ALA K 23 6.74 3.29 -36.93
CA ALA K 23 6.04 2.37 -36.06
C ALA K 23 5.93 2.90 -34.63
N ASN K 24 6.83 3.80 -34.24
CA ASN K 24 6.73 4.42 -32.92
C ASN K 24 5.61 5.44 -32.89
N LEU K 25 5.43 6.20 -33.97
CA LEU K 25 4.38 7.21 -34.01
C LEU K 25 3.01 6.59 -34.22
N GLN K 26 2.94 5.45 -34.90
CA GLN K 26 1.67 4.74 -35.02
C GLN K 26 1.27 4.13 -33.69
N ALA K 27 2.22 3.60 -32.94
CA ALA K 27 1.92 3.02 -31.64
C ALA K 27 1.61 4.08 -30.59
N ARG K 28 2.08 5.31 -30.77
CA ARG K 28 1.75 6.37 -29.83
C ARG K 28 0.32 6.87 -30.04
N GLN K 29 -0.13 6.91 -31.30
CA GLN K 29 -1.49 7.35 -31.58
C GLN K 29 -2.53 6.33 -31.12
N ILE K 30 -2.15 5.05 -31.06
CA ILE K 30 -3.06 4.04 -30.56
C ILE K 30 -3.16 4.12 -29.04
N VAL K 31 -2.05 4.45 -28.38
CA VAL K 31 -2.07 4.57 -26.92
C VAL K 31 -2.85 5.80 -26.50
N LEU K 32 -2.63 6.93 -27.16
CA LEU K 32 -3.31 8.17 -26.78
C LEU K 32 -4.79 8.17 -27.11
N GLN K 33 -5.24 7.29 -28.00
CA GLN K 33 -6.65 7.20 -28.33
C GLN K 33 -7.38 6.13 -27.54
N GLN K 34 -6.68 5.12 -27.02
CA GLN K 34 -7.33 4.03 -26.32
C GLN K 34 -7.16 4.07 -24.81
N SER K 35 -6.22 4.83 -24.30
CA SER K 35 -6.00 4.85 -22.86
C SER K 35 -6.87 5.92 -22.20
N TYR K 36 -6.92 5.89 -20.88
CA TYR K 36 -7.68 6.86 -20.14
C TYR K 36 -6.78 7.59 -19.14
N PRO K 37 -6.79 8.92 -19.12
CA PRO K 37 -5.96 9.65 -18.16
C PRO K 37 -6.54 9.61 -16.76
N VAL K 38 -5.73 9.19 -15.80
CA VAL K 38 -6.09 9.14 -14.39
C VAL K 38 -5.15 10.05 -13.63
N ILE K 39 -5.71 10.85 -12.71
CA ILE K 39 -4.90 11.58 -11.74
C ILE K 39 -5.41 11.23 -10.35
N GLN K 40 -4.53 10.67 -9.53
CA GLN K 40 -4.94 10.22 -8.21
C GLN K 40 -3.88 10.59 -7.18
N GLN K 41 -4.34 10.76 -5.95
CA GLN K 41 -3.47 11.18 -4.86
C GLN K 41 -2.56 10.04 -4.44
N VAL K 42 -1.28 10.37 -4.25
CA VAL K 42 -0.29 9.42 -3.78
C VAL K 42 -0.07 9.55 -2.28
N GLU K 43 0.23 10.76 -1.81
CA GLU K 43 0.65 10.95 -0.44
C GLU K 43 0.41 12.38 -0.02
N THR K 44 -0.05 12.57 1.21
CA THR K 44 -0.13 13.87 1.85
C THR K 44 0.53 13.78 3.21
N GLN K 45 1.13 14.88 3.66
CA GLN K 45 1.87 14.90 4.91
C GLN K 45 2.09 16.35 5.35
N THR K 46 1.92 16.60 6.64
CA THR K 46 2.21 17.89 7.25
C THR K 46 3.36 17.70 8.24
N PHE K 47 4.28 18.67 8.29
CA PHE K 47 5.47 18.49 9.11
C PHE K 47 5.98 19.84 9.60
N ASP K 48 6.89 19.78 10.56
CA ASP K 48 7.62 20.96 11.02
C ASP K 48 9.00 20.94 10.39
N PRO K 49 9.42 21.99 9.68
CA PRO K 49 10.75 21.98 9.05
C PRO K 49 11.91 22.07 10.02
N ALA K 50 11.67 22.38 11.29
CA ALA K 50 12.70 22.26 12.31
C ALA K 50 12.94 20.82 12.74
N ASN K 51 12.15 19.87 12.24
CA ASN K 51 12.31 18.46 12.52
C ASN K 51 12.77 17.68 11.29
N ARG K 52 12.04 17.76 10.20
CA ARG K 52 12.35 17.01 8.99
C ARG K 52 12.18 17.93 7.80
N SER K 53 13.01 17.73 6.78
CA SER K 53 12.98 18.62 5.61
C SER K 53 12.93 17.83 4.31
N VAL K 54 13.45 16.61 4.33
CA VAL K 54 13.55 15.78 3.14
C VAL K 54 12.58 14.63 3.26
N PHE K 55 11.84 14.36 2.19
CA PHE K 55 10.82 13.33 2.19
C PHE K 55 10.94 12.51 0.91
N ASP K 56 10.75 11.21 1.02
CA ASP K 56 10.79 10.31 -0.11
C ASP K 56 9.40 9.72 -0.31
N VAL K 57 8.82 9.97 -1.46
CA VAL K 57 7.46 9.52 -1.80
C VAL K 57 7.59 8.36 -2.78
N THR K 58 6.85 7.28 -2.51
CA THR K 58 6.94 6.06 -3.31
C THR K 58 5.58 5.76 -3.92
N PRO K 59 5.30 6.28 -5.11
CA PRO K 59 4.01 6.00 -5.75
C PRO K 59 3.94 4.58 -6.28
N ALA K 60 2.73 4.19 -6.65
CA ALA K 60 2.48 2.87 -7.21
C ALA K 60 2.92 2.82 -8.67
N ASN K 61 3.06 1.59 -9.18
CA ASN K 61 3.51 1.37 -10.55
C ASN K 61 2.31 1.00 -11.39
N VAL K 62 1.61 2.00 -11.89
CA VAL K 62 0.39 1.80 -12.69
C VAL K 62 0.57 2.46 -14.04
N GLY K 63 0.39 1.68 -15.10
CA GLY K 63 0.20 2.22 -16.44
C GLY K 63 1.45 2.87 -17.02
N ILE K 64 1.22 3.98 -17.73
CA ILE K 64 2.29 4.79 -18.30
C ILE K 64 2.25 6.12 -17.56
N VAL K 65 3.26 6.38 -16.74
CA VAL K 65 3.27 7.57 -15.91
C VAL K 65 3.62 8.78 -16.77
N LYS K 66 2.89 9.87 -16.56
CA LYS K 66 3.13 11.09 -17.32
C LYS K 66 3.71 12.22 -16.49
N GLY K 67 3.58 12.18 -15.17
CA GLY K 67 4.12 13.25 -14.36
C GLY K 67 3.46 13.30 -13.00
N PHE K 68 3.88 14.28 -12.22
CA PHE K 68 3.48 14.42 -10.83
C PHE K 68 3.11 15.86 -10.54
N LEU K 69 1.99 16.06 -9.86
CA LEU K 69 1.57 17.37 -9.40
C LEU K 69 1.86 17.46 -7.90
N VAL K 70 2.62 18.47 -7.51
CA VAL K 70 3.06 18.64 -6.13
C VAL K 70 2.49 19.95 -5.63
N LYS K 71 1.57 19.87 -4.69
CA LYS K 71 0.98 21.05 -4.06
C LYS K 71 1.65 21.25 -2.71
N VAL K 72 2.25 22.41 -2.51
CA VAL K 72 2.95 22.71 -1.26
C VAL K 72 2.25 23.87 -0.57
N THR K 73 1.84 23.66 0.67
CA THR K 73 1.21 24.67 1.49
C THR K 73 2.13 24.97 2.66
N ALA K 74 2.18 26.22 3.11
CA ALA K 74 3.09 26.60 4.18
C ALA K 74 2.44 27.67 5.05
N ALA K 75 3.08 27.92 6.19
CA ALA K 75 2.63 28.97 7.11
C ALA K 75 3.86 29.55 7.79
N ILE K 76 4.11 30.83 7.56
CA ILE K 76 5.32 31.51 8.05
C ILE K 76 4.89 32.52 9.10
N LYS K 77 5.46 32.40 10.30
CA LYS K 77 5.22 33.32 11.39
C LYS K 77 6.43 34.22 11.56
N ASN K 78 6.20 35.52 11.68
CA ASN K 78 7.26 36.50 11.90
C ASN K 78 7.19 36.92 13.36
N ASN K 79 8.14 36.42 14.15
CA ASN K 79 8.19 36.71 15.57
C ASN K 79 9.10 37.88 15.91
N HIS K 80 9.42 38.73 14.93
CA HIS K 80 10.22 39.91 15.20
C HIS K 80 9.40 40.94 15.97
N ALA K 81 10.09 41.84 16.65
CA ALA K 81 9.41 42.82 17.48
C ALA K 81 8.77 43.92 16.64
N THR K 82 9.53 44.56 15.77
CA THR K 82 9.05 45.70 15.00
C THR K 82 9.18 45.53 13.49
N GLU K 83 10.24 44.91 13.01
CA GLU K 83 10.53 44.93 11.59
C GLU K 83 9.81 43.80 10.86
N ALA K 84 9.50 44.05 9.59
CA ALA K 84 8.78 43.13 8.73
C ALA K 84 9.70 42.59 7.64
N VAL K 85 9.24 41.53 6.97
CA VAL K 85 9.96 40.94 5.85
C VAL K 85 9.08 41.01 4.62
N ALA K 86 9.71 40.90 3.46
CA ALA K 86 9.02 41.01 2.18
C ALA K 86 9.47 39.89 1.26
N LEU K 87 8.63 39.60 0.27
CA LEU K 87 8.87 38.51 -0.66
C LEU K 87 10.09 38.77 -1.53
N THR K 88 10.77 37.70 -1.91
CA THR K 88 11.82 37.78 -2.90
C THR K 88 11.22 37.61 -4.29
N ASP K 89 12.06 37.73 -5.32
CA ASP K 89 11.54 37.64 -6.68
C ASP K 89 11.20 36.22 -7.08
N PHE K 90 11.87 35.23 -6.49
CA PHE K 90 11.52 33.85 -6.79
C PHE K 90 10.35 33.38 -5.95
N GLY K 91 10.18 33.96 -4.77
CA GLY K 91 8.95 33.88 -4.02
C GLY K 91 8.62 32.52 -3.47
N PRO K 92 7.36 32.09 -3.65
CA PRO K 92 6.95 30.76 -3.16
C PRO K 92 7.47 29.61 -3.98
N ALA K 93 8.19 29.85 -5.08
CA ALA K 93 8.81 28.77 -5.82
C ALA K 93 10.02 28.18 -5.10
N ASN K 94 10.52 28.85 -4.06
CA ASN K 94 11.58 28.33 -3.22
C ASN K 94 11.05 27.52 -2.05
N LEU K 95 9.82 27.02 -2.13
CA LEU K 95 9.31 26.13 -1.09
C LEU K 95 9.90 24.74 -1.22
N VAL K 96 9.83 24.17 -2.42
CA VAL K 96 10.60 22.99 -2.77
C VAL K 96 11.99 23.45 -3.17
N GLN K 97 13.02 22.92 -2.50
CA GLN K 97 14.39 23.29 -2.80
C GLN K 97 15.03 22.39 -3.84
N ARG K 98 14.60 21.14 -3.91
CA ARG K 98 15.26 20.13 -4.74
C ARG K 98 14.29 18.97 -4.90
N VAL K 99 14.13 18.49 -6.13
CA VAL K 99 13.22 17.40 -6.41
C VAL K 99 13.92 16.40 -7.32
N ILE K 100 13.90 15.12 -6.94
CA ILE K 100 14.51 14.05 -7.73
C ILE K 100 13.45 12.97 -7.94
N TYR K 101 13.31 12.54 -9.19
CA TYR K 101 12.50 11.38 -9.53
C TYR K 101 13.40 10.21 -9.90
N TYR K 102 12.99 9.01 -9.51
CA TYR K 102 13.70 7.79 -9.87
C TYR K 102 12.77 6.82 -10.57
N ASP K 103 13.33 6.09 -11.53
CA ASP K 103 12.64 5.11 -12.35
C ASP K 103 12.28 3.90 -11.49
N PRO K 104 11.43 3.00 -11.98
CA PRO K 104 11.41 1.64 -11.40
C PRO K 104 12.75 0.92 -11.46
N ASP K 105 13.60 1.23 -12.43
CA ASP K 105 14.91 0.62 -12.56
C ASP K 105 16.01 1.45 -11.88
N ASN K 106 15.61 2.35 -10.96
CA ASN K 106 16.51 3.24 -10.21
C ASN K 106 17.33 4.13 -11.14
N GLN K 107 16.71 4.60 -12.21
CA GLN K 107 17.32 5.56 -13.12
C GLN K 107 16.78 6.95 -12.82
N ARG K 108 17.68 7.87 -12.53
CA ARG K 108 17.32 9.26 -12.30
C ARG K 108 16.74 9.86 -13.58
N HIS K 109 15.69 10.67 -13.43
CA HIS K 109 15.21 11.46 -14.55
C HIS K 109 15.40 12.96 -14.33
N THR K 110 14.71 13.55 -13.36
CA THR K 110 14.76 14.99 -13.16
C THR K 110 15.46 15.27 -11.85
N GLU K 111 16.51 16.07 -11.88
CA GLU K 111 17.32 16.33 -10.70
C GLU K 111 17.61 17.82 -10.59
N THR K 112 16.56 18.63 -10.64
CA THR K 112 16.69 20.07 -10.65
C THR K 112 16.20 20.65 -9.31
N SER K 113 16.24 21.97 -9.22
CA SER K 113 15.79 22.69 -8.04
C SER K 113 14.33 23.09 -8.21
N GLY K 114 13.82 23.87 -7.27
CA GLY K 114 12.43 24.26 -7.30
C GLY K 114 12.12 25.46 -8.16
N TRP K 115 13.00 26.46 -8.16
CA TRP K 115 12.78 27.63 -9.01
C TRP K 115 12.99 27.29 -10.48
N HIS K 116 13.85 26.32 -10.79
CA HIS K 116 14.04 25.95 -12.17
C HIS K 116 12.89 25.10 -12.69
N LEU K 117 12.30 24.26 -11.83
CA LEU K 117 11.13 23.50 -12.21
C LEU K 117 9.93 24.42 -12.47
N HIS K 118 9.82 25.51 -11.71
CA HIS K 118 8.71 26.44 -11.90
C HIS K 118 8.82 27.21 -13.21
N PHE K 119 10.03 27.64 -13.57
CA PHE K 119 10.21 28.42 -14.80
C PHE K 119 10.02 27.57 -16.04
N VAL K 120 10.35 26.28 -15.97
CA VAL K 120 10.09 25.38 -17.09
C VAL K 120 8.60 25.11 -17.20
N ASN K 121 7.88 25.13 -16.08
CA ASN K 121 6.42 25.04 -16.11
C ASN K 121 5.81 26.27 -16.78
N THR K 122 6.40 27.45 -16.53
CA THR K 122 5.97 28.66 -17.21
C THR K 122 6.28 28.60 -18.70
N ALA K 123 7.45 28.09 -19.07
CA ALA K 123 7.86 28.11 -20.47
C ALA K 123 7.11 27.08 -21.30
N LYS K 124 6.64 26.00 -20.69
CA LYS K 124 5.88 25.01 -21.44
C LYS K 124 4.44 25.42 -21.66
N GLN K 125 3.91 26.30 -20.80
CA GLN K 125 2.53 26.75 -20.91
C GLN K 125 2.37 27.93 -21.87
N GLY K 126 3.26 28.92 -21.78
CA GLY K 126 3.11 30.16 -22.51
C GLY K 126 2.66 31.31 -21.66
N ALA K 127 2.63 31.14 -20.35
CA ALA K 127 2.13 32.11 -19.39
C ALA K 127 2.68 31.72 -18.02
N PRO K 128 2.66 32.62 -17.03
CA PRO K 128 3.03 32.22 -15.68
C PRO K 128 2.15 31.09 -15.16
N PHE K 129 2.81 30.08 -14.59
CA PHE K 129 2.20 28.76 -14.39
C PHE K 129 1.08 28.81 -13.35
N LEU K 130 -0.10 28.34 -13.76
CA LEU K 130 -1.31 28.26 -12.94
C LEU K 130 -1.71 29.61 -12.37
N SER K 131 -1.55 30.66 -13.17
CA SER K 131 -1.92 32.00 -12.77
C SER K 131 -3.22 32.40 -13.45
N SER K 132 -3.80 33.49 -12.97
CA SER K 132 -5.00 34.07 -13.56
C SER K 132 -4.68 35.47 -14.04
N MET K 133 -5.00 35.74 -15.30
CA MET K 133 -4.74 37.05 -15.87
C MET K 133 -5.85 38.03 -15.49
N VAL K 134 -5.46 39.28 -15.29
CA VAL K 134 -6.42 40.33 -15.00
C VAL K 134 -7.11 40.73 -16.29
N THR K 135 -8.45 40.71 -16.28
CA THR K 135 -9.25 41.06 -17.44
C THR K 135 -10.18 42.22 -17.09
N ASP K 136 -10.93 42.67 -18.09
CA ASP K 136 -11.88 43.77 -17.95
C ASP K 136 -13.30 43.30 -17.71
N SER K 137 -13.49 42.00 -17.51
CA SER K 137 -14.83 41.44 -17.46
C SER K 137 -15.53 41.83 -16.16
N PRO K 138 -16.83 42.13 -16.22
CA PRO K 138 -17.57 42.41 -14.98
C PRO K 138 -18.01 41.17 -14.24
N ILE K 139 -18.06 40.02 -14.92
CA ILE K 139 -18.25 38.75 -14.23
C ILE K 139 -17.01 38.44 -13.41
N LYS K 140 -17.21 38.09 -12.14
CA LYS K 140 -16.11 37.98 -11.18
C LYS K 140 -15.30 36.71 -11.42
N TYR K 141 -14.50 36.74 -12.48
CA TYR K 141 -13.39 35.83 -12.63
C TYR K 141 -12.19 36.38 -11.86
N GLY K 142 -11.07 35.65 -11.90
CA GLY K 142 -9.81 36.16 -11.42
C GLY K 142 -9.24 35.30 -10.30
N ASP K 143 -8.72 35.96 -9.27
CA ASP K 143 -8.09 35.27 -8.15
C ASP K 143 -9.18 34.87 -7.15
N VAL K 144 -9.89 33.80 -7.49
CA VAL K 144 -10.93 33.27 -6.63
C VAL K 144 -10.39 32.22 -5.67
N MET K 145 -9.62 31.27 -6.21
CA MET K 145 -9.26 30.08 -5.47
C MET K 145 -7.87 30.12 -4.84
N ASN K 146 -7.01 31.06 -5.28
CA ASN K 146 -5.62 31.20 -4.83
C ASN K 146 -4.84 29.90 -5.03
N VAL K 147 -4.69 29.52 -6.30
CA VAL K 147 -4.00 28.27 -6.63
C VAL K 147 -2.51 28.39 -6.35
N ILE K 148 -1.91 29.51 -6.73
CA ILE K 148 -0.55 29.87 -6.34
C ILE K 148 -0.62 31.23 -5.70
N ASP K 149 -0.24 31.32 -4.43
CA ASP K 149 -0.49 32.53 -3.66
C ASP K 149 0.56 32.65 -2.56
N ALA K 150 0.89 33.91 -2.22
CA ALA K 150 1.75 34.25 -1.11
C ALA K 150 1.48 35.70 -0.75
N PRO K 151 1.51 36.06 0.52
CA PRO K 151 1.42 37.49 0.87
C PRO K 151 2.67 38.24 0.46
N ALA K 152 2.50 39.54 0.22
CA ALA K 152 3.62 40.36 -0.23
C ALA K 152 4.59 40.66 0.90
N THR K 153 4.07 41.07 2.05
CA THR K 153 4.87 41.26 3.25
C THR K 153 4.22 40.49 4.40
N ILE K 154 5.02 40.20 5.42
CA ILE K 154 4.53 39.66 6.68
C ILE K 154 5.01 40.58 7.78
N ALA K 155 4.08 41.24 8.46
CA ALA K 155 4.41 42.23 9.46
C ALA K 155 4.91 41.56 10.75
N ALA K 156 5.36 42.39 11.68
CA ALA K 156 5.90 41.90 12.94
C ALA K 156 4.76 41.39 13.82
N GLY K 157 4.71 40.07 14.01
CA GLY K 157 3.66 39.44 14.78
C GLY K 157 2.58 38.80 13.95
N ALA K 158 2.66 38.88 12.63
CA ALA K 158 1.63 38.34 11.75
C ALA K 158 2.05 36.98 11.23
N THR K 159 1.15 36.37 10.47
CA THR K 159 1.34 35.03 9.92
C THR K 159 0.81 35.02 8.49
N GLY K 160 1.55 34.40 7.58
CA GLY K 160 1.16 34.34 6.18
C GLY K 160 0.98 32.91 5.72
N GLU K 161 0.03 32.72 4.81
CA GLU K 161 -0.25 31.42 4.22
C GLU K 161 0.26 31.39 2.79
N LEU K 162 1.05 30.36 2.46
CA LEU K 162 1.64 30.21 1.14
C LEU K 162 1.06 28.97 0.48
N THR K 163 0.88 29.06 -0.84
CA THR K 163 0.41 27.93 -1.62
C THR K 163 1.12 27.98 -2.97
N MET K 164 1.61 26.82 -3.42
CA MET K 164 2.40 26.79 -4.64
C MET K 164 2.31 25.39 -5.22
N TYR K 165 2.13 25.30 -6.53
CA TYR K 165 2.00 24.04 -7.24
C TYR K 165 3.19 23.81 -8.14
N TYR K 166 3.68 22.58 -8.19
CA TYR K 166 4.72 22.17 -9.09
C TYR K 166 4.21 21.05 -9.97
N TRP K 167 4.62 21.05 -11.23
CA TRP K 167 4.41 19.93 -12.11
C TRP K 167 5.78 19.32 -12.41
N VAL K 168 6.01 18.11 -11.91
CA VAL K 168 7.21 17.35 -12.23
C VAL K 168 6.92 16.58 -13.51
N PRO K 169 7.57 16.89 -14.63
CA PRO K 169 7.22 16.24 -15.89
C PRO K 169 8.03 14.98 -16.14
N LEU K 170 7.35 13.98 -16.70
CA LEU K 170 8.02 12.82 -17.26
C LEU K 170 7.86 12.78 -18.77
N ALA K 171 6.63 12.71 -19.26
CA ALA K 171 6.38 12.91 -20.68
C ALA K 171 6.54 14.37 -21.03
N TYR K 172 6.83 14.63 -22.31
CA TYR K 172 7.06 16.00 -22.76
C TYR K 172 5.78 16.81 -22.72
N SER K 173 4.73 16.34 -23.41
CA SER K 173 3.46 17.03 -23.43
C SER K 173 2.35 16.00 -23.37
N GLU K 174 1.11 16.47 -23.38
CA GLU K 174 -0.05 15.58 -23.31
C GLU K 174 -0.34 14.89 -24.63
N THR K 175 0.29 15.32 -25.72
CA THR K 175 0.15 14.66 -27.00
C THR K 175 1.44 14.02 -27.49
N ASP K 176 2.55 14.22 -26.79
CA ASP K 176 3.84 13.64 -27.15
C ASP K 176 4.32 12.83 -25.95
N LEU K 177 4.31 11.51 -26.07
CA LEU K 177 4.64 10.61 -24.98
C LEU K 177 6.14 10.35 -24.86
N THR K 178 6.97 11.16 -25.50
CA THR K 178 8.41 11.04 -25.36
C THR K 178 8.82 11.47 -23.97
N GLY K 179 9.50 10.58 -23.25
CA GLY K 179 9.92 10.84 -21.90
C GLY K 179 9.15 10.09 -20.85
N ALA K 180 8.01 9.49 -21.21
CA ALA K 180 7.15 8.85 -20.24
C ALA K 180 7.74 7.52 -19.76
N VAL K 181 7.33 7.12 -18.57
CA VAL K 181 7.83 5.92 -17.91
C VAL K 181 6.75 4.84 -18.00
N LEU K 182 7.12 3.67 -18.49
CA LEU K 182 6.24 2.50 -18.47
C LEU K 182 6.41 1.82 -17.11
N ALA K 183 5.49 2.11 -16.19
CA ALA K 183 5.49 1.45 -14.89
C ALA K 183 4.55 0.26 -14.87
N ASN K 184 4.62 -0.60 -15.88
CA ASN K 184 4.02 -1.92 -15.85
C ASN K 184 5.12 -2.95 -15.97
N VAL K 185 6.21 -2.70 -15.27
CA VAL K 185 7.43 -3.48 -15.38
C VAL K 185 7.62 -4.29 -14.10
N PRO K 186 8.25 -5.45 -14.16
CA PRO K 186 8.46 -6.23 -12.94
C PRO K 186 9.68 -5.81 -12.12
N GLN K 187 10.18 -4.58 -12.25
CA GLN K 187 11.37 -4.25 -11.47
C GLN K 187 11.03 -3.85 -10.03
N SER K 188 10.48 -2.67 -9.83
CA SER K 188 10.39 -2.10 -8.48
C SER K 188 9.55 -0.84 -8.55
N LYS K 189 9.47 -0.13 -7.43
CA LYS K 189 8.62 1.03 -7.32
C LYS K 189 9.41 2.32 -7.58
N GLN K 190 8.76 3.25 -8.28
CA GLN K 190 9.36 4.55 -8.54
C GLN K 190 9.42 5.37 -7.26
N ARG K 191 10.38 6.29 -7.22
CA ARG K 191 10.60 7.14 -6.06
C ARG K 191 10.57 8.60 -6.49
N LEU K 192 10.13 9.46 -5.58
CA LEU K 192 10.12 10.91 -5.81
C LEU K 192 10.63 11.58 -4.55
N LYS K 193 11.91 11.91 -4.53
CA LYS K 193 12.54 12.55 -3.39
C LYS K 193 12.29 14.05 -3.44
N LEU K 194 12.03 14.65 -2.29
CA LEU K 194 11.63 16.05 -2.22
C LEU K 194 12.33 16.72 -1.04
N GLU K 195 13.24 17.64 -1.34
CA GLU K 195 13.81 18.53 -0.33
C GLU K 195 12.98 19.79 -0.27
N PHE K 196 12.57 20.16 0.94
CA PHE K 196 11.79 21.36 1.16
C PHE K 196 12.65 22.43 1.80
N ALA K 197 12.09 23.63 1.89
CA ALA K 197 12.77 24.72 2.57
C ALA K 197 12.77 24.48 4.08
N ASN K 198 13.61 25.23 4.78
CA ASN K 198 13.69 25.15 6.23
C ASN K 198 13.99 26.53 6.77
N ASN K 199 14.24 26.62 8.07
CA ASN K 199 14.46 27.91 8.70
C ASN K 199 15.84 28.49 8.45
N ASN K 200 16.73 27.74 7.80
CA ASN K 200 18.05 28.23 7.43
C ASN K 200 18.15 28.57 5.95
N THR K 201 17.08 28.41 5.19
CA THR K 201 17.10 28.65 3.76
C THR K 201 16.11 29.73 3.34
N ALA K 202 14.88 29.68 3.84
CA ALA K 202 13.79 30.47 3.32
C ALA K 202 13.76 31.91 3.80
N PHE K 203 14.64 32.31 4.71
CA PHE K 203 14.65 33.67 5.24
C PHE K 203 16.05 34.25 5.14
N ALA K 204 16.18 35.33 4.38
CA ALA K 204 17.46 35.98 4.14
C ALA K 204 17.49 37.34 4.82
N ALA K 205 18.64 37.72 5.34
CA ALA K 205 18.78 39.01 5.99
C ALA K 205 18.93 40.12 4.95
N VAL K 206 19.11 41.35 5.44
CA VAL K 206 19.34 42.49 4.56
C VAL K 206 20.76 42.42 4.03
N GLY K 207 20.89 42.36 2.70
CA GLY K 207 22.19 42.26 2.08
C GLY K 207 22.64 40.85 1.80
N ALA K 208 21.87 39.84 2.20
CA ALA K 208 22.23 38.45 1.95
C ALA K 208 21.81 38.06 0.55
N ASN K 209 22.00 36.79 0.19
CA ASN K 209 21.62 36.31 -1.13
C ASN K 209 20.16 35.88 -1.12
N PRO K 210 19.28 36.53 -1.88
CA PRO K 210 17.86 36.14 -1.88
C PRO K 210 17.54 35.07 -2.90
N LEU K 211 18.55 34.32 -3.35
CA LEU K 211 18.41 33.39 -4.46
C LEU K 211 17.44 32.26 -4.15
N GLU K 212 17.65 31.56 -3.03
CA GLU K 212 16.81 30.44 -2.66
C GLU K 212 15.99 30.71 -1.42
N ALA K 213 15.88 31.98 -1.02
CA ALA K 213 15.03 32.38 0.08
C ALA K 213 13.62 32.67 -0.44
N ILE K 214 12.69 32.78 0.50
CA ILE K 214 11.31 33.13 0.20
C ILE K 214 11.00 34.55 0.65
N TYR K 215 11.36 34.88 1.88
CA TYR K 215 11.16 36.23 2.41
C TYR K 215 12.51 36.83 2.77
N GLN K 216 12.59 38.14 2.69
CA GLN K 216 13.85 38.84 2.97
C GLN K 216 13.54 40.19 3.57
N GLY K 217 14.26 40.54 4.62
CA GLY K 217 14.04 41.82 5.27
C GLY K 217 14.74 41.88 6.61
N ALA K 218 14.44 42.94 7.34
CA ALA K 218 15.10 43.21 8.61
C ALA K 218 14.57 42.35 9.75
N GLY K 219 13.50 41.59 9.54
CA GLY K 219 12.96 40.76 10.58
C GLY K 219 13.15 39.28 10.36
N ALA K 220 14.08 38.92 9.47
CA ALA K 220 14.25 37.53 9.05
C ALA K 220 14.92 36.67 10.11
N ALA K 221 15.55 37.26 11.12
CA ALA K 221 16.16 36.47 12.18
C ALA K 221 15.15 35.84 13.11
N ASP K 222 13.88 36.26 13.05
CA ASP K 222 12.83 35.71 13.90
C ASP K 222 11.67 35.13 13.09
N CYS K 223 11.83 34.96 11.78
CA CYS K 223 10.81 34.34 10.96
C CYS K 223 10.98 32.82 11.03
N GLU K 224 9.92 32.13 11.41
CA GLU K 224 9.93 30.69 11.59
C GLU K 224 8.80 30.06 10.80
N PHE K 225 9.05 28.89 10.24
CA PHE K 225 7.98 28.08 9.70
C PHE K 225 7.13 27.52 10.83
N GLU K 226 5.81 27.61 10.68
CA GLU K 226 4.94 26.89 11.59
C GLU K 226 4.63 25.49 11.11
N GLU K 227 4.33 25.34 9.81
CA GLU K 227 4.08 24.04 9.22
C GLU K 227 4.28 24.14 7.72
N ILE K 228 4.66 23.02 7.12
CA ILE K 228 4.59 22.83 5.67
C ILE K 228 3.81 21.56 5.43
N SER K 229 2.83 21.62 4.54
CA SER K 229 2.09 20.45 4.10
C SER K 229 2.30 20.27 2.60
N TYR K 230 2.41 19.01 2.17
CA TYR K 230 2.51 18.73 0.75
C TYR K 230 1.51 17.64 0.38
N THR K 231 1.13 17.63 -0.91
CA THR K 231 0.31 16.57 -1.47
C THR K 231 0.86 16.24 -2.85
N VAL K 232 0.98 14.96 -3.15
CA VAL K 232 1.53 14.47 -4.41
C VAL K 232 0.44 13.74 -5.16
N TYR K 233 0.19 14.15 -6.41
CA TYR K 233 -0.71 13.47 -7.32
C TYR K 233 0.09 12.84 -8.44
N GLN K 234 -0.48 11.80 -9.05
CA GLN K 234 0.20 11.06 -10.10
C GLN K 234 -0.70 10.99 -11.32
N SER K 235 -0.24 11.54 -12.43
CA SER K 235 -0.95 11.48 -13.70
C SER K 235 -0.40 10.31 -14.48
N TYR K 236 -1.25 9.34 -14.79
CA TYR K 236 -0.83 8.18 -15.56
C TYR K 236 -1.94 7.81 -16.53
N LEU K 237 -1.60 6.92 -17.45
CA LEU K 237 -2.51 6.41 -18.46
C LEU K 237 -2.80 4.95 -18.15
N ASP K 238 -3.97 4.67 -17.62
CA ASP K 238 -4.42 3.29 -17.50
C ASP K 238 -5.22 2.96 -18.75
N GLN K 239 -5.80 1.75 -18.77
CA GLN K 239 -6.58 1.20 -19.88
C GLN K 239 -5.74 1.14 -21.16
N LEU K 240 -4.58 0.51 -21.05
CA LEU K 240 -3.66 0.43 -22.18
C LEU K 240 -4.15 -0.58 -23.21
N PRO K 241 -4.00 -0.28 -24.49
CA PRO K 241 -4.48 -1.22 -25.51
C PRO K 241 -3.57 -2.42 -25.65
N VAL K 242 -4.18 -3.57 -25.88
CA VAL K 242 -3.49 -4.85 -26.03
C VAL K 242 -3.74 -5.36 -27.44
N GLY K 243 -2.66 -5.65 -28.17
CA GLY K 243 -2.75 -6.17 -29.51
C GLY K 243 -2.67 -7.67 -29.55
N GLN K 244 -2.33 -8.20 -30.73
CA GLN K 244 -2.19 -9.63 -30.92
C GLN K 244 -0.92 -10.19 -30.32
N ASN K 245 0.02 -9.35 -29.89
CA ASN K 245 1.29 -9.81 -29.37
C ASN K 245 1.63 -9.24 -28.00
N GLY K 246 0.76 -8.43 -27.41
CA GLY K 246 1.02 -7.85 -26.12
C GLY K 246 0.57 -6.40 -26.04
N TYR K 247 1.21 -5.62 -25.17
CA TYR K 247 0.93 -4.20 -25.10
C TYR K 247 1.44 -3.49 -26.35
N ILE K 248 0.56 -2.76 -27.02
CA ILE K 248 0.96 -1.87 -28.11
C ILE K 248 1.60 -0.65 -27.45
N LEU K 249 2.89 -0.46 -27.65
CA LEU K 249 3.64 0.58 -26.95
C LEU K 249 4.53 1.33 -27.91
N PRO K 250 4.71 2.64 -27.69
CA PRO K 250 5.74 3.39 -28.41
C PRO K 250 7.12 3.13 -27.81
N LEU K 251 7.93 2.35 -28.52
CA LEU K 251 9.18 1.85 -27.95
C LEU K 251 10.29 2.90 -27.90
N ILE K 252 10.25 3.90 -28.77
CA ILE K 252 11.24 4.97 -28.71
C ILE K 252 10.83 6.04 -27.71
N ASP K 253 9.53 6.29 -27.56
CA ASP K 253 9.06 7.30 -26.61
C ASP K 253 9.29 6.86 -25.18
N LEU K 254 9.18 5.56 -24.90
CA LEU K 254 9.35 5.07 -23.54
C LEU K 254 10.81 4.84 -23.20
N SER K 255 11.64 4.52 -24.18
CA SER K 255 13.08 4.41 -23.98
C SER K 255 13.79 5.72 -24.29
N THR K 256 13.29 6.81 -23.73
CA THR K 256 13.86 8.14 -23.90
C THR K 256 13.55 8.90 -22.62
N LEU K 257 14.53 9.64 -22.12
CA LEU K 257 14.36 10.39 -20.89
C LEU K 257 14.20 11.86 -21.22
N TYR K 258 13.18 12.47 -20.65
CA TYR K 258 13.00 13.92 -20.69
C TYR K 258 13.36 14.45 -19.30
N ASN K 259 14.49 15.13 -19.22
CA ASN K 259 15.13 15.41 -17.95
C ASN K 259 15.27 16.91 -17.73
N LEU K 260 15.32 17.31 -16.46
CA LEU K 260 15.57 18.69 -16.07
C LEU K 260 16.74 18.71 -15.09
N GLU K 261 17.74 19.52 -15.39
CA GLU K 261 18.98 19.51 -14.65
C GLU K 261 19.47 20.93 -14.48
N ASN K 262 19.99 21.26 -13.31
CA ASN K 262 20.53 22.58 -13.04
C ASN K 262 22.02 22.47 -12.69
N SER K 263 22.75 23.55 -12.94
CA SER K 263 24.19 23.59 -12.73
C SER K 263 24.57 24.97 -12.20
N ALA K 264 25.86 25.24 -12.12
CA ALA K 264 26.36 26.52 -11.65
C ALA K 264 27.79 26.69 -12.13
N GLN K 265 28.09 27.87 -12.69
CA GLN K 265 29.43 28.22 -13.12
C GLN K 265 29.81 29.55 -12.52
N ALA K 266 31.11 29.76 -12.33
CA ALA K 266 31.61 31.02 -11.77
C ALA K 266 32.89 31.39 -12.50
N GLY K 267 33.48 32.51 -12.07
CA GLY K 267 34.73 32.96 -12.66
C GLY K 267 34.52 33.96 -13.78
N LEU K 268 33.79 35.03 -13.52
CA LEU K 268 33.50 36.04 -14.53
C LEU K 268 34.34 37.28 -14.27
N THR K 269 34.68 37.96 -15.35
CA THR K 269 35.41 39.22 -15.34
C THR K 269 34.76 40.14 -16.36
N PRO K 270 34.74 41.45 -16.10
CA PRO K 270 33.97 42.37 -16.97
C PRO K 270 34.52 42.46 -18.38
N ASN K 271 33.59 42.56 -19.34
CA ASN K 271 33.85 42.78 -20.76
C ASN K 271 34.64 41.63 -21.39
N VAL K 272 34.50 40.43 -20.85
CA VAL K 272 35.11 39.22 -21.40
C VAL K 272 34.02 38.19 -21.59
N ASP K 273 33.99 37.56 -22.75
CA ASP K 273 32.99 36.53 -23.06
C ASP K 273 33.20 35.32 -22.15
N PHE K 274 32.25 35.11 -21.24
CA PHE K 274 32.22 33.93 -20.38
C PHE K 274 31.34 32.89 -21.05
N VAL K 275 31.91 31.71 -21.31
CA VAL K 275 31.26 30.69 -22.13
C VAL K 275 30.96 29.48 -21.26
N VAL K 276 29.70 29.07 -21.26
CA VAL K 276 29.26 27.84 -20.61
C VAL K 276 29.02 26.83 -21.72
N GLN K 277 29.89 25.83 -21.81
CA GLN K 277 29.82 24.87 -22.89
C GLN K 277 28.74 23.84 -22.62
N TYR K 278 27.93 23.56 -23.64
CA TYR K 278 27.02 22.43 -23.58
C TYR K 278 27.83 21.15 -23.65
N ALA K 279 28.01 20.49 -22.51
CA ALA K 279 28.62 19.17 -22.47
C ALA K 279 27.61 18.12 -22.90
N ASN K 280 27.91 16.85 -22.59
CA ASN K 280 26.85 15.88 -22.34
C ASN K 280 25.91 15.59 -23.49
N LEU K 281 26.27 14.69 -24.42
CA LEU K 281 25.68 14.63 -25.76
C LEU K 281 24.18 14.32 -25.72
N TYR K 282 23.43 15.35 -25.33
CA TYR K 282 21.99 15.35 -25.18
C TYR K 282 21.38 16.21 -26.27
N ARG K 283 20.05 16.18 -26.35
CA ARG K 283 19.31 17.06 -27.26
C ARG K 283 18.68 18.16 -26.43
N TYR K 284 19.39 19.28 -26.27
CA TYR K 284 18.97 20.34 -25.37
C TYR K 284 17.80 21.11 -25.94
N LEU K 285 16.71 21.21 -25.17
CA LEU K 285 15.49 21.87 -25.62
C LEU K 285 15.37 23.30 -25.13
N SER K 286 15.88 23.62 -23.95
CA SER K 286 15.89 25.00 -23.50
C SER K 286 17.05 25.21 -22.54
N THR K 287 17.33 26.47 -22.27
CA THR K 287 18.41 26.88 -21.38
C THR K 287 17.89 28.03 -20.54
N ILE K 288 18.19 28.03 -19.25
CA ILE K 288 17.87 29.15 -18.38
C ILE K 288 19.15 29.56 -17.67
N ALA K 289 19.53 30.81 -17.84
CA ALA K 289 20.71 31.37 -17.20
C ALA K 289 20.26 32.41 -16.19
N VAL K 290 20.69 32.25 -14.95
CA VAL K 290 20.37 33.19 -13.89
C VAL K 290 21.65 33.87 -13.48
N PHE K 291 21.80 35.14 -13.83
CA PHE K 291 22.98 35.90 -13.46
C PHE K 291 22.83 36.36 -12.02
N ASP K 292 23.45 35.62 -11.11
CA ASP K 292 23.54 35.98 -9.70
C ASP K 292 24.81 36.79 -9.52
N ASN K 293 24.68 38.11 -9.62
CA ASN K 293 25.84 39.00 -9.56
C ASN K 293 26.11 39.40 -8.12
N GLY K 294 26.54 38.41 -7.34
CA GLY K 294 26.90 38.62 -5.96
C GLY K 294 25.75 38.96 -5.04
N GLY K 295 24.63 38.26 -5.18
CA GLY K 295 23.45 38.56 -4.40
C GLY K 295 22.60 39.68 -4.94
N SER K 296 22.98 40.28 -6.05
CA SER K 296 22.22 41.36 -6.68
C SER K 296 21.71 40.87 -8.02
N PHE K 297 20.42 41.03 -8.26
CA PHE K 297 19.79 40.63 -9.51
C PHE K 297 19.33 41.89 -10.22
N ASN K 298 19.80 42.07 -11.46
CA ASN K 298 19.58 43.30 -12.19
C ASN K 298 18.86 43.00 -13.50
N ALA K 299 18.04 43.95 -13.94
CA ALA K 299 17.24 43.80 -15.15
C ALA K 299 18.07 44.27 -16.35
N GLY K 300 19.01 43.41 -16.76
CA GLY K 300 19.76 43.61 -17.97
C GLY K 300 20.82 44.69 -17.95
N THR K 301 21.01 45.39 -16.84
CA THR K 301 21.93 46.51 -16.80
C THR K 301 23.35 46.12 -16.45
N ASP K 302 23.64 44.83 -16.33
CA ASP K 302 24.98 44.37 -16.01
C ASP K 302 25.50 43.35 -17.01
N ILE K 303 24.84 43.23 -18.16
CA ILE K 303 25.23 42.31 -19.20
C ILE K 303 25.37 43.08 -20.51
N ASN K 304 26.47 42.87 -21.23
CA ASN K 304 26.63 43.45 -22.54
C ASN K 304 25.77 42.73 -23.56
N TYR K 305 25.94 41.42 -23.71
CA TYR K 305 25.14 40.64 -24.63
C TYR K 305 25.12 39.19 -24.17
N LEU K 306 24.22 38.42 -24.80
CA LEU K 306 24.16 36.98 -24.64
C LEU K 306 24.20 36.37 -26.03
N SER K 307 24.74 35.17 -26.14
CA SER K 307 24.86 34.55 -27.45
C SER K 307 24.86 33.03 -27.30
N GLN K 308 24.83 32.36 -28.44
CA GLN K 308 25.04 30.92 -28.54
C GLN K 308 25.99 30.68 -29.70
N ARG K 309 27.29 30.73 -29.44
CA ARG K 309 28.24 30.51 -30.52
C ARG K 309 28.61 29.05 -30.61
N THR K 310 29.04 28.64 -31.80
CA THR K 310 29.23 27.21 -32.05
C THR K 310 30.59 26.72 -31.56
N ALA K 311 31.67 27.11 -32.22
CA ALA K 311 32.97 26.52 -31.95
C ALA K 311 34.02 27.60 -31.87
N ASN K 312 33.72 28.66 -31.10
CA ASN K 312 34.38 29.98 -31.18
C ASN K 312 34.38 30.49 -32.62
N PHE K 313 33.30 30.23 -33.31
CA PHE K 313 33.28 30.18 -34.76
C PHE K 313 32.18 31.01 -35.39
N SER K 314 30.99 31.03 -34.80
CA SER K 314 29.84 31.73 -35.38
C SER K 314 28.80 31.98 -34.31
N ASP K 315 28.52 33.24 -34.02
CA ASP K 315 27.38 33.58 -33.17
C ASP K 315 26.08 33.32 -33.92
N THR K 316 25.11 32.72 -33.23
CA THR K 316 23.83 32.42 -33.86
C THR K 316 22.67 33.24 -33.32
N ARG K 317 22.72 33.69 -32.06
CA ARG K 317 21.72 34.62 -31.54
C ARG K 317 22.36 35.64 -30.62
N LYS K 318 23.43 36.28 -31.07
CA LYS K 318 24.08 37.31 -30.28
C LYS K 318 23.19 38.54 -30.18
N LEU K 319 22.64 38.80 -29.00
CA LEU K 319 21.66 39.86 -28.77
C LEU K 319 21.99 40.57 -27.47
N ASP K 320 21.67 41.86 -27.39
CA ASP K 320 21.78 42.58 -26.14
C ASP K 320 20.61 42.18 -25.23
N PRO K 321 20.68 42.42 -23.90
CA PRO K 321 19.66 41.85 -23.00
C PRO K 321 18.24 42.35 -23.18
N LYS K 322 18.01 43.45 -23.90
CA LYS K 322 16.63 43.86 -24.14
C LYS K 322 16.03 43.17 -25.36
N THR K 323 16.84 42.86 -26.38
CA THR K 323 16.35 42.07 -27.51
C THR K 323 16.25 40.60 -27.14
N TRP K 324 17.09 40.14 -26.21
CA TRP K 324 16.99 38.77 -25.71
C TRP K 324 15.68 38.57 -24.97
N ALA K 325 15.28 39.54 -24.16
CA ALA K 325 13.99 39.49 -23.49
C ALA K 325 12.83 39.70 -24.45
N ALA K 326 13.07 40.34 -25.60
CA ALA K 326 12.02 40.50 -26.61
C ALA K 326 11.68 39.18 -27.26
N GLN K 327 12.62 38.26 -27.36
CA GLN K 327 12.31 36.92 -27.85
C GLN K 327 11.63 36.06 -26.79
N THR K 328 11.71 36.47 -25.51
CA THR K 328 11.03 35.76 -24.45
C THR K 328 9.57 36.16 -24.35
N ARG K 329 9.28 37.46 -24.56
CA ARG K 329 7.91 37.94 -24.55
C ARG K 329 7.11 37.38 -25.72
N ARG K 330 7.79 37.02 -26.80
CA ARG K 330 7.18 36.28 -27.90
C ARG K 330 6.77 34.87 -27.47
N ARG K 331 7.37 34.34 -26.41
CA ARG K 331 7.21 32.94 -26.03
C ARG K 331 6.34 32.74 -24.80
N ILE K 332 6.56 33.49 -23.71
CA ILE K 332 5.80 33.30 -22.48
C ILE K 332 4.93 34.50 -22.15
N ALA K 333 4.82 35.46 -23.07
CA ALA K 333 3.90 36.60 -23.02
C ALA K 333 4.13 37.54 -21.83
N THR K 334 5.29 37.45 -21.20
CA THR K 334 5.71 38.34 -20.12
C THR K 334 7.22 38.23 -20.01
N ASP K 335 7.78 38.76 -18.93
CA ASP K 335 9.20 38.62 -18.65
C ASP K 335 9.41 37.73 -17.43
N PHE K 336 10.47 36.93 -17.48
CA PHE K 336 10.98 36.25 -16.30
C PHE K 336 11.53 37.30 -15.33
N PRO K 337 11.66 36.96 -14.01
CA PRO K 337 12.16 37.96 -13.05
C PRO K 337 13.59 38.43 -13.29
N LYS K 338 14.05 39.39 -12.47
CA LYS K 338 15.32 40.06 -12.69
C LYS K 338 16.49 39.09 -12.59
N GLY K 339 17.33 39.09 -13.62
CA GLY K 339 18.46 38.20 -13.68
C GLY K 339 18.21 36.89 -14.39
N VAL K 340 16.96 36.57 -14.69
CA VAL K 340 16.60 35.31 -15.33
C VAL K 340 16.53 35.53 -16.83
N TYR K 341 17.20 34.66 -17.58
CA TYR K 341 17.27 34.78 -19.03
C TYR K 341 16.98 33.41 -19.64
N TYR K 342 16.00 33.37 -20.54
CA TYR K 342 15.52 32.14 -21.11
C TYR K 342 15.99 32.02 -22.55
N CYS K 343 16.31 30.80 -22.96
CA CYS K 343 16.75 30.53 -24.32
C CYS K 343 15.99 29.32 -24.83
N ASP K 344 15.19 29.51 -25.87
CA ASP K 344 14.32 28.48 -26.40
C ASP K 344 14.97 27.83 -27.60
N ASN K 345 15.03 26.49 -27.59
CA ASN K 345 15.57 25.73 -28.71
C ASN K 345 14.69 24.53 -29.01
N ARG K 346 13.37 24.68 -28.88
CA ARG K 346 12.49 23.52 -29.01
C ARG K 346 12.28 23.12 -30.45
N ASP K 347 12.32 24.07 -31.38
CA ASP K 347 12.14 23.73 -32.78
C ASP K 347 13.37 23.04 -33.36
N LYS K 348 14.55 23.53 -33.00
CA LYS K 348 15.82 22.98 -33.48
C LYS K 348 16.67 22.73 -32.25
N PRO K 349 16.61 21.51 -31.68
CA PRO K 349 17.32 21.25 -30.42
C PRO K 349 18.83 21.20 -30.58
N ILE K 350 19.52 21.74 -29.59
CA ILE K 350 20.98 21.77 -29.62
C ILE K 350 21.50 20.36 -29.37
N TYR K 351 22.17 19.80 -30.37
CA TYR K 351 22.64 18.42 -30.34
C TYR K 351 24.11 18.46 -30.73
N THR K 352 24.97 18.70 -29.76
CA THR K 352 26.41 18.52 -29.96
C THR K 352 26.70 17.05 -30.20
N LEU K 353 27.75 16.78 -30.96
CA LEU K 353 28.03 15.41 -31.34
C LEU K 353 29.45 14.93 -31.09
N GLN K 354 30.43 15.83 -30.94
CA GLN K 354 31.66 15.56 -30.22
C GLN K 354 31.70 16.53 -29.06
N TYR K 355 32.41 16.15 -27.98
CA TYR K 355 32.38 16.95 -26.76
C TYR K 355 33.07 18.29 -27.00
N GLY K 356 32.36 19.38 -26.67
CA GLY K 356 32.77 20.72 -27.06
C GLY K 356 32.39 21.12 -28.46
N ASN K 357 31.10 21.29 -28.74
CA ASN K 357 30.63 21.66 -30.06
C ASN K 357 29.74 22.90 -30.11
N VAL K 358 29.00 23.23 -29.04
CA VAL K 358 28.14 24.42 -28.97
C VAL K 358 28.24 24.97 -27.55
N GLY K 359 28.42 26.29 -27.41
CA GLY K 359 28.51 26.93 -26.11
C GLY K 359 27.48 28.03 -25.92
N PHE K 360 27.34 28.45 -24.67
CA PHE K 360 26.44 29.54 -24.28
C PHE K 360 27.27 30.68 -23.70
N VAL K 361 27.11 31.87 -24.26
CA VAL K 361 27.98 33.00 -23.96
C VAL K 361 27.18 34.07 -23.21
N VAL K 362 27.80 34.64 -22.18
CA VAL K 362 27.32 35.85 -21.52
C VAL K 362 28.51 36.77 -21.35
N ASN K 363 28.42 37.98 -21.89
CA ASN K 363 29.44 38.98 -21.68
C ASN K 363 28.97 39.96 -20.61
N PRO K 364 29.52 39.92 -19.41
CA PRO K 364 29.04 40.80 -18.35
C PRO K 364 29.58 42.21 -18.52
N LYS K 365 29.02 43.10 -17.71
CA LYS K 365 29.44 44.50 -17.67
C LYS K 365 29.97 44.91 -16.31
N THR K 366 29.42 44.35 -15.24
CA THR K 366 29.85 44.60 -13.88
C THR K 366 29.79 43.27 -13.13
N VAL K 367 30.88 42.91 -12.46
CA VAL K 367 30.96 41.62 -11.78
C VAL K 367 31.36 41.87 -10.34
N ASN K 368 30.52 41.43 -9.40
CA ASN K 368 30.79 41.59 -7.99
C ASN K 368 31.52 40.37 -7.44
N GLN K 369 31.80 40.39 -6.15
CA GLN K 369 32.36 39.21 -5.47
C GLN K 369 31.30 38.12 -5.41
N ASN K 370 31.75 36.87 -5.57
CA ASN K 370 30.91 35.66 -5.58
C ASN K 370 29.85 35.71 -6.67
N ALA K 371 30.17 36.32 -7.80
CA ALA K 371 29.25 36.35 -8.94
C ALA K 371 29.31 35.03 -9.68
N ARG K 372 28.15 34.46 -9.97
CA ARG K 372 28.07 33.15 -10.60
C ARG K 372 27.00 33.20 -11.69
N LEU K 373 26.84 32.07 -12.37
CA LEU K 373 25.89 31.93 -13.46
C LEU K 373 25.20 30.58 -13.30
N LEU K 374 23.92 30.62 -12.98
CA LEU K 374 23.16 29.41 -12.65
C LEU K 374 22.47 28.89 -13.91
N MET K 375 22.91 27.74 -14.40
CA MET K 375 22.36 27.17 -15.62
C MET K 375 21.27 26.18 -15.28
N GLY K 376 20.31 26.06 -16.18
CA GLY K 376 19.26 25.09 -16.04
C GLY K 376 18.86 24.55 -17.40
N TYR K 377 18.93 23.25 -17.57
CA TYR K 377 18.71 22.62 -18.86
C TYR K 377 17.49 21.72 -18.82
N GLU K 378 16.82 21.60 -19.95
CA GLU K 378 15.96 20.47 -20.21
C GLU K 378 16.40 19.85 -21.52
N TYR K 379 16.28 18.53 -21.61
CA TYR K 379 16.86 17.82 -22.75
C TYR K 379 16.20 16.47 -22.92
N PHE K 380 16.35 15.93 -24.12
CA PHE K 380 16.05 14.55 -24.42
C PHE K 380 17.34 13.74 -24.44
N THR K 381 17.27 12.49 -23.99
CA THR K 381 18.42 11.60 -24.10
C THR K 381 17.91 10.16 -24.17
N SER K 382 18.73 9.30 -24.76
CA SER K 382 18.48 7.88 -24.74
C SER K 382 19.29 7.24 -23.63
N ARG K 383 18.80 6.13 -23.11
CA ARG K 383 19.44 5.46 -22.00
C ARG K 383 20.23 4.25 -22.50
N THR K 384 20.73 3.46 -21.57
CA THR K 384 21.32 2.17 -21.86
C THR K 384 20.23 1.11 -21.83
N GLU K 385 20.64 -0.17 -21.82
CA GLU K 385 19.81 -1.39 -21.95
C GLU K 385 18.74 -1.22 -23.04
N LEU K 386 19.24 -0.92 -24.23
CA LEU K 386 18.39 -0.67 -25.40
C LEU K 386 17.93 -2.01 -25.95
N VAL K 387 16.80 -2.49 -25.44
CA VAL K 387 16.23 -3.78 -25.81
C VAL K 387 14.83 -3.52 -26.36
N ASN K 388 14.20 -2.45 -25.85
CA ASN K 388 12.84 -1.99 -26.21
C ASN K 388 11.80 -3.07 -25.93
N ALA K 389 11.62 -3.37 -24.64
CA ALA K 389 10.59 -4.26 -24.10
C ALA K 389 10.72 -5.68 -24.65
N GLY K 390 11.84 -6.32 -24.32
CA GLY K 390 12.06 -7.70 -24.69
C GLY K 390 11.33 -8.68 -23.79
N VAL L 4 -24.28 21.36 -62.04
CA VAL L 4 -23.20 20.44 -61.74
C VAL L 4 -22.08 21.29 -61.14
N GLN L 5 -20.85 20.80 -61.13
CA GLN L 5 -19.74 21.52 -60.53
C GLN L 5 -19.14 22.51 -61.52
N GLN L 6 -18.96 23.74 -61.05
CA GLN L 6 -18.33 24.79 -61.84
C GLN L 6 -17.26 25.46 -60.99
N LEU L 7 -16.04 25.50 -61.50
CA LEU L 7 -14.93 26.10 -60.77
C LEU L 7 -14.80 27.57 -61.11
N THR L 8 -14.39 28.36 -60.11
CA THR L 8 -14.05 29.75 -60.32
C THR L 8 -12.74 29.84 -61.09
N PRO L 9 -12.42 30.99 -61.66
CA PRO L 9 -11.08 31.17 -62.26
C PRO L 9 -9.93 31.04 -61.28
N ALA L 10 -10.17 31.25 -59.99
CA ALA L 10 -9.12 30.99 -58.99
C ALA L 10 -8.92 29.51 -58.76
N GLN L 11 -9.98 28.72 -58.86
CA GLN L 11 -9.85 27.28 -58.67
C GLN L 11 -9.38 26.58 -59.93
N GLN L 12 -9.63 27.16 -61.11
CA GLN L 12 -9.07 26.60 -62.33
C GLN L 12 -7.56 26.83 -62.39
N ALA L 13 -7.09 27.95 -61.86
CA ALA L 13 -5.66 28.21 -61.81
C ALA L 13 -4.96 27.31 -60.79
N ALA L 14 -5.66 26.92 -59.74
CA ALA L 14 -5.07 26.06 -58.72
C ALA L 14 -4.94 24.61 -59.18
N LEU L 15 -5.71 24.19 -60.17
CA LEU L 15 -5.55 22.86 -60.74
C LEU L 15 -4.51 22.80 -61.84
N ARG L 16 -4.24 23.90 -62.52
CA ARG L 16 -3.18 23.93 -63.51
C ARG L 16 -1.81 24.23 -62.91
N ASN L 17 -1.76 24.62 -61.64
CA ASN L 17 -0.51 24.88 -60.94
C ASN L 17 -0.32 23.93 -59.76
N GLN L 18 -0.92 22.75 -59.83
CA GLN L 18 -0.92 21.86 -58.67
C GLN L 18 0.32 20.98 -58.58
N GLN L 19 1.04 20.77 -59.68
CA GLN L 19 2.31 20.06 -59.59
C GLN L 19 3.45 21.00 -59.24
N ALA L 20 3.35 22.28 -59.59
CA ALA L 20 4.34 23.25 -59.15
C ALA L 20 4.17 23.58 -57.68
N MET L 21 2.94 23.45 -57.16
CA MET L 21 2.71 23.69 -55.74
C MET L 21 3.13 22.51 -54.88
N ALA L 22 3.07 21.30 -55.43
CA ALA L 22 3.56 20.13 -54.72
C ALA L 22 5.08 20.13 -54.64
N ALA L 23 5.74 20.60 -55.70
CA ALA L 23 7.19 20.77 -55.67
C ALA L 23 7.61 21.93 -54.79
N ASN L 24 6.73 22.91 -54.59
CA ASN L 24 7.04 24.04 -53.72
C ASN L 24 6.90 23.65 -52.26
N LEU L 25 5.95 22.78 -51.94
CA LEU L 25 5.76 22.33 -50.56
C LEU L 25 6.88 21.40 -50.12
N GLN L 26 7.32 20.49 -50.98
CA GLN L 26 8.38 19.58 -50.58
C GLN L 26 9.75 20.23 -50.60
N ALA L 27 9.90 21.37 -51.28
CA ALA L 27 11.16 22.11 -51.19
C ALA L 27 11.20 22.99 -49.96
N ARG L 28 10.04 23.41 -49.46
CA ARG L 28 10.00 24.18 -48.21
C ARG L 28 10.28 23.28 -47.02
N GLN L 29 9.82 22.03 -47.07
CA GLN L 29 10.06 21.09 -45.98
C GLN L 29 11.53 20.70 -45.89
N ILE L 30 12.24 20.67 -47.02
CA ILE L 30 13.65 20.34 -47.00
C ILE L 30 14.47 21.51 -46.46
N VAL L 31 14.05 22.74 -46.77
CA VAL L 31 14.77 23.92 -46.31
C VAL L 31 14.60 24.10 -44.80
N LEU L 32 13.37 23.95 -44.31
CA LEU L 32 13.13 24.17 -42.89
C LEU L 32 13.70 23.05 -42.03
N GLN L 33 13.84 21.85 -42.59
CA GLN L 33 14.43 20.76 -41.82
C GLN L 33 15.94 20.90 -41.70
N GLN L 34 16.60 21.31 -42.78
CA GLN L 34 18.05 21.20 -42.86
C GLN L 34 18.80 22.51 -42.70
N SER L 35 18.10 23.63 -42.56
CA SER L 35 18.78 24.89 -42.32
C SER L 35 18.74 25.21 -40.83
N TYR L 36 19.24 26.40 -40.47
CA TYR L 36 19.31 26.78 -39.09
C TYR L 36 18.94 28.25 -38.97
N PRO L 37 18.07 28.61 -38.02
CA PRO L 37 17.69 30.02 -37.86
C PRO L 37 18.76 30.82 -37.13
N VAL L 38 19.18 31.92 -37.73
CA VAL L 38 20.16 32.83 -37.17
C VAL L 38 19.53 34.21 -37.09
N ILE L 39 19.76 34.92 -35.99
CA ILE L 39 19.46 36.35 -35.88
C ILE L 39 20.78 37.05 -35.55
N GLN L 40 21.05 38.15 -36.25
CA GLN L 40 22.34 38.82 -36.11
C GLN L 40 22.18 40.31 -36.35
N GLN L 41 22.93 41.10 -35.59
CA GLN L 41 22.90 42.55 -35.74
C GLN L 41 23.64 42.95 -37.01
N VAL L 42 23.01 43.79 -37.82
CA VAL L 42 23.61 44.23 -39.07
C VAL L 42 23.94 45.72 -39.09
N GLU L 43 23.30 46.54 -38.27
CA GLU L 43 23.58 47.97 -38.27
C GLU L 43 23.17 48.59 -36.95
N THR L 44 23.98 49.52 -36.44
CA THR L 44 23.66 50.33 -35.28
C THR L 44 24.11 51.75 -35.54
N GLN L 45 23.27 52.72 -35.19
CA GLN L 45 23.61 54.12 -35.38
C GLN L 45 22.87 54.96 -34.34
N THR L 46 23.50 56.05 -33.92
CA THR L 46 22.92 57.00 -32.97
C THR L 46 23.02 58.38 -33.59
N PHE L 47 21.88 59.06 -33.71
CA PHE L 47 21.83 60.34 -34.41
C PHE L 47 20.98 61.32 -33.64
N ASP L 48 21.15 62.59 -33.97
CA ASP L 48 20.25 63.64 -33.52
C ASP L 48 19.31 63.98 -34.66
N PRO L 49 17.98 63.86 -34.49
CA PRO L 49 17.07 64.02 -35.61
C PRO L 49 16.82 65.46 -36.03
N ALA L 50 17.45 66.44 -35.38
CA ALA L 50 17.44 67.80 -35.87
C ALA L 50 18.45 68.03 -36.98
N ASN L 51 19.24 67.01 -37.33
CA ASN L 51 20.17 67.06 -38.46
C ASN L 51 19.81 66.09 -39.57
N ARG L 52 19.29 64.91 -39.23
CA ARG L 52 19.00 63.88 -40.21
C ARG L 52 17.98 62.92 -39.62
N SER L 53 17.01 62.51 -40.42
CA SER L 53 16.01 61.54 -39.96
C SER L 53 15.75 60.39 -40.92
N VAL L 54 16.14 60.49 -42.18
CA VAL L 54 16.00 59.39 -43.13
C VAL L 54 17.32 58.64 -43.19
N PHE L 55 17.26 57.33 -43.03
CA PHE L 55 18.46 56.51 -42.97
C PHE L 55 18.33 55.33 -43.89
N ASP L 56 19.48 54.86 -44.35
CA ASP L 56 19.56 53.72 -45.26
C ASP L 56 20.37 52.64 -44.58
N VAL L 57 19.83 51.43 -44.56
CA VAL L 57 20.42 50.29 -43.87
C VAL L 57 20.70 49.22 -44.91
N THR L 58 21.96 48.79 -44.99
CA THR L 58 22.33 47.76 -45.92
C THR L 58 22.36 46.43 -45.18
N PRO L 59 21.46 45.49 -45.48
CA PRO L 59 21.48 44.21 -44.78
C PRO L 59 22.64 43.35 -45.26
N ALA L 60 22.90 42.29 -44.51
CA ALA L 60 23.90 41.32 -44.91
C ALA L 60 23.33 40.41 -45.99
N ASN L 61 24.17 40.04 -46.95
CA ASN L 61 23.75 39.16 -48.03
C ASN L 61 24.14 37.74 -47.64
N VAL L 62 23.23 37.06 -46.95
CA VAL L 62 23.47 35.70 -46.47
C VAL L 62 22.14 34.98 -46.32
N GLY L 63 22.07 33.78 -46.85
CA GLY L 63 20.96 32.88 -46.60
C GLY L 63 19.65 33.28 -47.26
N ILE L 64 18.57 32.80 -46.66
CA ILE L 64 17.20 33.14 -47.04
C ILE L 64 16.66 34.04 -45.94
N VAL L 65 16.40 35.30 -46.26
CA VAL L 65 16.04 36.28 -45.24
C VAL L 65 14.56 36.17 -44.93
N LYS L 66 14.24 36.18 -43.64
CA LYS L 66 12.85 36.09 -43.18
C LYS L 66 12.29 37.41 -42.69
N GLY L 67 13.13 38.32 -42.22
CA GLY L 67 12.65 39.60 -41.75
C GLY L 67 13.70 40.32 -40.94
N PHE L 68 13.30 41.47 -40.42
CA PHE L 68 14.19 42.34 -39.68
C PHE L 68 13.52 42.76 -38.37
N LEU L 69 14.32 42.88 -37.32
CA LEU L 69 13.87 43.38 -36.03
C LEU L 69 14.54 44.72 -35.80
N VAL L 70 13.75 45.77 -35.70
CA VAL L 70 14.26 47.13 -35.58
C VAL L 70 13.99 47.61 -34.16
N LYS L 71 15.05 47.96 -33.44
CA LYS L 71 14.95 48.45 -32.07
C LYS L 71 15.29 49.94 -32.08
N VAL L 72 14.31 50.77 -31.75
CA VAL L 72 14.47 52.22 -31.75
C VAL L 72 14.41 52.71 -30.31
N THR L 73 15.36 53.56 -29.93
CA THR L 73 15.47 54.12 -28.60
C THR L 73 15.57 55.63 -28.69
N ALA L 74 14.83 56.34 -27.85
CA ALA L 74 14.74 57.79 -27.93
C ALA L 74 14.95 58.42 -26.56
N ALA L 75 15.25 59.72 -26.58
CA ALA L 75 15.63 60.48 -25.38
C ALA L 75 14.93 61.84 -25.36
N ILE L 76 13.59 61.82 -25.45
CA ILE L 76 12.78 63.03 -25.56
C ILE L 76 12.93 63.92 -24.33
N LYS L 77 13.20 65.20 -24.54
CA LYS L 77 13.38 66.20 -23.49
C LYS L 77 12.34 67.30 -23.64
N ASN L 78 11.73 67.70 -22.53
CA ASN L 78 10.73 68.77 -22.50
C ASN L 78 11.36 70.02 -21.88
N ASN L 79 11.40 71.10 -22.65
CA ASN L 79 12.06 72.33 -22.23
C ASN L 79 11.07 73.44 -21.87
N HIS L 80 9.79 73.12 -21.74
CA HIS L 80 8.81 74.14 -21.36
C HIS L 80 8.98 74.51 -19.89
N ALA L 81 8.58 75.74 -19.56
CA ALA L 81 8.79 76.25 -18.22
C ALA L 81 7.77 75.68 -17.23
N THR L 82 6.49 75.66 -17.59
CA THR L 82 5.43 75.30 -16.66
C THR L 82 4.44 74.24 -17.13
N GLU L 83 4.59 73.71 -18.34
CA GLU L 83 3.57 72.83 -18.90
C GLU L 83 4.16 71.48 -19.31
N ALA L 84 3.33 70.45 -19.21
CA ALA L 84 3.73 69.07 -19.48
C ALA L 84 3.00 68.55 -20.72
N VAL L 85 3.50 67.43 -21.23
CA VAL L 85 2.89 66.72 -22.35
C VAL L 85 2.59 65.30 -21.91
N ALA L 86 1.76 64.62 -22.70
CA ALA L 86 1.34 63.26 -22.39
C ALA L 86 1.30 62.45 -23.67
N LEU L 87 1.33 61.13 -23.52
CA LEU L 87 1.37 60.22 -24.66
C LEU L 87 0.08 60.27 -25.46
N THR L 88 0.21 60.08 -26.76
CA THR L 88 -0.94 59.89 -27.63
C THR L 88 -1.37 58.43 -27.59
N ASP L 89 -2.40 58.09 -28.37
CA ASP L 89 -2.90 56.73 -28.34
C ASP L 89 -2.00 55.77 -29.10
N PHE L 90 -1.26 56.25 -30.09
CA PHE L 90 -0.30 55.40 -30.77
C PHE L 90 1.07 55.44 -30.11
N GLY L 91 1.45 56.57 -29.53
CA GLY L 91 2.57 56.67 -28.62
C GLY L 91 3.92 56.41 -29.25
N PRO L 92 4.69 55.48 -28.66
CA PRO L 92 6.02 55.18 -29.20
C PRO L 92 5.99 54.38 -30.50
N ALA L 93 4.84 53.97 -31.01
CA ALA L 93 4.79 53.33 -32.32
C ALA L 93 4.97 54.32 -33.45
N ASN L 94 4.94 55.62 -33.17
CA ASN L 94 5.23 56.66 -34.15
C ASN L 94 6.69 57.13 -34.08
N LEU L 95 7.57 56.32 -33.50
CA LEU L 95 9.00 56.65 -33.51
C LEU L 95 9.56 56.47 -34.91
N VAL L 96 9.16 55.40 -35.59
CA VAL L 96 9.44 55.22 -37.00
C VAL L 96 8.25 55.76 -37.78
N GLN L 97 8.53 56.62 -38.77
CA GLN L 97 7.45 57.16 -39.58
C GLN L 97 7.20 56.36 -40.85
N ARG L 98 8.22 55.71 -41.40
CA ARG L 98 8.03 54.90 -42.60
C ARG L 98 9.10 53.82 -42.68
N VAL L 99 8.71 52.65 -43.17
CA VAL L 99 9.63 51.54 -43.44
C VAL L 99 9.46 51.18 -44.91
N ILE L 100 10.55 51.25 -45.67
CA ILE L 100 10.61 50.70 -47.01
C ILE L 100 11.73 49.67 -47.06
N TYR L 101 11.45 48.51 -47.65
CA TYR L 101 12.45 47.49 -47.91
C TYR L 101 12.48 47.21 -49.40
N TYR L 102 13.67 47.22 -49.99
CA TYR L 102 13.85 46.89 -51.39
C TYR L 102 14.59 45.57 -51.54
N ASP L 103 14.14 44.77 -52.49
CA ASP L 103 14.69 43.45 -52.79
C ASP L 103 16.06 43.63 -53.43
N PRO L 104 16.84 42.54 -53.56
CA PRO L 104 17.98 42.56 -54.50
C PRO L 104 17.61 42.85 -55.94
N ASP L 105 16.36 42.62 -56.36
CA ASP L 105 15.88 43.03 -57.66
C ASP L 105 15.37 44.47 -57.67
N ASN L 106 15.60 45.22 -56.59
CA ASN L 106 15.15 46.61 -56.41
C ASN L 106 13.63 46.75 -56.50
N GLN L 107 12.90 45.70 -56.13
CA GLN L 107 11.45 45.73 -56.07
C GLN L 107 11.03 45.85 -54.62
N ARG L 108 10.28 46.90 -54.29
CA ARG L 108 9.94 47.14 -52.90
C ARG L 108 8.91 46.14 -52.42
N HIS L 109 9.10 45.69 -51.17
CA HIS L 109 8.21 44.70 -50.57
C HIS L 109 7.21 45.36 -49.62
N THR L 110 7.69 46.02 -48.57
CA THR L 110 6.82 46.61 -47.56
C THR L 110 7.04 48.11 -47.55
N GLU L 111 5.97 48.87 -47.75
CA GLU L 111 6.04 50.33 -47.73
C GLU L 111 4.86 50.83 -46.90
N THR L 112 5.05 50.96 -45.60
CA THR L 112 3.98 51.32 -44.69
C THR L 112 4.54 52.24 -43.61
N SER L 113 3.65 52.68 -42.72
CA SER L 113 4.03 53.60 -41.66
C SER L 113 4.42 52.83 -40.41
N GLY L 114 4.69 53.55 -39.32
CA GLY L 114 5.11 52.93 -38.09
C GLY L 114 3.98 52.36 -37.27
N TRP L 115 2.83 53.03 -37.28
CA TRP L 115 1.68 52.51 -36.54
C TRP L 115 1.07 51.31 -37.24
N HIS L 116 1.12 51.27 -38.56
CA HIS L 116 0.52 50.13 -39.27
C HIS L 116 1.37 48.89 -39.17
N LEU L 117 2.70 49.05 -39.11
CA LEU L 117 3.57 47.90 -38.90
C LEU L 117 3.40 47.31 -37.51
N HIS L 118 3.12 48.18 -36.52
CA HIS L 118 2.94 47.70 -35.15
C HIS L 118 1.65 46.91 -35.00
N PHE L 119 0.57 47.34 -35.66
CA PHE L 119 -0.72 46.69 -35.48
C PHE L 119 -0.79 45.35 -36.19
N VAL L 120 -0.06 45.19 -37.30
CA VAL L 120 0.02 43.89 -37.95
C VAL L 120 0.94 42.97 -37.16
N ASN L 121 1.93 43.53 -36.47
CA ASN L 121 2.69 42.75 -35.51
C ASN L 121 1.82 42.32 -34.33
N THR L 122 0.88 43.17 -33.92
CA THR L 122 -0.07 42.81 -32.88
C THR L 122 -1.04 41.73 -33.36
N ALA L 123 -1.53 41.86 -34.58
CA ALA L 123 -2.57 40.96 -35.06
C ALA L 123 -2.03 39.57 -35.36
N LYS L 124 -0.77 39.45 -35.76
CA LYS L 124 -0.21 38.16 -36.10
C LYS L 124 0.31 37.41 -34.88
N GLN L 125 0.44 38.07 -33.73
CA GLN L 125 0.81 37.40 -32.50
C GLN L 125 -0.40 36.83 -31.79
N GLY L 126 -1.51 37.56 -31.76
CA GLY L 126 -2.64 37.22 -30.93
C GLY L 126 -2.70 38.00 -29.64
N ALA L 127 -1.90 39.04 -29.50
CA ALA L 127 -1.80 39.86 -28.31
C ALA L 127 -1.13 41.17 -28.72
N PRO L 128 -1.12 42.18 -27.85
CA PRO L 128 -0.23 43.33 -28.10
C PRO L 128 1.21 42.90 -28.22
N PHE L 129 1.90 43.45 -29.22
CA PHE L 129 3.21 42.98 -29.66
C PHE L 129 4.26 43.25 -28.60
N LEU L 130 4.91 42.17 -28.15
CA LEU L 130 5.99 42.18 -27.16
C LEU L 130 5.57 42.85 -25.86
N SER L 131 4.36 42.53 -25.42
CA SER L 131 3.79 43.10 -24.21
C SER L 131 3.80 42.06 -23.10
N SER L 132 3.75 42.55 -21.88
CA SER L 132 3.68 41.70 -20.70
C SER L 132 2.29 41.82 -20.10
N MET L 133 1.58 40.71 -19.99
CA MET L 133 0.25 40.73 -19.42
C MET L 133 0.33 40.69 -17.90
N VAL L 134 -0.67 41.30 -17.27
CA VAL L 134 -0.73 41.40 -15.82
C VAL L 134 -1.42 40.15 -15.27
N THR L 135 -0.80 39.53 -14.27
CA THR L 135 -1.32 38.32 -13.65
C THR L 135 -1.39 38.54 -12.14
N ASP L 136 -1.78 37.47 -11.44
CA ASP L 136 -1.96 37.51 -10.00
C ASP L 136 -0.81 36.85 -9.25
N SER L 137 0.27 36.49 -9.94
CA SER L 137 1.31 35.67 -9.36
C SER L 137 2.10 36.44 -8.31
N PRO L 138 2.57 35.75 -7.26
CA PRO L 138 3.50 36.38 -6.33
C PRO L 138 4.95 36.29 -6.78
N ILE L 139 5.26 35.45 -7.76
CA ILE L 139 6.57 35.46 -8.40
C ILE L 139 6.63 36.66 -9.32
N LYS L 140 7.68 37.49 -9.16
CA LYS L 140 7.71 38.81 -9.78
C LYS L 140 8.05 38.69 -11.26
N TYR L 141 7.05 38.28 -12.04
CA TYR L 141 7.06 38.44 -13.49
C TYR L 141 6.65 39.87 -13.83
N GLY L 142 6.37 40.11 -15.10
CA GLY L 142 5.77 41.38 -15.48
C GLY L 142 6.67 42.27 -16.30
N ASP L 143 6.54 43.59 -16.12
CA ASP L 143 7.36 44.55 -16.84
C ASP L 143 8.71 44.66 -16.13
N VAL L 144 9.58 43.70 -16.42
CA VAL L 144 10.90 43.67 -15.81
C VAL L 144 11.93 44.38 -16.68
N MET L 145 11.92 44.08 -17.97
CA MET L 145 12.99 44.50 -18.86
C MET L 145 12.67 45.75 -19.67
N ASN L 146 11.40 46.16 -19.73
CA ASN L 146 10.91 47.32 -20.48
C ASN L 146 11.26 47.21 -21.96
N VAL L 147 10.69 46.20 -22.62
CA VAL L 147 10.97 45.95 -24.03
C VAL L 147 10.36 47.05 -24.89
N ILE L 148 9.08 47.34 -24.69
CA ILE L 148 8.41 48.47 -25.31
C ILE L 148 7.93 49.37 -24.18
N ASP L 149 8.49 50.57 -24.10
CA ASP L 149 8.25 51.43 -22.95
C ASP L 149 8.29 52.88 -23.38
N ALA L 150 7.50 53.70 -22.66
CA ALA L 150 7.49 55.15 -22.79
C ALA L 150 6.84 55.68 -21.54
N PRO L 151 7.31 56.80 -21.00
CA PRO L 151 6.60 57.41 -19.86
C PRO L 151 5.28 58.03 -20.32
N ALA L 152 4.26 57.91 -19.47
CA ALA L 152 2.94 58.40 -19.83
C ALA L 152 2.84 59.92 -19.81
N THR L 153 3.77 60.59 -19.14
CA THR L 153 3.75 62.04 -19.02
C THR L 153 5.18 62.51 -18.79
N ILE L 154 5.65 63.42 -19.64
CA ILE L 154 6.94 64.09 -19.43
C ILE L 154 6.64 65.48 -18.90
N ALA L 155 7.11 65.76 -17.69
CA ALA L 155 6.78 67.02 -17.01
C ALA L 155 7.61 68.17 -17.57
N ALA L 156 7.43 69.34 -17.00
CA ALA L 156 8.13 70.54 -17.44
C ALA L 156 9.57 70.50 -16.91
N GLY L 157 10.52 70.24 -17.79
CA GLY L 157 11.92 70.17 -17.41
C GLY L 157 12.46 68.78 -17.26
N ALA L 158 11.65 67.74 -17.49
CA ALA L 158 12.06 66.36 -17.32
C ALA L 158 12.51 65.77 -18.64
N THR L 159 12.99 64.53 -18.58
CA THR L 159 13.49 63.80 -19.73
C THR L 159 12.93 62.39 -19.69
N GLY L 160 12.45 61.90 -20.83
CA GLY L 160 11.87 60.58 -20.92
C GLY L 160 12.62 59.72 -21.91
N GLU L 161 12.74 58.43 -21.59
CA GLU L 161 13.42 57.47 -22.44
C GLU L 161 12.40 56.52 -23.02
N LEU L 162 12.50 56.28 -24.32
CA LEU L 162 11.51 55.50 -25.07
C LEU L 162 12.18 54.30 -25.69
N THR L 163 11.43 53.22 -25.83
CA THR L 163 11.93 52.03 -26.51
C THR L 163 10.80 51.43 -27.32
N MET L 164 11.11 51.00 -28.53
CA MET L 164 10.11 50.45 -29.43
C MET L 164 10.77 49.38 -30.29
N TYR L 165 10.05 48.29 -30.53
CA TYR L 165 10.52 47.23 -31.38
C TYR L 165 9.55 47.04 -32.54
N TYR L 166 10.09 46.92 -33.74
CA TYR L 166 9.32 46.62 -34.94
C TYR L 166 9.83 45.34 -35.55
N TRP L 167 8.93 44.49 -35.97
CA TRP L 167 9.27 43.34 -36.81
C TRP L 167 8.87 43.69 -38.23
N VAL L 168 9.85 43.92 -39.10
CA VAL L 168 9.62 44.14 -40.52
C VAL L 168 9.58 42.78 -41.19
N PRO L 169 8.42 42.29 -41.64
CA PRO L 169 8.34 40.93 -42.16
C PRO L 169 8.69 40.83 -43.64
N LEU L 170 9.38 39.75 -43.97
CA LEU L 170 9.56 39.35 -45.36
C LEU L 170 8.83 38.05 -45.64
N ALA L 171 9.15 36.99 -44.90
CA ALA L 171 8.36 35.77 -44.95
C ALA L 171 7.10 35.95 -44.11
N TYR L 172 6.11 35.09 -44.37
CA TYR L 172 4.84 35.21 -43.68
C TYR L 172 4.95 34.79 -42.22
N SER L 173 5.57 33.64 -41.97
CA SER L 173 5.77 33.16 -40.61
C SER L 173 7.09 32.41 -40.56
N GLU L 174 7.37 31.81 -39.39
CA GLU L 174 8.57 31.02 -39.21
C GLU L 174 8.45 29.62 -39.78
N THR L 175 7.27 29.21 -40.22
CA THR L 175 7.08 27.93 -40.89
C THR L 175 6.53 28.06 -42.30
N ASP L 176 6.14 29.27 -42.71
CA ASP L 176 5.67 29.53 -44.07
C ASP L 176 6.58 30.57 -44.67
N LEU L 177 7.35 30.18 -45.69
CA LEU L 177 8.36 31.04 -46.27
C LEU L 177 7.85 31.83 -47.46
N THR L 178 6.54 32.06 -47.56
CA THR L 178 5.97 32.82 -48.66
C THR L 178 6.32 34.29 -48.48
N GLY L 179 7.14 34.82 -49.38
CA GLY L 179 7.62 36.18 -49.28
C GLY L 179 9.06 36.33 -48.89
N ALA L 180 9.76 35.23 -48.63
CA ALA L 180 11.15 35.30 -48.22
C ALA L 180 12.05 35.64 -49.40
N VAL L 181 13.25 36.11 -49.08
CA VAL L 181 14.18 36.66 -50.07
C VAL L 181 15.45 35.83 -50.07
N LEU L 182 15.82 35.32 -51.24
CA LEU L 182 17.14 34.74 -51.43
C LEU L 182 18.18 35.86 -51.40
N ALA L 183 19.16 35.74 -50.52
CA ALA L 183 20.19 36.77 -50.41
C ALA L 183 21.59 36.19 -50.54
N ASN L 184 21.76 35.08 -51.24
CA ASN L 184 23.08 34.49 -51.42
C ASN L 184 23.75 34.99 -52.68
N VAL L 185 23.51 36.26 -53.00
CA VAL L 185 24.01 36.92 -54.20
C VAL L 185 24.92 38.07 -53.77
N PRO L 186 26.22 38.00 -54.05
CA PRO L 186 27.14 38.99 -53.48
C PRO L 186 27.02 40.38 -54.09
N GLN L 187 26.78 40.47 -55.39
CA GLN L 187 26.83 41.75 -56.08
C GLN L 187 25.51 42.51 -56.02
N SER L 188 24.40 41.85 -55.68
CA SER L 188 23.10 42.48 -55.58
C SER L 188 22.83 42.84 -54.12
N LYS L 189 22.85 44.13 -53.81
CA LYS L 189 22.58 44.58 -52.45
C LYS L 189 21.08 44.63 -52.19
N GLN L 190 20.72 44.64 -50.91
CA GLN L 190 19.37 44.94 -50.45
C GLN L 190 19.37 46.35 -49.88
N ARG L 191 18.20 46.80 -49.46
CA ARG L 191 18.05 48.16 -48.96
C ARG L 191 16.86 48.21 -48.01
N LEU L 192 17.06 48.79 -46.83
CA LEU L 192 16.01 48.95 -45.83
C LEU L 192 15.97 50.42 -45.44
N LYS L 193 15.10 51.18 -46.08
CA LYS L 193 14.96 52.60 -45.80
C LYS L 193 14.11 52.81 -44.57
N LEU L 194 14.55 53.70 -43.68
CA LEU L 194 13.87 53.95 -42.42
C LEU L 194 13.78 55.45 -42.19
N GLU L 195 12.55 55.98 -42.19
CA GLU L 195 12.29 57.35 -41.80
C GLU L 195 11.92 57.39 -40.32
N PHE L 196 12.49 58.35 -39.61
CA PHE L 196 12.27 58.49 -38.18
C PHE L 196 11.57 59.80 -37.90
N ALA L 197 11.15 59.97 -36.65
CA ALA L 197 10.44 61.18 -36.26
C ALA L 197 11.39 62.35 -36.12
N ASN L 198 10.82 63.55 -36.04
CA ASN L 198 11.54 64.80 -35.92
C ASN L 198 10.99 65.60 -34.76
N ASN L 199 11.50 66.81 -34.58
CA ASN L 199 10.90 67.74 -33.64
C ASN L 199 9.64 68.38 -34.18
N ASN L 200 9.30 68.15 -35.44
CA ASN L 200 8.07 68.66 -36.03
C ASN L 200 6.94 67.64 -35.94
N THR L 201 7.18 66.40 -36.34
CA THR L 201 6.13 65.41 -36.54
C THR L 201 5.84 64.58 -35.29
N ALA L 202 6.40 64.94 -34.15
CA ALA L 202 6.25 64.09 -32.97
C ALA L 202 5.73 64.77 -31.74
N PHE L 203 5.51 66.09 -31.73
CA PHE L 203 4.98 66.81 -30.58
C PHE L 203 3.82 67.68 -31.05
N ALA L 204 2.63 67.10 -31.09
CA ALA L 204 1.44 67.83 -31.48
C ALA L 204 0.98 68.75 -30.37
N ALA L 205 0.36 69.87 -30.75
CA ALA L 205 -0.15 70.82 -29.79
C ALA L 205 -1.56 70.43 -29.35
N VAL L 206 -2.12 71.20 -28.42
CA VAL L 206 -3.49 70.97 -27.98
C VAL L 206 -4.42 71.42 -29.10
N GLY L 207 -5.10 70.47 -29.73
CA GLY L 207 -5.96 70.75 -30.86
C GLY L 207 -5.39 70.32 -32.20
N ALA L 208 -4.17 69.80 -32.23
CA ALA L 208 -3.58 69.28 -33.45
C ALA L 208 -4.03 67.83 -33.67
N ASN L 209 -3.57 67.24 -34.77
CA ASN L 209 -3.93 65.87 -35.11
C ASN L 209 -2.89 64.92 -34.54
N PRO L 210 -3.20 64.16 -33.48
CA PRO L 210 -2.17 63.30 -32.88
C PRO L 210 -2.09 61.93 -33.53
N LEU L 211 -2.16 61.86 -34.84
CA LEU L 211 -2.12 60.56 -35.51
C LEU L 211 -0.69 60.04 -35.61
N GLU L 212 0.24 60.90 -36.02
CA GLU L 212 1.63 60.54 -36.19
C GLU L 212 2.52 61.14 -35.12
N ALA L 213 1.92 61.77 -34.10
CA ALA L 213 2.69 62.32 -32.99
C ALA L 213 2.99 61.24 -31.96
N ILE L 214 3.87 61.58 -31.03
CA ILE L 214 4.20 60.71 -29.91
C ILE L 214 3.72 61.31 -28.60
N TYR L 215 3.92 62.61 -28.40
CA TYR L 215 3.44 63.30 -27.22
C TYR L 215 2.59 64.49 -27.64
N GLN L 216 1.63 64.84 -26.79
CA GLN L 216 0.73 65.95 -27.05
C GLN L 216 0.45 66.67 -25.75
N GLY L 217 0.50 67.99 -25.77
CA GLY L 217 0.24 68.75 -24.58
C GLY L 217 0.49 70.23 -24.82
N ALA L 218 0.28 70.99 -23.75
CA ALA L 218 0.45 72.44 -23.80
C ALA L 218 1.89 72.88 -23.67
N GLY L 219 2.83 71.95 -23.58
CA GLY L 219 4.24 72.28 -23.54
C GLY L 219 4.98 71.64 -24.69
N ALA L 220 4.26 71.34 -25.77
CA ALA L 220 4.83 70.60 -26.88
C ALA L 220 5.62 71.46 -27.85
N ALA L 221 5.55 72.78 -27.73
CA ALA L 221 6.34 73.65 -28.59
C ALA L 221 7.81 73.64 -28.22
N ASP L 222 8.13 73.26 -26.98
CA ASP L 222 9.51 73.22 -26.51
C ASP L 222 10.01 71.80 -26.27
N CYS L 223 9.22 70.78 -26.60
CA CYS L 223 9.69 69.41 -26.53
C CYS L 223 10.59 69.11 -27.71
N GLU L 224 11.66 68.36 -27.46
CA GLU L 224 12.60 68.01 -28.50
C GLU L 224 13.28 66.71 -28.14
N PHE L 225 13.85 66.06 -29.14
CA PHE L 225 14.69 64.89 -28.92
C PHE L 225 16.08 65.34 -28.47
N GLU L 226 16.74 64.46 -27.71
CA GLU L 226 18.16 64.59 -27.47
C GLU L 226 18.96 63.70 -28.42
N GLU L 227 18.57 62.44 -28.54
CA GLU L 227 19.15 61.54 -29.51
C GLU L 227 18.15 60.45 -29.83
N ILE L 228 18.35 59.80 -30.97
CA ILE L 228 17.61 58.59 -31.34
C ILE L 228 18.64 57.57 -31.80
N SER L 229 18.63 56.40 -31.17
CA SER L 229 19.50 55.30 -31.56
C SER L 229 18.64 54.21 -32.17
N TYR L 230 19.16 53.54 -33.20
CA TYR L 230 18.47 52.39 -33.76
C TYR L 230 19.44 51.24 -33.95
N THR L 231 18.89 50.02 -33.92
CA THR L 231 19.65 48.80 -34.13
C THR L 231 18.78 47.88 -34.97
N VAL L 232 19.37 47.28 -36.00
CA VAL L 232 18.66 46.38 -36.90
C VAL L 232 19.23 44.98 -36.73
N TYR L 233 18.34 44.00 -36.59
CA TYR L 233 18.72 42.59 -36.46
C TYR L 233 18.13 41.83 -37.62
N GLN L 234 18.97 41.21 -38.42
CA GLN L 234 18.51 40.42 -39.55
C GLN L 234 18.26 38.99 -39.12
N SER L 235 17.09 38.47 -39.47
CA SER L 235 16.72 37.08 -39.18
C SER L 235 16.68 36.32 -40.49
N TYR L 236 17.53 35.30 -40.61
CA TYR L 236 17.68 34.56 -41.84
C TYR L 236 17.86 33.09 -41.53
N LEU L 237 17.92 32.28 -42.59
CA LEU L 237 18.17 30.85 -42.50
C LEU L 237 19.55 30.58 -43.08
N ASP L 238 20.49 30.23 -42.21
CA ASP L 238 21.83 29.84 -42.63
C ASP L 238 21.88 28.34 -42.88
N GLN L 239 22.95 27.91 -43.54
CA GLN L 239 23.23 26.50 -43.89
C GLN L 239 22.10 25.90 -44.72
N LEU L 240 21.92 26.45 -45.91
CA LEU L 240 20.86 25.99 -46.79
C LEU L 240 21.19 24.61 -47.36
N PRO L 241 20.18 23.78 -47.59
CA PRO L 241 20.43 22.48 -48.22
C PRO L 241 20.77 22.64 -49.69
N VAL L 242 21.76 21.87 -50.14
CA VAL L 242 22.22 21.90 -51.51
C VAL L 242 22.15 20.48 -52.03
N GLY L 243 21.31 20.26 -53.04
CA GLY L 243 21.33 19.04 -53.82
C GLY L 243 22.06 19.26 -55.12
N GLN L 244 21.84 18.35 -56.06
CA GLN L 244 22.23 18.69 -57.41
C GLN L 244 21.21 19.66 -58.00
N ASN L 245 21.59 20.28 -59.13
CA ASN L 245 20.91 21.44 -59.72
C ASN L 245 20.81 22.60 -58.73
N GLY L 246 21.86 22.77 -57.92
CA GLY L 246 22.00 23.94 -57.08
C GLY L 246 21.29 23.88 -55.74
N TYR L 247 20.92 25.05 -55.21
CA TYR L 247 20.15 25.12 -53.97
C TYR L 247 18.77 24.54 -54.17
N ILE L 248 18.24 23.94 -53.10
CA ILE L 248 16.85 23.49 -53.07
C ILE L 248 16.02 24.68 -52.61
N LEU L 249 15.14 25.17 -53.48
CA LEU L 249 14.46 26.42 -53.25
C LEU L 249 12.95 26.26 -53.41
N PRO L 250 12.16 26.77 -52.48
CA PRO L 250 10.72 26.89 -52.71
C PRO L 250 10.41 28.02 -53.69
N LEU L 251 10.37 27.68 -54.98
CA LEU L 251 10.37 28.68 -56.05
C LEU L 251 9.12 29.54 -56.05
N ILE L 252 7.97 28.96 -55.73
CA ILE L 252 6.73 29.75 -55.66
C ILE L 252 6.77 30.68 -54.45
N ASP L 253 7.37 30.23 -53.35
CA ASP L 253 7.40 31.02 -52.13
C ASP L 253 8.37 32.19 -52.23
N LEU L 254 9.40 32.07 -53.07
CA LEU L 254 10.36 33.16 -53.24
C LEU L 254 9.92 34.15 -54.30
N SER L 255 9.09 33.73 -55.25
CA SER L 255 8.58 34.64 -56.27
C SER L 255 7.35 35.40 -55.80
N THR L 256 6.61 34.87 -54.84
CA THR L 256 5.49 35.58 -54.24
C THR L 256 6.00 36.58 -53.21
N LEU L 257 5.42 37.76 -53.20
CA LEU L 257 5.74 38.75 -52.18
C LEU L 257 4.69 38.73 -51.07
N TYR L 258 5.04 39.34 -49.95
CA TYR L 258 4.13 39.51 -48.83
C TYR L 258 4.30 40.94 -48.34
N ASN L 259 3.31 41.78 -48.60
CA ASN L 259 3.48 43.22 -48.52
C ASN L 259 2.60 43.84 -47.44
N LEU L 260 3.02 45.03 -47.01
CA LEU L 260 2.25 45.87 -46.09
C LEU L 260 2.17 47.26 -46.69
N GLU L 261 0.96 47.70 -47.03
CA GLU L 261 0.75 49.03 -47.59
C GLU L 261 -0.40 49.74 -46.90
N ASN L 262 -0.29 51.06 -46.81
CA ASN L 262 -1.33 51.90 -46.25
C ASN L 262 -1.73 52.98 -47.25
N SER L 263 -2.96 53.46 -47.10
CA SER L 263 -3.52 54.47 -48.00
C SER L 263 -4.23 55.51 -47.15
N ALA L 264 -4.93 56.42 -47.82
CA ALA L 264 -5.68 57.47 -47.14
C ALA L 264 -6.83 57.89 -48.06
N GLN L 265 -8.05 57.63 -47.62
CA GLN L 265 -9.26 57.97 -48.35
C GLN L 265 -9.95 59.14 -47.66
N ALA L 266 -10.57 60.00 -48.45
CA ALA L 266 -11.25 61.17 -47.91
C ALA L 266 -12.57 61.37 -48.63
N GLY L 267 -13.31 62.38 -48.19
CA GLY L 267 -14.59 62.70 -48.80
C GLY L 267 -15.74 61.94 -48.20
N LEU L 268 -15.79 61.85 -46.87
CA LEU L 268 -16.84 61.11 -46.18
C LEU L 268 -18.04 62.00 -45.92
N THR L 269 -19.23 61.41 -46.01
CA THR L 269 -20.51 62.03 -45.78
C THR L 269 -21.23 61.30 -44.66
N PRO L 270 -21.90 62.02 -43.75
CA PRO L 270 -22.64 61.34 -42.68
C PRO L 270 -23.80 60.51 -43.22
N ASN L 271 -23.93 59.30 -42.66
CA ASN L 271 -24.99 58.33 -42.92
C ASN L 271 -25.05 57.86 -44.37
N VAL L 272 -23.92 57.95 -45.09
CA VAL L 272 -23.80 57.41 -46.44
C VAL L 272 -22.66 56.41 -46.44
N ASP L 273 -22.83 55.32 -47.18
CA ASP L 273 -21.81 54.27 -47.26
C ASP L 273 -20.59 54.75 -48.04
N PHE L 274 -19.45 54.80 -47.37
CA PHE L 274 -18.16 55.03 -48.01
C PHE L 274 -17.56 53.69 -48.37
N VAL L 275 -17.26 53.47 -49.65
CA VAL L 275 -16.78 52.19 -50.15
C VAL L 275 -15.32 52.34 -50.56
N VAL L 276 -14.49 51.41 -50.10
CA VAL L 276 -13.09 51.32 -50.51
C VAL L 276 -12.92 49.97 -51.20
N GLN L 277 -12.62 49.99 -52.49
CA GLN L 277 -12.58 48.77 -53.29
C GLN L 277 -11.26 48.03 -53.10
N TYR L 278 -11.34 46.70 -53.02
CA TYR L 278 -10.17 45.86 -53.07
C TYR L 278 -9.75 45.67 -54.52
N ALA L 279 -8.44 45.72 -54.76
CA ALA L 279 -7.92 45.68 -56.12
C ALA L 279 -7.70 44.23 -56.57
N ASN L 280 -7.40 44.09 -57.86
CA ASN L 280 -7.12 42.79 -58.43
C ASN L 280 -5.70 42.34 -58.10
N LEU L 281 -5.46 41.04 -58.31
CA LEU L 281 -4.18 40.32 -58.24
C LEU L 281 -3.65 40.16 -56.82
N TYR L 282 -4.25 40.86 -55.86
CA TYR L 282 -3.82 40.78 -54.47
C TYR L 282 -4.72 39.81 -53.73
N ARG L 283 -4.14 39.11 -52.76
CA ARG L 283 -4.87 38.18 -51.91
C ARG L 283 -4.78 38.76 -50.50
N TYR L 284 -5.79 39.53 -50.13
CA TYR L 284 -5.72 40.34 -48.92
C TYR L 284 -5.89 39.47 -47.68
N LEU L 285 -4.99 39.64 -46.73
CA LEU L 285 -5.03 38.86 -45.50
C LEU L 285 -5.61 39.63 -44.33
N SER L 286 -5.41 40.94 -44.26
CA SER L 286 -6.01 41.73 -43.21
C SER L 286 -6.19 43.16 -43.69
N THR L 287 -7.30 43.76 -43.27
CA THR L 287 -7.57 45.17 -43.50
C THR L 287 -7.56 45.88 -42.14
N ILE L 288 -6.98 47.07 -42.10
CA ILE L 288 -7.04 47.92 -40.91
C ILE L 288 -7.51 49.29 -41.34
N ALA L 289 -8.60 49.77 -40.76
CA ALA L 289 -9.16 51.07 -41.05
C ALA L 289 -9.06 51.95 -39.82
N VAL L 290 -8.51 53.15 -39.99
CA VAL L 290 -8.39 54.12 -38.91
C VAL L 290 -9.23 55.33 -39.28
N PHE L 291 -10.18 55.67 -38.42
CA PHE L 291 -11.07 56.81 -38.67
C PHE L 291 -10.49 58.03 -37.96
N ASP L 292 -9.61 58.74 -38.66
CA ASP L 292 -9.19 60.07 -38.22
C ASP L 292 -10.34 61.02 -38.53
N ASN L 293 -11.13 61.34 -37.52
CA ASN L 293 -12.31 62.20 -37.68
C ASN L 293 -11.93 63.65 -37.39
N GLY L 294 -10.93 64.13 -38.14
CA GLY L 294 -10.46 65.50 -38.01
C GLY L 294 -9.71 65.76 -36.72
N GLY L 295 -8.67 64.99 -36.46
CA GLY L 295 -7.91 65.15 -35.24
C GLY L 295 -8.60 64.65 -34.00
N SER L 296 -9.60 63.78 -34.15
CA SER L 296 -10.35 63.26 -33.03
C SER L 296 -10.60 61.78 -33.26
N PHE L 297 -10.40 60.99 -32.22
CA PHE L 297 -10.52 59.54 -32.31
C PHE L 297 -11.51 59.08 -31.25
N ASN L 298 -12.55 58.38 -31.69
CA ASN L 298 -13.67 58.02 -30.83
C ASN L 298 -13.87 56.51 -30.83
N ALA L 299 -14.39 56.00 -29.72
CA ALA L 299 -14.56 54.56 -29.53
C ALA L 299 -15.90 54.12 -30.11
N GLY L 300 -15.98 54.14 -31.43
CA GLY L 300 -17.12 53.63 -32.15
C GLY L 300 -18.32 54.55 -32.26
N THR L 301 -18.32 55.68 -31.56
CA THR L 301 -19.49 56.54 -31.49
C THR L 301 -19.61 57.50 -32.68
N ASP L 302 -18.82 57.32 -33.73
CA ASP L 302 -18.96 58.08 -34.95
C ASP L 302 -19.09 57.17 -36.16
N ILE L 303 -19.38 55.90 -35.94
CA ILE L 303 -19.60 54.92 -37.00
C ILE L 303 -20.96 54.30 -36.79
N ASN L 304 -21.73 54.15 -37.87
CA ASN L 304 -22.95 53.37 -37.78
C ASN L 304 -22.65 51.88 -37.89
N TYR L 305 -21.94 51.47 -38.93
CA TYR L 305 -21.55 50.09 -39.11
C TYR L 305 -20.36 50.02 -40.05
N LEU L 306 -19.63 48.91 -39.97
CA LEU L 306 -18.60 48.56 -40.93
C LEU L 306 -19.05 47.29 -41.64
N SER L 307 -18.56 47.10 -42.86
CA SER L 307 -19.06 45.97 -43.65
C SER L 307 -17.97 45.54 -44.63
N GLN L 308 -18.23 44.41 -45.28
CA GLN L 308 -17.41 43.92 -46.38
C GLN L 308 -18.36 43.37 -47.43
N ARG L 309 -18.63 44.15 -48.46
CA ARG L 309 -19.61 43.79 -49.47
C ARG L 309 -19.01 42.94 -50.58
N THR L 310 -19.82 42.05 -51.13
CA THR L 310 -19.63 41.53 -52.48
C THR L 310 -20.27 42.54 -53.41
N ALA L 311 -20.41 42.19 -54.70
CA ALA L 311 -20.14 43.04 -55.90
C ALA L 311 -20.53 44.50 -55.65
N ASN L 312 -21.80 44.84 -55.46
CA ASN L 312 -22.23 46.03 -54.76
C ASN L 312 -23.47 45.72 -53.94
N PHE L 313 -23.55 44.52 -53.41
CA PHE L 313 -24.79 43.82 -53.17
C PHE L 313 -24.39 42.62 -52.33
N SER L 314 -25.27 42.14 -51.46
CA SER L 314 -25.03 40.95 -50.64
C SER L 314 -23.81 41.07 -49.73
N ASP L 315 -23.90 41.90 -48.70
CA ASP L 315 -22.89 42.00 -47.65
C ASP L 315 -22.61 40.66 -46.99
N THR L 316 -21.39 40.52 -46.47
CA THR L 316 -20.97 39.29 -45.82
C THR L 316 -20.69 39.45 -44.33
N ARG L 317 -20.31 40.64 -43.87
CA ARG L 317 -20.19 40.89 -42.43
C ARG L 317 -20.53 42.36 -42.16
N LYS L 318 -21.80 42.63 -41.91
CA LYS L 318 -22.28 43.98 -41.66
C LYS L 318 -22.60 44.10 -40.17
N LEU L 319 -21.73 44.77 -39.43
CA LEU L 319 -21.78 44.75 -37.97
C LEU L 319 -21.64 46.16 -37.43
N ASP L 320 -22.29 46.41 -36.30
CA ASP L 320 -22.14 47.66 -35.57
C ASP L 320 -20.75 47.70 -34.93
N PRO L 321 -20.25 48.88 -34.51
CA PRO L 321 -18.87 48.97 -34.02
C PRO L 321 -18.57 48.26 -32.71
N LYS L 322 -19.53 47.63 -32.05
CA LYS L 322 -19.22 46.80 -30.90
C LYS L 322 -19.24 45.32 -31.22
N THR L 323 -20.11 44.90 -32.13
CA THR L 323 -20.05 43.54 -32.65
C THR L 323 -18.82 43.35 -33.53
N TRP L 324 -18.39 44.41 -34.21
CA TRP L 324 -17.14 44.40 -34.95
C TRP L 324 -15.95 44.23 -34.01
N ALA L 325 -15.95 44.97 -32.91
CA ALA L 325 -14.88 44.85 -31.92
C ALA L 325 -14.95 43.55 -31.14
N ALA L 326 -16.11 42.89 -31.13
CA ALA L 326 -16.21 41.59 -30.47
C ALA L 326 -15.53 40.50 -31.27
N GLN L 327 -15.53 40.62 -32.59
CA GLN L 327 -14.79 39.68 -33.43
C GLN L 327 -13.28 39.91 -33.36
N THR L 328 -12.87 41.12 -33.00
CA THR L 328 -11.46 41.42 -32.82
C THR L 328 -10.95 40.90 -31.49
N ARG L 329 -11.81 40.85 -30.46
CA ARG L 329 -11.41 40.33 -29.17
C ARG L 329 -11.25 38.81 -29.19
N ARG L 330 -11.81 38.12 -30.17
CA ARG L 330 -11.49 36.71 -30.37
C ARG L 330 -10.15 36.52 -31.06
N ARG L 331 -9.55 37.60 -31.59
CA ARG L 331 -8.30 37.51 -32.33
C ARG L 331 -7.09 37.89 -31.49
N ILE L 332 -7.09 39.09 -30.89
CA ILE L 332 -5.93 39.60 -30.20
C ILE L 332 -6.17 39.75 -28.70
N ALA L 333 -7.28 39.21 -28.19
CA ALA L 333 -7.63 39.12 -26.76
C ALA L 333 -7.75 40.48 -26.08
N THR L 334 -7.93 41.52 -26.88
CA THR L 334 -8.18 42.89 -26.45
C THR L 334 -8.73 43.60 -27.68
N ASP L 335 -8.84 44.92 -27.62
CA ASP L 335 -9.17 45.66 -28.82
C ASP L 335 -8.21 46.83 -28.99
N PHE L 336 -8.04 47.23 -30.24
CA PHE L 336 -7.12 48.25 -30.73
C PHE L 336 -7.43 49.62 -30.14
N PRO L 337 -6.55 50.62 -30.24
CA PRO L 337 -6.88 51.96 -29.75
C PRO L 337 -8.06 52.60 -30.46
N LYS L 338 -8.48 53.75 -29.94
CA LYS L 338 -9.68 54.44 -30.39
C LYS L 338 -9.55 54.87 -31.84
N GLY L 339 -10.46 54.39 -32.68
CA GLY L 339 -10.49 54.72 -34.08
C GLY L 339 -9.98 53.63 -34.99
N VAL L 340 -9.30 52.63 -34.45
CA VAL L 340 -8.68 51.57 -35.25
C VAL L 340 -9.63 50.40 -35.31
N TYR L 341 -9.88 49.90 -36.51
CA TYR L 341 -10.79 48.78 -36.75
C TYR L 341 -10.08 47.76 -37.61
N TYR L 342 -10.07 46.51 -37.15
CA TYR L 342 -9.31 45.46 -37.78
C TYR L 342 -10.25 44.42 -38.37
N CYS L 343 -9.92 43.91 -39.55
CA CYS L 343 -10.71 42.91 -40.24
C CYS L 343 -9.78 41.76 -40.62
N ASP L 344 -10.06 40.57 -40.10
CA ASP L 344 -9.23 39.41 -40.34
C ASP L 344 -9.75 38.60 -41.51
N ASN L 345 -8.86 38.27 -42.43
CA ASN L 345 -9.20 37.44 -43.58
C ASN L 345 -8.10 36.42 -43.84
N ARG L 346 -7.54 35.84 -42.79
CA ARG L 346 -6.37 34.98 -42.98
C ARG L 346 -6.74 33.59 -43.48
N ASP L 347 -7.91 33.08 -43.09
CA ASP L 347 -8.28 31.74 -43.53
C ASP L 347 -8.87 31.74 -44.92
N LYS L 348 -9.69 32.74 -45.23
CA LYS L 348 -10.24 32.95 -46.57
C LYS L 348 -9.80 34.33 -47.03
N PRO L 349 -8.68 34.44 -47.76
CA PRO L 349 -8.20 35.75 -48.19
C PRO L 349 -9.08 36.36 -49.28
N ILE L 350 -9.25 37.68 -49.21
CA ILE L 350 -10.04 38.41 -50.19
C ILE L 350 -9.29 38.41 -51.51
N TYR L 351 -9.79 37.64 -52.47
CA TYR L 351 -9.17 37.44 -53.77
C TYR L 351 -10.26 37.65 -54.80
N THR L 352 -10.16 38.74 -55.57
CA THR L 352 -11.23 39.04 -56.52
C THR L 352 -11.29 38.07 -57.68
N LEU L 353 -10.23 37.29 -57.91
CA LEU L 353 -10.31 36.17 -58.83
C LEU L 353 -11.24 35.07 -58.31
N GLN L 354 -11.42 34.99 -57.01
CA GLN L 354 -12.27 33.99 -56.38
C GLN L 354 -13.68 34.50 -56.10
N TYR L 355 -13.83 35.75 -55.66
CA TYR L 355 -15.11 36.25 -55.20
C TYR L 355 -15.69 37.38 -56.05
N GLY L 356 -15.02 37.80 -57.12
CA GLY L 356 -15.50 38.98 -57.80
C GLY L 356 -15.14 40.24 -57.03
N ASN L 357 -15.81 41.32 -57.38
CA ASN L 357 -15.52 42.62 -56.75
C ASN L 357 -15.94 42.63 -55.29
N VAL L 358 -14.99 42.99 -54.42
CA VAL L 358 -15.22 43.06 -52.98
C VAL L 358 -14.78 44.44 -52.51
N GLY L 359 -15.59 45.09 -51.67
CA GLY L 359 -15.23 46.37 -51.13
C GLY L 359 -15.35 46.39 -49.62
N PHE L 360 -14.74 47.41 -49.02
CA PHE L 360 -14.82 47.65 -47.59
C PHE L 360 -15.67 48.89 -47.37
N VAL L 361 -16.64 48.78 -46.47
CA VAL L 361 -17.67 49.80 -46.30
C VAL L 361 -17.55 50.39 -44.91
N VAL L 362 -17.63 51.72 -44.82
CA VAL L 362 -17.77 52.44 -43.57
C VAL L 362 -18.94 53.41 -43.71
N ASN L 363 -19.92 53.29 -42.82
CA ASN L 363 -21.03 54.22 -42.75
C ASN L 363 -20.83 55.08 -41.51
N PRO L 364 -20.39 56.33 -41.64
CA PRO L 364 -20.16 57.15 -40.46
C PRO L 364 -21.45 57.78 -39.96
N LYS L 365 -21.38 58.22 -38.71
CA LYS L 365 -22.49 58.92 -38.05
C LYS L 365 -22.22 60.40 -37.89
N THR L 366 -20.99 60.77 -37.54
CA THR L 366 -20.56 62.16 -37.45
C THR L 366 -19.26 62.30 -38.20
N VAL L 367 -19.20 63.26 -39.12
CA VAL L 367 -18.00 63.54 -39.90
C VAL L 367 -17.61 64.99 -39.66
N ASN L 368 -16.44 65.19 -39.06
CA ASN L 368 -15.92 66.52 -38.81
C ASN L 368 -15.18 67.02 -40.05
N GLN L 369 -14.64 68.23 -39.96
CA GLN L 369 -13.80 68.75 -41.03
C GLN L 369 -12.43 68.09 -41.01
N ASN L 370 -11.87 67.90 -42.21
CA ASN L 370 -10.61 67.20 -42.46
C ASN L 370 -10.64 65.78 -41.92
N ALA L 371 -11.75 65.09 -42.15
CA ALA L 371 -11.92 63.72 -41.72
C ALA L 371 -11.52 62.78 -42.84
N ARG L 372 -10.62 61.85 -42.56
CA ARG L 372 -10.14 60.91 -43.55
C ARG L 372 -10.16 59.50 -42.97
N LEU L 373 -10.10 58.53 -43.88
CA LEU L 373 -10.11 57.12 -43.53
C LEU L 373 -8.79 56.52 -43.98
N LEU L 374 -8.00 56.05 -43.01
CA LEU L 374 -6.63 55.59 -43.26
C LEU L 374 -6.61 54.08 -43.34
N MET L 375 -6.56 53.55 -44.56
CA MET L 375 -6.55 52.11 -44.75
C MET L 375 -5.14 51.55 -44.55
N GLY L 376 -5.08 50.26 -44.33
CA GLY L 376 -3.83 49.55 -44.23
C GLY L 376 -4.01 48.12 -44.67
N TYR L 377 -3.21 47.65 -45.61
CA TYR L 377 -3.43 46.35 -46.21
C TYR L 377 -2.27 45.40 -45.90
N GLU L 378 -2.53 44.12 -46.14
CA GLU L 378 -1.56 43.06 -45.95
C GLU L 378 -1.97 41.94 -46.87
N TYR L 379 -1.09 41.54 -47.78
CA TYR L 379 -1.54 40.72 -48.90
C TYR L 379 -0.38 39.94 -49.50
N PHE L 380 -0.71 39.05 -50.42
CA PHE L 380 0.22 38.32 -51.26
C PHE L 380 0.03 38.74 -52.72
N THR L 381 1.06 38.53 -53.55
CA THR L 381 0.99 38.75 -54.99
C THR L 381 2.07 37.92 -55.69
N SER L 382 1.71 37.25 -56.80
CA SER L 382 2.59 36.21 -57.32
C SER L 382 3.52 36.60 -58.48
N ARG L 383 2.97 36.93 -59.67
CA ARG L 383 3.73 37.42 -60.85
C ARG L 383 4.88 36.52 -61.32
N THR L 384 4.56 35.40 -62.01
CA THR L 384 5.39 34.21 -62.22
C THR L 384 6.75 34.47 -62.86
N GLU L 385 7.56 33.41 -62.84
CA GLU L 385 8.97 33.45 -63.20
C GLU L 385 9.32 32.28 -64.12
N LEU L 386 10.46 32.40 -64.81
CA LEU L 386 10.90 31.40 -65.77
C LEU L 386 12.38 31.05 -65.66
N VAL L 387 13.13 31.73 -64.81
CA VAL L 387 14.55 31.46 -64.60
C VAL L 387 14.81 31.44 -63.10
N ASN L 388 15.40 30.36 -62.61
CA ASN L 388 15.87 30.25 -61.24
C ASN L 388 17.39 30.28 -61.15
N ALA L 389 18.04 30.68 -62.24
CA ALA L 389 19.45 30.55 -62.54
C ALA L 389 20.22 31.76 -62.03
N GLY L 390 21.42 31.96 -62.55
CA GLY L 390 22.36 32.92 -61.98
C GLY L 390 23.47 32.23 -61.22
N THR L 391 24.09 31.23 -61.84
CA THR L 391 25.23 30.51 -61.28
C THR L 391 26.45 30.77 -62.14
N ILE L 392 27.56 31.17 -61.50
CA ILE L 392 28.84 31.31 -62.18
C ILE L 392 29.33 29.93 -62.61
N SER L 393 29.57 29.77 -63.90
CA SER L 393 30.04 28.51 -64.45
C SER L 393 31.55 28.35 -64.39
N THR L 394 32.28 29.42 -64.07
CA THR L 394 33.72 29.36 -63.92
C THR L 394 34.14 29.15 -62.47
N THR L 395 33.33 28.45 -61.69
CA THR L 395 33.66 28.14 -60.31
C THR L 395 34.14 26.70 -60.18
N MET M 1 -35.05 17.13 -48.64
CA MET M 1 -35.99 16.04 -48.35
C MET M 1 -37.18 16.55 -47.56
N ALA M 2 -37.66 17.75 -47.91
CA ALA M 2 -38.81 18.34 -47.22
C ALA M 2 -40.10 17.73 -47.74
N LEU M 3 -41.11 17.75 -46.87
CA LEU M 3 -42.43 17.25 -47.23
C LEU M 3 -43.27 18.40 -47.76
N ILE M 4 -43.98 18.15 -48.86
CA ILE M 4 -44.81 19.17 -49.48
C ILE M 4 -46.05 19.38 -48.61
N ASN M 5 -46.28 20.62 -48.20
CA ASN M 5 -47.53 21.00 -47.56
C ASN M 5 -48.63 21.06 -48.60
N PRO M 6 -49.67 20.23 -48.52
CA PRO M 6 -50.75 20.32 -49.51
C PRO M 6 -51.73 21.43 -49.24
N GLN M 7 -51.82 21.91 -48.00
CA GLN M 7 -52.75 22.98 -47.69
C GLN M 7 -52.19 24.34 -48.05
N PHE M 8 -50.89 24.52 -47.86
CA PHE M 8 -50.21 25.77 -48.21
C PHE M 8 -48.96 25.45 -49.02
N PRO M 9 -49.11 25.11 -50.30
CA PRO M 9 -47.94 24.90 -51.14
C PRO M 9 -47.38 26.22 -51.65
N TYR M 10 -46.19 26.15 -52.22
CA TYR M 10 -45.56 27.33 -52.82
C TYR M 10 -44.95 26.93 -54.15
N ALA M 11 -44.62 27.94 -54.93
CA ALA M 11 -44.09 27.73 -56.28
C ALA M 11 -42.58 27.91 -56.28
N GLY M 12 -41.98 27.88 -57.46
CA GLY M 12 -40.57 28.08 -57.61
C GLY M 12 -40.17 29.53 -57.39
N PRO M 13 -38.86 29.79 -57.47
CA PRO M 13 -38.37 31.14 -57.20
C PRO M 13 -38.75 32.13 -58.31
N VAL M 14 -39.12 33.34 -57.89
CA VAL M 14 -39.46 34.42 -58.80
C VAL M 14 -38.22 35.27 -59.01
N PRO M 15 -38.14 36.07 -60.08
CA PRO M 15 -36.99 36.98 -60.23
C PRO M 15 -36.97 38.06 -59.18
N ILE M 16 -35.76 38.43 -58.77
CA ILE M 16 -35.52 39.43 -57.73
C ILE M 16 -34.49 40.40 -58.29
N PRO M 17 -34.23 41.56 -57.66
CA PRO M 17 -33.12 42.41 -58.13
C PRO M 17 -31.76 41.72 -58.07
N GLY M 18 -30.90 42.07 -59.02
CA GLY M 18 -29.64 41.40 -59.21
C GLY M 18 -28.43 42.27 -58.95
N PRO M 19 -27.26 41.63 -58.79
CA PRO M 19 -26.04 42.34 -58.40
C PRO M 19 -25.13 42.82 -59.53
N ALA M 20 -25.72 43.49 -60.55
CA ALA M 20 -25.00 44.14 -61.67
C ALA M 20 -24.03 43.21 -62.40
N PRO M 21 -24.51 42.39 -63.35
CA PRO M 21 -23.87 41.10 -63.69
C PRO M 21 -22.39 41.09 -64.04
N THR M 22 -21.81 42.20 -64.51
CA THR M 22 -20.39 42.19 -64.80
C THR M 22 -19.54 42.29 -63.54
N GLU M 23 -20.13 42.71 -62.44
CA GLU M 23 -19.38 42.91 -61.21
C GLU M 23 -19.23 41.61 -60.42
N THR M 24 -19.84 40.53 -60.90
CA THR M 24 -19.61 39.19 -60.40
C THR M 24 -18.68 38.39 -61.32
N MET M 25 -18.13 39.02 -62.35
CA MET M 25 -17.21 38.37 -63.27
C MET M 25 -15.83 38.96 -63.09
N PRO M 26 -14.82 38.16 -62.77
CA PRO M 26 -13.47 38.70 -62.54
C PRO M 26 -12.60 38.76 -63.79
N LEU M 27 -11.57 39.59 -63.69
CA LEU M 27 -10.51 39.60 -64.69
C LEU M 27 -9.51 38.47 -64.44
N LEU M 28 -8.78 38.08 -65.49
CA LEU M 28 -7.99 36.85 -65.47
C LEU M 28 -6.50 37.06 -65.13
N ASN M 29 -6.14 38.22 -64.60
CA ASN M 29 -5.00 38.46 -63.70
C ASN M 29 -3.56 38.49 -64.24
N TYR M 30 -3.30 38.14 -65.51
CA TYR M 30 -2.20 38.76 -66.28
C TYR M 30 -0.78 38.67 -65.70
N ARG M 31 -0.14 37.51 -65.69
CA ARG M 31 1.20 37.39 -65.10
C ARG M 31 2.30 37.83 -66.06
N VAL M 32 3.21 38.67 -65.56
CA VAL M 32 4.42 39.08 -66.27
C VAL M 32 5.54 38.09 -65.97
N GLU M 33 6.65 38.17 -66.71
CA GLU M 33 7.75 37.24 -66.52
C GLU M 33 8.68 37.70 -65.40
N GLY M 34 9.25 36.73 -64.67
CA GLY M 34 9.99 37.02 -63.48
C GLY M 34 11.31 36.28 -63.45
N ARG M 35 12.10 36.60 -62.43
CA ARG M 35 13.50 36.19 -62.38
C ARG M 35 13.93 36.13 -60.93
N ILE M 36 14.56 35.01 -60.56
CA ILE M 36 15.26 34.93 -59.29
C ILE M 36 16.54 35.74 -59.43
N ALA M 37 16.59 36.88 -58.75
CA ALA M 37 17.56 37.91 -59.08
C ALA M 37 18.94 37.62 -58.49
N GLY M 38 19.96 38.13 -59.16
CA GLY M 38 21.32 38.06 -58.68
C GLY M 38 22.08 36.86 -59.21
N ILE M 39 23.40 36.94 -59.09
CA ILE M 39 24.28 35.84 -59.44
C ILE M 39 24.62 35.09 -58.15
N GLN M 40 24.25 33.83 -58.07
CA GLN M 40 24.37 33.08 -56.83
C GLN M 40 25.80 32.63 -56.59
N GLN M 41 26.23 32.71 -55.34
CA GLN M 41 27.54 32.18 -54.96
C GLN M 41 27.50 30.66 -54.96
N ALA M 42 28.68 30.06 -55.14
CA ALA M 42 28.76 28.62 -55.28
C ALA M 42 28.79 27.88 -53.96
N ARG M 43 29.25 28.53 -52.90
CA ARG M 43 29.47 27.87 -51.63
C ARG M 43 29.13 28.85 -50.52
N GLN M 44 28.93 28.33 -49.32
CA GLN M 44 28.58 29.15 -48.16
C GLN M 44 29.45 28.79 -46.97
N PHE M 45 29.92 29.81 -46.26
CA PHE M 45 30.75 29.65 -45.07
C PHE M 45 29.84 29.22 -43.93
N MET M 46 29.69 27.91 -43.77
CA MET M 46 28.65 27.38 -42.91
C MET M 46 29.04 27.48 -41.44
N PRO M 47 28.08 27.69 -40.53
CA PRO M 47 28.40 27.78 -39.10
C PRO M 47 28.62 26.43 -38.42
N PHE M 48 28.25 25.32 -39.06
CA PHE M 48 28.50 24.00 -38.53
C PHE M 48 29.22 23.17 -39.57
N LEU M 49 30.01 22.20 -39.11
CA LEU M 49 30.68 21.29 -40.00
C LEU M 49 29.71 20.25 -40.53
N GLN M 50 29.93 19.83 -41.77
CA GLN M 50 29.00 18.97 -42.48
C GLN M 50 29.35 17.49 -42.40
N GLY M 51 30.29 17.12 -41.55
CA GLY M 51 30.73 15.74 -41.48
C GLY M 51 30.28 15.06 -40.21
N PRO M 52 30.61 13.79 -40.06
CA PRO M 52 30.24 13.05 -38.86
C PRO M 52 31.13 13.39 -37.68
N HIS M 53 30.63 13.08 -36.49
CA HIS M 53 31.39 13.20 -35.26
C HIS M 53 31.40 11.85 -34.55
N ARG M 54 32.20 11.78 -33.49
CA ARG M 54 32.35 10.55 -32.73
C ARG M 54 31.78 10.74 -31.33
N GLU M 55 31.06 9.72 -30.86
CA GLU M 55 30.42 9.80 -29.55
C GLU M 55 31.43 9.61 -28.43
N VAL M 56 32.29 8.61 -28.56
CA VAL M 56 33.28 8.30 -27.54
C VAL M 56 34.67 8.45 -28.14
N ALA M 57 35.65 8.68 -27.26
CA ALA M 57 37.05 8.74 -27.65
C ALA M 57 37.71 7.41 -27.35
N GLU M 58 38.53 6.94 -28.30
CA GLU M 58 39.26 5.69 -28.17
C GLU M 58 40.73 5.99 -27.98
N GLN M 59 41.37 5.23 -27.08
CA GLN M 59 42.80 5.42 -26.83
C GLN M 59 43.60 4.84 -27.98
N THR M 60 44.50 5.65 -28.54
CA THR M 60 45.41 5.23 -29.59
C THR M 60 46.77 4.91 -28.98
N TYR M 61 47.54 4.09 -29.71
CA TYR M 61 48.85 3.65 -29.26
C TYR M 61 49.87 3.85 -30.37
N TYR M 62 51.14 3.86 -29.98
CA TYR M 62 52.24 3.73 -30.91
C TYR M 62 53.30 2.84 -30.28
N ALA M 63 53.93 2.02 -31.10
CA ALA M 63 54.93 1.07 -30.61
C ALA M 63 56.23 1.78 -30.28
N ILE M 64 56.87 1.34 -29.19
CA ILE M 64 58.22 1.77 -28.84
C ILE M 64 59.09 0.55 -28.64
N GLY M 65 60.40 0.77 -28.70
CA GLY M 65 61.36 -0.27 -28.42
C GLY M 65 61.96 -0.10 -27.03
N THR M 66 62.74 -1.10 -26.63
CA THR M 66 63.22 -1.16 -25.26
C THR M 66 64.65 -0.67 -25.10
N GLY M 67 65.58 -1.27 -25.80
CA GLY M 67 66.99 -0.94 -25.61
C GLY M 67 67.84 -2.18 -25.79
N ILE M 68 69.15 -1.97 -25.73
CA ILE M 68 70.09 -3.07 -25.87
C ILE M 68 70.08 -3.89 -24.58
N GLN M 69 69.76 -5.18 -24.70
CA GLN M 69 69.65 -6.03 -23.53
C GLN M 69 71.02 -6.56 -23.12
N MET M 70 71.37 -6.33 -21.86
CA MET M 70 72.69 -6.67 -21.35
C MET M 70 72.68 -8.02 -20.64
N GLY M 71 73.87 -8.47 -20.26
CA GLY M 71 74.01 -9.63 -19.42
C GLY M 71 73.89 -9.27 -17.95
N GLN M 72 74.04 -10.29 -17.10
CA GLN M 72 73.81 -10.12 -15.68
C GLN M 72 74.80 -10.94 -14.88
N THR M 73 75.01 -10.55 -13.63
CA THR M 73 75.78 -11.33 -12.67
C THR M 73 74.78 -12.02 -11.76
N PHE M 74 74.45 -13.27 -12.06
CA PHE M 74 73.54 -14.03 -11.23
C PHE M 74 74.22 -14.50 -9.95
N ASN M 75 73.42 -14.65 -8.91
CA ASN M 75 73.85 -15.38 -7.72
C ASN M 75 73.66 -16.86 -8.01
N GLN M 76 74.71 -17.60 -7.96
CA GLN M 76 74.65 -18.94 -8.48
C GLN M 76 74.47 -19.97 -7.37
N PRO M 77 73.72 -21.04 -7.62
CA PRO M 77 73.41 -22.00 -6.55
C PRO M 77 74.61 -22.84 -6.16
N LEU M 78 74.44 -23.59 -5.08
CA LEU M 78 75.47 -24.49 -4.60
C LEU M 78 75.38 -25.83 -5.35
N ILE M 79 76.42 -26.63 -5.20
CA ILE M 79 76.53 -27.89 -5.92
C ILE M 79 75.73 -28.96 -5.18
N ASN M 80 74.93 -29.71 -5.92
CA ASN M 80 74.10 -30.78 -5.35
C ASN M 80 75.00 -31.98 -5.02
N THR M 81 75.68 -31.87 -3.88
CA THR M 81 76.42 -32.99 -3.31
C THR M 81 75.59 -33.69 -2.23
N GLN M 82 74.40 -34.13 -2.66
CA GLN M 82 73.41 -34.82 -1.83
C GLN M 82 72.99 -34.00 -0.60
N GLU M 83 72.98 -32.68 -0.73
CA GLU M 83 72.37 -31.78 0.25
C GLU M 83 71.56 -30.76 -0.54
N GLY M 84 70.30 -31.08 -0.79
CA GLY M 84 69.43 -30.21 -1.56
C GLY M 84 68.09 -30.83 -1.93
N GLN N 30 63.23 -22.69 -38.34
CA GLN N 30 64.41 -22.32 -37.59
C GLN N 30 64.19 -22.52 -36.09
N VAL N 31 64.45 -23.73 -35.62
CA VAL N 31 64.62 -24.03 -34.20
C VAL N 31 65.90 -24.84 -34.04
N ALA N 32 66.54 -24.71 -32.88
CA ALA N 32 67.77 -25.43 -32.57
C ALA N 32 67.57 -26.19 -31.27
N SER N 33 68.06 -27.44 -31.23
CA SER N 33 67.80 -28.31 -30.10
C SER N 33 68.60 -27.95 -28.86
N ASN N 34 69.61 -27.09 -28.98
CA ASN N 34 70.40 -26.67 -27.84
C ASN N 34 70.31 -25.17 -27.55
N TRP N 35 69.51 -24.43 -28.30
CA TRP N 35 69.45 -22.98 -28.15
C TRP N 35 68.68 -22.60 -26.90
N GLU N 36 69.36 -21.98 -25.94
CA GLU N 36 68.77 -21.56 -24.67
C GLU N 36 68.47 -20.07 -24.63
N GLY N 37 68.56 -19.39 -25.76
CA GLY N 37 68.47 -17.94 -25.78
C GLY N 37 69.81 -17.35 -26.20
N PRO N 38 69.95 -16.04 -26.09
CA PRO N 38 71.23 -15.39 -26.46
C PRO N 38 72.34 -15.80 -25.50
N PRO N 39 73.48 -16.25 -26.03
CA PRO N 39 74.48 -16.89 -25.17
C PRO N 39 75.21 -15.95 -24.22
N TYR N 40 75.28 -14.65 -24.51
CA TYR N 40 75.89 -13.74 -23.54
C TYR N 40 74.96 -13.40 -22.40
N MET N 41 73.67 -13.77 -22.49
CA MET N 41 72.70 -13.53 -21.46
C MET N 41 72.28 -14.77 -20.69
N THR N 42 72.55 -15.96 -21.22
CA THR N 42 72.08 -17.21 -20.63
C THR N 42 73.20 -18.17 -20.24
N TYR N 43 74.47 -17.76 -20.33
CA TYR N 43 75.54 -18.71 -20.06
C TYR N 43 75.71 -18.98 -18.57
N ASN N 44 75.47 -17.99 -17.71
CA ASN N 44 75.60 -18.16 -16.28
C ASN N 44 74.26 -18.23 -15.58
N GLN N 45 73.21 -18.43 -16.32
CA GLN N 45 71.88 -18.46 -15.76
C GLN N 45 71.49 -19.89 -15.39
N PRO N 46 71.10 -20.14 -14.15
CA PRO N 46 70.58 -21.46 -13.80
C PRO N 46 69.20 -21.67 -14.40
N GLN N 47 68.78 -22.93 -14.44
CA GLN N 47 67.51 -23.27 -15.08
C GLN N 47 66.35 -23.00 -14.12
N ALA N 48 65.17 -23.49 -14.50
CA ALA N 48 63.92 -22.96 -13.93
C ALA N 48 63.71 -23.43 -12.51
N GLY N 49 63.63 -24.75 -12.28
CA GLY N 49 63.43 -25.24 -10.93
C GLY N 49 64.65 -25.04 -10.08
N SER N 50 65.68 -25.86 -10.33
CA SER N 50 67.10 -25.64 -10.01
C SER N 50 67.34 -25.15 -8.58
N VAL N 51 67.05 -26.02 -7.63
CA VAL N 51 67.43 -25.73 -6.24
C VAL N 51 68.95 -25.77 -6.11
N THR N 52 69.55 -26.93 -6.38
CA THR N 52 70.99 -27.03 -6.46
C THR N 52 71.36 -27.60 -7.81
N LEU N 53 72.36 -27.00 -8.44
CA LEU N 53 72.78 -27.50 -9.74
C LEU N 53 73.75 -28.67 -9.57
N PRO N 54 73.70 -29.64 -10.47
CA PRO N 54 74.75 -30.66 -10.51
C PRO N 54 75.92 -30.20 -11.37
N VAL N 55 76.98 -30.99 -11.35
CA VAL N 55 78.06 -30.79 -12.29
C VAL N 55 77.81 -31.67 -13.51
N ALA N 56 78.38 -31.28 -14.65
CA ALA N 56 77.98 -31.87 -15.92
C ALA N 56 78.56 -33.27 -16.13
N GLY N 57 79.55 -33.68 -15.33
CA GLY N 57 80.15 -34.98 -15.53
C GLY N 57 79.97 -35.95 -14.39
N TYR N 58 79.93 -35.44 -13.16
CA TYR N 58 79.80 -36.28 -11.98
C TYR N 58 78.43 -36.09 -11.34
N ILE N 96 86.42 -42.07 -15.87
CA ILE N 96 86.97 -43.22 -15.15
C ILE N 96 86.24 -43.40 -13.83
N SER N 97 86.32 -42.38 -12.97
CA SER N 97 85.61 -42.44 -11.69
C SER N 97 84.11 -42.21 -11.84
N SER N 98 83.68 -41.61 -12.94
CA SER N 98 82.28 -41.27 -13.14
C SER N 98 81.99 -41.34 -14.63
N GLN N 99 80.91 -40.69 -15.05
CA GLN N 99 80.47 -40.68 -16.45
C GLN N 99 81.52 -40.03 -17.35
N LEU N 100 81.81 -40.67 -18.48
CA LEU N 100 82.86 -40.22 -19.38
C LEU N 100 82.32 -39.75 -20.72
N ASN N 101 81.54 -40.58 -21.41
CA ASN N 101 80.93 -40.12 -22.65
C ASN N 101 79.72 -39.22 -22.40
N ASN N 102 79.12 -39.30 -21.22
CA ASN N 102 78.15 -38.28 -20.83
C ASN N 102 78.83 -36.96 -20.49
N TYR N 103 80.08 -37.03 -20.03
CA TYR N 103 80.86 -35.82 -19.81
C TYR N 103 81.25 -35.15 -21.12
N ALA N 104 81.59 -35.95 -22.12
CA ALA N 104 82.00 -35.39 -23.41
C ALA N 104 80.81 -34.85 -24.19
N GLU N 105 79.63 -35.45 -24.04
CA GLU N 105 78.44 -34.94 -24.70
C GLU N 105 77.82 -33.78 -23.94
N SER N 106 78.15 -33.60 -22.66
CA SER N 106 77.71 -32.40 -21.94
C SER N 106 78.58 -31.19 -22.28
N LEU N 107 79.77 -31.41 -22.83
CA LEU N 107 80.58 -30.31 -23.33
C LEU N 107 80.24 -29.96 -24.76
N ASN N 108 79.85 -30.95 -25.57
CA ASN N 108 79.45 -30.68 -26.95
C ASN N 108 78.10 -30.00 -27.01
N ASP N 109 77.21 -30.32 -26.06
CA ASP N 109 75.90 -29.67 -26.02
C ASP N 109 76.00 -28.23 -25.55
N TYR N 110 76.95 -27.94 -24.65
CA TYR N 110 77.13 -26.57 -24.20
C TYR N 110 77.74 -25.70 -25.28
N LEU N 111 78.72 -26.24 -26.02
CA LEU N 111 79.35 -25.48 -27.08
C LEU N 111 78.41 -25.28 -28.27
N ALA N 112 77.47 -26.20 -28.47
CA ALA N 112 76.46 -26.02 -29.49
C ALA N 112 75.44 -24.97 -29.09
N SER N 113 75.28 -24.71 -27.79
CA SER N 113 74.41 -23.63 -27.35
C SER N 113 75.06 -22.28 -27.57
N GLN N 114 76.37 -22.19 -27.36
CA GLN N 114 77.09 -20.94 -27.53
C GLN N 114 77.36 -20.60 -28.99
N ALA N 115 77.10 -21.52 -29.92
CA ALA N 115 77.39 -21.30 -31.32
C ALA N 115 76.16 -21.35 -32.22
N GLY N 116 75.02 -21.84 -31.74
CA GLY N 116 73.80 -21.83 -32.51
C GLY N 116 73.79 -22.77 -33.70
N VAL N 117 73.71 -24.08 -33.42
CA VAL N 117 73.89 -25.18 -34.39
C VAL N 117 75.25 -25.06 -35.09
N MET O 1 78.21 -10.71 33.12
CA MET O 1 78.10 -12.16 33.09
C MET O 1 78.03 -12.69 31.66
N ALA O 2 78.83 -13.73 31.41
CA ALA O 2 78.83 -14.53 30.17
C ALA O 2 79.15 -13.67 28.95
N ASN O 3 80.38 -13.17 28.91
CA ASN O 3 80.89 -12.50 27.71
C ASN O 3 81.33 -13.53 26.67
N GLN O 4 81.20 -13.15 25.41
CA GLN O 4 81.25 -14.07 24.29
C GLN O 4 82.65 -14.16 23.70
N GLN O 5 83.06 -15.38 23.32
CA GLN O 5 84.36 -15.63 22.75
C GLN O 5 84.36 -15.30 21.25
N ILE O 6 85.51 -14.87 20.75
CA ILE O 6 85.64 -14.29 19.41
C ILE O 6 86.07 -15.33 18.38
N GLY O 7 87.19 -16.00 18.62
CA GLY O 7 87.75 -16.88 17.61
C GLY O 7 88.27 -18.21 18.11
N GLY O 8 87.87 -19.30 17.46
CA GLY O 8 88.34 -20.62 17.79
C GLY O 8 88.65 -21.42 16.54
N SER O 9 89.62 -22.31 16.67
CA SER O 9 90.11 -23.11 15.56
C SER O 9 89.22 -24.34 15.35
N THR O 10 89.46 -25.05 14.25
CA THR O 10 88.68 -26.23 13.90
C THR O 10 89.58 -27.18 13.12
N VAL O 11 89.94 -28.31 13.73
CA VAL O 11 91.01 -29.19 13.25
C VAL O 11 90.48 -30.61 13.12
N THR O 12 90.90 -31.31 12.06
CA THR O 12 90.58 -32.71 11.84
C THR O 12 91.60 -33.61 12.54
N TYR O 13 91.16 -34.80 12.98
CA TYR O 13 92.00 -35.66 13.83
C TYR O 13 91.92 -37.12 13.40
N ASN O 14 92.70 -37.94 14.11
CA ASN O 14 92.86 -39.37 13.84
C ASN O 14 92.17 -40.15 14.95
N GLY O 15 91.20 -40.98 14.59
CA GLY O 15 90.44 -41.70 15.60
C GLY O 15 90.03 -43.12 15.26
N ALA O 16 90.42 -43.60 14.07
CA ALA O 16 89.96 -44.89 13.57
C ALA O 16 91.10 -45.90 13.53
N ILE O 17 90.80 -47.07 12.99
CA ILE O 17 91.75 -48.19 12.90
C ILE O 17 92.44 -48.11 11.55
N PRO O 18 93.77 -48.20 11.49
CA PRO O 18 94.47 -48.04 10.21
C PRO O 18 94.30 -49.24 9.29
N MET O 19 94.60 -49.00 8.01
CA MET O 19 94.60 -50.08 7.02
C MET O 19 95.75 -51.05 7.24
N GLY O 20 96.82 -50.61 7.91
CA GLY O 20 97.85 -51.50 8.38
C GLY O 20 97.44 -52.13 9.70
N GLY O 21 98.36 -52.12 10.65
CA GLY O 21 98.07 -52.68 11.95
C GLY O 21 98.40 -51.72 13.07
N PRO O 22 98.28 -52.21 14.30
CA PRO O 22 98.83 -51.47 15.44
C PRO O 22 100.34 -51.33 15.34
N VAL O 23 100.80 -50.09 15.18
CA VAL O 23 102.19 -49.77 14.87
C VAL O 23 102.62 -48.61 15.75
N ALA O 24 103.54 -48.84 16.68
CA ALA O 24 104.12 -47.74 17.45
C ALA O 24 105.54 -47.45 17.01
N ILE O 25 106.10 -46.40 17.59
CA ILE O 25 107.41 -45.88 17.20
C ILE O 25 108.19 -45.54 18.46
N ASN O 26 109.31 -46.23 18.69
CA ASN O 26 110.17 -45.89 19.82
C ASN O 26 111.02 -44.70 19.45
N SER O 27 110.98 -43.68 20.28
CA SER O 27 111.62 -42.40 20.00
C SER O 27 112.29 -41.85 21.26
N VAL O 28 113.20 -42.64 21.84
CA VAL O 28 113.93 -42.20 23.04
C VAL O 28 114.71 -40.92 22.74
N ILE O 29 114.52 -39.92 23.60
CA ILE O 29 115.07 -38.60 23.40
C ILE O 29 116.03 -38.29 24.55
N GLU O 30 116.74 -37.16 24.40
CA GLU O 30 117.53 -36.57 25.47
C GLU O 30 117.45 -35.07 25.28
N ILE O 31 116.91 -34.35 26.25
CA ILE O 31 116.67 -32.93 26.08
C ILE O 31 117.99 -32.19 26.26
N ALA O 32 118.51 -32.24 27.49
CA ALA O 32 119.83 -31.82 27.93
C ALA O 32 120.17 -30.34 27.77
N GLY O 33 119.45 -29.57 26.95
CA GLY O 33 119.38 -28.15 27.22
C GLY O 33 118.04 -27.45 27.15
N THR O 34 117.30 -27.60 26.06
CA THR O 34 116.00 -26.92 26.01
C THR O 34 114.83 -27.76 25.51
N GLU O 35 114.90 -28.20 24.24
CA GLU O 35 113.76 -28.81 23.55
C GLU O 35 114.23 -29.89 22.59
N VAL O 36 113.28 -30.68 22.12
CA VAL O 36 113.50 -31.73 21.12
C VAL O 36 112.30 -31.75 20.18
N LEU O 37 112.56 -31.62 18.88
CA LEU O 37 111.52 -31.76 17.87
C LEU O 37 111.45 -33.21 17.41
N VAL O 38 110.22 -33.71 17.23
CA VAL O 38 109.98 -35.03 16.65
C VAL O 38 109.08 -34.83 15.44
N ASP O 39 109.58 -35.17 14.26
CA ASP O 39 108.85 -34.99 13.01
C ASP O 39 108.62 -36.37 12.40
N LEU O 40 107.35 -36.76 12.31
CA LEU O 40 106.96 -38.04 11.74
C LEU O 40 106.26 -37.88 10.40
N LYS O 41 106.45 -36.73 9.74
CA LYS O 41 105.81 -36.50 8.44
C LYS O 41 106.41 -37.36 7.36
N LEU O 42 107.70 -37.73 7.49
CA LEU O 42 108.34 -38.59 6.50
C LEU O 42 107.75 -39.99 6.52
N ASP O 43 107.44 -40.50 7.72
CA ASP O 43 106.84 -41.83 7.82
C ASP O 43 105.43 -41.87 7.27
N TYR O 44 104.68 -40.77 7.40
CA TYR O 44 103.31 -40.75 6.90
C TYR O 44 103.26 -40.79 5.38
N ALA O 45 104.20 -40.10 4.72
CA ALA O 45 104.18 -40.04 3.27
C ALA O 45 104.76 -41.31 2.65
N THR O 46 105.77 -41.91 3.28
CA THR O 46 106.50 -43.03 2.70
C THR O 46 105.87 -44.39 3.02
N GLY O 47 104.56 -44.44 3.27
CA GLY O 47 103.86 -45.68 3.42
C GLY O 47 103.77 -46.23 4.83
N LYS O 48 104.55 -45.69 5.76
CA LYS O 48 104.52 -46.11 7.16
C LYS O 48 103.34 -45.48 7.90
N ILE O 49 103.46 -45.41 9.23
CA ILE O 49 102.44 -45.09 10.23
C ILE O 49 101.50 -43.95 9.81
N SER O 50 100.20 -44.14 10.05
CA SER O 50 99.18 -43.32 9.44
C SER O 50 98.65 -42.21 10.37
N GLY O 51 99.26 -42.03 11.53
CA GLY O 51 98.88 -40.92 12.37
C GLY O 51 98.85 -41.26 13.85
N VAL O 52 99.53 -40.46 14.66
CA VAL O 52 99.67 -40.73 16.08
C VAL O 52 98.34 -40.47 16.78
N GLN O 53 97.90 -41.45 17.57
CA GLN O 53 96.66 -41.37 18.32
C GLN O 53 96.86 -41.43 19.82
N THR O 54 97.90 -42.11 20.30
CA THR O 54 98.15 -42.27 21.72
C THR O 54 99.66 -42.11 21.95
N LEU O 55 100.01 -41.63 23.13
CA LEU O 55 101.39 -41.56 23.57
C LEU O 55 101.60 -42.50 24.75
N TYR O 56 102.73 -43.18 24.78
CA TYR O 56 103.20 -43.85 25.99
C TYR O 56 104.47 -43.13 26.43
N ILE O 57 104.41 -42.49 27.59
CA ILE O 57 105.55 -41.78 28.15
C ILE O 57 105.95 -42.48 29.44
N ASP O 58 107.24 -42.79 29.55
CA ASP O 58 107.80 -43.62 30.61
C ASP O 58 108.90 -42.81 31.29
N LEU O 59 108.55 -42.09 32.34
CA LEU O 59 109.53 -41.39 33.16
C LEU O 59 109.37 -41.85 34.60
N ARG O 60 110.07 -42.91 34.97
CA ARG O 60 110.13 -43.36 36.34
C ARG O 60 111.43 -42.98 37.03
N ASP O 61 112.47 -42.64 36.27
CA ASP O 61 113.75 -42.23 36.84
C ASP O 61 113.99 -40.73 36.76
N PHE O 62 113.16 -40.01 36.02
CA PHE O 62 113.34 -38.57 35.85
C PHE O 62 112.67 -37.81 36.98
N LEU O 63 113.33 -36.74 37.44
CA LEU O 63 112.92 -36.05 38.65
C LEU O 63 111.98 -34.89 38.36
N GLY O 64 111.78 -34.52 37.10
CA GLY O 64 110.88 -33.46 36.72
C GLY O 64 109.77 -33.96 35.83
N ASP O 65 109.11 -33.02 35.18
CA ASP O 65 107.97 -33.28 34.32
C ASP O 65 108.42 -33.25 32.86
N VAL O 66 107.60 -33.83 31.99
CA VAL O 66 107.86 -33.88 30.55
C VAL O 66 106.62 -33.39 29.83
N THR O 67 106.79 -32.39 28.97
CA THR O 67 105.70 -31.80 28.20
C THR O 67 105.85 -32.18 26.75
N VAL O 68 104.75 -32.60 26.12
CA VAL O 68 104.71 -32.90 24.69
C VAL O 68 103.64 -32.01 24.07
N THR O 69 103.99 -31.31 23.00
CA THR O 69 103.14 -30.29 22.41
C THR O 69 102.91 -30.60 20.94
N MET O 70 101.66 -30.47 20.51
CA MET O 70 101.28 -30.51 19.09
C MET O 70 101.22 -29.09 18.55
N PRO O 71 101.82 -28.80 17.40
CA PRO O 71 101.83 -27.43 16.91
C PRO O 71 100.55 -27.04 16.18
N ASP O 72 99.90 -28.00 15.53
CA ASP O 72 98.71 -27.71 14.77
C ASP O 72 97.48 -27.62 15.65
N THR O 73 97.54 -28.17 16.87
CA THR O 73 96.46 -28.16 17.82
C THR O 73 96.70 -27.19 18.97
N GLY O 74 97.90 -27.22 19.55
CA GLY O 74 98.19 -26.46 20.74
C GLY O 74 97.98 -27.21 22.03
N GLN O 75 97.61 -28.49 21.96
CA GLN O 75 97.53 -29.33 23.14
C GLN O 75 98.93 -29.60 23.68
N ARG O 76 99.09 -29.52 24.99
CA ARG O 76 100.40 -29.58 25.62
C ARG O 76 100.38 -30.49 26.85
N ILE O 77 100.01 -31.76 26.61
CA ILE O 77 100.04 -32.86 27.58
C ILE O 77 101.34 -32.90 28.37
N THR O 78 101.24 -32.86 29.69
CA THR O 78 102.37 -32.77 30.61
C THR O 78 102.34 -33.98 31.52
N ALA O 79 103.23 -34.95 31.27
CA ALA O 79 103.36 -36.11 32.13
C ALA O 79 104.12 -35.73 33.39
N ARG O 80 103.81 -36.42 34.48
CA ARG O 80 104.27 -36.00 35.80
C ARG O 80 105.57 -36.72 36.13
N ALA O 81 106.04 -36.59 37.38
CA ALA O 81 107.46 -36.76 37.69
C ALA O 81 107.92 -38.20 37.60
N GLY O 82 107.41 -39.06 38.47
CA GLY O 82 107.92 -40.42 38.52
C GLY O 82 106.92 -41.43 38.04
N THR O 83 106.13 -41.07 37.03
CA THR O 83 105.00 -41.87 36.60
C THR O 83 105.20 -42.35 35.18
N GLN O 84 104.61 -43.51 34.88
CA GLN O 84 104.42 -44.01 33.54
C GLN O 84 102.97 -43.77 33.13
N GLY O 85 102.72 -43.77 31.83
CA GLY O 85 101.36 -43.50 31.42
C GLY O 85 101.03 -43.60 29.95
N TYR O 86 99.78 -43.92 29.67
CA TYR O 86 99.22 -43.84 28.32
C TYR O 86 98.35 -42.60 28.25
N TYR O 87 98.49 -41.84 27.17
CA TYR O 87 97.79 -40.56 27.01
C TYR O 87 97.20 -40.49 25.62
N PRO O 88 95.89 -40.42 25.47
CA PRO O 88 95.30 -40.13 24.16
C PRO O 88 95.62 -38.70 23.76
N VAL O 89 95.77 -38.49 22.45
CA VAL O 89 96.39 -37.27 21.97
C VAL O 89 95.60 -36.75 20.77
N LEU O 90 95.62 -35.44 20.59
CA LEU O 90 94.91 -34.79 19.47
C LEU O 90 95.96 -34.39 18.44
N SER O 91 96.12 -35.22 17.41
CA SER O 91 97.17 -35.03 16.43
C SER O 91 96.60 -35.15 15.03
N THR O 92 97.22 -34.44 14.10
CA THR O 92 96.72 -34.27 12.75
C THR O 92 97.48 -35.19 11.79
N ASN O 93 97.23 -35.02 10.49
CA ASN O 93 98.00 -35.75 9.48
C ASN O 93 99.44 -35.25 9.40
N LEU O 94 99.68 -34.01 9.82
CA LEU O 94 101.01 -33.52 10.08
C LEU O 94 101.41 -33.94 11.49
N MET O 95 102.33 -34.91 11.59
CA MET O 95 102.76 -35.39 12.89
C MET O 95 104.08 -34.73 13.25
N LYS O 96 103.99 -33.52 13.78
CA LYS O 96 105.11 -32.87 14.44
C LYS O 96 104.84 -32.80 15.92
N PHE O 97 105.90 -32.87 16.72
CA PHE O 97 105.77 -32.91 18.18
C PHE O 97 106.93 -32.13 18.79
N ILE O 98 106.62 -31.27 19.73
CA ILE O 98 107.63 -30.54 20.48
C ILE O 98 107.68 -31.15 21.87
N VAL O 99 108.79 -31.81 22.18
CA VAL O 99 108.98 -32.45 23.46
C VAL O 99 109.90 -31.58 24.29
N SER O 100 109.58 -31.44 25.58
CA SER O 100 110.38 -30.64 26.49
C SER O 100 110.44 -31.32 27.84
N ALA O 101 111.36 -30.85 28.66
CA ALA O 101 111.54 -31.31 30.03
C ALA O 101 112.09 -30.14 30.84
N THR O 102 112.71 -30.43 31.97
CA THR O 102 113.36 -29.35 32.71
C THR O 102 114.85 -29.23 32.38
N ILE O 103 115.65 -30.25 32.73
CA ILE O 103 117.09 -30.12 32.57
C ILE O 103 117.74 -31.22 31.76
N ASP O 104 117.48 -32.49 32.07
CA ASP O 104 118.33 -33.60 31.64
C ASP O 104 117.43 -34.78 31.26
N GLY O 105 118.03 -35.97 31.23
CA GLY O 105 117.28 -37.21 31.29
C GLY O 105 116.99 -37.78 29.91
N LYS O 106 116.62 -39.06 29.90
CA LYS O 106 116.22 -39.78 28.70
C LYS O 106 114.91 -40.51 28.99
N PHE O 107 113.93 -40.36 28.09
CA PHE O 107 112.59 -40.87 28.31
C PHE O 107 112.21 -41.76 27.14
N PRO O 108 111.85 -43.02 27.36
CA PRO O 108 111.26 -43.82 26.29
C PRO O 108 109.86 -43.31 25.95
N MET O 109 109.64 -43.08 24.66
CA MET O 109 108.35 -42.58 24.17
C MET O 109 107.88 -43.43 23.01
N ASN O 110 106.59 -43.73 22.98
CA ASN O 110 106.01 -44.59 21.95
C ASN O 110 104.83 -43.87 21.32
N PHE O 111 104.97 -43.53 20.04
CA PHE O 111 103.89 -42.91 19.28
C PHE O 111 103.01 -43.98 18.67
N ILE O 112 101.83 -44.19 19.24
CA ILE O 112 101.21 -45.50 19.28
C ILE O 112 100.29 -45.80 18.09
N ASN O 113 99.51 -44.83 17.62
CA ASN O 113 98.62 -44.76 16.45
C ASN O 113 97.29 -45.47 16.60
N PHE O 114 97.05 -46.21 17.67
CA PHE O 114 95.78 -46.88 17.89
C PHE O 114 95.26 -46.45 19.26
N PRO O 115 93.93 -46.46 19.47
CA PRO O 115 93.41 -45.92 20.73
C PRO O 115 93.65 -46.83 21.93
N ILE O 116 94.29 -46.27 22.95
CA ILE O 116 94.40 -46.87 24.27
C ILE O 116 93.87 -45.84 25.25
N ALA O 117 92.97 -46.27 26.15
CA ALA O 117 92.42 -45.39 27.16
C ALA O 117 93.51 -44.95 28.14
N LEU O 118 93.24 -43.86 28.84
CA LEU O 118 94.25 -43.22 29.68
C LEU O 118 94.50 -44.05 30.94
N GLY O 119 95.71 -43.92 31.46
CA GLY O 119 96.07 -44.42 32.77
C GLY O 119 97.42 -43.91 33.21
N VAL O 120 97.66 -43.80 34.51
CA VAL O 120 98.93 -43.34 35.07
C VAL O 120 99.23 -44.21 36.29
N TRP O 121 100.47 -44.75 36.35
CA TRP O 121 100.75 -45.90 37.22
C TRP O 121 100.70 -45.54 38.71
N PRO O 122 101.48 -44.54 39.26
CA PRO O 122 101.11 -44.07 40.60
C PRO O 122 100.26 -42.82 40.60
N SER O 123 99.43 -42.64 41.63
CA SER O 123 98.53 -41.50 41.71
C SER O 123 98.64 -40.89 43.10
N GLY O 124 99.07 -39.64 43.17
CA GLY O 124 99.23 -38.94 44.44
C GLY O 124 100.65 -39.04 44.98
N MET P 1 61.85 -41.07 54.99
CA MET P 1 61.95 -42.24 54.12
C MET P 1 60.84 -42.22 53.08
N ALA P 2 61.21 -42.55 51.83
CA ALA P 2 60.30 -42.65 50.69
C ALA P 2 59.57 -41.33 50.41
N ASN P 3 60.36 -40.32 50.01
CA ASN P 3 59.84 -39.05 49.53
C ASN P 3 59.99 -39.02 48.01
N GLN P 4 58.88 -39.17 47.29
CA GLN P 4 58.92 -39.15 45.83
C GLN P 4 59.23 -37.75 45.32
N GLN P 5 59.64 -37.69 44.06
CA GLN P 5 60.04 -36.44 43.41
C GLN P 5 58.95 -35.99 42.44
N ILE P 6 59.08 -34.73 42.00
CA ILE P 6 58.02 -34.05 41.27
C ILE P 6 58.43 -33.78 39.82
N GLY P 7 59.60 -33.18 39.63
CA GLY P 7 60.00 -32.79 38.30
C GLY P 7 61.42 -33.15 37.89
N GLY P 8 61.54 -33.93 36.81
CA GLY P 8 62.80 -34.20 36.18
C GLY P 8 62.80 -33.67 34.75
N SER P 9 64.00 -33.57 34.17
CA SER P 9 64.19 -32.94 32.86
C SER P 9 64.79 -33.93 31.89
N THR P 10 63.98 -34.40 30.94
CA THR P 10 64.41 -35.32 29.91
C THR P 10 64.96 -34.55 28.71
N VAL P 11 66.09 -35.02 28.16
CA VAL P 11 66.83 -34.26 27.14
C VAL P 11 67.78 -35.20 26.39
N THR P 12 67.87 -35.00 25.08
CA THR P 12 68.63 -35.80 24.12
C THR P 12 70.09 -35.33 24.07
N TYR P 13 70.99 -36.24 23.64
CA TYR P 13 72.43 -35.97 23.69
C TYR P 13 73.14 -36.47 22.45
N ASN P 14 74.46 -36.27 22.45
CA ASN P 14 75.37 -36.66 21.39
C ASN P 14 76.28 -37.76 21.94
N GLY P 15 76.22 -38.94 21.33
CA GLY P 15 76.98 -40.06 21.85
C GLY P 15 77.56 -41.00 20.81
N ALA P 16 77.34 -40.70 19.53
CA ALA P 16 77.73 -41.57 18.44
C ALA P 16 78.89 -40.96 17.66
N ILE P 17 79.29 -41.66 16.60
CA ILE P 17 80.44 -41.28 15.79
C ILE P 17 79.96 -40.36 14.68
N PRO P 18 80.63 -39.22 14.45
CA PRO P 18 80.21 -38.34 13.36
C PRO P 18 80.58 -38.91 12.00
N MET P 19 79.67 -38.69 11.04
CA MET P 19 79.93 -39.08 9.65
C MET P 19 80.79 -38.04 8.94
N GLY P 20 81.16 -36.96 9.63
CA GLY P 20 82.23 -36.11 9.16
C GLY P 20 83.53 -36.70 9.67
N GLY P 21 84.24 -36.01 10.55
CA GLY P 21 85.41 -36.59 11.14
C GLY P 21 85.53 -36.31 12.61
N PRO P 22 86.51 -36.93 13.25
CA PRO P 22 86.92 -36.46 14.58
C PRO P 22 87.48 -35.06 14.52
N VAL P 23 86.73 -34.10 15.06
CA VAL P 23 87.02 -32.68 14.89
C VAL P 23 86.99 -32.00 16.26
N ALA P 24 88.12 -31.50 16.71
CA ALA P 24 88.16 -30.73 17.95
C ALA P 24 88.43 -29.26 17.68
N ILE P 25 88.07 -28.44 18.67
CA ILE P 25 88.04 -26.99 18.53
C ILE P 25 88.84 -26.38 19.68
N ASN P 26 89.89 -25.64 19.36
CA ASN P 26 90.68 -24.96 20.37
C ASN P 26 90.06 -23.58 20.60
N SER P 27 89.70 -23.32 21.86
CA SER P 27 88.97 -22.13 22.25
C SER P 27 89.54 -21.57 23.55
N VAL P 28 90.82 -21.21 23.53
CA VAL P 28 91.54 -20.67 24.69
C VAL P 28 90.78 -19.53 25.37
N ILE P 29 90.59 -19.66 26.67
CA ILE P 29 89.65 -18.86 27.45
C ILE P 29 90.44 -17.81 28.24
N GLU P 30 89.95 -16.57 28.24
CA GLU P 30 90.49 -15.47 29.04
C GLU P 30 89.48 -15.10 30.12
N ILE P 31 89.86 -15.29 31.38
CA ILE P 31 89.03 -14.96 32.53
C ILE P 31 89.87 -13.93 33.30
N ALA P 32 89.41 -13.54 34.50
CA ALA P 32 89.75 -12.35 35.31
C ALA P 32 89.12 -11.09 34.72
N GLY P 33 88.12 -11.29 33.87
CA GLY P 33 87.24 -10.18 33.57
C GLY P 33 85.78 -10.41 33.92
N THR P 34 85.27 -11.63 33.67
CA THR P 34 83.86 -11.95 33.89
C THR P 34 83.75 -13.47 33.97
N GLU P 35 82.57 -14.02 33.71
CA GLU P 35 82.41 -15.40 33.24
C GLU P 35 82.41 -15.39 31.72
N VAL P 36 82.80 -16.51 31.12
CA VAL P 36 83.02 -16.58 29.68
C VAL P 36 81.97 -17.49 29.06
N LEU P 37 81.29 -17.00 28.04
CA LEU P 37 80.35 -17.79 27.27
C LEU P 37 80.99 -18.25 25.98
N VAL P 38 80.81 -19.53 25.66
CA VAL P 38 81.25 -20.12 24.40
C VAL P 38 80.01 -20.62 23.67
N ASP P 39 79.80 -20.16 22.45
CA ASP P 39 78.64 -20.53 21.65
C ASP P 39 79.12 -21.14 20.34
N LEU P 40 78.89 -22.43 20.17
CA LEU P 40 79.26 -23.14 18.95
C LEU P 40 78.04 -23.49 18.11
N LYS P 41 76.93 -22.79 18.29
CA LYS P 41 75.75 -22.99 17.47
C LYS P 41 75.99 -22.58 16.02
N LEU P 42 76.86 -21.57 15.81
CA LEU P 42 77.20 -21.15 14.46
C LEU P 42 77.95 -22.24 13.70
N ASP P 43 78.84 -22.95 14.39
CA ASP P 43 79.57 -24.03 13.72
C ASP P 43 78.66 -25.21 13.41
N TYR P 44 77.67 -25.49 14.27
CA TYR P 44 76.76 -26.60 14.04
C TYR P 44 75.88 -26.33 12.83
N ALA P 45 75.44 -25.08 12.65
CA ALA P 45 74.53 -24.76 11.56
C ALA P 45 75.24 -24.64 10.23
N THR P 46 76.47 -24.10 10.22
CA THR P 46 77.18 -23.80 8.99
C THR P 46 78.01 -24.97 8.48
N GLY P 47 77.64 -26.21 8.81
CA GLY P 47 78.27 -27.38 8.23
C GLY P 47 79.42 -27.96 9.02
N LYS P 48 79.94 -27.24 10.00
CA LYS P 48 81.04 -27.74 10.83
C LYS P 48 80.52 -28.68 11.92
N ILE P 49 81.31 -28.81 13.00
CA ILE P 49 81.21 -29.78 14.09
C ILE P 49 79.79 -30.05 14.56
N SER P 50 79.47 -31.33 14.77
CA SER P 50 78.08 -31.75 14.96
C SER P 50 77.65 -31.72 16.41
N GLY P 51 78.55 -31.94 17.37
CA GLY P 51 78.16 -31.82 18.75
C GLY P 51 79.27 -32.17 19.73
N VAL P 52 79.48 -31.31 20.73
CA VAL P 52 80.55 -31.51 21.68
C VAL P 52 80.21 -32.68 22.60
N GLN P 53 81.12 -33.65 22.65
CA GLN P 53 80.93 -34.86 23.43
C GLN P 53 81.95 -35.02 24.53
N THR P 54 83.16 -34.49 24.36
CA THR P 54 84.21 -34.59 25.35
C THR P 54 84.90 -33.22 25.46
N LEU P 55 85.41 -32.91 26.64
CA LEU P 55 86.23 -31.73 26.87
C LEU P 55 87.65 -32.16 27.20
N TYR P 56 88.63 -31.44 26.67
CA TYR P 56 89.99 -31.50 27.18
C TYR P 56 90.27 -30.16 27.86
N ILE P 57 90.48 -30.20 29.16
CA ILE P 57 90.77 -29.00 29.95
C ILE P 57 92.19 -29.13 30.49
N ASP P 58 92.99 -28.09 30.27
CA ASP P 58 94.43 -28.09 30.56
C ASP P 58 94.70 -27.03 31.62
N LEU P 59 94.72 -27.43 32.88
CA LEU P 59 95.03 -26.55 34.00
C LEU P 59 96.33 -27.03 34.63
N ARG P 60 97.46 -26.62 34.07
CA ARG P 60 98.73 -27.02 34.64
C ARG P 60 99.37 -25.91 35.45
N ASP P 61 99.33 -24.67 34.95
CA ASP P 61 99.92 -23.54 35.64
C ASP P 61 98.91 -22.73 36.44
N PHE P 62 97.65 -23.15 36.46
CA PHE P 62 96.62 -22.40 37.19
C PHE P 62 96.57 -22.83 38.65
N LEU P 63 96.23 -21.87 39.51
CA LEU P 63 96.22 -22.10 40.95
C LEU P 63 94.84 -22.41 41.49
N GLY P 64 93.78 -22.09 40.74
CA GLY P 64 92.42 -22.37 41.14
C GLY P 64 91.76 -23.44 40.28
N ASP P 65 90.44 -23.50 40.40
CA ASP P 65 89.63 -24.48 39.68
C ASP P 65 88.96 -23.81 38.50
N VAL P 66 88.45 -24.64 37.59
CA VAL P 66 87.76 -24.16 36.39
C VAL P 66 86.47 -24.97 36.24
N THR P 67 85.35 -24.26 36.12
CA THR P 67 84.03 -24.85 36.00
C THR P 67 83.49 -24.59 34.60
N VAL P 68 82.96 -25.63 33.96
CA VAL P 68 82.30 -25.51 32.66
C VAL P 68 80.87 -25.99 32.84
N THR P 69 79.91 -25.22 32.34
CA THR P 69 78.49 -25.49 32.56
C THR P 69 77.76 -25.54 31.23
N MET P 70 76.94 -26.57 31.04
CA MET P 70 76.00 -26.69 29.95
C MET P 70 74.64 -26.17 30.38
N PRO P 71 73.98 -25.31 29.60
CA PRO P 71 72.74 -24.68 30.08
C PRO P 71 71.49 -25.52 29.82
N ASP P 72 71.52 -26.36 28.78
CA ASP P 72 70.40 -27.24 28.50
C ASP P 72 70.32 -28.38 29.51
N THR P 73 71.44 -28.73 30.11
CA THR P 73 71.52 -29.85 31.05
C THR P 73 71.67 -29.40 32.50
N GLY P 74 72.57 -28.47 32.75
CA GLY P 74 72.91 -28.12 34.11
C GLY P 74 74.09 -28.87 34.66
N GLN P 75 74.81 -29.61 33.82
CA GLN P 75 76.01 -30.32 34.26
C GLN P 75 77.14 -29.34 34.52
N ARG P 76 77.89 -29.58 35.59
CA ARG P 76 78.81 -28.61 36.17
C ARG P 76 80.18 -29.24 36.39
N ILE P 77 80.76 -29.79 35.32
CA ILE P 77 82.09 -30.38 35.38
C ILE P 77 83.11 -29.33 35.80
N THR P 78 83.80 -29.61 36.91
CA THR P 78 84.73 -28.69 37.56
C THR P 78 86.11 -29.34 37.58
N ALA P 79 87.01 -28.87 36.73
CA ALA P 79 88.38 -29.34 36.73
C ALA P 79 89.14 -28.75 37.90
N ARG P 80 90.16 -29.47 38.36
CA ARG P 80 90.86 -29.10 39.58
C ARG P 80 92.18 -28.43 39.24
N ALA P 81 92.95 -28.07 40.27
CA ALA P 81 93.94 -27.01 40.20
C ALA P 81 95.13 -27.26 39.29
N GLY P 82 95.95 -28.25 39.59
CA GLY P 82 97.14 -28.45 38.79
C GLY P 82 97.05 -29.66 37.90
N THR P 83 95.87 -29.93 37.36
CA THR P 83 95.62 -31.16 36.63
C THR P 83 95.16 -30.86 35.21
N GLN P 84 95.52 -31.74 34.29
CA GLN P 84 94.93 -31.79 32.97
C GLN P 84 93.95 -32.96 32.93
N GLY P 85 93.10 -32.98 31.90
CA GLY P 85 92.10 -34.02 31.91
C GLY P 85 91.17 -34.08 30.72
N TYR P 86 90.64 -35.26 30.46
CA TYR P 86 89.58 -35.48 29.50
C TYR P 86 88.29 -35.75 30.26
N TYR P 87 87.21 -35.08 29.88
CA TYR P 87 85.94 -35.18 30.60
C TYR P 87 84.82 -35.36 29.58
N PRO P 88 84.07 -36.46 29.64
CA PRO P 88 82.87 -36.56 28.81
C PRO P 88 81.77 -35.67 29.34
N VAL P 89 81.08 -34.97 28.45
CA VAL P 89 80.06 -34.01 28.83
C VAL P 89 78.72 -34.45 28.26
N LEU P 90 77.65 -34.05 28.94
CA LEU P 90 76.29 -34.23 28.45
C LEU P 90 75.88 -32.91 27.80
N SER P 91 75.92 -32.87 26.47
CA SER P 91 75.69 -31.65 25.71
C SER P 91 74.73 -31.93 24.56
N THR P 92 73.94 -30.93 24.23
CA THR P 92 72.85 -31.06 23.28
C THR P 92 73.23 -30.48 21.93
N ASN P 93 72.26 -30.35 21.03
CA ASN P 93 72.49 -29.68 19.75
C ASN P 93 72.80 -28.21 19.94
N LEU P 94 72.28 -27.60 21.00
CA LEU P 94 72.79 -26.32 21.47
C LEU P 94 74.18 -26.55 22.07
N MET P 95 75.22 -26.06 21.40
CA MET P 95 76.53 -26.04 22.02
C MET P 95 76.82 -24.67 22.60
N LYS P 96 76.18 -24.40 23.73
CA LYS P 96 76.49 -23.25 24.55
C LYS P 96 77.19 -23.73 25.81
N PHE P 97 78.13 -22.94 26.30
CA PHE P 97 78.97 -23.34 27.42
C PHE P 97 79.29 -22.12 28.25
N ILE P 98 79.13 -22.25 29.57
CA ILE P 98 79.46 -21.18 30.51
C ILE P 98 80.74 -21.59 31.20
N VAL P 99 81.84 -20.93 30.84
CA VAL P 99 83.15 -21.22 31.43
C VAL P 99 83.39 -20.21 32.53
N SER P 100 83.86 -20.69 33.68
CA SER P 100 84.19 -19.85 34.81
C SER P 100 85.46 -20.36 35.45
N ALA P 101 86.00 -19.59 36.37
CA ALA P 101 87.13 -20.00 37.18
C ALA P 101 87.02 -19.31 38.53
N THR P 102 88.12 -19.27 39.27
CA THR P 102 88.12 -18.52 40.53
C THR P 102 88.62 -17.10 40.33
N ILE P 103 89.88 -16.94 39.92
CA ILE P 103 90.49 -15.62 39.88
C ILE P 103 90.91 -15.15 38.49
N ASP P 104 91.74 -15.91 37.80
CA ASP P 104 92.55 -15.39 36.70
C ASP P 104 92.61 -16.44 35.60
N GLY P 105 93.56 -16.28 34.68
CA GLY P 105 94.14 -17.42 34.00
C GLY P 105 93.83 -17.47 32.51
N LYS P 106 94.60 -18.31 31.82
CA LYS P 106 94.40 -18.66 30.41
C LYS P 106 94.42 -20.17 30.31
N PHE P 107 93.38 -20.75 29.71
CA PHE P 107 93.17 -22.20 29.74
C PHE P 107 93.03 -22.74 28.33
N PRO P 108 93.91 -23.61 27.88
CA PRO P 108 93.66 -24.34 26.63
C PRO P 108 92.49 -25.30 26.81
N MET P 109 91.49 -25.16 25.96
CA MET P 109 90.26 -25.94 26.06
C MET P 109 89.94 -26.52 24.68
N ASN P 110 89.61 -27.79 24.63
CA ASN P 110 89.34 -28.47 23.37
C ASN P 110 87.95 -29.09 23.41
N PHE P 111 87.11 -28.71 22.46
CA PHE P 111 85.76 -29.25 22.33
C PHE P 111 85.78 -30.36 21.28
N ILE P 112 85.71 -31.61 21.75
CA ILE P 112 86.39 -32.72 21.09
C ILE P 112 85.50 -33.42 20.07
N ASN P 113 84.22 -33.65 20.38
CA ASN P 113 83.10 -34.21 19.63
C ASN P 113 83.13 -35.73 19.47
N PHE P 114 84.18 -36.43 19.88
CA PHE P 114 84.22 -37.87 19.82
C PHE P 114 84.44 -38.40 21.23
N PRO P 115 84.01 -39.62 21.53
CA PRO P 115 84.16 -40.13 22.90
C PRO P 115 85.59 -40.49 23.24
N ILE P 116 86.08 -39.86 24.30
CA ILE P 116 87.33 -40.22 24.96
C ILE P 116 86.98 -40.49 26.42
N ALA P 117 87.41 -41.63 26.94
CA ALA P 117 87.14 -41.99 28.33
C ALA P 117 87.86 -41.03 29.27
N LEU P 118 87.36 -40.97 30.52
CA LEU P 118 87.84 -39.97 31.46
C LEU P 118 89.24 -40.31 31.95
N GLY P 119 90.01 -39.27 32.24
CA GLY P 119 91.27 -39.42 32.94
C GLY P 119 91.75 -38.07 33.41
N VAL P 120 92.52 -38.07 34.50
CA VAL P 120 93.08 -36.86 35.10
C VAL P 120 94.53 -37.16 35.51
N TRP P 121 95.48 -36.29 35.09
CA TRP P 121 96.90 -36.65 35.11
C TRP P 121 97.47 -36.84 36.53
N PRO P 122 97.44 -35.81 37.47
CA PRO P 122 97.69 -36.21 38.87
C PRO P 122 96.39 -36.40 39.66
N SER P 123 96.41 -37.30 40.63
CA SER P 123 95.22 -37.65 41.40
C SER P 123 95.53 -37.51 42.89
N GLY P 124 95.16 -36.38 43.48
CA GLY P 124 95.40 -36.15 44.89
C GLY P 124 96.56 -35.22 45.17
N MET Q 1 86.16 -72.26 58.13
CA MET Q 1 86.97 -73.11 57.26
C MET Q 1 86.13 -73.74 56.15
N ALA Q 2 86.27 -73.18 54.94
CA ALA Q 2 85.78 -73.76 53.68
C ALA Q 2 84.27 -73.97 53.69
N ASN Q 3 83.53 -72.87 53.80
CA ASN Q 3 82.08 -72.93 53.83
C ASN Q 3 81.49 -72.52 52.47
N GLN Q 4 80.22 -72.87 52.29
CA GLN Q 4 79.51 -72.69 51.03
C GLN Q 4 78.22 -71.91 51.28
N GLN Q 5 77.89 -71.01 50.36
CA GLN Q 5 76.70 -70.18 50.51
C GLN Q 5 75.45 -70.95 50.09
N ILE Q 6 74.30 -70.31 50.30
CA ILE Q 6 72.99 -70.96 50.16
C ILE Q 6 72.14 -70.27 49.11
N GLY Q 7 71.97 -68.95 49.20
CA GLY Q 7 71.06 -68.25 48.33
C GLY Q 7 71.63 -67.02 47.64
N GLY Q 8 71.38 -66.92 46.33
CA GLY Q 8 71.80 -65.79 45.52
C GLY Q 8 70.78 -65.47 44.45
N SER Q 9 70.59 -64.17 44.17
CA SER Q 9 69.53 -63.70 43.28
C SER Q 9 70.10 -63.48 41.88
N THR Q 10 69.23 -63.42 40.87
CA THR Q 10 69.62 -63.18 39.49
C THR Q 10 68.70 -62.14 38.87
N VAL Q 11 69.28 -61.08 38.31
CA VAL Q 11 68.55 -59.93 37.77
C VAL Q 11 68.99 -59.68 36.33
N THR Q 12 68.05 -59.30 35.47
CA THR Q 12 68.32 -58.91 34.08
C THR Q 12 68.47 -57.39 34.00
N TYR Q 13 69.36 -56.92 33.12
CA TYR Q 13 69.77 -55.51 33.12
C TYR Q 13 69.57 -54.79 31.79
N ASN Q 14 70.02 -53.54 31.79
CA ASN Q 14 70.10 -52.67 30.62
C ASN Q 14 71.57 -52.42 30.34
N GLY Q 15 72.04 -52.85 29.17
CA GLY Q 15 73.45 -52.73 28.88
C GLY Q 15 73.81 -52.39 27.44
N ALA Q 16 72.80 -52.22 26.60
CA ALA Q 16 72.98 -51.98 25.18
C ALA Q 16 72.62 -50.54 24.84
N ILE Q 17 72.71 -50.23 23.54
CA ILE Q 17 72.45 -48.89 23.03
C ILE Q 17 70.96 -48.76 22.77
N PRO Q 18 70.30 -47.70 23.24
CA PRO Q 18 68.88 -47.55 22.98
C PRO Q 18 68.60 -47.18 21.53
N MET Q 19 67.48 -47.68 21.01
CA MET Q 19 67.05 -47.34 19.66
C MET Q 19 66.41 -45.96 19.63
N GLY Q 20 66.19 -45.35 20.79
CA GLY Q 20 65.96 -43.92 20.88
C GLY Q 20 67.28 -43.19 20.80
N GLY Q 21 67.51 -42.30 21.75
CA GLY Q 21 68.77 -41.60 21.77
C GLY Q 21 69.49 -41.70 23.09
N PRO Q 22 70.72 -41.19 23.14
CA PRO Q 22 71.34 -40.89 24.43
C PRO Q 22 70.55 -39.83 25.17
N VAL Q 23 69.94 -40.21 26.29
CA VAL Q 23 68.96 -39.39 26.99
C VAL Q 23 69.26 -39.45 28.48
N ALA Q 24 69.62 -38.31 29.08
CA ALA Q 24 69.78 -38.25 30.52
C ALA Q 24 68.74 -37.32 31.15
N ILE Q 25 68.55 -37.49 32.46
CA ILE Q 25 67.49 -36.85 33.20
C ILE Q 25 68.08 -36.11 34.38
N ASN Q 26 67.95 -34.78 34.40
CA ASN Q 26 68.36 -34.00 35.56
C ASN Q 26 67.27 -34.10 36.63
N SER Q 27 67.67 -34.57 37.81
CA SER Q 27 66.75 -34.84 38.91
C SER Q 27 67.35 -34.37 40.23
N VAL Q 28 67.70 -33.08 40.31
CA VAL Q 28 68.31 -32.43 41.47
C VAL Q 28 67.64 -32.78 42.80
N ILE Q 29 68.44 -33.27 43.74
CA ILE Q 29 67.96 -33.89 44.97
C ILE Q 29 68.20 -32.94 46.13
N GLU Q 30 67.15 -32.66 46.90
CA GLU Q 30 67.27 -32.01 48.20
C GLU Q 30 66.74 -32.99 49.24
N ILE Q 31 67.58 -33.35 50.21
CA ILE Q 31 67.13 -34.29 51.23
C ILE Q 31 66.70 -33.53 52.47
N ALA Q 32 67.67 -32.90 53.12
CA ALA Q 32 67.56 -32.00 54.28
C ALA Q 32 67.01 -32.63 55.56
N GLY Q 33 66.38 -33.82 55.52
CA GLY Q 33 66.29 -34.58 56.75
C GLY Q 33 66.62 -36.07 56.76
N THR Q 34 66.07 -36.86 55.83
CA THR Q 34 66.34 -38.29 55.89
C THR Q 34 66.77 -38.94 54.58
N GLU Q 35 65.89 -38.91 53.57
CA GLU Q 35 66.00 -39.75 52.38
C GLU Q 35 65.12 -39.20 51.29
N VAL Q 36 65.41 -39.60 50.05
CA VAL Q 36 64.68 -39.15 48.87
C VAL Q 36 64.51 -40.34 47.93
N LEU Q 37 63.27 -40.61 47.53
CA LEU Q 37 62.97 -41.68 46.57
C LEU Q 37 62.83 -41.09 45.17
N VAL Q 38 63.40 -41.78 44.19
CA VAL Q 38 63.28 -41.42 42.78
C VAL Q 38 62.65 -42.60 42.06
N ASP Q 39 61.59 -42.33 41.31
CA ASP Q 39 60.85 -43.37 40.58
C ASP Q 39 60.74 -42.96 39.13
N LEU Q 40 61.39 -43.72 38.26
CA LEU Q 40 61.36 -43.45 36.82
C LEU Q 40 60.57 -44.49 36.05
N LYS Q 41 59.69 -45.22 36.74
CA LYS Q 41 58.81 -46.19 36.08
C LYS Q 41 57.82 -45.51 35.14
N LEU Q 42 57.39 -44.29 35.48
CA LEU Q 42 56.44 -43.56 34.64
C LEU Q 42 57.05 -43.17 33.30
N ASP Q 43 58.33 -42.75 33.30
CA ASP Q 43 59.00 -42.41 32.06
C ASP Q 43 59.23 -43.64 31.18
N TYR Q 44 59.51 -44.79 31.79
CA TYR Q 44 59.78 -45.99 31.03
C TYR Q 44 58.55 -46.50 30.29
N ALA Q 45 57.37 -46.37 30.91
CA ALA Q 45 56.14 -46.86 30.29
C ALA Q 45 55.62 -45.89 29.24
N THR Q 46 55.74 -44.58 29.48
CA THR Q 46 55.11 -43.56 28.66
C THR Q 46 55.96 -43.15 27.45
N GLY Q 47 56.86 -44.00 26.99
CA GLY Q 47 57.59 -43.75 25.77
C GLY Q 47 58.95 -43.10 25.93
N LYS Q 48 59.26 -42.58 27.12
CA LYS Q 48 60.55 -41.95 27.41
C LYS Q 48 61.60 -43.00 27.71
N ILE Q 49 62.66 -42.59 28.44
CA ILE Q 49 63.91 -43.29 28.72
C ILE Q 49 63.76 -44.78 29.00
N SER Q 50 64.63 -45.59 28.41
CA SER Q 50 64.46 -47.03 28.39
C SER Q 50 65.05 -47.72 29.61
N GLY Q 51 66.06 -47.13 30.25
CA GLY Q 51 66.57 -47.69 31.48
C GLY Q 51 67.91 -47.11 31.89
N VAL Q 52 68.05 -46.81 33.18
CA VAL Q 52 69.23 -46.11 33.66
C VAL Q 52 70.42 -47.05 33.67
N GLN Q 53 71.51 -46.62 33.04
CA GLN Q 53 72.74 -47.39 32.93
C GLN Q 53 73.92 -46.75 33.64
N THR Q 54 73.95 -45.43 33.72
CA THR Q 54 75.04 -44.69 34.34
C THR Q 54 74.45 -43.56 35.18
N LEU Q 55 75.13 -43.20 36.25
CA LEU Q 55 74.82 -42.02 37.03
C LEU Q 55 75.92 -40.98 36.86
N TYR Q 56 75.55 -39.71 36.79
CA TYR Q 56 76.48 -38.62 37.01
C TYR Q 56 76.10 -37.95 38.32
N ILE Q 57 77.01 -37.97 39.28
CA ILE Q 57 76.77 -37.43 40.60
C ILE Q 57 77.76 -36.30 40.84
N ASP Q 58 77.23 -35.10 41.10
CA ASP Q 58 78.02 -33.87 41.19
C ASP Q 58 78.00 -33.40 42.64
N LEU Q 59 79.05 -33.75 43.39
CA LEU Q 59 79.22 -33.33 44.77
C LEU Q 59 80.49 -32.52 44.89
N ARG Q 60 80.43 -31.24 44.55
CA ARG Q 60 81.57 -30.38 44.82
C ARG Q 60 81.41 -29.56 46.08
N ASP Q 61 80.24 -28.96 46.29
CA ASP Q 61 80.00 -28.13 47.45
C ASP Q 61 79.41 -28.90 48.63
N PHE Q 62 79.10 -30.18 48.44
CA PHE Q 62 78.56 -31.00 49.51
C PHE Q 62 79.69 -31.57 50.35
N LEU Q 63 79.57 -31.42 51.67
CA LEU Q 63 80.65 -31.77 52.59
C LEU Q 63 80.55 -33.18 53.13
N GLY Q 64 79.51 -33.91 52.79
CA GLY Q 64 79.40 -35.30 53.19
C GLY Q 64 79.30 -36.23 52.00
N ASP Q 65 79.00 -37.50 52.25
CA ASP Q 65 78.90 -38.50 51.20
C ASP Q 65 77.45 -38.66 50.77
N VAL Q 66 77.25 -39.28 49.61
CA VAL Q 66 75.93 -39.46 49.03
C VAL Q 66 75.82 -40.90 48.54
N THR Q 67 74.79 -41.60 49.00
CA THR Q 67 74.53 -42.99 48.64
C THR Q 67 73.31 -43.05 47.74
N VAL Q 68 73.41 -43.82 46.66
CA VAL Q 68 72.28 -44.12 45.78
C VAL Q 68 72.13 -45.62 45.75
N THR Q 69 70.90 -46.10 45.96
CA THR Q 69 70.63 -47.52 46.11
C THR Q 69 69.58 -47.97 45.10
N MET Q 70 69.87 -49.06 44.40
CA MET Q 70 68.89 -49.76 43.56
C MET Q 70 68.18 -50.81 44.40
N PRO Q 71 66.85 -50.89 44.34
CA PRO Q 71 66.13 -51.82 45.23
C PRO Q 71 66.03 -53.23 44.69
N ASP Q 72 66.05 -53.38 43.37
CA ASP Q 72 65.89 -54.70 42.77
C ASP Q 72 67.17 -55.51 42.91
N THR Q 73 68.32 -54.87 42.81
CA THR Q 73 69.59 -55.56 42.87
C THR Q 73 70.32 -55.38 44.19
N GLY Q 74 70.09 -54.27 44.89
CA GLY Q 74 70.75 -54.03 46.15
C GLY Q 74 72.09 -53.34 46.04
N GLN Q 75 72.47 -52.88 44.85
CA GLN Q 75 73.71 -52.14 44.69
C GLN Q 75 73.57 -50.74 45.27
N ARG Q 76 74.58 -50.29 46.01
CA ARG Q 76 74.49 -49.09 46.82
C ARG Q 76 75.75 -48.22 46.61
N ILE Q 77 75.96 -47.81 45.35
CA ILE Q 77 76.96 -46.83 44.92
C ILE Q 77 77.00 -45.61 45.85
N THR Q 78 78.19 -45.30 46.36
CA THR Q 78 78.39 -44.22 47.33
C THR Q 78 79.44 -43.27 46.79
N ALA Q 79 79.05 -42.01 46.58
CA ALA Q 79 79.96 -40.99 46.10
C ALA Q 79 80.66 -40.29 47.26
N ARG Q 80 81.89 -39.86 47.02
CA ARG Q 80 82.70 -39.25 48.06
C ARG Q 80 82.37 -37.77 48.17
N ALA Q 81 83.03 -37.06 49.08
CA ALA Q 81 82.55 -35.77 49.55
C ALA Q 81 82.71 -34.65 48.52
N GLY Q 82 83.96 -34.28 48.22
CA GLY Q 82 84.16 -33.12 47.38
C GLY Q 82 84.48 -33.49 45.94
N THR Q 83 83.86 -34.57 45.46
CA THR Q 83 84.19 -35.14 44.16
C THR Q 83 82.97 -35.22 43.27
N GLN Q 84 83.18 -35.03 41.98
CA GLN Q 84 82.21 -35.38 40.96
C GLN Q 84 82.61 -36.72 40.36
N GLY Q 85 81.72 -37.34 39.63
CA GLY Q 85 82.01 -38.66 39.13
C GLY Q 85 80.92 -39.22 38.24
N TYR Q 86 81.34 -40.13 37.37
CA TYR Q 86 80.44 -40.97 36.59
C TYR Q 86 80.47 -42.38 37.16
N TYR Q 87 79.31 -43.00 37.29
CA TYR Q 87 79.18 -44.30 37.95
C TYR Q 87 78.25 -45.20 37.15
N PRO Q 88 78.74 -46.30 36.60
CA PRO Q 88 77.83 -47.30 36.03
C PRO Q 88 77.10 -48.03 37.16
N VAL Q 89 75.82 -48.29 36.94
CA VAL Q 89 74.97 -48.91 37.94
C VAL Q 89 74.29 -50.13 37.35
N LEU Q 90 73.86 -51.02 38.22
CA LEU Q 90 73.15 -52.23 37.85
C LEU Q 90 71.67 -52.01 38.15
N SER Q 91 70.90 -51.71 37.12
CA SER Q 91 69.51 -51.31 37.28
C SER Q 91 68.61 -52.16 36.39
N THR Q 92 67.36 -52.31 36.82
CA THR Q 92 66.40 -53.18 36.17
C THR Q 92 65.42 -52.30 35.39
N ASN Q 93 64.45 -52.93 34.71
CA ASN Q 93 63.38 -52.20 34.06
C ASN Q 93 62.51 -51.44 35.05
N LEU Q 94 62.37 -51.91 36.28
CA LEU Q 94 61.80 -51.06 37.33
C LEU Q 94 62.89 -50.10 37.77
N MET Q 95 62.76 -48.83 37.37
CA MET Q 95 63.82 -47.84 37.57
C MET Q 95 63.45 -47.01 38.80
N LYS Q 96 63.62 -47.62 39.96
CA LYS Q 96 63.46 -46.93 41.23
C LYS Q 96 64.83 -46.73 41.85
N PHE Q 97 64.98 -45.65 42.63
CA PHE Q 97 66.26 -45.30 43.21
C PHE Q 97 66.01 -44.68 44.58
N ILE Q 98 66.82 -45.06 45.55
CA ILE Q 98 66.73 -44.51 46.90
C ILE Q 98 67.99 -43.70 47.13
N VAL Q 99 67.87 -42.39 47.07
CA VAL Q 99 68.99 -41.50 47.27
C VAL Q 99 69.04 -41.10 48.74
N SER Q 100 70.25 -41.01 49.29
CA SER Q 100 70.45 -40.61 50.67
C SER Q 100 71.71 -39.77 50.75
N ALA Q 101 71.87 -39.09 51.87
CA ALA Q 101 73.06 -38.31 52.18
C ALA Q 101 73.23 -38.33 53.69
N THR Q 102 73.99 -37.39 54.23
CA THR Q 102 74.13 -37.30 55.68
C THR Q 102 73.09 -36.34 56.29
N ILE Q 103 73.20 -35.05 55.98
CA ILE Q 103 72.35 -34.07 56.67
C ILE Q 103 71.51 -33.21 55.73
N ASP Q 104 72.13 -32.55 54.75
CA ASP Q 104 71.60 -31.30 54.20
C ASP Q 104 71.77 -31.33 52.69
N GLY Q 105 71.70 -30.14 52.08
CA GLY Q 105 72.35 -29.89 50.82
C GLY Q 105 71.58 -30.33 49.60
N LYS Q 106 72.00 -29.80 48.46
CA LYS Q 106 71.44 -30.13 47.16
C LYS Q 106 72.59 -30.47 46.22
N PHE Q 107 72.37 -31.44 45.34
CA PHE Q 107 73.40 -31.85 44.40
C PHE Q 107 72.75 -32.28 43.08
N PRO Q 108 73.33 -31.92 41.94
CA PRO Q 108 72.77 -32.37 40.67
C PRO Q 108 73.03 -33.85 40.44
N MET Q 109 72.08 -34.51 39.77
CA MET Q 109 72.15 -35.92 39.47
C MET Q 109 71.58 -36.17 38.09
N ASN Q 110 72.26 -36.99 37.29
CA ASN Q 110 71.83 -37.28 35.93
C ASN Q 110 71.69 -38.79 35.77
N PHE Q 111 70.57 -39.22 35.20
CA PHE Q 111 70.32 -40.63 34.96
C PHE Q 111 70.48 -40.94 33.48
N ILE Q 112 71.61 -41.54 33.11
CA ILE Q 112 72.25 -41.29 31.84
C ILE Q 112 71.77 -42.20 30.70
N ASN Q 113 71.55 -43.49 30.96
CA ASN Q 113 70.99 -44.58 30.14
C ASN Q 113 71.93 -45.13 29.06
N PHE Q 114 73.09 -44.53 28.86
CA PHE Q 114 74.06 -45.06 27.92
C PHE Q 114 75.37 -45.29 28.67
N PRO Q 115 76.19 -46.24 28.22
CA PRO Q 115 77.41 -46.56 28.98
C PRO Q 115 78.50 -45.51 28.89
N ILE Q 116 78.84 -44.96 30.05
CA ILE Q 116 80.08 -44.21 30.25
C ILE Q 116 80.87 -44.96 31.30
N ALA Q 117 82.20 -44.99 31.15
CA ALA Q 117 83.05 -45.68 32.11
C ALA Q 117 83.15 -44.90 33.42
N LEU Q 118 84.00 -45.37 34.33
CA LEU Q 118 84.15 -44.70 35.62
C LEU Q 118 84.87 -43.38 35.50
N GLY Q 119 85.16 -42.79 36.65
CA GLY Q 119 85.96 -41.61 36.74
C GLY Q 119 85.53 -40.76 37.91
N VAL Q 120 86.49 -40.26 38.68
CA VAL Q 120 86.25 -39.40 39.83
C VAL Q 120 87.31 -38.30 39.80
N TRP Q 121 86.86 -37.02 39.87
CA TRP Q 121 87.71 -35.89 39.52
C TRP Q 121 88.90 -35.71 40.46
N PRO Q 122 88.74 -35.54 41.83
CA PRO Q 122 89.91 -35.79 42.68
C PRO Q 122 89.93 -37.18 43.29
N SER Q 123 91.11 -37.78 43.42
CA SER Q 123 91.23 -39.13 43.96
C SER Q 123 92.20 -39.10 45.13
N GLY Q 124 91.71 -39.48 46.31
CA GLY Q 124 92.53 -39.47 47.50
C GLY Q 124 92.32 -38.26 48.38
N ASN R 2 114.86 -20.30 23.20
CA ASN R 2 114.48 -21.70 23.29
C ASN R 2 114.65 -22.38 21.93
N VAL R 3 115.70 -23.18 21.82
CA VAL R 3 116.12 -23.76 20.54
C VAL R 3 115.50 -25.13 20.37
N ASN R 4 115.21 -25.49 19.12
CA ASN R 4 114.57 -26.75 18.76
C ASN R 4 115.55 -27.65 18.01
N ASN R 5 115.55 -28.94 18.37
CA ASN R 5 116.49 -29.88 17.76
C ASN R 5 115.82 -31.21 17.41
N PRO R 6 115.77 -31.58 16.13
CA PRO R 6 115.24 -32.90 15.77
C PRO R 6 116.25 -34.01 16.07
N ASN R 7 115.80 -35.24 15.86
CA ASN R 7 116.58 -36.43 16.17
C ASN R 7 116.75 -37.30 14.92
N GLN R 8 117.67 -38.27 15.03
CA GLN R 8 118.21 -38.93 13.85
C GLN R 8 117.28 -40.03 13.32
N MET R 9 117.10 -41.10 14.11
CA MET R 9 116.45 -42.31 13.64
C MET R 9 115.56 -42.89 14.73
N THR R 10 114.46 -43.53 14.30
CA THR R 10 113.44 -44.09 15.18
C THR R 10 113.18 -45.55 14.80
N VAL R 11 112.37 -46.21 15.62
CA VAL R 11 112.10 -47.65 15.52
C VAL R 11 110.63 -47.80 15.10
N THR R 12 110.29 -48.94 14.50
CA THR R 12 108.92 -49.18 14.01
C THR R 12 108.58 -50.67 14.07
N PRO R 13 107.96 -51.15 15.19
CA PRO R 13 107.38 -52.51 15.21
C PRO R 13 105.88 -52.59 14.97
N VAL R 14 105.35 -53.82 14.90
CA VAL R 14 103.93 -54.12 14.63
C VAL R 14 103.39 -54.90 15.83
N TYR R 15 102.07 -54.77 16.09
CA TYR R 15 101.48 -55.39 17.28
C TYR R 15 100.22 -56.24 17.07
N ASN R 16 99.58 -56.58 18.19
CA ASN R 16 98.50 -57.55 18.31
C ASN R 16 97.30 -56.92 19.02
N GLY R 17 96.89 -55.74 18.57
CA GLY R 17 95.83 -55.00 19.24
C GLY R 17 94.39 -55.41 18.94
N CYS R 18 94.16 -56.41 18.10
CA CYS R 18 92.81 -56.80 17.72
C CYS R 18 92.38 -58.07 18.46
N ASP R 19 91.24 -58.62 18.06
CA ASP R 19 90.61 -59.74 18.75
C ASP R 19 91.09 -61.07 18.17
N SER R 20 91.19 -62.07 19.06
CA SER R 20 91.72 -63.36 18.66
C SER R 20 90.71 -64.16 17.85
N GLY R 21 91.21 -64.90 16.87
CA GLY R 21 90.38 -65.88 16.18
C GLY R 21 90.00 -67.05 17.06
N GLU R 22 90.81 -67.34 18.08
CA GLU R 22 90.44 -68.24 19.15
C GLU R 22 89.75 -67.42 20.25
N GLY R 23 89.58 -68.01 21.42
CA GLY R 23 88.99 -67.30 22.53
C GLY R 23 90.01 -66.55 23.34
N PRO R 24 89.53 -65.84 24.36
CA PRO R 24 90.42 -65.22 25.33
C PRO R 24 91.16 -66.27 26.16
N GLN R 25 92.47 -66.10 26.30
CA GLN R 25 93.34 -67.07 26.95
C GLN R 25 94.43 -66.37 27.74
N SER R 26 94.52 -66.65 29.04
CA SER R 26 95.64 -66.12 29.81
C SER R 26 96.67 -67.21 30.04
N VAL R 27 97.86 -66.77 30.46
CA VAL R 27 98.98 -67.65 30.74
C VAL R 27 99.52 -67.25 32.10
N ARG R 28 99.49 -68.19 33.05
CA ARG R 28 99.90 -67.93 34.42
C ARG R 28 101.40 -68.15 34.52
N GLY R 29 102.18 -67.07 34.45
CA GLY R 29 103.61 -67.15 34.63
C GLY R 29 104.19 -66.83 35.99
N TYR R 30 103.97 -67.64 37.02
CA TYR R 30 104.84 -67.53 38.19
C TYR R 30 105.34 -68.91 38.58
N PHE R 31 105.94 -69.01 39.79
CA PHE R 31 107.15 -69.77 40.19
C PHE R 31 108.43 -68.99 39.86
N ASP R 32 108.31 -67.67 39.79
CA ASP R 32 109.47 -66.78 39.65
C ASP R 32 109.81 -66.14 41.00
N ALA R 33 110.51 -66.93 41.82
CA ALA R 33 111.01 -66.43 43.11
C ALA R 33 112.45 -66.01 42.91
N VAL R 34 112.70 -64.70 42.91
CA VAL R 34 113.91 -64.20 42.25
C VAL R 34 114.88 -63.51 43.21
N ALA R 35 114.52 -62.29 43.64
CA ALA R 35 115.27 -61.39 44.53
C ALA R 35 116.62 -60.88 44.02
N GLY R 36 117.17 -61.47 42.96
CA GLY R 36 118.51 -61.08 42.54
C GLY R 36 118.83 -61.21 41.07
N GLU R 37 117.88 -61.67 40.27
CA GLU R 37 118.17 -62.02 38.88
C GLU R 37 117.17 -61.40 37.92
N ASN R 38 117.26 -61.82 36.66
CA ASN R 38 116.27 -61.48 35.64
C ASN R 38 115.63 -62.76 35.16
N VAL R 39 114.31 -62.73 34.94
CA VAL R 39 113.56 -63.91 34.54
C VAL R 39 113.04 -63.69 33.13
N LYS R 40 113.43 -64.58 32.22
CA LYS R 40 112.96 -64.52 30.85
C LYS R 40 111.69 -65.35 30.70
N TYR R 41 110.71 -64.81 29.99
CA TYR R 41 109.53 -65.57 29.57
C TYR R 41 109.55 -65.65 28.06
N ASP R 42 109.66 -66.85 27.53
CA ASP R 42 109.76 -67.06 26.10
C ASP R 42 108.48 -67.78 25.70
N LEU R 43 107.50 -67.00 25.27
CA LEU R 43 106.20 -67.52 24.85
C LEU R 43 106.15 -67.84 23.37
N THR R 44 107.31 -67.91 22.71
CA THR R 44 107.35 -68.25 21.30
C THR R 44 107.05 -69.73 21.09
N TYR R 45 107.33 -70.56 22.12
CA TYR R 45 106.95 -71.97 22.10
C TYR R 45 105.45 -72.14 21.93
N LEU R 46 104.67 -71.36 22.68
CA LEU R 46 103.22 -71.48 22.65
C LEU R 46 102.59 -70.80 21.45
N ALA R 47 103.28 -69.85 20.83
CA ALA R 47 102.67 -69.04 19.78
C ALA R 47 102.55 -69.80 18.47
N ASP R 48 103.45 -70.74 18.18
CA ASP R 48 103.37 -71.48 16.94
C ASP R 48 102.84 -72.90 17.11
N THR R 49 103.11 -73.54 18.25
CA THR R 49 102.54 -74.85 18.52
C THR R 49 101.04 -74.77 18.75
N GLN R 50 100.58 -73.66 19.32
CA GLN R 50 99.17 -73.41 19.53
C GLN R 50 98.76 -72.15 18.78
N GLY R 51 97.53 -71.71 18.98
CA GLY R 51 97.05 -70.50 18.34
C GLY R 51 97.14 -69.29 19.23
N PHE R 52 98.06 -69.32 20.20
CA PHE R 52 98.23 -68.21 21.15
C PHE R 52 98.99 -67.09 20.43
N THR R 53 98.23 -66.28 19.68
CA THR R 53 98.80 -65.38 18.70
C THR R 53 99.16 -64.01 19.26
N GLY R 54 99.51 -63.92 20.53
CA GLY R 54 100.03 -62.66 21.03
C GLY R 54 99.82 -62.44 22.51
N VAL R 55 100.37 -61.34 23.02
CA VAL R 55 100.12 -60.88 24.37
C VAL R 55 99.75 -59.41 24.28
N GLN R 56 98.52 -59.08 24.67
CA GLN R 56 98.00 -57.73 24.57
C GLN R 56 98.02 -57.00 25.90
N CYS R 57 97.57 -57.64 26.96
CA CYS R 57 97.51 -57.04 28.28
C CYS R 57 98.27 -57.92 29.26
N ILE R 58 98.50 -57.40 30.45
CA ILE R 58 99.23 -58.13 31.48
C ILE R 58 98.56 -57.84 32.81
N TYR R 59 98.66 -58.79 33.74
CA TYR R 59 98.12 -58.62 35.09
C TYR R 59 99.22 -58.94 36.08
N ILE R 60 99.62 -57.95 36.86
CA ILE R 60 100.69 -58.09 37.84
C ILE R 60 100.09 -57.88 39.22
N ASP R 61 100.44 -58.75 40.16
CA ASP R 61 99.86 -58.79 41.50
C ASP R 61 101.01 -58.67 42.50
N ASN R 62 101.34 -57.43 42.87
CA ASN R 62 102.36 -57.14 43.87
C ASN R 62 101.75 -56.82 45.23
N ALA R 63 100.70 -57.56 45.63
CA ALA R 63 99.98 -57.23 46.85
C ALA R 63 100.82 -57.42 48.11
N GLU R 64 101.71 -58.42 48.13
CA GLU R 64 102.62 -58.58 49.25
C GLU R 64 104.07 -58.35 48.89
N ASN R 65 104.35 -57.91 47.66
CA ASN R 65 105.68 -57.46 47.32
C ASN R 65 105.98 -56.13 48.00
N ASP R 66 107.24 -55.94 48.40
CA ASP R 66 107.63 -54.73 49.09
C ASP R 66 108.31 -53.71 48.19
N GLY R 67 108.75 -54.11 47.01
CA GLY R 67 109.32 -53.17 46.06
C GLY R 67 108.61 -53.19 44.72
N ALA R 68 109.17 -52.51 43.74
CA ALA R 68 108.55 -52.41 42.42
C ALA R 68 108.79 -53.67 41.61
N PHE R 69 108.36 -53.65 40.36
CA PHE R 69 108.38 -54.85 39.52
C PHE R 69 108.36 -54.42 38.06
N GLU R 70 109.45 -54.63 37.34
CA GLU R 70 109.55 -54.25 35.94
C GLU R 70 109.33 -55.46 35.03
N ILE R 71 108.76 -55.20 33.86
CA ILE R 71 108.66 -56.17 32.77
C ILE R 71 109.01 -55.45 31.48
N ASP R 72 109.94 -56.02 30.71
CA ASP R 72 110.41 -55.41 29.48
C ASP R 72 110.00 -56.25 28.28
N VAL R 73 109.56 -55.58 27.24
CA VAL R 73 109.27 -56.21 25.95
C VAL R 73 110.50 -55.98 25.07
N GLU R 74 110.77 -56.94 24.19
CA GLU R 74 112.10 -57.02 23.57
C GLU R 74 112.22 -56.17 22.32
N GLU R 75 111.40 -56.45 21.30
CA GLU R 75 111.49 -55.73 20.04
C GLU R 75 110.95 -54.31 20.16
N THR R 76 110.09 -54.05 21.14
CA THR R 76 109.54 -52.71 21.35
C THR R 76 110.39 -51.89 22.31
N GLY R 77 110.82 -52.48 23.42
CA GLY R 77 111.57 -51.74 24.41
C GLY R 77 110.73 -51.08 25.48
N GLN R 78 109.45 -51.44 25.58
CA GLN R 78 108.58 -50.88 26.60
C GLN R 78 108.97 -51.40 27.96
N ARG R 79 108.81 -50.57 28.99
CA ARG R 79 109.45 -50.73 30.28
C ARG R 79 108.45 -50.51 31.42
N ILE R 80 107.34 -51.24 31.38
CA ILE R 80 106.27 -51.08 32.37
C ILE R 80 106.74 -51.56 33.73
N LYS R 81 106.64 -50.67 34.73
CA LYS R 81 107.03 -50.98 36.11
C LYS R 81 105.81 -50.83 37.01
N CYS R 82 105.43 -51.92 37.66
CA CYS R 82 104.31 -51.95 38.59
C CYS R 82 104.74 -51.43 39.97
N PRO R 83 103.89 -50.65 40.65
CA PRO R 83 104.28 -50.12 41.98
C PRO R 83 104.36 -51.17 43.08
N ALA R 84 104.65 -50.72 44.30
CA ALA R 84 105.14 -51.61 45.35
C ALA R 84 104.04 -52.53 45.87
N GLY R 85 103.00 -51.98 46.47
CA GLY R 85 102.00 -52.82 47.10
C GLY R 85 100.70 -52.89 46.34
N LYS R 86 100.74 -52.60 45.06
CA LYS R 86 99.54 -52.50 44.24
C LYS R 86 99.38 -53.73 43.37
N GLN R 87 98.31 -53.74 42.59
CA GLN R 87 98.07 -54.74 41.57
C GLN R 87 97.18 -54.14 40.50
N GLY R 88 97.27 -54.68 39.29
CA GLY R 88 96.42 -54.12 38.25
C GLY R 88 96.69 -54.70 36.90
N TYR R 89 95.98 -54.14 35.92
CA TYR R 89 96.05 -54.54 34.52
C TYR R 89 96.81 -53.49 33.73
N PHE R 90 97.65 -53.93 32.81
CA PHE R 90 98.51 -53.05 32.03
C PHE R 90 98.51 -53.48 30.56
N PRO R 91 98.07 -52.63 29.65
CA PRO R 91 98.20 -52.95 28.23
C PRO R 91 99.66 -52.88 27.79
N LEU R 92 99.97 -53.66 26.76
CA LEU R 92 101.35 -53.85 26.33
C LEU R 92 101.49 -53.63 24.84
N LEU R 93 102.73 -53.37 24.42
CA LEU R 93 103.09 -53.25 23.02
C LEU R 93 104.05 -54.39 22.71
N VAL R 94 103.51 -55.51 22.23
CA VAL R 94 104.25 -56.76 22.08
C VAL R 94 104.13 -57.20 20.63
N PRO R 95 105.23 -57.57 19.96
CA PRO R 95 105.14 -58.15 18.62
C PRO R 95 104.86 -59.64 18.62
N GLY R 96 104.95 -60.26 17.44
CA GLY R 96 104.76 -61.70 17.34
C GLY R 96 105.82 -62.51 18.06
N ARG R 97 107.06 -62.01 18.08
CA ARG R 97 108.13 -62.64 18.87
C ARG R 97 107.90 -62.25 20.31
N ALA R 98 107.08 -63.05 21.01
CA ALA R 98 106.59 -62.70 22.34
C ALA R 98 107.60 -63.15 23.39
N LYS R 99 108.49 -62.24 23.77
CA LYS R 99 109.50 -62.51 24.79
C LYS R 99 109.47 -61.38 25.82
N PHE R 100 109.68 -61.73 27.09
CA PHE R 100 109.57 -60.80 28.19
C PHE R 100 110.69 -61.04 29.18
N VAL R 101 111.12 -59.96 29.85
CA VAL R 101 112.16 -60.03 30.87
C VAL R 101 111.64 -59.29 32.10
N ALA R 102 111.62 -59.98 33.25
CA ALA R 102 111.08 -59.44 34.49
C ALA R 102 112.20 -59.14 35.47
N ARG R 103 111.96 -58.15 36.34
CA ARG R 103 112.93 -57.74 37.34
C ARG R 103 112.27 -57.59 38.71
N HIS R 104 113.01 -57.05 39.68
CA HIS R 104 112.54 -57.03 41.05
C HIS R 104 113.35 -56.03 41.87
N LEU R 105 112.71 -55.47 42.90
CA LEU R 105 113.41 -54.65 43.89
C LEU R 105 112.88 -54.86 45.31
N GLY R 106 112.33 -56.04 45.62
CA GLY R 106 111.69 -56.28 46.91
C GLY R 106 112.67 -56.60 48.02
N SER R 107 112.21 -57.39 48.98
CA SER R 107 113.03 -57.84 50.11
C SER R 107 113.03 -59.36 50.19
N GLY R 108 113.20 -60.01 49.04
CA GLY R 108 113.39 -61.43 48.94
C GLY R 108 112.25 -62.19 48.30
N LYS R 109 112.39 -62.35 46.97
CA LYS R 109 111.89 -63.35 46.02
C LYS R 109 110.38 -63.36 45.82
N LYS R 110 109.60 -62.93 46.81
CA LYS R 110 108.24 -62.37 46.75
C LYS R 110 107.16 -63.11 45.96
N SER R 111 107.52 -64.14 45.19
CA SER R 111 106.64 -65.05 44.41
C SER R 111 105.46 -64.33 43.74
N VAL R 112 105.78 -63.44 42.81
CA VAL R 112 104.79 -62.55 42.22
C VAL R 112 103.97 -63.25 41.15
N PRO R 113 102.66 -63.40 41.33
CA PRO R 113 101.84 -64.01 40.27
C PRO R 113 101.62 -63.05 39.12
N LEU R 114 101.44 -63.61 37.92
CA LEU R 114 101.54 -62.82 36.71
C LEU R 114 100.77 -63.51 35.60
N PHE R 115 100.09 -62.73 34.75
CA PHE R 115 99.21 -63.27 33.73
C PHE R 115 99.39 -62.54 32.41
N PHE R 116 99.43 -63.29 31.31
CA PHE R 116 99.59 -62.74 29.97
C PHE R 116 98.30 -62.95 29.19
N LEU R 117 97.59 -61.87 28.87
CA LEU R 117 96.14 -61.98 28.69
C LEU R 117 95.68 -62.24 27.26
N ASN R 118 96.36 -61.66 26.26
CA ASN R 118 96.12 -61.68 24.81
C ASN R 118 94.87 -60.93 24.35
N PHE R 119 94.08 -60.38 25.26
CA PHE R 119 92.95 -59.55 24.86
C PHE R 119 93.03 -58.23 25.58
N THR R 120 92.12 -57.33 25.21
CA THR R 120 92.16 -55.95 25.64
C THR R 120 91.44 -55.76 26.96
N ILE R 121 92.15 -55.25 27.95
CA ILE R 121 91.59 -54.78 29.21
C ILE R 121 92.23 -53.44 29.51
N ALA R 122 91.41 -52.43 29.79
CA ALA R 122 91.89 -51.08 30.05
C ALA R 122 92.68 -51.01 31.35
N GLN R 123 93.36 -49.88 31.53
CA GLN R 123 94.23 -49.65 32.67
C GLN R 123 93.44 -49.54 33.97
N GLY R 124 93.99 -50.11 35.04
CA GLY R 124 93.58 -49.77 36.38
C GLY R 124 94.54 -50.35 37.39
N VAL R 125 95.07 -49.54 38.31
CA VAL R 125 96.20 -49.94 39.14
C VAL R 125 95.83 -49.76 40.61
N TRP R 126 94.63 -50.20 40.99
CA TRP R 126 94.26 -50.21 42.42
C TRP R 126 95.22 -51.01 43.28
N ASN S 2 122.59 -59.57 38.25
CA ASN S 2 121.37 -59.91 37.53
C ASN S 2 121.69 -60.61 36.22
N VAL S 3 121.25 -61.86 36.11
CA VAL S 3 121.45 -62.68 34.91
C VAL S 3 120.11 -63.25 34.49
N ASN S 4 119.96 -63.46 33.19
CA ASN S 4 118.68 -63.84 32.60
C ASN S 4 118.46 -65.35 32.74
N ASN S 5 117.37 -65.74 33.41
CA ASN S 5 117.08 -67.15 33.62
C ASN S 5 115.62 -67.48 33.31
N PRO S 6 115.35 -68.33 32.32
CA PRO S 6 113.96 -68.70 32.03
C PRO S 6 113.41 -69.70 33.05
N ASN S 7 112.13 -70.02 32.89
CA ASN S 7 111.42 -70.89 33.82
C ASN S 7 110.84 -72.09 33.08
N GLN S 8 110.30 -73.03 33.85
CA GLN S 8 110.00 -74.36 33.33
C GLN S 8 108.67 -74.40 32.59
N MET S 9 107.56 -74.16 33.29
CA MET S 9 106.24 -74.44 32.72
C MET S 9 105.20 -73.45 33.23
N THR S 10 104.24 -73.13 32.36
CA THR S 10 103.11 -72.25 32.62
C THR S 10 101.82 -72.94 32.16
N VAL S 11 100.67 -72.38 32.53
CA VAL S 11 99.38 -72.98 32.20
C VAL S 11 98.61 -72.05 31.25
N THR S 12 97.49 -72.55 30.73
CA THR S 12 96.70 -71.83 29.72
C THR S 12 95.22 -72.19 29.86
N PRO S 13 94.41 -71.35 30.54
CA PRO S 13 92.94 -71.53 30.48
C PRO S 13 92.23 -70.66 29.46
N VAL S 14 90.92 -70.86 29.31
CA VAL S 14 90.07 -70.19 28.31
C VAL S 14 89.02 -69.39 29.07
N TYR S 15 88.54 -68.27 28.48
CA TYR S 15 87.66 -67.35 29.20
C TYR S 15 86.36 -66.97 28.52
N ASN S 16 85.70 -65.95 29.09
CA ASN S 16 84.35 -65.51 28.77
C ASN S 16 84.34 -64.00 28.53
N GLY S 17 85.26 -63.51 27.70
CA GLY S 17 85.42 -62.09 27.50
C GLY S 17 84.49 -61.41 26.51
N CYS S 18 83.57 -62.14 25.90
CA CYS S 18 82.68 -61.55 24.89
C CYS S 18 81.28 -61.35 25.46
N ASP S 19 80.34 -60.99 24.58
CA ASP S 19 78.98 -60.63 24.98
C ASP S 19 78.09 -61.86 25.04
N SER S 20 77.13 -61.83 25.98
CA SER S 20 76.25 -62.96 26.19
C SER S 20 75.22 -63.06 25.08
N GLY S 21 74.90 -64.29 24.69
CA GLY S 21 73.78 -64.53 23.79
C GLY S 21 72.44 -64.29 24.45
N GLU S 22 72.40 -64.39 25.78
CA GLU S 22 71.27 -63.93 26.57
C GLU S 22 71.51 -62.46 26.94
N GLY S 23 70.76 -61.94 27.88
CA GLY S 23 70.91 -60.57 28.28
C GLY S 23 72.01 -60.40 29.31
N PRO S 24 72.31 -59.14 29.62
CA PRO S 24 73.19 -58.83 30.75
C PRO S 24 72.54 -59.22 32.07
N GLN S 25 73.25 -60.03 32.86
CA GLN S 25 72.73 -60.55 34.11
C GLN S 25 73.75 -60.34 35.21
N SER S 26 73.30 -60.37 36.46
CA SER S 26 74.24 -60.42 37.58
C SER S 26 73.67 -61.22 38.73
N VAL S 27 74.58 -61.74 39.54
CA VAL S 27 74.26 -62.60 40.68
C VAL S 27 74.75 -61.90 41.93
N ARG S 28 73.87 -61.78 42.93
CA ARG S 28 74.19 -61.11 44.18
C ARG S 28 74.53 -62.16 45.23
N GLY S 29 75.69 -62.01 45.86
CA GLY S 29 76.08 -62.86 46.96
C GLY S 29 76.27 -62.07 48.24
N TYR S 30 75.51 -62.41 49.28
CA TYR S 30 75.47 -61.59 50.50
C TYR S 30 75.12 -62.49 51.67
N PHE S 31 74.67 -61.85 52.78
CA PHE S 31 74.55 -62.47 54.11
C PHE S 31 75.88 -63.12 54.52
N ASP S 32 76.97 -62.39 54.27
CA ASP S 32 78.33 -62.91 54.39
C ASP S 32 78.89 -62.71 55.80
N ALA S 33 78.20 -63.24 56.80
CA ALA S 33 78.70 -63.19 58.17
C ALA S 33 79.87 -64.15 58.26
N VAL S 34 81.08 -63.63 58.04
CA VAL S 34 82.27 -64.45 57.86
C VAL S 34 83.10 -64.41 59.15
N ALA S 35 82.80 -65.35 60.05
CA ALA S 35 83.72 -65.70 61.12
C ALA S 35 84.70 -66.77 60.68
N GLY S 36 84.21 -67.78 59.95
CA GLY S 36 85.09 -68.58 59.13
C GLY S 36 85.55 -67.81 57.92
N GLU S 37 86.86 -67.89 57.65
CA GLU S 37 87.47 -66.93 56.75
C GLU S 37 87.20 -67.25 55.28
N ASN S 38 87.31 -68.52 54.89
CA ASN S 38 87.08 -68.87 53.50
C ASN S 38 85.61 -69.16 53.26
N VAL S 39 85.11 -68.63 52.14
CA VAL S 39 83.72 -68.82 51.73
C VAL S 39 83.72 -69.15 50.24
N LYS S 40 83.13 -70.28 49.89
CA LYS S 40 83.07 -70.72 48.50
C LYS S 40 81.80 -70.20 47.83
N TYR S 41 81.92 -69.78 46.59
CA TYR S 41 80.80 -69.46 45.72
C TYR S 41 80.88 -70.40 44.53
N ASP S 42 79.94 -71.33 44.44
CA ASP S 42 79.96 -72.33 43.38
C ASP S 42 78.80 -71.98 42.45
N LEU S 43 79.12 -71.29 41.36
CA LEU S 43 78.12 -70.87 40.40
C LEU S 43 77.96 -71.86 39.26
N THR S 44 78.42 -73.09 39.43
CA THR S 44 78.27 -74.10 38.40
C THR S 44 76.83 -74.59 38.32
N TYR S 45 76.09 -74.48 39.44
CA TYR S 45 74.66 -74.78 39.46
C TYR S 45 73.89 -73.91 38.47
N LEU S 46 74.22 -72.62 38.41
CA LEU S 46 73.51 -71.68 37.56
C LEU S 46 73.96 -71.74 36.10
N ALA S 47 75.17 -72.22 35.83
CA ALA S 47 75.71 -72.16 34.49
C ALA S 47 75.09 -73.21 33.57
N ASP S 48 74.78 -74.39 34.08
CA ASP S 48 74.23 -75.44 33.21
C ASP S 48 72.72 -75.49 33.25
N THR S 49 72.11 -75.26 34.42
CA THR S 49 70.66 -75.24 34.51
C THR S 49 70.09 -74.02 33.81
N GLN S 50 70.58 -72.84 34.15
CA GLN S 50 70.16 -71.60 33.53
C GLN S 50 71.16 -71.21 32.46
N GLY S 51 71.02 -70.01 31.92
CA GLY S 51 71.90 -69.57 30.85
C GLY S 51 73.03 -68.68 31.33
N PHE S 52 73.29 -68.69 32.64
CA PHE S 52 74.30 -67.81 33.21
C PHE S 52 75.69 -68.29 32.82
N THR S 53 76.14 -67.87 31.64
CA THR S 53 77.22 -68.52 30.93
C THR S 53 78.60 -67.97 31.26
N GLY S 54 78.78 -67.37 32.42
CA GLY S 54 80.11 -66.99 32.85
C GLY S 54 80.10 -65.71 33.65
N VAL S 55 81.17 -65.52 34.40
CA VAL S 55 81.40 -64.34 35.20
C VAL S 55 82.57 -63.58 34.60
N GLN S 56 82.33 -62.35 34.18
CA GLN S 56 83.33 -61.51 33.53
C GLN S 56 83.87 -60.43 34.44
N CYS S 57 83.00 -59.71 35.13
CA CYS S 57 83.36 -58.64 36.03
C CYS S 57 82.79 -58.93 37.40
N ILE S 58 83.26 -58.19 38.41
CA ILE S 58 82.80 -58.37 39.78
C ILE S 58 82.67 -56.98 40.39
N TYR S 59 81.73 -56.83 41.32
CA TYR S 59 81.52 -55.57 42.02
C TYR S 59 81.61 -55.84 43.51
N ILE S 60 82.58 -55.23 44.17
CA ILE S 60 82.81 -55.42 45.60
C ILE S 60 82.60 -54.08 46.29
N ASP S 61 81.80 -54.10 47.37
CA ASP S 61 81.40 -52.91 48.10
C ASP S 61 81.90 -53.02 49.54
N ASN S 62 83.09 -52.48 49.79
CA ASN S 62 83.70 -52.48 51.12
C ASN S 62 83.58 -51.13 51.80
N ALA S 63 82.44 -50.45 51.65
CA ALA S 63 82.28 -49.09 52.16
C ALA S 63 82.34 -49.06 53.69
N GLU S 64 81.80 -50.08 54.35
CA GLU S 64 81.86 -50.18 55.80
C GLU S 64 82.85 -51.23 56.29
N ASN S 65 83.53 -51.94 55.38
CA ASN S 65 84.55 -52.88 55.78
C ASN S 65 85.79 -52.14 56.28
N ASP S 66 86.41 -52.68 57.33
CA ASP S 66 87.58 -52.05 57.91
C ASP S 66 88.89 -52.66 57.44
N GLY S 67 88.86 -53.87 56.91
CA GLY S 67 90.05 -54.48 56.34
C GLY S 67 89.89 -54.74 54.86
N ALA S 68 90.87 -55.43 54.27
CA ALA S 68 90.82 -55.75 52.85
C ALA S 68 89.90 -56.94 52.60
N PHE S 69 89.81 -57.37 51.34
CA PHE S 69 88.88 -58.42 50.95
C PHE S 69 89.41 -59.06 49.68
N GLU S 70 89.63 -60.38 49.72
CA GLU S 70 90.16 -61.12 48.59
C GLU S 70 89.06 -61.94 47.92
N ILE S 71 89.27 -62.21 46.63
CA ILE S 71 88.45 -63.16 45.88
C ILE S 71 89.38 -63.92 44.94
N ASP S 72 89.18 -65.23 44.85
CA ASP S 72 90.11 -66.11 44.16
C ASP S 72 89.37 -66.89 43.08
N VAL S 73 89.95 -66.97 41.91
CA VAL S 73 89.43 -67.81 40.85
C VAL S 73 90.23 -69.10 40.84
N GLU S 74 89.59 -70.22 40.48
CA GLU S 74 90.14 -71.53 40.77
C GLU S 74 91.09 -72.03 39.67
N GLU S 75 90.60 -72.14 38.44
CA GLU S 75 91.40 -72.61 37.32
C GLU S 75 92.46 -71.60 36.92
N THR S 76 92.28 -70.33 37.25
CA THR S 76 93.17 -69.28 36.79
C THR S 76 94.21 -68.95 37.85
N GLY S 77 93.79 -68.89 39.12
CA GLY S 77 94.68 -68.52 40.19
C GLY S 77 94.76 -67.04 40.45
N GLN S 78 93.96 -66.23 39.76
CA GLN S 78 93.92 -64.79 39.99
C GLN S 78 93.28 -64.52 41.35
N ARG S 79 93.89 -63.62 42.11
CA ARG S 79 93.55 -63.45 43.53
C ARG S 79 93.38 -61.96 43.85
N ILE S 80 92.50 -61.31 43.08
CA ILE S 80 92.09 -59.91 43.24
C ILE S 80 91.67 -59.58 44.66
N LYS S 81 92.34 -58.59 45.25
CA LYS S 81 92.07 -58.07 46.59
C LYS S 81 91.57 -56.64 46.47
N CYS S 82 90.43 -56.36 47.11
CA CYS S 82 89.80 -55.04 47.16
C CYS S 82 90.26 -54.29 48.40
N PRO S 83 90.53 -52.97 48.30
CA PRO S 83 91.04 -52.23 49.46
C PRO S 83 90.01 -52.02 50.57
N ALA S 84 90.42 -51.30 51.61
CA ALA S 84 89.70 -51.35 52.89
C ALA S 84 88.35 -50.63 52.82
N GLY S 85 88.36 -49.33 52.58
CA GLY S 85 87.12 -48.58 52.64
C GLY S 85 86.58 -48.15 51.30
N LYS S 86 86.92 -48.88 50.25
CA LYS S 86 86.60 -48.50 48.89
C LYS S 86 85.50 -49.40 48.34
N GLN S 87 85.08 -49.09 47.12
CA GLN S 87 84.19 -49.96 46.37
C GLN S 87 84.48 -49.75 44.90
N GLY S 88 84.23 -50.77 44.09
CA GLY S 88 84.50 -50.62 42.68
C GLY S 88 84.27 -51.89 41.89
N TYR S 89 84.60 -51.79 40.62
CA TYR S 89 84.43 -52.86 39.64
C TYR S 89 85.79 -53.44 39.29
N PHE S 90 85.83 -54.76 39.13
CA PHE S 90 87.08 -55.46 38.85
C PHE S 90 86.83 -56.51 37.77
N PRO S 91 87.49 -56.41 36.62
CA PRO S 91 87.39 -57.48 35.64
C PRO S 91 88.12 -58.73 36.12
N LEU S 92 87.62 -59.88 35.67
CA LEU S 92 88.08 -61.16 36.17
C LEU S 92 88.48 -62.07 35.02
N LEU S 93 89.31 -63.06 35.36
CA LEU S 93 89.71 -64.12 34.44
C LEU S 93 89.12 -65.41 34.98
N VAL S 94 87.94 -65.78 34.48
CA VAL S 94 87.15 -66.87 35.01
C VAL S 94 86.85 -67.83 33.86
N PRO S 95 87.07 -69.14 34.03
CA PRO S 95 86.74 -70.10 32.99
C PRO S 95 85.24 -70.43 32.99
N GLY S 96 84.88 -71.41 32.15
CA GLY S 96 83.50 -71.84 32.02
C GLY S 96 82.97 -72.64 33.20
N ARG S 97 83.83 -73.02 34.15
CA ARG S 97 83.43 -73.72 35.36
C ARG S 97 83.73 -72.75 36.50
N ALA S 98 82.73 -71.96 36.88
CA ALA S 98 82.94 -70.75 37.67
C ALA S 98 82.81 -71.07 39.16
N LYS S 99 83.95 -71.06 39.86
CA LYS S 99 83.99 -71.20 41.31
C LYS S 99 84.87 -70.10 41.88
N PHE S 100 84.51 -69.63 43.08
CA PHE S 100 85.17 -68.48 43.69
C PHE S 100 85.38 -68.75 45.18
N VAL S 101 86.43 -68.15 45.73
CA VAL S 101 86.75 -68.27 47.15
C VAL S 101 87.04 -66.88 47.68
N ALA S 102 86.30 -66.44 48.69
CA ALA S 102 86.47 -65.14 49.31
C ALA S 102 87.12 -65.28 50.68
N ARG S 103 87.69 -64.18 51.16
CA ARG S 103 88.41 -64.17 52.43
C ARG S 103 88.29 -62.76 52.98
N HIS S 104 88.90 -62.51 54.14
CA HIS S 104 88.59 -61.31 54.90
C HIS S 104 89.75 -60.95 55.84
N LEU S 105 89.88 -59.65 56.13
CA LEU S 105 90.83 -59.18 57.14
C LEU S 105 90.25 -58.03 57.96
N GLY S 106 88.93 -57.99 58.16
CA GLY S 106 88.29 -56.89 58.83
C GLY S 106 88.28 -57.01 60.34
N SER S 107 87.25 -56.42 60.96
CA SER S 107 87.06 -56.47 62.40
C SER S 107 85.69 -57.04 62.74
N GLY S 108 85.31 -58.10 62.02
CA GLY S 108 84.12 -58.89 62.30
C GLY S 108 83.03 -58.80 61.23
N LYS S 109 83.15 -59.73 60.29
CA LYS S 109 82.14 -60.33 59.41
C LYS S 109 81.57 -59.41 58.33
N LYS S 110 81.45 -58.10 58.59
CA LYS S 110 81.31 -56.98 57.65
C LYS S 110 80.28 -57.05 56.51
N SER S 111 79.69 -58.22 56.27
CA SER S 111 78.50 -58.50 55.46
C SER S 111 78.63 -58.26 53.95
N VAL S 112 79.62 -57.50 53.50
CA VAL S 112 80.26 -57.42 52.17
C VAL S 112 79.34 -57.70 50.98
N PRO S 113 78.50 -56.76 50.56
CA PRO S 113 77.69 -56.97 49.35
C PRO S 113 78.57 -57.13 48.11
N LEU S 114 78.15 -58.03 47.22
CA LEU S 114 79.03 -58.50 46.15
C LEU S 114 78.20 -58.94 44.96
N PHE S 115 78.70 -58.67 43.76
CA PHE S 115 77.95 -58.96 42.54
C PHE S 115 78.86 -59.61 41.51
N PHE S 116 78.35 -60.65 40.84
CA PHE S 116 79.07 -61.34 39.77
C PHE S 116 78.42 -60.96 38.45
N LEU S 117 79.16 -60.28 37.59
CA LEU S 117 78.52 -59.34 36.67
C LEU S 117 78.30 -59.83 35.25
N ASN S 118 79.01 -60.84 34.76
CA ASN S 118 78.71 -61.55 33.51
C ASN S 118 78.97 -60.73 32.22
N PHE S 119 79.18 -59.42 32.32
CA PHE S 119 79.54 -58.63 31.15
C PHE S 119 80.72 -57.75 31.49
N THR S 120 81.11 -56.90 30.54
CA THR S 120 82.34 -56.13 30.64
C THR S 120 82.05 -54.76 31.23
N ILE S 121 82.71 -54.45 32.33
CA ILE S 121 82.75 -53.11 32.91
C ILE S 121 84.20 -52.81 33.23
N ALA S 122 84.69 -51.66 32.77
CA ALA S 122 86.07 -51.27 32.97
C ALA S 122 86.36 -50.99 34.44
N GLN S 123 87.65 -50.88 34.74
CA GLN S 123 88.12 -50.74 36.11
C GLN S 123 87.80 -49.36 36.67
N GLY S 124 87.37 -49.31 37.92
CA GLY S 124 87.39 -48.08 38.69
C GLY S 124 87.08 -48.34 40.15
N VAL S 125 87.94 -47.88 41.06
CA VAL S 125 87.91 -48.26 42.47
C VAL S 125 87.84 -46.99 43.30
N TRP S 126 86.92 -46.08 42.97
CA TRP S 126 86.62 -44.95 43.86
C TRP S 126 86.30 -45.38 45.29
#